data_3VKG
#
_entry.id   3VKG
#
_cell.length_a   204.256
_cell.length_b   221.806
_cell.length_c   192.898
_cell.angle_alpha   90.00
_cell.angle_beta   90.00
_cell.angle_gamma   90.00
#
_symmetry.space_group_name_H-M   'P 21 21 21'
#
loop_
_entity.id
_entity.type
_entity.pdbx_description
1 polymer 'Dynein heavy chain, cytoplasmic'
2 non-polymer "ADENOSINE-5'-DIPHOSPHATE"
3 non-polymer SPERMINE
4 non-polymer 'MAGNESIUM ION'
5 water water
#
_entity_poly.entity_id   1
_entity_poly.type   'polypeptide(L)'
_entity_poly.pdbx_seq_one_letter_code
;MTRHHHHHHGGGDYKDDDDKGGGKVPVEEEIQDLKAVWVELSNTWQEIDSLKETAWSAIIPRKVRKSLEDTLQKLKNLPN
RIRQYSAFDHAQNLIKIYLKGNAIITDLHSEAIKDRHWKILKKRLNTNWIITELTLGSIWDSDLARNENIYREVITAAQG
EIALEEFLKGVREFWTTLELDLVNYQRKCKLVRGWDDLFNKLAEHLNSISAMKMSPYYKVFEEEANHWDDRLNKVRSLLD
VWIDVQRRWVYLEGIFSGSGDINQLLPAESTRFKSINSEFIAILKKVSGAPLILEVLAIERIQQTMERLSDLLGKVQKAL
GEYLERQRSAFARFYFVGDEDLLEIIGNSKDIIKIQKHFRKMFAGLANLTLDDEKTTIIGMSSAEGETVTFKKPISIANG
PKIHEWLTMVESEMKSTLATLLSESLQHFNQVDVNDHSKYSEWVDNYPTQLVLLTSQIVWSTQVDQALGGGTLQQSKIQE
QLQSIEQTTQMILNNLADSVLQDLSAQKRKKFEHLITELVHQRDVVRQLQKCKNLTGNKDFDWLYHMRYYYDATQENVLH
KLVIHMANATFYYGFEYLGIGERLVQTPLTDRCYLTLTQALESRMGGNPFGPAGTGKTETVKALGSQLGRFVLVFCCDEG
FDLQAMSRIFVGLCQCGAWGCFDEFNRLEERILSAVSQQIQTIQVALKENSKEVELLGGKNISLHQDMGIFVTMNPGYAG
RSNLPDNLKKLFRSMAMIKPDREMIAQVMLYSQGFKTAEVLAGKIVPLFKLCQEQLSAQSHYDFGLRALKSVLVSAGGIK
RKCQPPQLPPITDAESKTKADQIYCQYEIGVLLNSINDTMIPKLVADDIPLIQSLLLDVFPGSQLQPIQMDQLRKKIQEI
AKQRHLVTKQEWVEKILQLHQILNINHGVMMVGPSGGGKTTSWEVYLEAIEQVDNIKSEAHVMDPKAITKDQLFGSLDLT
TREWTDGLFTATLRRIIDNVRGESTKRHWIIFDGDVDPEWVENLNSLLDDNKLLTLPNGERLALPNNVRVMFEVQDLKYA
TLATISRCGMVWFSEEILTTQMIFQNYLDTLSNEPFDPQEKEQQKRNENAQLQQQQQTTITSPILTSPPTTSSSSRSTTS
TTSMIPAGLKVQKECAAIISQYFEPGGLVHKVLEDAGQRPHIMDFTRLRVLNSFFSLMNRSIVNVIEYNQLHSDFPMSPE
NQSNYITNRLLYSLMWGLGGSMGLVERENFSKFIQTIAITPVPANTIPLLDYSVSIDDANWSLWKNKVPSVEVETHKVAS
PDVVIPTVDTTRHVDVLHAWLSEHRPLILCGPPGSGKTMTLTSTLRAFPDFEVVSLNFSSATTPELLLKTFDHHCEYKRT
PSGETVLRPTQLGKWLVVFCDEINLPSTDKYGTQRVITFIRQMVEKGGFWRTSDHTWIKLDKIQFVGACNPPTDAGRVQL
THRFLRHAPILLVDFPSTSSLTQIYGTFNRALMKLLPNLRSFADNLTDAMVEFYSESQKRFTPDIQAHYIYSPRELSRWD
RALLEAIQTMDGCTLEGLVRLWAHEALRLFQDRLVETEEKEWTDKKIDEVALKHFPSVNLDALKRPILYSNWLTKDYQPV
NRSDLREYVKARLKVFYEEELDVPLVLFNEVLDHILRIDRVFRQPQGHALLIGVSGGGKSVLSRFVAWMNGLSIYTIKVN
NNYKSSDFDDDLRMLLKRAGCKEEKICFIFDESNVLESSFLERMNTLLAGGEVPGLFEGEEFTALMHACKETAQRNGLIL
DSEEELYKYFTSQVRRNLHVVFTMNPASPDFHNRSATSPALFNRCVLDWFGEWSPEALFQVGSEFTRNLDLENPQYIAPP
VFIQEAEIMGNNLMAIPPSHRDAVVSSLVYIHQTIGEANIRLLKRQGRQNYVTPRHYLDFINQVVLLINEKRDQLEEEQL
HLNIGLKKLRDTEAQVKDLQVSLAQKNRELDVKNEQANQKLKQMVQDQQAAEIKQKDARELQVQLDVRNKEIAVQKVKAY
ADLEKAEPTGPLREEVEQLENAANELKLKQDEIVATITALEKSIATYKEEYATLIRETEQIKTESSKVKNKVDRSIALLD
NLNSERGRWEQQSENFNTQMSTVVGDVVLASAFLAYIGFFDQNFRTDLMRKWMIRLDSVGIKFKSDLSVPSFLSKPEERL
NWHANSLPSDELCIENAIMLKRFNRYPLVIDPSGQAMEFLMNQYADKKITKTSFLDSSFMKNLESALRFGCPLLVQDVEN
IDPVLNPVLNKEIRKKGGRILIRLGDQDVDFSPSFMIFLFTRDPTAHFTPDLCSRVTFVNFTVTPSSLQSQCLHEALKTE
RPDTHKKRSDLLKIQGEFQVKLRILEKSLLNALSQASGNILDDDSVISTLETLKKETTEIALKVEETETVMQEISEVSAL
YNPMALSCSRVYFAMEELSQFHLYQFSLRAFLDIFYNLLNNNPNLVDKKDPNERLVYLSKDIFSMTFNRVTRTLLNDDKL
TFALQLTIISVKGTSNEIEESEWDFLLKGGDNLTSIKETIPQLDSLLSTTQQKWLICLRQQVPSFSKLVDHIQQNSSDWK
QFFGKDQVGEPIIPESWIVAQAQLSNQQSTIVSNFRKILLMKAFHSDRVLQYSHSFVCSVFGEDFLNTQELDMANIVEKE
VKSSSPLLLCSVPGYDASSKVDDLALQLHKQYKSFAIGSPEGFELAEKSIYAAAKSGTWVLLKNIHLAPQWLVQLEKKLH
SLSPHPSFRLFMTSEIHPALPANLLRMSNVFSYENPPGVKANLLHTFIGIPATRMDKQPAERSRIYFLLAWFHAIIQERL
RYIPLGWTKFFEFNDADLRGALDSIDYWVDLYSKGRSNIDPDKIPWIAVRTILGSTIYGGRIDNEFDMRLLYSFLEQLFT
PSAFNPDFPLVPSIGLSVPEGTTRAHFMKWIEALPEISTPIWLGLPENAESLLLSNKARKMINDLQKMQSSEEDGEDDQV
SGSSKKESSSSSSEDKGKAKLRATITEWTKLLPKPLKQLKRTTQNIKDPLFRCFEREISTGGKLVKKITNDLANLLELIS
GNIKSTNYLRSLTTSISKGIVPKEWKWYSVPETISLSVWISDFSKRMQQLSEISESSDYSSIQVWLGGLLNPEAYITATR
QSASQLNGWSLENLRLHASSLGKISSEGGASFNVKGMALEGAVWNNDQLTPTDILSTPISIATLTWKDKDDPIFNNSSSK
LSVPVYLNETRSELLFSIDLPYDQSTSKQNWYQRSVSISSWKSDI
;
_entity_poly.pdbx_strand_id   A,B
#
loop_
_chem_comp.id
_chem_comp.type
_chem_comp.name
_chem_comp.formula
ADP non-polymer ADENOSINE-5'-DIPHOSPHATE 'C10 H15 N5 O10 P2'
MG non-polymer 'MAGNESIUM ION' 'Mg 2'
SPM non-polymer SPERMINE 'C10 H26 N4'
#
# COMPACT_ATOMS: atom_id res chain seq x y z
N GLU A 47 60.26 -45.01 -5.13
CA GLU A 47 58.90 -45.64 -5.20
C GLU A 47 58.26 -45.41 -6.57
N ILE A 48 58.61 -44.29 -7.19
CA ILE A 48 58.09 -43.90 -8.49
C ILE A 48 58.40 -44.95 -9.56
N ASP A 49 59.59 -45.55 -9.48
CA ASP A 49 60.00 -46.60 -10.42
C ASP A 49 59.24 -47.94 -10.26
N SER A 50 58.80 -48.25 -9.05
CA SER A 50 58.07 -49.49 -8.82
C SER A 50 56.73 -49.41 -9.57
N LEU A 51 56.03 -48.29 -9.41
CA LEU A 51 54.76 -48.05 -10.09
C LEU A 51 54.91 -48.40 -11.56
N LYS A 52 55.96 -47.85 -12.18
CA LYS A 52 56.23 -48.12 -13.59
C LYS A 52 56.14 -49.65 -13.82
N GLU A 53 56.79 -50.43 -12.95
CA GLU A 53 56.81 -51.91 -13.01
C GLU A 53 55.46 -52.65 -12.95
N THR A 54 54.45 -52.03 -12.34
CA THR A 54 53.12 -52.64 -12.21
C THR A 54 52.44 -52.83 -13.59
N ALA A 55 52.04 -54.06 -13.92
CA ALA A 55 51.40 -54.34 -15.20
C ALA A 55 49.97 -53.78 -15.25
N TRP A 56 49.20 -54.13 -16.28
CA TRP A 56 47.84 -53.63 -16.44
C TRP A 56 46.81 -54.23 -15.49
N SER A 57 46.53 -55.53 -15.61
CA SER A 57 45.55 -56.14 -14.70
C SER A 57 45.98 -55.77 -13.29
N ALA A 58 47.25 -55.39 -13.19
CA ALA A 58 47.89 -55.00 -11.94
C ALA A 58 47.55 -53.59 -11.38
N ILE A 59 47.77 -52.53 -12.17
CA ILE A 59 47.51 -51.20 -11.66
C ILE A 59 46.03 -50.90 -11.54
N ILE A 60 45.74 -49.95 -10.66
CA ILE A 60 44.39 -49.53 -10.37
C ILE A 60 44.32 -48.02 -10.05
N PRO A 61 43.49 -47.28 -10.83
CA PRO A 61 43.29 -45.83 -10.68
C PRO A 61 43.22 -45.36 -9.22
N ALA A 87 66.54 -30.28 -11.41
CA ALA A 87 66.53 -31.74 -11.21
C ALA A 87 65.36 -32.17 -10.32
N PHE A 88 65.18 -31.46 -9.21
CA PHE A 88 64.09 -31.72 -8.27
C PHE A 88 62.79 -31.34 -9.00
N ASP A 89 62.81 -30.16 -9.62
CA ASP A 89 61.66 -29.65 -10.36
C ASP A 89 61.33 -30.57 -11.55
N HIS A 90 62.32 -31.37 -11.98
CA HIS A 90 62.10 -32.34 -13.08
C HIS A 90 61.04 -33.34 -12.62
N ALA A 91 61.44 -34.20 -11.67
CA ALA A 91 60.55 -35.20 -11.10
C ALA A 91 59.26 -34.53 -10.62
N GLN A 92 59.41 -33.40 -9.93
CA GLN A 92 58.24 -32.66 -9.45
C GLN A 92 57.22 -32.55 -10.60
N ASN A 93 57.66 -32.00 -11.73
CA ASN A 93 56.77 -31.84 -12.87
C ASN A 93 56.36 -33.17 -13.50
N LEU A 94 57.34 -34.05 -13.71
CA LEU A 94 57.05 -35.38 -14.28
C LEU A 94 55.83 -35.95 -13.53
N ILE A 95 55.94 -36.07 -12.20
CA ILE A 95 54.83 -36.58 -11.41
C ILE A 95 53.60 -35.68 -11.65
N LYS A 96 53.79 -34.35 -11.64
CA LYS A 96 52.70 -33.39 -11.91
C LYS A 96 51.90 -33.78 -13.17
N ILE A 97 52.61 -34.21 -14.22
CA ILE A 97 51.98 -34.62 -15.48
C ILE A 97 51.22 -35.92 -15.32
N TYR A 98 51.89 -36.96 -14.78
CA TYR A 98 51.25 -38.27 -14.58
C TYR A 98 49.93 -38.06 -13.82
N LEU A 99 49.97 -37.18 -12.82
CA LEU A 99 48.79 -36.89 -12.01
C LEU A 99 47.72 -36.31 -12.94
N LYS A 100 48.10 -35.29 -13.73
CA LYS A 100 47.16 -34.69 -14.67
C LYS A 100 46.60 -35.82 -15.56
N GLY A 101 47.52 -36.46 -16.29
CA GLY A 101 47.13 -37.54 -17.17
C GLY A 101 46.16 -38.53 -16.54
N ASN A 102 46.48 -38.99 -15.33
CA ASN A 102 45.69 -40.00 -14.59
C ASN A 102 44.24 -40.19 -15.09
N ALA A 103 43.58 -39.11 -15.44
CA ALA A 103 42.23 -39.17 -15.98
C ALA A 103 42.18 -40.33 -16.99
N ILE A 104 43.14 -40.30 -17.90
CA ILE A 104 43.31 -41.29 -18.94
C ILE A 104 43.47 -42.71 -18.39
N ILE A 105 44.45 -42.92 -17.51
CA ILE A 105 44.67 -44.25 -16.94
C ILE A 105 43.39 -44.96 -16.46
N THR A 106 42.49 -44.21 -15.82
CA THR A 106 41.21 -44.78 -15.37
C THR A 106 40.34 -45.07 -16.61
N ASP A 107 40.25 -44.09 -17.51
CA ASP A 107 39.51 -44.24 -18.75
C ASP A 107 40.09 -45.42 -19.53
N LEU A 108 41.42 -45.49 -19.51
CA LEU A 108 42.17 -46.52 -20.20
C LEU A 108 42.16 -47.88 -19.47
N HIS A 109 41.31 -47.98 -18.44
CA HIS A 109 41.17 -49.20 -17.63
C HIS A 109 39.71 -49.73 -17.55
N SER A 110 38.79 -49.03 -18.20
CA SER A 110 37.37 -49.41 -18.19
C SER A 110 37.03 -50.59 -19.12
N GLU A 111 35.90 -51.23 -18.85
CA GLU A 111 35.44 -52.37 -19.64
C GLU A 111 35.29 -52.02 -21.13
N ALA A 112 35.33 -50.72 -21.42
CA ALA A 112 35.20 -50.23 -22.79
C ALA A 112 36.44 -50.51 -23.66
N ILE A 113 37.62 -50.39 -23.07
CA ILE A 113 38.88 -50.61 -23.79
C ILE A 113 39.17 -52.09 -24.08
N LYS A 114 39.00 -52.47 -25.35
CA LYS A 114 39.25 -53.83 -25.80
C LYS A 114 40.59 -53.99 -26.54
N ASP A 115 40.86 -55.19 -27.02
CA ASP A 115 42.12 -55.46 -27.73
C ASP A 115 42.32 -54.43 -28.84
N ARG A 116 41.36 -54.38 -29.76
CA ARG A 116 41.41 -53.45 -30.89
C ARG A 116 41.95 -52.07 -30.51
N HIS A 117 41.40 -51.51 -29.44
CA HIS A 117 41.78 -50.19 -28.95
C HIS A 117 43.28 -50.08 -28.65
N TRP A 118 43.82 -51.07 -27.93
CA TRP A 118 45.23 -51.12 -27.58
C TRP A 118 46.06 -51.27 -28.85
N LYS A 119 45.53 -52.02 -29.81
CA LYS A 119 46.21 -52.19 -31.09
C LYS A 119 46.28 -50.79 -31.69
N ILE A 120 45.11 -50.16 -31.79
CA ILE A 120 44.99 -48.81 -32.35
C ILE A 120 46.01 -47.91 -31.66
N LEU A 121 46.12 -48.06 -30.35
CA LEU A 121 47.05 -47.22 -29.64
C LEU A 121 48.50 -47.53 -30.00
N LYS A 122 48.80 -48.79 -30.33
CA LYS A 122 50.18 -49.16 -30.69
C LYS A 122 50.62 -48.52 -32.04
N LYS A 123 49.70 -48.48 -32.99
CA LYS A 123 50.00 -47.91 -34.29
C LYS A 123 49.94 -46.36 -34.39
N ARG A 124 48.82 -45.75 -33.98
CA ARG A 124 48.69 -44.30 -34.06
C ARG A 124 49.83 -43.60 -33.30
N LEU A 125 50.54 -44.35 -32.45
CA LEU A 125 51.66 -43.79 -31.69
C LEU A 125 52.98 -44.44 -32.14
N ASN A 126 52.90 -45.25 -33.19
CA ASN A 126 54.07 -45.94 -33.76
C ASN A 126 54.91 -46.62 -32.68
N THR A 127 54.27 -47.46 -31.86
CA THR A 127 55.00 -48.11 -30.78
C THR A 127 55.24 -49.60 -31.01
N ASN A 128 56.36 -50.08 -30.49
CA ASN A 128 56.74 -51.48 -30.65
C ASN A 128 56.59 -52.31 -29.39
N TRP A 129 55.41 -52.31 -28.79
CA TRP A 129 55.20 -53.13 -27.61
C TRP A 129 54.01 -54.08 -27.69
N ILE A 130 54.09 -55.14 -26.90
CA ILE A 130 53.05 -56.15 -26.87
C ILE A 130 52.08 -55.90 -25.71
N ILE A 131 50.79 -55.88 -26.06
CA ILE A 131 49.70 -55.66 -25.10
C ILE A 131 49.81 -56.62 -23.90
N THR A 132 49.98 -57.90 -24.21
CA THR A 132 50.10 -58.96 -23.21
C THR A 132 50.80 -58.52 -21.92
N GLU A 133 51.91 -57.78 -22.04
CA GLU A 133 52.63 -57.32 -20.85
C GLU A 133 52.74 -55.79 -20.87
N LEU A 134 51.93 -55.11 -20.07
CA LEU A 134 51.95 -53.64 -20.03
C LEU A 134 51.87 -52.95 -18.67
N THR A 135 52.90 -52.18 -18.37
CA THR A 135 52.96 -51.47 -17.09
C THR A 135 52.71 -49.98 -17.28
N LEU A 136 52.39 -49.26 -16.20
CA LEU A 136 52.19 -47.82 -16.30
C LEU A 136 53.34 -47.23 -17.12
N GLY A 137 54.55 -47.72 -16.85
CA GLY A 137 55.75 -47.25 -17.55
C GLY A 137 55.62 -47.30 -19.05
N SER A 138 54.94 -48.33 -19.54
CA SER A 138 54.71 -48.52 -20.98
C SER A 138 53.95 -47.30 -21.50
N ILE A 139 52.84 -46.99 -20.83
CA ILE A 139 51.95 -45.87 -21.18
C ILE A 139 52.56 -44.50 -20.87
N TRP A 140 53.15 -44.37 -19.69
CA TRP A 140 53.78 -43.11 -19.30
C TRP A 140 54.98 -42.82 -20.21
N ASP A 141 55.50 -43.86 -20.85
CA ASP A 141 56.62 -43.71 -21.76
C ASP A 141 56.20 -42.65 -22.79
N SER A 142 55.19 -42.94 -23.59
CA SER A 142 54.73 -41.96 -24.56
C SER A 142 54.29 -40.73 -23.75
N ASP A 143 54.31 -39.56 -24.37
CA ASP A 143 53.91 -38.36 -23.65
C ASP A 143 52.38 -38.32 -23.44
N LEU A 144 51.94 -38.67 -22.23
CA LEU A 144 50.51 -38.65 -21.94
C LEU A 144 49.97 -37.25 -22.27
N ALA A 145 50.67 -36.22 -21.78
CA ALA A 145 50.27 -34.83 -22.01
C ALA A 145 50.29 -34.51 -23.50
N ARG A 146 51.44 -34.65 -24.13
CA ARG A 146 51.57 -34.38 -25.56
C ARG A 146 50.65 -35.24 -26.43
N ASN A 147 50.41 -36.49 -26.03
CA ASN A 147 49.57 -37.40 -26.83
C ASN A 147 48.16 -37.69 -26.31
N GLU A 148 47.76 -37.06 -25.22
CA GLU A 148 46.41 -37.27 -24.68
C GLU A 148 45.46 -37.27 -25.87
N ASN A 149 45.73 -36.37 -26.80
CA ASN A 149 44.93 -36.24 -28.00
C ASN A 149 44.58 -37.57 -28.66
N ILE A 150 45.60 -38.36 -29.00
CA ILE A 150 45.35 -39.64 -29.66
C ILE A 150 44.76 -40.68 -28.70
N TYR A 151 45.12 -40.56 -27.42
CA TYR A 151 44.57 -41.47 -26.43
C TYR A 151 43.07 -41.17 -26.36
N ARG A 152 42.75 -39.87 -26.25
CA ARG A 152 41.36 -39.40 -26.14
C ARG A 152 40.47 -39.87 -27.29
N GLU A 153 40.97 -39.70 -28.52
CA GLU A 153 40.24 -40.11 -29.72
C GLU A 153 39.78 -41.57 -29.53
N VAL A 154 40.73 -42.40 -29.10
CA VAL A 154 40.50 -43.82 -28.86
C VAL A 154 39.58 -44.07 -27.68
N ILE A 155 39.86 -43.41 -26.55
CA ILE A 155 39.03 -43.54 -25.36
C ILE A 155 37.57 -43.29 -25.73
N THR A 156 37.36 -42.31 -26.62
CA THR A 156 36.04 -41.91 -27.11
C THR A 156 35.46 -42.96 -28.04
N ALA A 157 36.27 -43.40 -28.99
CA ALA A 157 35.86 -44.41 -29.94
C ALA A 157 35.38 -45.64 -29.16
N ALA A 158 36.20 -46.08 -28.20
CA ALA A 158 35.88 -47.27 -27.41
C ALA A 158 34.56 -47.10 -26.67
N GLN A 159 34.39 -45.95 -26.01
CA GLN A 159 33.18 -45.62 -25.27
C GLN A 159 31.99 -45.57 -26.22
N GLY A 160 32.24 -45.08 -27.44
CA GLY A 160 31.18 -45.03 -28.41
C GLY A 160 30.76 -46.44 -28.81
N GLU A 161 31.74 -47.26 -29.19
CA GLU A 161 31.50 -48.64 -29.63
C GLU A 161 30.74 -49.54 -28.65
N ILE A 162 30.98 -49.38 -27.35
CA ILE A 162 30.30 -50.23 -26.36
C ILE A 162 28.82 -49.89 -26.20
N ALA A 163 28.46 -48.66 -26.53
CA ALA A 163 27.06 -48.24 -26.45
C ALA A 163 26.29 -49.10 -27.44
N LEU A 164 26.89 -49.32 -28.62
CA LEU A 164 26.30 -50.16 -29.68
C LEU A 164 26.38 -51.64 -29.24
N GLU A 165 27.60 -52.08 -28.93
CA GLU A 165 27.87 -53.43 -28.50
C GLU A 165 26.88 -53.86 -27.44
N GLU A 166 26.61 -52.94 -26.51
CA GLU A 166 25.69 -53.17 -25.42
C GLU A 166 24.27 -53.25 -25.95
N PHE A 167 24.01 -52.53 -27.04
CA PHE A 167 22.69 -52.55 -27.67
C PHE A 167 22.47 -53.95 -28.24
N LEU A 168 23.49 -54.42 -28.94
CA LEU A 168 23.46 -55.74 -29.57
C LEU A 168 23.23 -56.81 -28.51
N LYS A 169 23.77 -56.58 -27.32
CA LYS A 169 23.60 -57.49 -26.21
C LYS A 169 22.12 -57.65 -25.91
N GLY A 170 21.35 -56.58 -26.07
CA GLY A 170 19.93 -56.64 -25.82
C GLY A 170 19.17 -57.43 -26.88
N VAL A 171 19.44 -57.12 -28.13
CA VAL A 171 18.82 -57.77 -29.28
C VAL A 171 19.23 -59.23 -29.17
N ARG A 172 20.51 -59.43 -28.97
CA ARG A 172 21.05 -60.78 -28.85
C ARG A 172 20.26 -61.59 -27.81
N GLU A 173 20.38 -61.20 -26.54
CA GLU A 173 19.74 -61.88 -25.42
C GLU A 173 18.24 -62.12 -25.53
N PHE A 174 17.52 -61.10 -25.98
CA PHE A 174 16.07 -61.20 -26.10
C PHE A 174 15.65 -62.25 -27.12
N TRP A 175 16.15 -62.11 -28.34
CA TRP A 175 15.78 -63.00 -29.44
C TRP A 175 16.36 -64.39 -29.44
N THR A 176 17.60 -64.52 -28.99
CA THR A 176 18.26 -65.81 -28.99
C THR A 176 17.57 -66.89 -28.16
N THR A 177 16.85 -66.49 -27.11
CA THR A 177 16.18 -67.45 -26.24
C THR A 177 14.65 -67.47 -26.36
N LEU A 178 14.07 -66.34 -26.77
CA LEU A 178 12.61 -66.13 -26.91
C LEU A 178 11.75 -67.25 -27.51
N GLU A 179 10.84 -67.80 -26.71
CA GLU A 179 9.97 -68.87 -27.20
C GLU A 179 8.58 -68.27 -27.37
N LEU A 180 7.94 -68.62 -28.49
CA LEU A 180 6.60 -68.15 -28.81
C LEU A 180 5.64 -68.50 -27.67
N ASP A 181 4.82 -67.52 -27.32
CA ASP A 181 3.83 -67.67 -26.26
C ASP A 181 2.65 -68.50 -26.78
N LEU A 182 2.67 -69.80 -26.53
CA LEU A 182 1.60 -70.67 -27.00
C LEU A 182 0.47 -70.82 -25.97
N VAL A 183 -0.74 -71.11 -26.43
CA VAL A 183 -1.88 -71.30 -25.54
C VAL A 183 -2.72 -72.45 -26.06
N ASN A 184 -3.24 -73.28 -25.17
CA ASN A 184 -4.05 -74.42 -25.58
C ASN A 184 -5.36 -74.04 -26.31
N TYR A 185 -5.75 -74.88 -27.26
CA TYR A 185 -6.96 -74.67 -28.02
C TYR A 185 -7.74 -76.00 -28.05
N GLN A 186 -8.59 -76.17 -27.06
CA GLN A 186 -9.43 -77.36 -26.89
C GLN A 186 -8.86 -78.67 -27.43
N ARG A 187 -7.73 -79.08 -26.87
CA ARG A 187 -7.08 -80.34 -27.27
C ARG A 187 -6.94 -80.57 -28.80
N LYS A 188 -6.54 -79.53 -29.53
CA LYS A 188 -6.37 -79.65 -30.97
C LYS A 188 -4.94 -79.29 -31.30
N CYS A 189 -4.46 -78.25 -30.63
CA CYS A 189 -3.13 -77.72 -30.83
C CYS A 189 -2.95 -76.61 -29.82
N LYS A 190 -2.15 -75.63 -30.19
CA LYS A 190 -1.89 -74.45 -29.36
C LYS A 190 -1.45 -73.37 -30.35
N LEU A 191 -1.98 -72.16 -30.17
CA LEU A 191 -1.69 -71.05 -31.06
C LEU A 191 -0.66 -70.07 -30.54
N VAL A 192 -0.22 -69.19 -31.43
CA VAL A 192 0.74 -68.18 -31.04
C VAL A 192 0.02 -66.94 -30.51
N ARG A 193 0.44 -66.52 -29.33
CA ARG A 193 -0.10 -65.36 -28.62
C ARG A 193 1.04 -64.35 -28.45
N GLY A 194 0.70 -63.15 -28.03
CA GLY A 194 1.72 -62.14 -27.81
C GLY A 194 2.12 -61.37 -29.04
N TRP A 195 1.29 -61.43 -30.07
CA TRP A 195 1.55 -60.73 -31.34
C TRP A 195 2.13 -59.33 -31.23
N ASP A 196 1.26 -58.39 -30.87
CA ASP A 196 1.69 -57.02 -30.77
C ASP A 196 2.92 -56.82 -29.88
N ASP A 197 3.14 -57.74 -28.94
CA ASP A 197 4.30 -57.62 -28.06
C ASP A 197 5.54 -57.89 -28.92
N LEU A 198 5.41 -58.85 -29.82
CA LEU A 198 6.49 -59.20 -30.72
C LEU A 198 6.78 -58.02 -31.67
N PHE A 199 5.74 -57.47 -32.30
CA PHE A 199 5.90 -56.35 -33.23
C PHE A 199 6.55 -55.10 -32.64
N ASN A 200 6.18 -54.74 -31.42
CA ASN A 200 6.77 -53.55 -30.83
C ASN A 200 8.25 -53.75 -30.67
N LYS A 201 8.66 -54.96 -30.27
CA LYS A 201 10.08 -55.25 -30.13
C LYS A 201 10.74 -55.24 -31.52
N LEU A 202 10.11 -55.96 -32.46
CA LEU A 202 10.60 -56.01 -33.83
C LEU A 202 10.77 -54.60 -34.39
N ALA A 203 9.91 -53.68 -33.98
CA ALA A 203 9.97 -52.30 -34.47
C ALA A 203 10.99 -51.44 -33.73
N GLU A 204 11.15 -51.71 -32.44
CA GLU A 204 12.12 -50.97 -31.63
C GLU A 204 13.51 -51.35 -32.13
N HIS A 205 13.85 -52.63 -31.99
CA HIS A 205 15.15 -53.14 -32.43
C HIS A 205 15.40 -52.74 -33.88
N LEU A 206 14.49 -53.07 -34.77
CA LEU A 206 14.66 -52.76 -36.18
C LEU A 206 15.07 -51.34 -36.47
N ASN A 207 14.35 -50.40 -35.86
CA ASN A 207 14.63 -49.00 -36.05
C ASN A 207 16.05 -48.75 -35.58
N SER A 208 16.27 -48.91 -34.28
CA SER A 208 17.57 -48.70 -33.69
C SER A 208 18.70 -49.38 -34.49
N ILE A 209 18.43 -50.56 -35.03
CA ILE A 209 19.43 -51.27 -35.85
C ILE A 209 19.75 -50.37 -37.04
N SER A 210 18.72 -49.74 -37.58
CA SER A 210 18.88 -48.86 -38.74
C SER A 210 19.61 -47.60 -38.32
N ALA A 211 19.03 -46.88 -37.36
CA ALA A 211 19.61 -45.65 -36.84
C ALA A 211 21.07 -45.84 -36.38
N MET A 212 21.40 -47.01 -35.82
CA MET A 212 22.77 -47.30 -35.38
C MET A 212 23.65 -47.57 -36.61
N LYS A 213 23.22 -47.13 -37.79
CA LYS A 213 24.02 -47.33 -39.00
C LYS A 213 24.58 -45.99 -39.49
N MET A 214 24.32 -44.94 -38.72
CA MET A 214 24.82 -43.62 -39.08
C MET A 214 25.70 -43.20 -37.92
N SER A 215 26.22 -44.19 -37.20
CA SER A 215 27.10 -43.91 -36.06
C SER A 215 28.55 -43.94 -36.47
N PRO A 216 29.34 -43.01 -35.92
CA PRO A 216 30.77 -42.94 -36.25
C PRO A 216 31.44 -44.27 -35.92
N TYR A 217 30.68 -45.13 -35.24
CA TYR A 217 31.20 -46.42 -34.82
C TYR A 217 30.68 -47.66 -35.56
N TYR A 218 29.56 -47.51 -36.24
CA TYR A 218 28.92 -48.62 -36.96
C TYR A 218 29.82 -49.71 -37.58
N LYS A 219 30.94 -49.32 -38.20
CA LYS A 219 31.85 -50.25 -38.87
C LYS A 219 31.91 -51.61 -38.18
N VAL A 220 32.56 -51.63 -37.03
CA VAL A 220 32.73 -52.84 -36.20
C VAL A 220 31.58 -53.81 -36.37
N PHE A 221 30.54 -53.56 -35.57
CA PHE A 221 29.32 -54.36 -35.52
C PHE A 221 28.50 -54.48 -36.82
N GLU A 222 28.79 -53.65 -37.82
CA GLU A 222 28.02 -53.64 -39.07
C GLU A 222 27.78 -54.95 -39.83
N GLU A 223 28.31 -56.06 -39.33
CA GLU A 223 28.08 -57.34 -40.00
C GLU A 223 26.95 -58.07 -39.28
N GLU A 224 26.89 -57.84 -37.96
CA GLU A 224 25.86 -58.45 -37.13
C GLU A 224 24.60 -57.63 -37.40
N ALA A 225 24.75 -56.31 -37.41
CA ALA A 225 23.64 -55.39 -37.64
C ALA A 225 22.89 -55.86 -38.86
N ASN A 226 23.64 -56.28 -39.86
CA ASN A 226 23.05 -56.76 -41.09
C ASN A 226 22.42 -58.12 -40.94
N HIS A 227 22.85 -58.90 -39.96
CA HIS A 227 22.27 -60.22 -39.76
C HIS A 227 20.95 -60.07 -39.04
N TRP A 228 20.93 -59.25 -38.00
CA TRP A 228 19.71 -59.04 -37.24
C TRP A 228 18.68 -58.36 -38.10
N ASP A 229 19.13 -57.40 -38.90
CA ASP A 229 18.23 -56.67 -39.79
C ASP A 229 17.52 -57.64 -40.73
N ASP A 230 18.25 -58.59 -41.30
CA ASP A 230 17.62 -59.57 -42.16
C ASP A 230 16.75 -60.49 -41.29
N ARG A 231 17.39 -61.18 -40.36
CA ARG A 231 16.73 -62.11 -39.45
C ARG A 231 15.43 -61.54 -38.90
N LEU A 232 15.50 -60.34 -38.34
CA LEU A 232 14.32 -59.75 -37.76
C LEU A 232 13.22 -59.40 -38.76
N ASN A 233 13.59 -58.94 -39.96
CA ASN A 233 12.56 -58.62 -40.94
C ASN A 233 11.85 -59.92 -41.32
N LYS A 234 12.63 -60.98 -41.51
CA LYS A 234 12.09 -62.30 -41.87
C LYS A 234 11.10 -62.77 -40.82
N VAL A 235 11.36 -62.41 -39.58
CA VAL A 235 10.50 -62.77 -38.47
C VAL A 235 9.27 -61.88 -38.50
N ARG A 236 9.44 -60.62 -38.90
CA ARG A 236 8.28 -59.72 -38.96
C ARG A 236 7.38 -60.21 -40.10
N SER A 237 7.99 -60.61 -41.21
CA SER A 237 7.21 -61.11 -42.33
C SER A 237 6.55 -62.44 -41.97
N LEU A 238 7.28 -63.31 -41.26
CA LEU A 238 6.74 -64.59 -40.86
C LEU A 238 5.53 -64.45 -39.95
N LEU A 239 5.60 -63.52 -39.00
CA LEU A 239 4.49 -63.32 -38.09
C LEU A 239 3.25 -62.76 -38.77
N ASP A 240 3.41 -61.76 -39.64
CA ASP A 240 2.29 -61.18 -40.35
C ASP A 240 1.39 -62.22 -41.04
N VAL A 241 1.98 -63.01 -41.95
CA VAL A 241 1.25 -64.04 -42.66
C VAL A 241 0.75 -65.09 -41.67
N TRP A 242 1.30 -65.08 -40.46
CA TRP A 242 0.88 -66.06 -39.48
C TRP A 242 -0.40 -65.62 -38.78
N ILE A 243 -0.36 -64.48 -38.11
CA ILE A 243 -1.53 -63.97 -37.40
C ILE A 243 -2.78 -64.07 -38.30
N ASP A 244 -2.57 -64.01 -39.61
CA ASP A 244 -3.64 -64.12 -40.59
C ASP A 244 -4.10 -65.59 -40.68
N VAL A 245 -3.16 -66.49 -40.88
CA VAL A 245 -3.51 -67.91 -40.98
C VAL A 245 -4.27 -68.36 -39.74
N GLN A 246 -3.78 -67.95 -38.58
CA GLN A 246 -4.39 -68.34 -37.33
C GLN A 246 -5.79 -67.78 -37.21
N ARG A 247 -5.94 -66.49 -37.47
CA ARG A 247 -7.24 -65.85 -37.40
C ARG A 247 -8.19 -66.63 -38.28
N ARG A 248 -7.92 -66.57 -39.58
CA ARG A 248 -8.71 -67.26 -40.61
C ARG A 248 -9.05 -68.68 -40.17
N TRP A 249 -8.09 -69.38 -39.58
CA TRP A 249 -8.30 -70.75 -39.17
C TRP A 249 -9.25 -70.93 -37.99
N VAL A 250 -9.03 -70.13 -36.93
CA VAL A 250 -9.86 -70.20 -35.72
C VAL A 250 -11.34 -69.94 -36.00
N TYR A 251 -11.61 -69.22 -37.08
CA TYR A 251 -12.97 -68.92 -37.48
C TYR A 251 -13.49 -70.17 -38.20
N LEU A 252 -13.02 -70.38 -39.43
CA LEU A 252 -13.43 -71.50 -40.26
C LEU A 252 -13.34 -72.85 -39.57
N GLU A 253 -12.41 -72.99 -38.64
CA GLU A 253 -12.25 -74.26 -37.96
C GLU A 253 -13.51 -74.70 -37.25
N GLY A 254 -14.01 -73.84 -36.37
CA GLY A 254 -15.23 -74.17 -35.62
C GLY A 254 -16.45 -74.59 -36.44
N ILE A 255 -16.45 -74.28 -37.73
CA ILE A 255 -17.56 -74.64 -38.61
C ILE A 255 -17.40 -76.04 -39.14
N PHE A 256 -16.26 -76.29 -39.77
CA PHE A 256 -15.96 -77.59 -40.36
C PHE A 256 -15.39 -78.57 -39.33
N ILE A 262 -23.23 -79.68 -42.25
CA ILE A 262 -22.70 -78.55 -43.03
C ILE A 262 -21.57 -78.96 -43.96
N ASN A 263 -20.76 -79.91 -43.48
CA ASN A 263 -19.64 -80.46 -44.24
C ASN A 263 -20.33 -81.09 -45.46
N GLN A 264 -21.36 -81.91 -45.18
CA GLN A 264 -22.17 -82.57 -46.21
C GLN A 264 -22.86 -81.52 -47.12
N LEU A 265 -23.10 -80.33 -46.59
CA LEU A 265 -23.70 -79.24 -47.36
C LEU A 265 -22.71 -78.64 -48.34
N LEU A 266 -21.52 -78.27 -47.88
CA LEU A 266 -20.52 -77.72 -48.81
C LEU A 266 -19.27 -78.59 -48.99
N PRO A 267 -19.45 -79.89 -49.27
CA PRO A 267 -18.31 -80.79 -49.46
C PRO A 267 -17.07 -80.19 -50.10
N ALA A 268 -17.22 -79.62 -51.30
CA ALA A 268 -16.11 -79.02 -52.05
C ALA A 268 -15.14 -78.19 -51.21
N GLU A 269 -15.66 -77.38 -50.30
CA GLU A 269 -14.78 -76.56 -49.47
C GLU A 269 -14.42 -77.35 -48.21
N SER A 270 -15.36 -78.16 -47.72
CA SER A 270 -15.08 -78.96 -46.52
C SER A 270 -13.78 -79.75 -46.73
N THR A 271 -13.62 -80.28 -47.94
CA THR A 271 -12.44 -81.06 -48.27
C THR A 271 -11.21 -80.18 -48.43
N ARG A 272 -11.39 -79.00 -48.99
CA ARG A 272 -10.27 -78.08 -49.19
C ARG A 272 -9.81 -77.51 -47.84
N PHE A 273 -10.65 -77.64 -46.82
CA PHE A 273 -10.33 -77.15 -45.49
C PHE A 273 -9.69 -78.26 -44.68
N LYS A 274 -10.22 -79.48 -44.82
CA LYS A 274 -9.64 -80.62 -44.11
C LYS A 274 -8.11 -80.55 -44.30
N SER A 275 -7.69 -80.48 -45.56
CA SER A 275 -6.28 -80.42 -45.89
C SER A 275 -5.50 -79.30 -45.20
N ILE A 276 -6.09 -78.11 -45.13
CA ILE A 276 -5.45 -76.96 -44.50
C ILE A 276 -5.33 -77.25 -43.00
N ASN A 277 -6.45 -77.64 -42.42
CA ASN A 277 -6.49 -77.95 -41.02
C ASN A 277 -5.49 -79.04 -40.68
N SER A 278 -5.07 -79.78 -41.70
CA SER A 278 -4.15 -80.87 -41.49
C SER A 278 -2.73 -80.40 -41.37
N GLU A 279 -2.26 -79.68 -42.39
CA GLU A 279 -0.90 -79.20 -42.35
C GLU A 279 -0.72 -78.04 -41.39
N PHE A 280 -1.85 -77.52 -40.89
CA PHE A 280 -1.81 -76.43 -39.94
C PHE A 280 -1.54 -77.05 -38.59
N ILE A 281 -2.29 -78.10 -38.27
CA ILE A 281 -2.13 -78.81 -37.02
C ILE A 281 -0.72 -79.37 -37.03
N ALA A 282 -0.39 -80.01 -38.15
CA ALA A 282 0.93 -80.60 -38.36
C ALA A 282 1.95 -79.54 -38.00
N ILE A 283 2.10 -78.55 -38.87
CA ILE A 283 3.02 -77.45 -38.65
C ILE A 283 3.03 -77.07 -37.19
N LEU A 284 1.88 -76.66 -36.69
CA LEU A 284 1.73 -76.24 -35.32
C LEU A 284 2.34 -77.18 -34.28
N LYS A 285 2.33 -78.49 -34.51
CA LYS A 285 2.95 -79.41 -33.54
C LYS A 285 4.46 -79.19 -33.50
N LYS A 286 5.07 -79.07 -34.68
CA LYS A 286 6.49 -78.83 -34.83
C LYS A 286 6.85 -77.53 -34.10
N VAL A 287 5.95 -76.55 -34.14
CA VAL A 287 6.22 -75.31 -33.44
C VAL A 287 6.21 -75.61 -31.95
N SER A 288 5.24 -76.42 -31.54
CA SER A 288 5.12 -76.79 -30.14
C SER A 288 6.34 -77.58 -29.73
N GLY A 289 7.00 -78.17 -30.72
CA GLY A 289 8.23 -78.91 -30.44
C GLY A 289 9.24 -77.90 -29.92
N ALA A 290 9.86 -77.15 -30.84
CA ALA A 290 10.82 -76.11 -30.47
C ALA A 290 10.17 -74.76 -30.72
N PRO A 291 9.52 -74.21 -29.69
CA PRO A 291 8.85 -72.91 -29.81
C PRO A 291 9.79 -71.68 -29.93
N LEU A 292 11.08 -71.93 -30.14
CA LEU A 292 12.03 -70.84 -30.29
C LEU A 292 11.73 -70.12 -31.58
N ILE A 293 11.24 -68.88 -31.52
CA ILE A 293 10.89 -68.12 -32.72
C ILE A 293 11.95 -68.23 -33.81
N LEU A 294 13.22 -68.04 -33.46
CA LEU A 294 14.31 -68.12 -34.42
C LEU A 294 14.47 -69.53 -35.00
N GLU A 295 13.97 -70.54 -34.27
CA GLU A 295 14.08 -71.91 -34.74
C GLU A 295 13.01 -72.22 -35.74
N VAL A 296 11.77 -71.79 -35.45
CA VAL A 296 10.64 -72.03 -36.36
C VAL A 296 10.90 -71.26 -37.63
N LEU A 297 11.51 -70.08 -37.50
CA LEU A 297 11.85 -69.25 -38.64
C LEU A 297 12.66 -70.06 -39.66
N ALA A 298 13.42 -71.02 -39.14
CA ALA A 298 14.26 -71.90 -39.95
C ALA A 298 13.54 -73.15 -40.46
N ILE A 299 12.22 -73.11 -40.53
CA ILE A 299 11.50 -74.28 -41.01
C ILE A 299 11.45 -74.27 -42.54
N GLU A 300 11.51 -75.44 -43.15
CA GLU A 300 11.50 -75.51 -44.62
C GLU A 300 10.47 -74.58 -45.22
N ARG A 301 10.97 -73.54 -45.88
CA ARG A 301 10.14 -72.54 -46.54
C ARG A 301 8.78 -72.22 -45.88
N ILE A 302 8.73 -72.09 -44.55
CA ILE A 302 7.48 -71.76 -43.86
C ILE A 302 6.91 -70.41 -44.30
N GLN A 303 7.76 -69.50 -44.76
CA GLN A 303 7.26 -68.21 -45.19
C GLN A 303 6.41 -68.41 -46.42
N GLN A 304 6.81 -69.37 -47.23
CA GLN A 304 6.07 -69.72 -48.44
C GLN A 304 4.81 -70.46 -47.97
N THR A 305 5.02 -71.55 -47.24
CA THR A 305 3.92 -72.36 -46.70
C THR A 305 2.84 -71.55 -45.98
N MET A 306 3.21 -70.70 -45.01
CA MET A 306 2.19 -69.91 -44.33
C MET A 306 1.45 -69.03 -45.34
N GLU A 307 2.21 -68.44 -46.28
CA GLU A 307 1.61 -67.59 -47.32
C GLU A 307 0.69 -68.43 -48.21
N ARG A 308 1.07 -69.70 -48.38
CA ARG A 308 0.31 -70.64 -49.19
C ARG A 308 -0.99 -70.96 -48.45
N LEU A 309 -0.90 -71.18 -47.14
CA LEU A 309 -2.07 -71.50 -46.32
C LEU A 309 -3.02 -70.32 -46.18
N SER A 310 -2.46 -69.14 -46.01
CA SER A 310 -3.27 -67.93 -45.87
C SER A 310 -4.09 -67.78 -47.14
N ASP A 311 -3.42 -67.89 -48.27
CA ASP A 311 -4.07 -67.78 -49.57
C ASP A 311 -5.27 -68.74 -49.66
N LEU A 312 -5.03 -70.00 -49.34
CA LEU A 312 -6.08 -71.00 -49.38
C LEU A 312 -7.24 -70.65 -48.49
N LEU A 313 -6.96 -70.40 -47.20
CA LEU A 313 -8.00 -70.02 -46.23
C LEU A 313 -8.76 -68.79 -46.72
N GLY A 314 -8.09 -67.94 -47.49
CA GLY A 314 -8.73 -66.77 -48.06
C GLY A 314 -9.77 -67.24 -49.07
N LYS A 315 -9.34 -68.08 -50.02
CA LYS A 315 -10.24 -68.61 -51.05
C LYS A 315 -11.36 -69.43 -50.41
N VAL A 316 -11.14 -69.90 -49.19
CA VAL A 316 -12.17 -70.66 -48.50
C VAL A 316 -13.13 -69.70 -47.84
N GLN A 317 -12.59 -68.68 -47.17
CA GLN A 317 -13.42 -67.71 -46.46
C GLN A 317 -14.37 -67.03 -47.45
N LYS A 318 -13.85 -66.73 -48.63
CA LYS A 318 -14.66 -66.09 -49.66
C LYS A 318 -15.70 -67.08 -50.07
N ALA A 319 -15.30 -68.35 -50.12
CA ALA A 319 -16.23 -69.39 -50.52
C ALA A 319 -17.47 -69.41 -49.64
N LEU A 320 -17.25 -69.42 -48.33
CA LEU A 320 -18.36 -69.45 -47.38
C LEU A 320 -19.25 -68.19 -47.44
N GLY A 321 -18.66 -67.05 -47.77
CA GLY A 321 -19.43 -65.83 -47.85
C GLY A 321 -20.53 -65.88 -48.90
N GLU A 322 -20.17 -66.37 -50.08
CA GLU A 322 -21.08 -66.48 -51.21
C GLU A 322 -22.19 -67.47 -50.94
N TYR A 323 -21.87 -68.51 -50.17
CA TYR A 323 -22.87 -69.54 -49.82
C TYR A 323 -23.93 -68.92 -48.90
N LEU A 324 -23.51 -68.02 -48.03
CA LEU A 324 -24.44 -67.39 -47.12
C LEU A 324 -25.21 -66.35 -47.91
N GLU A 325 -24.56 -65.79 -48.93
CA GLU A 325 -25.20 -64.80 -49.78
C GLU A 325 -26.28 -65.46 -50.65
N ARG A 326 -26.24 -66.78 -50.74
CA ARG A 326 -27.24 -67.52 -51.51
C ARG A 326 -28.30 -67.99 -50.54
N GLN A 327 -27.84 -68.55 -49.43
CA GLN A 327 -28.74 -69.03 -48.40
C GLN A 327 -29.65 -67.87 -48.05
N ARG A 328 -29.07 -66.67 -48.02
CA ARG A 328 -29.84 -65.48 -47.69
C ARG A 328 -30.78 -65.05 -48.80
N SER A 329 -30.27 -64.93 -50.02
CA SER A 329 -31.10 -64.55 -51.15
C SER A 329 -32.12 -65.63 -51.53
N ALA A 330 -32.12 -66.73 -50.78
CA ALA A 330 -33.04 -67.83 -51.03
C ALA A 330 -34.12 -67.83 -49.95
N PHE A 331 -33.90 -67.04 -48.92
CA PHE A 331 -34.86 -66.91 -47.84
C PHE A 331 -34.58 -65.58 -47.15
N ALA A 332 -34.98 -64.51 -47.84
CA ALA A 332 -34.79 -63.15 -47.39
C ALA A 332 -34.76 -62.96 -45.88
N ARG A 333 -35.67 -63.59 -45.15
CA ARG A 333 -35.68 -63.39 -43.70
C ARG A 333 -34.35 -63.76 -43.04
N PHE A 334 -33.45 -64.35 -43.81
CA PHE A 334 -32.15 -64.73 -43.29
C PHE A 334 -31.27 -63.51 -43.19
N TYR A 335 -31.65 -62.44 -43.88
CA TYR A 335 -30.90 -61.19 -43.84
C TYR A 335 -31.11 -60.55 -42.47
N PHE A 336 -32.10 -61.04 -41.74
CA PHE A 336 -32.37 -60.50 -40.42
C PHE A 336 -31.59 -61.18 -39.33
N VAL A 337 -30.66 -62.03 -39.72
CA VAL A 337 -29.81 -62.72 -38.75
C VAL A 337 -28.37 -62.57 -39.20
N GLY A 338 -27.45 -62.64 -38.23
CA GLY A 338 -26.04 -62.52 -38.52
C GLY A 338 -25.39 -63.78 -39.04
N ASP A 339 -24.17 -63.64 -39.57
CA ASP A 339 -23.42 -64.76 -40.14
C ASP A 339 -23.10 -65.92 -39.19
N GLU A 340 -23.02 -65.64 -37.90
CA GLU A 340 -22.71 -66.69 -36.94
C GLU A 340 -23.96 -67.43 -36.54
N ASP A 341 -25.08 -66.72 -36.58
CA ASP A 341 -26.35 -67.33 -36.22
C ASP A 341 -26.90 -68.05 -37.43
N LEU A 342 -26.58 -67.55 -38.62
CA LEU A 342 -27.05 -68.19 -39.84
C LEU A 342 -26.37 -69.52 -39.92
N LEU A 343 -25.07 -69.52 -39.64
CA LEU A 343 -24.27 -70.75 -39.66
C LEU A 343 -24.90 -71.73 -38.65
N GLU A 344 -24.93 -71.36 -37.39
CA GLU A 344 -25.52 -72.24 -36.40
C GLU A 344 -26.83 -72.86 -36.91
N ILE A 345 -27.67 -72.06 -37.56
CA ILE A 345 -28.96 -72.50 -38.10
C ILE A 345 -28.79 -73.54 -39.19
N ILE A 346 -27.91 -73.22 -40.15
CA ILE A 346 -27.63 -74.09 -41.29
C ILE A 346 -27.17 -75.48 -40.86
N GLY A 347 -26.08 -75.50 -40.08
CA GLY A 347 -25.53 -76.75 -39.57
C GLY A 347 -26.58 -77.57 -38.84
N ASN A 348 -27.17 -77.00 -37.80
CA ASN A 348 -28.19 -77.71 -37.07
C ASN A 348 -29.48 -77.80 -37.91
N SER A 349 -29.36 -77.65 -39.22
CA SER A 349 -30.52 -77.70 -40.13
C SER A 349 -31.65 -78.71 -39.81
N LYS A 350 -31.27 -79.93 -39.43
CA LYS A 350 -32.28 -80.96 -39.13
C LYS A 350 -32.58 -81.12 -37.65
N ASP A 351 -31.71 -80.57 -36.79
CA ASP A 351 -31.94 -80.65 -35.35
C ASP A 351 -32.64 -79.34 -34.94
N ILE A 352 -33.90 -79.24 -35.36
CA ILE A 352 -34.73 -78.06 -35.10
C ILE A 352 -34.69 -77.48 -33.70
N ILE A 353 -34.87 -78.33 -32.70
CA ILE A 353 -34.89 -77.86 -31.33
C ILE A 353 -33.81 -76.80 -31.11
N LYS A 354 -32.72 -76.94 -31.86
CA LYS A 354 -31.57 -76.04 -31.78
C LYS A 354 -31.69 -74.68 -32.47
N ILE A 355 -32.59 -74.59 -33.45
CA ILE A 355 -32.80 -73.36 -34.21
C ILE A 355 -33.86 -72.44 -33.61
N GLN A 356 -34.90 -73.04 -33.04
CA GLN A 356 -36.02 -72.35 -32.41
C GLN A 356 -35.69 -70.93 -31.91
N LYS A 357 -34.70 -70.81 -31.04
CA LYS A 357 -34.32 -69.51 -30.51
C LYS A 357 -34.25 -68.40 -31.56
N HIS A 358 -33.61 -68.69 -32.68
CA HIS A 358 -33.45 -67.71 -33.76
C HIS A 358 -34.71 -67.34 -34.52
N PHE A 359 -35.85 -67.95 -34.23
CA PHE A 359 -37.08 -67.62 -34.96
C PHE A 359 -37.59 -66.24 -34.63
N ARG A 360 -37.47 -65.87 -33.36
CA ARG A 360 -37.90 -64.55 -32.93
C ARG A 360 -37.19 -63.49 -33.80
N LYS A 361 -36.23 -63.94 -34.60
CA LYS A 361 -35.46 -63.04 -35.46
C LYS A 361 -35.81 -63.07 -36.94
N MET A 362 -36.74 -63.91 -37.33
CA MET A 362 -37.09 -64.00 -38.74
C MET A 362 -38.59 -63.89 -38.91
N PHE A 363 -39.31 -63.91 -37.80
CA PHE A 363 -40.75 -63.82 -37.83
C PHE A 363 -41.27 -62.97 -36.69
N ALA A 364 -42.20 -62.08 -36.99
CA ALA A 364 -42.77 -61.23 -35.96
C ALA A 364 -43.32 -62.04 -34.78
N GLY A 365 -44.30 -62.88 -35.05
CA GLY A 365 -44.89 -63.64 -33.96
C GLY A 365 -44.61 -65.12 -33.84
N LEU A 366 -44.12 -65.76 -34.89
CA LEU A 366 -43.82 -67.18 -34.84
C LEU A 366 -42.56 -67.35 -34.01
N ALA A 367 -42.68 -68.06 -32.88
CA ALA A 367 -41.55 -68.28 -31.98
C ALA A 367 -41.02 -69.72 -32.00
N ASN A 368 -41.88 -70.67 -32.32
CA ASN A 368 -41.44 -72.04 -32.35
C ASN A 368 -42.39 -72.86 -33.17
N LEU A 369 -41.84 -73.80 -33.92
CA LEU A 369 -42.61 -74.71 -34.76
C LEU A 369 -42.93 -75.93 -33.89
N THR A 370 -44.15 -76.42 -33.97
CA THR A 370 -44.53 -77.60 -33.19
C THR A 370 -44.29 -78.82 -34.08
N LEU A 371 -43.40 -79.70 -33.64
CA LEU A 371 -43.06 -80.89 -34.40
C LEU A 371 -43.89 -82.11 -33.98
N ASP A 372 -43.72 -83.22 -34.71
CA ASP A 372 -44.41 -84.49 -34.42
C ASP A 372 -43.55 -85.30 -33.44
N ASP A 373 -44.18 -86.24 -32.72
CA ASP A 373 -43.46 -87.07 -31.76
C ASP A 373 -42.06 -87.46 -32.25
N GLU A 374 -41.91 -87.77 -33.53
CA GLU A 374 -40.60 -88.14 -34.09
C GLU A 374 -39.71 -86.92 -34.37
N LYS A 375 -40.31 -85.74 -34.34
CA LYS A 375 -39.61 -84.48 -34.62
C LYS A 375 -39.19 -84.41 -36.09
N THR A 376 -40.00 -85.00 -36.98
CA THR A 376 -39.68 -85.00 -38.42
C THR A 376 -40.60 -84.16 -39.32
N THR A 377 -41.71 -83.66 -38.79
CA THR A 377 -42.55 -82.79 -39.60
C THR A 377 -43.17 -81.72 -38.70
N ILE A 378 -43.26 -80.51 -39.26
CA ILE A 378 -43.81 -79.34 -38.57
C ILE A 378 -45.35 -79.45 -38.62
N ILE A 379 -46.00 -79.46 -37.47
CA ILE A 379 -47.45 -79.54 -37.45
C ILE A 379 -48.11 -78.16 -37.28
N GLY A 380 -47.34 -77.17 -36.82
CA GLY A 380 -47.88 -75.84 -36.63
C GLY A 380 -46.88 -74.82 -36.17
N MET A 381 -47.35 -73.75 -35.53
CA MET A 381 -46.48 -72.68 -35.03
C MET A 381 -46.97 -72.12 -33.67
N SER A 382 -46.01 -71.86 -32.79
CA SER A 382 -46.29 -71.34 -31.46
C SER A 382 -45.83 -69.90 -31.31
N SER A 383 -46.56 -69.13 -30.48
CA SER A 383 -46.21 -67.74 -30.23
C SER A 383 -45.48 -67.70 -28.89
N ALA A 384 -44.82 -66.58 -28.61
CA ALA A 384 -44.10 -66.41 -27.36
C ALA A 384 -45.03 -66.51 -26.15
N GLU A 385 -46.27 -66.04 -26.29
CA GLU A 385 -47.21 -66.08 -25.18
C GLU A 385 -47.80 -67.47 -25.00
N GLY A 386 -47.46 -68.37 -25.91
CA GLY A 386 -47.95 -69.73 -25.78
C GLY A 386 -49.09 -70.14 -26.70
N GLU A 387 -49.62 -69.19 -27.46
CA GLU A 387 -50.72 -69.52 -28.36
C GLU A 387 -50.22 -70.51 -29.44
N THR A 388 -51.13 -71.31 -29.98
CA THR A 388 -50.77 -72.30 -31.01
C THR A 388 -51.71 -72.36 -32.22
N VAL A 389 -51.11 -72.53 -33.40
CA VAL A 389 -51.86 -72.63 -34.65
C VAL A 389 -51.28 -73.80 -35.43
N THR A 390 -52.07 -74.86 -35.62
CA THR A 390 -51.57 -76.01 -36.36
C THR A 390 -51.83 -75.77 -37.84
N PHE A 391 -50.80 -75.91 -38.66
CA PHE A 391 -50.94 -75.69 -40.10
C PHE A 391 -51.95 -76.65 -40.74
N LYS A 392 -52.51 -76.24 -41.87
CA LYS A 392 -53.48 -77.04 -42.61
C LYS A 392 -52.71 -78.07 -43.44
N LYS A 393 -51.60 -77.64 -44.04
CA LYS A 393 -50.75 -78.53 -44.84
C LYS A 393 -49.43 -78.80 -44.11
N PRO A 394 -49.34 -79.93 -43.38
CA PRO A 394 -48.09 -80.25 -42.67
C PRO A 394 -46.86 -80.16 -43.58
N ILE A 395 -45.72 -79.84 -42.96
CA ILE A 395 -44.46 -79.69 -43.68
C ILE A 395 -43.46 -80.72 -43.19
N SER A 396 -42.81 -81.44 -44.10
CA SER A 396 -41.82 -82.41 -43.65
C SER A 396 -40.41 -81.83 -43.77
N ILE A 397 -39.57 -82.11 -42.75
CA ILE A 397 -38.19 -81.64 -42.71
C ILE A 397 -37.25 -82.84 -42.77
N ALA A 398 -37.74 -83.93 -43.33
CA ALA A 398 -36.94 -85.15 -43.45
C ALA A 398 -36.97 -85.61 -44.90
N ASN A 399 -38.19 -85.62 -45.46
CA ASN A 399 -38.49 -86.02 -46.84
C ASN A 399 -37.41 -85.65 -47.84
N GLY A 400 -36.72 -84.55 -47.57
CA GLY A 400 -35.66 -84.09 -48.47
C GLY A 400 -35.28 -82.65 -48.18
N PRO A 401 -36.20 -81.69 -48.45
CA PRO A 401 -36.01 -80.26 -48.23
C PRO A 401 -34.85 -79.84 -47.35
N LYS A 402 -34.03 -78.94 -47.89
CA LYS A 402 -32.88 -78.40 -47.18
C LYS A 402 -33.39 -77.26 -46.30
N ILE A 403 -32.47 -76.59 -45.63
CA ILE A 403 -32.80 -75.50 -44.72
C ILE A 403 -33.74 -74.42 -45.27
N HIS A 404 -33.27 -73.61 -46.21
CA HIS A 404 -34.08 -72.54 -46.79
C HIS A 404 -35.36 -73.10 -47.38
N GLU A 405 -35.24 -74.23 -48.08
CA GLU A 405 -36.39 -74.85 -48.70
C GLU A 405 -37.55 -75.01 -47.72
N TRP A 406 -37.34 -75.71 -46.62
CA TRP A 406 -38.43 -75.93 -45.66
C TRP A 406 -38.87 -74.70 -44.88
N LEU A 407 -37.99 -73.72 -44.74
CA LEU A 407 -38.38 -72.50 -44.02
C LEU A 407 -39.25 -71.67 -44.95
N THR A 408 -38.91 -71.70 -46.23
CA THR A 408 -39.68 -70.97 -47.24
C THR A 408 -41.08 -71.55 -47.26
N MET A 409 -41.19 -72.82 -46.89
CA MET A 409 -42.46 -73.51 -46.88
C MET A 409 -43.26 -73.14 -45.64
N VAL A 410 -42.60 -73.00 -44.51
CA VAL A 410 -43.33 -72.62 -43.29
C VAL A 410 -43.89 -71.21 -43.49
N GLU A 411 -43.09 -70.36 -44.10
CA GLU A 411 -43.52 -69.00 -44.34
C GLU A 411 -44.83 -69.02 -45.11
N SER A 412 -44.97 -69.98 -46.03
CA SER A 412 -46.19 -70.09 -46.83
C SER A 412 -47.36 -70.68 -46.07
N GLU A 413 -47.14 -71.78 -45.36
CA GLU A 413 -48.24 -72.38 -44.61
C GLU A 413 -48.69 -71.44 -43.51
N MET A 414 -47.79 -70.54 -43.09
CA MET A 414 -48.10 -69.56 -42.06
C MET A 414 -49.20 -68.66 -42.63
N LYS A 415 -48.90 -68.06 -43.76
CA LYS A 415 -49.85 -67.18 -44.41
C LYS A 415 -51.06 -67.99 -44.87
N SER A 416 -50.79 -69.06 -45.59
CA SER A 416 -51.82 -69.96 -46.11
C SER A 416 -52.84 -70.37 -45.05
N THR A 417 -52.34 -70.95 -43.95
CA THR A 417 -53.18 -71.43 -42.86
C THR A 417 -54.02 -70.37 -42.19
N LEU A 418 -53.43 -69.20 -41.98
CA LEU A 418 -54.17 -68.12 -41.34
C LEU A 418 -55.26 -67.58 -42.26
N ALA A 419 -54.94 -67.40 -43.54
CA ALA A 419 -55.93 -66.92 -44.49
C ALA A 419 -57.14 -67.85 -44.55
N THR A 420 -56.85 -69.14 -44.70
CA THR A 420 -57.88 -70.17 -44.78
C THR A 420 -58.67 -70.17 -43.47
N LEU A 421 -57.95 -70.15 -42.37
CA LEU A 421 -58.55 -70.15 -41.06
C LEU A 421 -59.43 -68.90 -40.83
N LEU A 422 -59.11 -67.79 -41.50
CA LEU A 422 -59.90 -66.57 -41.33
C LEU A 422 -61.27 -66.81 -41.93
N SER A 423 -61.28 -67.44 -43.10
CA SER A 423 -62.52 -67.75 -43.78
C SER A 423 -63.41 -68.64 -42.87
N GLU A 424 -62.80 -69.68 -42.28
CA GLU A 424 -63.53 -70.57 -41.41
C GLU A 424 -64.13 -69.83 -40.20
N SER A 425 -63.41 -68.82 -39.71
CA SER A 425 -63.90 -68.05 -38.56
C SER A 425 -65.02 -67.13 -39.00
N LEU A 426 -64.91 -66.62 -40.22
CA LEU A 426 -65.96 -65.76 -40.73
C LEU A 426 -67.21 -66.62 -40.81
N GLN A 427 -67.08 -67.83 -41.38
CA GLN A 427 -68.20 -68.75 -41.52
C GLN A 427 -68.75 -69.18 -40.18
N HIS A 428 -67.89 -69.32 -39.20
CA HIS A 428 -68.38 -69.71 -37.90
C HIS A 428 -69.20 -68.58 -37.32
N PHE A 429 -68.55 -67.43 -37.12
CA PHE A 429 -69.22 -66.28 -36.54
C PHE A 429 -70.45 -65.94 -37.35
N ASN A 430 -70.33 -66.07 -38.67
CA ASN A 430 -71.42 -65.77 -39.60
C ASN A 430 -72.72 -66.40 -39.12
N GLN A 431 -72.59 -67.47 -38.35
CA GLN A 431 -73.73 -68.20 -37.80
C GLN A 431 -73.51 -68.38 -36.31
N VAL A 432 -73.87 -67.38 -35.50
CA VAL A 432 -73.70 -67.44 -34.04
C VAL A 432 -74.62 -66.43 -33.36
N ASP A 433 -75.32 -66.85 -32.31
CA ASP A 433 -76.24 -65.93 -31.62
C ASP A 433 -75.61 -64.95 -30.64
N VAL A 434 -75.10 -63.86 -31.17
CA VAL A 434 -74.44 -62.83 -30.39
C VAL A 434 -74.75 -62.79 -28.87
N ASN A 435 -76.01 -63.03 -28.50
CA ASN A 435 -76.47 -63.00 -27.10
C ASN A 435 -76.01 -64.24 -26.32
N ASP A 436 -76.04 -65.37 -26.99
CA ASP A 436 -75.60 -66.62 -26.41
C ASP A 436 -74.10 -66.42 -26.30
N HIS A 437 -73.64 -66.06 -25.11
CA HIS A 437 -72.22 -65.80 -24.90
C HIS A 437 -71.41 -67.07 -24.86
N SER A 438 -72.14 -68.16 -24.71
CA SER A 438 -71.58 -69.50 -24.65
C SER A 438 -71.00 -69.89 -26.02
N LYS A 439 -71.90 -70.11 -26.98
CA LYS A 439 -71.50 -70.49 -28.33
C LYS A 439 -70.60 -69.38 -28.88
N TYR A 440 -70.71 -68.18 -28.31
CA TYR A 440 -69.91 -67.04 -28.73
C TYR A 440 -68.48 -67.22 -28.25
N SER A 441 -68.32 -67.28 -26.93
CA SER A 441 -67.01 -67.48 -26.36
C SER A 441 -66.47 -68.77 -26.92
N GLU A 442 -67.39 -69.64 -27.34
CA GLU A 442 -67.02 -70.92 -27.90
C GLU A 442 -66.26 -70.69 -29.20
N TRP A 443 -66.55 -69.57 -29.86
CA TRP A 443 -65.91 -69.19 -31.14
C TRP A 443 -64.58 -68.46 -31.00
N VAL A 444 -64.44 -67.71 -29.91
CA VAL A 444 -63.22 -66.97 -29.66
C VAL A 444 -62.04 -67.93 -29.51
N ASP A 445 -62.33 -69.14 -29.01
CA ASP A 445 -61.29 -70.12 -28.76
C ASP A 445 -60.90 -70.95 -29.94
N ASN A 446 -61.82 -71.11 -30.87
CA ASN A 446 -61.54 -71.91 -32.05
C ASN A 446 -60.55 -71.25 -32.97
N TYR A 447 -60.16 -70.03 -32.65
CA TYR A 447 -59.25 -69.28 -33.51
C TYR A 447 -58.20 -68.39 -32.83
N PRO A 448 -57.12 -68.05 -33.57
CA PRO A 448 -55.99 -67.21 -33.13
C PRO A 448 -56.43 -65.79 -32.78
N THR A 449 -55.83 -65.22 -31.73
CA THR A 449 -56.12 -63.86 -31.26
C THR A 449 -56.21 -62.91 -32.44
N GLN A 450 -55.21 -63.04 -33.28
CA GLN A 450 -55.06 -62.26 -34.49
C GLN A 450 -56.31 -62.27 -35.39
N LEU A 451 -56.91 -63.45 -35.55
CA LEU A 451 -58.08 -63.63 -36.44
C LEU A 451 -59.43 -63.25 -35.82
N VAL A 452 -59.55 -63.48 -34.54
CA VAL A 452 -60.75 -63.16 -33.79
C VAL A 452 -61.01 -61.67 -33.89
N LEU A 453 -59.93 -60.88 -33.84
CA LEU A 453 -60.06 -59.44 -33.93
C LEU A 453 -60.43 -59.00 -35.35
N LEU A 454 -59.88 -59.68 -36.35
CA LEU A 454 -60.19 -59.34 -37.74
C LEU A 454 -61.61 -59.73 -38.08
N THR A 455 -62.00 -60.94 -37.66
CA THR A 455 -63.34 -61.43 -37.90
C THR A 455 -64.31 -60.47 -37.24
N SER A 456 -63.84 -59.78 -36.21
CA SER A 456 -64.69 -58.83 -35.53
C SER A 456 -64.83 -57.51 -36.29
N GLN A 457 -63.72 -57.04 -36.85
CA GLN A 457 -63.69 -55.79 -37.60
C GLN A 457 -64.24 -55.92 -39.02
N ILE A 458 -64.21 -57.12 -39.57
CA ILE A 458 -64.73 -57.37 -40.91
C ILE A 458 -66.25 -57.27 -40.86
N VAL A 459 -66.81 -57.83 -39.80
CA VAL A 459 -68.24 -57.80 -39.59
C VAL A 459 -68.67 -56.35 -39.39
N TRP A 460 -68.14 -55.73 -38.34
CA TRP A 460 -68.44 -54.34 -38.01
C TRP A 460 -68.37 -53.44 -39.22
N SER A 461 -67.36 -53.59 -40.05
CA SER A 461 -67.30 -52.73 -41.23
C SER A 461 -68.58 -52.93 -42.00
N THR A 462 -68.76 -54.15 -42.50
CA THR A 462 -69.93 -54.57 -43.29
C THR A 462 -71.30 -54.17 -42.67
N GLN A 463 -71.45 -54.32 -41.35
CA GLN A 463 -72.69 -53.95 -40.70
C GLN A 463 -72.90 -52.45 -40.75
N VAL A 464 -71.85 -51.68 -40.52
CA VAL A 464 -71.97 -50.22 -40.57
C VAL A 464 -72.29 -49.79 -42.00
N ASP A 465 -71.62 -50.39 -42.98
CA ASP A 465 -71.87 -50.06 -44.37
C ASP A 465 -73.36 -50.12 -44.70
N GLN A 466 -74.00 -51.23 -44.29
CA GLN A 466 -75.42 -51.42 -44.55
C GLN A 466 -76.28 -50.40 -43.83
N ALA A 467 -75.95 -50.12 -42.57
CA ALA A 467 -76.72 -49.16 -41.81
C ALA A 467 -76.77 -47.82 -42.54
N LEU A 468 -75.62 -47.35 -43.01
CA LEU A 468 -75.54 -46.09 -43.71
C LEU A 468 -76.25 -46.21 -45.06
N GLY A 469 -76.16 -47.40 -45.64
CA GLY A 469 -76.79 -47.68 -46.92
C GLY A 469 -76.15 -47.11 -48.17
N GLY A 470 -76.94 -47.11 -49.24
CA GLY A 470 -76.44 -46.59 -50.50
C GLY A 470 -76.75 -45.11 -50.68
N GLY A 471 -77.02 -44.41 -49.57
CA GLY A 471 -77.30 -42.99 -49.69
C GLY A 471 -78.67 -42.77 -50.31
N THR A 472 -79.68 -43.13 -49.53
CA THR A 472 -81.09 -43.03 -49.87
C THR A 472 -81.83 -43.67 -48.70
N LEU A 473 -81.72 -43.07 -47.52
CA LEU A 473 -82.39 -43.59 -46.33
C LEU A 473 -82.55 -42.50 -45.30
N GLN A 474 -83.75 -41.95 -45.21
CA GLN A 474 -84.02 -40.91 -44.24
C GLN A 474 -83.20 -41.14 -42.95
N GLN A 475 -82.50 -40.08 -42.52
CA GLN A 475 -81.68 -40.09 -41.31
C GLN A 475 -82.26 -41.08 -40.30
N SER A 476 -83.30 -40.67 -39.59
CA SER A 476 -84.01 -41.49 -38.61
C SER A 476 -83.75 -43.02 -38.73
N LYS A 477 -83.89 -43.55 -39.95
CA LYS A 477 -83.70 -44.97 -40.23
C LYS A 477 -82.27 -45.42 -39.94
N ILE A 478 -81.33 -44.91 -40.74
CA ILE A 478 -79.90 -45.20 -40.60
C ILE A 478 -79.56 -45.07 -39.14
N GLN A 479 -80.07 -43.99 -38.55
CA GLN A 479 -79.83 -43.69 -37.16
C GLN A 479 -80.30 -44.83 -36.26
N GLU A 480 -81.33 -45.53 -36.71
CA GLU A 480 -81.87 -46.68 -35.98
C GLU A 480 -80.90 -47.85 -36.16
N GLN A 481 -80.51 -48.09 -37.41
CA GLN A 481 -79.55 -49.15 -37.74
C GLN A 481 -78.31 -49.02 -36.83
N LEU A 482 -77.83 -47.79 -36.63
CA LEU A 482 -76.65 -47.58 -35.79
C LEU A 482 -76.94 -47.89 -34.32
N GLN A 483 -78.05 -47.40 -33.78
CA GLN A 483 -78.40 -47.68 -32.38
C GLN A 483 -78.28 -49.19 -32.18
N SER A 484 -78.87 -49.93 -33.11
CA SER A 484 -78.87 -51.38 -33.10
C SER A 484 -77.43 -51.84 -32.93
N ILE A 485 -76.62 -51.66 -33.99
CA ILE A 485 -75.20 -52.05 -33.95
C ILE A 485 -74.52 -51.50 -32.70
N GLU A 486 -74.66 -50.20 -32.48
CA GLU A 486 -74.06 -49.53 -31.32
C GLU A 486 -74.43 -50.19 -30.01
N GLN A 487 -75.67 -50.66 -29.90
CA GLN A 487 -76.14 -51.33 -28.69
C GLN A 487 -75.66 -52.76 -28.60
N THR A 488 -75.91 -53.53 -29.68
CA THR A 488 -75.49 -54.94 -29.78
C THR A 488 -74.09 -55.16 -29.17
N THR A 489 -73.10 -54.44 -29.70
CA THR A 489 -71.72 -54.54 -29.23
C THR A 489 -71.69 -54.27 -27.73
N GLN A 490 -72.19 -53.10 -27.33
CA GLN A 490 -72.20 -52.74 -25.92
C GLN A 490 -72.64 -53.94 -25.06
N MET A 491 -73.47 -54.80 -25.66
CA MET A 491 -73.91 -56.00 -24.97
C MET A 491 -72.66 -56.88 -24.92
N ILE A 492 -72.28 -57.44 -26.07
CA ILE A 492 -71.09 -58.29 -26.17
C ILE A 492 -69.97 -57.81 -25.26
N LEU A 493 -69.89 -56.51 -25.06
CA LEU A 493 -68.86 -55.94 -24.22
C LEU A 493 -69.06 -56.30 -22.74
N ASN A 494 -70.31 -56.23 -22.29
CA ASN A 494 -70.68 -56.55 -20.90
C ASN A 494 -70.27 -57.98 -20.54
N ASN A 495 -70.74 -58.93 -21.35
CA ASN A 495 -70.41 -60.33 -21.18
C ASN A 495 -68.91 -60.40 -20.96
N LEU A 496 -68.18 -60.01 -22.00
CA LEU A 496 -66.73 -59.99 -21.95
C LEU A 496 -66.29 -59.19 -20.72
N ALA A 497 -67.12 -58.21 -20.37
CA ALA A 497 -66.85 -57.34 -19.22
C ALA A 497 -66.93 -58.14 -17.90
N ASP A 498 -67.51 -59.34 -17.99
CA ASP A 498 -67.63 -60.21 -16.83
C ASP A 498 -66.65 -61.39 -16.90
N SER A 499 -66.39 -61.88 -18.11
CA SER A 499 -65.48 -63.00 -18.34
C SER A 499 -64.09 -62.80 -17.78
N VAL A 500 -63.50 -61.66 -18.09
CA VAL A 500 -62.15 -61.33 -17.64
C VAL A 500 -62.02 -61.39 -16.10
N LEU A 501 -63.17 -61.41 -15.42
CA LEU A 501 -63.24 -61.52 -13.96
C LEU A 501 -62.96 -63.02 -13.61
N GLN A 502 -63.66 -63.92 -14.30
CA GLN A 502 -63.47 -65.36 -14.11
C GLN A 502 -62.01 -65.78 -14.37
N ASP A 503 -61.53 -66.75 -13.60
CA ASP A 503 -60.17 -67.26 -13.71
C ASP A 503 -59.92 -67.92 -15.05
N LEU A 504 -58.86 -67.49 -15.74
CA LEU A 504 -58.50 -68.05 -17.04
C LEU A 504 -57.05 -67.77 -17.45
N SER A 505 -56.57 -68.51 -18.45
CA SER A 505 -55.19 -68.38 -18.90
C SER A 505 -54.70 -66.99 -19.31
N ALA A 506 -53.41 -66.75 -19.05
CA ALA A 506 -52.79 -65.50 -19.42
C ALA A 506 -53.00 -65.33 -20.92
N GLN A 507 -53.01 -66.46 -21.64
CA GLN A 507 -53.22 -66.46 -23.08
C GLN A 507 -54.63 -65.93 -23.39
N LYS A 508 -55.64 -66.68 -22.97
CA LYS A 508 -57.03 -66.29 -23.18
C LYS A 508 -57.36 -64.93 -22.56
N ARG A 509 -56.66 -64.58 -21.49
CA ARG A 509 -56.91 -63.31 -20.82
C ARG A 509 -56.53 -62.15 -21.73
N LYS A 510 -55.36 -62.26 -22.36
CA LYS A 510 -54.91 -61.20 -23.24
C LYS A 510 -55.74 -61.13 -24.53
N LYS A 511 -56.39 -62.23 -24.88
CA LYS A 511 -57.21 -62.26 -26.08
C LYS A 511 -58.53 -61.48 -25.85
N PHE A 512 -59.12 -61.62 -24.67
CA PHE A 512 -60.35 -60.89 -24.38
C PHE A 512 -59.98 -59.44 -24.16
N GLU A 513 -58.91 -59.21 -23.42
CA GLU A 513 -58.44 -57.85 -23.16
C GLU A 513 -58.31 -57.14 -24.50
N HIS A 514 -57.79 -57.85 -25.50
CA HIS A 514 -57.63 -57.30 -26.83
C HIS A 514 -58.98 -57.01 -27.46
N LEU A 515 -59.90 -57.96 -27.34
CA LEU A 515 -61.22 -57.84 -27.93
C LEU A 515 -62.05 -56.76 -27.23
N ILE A 516 -61.79 -56.55 -25.96
CA ILE A 516 -62.49 -55.53 -25.20
C ILE A 516 -62.03 -54.18 -25.70
N THR A 517 -60.79 -54.16 -26.19
CA THR A 517 -60.18 -52.95 -26.71
C THR A 517 -60.71 -52.65 -28.12
N GLU A 518 -60.80 -53.66 -28.99
CA GLU A 518 -61.29 -53.41 -30.34
C GLU A 518 -62.77 -53.08 -30.37
N LEU A 519 -63.53 -53.76 -29.52
CA LEU A 519 -64.96 -53.55 -29.46
C LEU A 519 -65.30 -52.14 -28.95
N VAL A 520 -64.48 -51.59 -28.08
CA VAL A 520 -64.74 -50.24 -27.62
C VAL A 520 -64.50 -49.27 -28.77
N HIS A 521 -63.62 -49.64 -29.70
CA HIS A 521 -63.36 -48.77 -30.83
C HIS A 521 -64.58 -48.81 -31.73
N GLN A 522 -65.09 -50.00 -31.99
CA GLN A 522 -66.24 -50.16 -32.85
C GLN A 522 -67.45 -49.31 -32.43
N ARG A 523 -67.84 -49.41 -31.16
CA ARG A 523 -68.99 -48.65 -30.67
C ARG A 523 -68.68 -47.18 -30.63
N ASP A 524 -67.45 -46.83 -30.25
CA ASP A 524 -67.05 -45.43 -30.16
C ASP A 524 -67.12 -44.73 -31.51
N VAL A 525 -66.82 -45.46 -32.57
CA VAL A 525 -66.86 -44.89 -33.91
C VAL A 525 -68.30 -44.68 -34.29
N VAL A 526 -69.09 -45.72 -34.11
CA VAL A 526 -70.52 -45.68 -34.41
C VAL A 526 -71.15 -44.52 -33.64
N ARG A 527 -70.80 -44.39 -32.36
CA ARG A 527 -71.33 -43.29 -31.56
C ARG A 527 -71.07 -42.01 -32.33
N GLN A 528 -69.84 -41.80 -32.78
CA GLN A 528 -69.55 -40.60 -33.55
C GLN A 528 -70.61 -40.51 -34.65
N LEU A 529 -70.67 -41.52 -35.52
CA LEU A 529 -71.64 -41.56 -36.62
C LEU A 529 -73.05 -41.16 -36.21
N GLN A 530 -73.42 -41.43 -34.97
CA GLN A 530 -74.75 -41.10 -34.43
C GLN A 530 -74.93 -39.61 -34.11
N LYS A 531 -73.82 -38.90 -33.96
CA LYS A 531 -73.92 -37.49 -33.71
C LYS A 531 -73.98 -36.80 -35.08
N CYS A 532 -73.97 -37.62 -36.15
CA CYS A 532 -73.97 -37.10 -37.53
C CYS A 532 -75.30 -37.11 -38.26
N LYS A 533 -75.97 -35.96 -38.30
CA LYS A 533 -77.26 -35.89 -38.99
C LYS A 533 -77.18 -36.20 -40.50
N ASN A 534 -76.84 -35.20 -41.30
CA ASN A 534 -76.79 -35.37 -42.75
C ASN A 534 -75.77 -36.37 -43.31
N LEU A 535 -76.07 -37.66 -43.21
CA LEU A 535 -75.18 -38.69 -43.70
C LEU A 535 -75.40 -39.18 -45.15
N THR A 536 -74.38 -39.12 -46.01
CA THR A 536 -74.48 -39.57 -47.42
C THR A 536 -74.61 -41.08 -47.57
N GLY A 537 -74.30 -41.82 -46.50
CA GLY A 537 -74.40 -43.26 -46.53
C GLY A 537 -73.11 -44.05 -46.41
N ASN A 538 -73.04 -45.17 -47.14
CA ASN A 538 -71.89 -46.03 -47.14
C ASN A 538 -70.67 -45.23 -47.54
N LYS A 539 -70.89 -44.03 -48.08
CA LYS A 539 -69.78 -43.19 -48.53
C LYS A 539 -69.48 -41.84 -47.82
N ASP A 540 -70.26 -41.47 -46.81
CA ASP A 540 -70.02 -40.22 -46.07
C ASP A 540 -68.65 -40.31 -45.38
N PHE A 541 -67.75 -39.41 -45.74
CA PHE A 541 -66.41 -39.40 -45.20
C PHE A 541 -66.34 -39.54 -43.69
N ASP A 542 -67.41 -39.25 -42.99
CA ASP A 542 -67.39 -39.39 -41.54
C ASP A 542 -67.15 -40.85 -41.24
N TRP A 543 -67.29 -41.67 -42.26
CA TRP A 543 -67.08 -43.09 -42.16
C TRP A 543 -65.89 -43.57 -43.02
N LEU A 544 -65.66 -42.97 -44.18
CA LEU A 544 -64.55 -43.42 -44.99
C LEU A 544 -63.21 -43.01 -44.37
N TYR A 545 -63.28 -42.12 -43.40
CA TYR A 545 -62.11 -41.65 -42.70
C TYR A 545 -61.45 -42.79 -41.97
N HIS A 546 -62.30 -43.63 -41.36
CA HIS A 546 -61.85 -44.76 -40.57
C HIS A 546 -61.35 -45.94 -41.37
N MET A 547 -60.60 -46.79 -40.68
CA MET A 547 -60.07 -47.99 -41.28
C MET A 547 -61.18 -49.03 -41.22
N ARG A 548 -61.54 -49.55 -42.38
CA ARG A 548 -62.57 -50.57 -42.51
C ARG A 548 -61.93 -51.78 -43.16
N TYR A 549 -62.52 -52.95 -42.97
CA TYR A 549 -61.93 -54.15 -43.56
C TYR A 549 -62.99 -54.90 -44.34
N TYR A 550 -62.69 -55.18 -45.59
CA TYR A 550 -63.63 -55.89 -46.45
C TYR A 550 -63.08 -57.23 -46.90
N TYR A 551 -63.91 -58.27 -46.82
CA TYR A 551 -63.51 -59.60 -47.24
C TYR A 551 -64.36 -59.89 -48.48
N ASP A 552 -63.70 -60.21 -49.58
CA ASP A 552 -64.38 -60.51 -50.83
C ASP A 552 -63.97 -61.93 -51.30
N ALA A 553 -64.65 -62.93 -50.73
CA ALA A 553 -64.38 -64.33 -51.04
C ALA A 553 -64.30 -64.58 -52.53
N THR A 554 -65.27 -64.01 -53.26
CA THR A 554 -65.35 -64.16 -54.71
C THR A 554 -64.13 -63.51 -55.34
N GLN A 555 -62.97 -63.95 -54.84
CA GLN A 555 -61.66 -63.52 -55.27
C GLN A 555 -60.83 -64.81 -55.22
N GLU A 556 -60.03 -65.01 -56.27
CA GLU A 556 -59.16 -66.17 -56.39
C GLU A 556 -58.32 -66.43 -55.13
N ASN A 557 -57.17 -65.75 -55.09
CA ASN A 557 -56.17 -65.80 -54.02
C ASN A 557 -56.69 -65.54 -52.57
N VAL A 558 -56.43 -66.46 -51.63
CA VAL A 558 -56.89 -66.30 -50.23
C VAL A 558 -56.29 -65.08 -49.55
N LEU A 559 -55.04 -64.78 -49.91
CA LEU A 559 -54.32 -63.63 -49.37
C LEU A 559 -55.10 -62.38 -49.76
N HIS A 560 -55.25 -62.18 -51.07
CA HIS A 560 -55.97 -61.06 -51.68
C HIS A 560 -57.47 -61.03 -51.29
N LYS A 561 -57.91 -61.86 -50.35
CA LYS A 561 -59.33 -61.87 -50.00
C LYS A 561 -59.73 -60.77 -49.04
N LEU A 562 -58.83 -60.42 -48.13
CA LEU A 562 -59.10 -59.34 -47.19
C LEU A 562 -58.44 -58.10 -47.74
N VAL A 563 -59.15 -56.99 -47.72
CA VAL A 563 -58.61 -55.73 -48.22
C VAL A 563 -58.93 -54.63 -47.21
N ILE A 564 -57.90 -53.95 -46.76
CA ILE A 564 -58.11 -52.91 -45.78
C ILE A 564 -58.14 -51.52 -46.40
N HIS A 565 -59.14 -50.75 -46.01
CA HIS A 565 -59.31 -49.41 -46.51
C HIS A 565 -59.24 -48.40 -45.40
N MET A 566 -58.74 -47.23 -45.71
CA MET A 566 -58.75 -46.14 -44.75
C MET A 566 -58.68 -44.93 -45.62
N ALA A 567 -59.69 -44.08 -45.51
CA ALA A 567 -59.78 -42.92 -46.37
C ALA A 567 -59.80 -43.58 -47.76
N ASN A 568 -58.85 -43.22 -48.60
CA ASN A 568 -58.83 -43.78 -49.94
C ASN A 568 -57.68 -44.72 -50.23
N ALA A 569 -56.89 -45.04 -49.21
CA ALA A 569 -55.76 -45.95 -49.35
C ALA A 569 -56.20 -47.41 -49.21
N THR A 570 -55.60 -48.30 -49.98
CA THR A 570 -55.97 -49.72 -49.91
C THR A 570 -54.81 -50.67 -49.64
N PHE A 571 -55.05 -51.64 -48.77
CA PHE A 571 -54.01 -52.61 -48.39
C PHE A 571 -54.44 -54.07 -48.42
N TYR A 572 -53.48 -54.96 -48.65
CA TYR A 572 -53.73 -56.38 -48.61
C TYR A 572 -53.17 -56.82 -47.27
N TYR A 573 -53.86 -57.72 -46.58
CA TYR A 573 -53.35 -58.19 -45.31
C TYR A 573 -52.11 -59.02 -45.63
N GLY A 574 -51.05 -58.88 -44.85
CA GLY A 574 -49.83 -59.62 -45.12
C GLY A 574 -49.85 -61.03 -44.56
N PHE A 575 -50.77 -61.24 -43.63
CA PHE A 575 -50.93 -62.53 -43.00
C PHE A 575 -49.66 -63.07 -42.36
N GLU A 576 -48.97 -62.21 -41.63
CA GLU A 576 -47.76 -62.59 -40.93
C GLU A 576 -48.29 -62.95 -39.55
N TYR A 577 -47.93 -64.11 -39.01
CA TYR A 577 -48.43 -64.51 -37.69
C TYR A 577 -47.85 -63.62 -36.60
N LEU A 578 -48.72 -62.98 -35.85
CA LEU A 578 -48.30 -62.05 -34.81
C LEU A 578 -48.36 -62.57 -33.37
N GLY A 579 -48.96 -63.74 -33.17
CA GLY A 579 -49.09 -64.24 -31.82
C GLY A 579 -50.16 -63.34 -31.21
N ILE A 580 -50.14 -63.17 -29.90
CA ILE A 580 -51.13 -62.31 -29.24
C ILE A 580 -50.53 -60.90 -29.14
N GLY A 581 -49.30 -60.81 -28.70
CA GLY A 581 -48.67 -59.50 -28.59
C GLY A 581 -49.55 -58.45 -27.96
N GLU A 582 -49.49 -57.24 -28.51
CA GLU A 582 -50.24 -56.11 -27.99
C GLU A 582 -51.14 -55.33 -28.93
N ARG A 583 -52.13 -54.66 -28.34
CA ARG A 583 -53.07 -53.84 -29.07
C ARG A 583 -53.06 -52.52 -28.34
N LEU A 584 -53.16 -51.44 -29.10
CA LEU A 584 -53.22 -50.14 -28.48
C LEU A 584 -54.70 -49.81 -28.33
N VAL A 585 -54.99 -48.69 -27.69
CA VAL A 585 -56.36 -48.24 -27.56
C VAL A 585 -56.47 -47.29 -28.74
N GLN A 586 -57.38 -47.59 -29.66
CA GLN A 586 -57.56 -46.71 -30.81
C GLN A 586 -58.05 -45.37 -30.32
N THR A 587 -57.14 -44.53 -29.84
CA THR A 587 -57.56 -43.23 -29.36
C THR A 587 -57.64 -42.29 -30.55
N PRO A 588 -58.43 -41.21 -30.45
CA PRO A 588 -58.47 -40.34 -31.62
C PRO A 588 -57.11 -39.83 -32.14
N LEU A 589 -56.06 -39.83 -31.31
CA LEU A 589 -54.77 -39.41 -31.85
C LEU A 589 -54.24 -40.57 -32.70
N THR A 590 -54.55 -41.79 -32.29
CA THR A 590 -54.12 -42.99 -33.00
C THR A 590 -54.70 -43.07 -34.41
N ASP A 591 -56.00 -42.91 -34.52
CA ASP A 591 -56.69 -42.96 -35.81
C ASP A 591 -56.25 -41.83 -36.71
N ARG A 592 -55.88 -40.71 -36.11
CA ARG A 592 -55.42 -39.55 -36.86
C ARG A 592 -54.03 -39.84 -37.39
N CYS A 593 -53.32 -40.67 -36.65
CA CYS A 593 -51.98 -41.07 -37.02
C CYS A 593 -52.06 -42.19 -38.05
N TYR A 594 -53.06 -43.07 -37.93
CA TYR A 594 -53.20 -44.11 -38.93
C TYR A 594 -53.49 -43.47 -40.27
N LEU A 595 -54.29 -42.40 -40.26
CA LEU A 595 -54.64 -41.73 -41.48
C LEU A 595 -53.44 -41.08 -42.13
N THR A 596 -52.53 -40.53 -41.35
CA THR A 596 -51.36 -39.89 -41.95
C THR A 596 -50.33 -40.89 -42.49
N LEU A 597 -50.16 -41.98 -41.78
CA LEU A 597 -49.22 -43.02 -42.15
C LEU A 597 -49.71 -43.85 -43.32
N THR A 598 -51.01 -44.13 -43.37
CA THR A 598 -51.56 -44.91 -44.47
C THR A 598 -51.53 -44.07 -45.71
N GLN A 599 -51.71 -42.79 -45.54
CA GLN A 599 -51.67 -41.88 -46.66
C GLN A 599 -50.25 -41.75 -47.17
N ALA A 600 -49.28 -41.90 -46.27
CA ALA A 600 -47.89 -41.81 -46.64
C ALA A 600 -47.50 -43.07 -47.38
N LEU A 601 -47.89 -44.22 -46.84
CA LEU A 601 -47.60 -45.48 -47.50
C LEU A 601 -48.22 -45.41 -48.89
N GLU A 602 -49.46 -44.94 -48.95
CA GLU A 602 -50.20 -44.78 -50.20
C GLU A 602 -49.55 -43.80 -51.17
N SER A 603 -48.70 -42.92 -50.66
CA SER A 603 -48.01 -41.93 -51.47
C SER A 603 -46.56 -42.33 -51.73
N ARG A 604 -46.19 -43.50 -51.21
CA ARG A 604 -44.84 -44.03 -51.35
C ARG A 604 -43.85 -43.10 -50.71
N MET A 605 -44.18 -42.69 -49.48
CA MET A 605 -43.37 -41.78 -48.68
C MET A 605 -43.16 -42.50 -47.36
N GLY A 606 -42.17 -42.08 -46.58
CA GLY A 606 -41.96 -42.74 -45.30
C GLY A 606 -42.80 -42.15 -44.18
N GLY A 607 -42.85 -42.84 -43.05
CA GLY A 607 -43.60 -42.35 -41.91
C GLY A 607 -42.65 -41.71 -40.91
N ASN A 608 -43.02 -40.54 -40.41
CA ASN A 608 -42.18 -39.81 -39.47
C ASN A 608 -42.95 -39.24 -38.28
N PRO A 609 -43.39 -40.11 -37.35
CA PRO A 609 -44.10 -39.52 -36.22
C PRO A 609 -43.12 -38.80 -35.31
N PHE A 610 -43.48 -37.62 -34.81
CA PHE A 610 -42.56 -36.90 -33.93
C PHE A 610 -43.27 -36.33 -32.71
N GLY A 611 -42.50 -36.09 -31.65
CA GLY A 611 -43.05 -35.55 -30.42
C GLY A 611 -42.18 -35.90 -29.24
N PRO A 612 -42.55 -35.51 -28.01
CA PRO A 612 -41.70 -35.86 -26.87
C PRO A 612 -41.70 -37.35 -26.63
N ALA A 613 -40.95 -37.79 -25.62
CA ALA A 613 -40.88 -39.21 -25.31
C ALA A 613 -42.11 -39.67 -24.56
N GLY A 614 -42.52 -40.90 -24.85
CA GLY A 614 -43.66 -41.50 -24.19
C GLY A 614 -45.03 -41.20 -24.76
N THR A 615 -45.11 -40.64 -25.95
CA THR A 615 -46.41 -40.30 -26.53
C THR A 615 -47.11 -41.38 -27.36
N GLY A 616 -46.45 -42.52 -27.54
CA GLY A 616 -47.05 -43.61 -28.30
C GLY A 616 -46.58 -43.71 -29.74
N LYS A 617 -45.46 -43.07 -30.03
CA LYS A 617 -44.90 -43.04 -31.38
C LYS A 617 -44.48 -44.36 -32.01
N THR A 618 -43.49 -45.04 -31.45
CA THR A 618 -43.07 -46.31 -31.99
C THR A 618 -44.22 -47.31 -31.86
N GLU A 619 -44.85 -47.34 -30.70
CA GLU A 619 -45.95 -48.26 -30.46
C GLU A 619 -47.08 -48.17 -31.49
N THR A 620 -47.36 -46.97 -31.98
CA THR A 620 -48.42 -46.80 -32.96
C THR A 620 -48.02 -47.37 -34.33
N VAL A 621 -46.76 -47.18 -34.72
CA VAL A 621 -46.28 -47.70 -36.00
C VAL A 621 -46.32 -49.22 -35.93
N LYS A 622 -46.21 -49.74 -34.71
CA LYS A 622 -46.22 -51.17 -34.49
C LYS A 622 -47.62 -51.72 -34.54
N ALA A 623 -48.59 -50.92 -34.13
CA ALA A 623 -49.95 -51.40 -34.13
C ALA A 623 -50.54 -51.32 -35.53
N LEU A 624 -49.99 -50.44 -36.34
CA LEU A 624 -50.48 -50.28 -37.70
C LEU A 624 -49.95 -51.46 -38.53
N GLY A 625 -48.68 -51.78 -38.36
CA GLY A 625 -48.11 -52.89 -39.09
C GLY A 625 -48.85 -54.15 -38.71
N SER A 626 -49.18 -54.27 -37.44
CA SER A 626 -49.90 -55.43 -36.96
C SER A 626 -51.33 -55.45 -37.50
N GLN A 627 -51.85 -54.28 -37.82
CA GLN A 627 -53.21 -54.15 -38.31
C GLN A 627 -53.32 -54.56 -39.78
N LEU A 628 -52.23 -54.38 -40.52
CA LEU A 628 -52.21 -54.74 -41.92
C LEU A 628 -51.42 -56.03 -42.05
N GLY A 629 -51.25 -56.69 -40.91
CA GLY A 629 -50.54 -57.97 -40.83
C GLY A 629 -49.12 -58.00 -41.36
N ARG A 630 -48.36 -56.95 -41.07
CA ARG A 630 -46.97 -56.81 -41.52
C ARG A 630 -45.94 -57.21 -40.46
N PHE A 631 -44.70 -57.42 -40.88
CA PHE A 631 -43.62 -57.77 -39.97
C PHE A 631 -42.90 -56.47 -39.66
N VAL A 632 -43.07 -55.98 -38.44
CA VAL A 632 -42.46 -54.71 -38.06
C VAL A 632 -41.25 -54.86 -37.16
N LEU A 633 -40.12 -54.35 -37.65
CA LEU A 633 -38.87 -54.39 -36.92
C LEU A 633 -38.52 -53.00 -36.42
N VAL A 634 -38.33 -52.89 -35.11
CA VAL A 634 -37.98 -51.63 -34.48
C VAL A 634 -36.49 -51.59 -34.17
N PHE A 635 -35.81 -50.53 -34.60
CA PHE A 635 -34.39 -50.42 -34.36
C PHE A 635 -34.10 -49.33 -33.32
N CYS A 636 -33.47 -49.70 -32.20
CA CYS A 636 -33.13 -48.74 -31.15
C CYS A 636 -31.87 -47.96 -31.50
N CYS A 637 -31.99 -46.65 -31.66
CA CYS A 637 -30.85 -45.82 -32.03
C CYS A 637 -30.03 -45.32 -30.86
N ASP A 638 -30.68 -45.02 -29.74
CA ASP A 638 -29.97 -44.55 -28.55
C ASP A 638 -29.20 -45.72 -27.94
N GLU A 639 -28.17 -46.18 -28.64
CA GLU A 639 -27.37 -47.32 -28.16
C GLU A 639 -26.22 -47.50 -29.15
N GLY A 640 -25.40 -48.54 -28.93
CA GLY A 640 -24.30 -48.83 -29.86
C GLY A 640 -25.06 -49.32 -31.08
N PHE A 641 -24.90 -48.64 -32.22
CA PHE A 641 -25.64 -48.99 -33.41
C PHE A 641 -24.73 -49.58 -34.47
N ASP A 642 -25.09 -50.78 -34.92
CA ASP A 642 -24.33 -51.50 -35.94
C ASP A 642 -24.64 -51.05 -37.36
N LEU A 643 -23.72 -50.34 -37.98
CA LEU A 643 -23.96 -49.88 -39.34
C LEU A 643 -23.94 -51.08 -40.28
N GLN A 644 -22.96 -51.96 -40.06
CA GLN A 644 -22.79 -53.16 -40.88
C GLN A 644 -24.02 -54.06 -40.84
N ALA A 645 -24.65 -54.16 -39.66
CA ALA A 645 -25.83 -54.98 -39.52
C ALA A 645 -27.01 -54.29 -40.18
N MET A 646 -26.96 -52.96 -40.26
CA MET A 646 -28.05 -52.25 -40.87
C MET A 646 -28.08 -52.55 -42.37
N SER A 647 -26.94 -52.42 -43.03
CA SER A 647 -26.88 -52.70 -44.46
C SER A 647 -27.56 -54.02 -44.75
N ARG A 648 -27.14 -55.06 -44.04
CA ARG A 648 -27.72 -56.38 -44.21
C ARG A 648 -29.22 -56.39 -43.96
N ILE A 649 -29.69 -55.62 -42.99
CA ILE A 649 -31.09 -55.57 -42.69
C ILE A 649 -31.91 -54.80 -43.72
N PHE A 650 -31.33 -53.74 -44.29
CA PHE A 650 -32.07 -52.99 -45.30
C PHE A 650 -32.38 -53.93 -46.45
N VAL A 651 -31.46 -54.85 -46.73
CA VAL A 651 -31.63 -55.82 -47.81
C VAL A 651 -32.82 -56.74 -47.61
N GLY A 652 -33.04 -57.17 -46.37
CA GLY A 652 -34.15 -58.06 -46.10
C GLY A 652 -35.45 -57.31 -45.89
N LEU A 653 -35.32 -56.04 -45.57
CA LEU A 653 -36.48 -55.20 -45.37
C LEU A 653 -37.02 -55.02 -46.77
N CYS A 654 -36.11 -54.79 -47.71
CA CYS A 654 -36.49 -54.61 -49.10
C CYS A 654 -36.97 -55.90 -49.72
N GLN A 655 -36.26 -57.00 -49.44
CA GLN A 655 -36.66 -58.27 -50.03
C GLN A 655 -37.95 -58.91 -49.47
N CYS A 656 -38.22 -58.77 -48.18
CA CYS A 656 -39.45 -59.35 -47.64
C CYS A 656 -40.60 -58.37 -47.71
N GLY A 657 -40.28 -57.09 -47.83
CA GLY A 657 -41.31 -56.08 -47.84
C GLY A 657 -41.79 -55.95 -46.43
N ALA A 658 -40.84 -55.87 -45.51
CA ALA A 658 -41.16 -55.75 -44.10
C ALA A 658 -41.03 -54.29 -43.68
N TRP A 659 -41.42 -53.98 -42.46
CA TRP A 659 -41.33 -52.61 -41.98
C TRP A 659 -40.17 -52.30 -41.02
N GLY A 660 -39.43 -51.24 -41.34
CA GLY A 660 -38.33 -50.84 -40.49
C GLY A 660 -38.73 -49.57 -39.76
N CYS A 661 -38.72 -49.61 -38.43
CA CYS A 661 -39.08 -48.45 -37.63
C CYS A 661 -37.87 -48.04 -36.80
N PHE A 662 -37.28 -46.90 -37.14
CA PHE A 662 -36.13 -46.39 -36.42
C PHE A 662 -36.63 -45.58 -35.24
N ASP A 663 -36.36 -46.07 -34.03
CA ASP A 663 -36.81 -45.40 -32.82
C ASP A 663 -35.80 -44.38 -32.29
N GLU A 664 -36.28 -43.15 -32.11
CA GLU A 664 -35.49 -42.01 -31.64
C GLU A 664 -34.33 -41.80 -32.61
N PHE A 665 -34.65 -41.94 -33.88
CA PHE A 665 -33.69 -41.82 -34.98
C PHE A 665 -32.57 -40.81 -34.80
N ASN A 666 -32.92 -39.56 -34.55
CA ASN A 666 -31.93 -38.50 -34.42
C ASN A 666 -31.01 -38.61 -33.22
N ARG A 667 -31.29 -39.53 -32.31
CA ARG A 667 -30.44 -39.76 -31.16
C ARG A 667 -29.42 -40.78 -31.65
N LEU A 668 -28.69 -40.36 -32.68
CA LEU A 668 -27.71 -41.22 -33.33
C LEU A 668 -26.46 -40.41 -33.70
N GLU A 669 -25.28 -40.98 -33.47
CA GLU A 669 -24.03 -40.29 -33.79
C GLU A 669 -24.07 -39.69 -35.19
N GLU A 670 -24.01 -38.37 -35.26
CA GLU A 670 -24.05 -37.67 -36.53
C GLU A 670 -23.53 -38.43 -37.74
N ARG A 671 -22.48 -39.23 -37.55
CA ARG A 671 -21.90 -39.96 -38.67
C ARG A 671 -22.79 -41.11 -39.13
N ILE A 672 -23.36 -41.86 -38.19
CA ILE A 672 -24.25 -42.96 -38.53
C ILE A 672 -25.61 -42.42 -39.01
N LEU A 673 -25.96 -41.24 -38.53
CA LEU A 673 -27.20 -40.59 -38.92
C LEU A 673 -27.19 -40.32 -40.41
N SER A 674 -26.01 -39.97 -40.92
CA SER A 674 -25.84 -39.65 -42.33
C SER A 674 -25.69 -40.92 -43.15
N ALA A 675 -25.16 -41.95 -42.50
CA ALA A 675 -24.95 -43.24 -43.11
C ALA A 675 -26.31 -43.79 -43.47
N VAL A 676 -27.08 -44.12 -42.42
CA VAL A 676 -28.41 -44.66 -42.60
C VAL A 676 -29.33 -43.71 -43.38
N SER A 677 -29.26 -42.43 -43.10
CA SER A 677 -30.10 -41.46 -43.79
C SER A 677 -29.85 -41.48 -45.29
N GLN A 678 -28.63 -41.80 -45.70
CA GLN A 678 -28.29 -41.86 -47.12
C GLN A 678 -28.82 -43.15 -47.74
N GLN A 679 -28.90 -44.20 -46.95
CA GLN A 679 -29.42 -45.45 -47.46
C GLN A 679 -30.93 -45.37 -47.56
N ILE A 680 -31.55 -44.77 -46.56
CA ILE A 680 -33.00 -44.63 -46.58
C ILE A 680 -33.39 -43.82 -47.81
N GLN A 681 -32.63 -42.78 -48.10
CA GLN A 681 -32.92 -41.94 -49.26
C GLN A 681 -32.90 -42.71 -50.58
N THR A 682 -32.00 -43.67 -50.72
CA THR A 682 -31.94 -44.40 -51.96
C THR A 682 -33.08 -45.41 -52.07
N ILE A 683 -33.53 -45.94 -50.94
CA ILE A 683 -34.61 -46.90 -50.96
C ILE A 683 -35.94 -46.17 -51.15
N GLN A 684 -36.10 -45.06 -50.44
CA GLN A 684 -37.32 -44.27 -50.50
C GLN A 684 -37.49 -43.54 -51.81
N VAL A 685 -36.42 -43.28 -52.53
CA VAL A 685 -36.56 -42.62 -53.83
C VAL A 685 -36.95 -43.74 -54.76
N ALA A 686 -36.51 -44.94 -54.43
CA ALA A 686 -36.83 -46.12 -55.21
C ALA A 686 -38.32 -46.42 -55.10
N LEU A 687 -38.85 -46.38 -53.88
CA LEU A 687 -40.27 -46.63 -53.67
C LEU A 687 -41.12 -45.61 -54.42
N LYS A 688 -40.80 -44.34 -54.22
CA LYS A 688 -41.54 -43.26 -54.86
C LYS A 688 -41.65 -43.51 -56.37
N GLU A 689 -40.51 -43.79 -57.00
CA GLU A 689 -40.46 -44.07 -58.43
C GLU A 689 -41.23 -45.33 -58.81
N ASN A 690 -41.34 -46.28 -57.89
CA ASN A 690 -42.05 -47.55 -58.10
C ASN A 690 -41.22 -48.68 -58.65
N SER A 691 -39.93 -48.44 -58.87
CA SER A 691 -39.05 -49.48 -59.40
C SER A 691 -39.20 -50.77 -58.60
N LYS A 692 -38.96 -51.90 -59.24
CA LYS A 692 -39.09 -53.17 -58.53
C LYS A 692 -37.71 -53.57 -57.98
N GLU A 693 -36.72 -52.75 -58.29
CA GLU A 693 -35.35 -53.00 -57.87
C GLU A 693 -34.65 -51.79 -57.21
N VAL A 694 -33.80 -52.08 -56.22
CA VAL A 694 -33.04 -51.05 -55.52
C VAL A 694 -31.54 -51.23 -55.74
N GLU A 695 -30.84 -50.11 -55.91
CA GLU A 695 -29.39 -50.11 -56.14
C GLU A 695 -28.65 -49.68 -54.87
N LEU A 696 -28.54 -50.57 -53.89
CA LEU A 696 -27.90 -50.22 -52.61
C LEU A 696 -26.48 -50.75 -52.40
N LEU A 697 -25.51 -49.83 -52.41
CA LEU A 697 -24.08 -50.14 -52.22
C LEU A 697 -23.50 -51.10 -53.26
N ASN A 701 -28.00 -53.97 -57.91
CA ASN A 701 -29.45 -54.12 -57.94
C ASN A 701 -29.97 -55.23 -57.00
N ILE A 702 -31.20 -55.04 -56.51
CA ILE A 702 -31.87 -55.98 -55.60
C ILE A 702 -33.37 -55.85 -55.89
N SER A 703 -34.17 -56.78 -55.40
CA SER A 703 -35.62 -56.66 -55.62
C SER A 703 -36.14 -55.80 -54.48
N LEU A 704 -37.16 -54.99 -54.78
CA LEU A 704 -37.77 -54.10 -53.82
C LEU A 704 -39.25 -54.44 -53.69
N HIS A 705 -39.64 -54.96 -52.53
CA HIS A 705 -41.04 -55.33 -52.30
C HIS A 705 -41.85 -54.06 -52.09
N GLN A 706 -42.87 -53.87 -52.91
CA GLN A 706 -43.74 -52.70 -52.84
C GLN A 706 -44.41 -52.45 -51.49
N ASP A 707 -44.62 -53.50 -50.70
CA ASP A 707 -45.26 -53.41 -49.37
C ASP A 707 -44.36 -52.91 -48.25
N MET A 708 -43.06 -52.83 -48.50
CA MET A 708 -42.14 -52.40 -47.47
C MET A 708 -42.39 -50.96 -47.08
N GLY A 709 -41.83 -50.56 -45.94
CA GLY A 709 -42.00 -49.21 -45.47
C GLY A 709 -40.98 -48.82 -44.42
N ILE A 710 -40.55 -47.57 -44.48
CA ILE A 710 -39.56 -47.06 -43.53
C ILE A 710 -40.26 -46.04 -42.62
N PHE A 711 -40.02 -46.15 -41.32
CA PHE A 711 -40.63 -45.25 -40.37
C PHE A 711 -39.59 -44.72 -39.40
N VAL A 712 -39.62 -43.43 -39.13
CA VAL A 712 -38.67 -42.83 -38.22
C VAL A 712 -39.39 -41.99 -37.16
N THR A 713 -39.05 -42.20 -35.89
CA THR A 713 -39.66 -41.42 -34.82
C THR A 713 -38.59 -40.57 -34.15
N MET A 714 -38.98 -39.41 -33.66
CA MET A 714 -38.04 -38.52 -33.00
C MET A 714 -38.76 -37.41 -32.27
N ASN A 715 -38.01 -36.58 -31.56
CA ASN A 715 -38.61 -35.47 -30.82
C ASN A 715 -38.74 -34.31 -31.82
N PRO A 716 -39.59 -33.32 -31.53
CA PRO A 716 -39.73 -32.21 -32.47
C PRO A 716 -38.48 -31.36 -32.66
N GLY A 717 -38.39 -30.68 -33.78
CA GLY A 717 -37.23 -29.85 -34.05
C GLY A 717 -37.36 -28.47 -33.45
N TYR A 718 -36.49 -27.56 -33.87
CA TYR A 718 -36.54 -26.20 -33.36
C TYR A 718 -37.67 -25.37 -33.94
N ALA A 719 -38.52 -24.87 -33.06
CA ALA A 719 -39.64 -24.02 -33.41
C ALA A 719 -40.48 -24.42 -34.60
N GLY A 720 -41.07 -25.61 -34.58
CA GLY A 720 -41.90 -26.06 -35.68
C GLY A 720 -41.19 -26.83 -36.77
N ARG A 721 -39.88 -26.71 -36.81
CA ARG A 721 -39.05 -27.39 -37.80
C ARG A 721 -38.89 -28.89 -37.54
N SER A 722 -38.67 -29.66 -38.61
CA SER A 722 -38.50 -31.10 -38.48
C SER A 722 -37.06 -31.45 -38.16
N ASN A 723 -36.88 -32.50 -37.37
CA ASN A 723 -35.55 -32.95 -37.02
C ASN A 723 -35.00 -33.93 -38.05
N LEU A 724 -35.81 -34.33 -39.03
CA LEU A 724 -35.29 -35.26 -40.03
C LEU A 724 -34.15 -34.58 -40.77
N PRO A 725 -33.25 -35.36 -41.38
CA PRO A 725 -32.09 -34.88 -42.13
C PRO A 725 -32.57 -34.27 -43.47
N ASP A 726 -31.96 -33.18 -43.91
CA ASP A 726 -32.39 -32.53 -45.14
C ASP A 726 -32.81 -33.55 -46.21
N ASN A 727 -31.88 -34.43 -46.58
CA ASN A 727 -32.16 -35.43 -47.60
C ASN A 727 -33.43 -36.28 -47.46
N LEU A 728 -34.01 -36.36 -46.26
CA LEU A 728 -35.21 -37.17 -46.05
C LEU A 728 -36.47 -36.35 -45.88
N LYS A 729 -36.28 -35.07 -45.61
CA LYS A 729 -37.36 -34.10 -45.41
C LYS A 729 -38.48 -34.26 -46.44
N LYS A 730 -38.17 -34.12 -47.73
CA LYS A 730 -39.19 -34.22 -48.76
C LYS A 730 -39.53 -35.63 -49.15
N LEU A 731 -39.11 -36.60 -48.33
CA LEU A 731 -39.37 -38.00 -48.60
C LEU A 731 -40.20 -38.63 -47.49
N PHE A 732 -40.51 -37.85 -46.48
CA PHE A 732 -41.31 -38.36 -45.39
C PHE A 732 -42.53 -37.49 -45.14
N ARG A 733 -43.58 -38.12 -44.61
CA ARG A 733 -44.79 -37.42 -44.23
C ARG A 733 -44.73 -37.47 -42.71
N SER A 734 -44.59 -36.33 -42.05
CA SER A 734 -44.53 -36.36 -40.61
C SER A 734 -45.90 -36.30 -39.98
N MET A 735 -45.96 -36.72 -38.73
CA MET A 735 -47.18 -36.73 -37.96
C MET A 735 -46.82 -36.32 -36.55
N ALA A 736 -47.51 -35.32 -36.03
CA ALA A 736 -47.23 -34.82 -34.69
C ALA A 736 -48.02 -35.59 -33.66
N MET A 737 -47.30 -36.10 -32.66
CA MET A 737 -47.92 -36.83 -31.56
C MET A 737 -47.42 -36.22 -30.26
N ILE A 738 -48.07 -35.14 -29.86
CA ILE A 738 -47.68 -34.41 -28.68
C ILE A 738 -48.42 -34.76 -27.40
N LYS A 739 -49.73 -34.97 -27.51
CA LYS A 739 -50.53 -35.29 -26.34
C LYS A 739 -51.36 -36.57 -26.50
N PRO A 740 -50.84 -37.70 -26.01
CA PRO A 740 -51.59 -38.94 -26.13
C PRO A 740 -52.87 -38.80 -25.33
N ASP A 741 -53.92 -39.50 -25.75
CA ASP A 741 -55.20 -39.43 -25.06
C ASP A 741 -55.16 -40.31 -23.83
N ARG A 742 -54.51 -39.83 -22.77
CA ARG A 742 -54.38 -40.58 -21.53
C ARG A 742 -55.71 -40.99 -20.96
N GLU A 743 -56.59 -40.04 -20.69
CA GLU A 743 -57.89 -40.38 -20.13
C GLU A 743 -58.49 -41.60 -20.85
N MET A 744 -58.69 -41.49 -22.16
CA MET A 744 -59.29 -42.57 -22.95
C MET A 744 -58.49 -43.88 -22.98
N ILE A 745 -57.16 -43.82 -22.82
CA ILE A 745 -56.36 -45.04 -22.80
C ILE A 745 -56.60 -45.74 -21.46
N ALA A 746 -56.48 -44.95 -20.40
CA ALA A 746 -56.69 -45.44 -19.05
C ALA A 746 -58.04 -46.13 -18.99
N GLN A 747 -59.05 -45.43 -19.50
CA GLN A 747 -60.40 -45.93 -19.48
C GLN A 747 -60.64 -47.28 -20.13
N VAL A 748 -60.22 -47.44 -21.37
CA VAL A 748 -60.42 -48.69 -22.05
C VAL A 748 -59.56 -49.73 -21.38
N MET A 749 -58.35 -49.30 -21.02
CA MET A 749 -57.39 -50.16 -20.34
C MET A 749 -57.97 -50.82 -19.08
N LEU A 750 -58.85 -50.10 -18.37
CA LEU A 750 -59.45 -50.62 -17.15
C LEU A 750 -60.65 -51.48 -17.45
N TYR A 751 -61.46 -51.06 -18.42
CA TYR A 751 -62.64 -51.82 -18.81
C TYR A 751 -62.23 -53.26 -19.12
N SER A 752 -61.14 -53.43 -19.85
CA SER A 752 -60.65 -54.75 -20.21
C SER A 752 -60.14 -55.50 -18.98
N GLN A 753 -59.83 -54.77 -17.93
CA GLN A 753 -59.35 -55.38 -16.71
C GLN A 753 -60.51 -55.90 -15.87
N GLY A 754 -61.72 -55.48 -16.23
CA GLY A 754 -62.90 -55.92 -15.49
C GLY A 754 -63.72 -54.80 -14.88
N PHE A 755 -63.05 -53.73 -14.46
CA PHE A 755 -63.71 -52.59 -13.83
C PHE A 755 -64.93 -52.13 -14.62
N LYS A 756 -66.01 -51.81 -13.93
CA LYS A 756 -67.23 -51.38 -14.60
C LYS A 756 -67.39 -49.85 -14.55
N THR A 757 -66.66 -49.19 -13.66
CA THR A 757 -66.77 -47.75 -13.55
C THR A 757 -65.56 -47.05 -14.19
N ALA A 758 -64.96 -47.72 -15.18
CA ALA A 758 -63.79 -47.21 -15.89
C ALA A 758 -63.85 -45.77 -16.40
N GLU A 759 -65.04 -45.27 -16.75
CA GLU A 759 -65.18 -43.89 -17.22
C GLU A 759 -64.68 -42.94 -16.14
N VAL A 760 -65.22 -43.11 -14.93
CA VAL A 760 -64.86 -42.29 -13.79
C VAL A 760 -63.42 -42.49 -13.33
N LEU A 761 -63.07 -43.74 -13.04
CA LEU A 761 -61.71 -44.07 -12.59
C LEU A 761 -60.61 -43.47 -13.47
N ALA A 762 -60.83 -43.47 -14.78
CA ALA A 762 -59.82 -42.92 -15.66
C ALA A 762 -59.83 -41.39 -15.55
N GLY A 763 -60.99 -40.80 -15.28
CA GLY A 763 -61.06 -39.36 -15.16
C GLY A 763 -60.44 -38.85 -13.86
N LYS A 764 -60.12 -39.79 -12.97
CA LYS A 764 -59.50 -39.47 -11.68
C LYS A 764 -58.04 -39.88 -11.60
N ILE A 765 -57.69 -41.04 -12.14
CA ILE A 765 -56.30 -41.50 -12.06
C ILE A 765 -55.38 -40.69 -12.98
N VAL A 766 -55.93 -40.05 -14.00
CA VAL A 766 -55.10 -39.26 -14.91
C VAL A 766 -54.77 -37.88 -14.33
N PRO A 767 -55.74 -37.20 -13.71
CA PRO A 767 -55.29 -35.89 -13.19
C PRO A 767 -54.38 -36.15 -11.99
N LEU A 768 -54.62 -37.27 -11.32
CA LEU A 768 -53.82 -37.66 -10.17
C LEU A 768 -52.35 -37.71 -10.55
N PHE A 769 -52.02 -38.55 -11.54
CA PHE A 769 -50.64 -38.65 -11.98
C PHE A 769 -50.07 -37.29 -12.35
N LYS A 770 -50.89 -36.46 -12.99
CA LYS A 770 -50.46 -35.13 -13.40
C LYS A 770 -50.08 -34.28 -12.17
N LEU A 771 -50.85 -34.43 -11.09
CA LEU A 771 -50.57 -33.69 -9.86
C LEU A 771 -49.29 -34.18 -9.15
N CYS A 772 -49.19 -35.48 -8.91
CA CYS A 772 -48.00 -36.05 -8.26
C CYS A 772 -46.76 -35.64 -9.03
N GLN A 773 -46.87 -35.69 -10.35
CA GLN A 773 -45.78 -35.31 -11.24
C GLN A 773 -45.26 -33.94 -10.89
N GLU A 774 -46.15 -32.97 -10.69
CA GLU A 774 -45.69 -31.62 -10.39
C GLU A 774 -45.77 -31.11 -8.94
N GLN A 775 -46.36 -31.87 -8.02
CA GLN A 775 -46.45 -31.42 -6.62
C GLN A 775 -45.83 -32.37 -5.59
N LEU A 776 -44.70 -33.00 -5.95
CA LEU A 776 -43.95 -33.91 -5.07
C LEU A 776 -42.46 -33.66 -5.38
N SER A 777 -41.57 -34.07 -4.49
CA SER A 777 -40.15 -33.86 -4.75
C SER A 777 -39.78 -34.33 -6.16
N ALA A 778 -38.82 -33.66 -6.77
CA ALA A 778 -38.42 -33.98 -8.13
C ALA A 778 -37.42 -35.13 -8.26
N GLN A 779 -37.46 -36.11 -7.36
CA GLN A 779 -36.53 -37.23 -7.44
C GLN A 779 -36.46 -37.77 -8.86
N SER A 780 -35.23 -38.03 -9.31
CA SER A 780 -34.97 -38.53 -10.65
C SER A 780 -35.61 -39.87 -11.00
N HIS A 781 -36.00 -40.65 -9.98
CA HIS A 781 -36.61 -41.96 -10.23
C HIS A 781 -38.15 -42.01 -10.34
N TYR A 782 -38.86 -40.93 -9.97
CA TYR A 782 -40.31 -40.93 -10.13
C TYR A 782 -40.57 -40.95 -11.63
N ASP A 783 -41.54 -41.76 -12.04
CA ASP A 783 -41.90 -41.91 -13.45
C ASP A 783 -43.42 -41.87 -13.47
N PHE A 784 -44.00 -40.81 -14.01
CA PHE A 784 -45.44 -40.73 -14.04
C PHE A 784 -45.96 -40.71 -15.46
N GLY A 785 -45.20 -41.36 -16.34
CA GLY A 785 -45.58 -41.43 -17.74
C GLY A 785 -46.66 -42.46 -17.96
N LEU A 786 -47.08 -42.59 -19.21
CA LEU A 786 -48.11 -43.55 -19.57
C LEU A 786 -47.81 -44.95 -19.10
N ARG A 787 -46.66 -45.47 -19.53
CA ARG A 787 -46.21 -46.80 -19.18
C ARG A 787 -46.43 -47.07 -17.71
N ALA A 788 -46.08 -46.08 -16.90
CA ALA A 788 -46.22 -46.15 -15.46
C ALA A 788 -47.70 -46.17 -15.12
N LEU A 789 -48.45 -45.28 -15.75
CA LEU A 789 -49.89 -45.20 -15.51
C LEU A 789 -50.58 -46.55 -15.83
N LYS A 790 -50.05 -47.25 -16.80
CA LYS A 790 -50.61 -48.53 -17.20
C LYS A 790 -50.23 -49.65 -16.23
N SER A 791 -49.08 -49.52 -15.58
CA SER A 791 -48.68 -50.54 -14.63
C SER A 791 -49.66 -50.57 -13.47
N VAL A 792 -50.07 -49.42 -12.98
CA VAL A 792 -51.01 -49.41 -11.87
C VAL A 792 -52.37 -49.98 -12.30
N LEU A 793 -52.80 -49.69 -13.54
CA LEU A 793 -54.07 -50.21 -14.03
C LEU A 793 -54.02 -51.74 -14.17
N VAL A 794 -52.99 -52.27 -14.80
CA VAL A 794 -52.84 -53.73 -14.97
C VAL A 794 -52.76 -54.43 -13.60
N SER A 795 -52.10 -53.82 -12.63
CA SER A 795 -52.01 -54.39 -11.28
C SER A 795 -53.40 -54.34 -10.63
N ALA A 796 -54.06 -53.18 -10.73
CA ALA A 796 -55.40 -53.07 -10.18
C ALA A 796 -56.19 -54.28 -10.68
N GLY A 797 -55.97 -54.66 -11.94
CA GLY A 797 -56.65 -55.81 -12.50
C GLY A 797 -56.42 -57.07 -11.67
N GLY A 798 -55.15 -57.49 -11.57
CA GLY A 798 -54.84 -58.66 -10.78
C GLY A 798 -55.49 -58.58 -9.41
N ILE A 799 -55.26 -57.46 -8.72
CA ILE A 799 -55.83 -57.22 -7.40
C ILE A 799 -57.36 -57.38 -7.36
N LYS A 800 -58.04 -56.99 -8.43
CA LYS A 800 -59.49 -57.10 -8.48
C LYS A 800 -59.91 -58.57 -8.62
N ARG A 801 -59.00 -59.37 -9.14
CA ARG A 801 -59.25 -60.81 -9.32
C ARG A 801 -59.12 -61.55 -7.97
N LYS A 802 -58.53 -60.90 -6.99
CA LYS A 802 -58.35 -61.50 -5.66
C LYS A 802 -59.35 -60.93 -4.64
N CYS A 803 -60.15 -59.97 -5.06
CA CYS A 803 -61.14 -59.36 -4.18
C CYS A 803 -62.59 -59.78 -4.47
N GLN A 804 -63.48 -59.39 -3.56
CA GLN A 804 -64.87 -59.77 -3.71
C GLN A 804 -65.78 -58.57 -3.46
N PRO A 805 -66.63 -58.25 -4.44
CA PRO A 805 -67.53 -57.10 -4.25
C PRO A 805 -68.57 -57.40 -3.18
N PRO A 806 -69.17 -56.34 -2.60
CA PRO A 806 -70.21 -56.44 -1.56
C PRO A 806 -71.66 -56.54 -2.10
N ASP A 813 -86.84 -50.20 -5.74
CA ASP A 813 -87.14 -48.78 -5.97
C ASP A 813 -85.92 -48.06 -6.51
N ALA A 814 -86.09 -46.77 -6.81
CA ALA A 814 -84.98 -45.98 -7.34
C ALA A 814 -83.88 -45.94 -6.29
N GLU A 815 -84.22 -45.35 -5.14
CA GLU A 815 -83.28 -45.21 -4.03
C GLU A 815 -82.40 -46.44 -3.83
N SER A 816 -82.89 -47.62 -4.23
CA SER A 816 -82.12 -48.86 -4.10
C SER A 816 -80.91 -48.86 -5.03
N LYS A 817 -81.16 -49.04 -6.33
CA LYS A 817 -80.09 -49.06 -7.31
C LYS A 817 -78.98 -48.08 -6.89
N THR A 818 -79.38 -46.86 -6.51
CA THR A 818 -78.43 -45.82 -6.09
C THR A 818 -77.46 -46.27 -4.99
N LYS A 819 -77.99 -46.70 -3.84
CA LYS A 819 -77.13 -47.17 -2.76
C LYS A 819 -76.24 -48.23 -3.40
N ALA A 820 -76.86 -49.28 -3.92
CA ALA A 820 -76.18 -50.41 -4.57
C ALA A 820 -75.05 -50.00 -5.53
N ASP A 821 -75.32 -49.06 -6.43
CA ASP A 821 -74.27 -48.60 -7.35
C ASP A 821 -73.15 -48.01 -6.48
N GLN A 822 -73.50 -47.00 -5.68
CA GLN A 822 -72.57 -46.32 -4.79
C GLN A 822 -71.62 -47.32 -4.09
N ILE A 823 -72.18 -48.40 -3.54
CA ILE A 823 -71.36 -49.41 -2.86
C ILE A 823 -70.35 -50.05 -3.82
N TYR A 824 -70.86 -50.64 -4.90
CA TYR A 824 -70.02 -51.29 -5.91
C TYR A 824 -68.98 -50.30 -6.42
N CYS A 825 -69.44 -49.08 -6.61
CA CYS A 825 -68.59 -48.00 -7.10
C CYS A 825 -67.37 -47.86 -6.21
N GLN A 826 -67.60 -47.53 -4.94
CA GLN A 826 -66.51 -47.37 -3.98
C GLN A 826 -65.67 -48.64 -3.90
N TYR A 827 -66.29 -49.78 -4.20
CA TYR A 827 -65.57 -51.05 -4.16
C TYR A 827 -64.40 -51.05 -5.12
N GLU A 828 -64.63 -50.57 -6.34
CA GLU A 828 -63.58 -50.57 -7.34
C GLU A 828 -62.61 -49.46 -6.99
N ILE A 829 -63.12 -48.35 -6.46
CA ILE A 829 -62.26 -47.24 -6.10
C ILE A 829 -61.23 -47.79 -5.14
N GLY A 830 -61.69 -48.67 -4.26
CA GLY A 830 -60.81 -49.29 -3.30
C GLY A 830 -59.72 -50.10 -3.97
N VAL A 831 -60.10 -50.90 -4.97
CA VAL A 831 -59.14 -51.74 -5.69
C VAL A 831 -58.06 -50.88 -6.33
N LEU A 832 -58.44 -49.71 -6.84
CA LEU A 832 -57.47 -48.84 -7.48
C LEU A 832 -56.50 -48.27 -6.44
N LEU A 833 -57.00 -47.91 -5.26
CA LEU A 833 -56.11 -47.39 -4.23
C LEU A 833 -55.16 -48.48 -3.76
N ASN A 834 -55.64 -49.71 -3.78
CA ASN A 834 -54.84 -50.84 -3.38
C ASN A 834 -53.59 -50.91 -4.25
N SER A 835 -53.74 -50.66 -5.55
CA SER A 835 -52.60 -50.71 -6.47
C SER A 835 -51.78 -49.43 -6.35
N ILE A 836 -52.43 -48.36 -5.90
CA ILE A 836 -51.74 -47.10 -5.73
C ILE A 836 -50.69 -47.30 -4.60
N ASN A 837 -51.11 -47.98 -3.52
CA ASN A 837 -50.22 -48.23 -2.38
C ASN A 837 -49.19 -49.29 -2.69
N ASP A 838 -49.57 -50.28 -3.48
CA ASP A 838 -48.65 -51.37 -3.79
C ASP A 838 -47.53 -51.04 -4.77
N THR A 839 -47.86 -50.18 -5.74
CA THR A 839 -46.92 -49.77 -6.79
C THR A 839 -46.93 -48.26 -7.02
N MET A 840 -46.37 -47.50 -6.08
CA MET A 840 -46.30 -46.04 -6.19
C MET A 840 -45.64 -45.41 -4.98
N ILE A 841 -46.29 -45.58 -3.83
CA ILE A 841 -45.81 -45.04 -2.56
C ILE A 841 -44.54 -45.75 -2.05
N PRO A 842 -44.28 -47.00 -2.49
CA PRO A 842 -43.07 -47.67 -2.02
C PRO A 842 -41.80 -47.01 -2.60
N LYS A 843 -41.92 -46.44 -3.81
CA LYS A 843 -40.80 -45.75 -4.46
C LYS A 843 -40.69 -44.32 -3.92
N LEU A 844 -41.80 -43.79 -3.40
CA LEU A 844 -41.83 -42.42 -2.89
C LEU A 844 -40.91 -42.26 -1.70
N VAL A 845 -40.29 -41.09 -1.57
CA VAL A 845 -39.40 -40.82 -0.45
C VAL A 845 -40.24 -40.22 0.69
N ALA A 846 -39.84 -40.52 1.92
CA ALA A 846 -40.52 -40.08 3.15
C ALA A 846 -41.38 -38.83 3.04
N ASP A 847 -40.74 -37.67 2.86
CA ASP A 847 -41.46 -36.40 2.78
C ASP A 847 -42.58 -36.35 1.73
N ASP A 848 -42.53 -37.24 0.75
CA ASP A 848 -43.53 -37.25 -0.30
C ASP A 848 -44.65 -38.27 -0.05
N ILE A 849 -44.80 -38.75 1.19
CA ILE A 849 -45.87 -39.70 1.49
C ILE A 849 -47.07 -38.97 2.05
N PRO A 850 -46.85 -37.90 2.80
CA PRO A 850 -48.05 -37.22 3.29
C PRO A 850 -48.67 -36.43 2.14
N LEU A 851 -47.82 -36.01 1.20
CA LEU A 851 -48.29 -35.25 0.06
C LEU A 851 -49.17 -36.09 -0.85
N ILE A 852 -48.76 -37.34 -1.07
CA ILE A 852 -49.49 -38.24 -1.94
C ILE A 852 -50.79 -38.67 -1.28
N GLN A 853 -50.69 -39.08 -0.02
CA GLN A 853 -51.84 -39.55 0.77
C GLN A 853 -52.90 -38.45 0.91
N SER A 854 -52.43 -37.20 0.95
CA SER A 854 -53.31 -36.07 1.06
C SER A 854 -53.97 -35.90 -0.28
N LEU A 855 -53.16 -35.82 -1.34
CA LEU A 855 -53.66 -35.71 -2.71
C LEU A 855 -54.71 -36.80 -2.97
N LEU A 856 -54.29 -38.06 -2.78
CA LEU A 856 -55.18 -39.19 -3.00
C LEU A 856 -56.55 -38.97 -2.38
N LEU A 857 -56.59 -38.28 -1.22
CA LEU A 857 -57.86 -37.99 -0.54
C LEU A 857 -58.77 -37.05 -1.36
N ASP A 858 -58.17 -36.07 -2.03
CA ASP A 858 -58.90 -35.12 -2.85
C ASP A 858 -59.59 -35.86 -3.99
N VAL A 859 -58.83 -36.75 -4.63
CA VAL A 859 -59.31 -37.52 -5.77
C VAL A 859 -60.17 -38.76 -5.45
N PHE A 860 -60.13 -39.21 -4.20
CA PHE A 860 -60.91 -40.37 -3.81
C PHE A 860 -61.43 -40.06 -2.39
N PRO A 861 -62.16 -38.94 -2.24
CA PRO A 861 -62.74 -38.45 -0.99
C PRO A 861 -63.15 -39.51 0.02
N GLY A 862 -64.25 -40.20 -0.26
CA GLY A 862 -64.75 -41.22 0.64
C GLY A 862 -64.09 -42.59 0.52
N SER A 863 -62.77 -42.64 0.64
CA SER A 863 -62.04 -43.91 0.56
C SER A 863 -60.61 -43.63 1.01
N GLN A 864 -60.06 -44.48 1.87
CA GLN A 864 -58.70 -44.28 2.39
C GLN A 864 -57.79 -45.51 2.34
N LEU A 865 -56.47 -45.27 2.27
CA LEU A 865 -55.45 -46.34 2.21
C LEU A 865 -55.57 -47.37 3.32
N GLN A 866 -55.51 -48.65 2.96
CA GLN A 866 -55.63 -49.73 3.94
C GLN A 866 -54.29 -50.26 4.43
N PRO A 867 -54.27 -50.73 5.67
CA PRO A 867 -53.01 -51.27 6.22
C PRO A 867 -52.79 -52.65 5.59
N ILE A 868 -51.52 -53.05 5.46
CA ILE A 868 -51.18 -54.36 4.90
C ILE A 868 -51.46 -55.46 5.93
N GLN A 869 -52.13 -56.53 5.47
CA GLN A 869 -52.51 -57.63 6.33
C GLN A 869 -51.61 -58.89 6.28
N MET A 870 -50.30 -58.70 6.36
CA MET A 870 -49.39 -59.85 6.34
C MET A 870 -49.21 -60.36 7.76
N ASP A 871 -50.32 -60.44 8.50
CA ASP A 871 -50.29 -60.89 9.90
C ASP A 871 -49.25 -61.97 10.18
N GLN A 872 -49.09 -62.92 9.25
CA GLN A 872 -48.11 -63.99 9.42
C GLN A 872 -46.68 -63.39 9.42
N LEU A 873 -46.26 -62.85 8.27
CA LEU A 873 -44.93 -62.24 8.11
C LEU A 873 -44.58 -61.25 9.22
N ARG A 874 -45.53 -60.40 9.60
CA ARG A 874 -45.31 -59.41 10.64
C ARG A 874 -44.77 -60.05 11.90
N LYS A 875 -45.37 -61.18 12.29
CA LYS A 875 -44.95 -61.89 13.48
C LYS A 875 -43.53 -62.42 13.29
N LYS A 876 -43.31 -63.15 12.20
CA LYS A 876 -42.00 -63.72 11.92
C LYS A 876 -40.90 -62.64 11.92
N ILE A 877 -41.23 -61.48 11.34
CA ILE A 877 -40.29 -60.36 11.26
C ILE A 877 -39.95 -59.83 12.65
N GLN A 878 -40.94 -59.82 13.53
CA GLN A 878 -40.74 -59.35 14.89
C GLN A 878 -40.06 -60.45 15.70
N GLU A 879 -40.15 -61.68 15.18
CA GLU A 879 -39.54 -62.82 15.84
C GLU A 879 -38.03 -62.75 15.62
N ILE A 880 -37.65 -62.28 14.44
CA ILE A 880 -36.24 -62.14 14.08
C ILE A 880 -35.65 -60.80 14.56
N ALA A 881 -36.49 -59.78 14.62
CA ALA A 881 -36.07 -58.46 15.06
C ALA A 881 -35.50 -58.42 16.48
N LYS A 882 -36.08 -59.22 17.39
CA LYS A 882 -35.62 -59.24 18.77
C LYS A 882 -34.28 -59.97 18.86
N GLN A 883 -34.14 -61.03 18.04
CA GLN A 883 -32.93 -61.83 17.99
C GLN A 883 -31.75 -60.97 17.54
N ARG A 884 -31.99 -60.20 16.48
CA ARG A 884 -31.00 -59.33 15.89
C ARG A 884 -30.89 -58.00 16.59
N HIS A 885 -31.54 -57.88 17.75
CA HIS A 885 -31.49 -56.64 18.54
C HIS A 885 -32.18 -55.46 17.85
N LEU A 886 -32.72 -55.70 16.65
CA LEU A 886 -33.38 -54.64 15.89
C LEU A 886 -34.66 -54.10 16.51
N VAL A 887 -34.72 -52.78 16.69
CA VAL A 887 -35.91 -52.14 17.24
C VAL A 887 -36.98 -52.24 16.14
N THR A 888 -37.99 -53.07 16.38
CA THR A 888 -39.03 -53.26 15.38
C THR A 888 -40.00 -52.10 15.37
N LYS A 889 -39.75 -51.12 14.49
CA LYS A 889 -40.59 -49.93 14.35
C LYS A 889 -41.64 -50.09 13.24
N GLN A 890 -42.85 -49.60 13.48
CA GLN A 890 -43.95 -49.73 12.50
C GLN A 890 -43.61 -49.22 11.10
N GLU A 891 -42.97 -48.05 11.01
CA GLU A 891 -42.63 -47.54 9.69
C GLU A 891 -41.52 -48.37 9.05
N TRP A 892 -40.78 -49.10 9.89
CA TRP A 892 -39.71 -49.95 9.41
C TRP A 892 -40.24 -51.31 8.92
N VAL A 893 -41.09 -51.95 9.72
CA VAL A 893 -41.64 -53.24 9.31
C VAL A 893 -42.42 -53.05 8.02
N GLU A 894 -43.04 -51.88 7.88
CA GLU A 894 -43.85 -51.59 6.71
C GLU A 894 -43.05 -51.74 5.42
N LYS A 895 -41.81 -51.25 5.45
CA LYS A 895 -40.94 -51.31 4.28
C LYS A 895 -40.62 -52.73 3.87
N ILE A 896 -40.38 -53.61 4.86
CA ILE A 896 -40.06 -55.00 4.57
C ILE A 896 -41.21 -55.65 3.82
N LEU A 897 -42.42 -55.32 4.25
CA LEU A 897 -43.65 -55.83 3.63
C LEU A 897 -43.85 -55.27 2.21
N GLN A 898 -43.28 -54.10 1.93
CA GLN A 898 -43.38 -53.51 0.59
C GLN A 898 -42.43 -54.28 -0.32
N LEU A 899 -41.32 -54.71 0.27
CA LEU A 899 -40.29 -55.49 -0.39
C LEU A 899 -40.84 -56.86 -0.73
N HIS A 900 -41.45 -57.51 0.27
CA HIS A 900 -42.03 -58.83 0.06
C HIS A 900 -43.17 -58.77 -0.91
N GLN A 901 -43.91 -57.65 -0.87
CA GLN A 901 -45.01 -57.43 -1.78
C GLN A 901 -44.41 -57.35 -3.19
N ILE A 902 -43.64 -56.31 -3.45
CA ILE A 902 -43.02 -56.11 -4.74
C ILE A 902 -42.28 -57.35 -5.27
N LEU A 903 -41.49 -58.01 -4.43
CA LEU A 903 -40.77 -59.22 -4.85
C LEU A 903 -41.72 -60.30 -5.41
N ASN A 904 -43.02 -60.23 -5.05
CA ASN A 904 -44.01 -61.22 -5.53
C ASN A 904 -44.48 -60.84 -6.93
N ILE A 905 -43.99 -59.70 -7.42
CA ILE A 905 -44.32 -59.19 -8.74
C ILE A 905 -43.08 -59.24 -9.64
N ASN A 906 -42.23 -58.22 -9.53
CA ASN A 906 -41.03 -58.12 -10.35
C ASN A 906 -39.85 -59.03 -9.90
N HIS A 907 -39.14 -59.61 -10.88
CA HIS A 907 -38.01 -60.47 -10.55
C HIS A 907 -36.75 -59.61 -10.39
N GLY A 908 -36.91 -58.30 -10.62
CA GLY A 908 -35.81 -57.37 -10.48
C GLY A 908 -36.15 -56.16 -9.63
N VAL A 909 -35.59 -56.06 -8.43
CA VAL A 909 -35.87 -54.94 -7.54
C VAL A 909 -34.62 -54.16 -7.12
N MET A 910 -34.79 -52.84 -6.94
CA MET A 910 -33.72 -51.92 -6.53
C MET A 910 -34.07 -51.18 -5.23
N MET A 911 -33.55 -51.66 -4.11
CA MET A 911 -33.80 -51.02 -2.82
C MET A 911 -32.94 -49.78 -2.86
N VAL A 912 -33.52 -48.61 -2.59
CA VAL A 912 -32.73 -47.37 -2.69
C VAL A 912 -32.90 -46.34 -1.57
N GLY A 913 -31.82 -45.60 -1.32
CA GLY A 913 -31.83 -44.57 -0.29
C GLY A 913 -30.47 -44.28 0.35
N PRO A 914 -30.34 -43.12 1.01
CA PRO A 914 -29.11 -42.70 1.67
C PRO A 914 -28.54 -43.77 2.58
N SER A 915 -27.25 -43.66 2.84
CA SER A 915 -26.53 -44.61 3.66
C SER A 915 -27.14 -44.69 5.04
N GLY A 916 -27.17 -45.90 5.60
CA GLY A 916 -27.70 -46.12 6.93
C GLY A 916 -29.15 -45.72 7.04
N GLY A 917 -29.96 -46.23 6.11
CA GLY A 917 -31.38 -45.95 6.08
C GLY A 917 -32.15 -47.23 6.38
N GLY A 918 -31.42 -48.31 6.62
CA GLY A 918 -32.07 -49.57 6.93
C GLY A 918 -32.20 -50.59 5.81
N LYS A 919 -31.69 -50.29 4.62
CA LYS A 919 -31.80 -51.22 3.49
C LYS A 919 -31.24 -52.61 3.76
N THR A 920 -29.94 -52.67 4.03
CA THR A 920 -29.26 -53.93 4.26
C THR A 920 -29.93 -54.75 5.35
N THR A 921 -30.05 -54.15 6.53
CA THR A 921 -30.67 -54.84 7.64
C THR A 921 -32.01 -55.41 7.22
N SER A 922 -32.71 -54.69 6.33
CA SER A 922 -34.05 -55.09 5.83
C SER A 922 -34.16 -56.40 5.05
N TRP A 923 -33.50 -56.50 3.90
CA TRP A 923 -33.59 -57.74 3.13
C TRP A 923 -33.02 -58.85 3.97
N GLU A 924 -32.10 -58.52 4.87
CA GLU A 924 -31.53 -59.55 5.72
C GLU A 924 -32.62 -60.08 6.65
N VAL A 925 -33.46 -59.18 7.14
CA VAL A 925 -34.54 -59.58 8.02
C VAL A 925 -35.66 -60.23 7.21
N TYR A 926 -35.97 -59.69 6.04
CA TYR A 926 -37.00 -60.31 5.22
C TYR A 926 -36.51 -61.63 4.65
N LEU A 927 -35.22 -61.76 4.48
CA LEU A 927 -34.69 -62.95 3.87
C LEU A 927 -34.65 -64.12 4.83
N GLU A 928 -34.32 -63.84 6.07
CA GLU A 928 -34.25 -64.89 7.07
C GLU A 928 -35.63 -65.21 7.63
N ALA A 929 -36.62 -64.34 7.40
CA ALA A 929 -38.00 -64.53 7.89
C ALA A 929 -38.94 -65.28 6.91
N ILE A 930 -38.73 -65.10 5.62
CA ILE A 930 -39.54 -65.76 4.60
C ILE A 930 -39.02 -67.20 4.48
N GLU A 931 -37.81 -67.44 4.98
CA GLU A 931 -37.24 -68.77 4.95
C GLU A 931 -37.94 -69.58 6.04
N GLN A 932 -38.47 -68.87 7.05
CA GLN A 932 -39.17 -69.47 8.18
C GLN A 932 -40.70 -69.32 8.11
N VAL A 933 -41.24 -69.30 6.89
CA VAL A 933 -42.69 -69.20 6.71
C VAL A 933 -43.10 -70.30 5.75
N ASP A 934 -42.33 -70.46 4.68
CA ASP A 934 -42.58 -71.47 3.66
C ASP A 934 -41.63 -72.64 3.91
N ASN A 935 -40.83 -72.51 4.97
CA ASN A 935 -39.86 -73.51 5.35
C ASN A 935 -38.87 -73.85 4.22
N ILE A 936 -38.35 -72.81 3.57
CA ILE A 936 -37.36 -73.01 2.52
C ILE A 936 -36.15 -72.12 2.76
N LYS A 937 -34.96 -72.69 2.53
CA LYS A 937 -33.70 -71.97 2.73
C LYS A 937 -33.50 -70.75 1.84
N SER A 938 -33.34 -69.59 2.46
CA SER A 938 -33.08 -68.37 1.71
C SER A 938 -31.57 -68.31 1.56
N GLU A 939 -31.09 -67.66 0.52
CA GLU A 939 -29.64 -67.53 0.31
C GLU A 939 -29.28 -66.32 -0.52
N ALA A 940 -28.58 -65.38 0.13
CA ALA A 940 -28.12 -64.15 -0.49
C ALA A 940 -26.69 -64.28 -1.03
N HIS A 941 -26.50 -63.87 -2.29
CA HIS A 941 -25.19 -63.90 -2.99
C HIS A 941 -24.88 -62.42 -3.29
N VAL A 942 -24.24 -61.74 -2.35
CA VAL A 942 -23.95 -60.33 -2.53
C VAL A 942 -22.55 -60.00 -3.09
N MET A 943 -22.51 -58.95 -3.90
CA MET A 943 -21.27 -58.52 -4.54
C MET A 943 -21.27 -57.02 -4.81
N ASP A 944 -20.07 -56.48 -5.04
CA ASP A 944 -19.94 -55.08 -5.35
C ASP A 944 -19.68 -55.06 -6.85
N PRO A 945 -20.72 -54.73 -7.65
CA PRO A 945 -20.68 -54.67 -9.12
C PRO A 945 -19.54 -53.86 -9.74
N LYS A 946 -18.98 -52.93 -8.97
CA LYS A 946 -17.89 -52.12 -9.47
C LYS A 946 -16.64 -52.13 -8.60
N ALA A 947 -16.59 -53.06 -7.65
CA ALA A 947 -15.41 -53.18 -6.79
C ALA A 947 -14.47 -54.01 -7.65
N ILE A 948 -15.08 -54.63 -8.67
CA ILE A 948 -14.40 -55.44 -9.67
C ILE A 948 -14.75 -54.80 -11.03
N THR A 949 -14.02 -55.17 -12.08
CA THR A 949 -14.24 -54.61 -13.41
C THR A 949 -15.43 -55.26 -14.10
N LYS A 950 -15.98 -54.58 -15.10
CA LYS A 950 -17.13 -55.10 -15.84
C LYS A 950 -16.87 -56.48 -16.43
N ASP A 951 -15.65 -56.69 -16.89
CA ASP A 951 -15.34 -57.98 -17.47
C ASP A 951 -15.23 -59.08 -16.43
N GLN A 952 -14.79 -58.73 -15.24
CA GLN A 952 -14.66 -59.70 -14.16
C GLN A 952 -16.05 -60.07 -13.67
N LEU A 953 -16.99 -59.15 -13.87
CA LEU A 953 -18.39 -59.29 -13.45
C LEU A 953 -19.27 -60.09 -14.43
N PHE A 954 -19.09 -59.89 -15.72
CA PHE A 954 -19.92 -60.60 -16.67
C PHE A 954 -19.18 -61.72 -17.40
N GLY A 955 -17.85 -61.63 -17.39
CA GLY A 955 -17.04 -62.62 -18.08
C GLY A 955 -16.59 -62.00 -19.38
N SER A 956 -15.68 -62.66 -20.10
CA SER A 956 -15.13 -62.13 -21.36
C SER A 956 -14.81 -63.22 -22.38
N LEU A 957 -14.20 -62.79 -23.49
CA LEU A 957 -13.78 -63.71 -24.54
C LEU A 957 -12.28 -63.62 -24.81
N ASP A 958 -11.60 -64.76 -24.71
CA ASP A 958 -10.16 -64.81 -24.97
C ASP A 958 -9.90 -64.35 -26.41
N LEU A 959 -8.99 -63.39 -26.58
CA LEU A 959 -8.69 -62.86 -27.90
C LEU A 959 -7.62 -63.63 -28.69
N THR A 960 -7.70 -64.96 -28.66
CA THR A 960 -6.80 -65.86 -29.39
C THR A 960 -7.49 -67.20 -29.55
N THR A 961 -7.98 -67.76 -28.45
CA THR A 961 -8.66 -69.06 -28.47
C THR A 961 -10.19 -68.93 -28.52
N ARG A 962 -10.67 -67.70 -28.43
CA ARG A 962 -12.09 -67.42 -28.48
C ARG A 962 -12.89 -68.04 -27.34
N GLU A 963 -12.18 -68.56 -26.34
CA GLU A 963 -12.86 -69.15 -25.19
C GLU A 963 -13.61 -68.12 -24.32
N TRP A 964 -14.85 -68.45 -23.95
CA TRP A 964 -15.61 -67.57 -23.07
C TRP A 964 -15.42 -68.00 -21.62
N THR A 965 -15.03 -67.04 -20.78
CA THR A 965 -14.83 -67.29 -19.34
C THR A 965 -15.85 -66.39 -18.63
N ASP A 966 -16.60 -66.99 -17.71
CA ASP A 966 -17.67 -66.30 -16.96
C ASP A 966 -17.24 -65.24 -15.96
N GLY A 967 -18.14 -64.30 -15.72
CA GLY A 967 -17.89 -63.25 -14.74
C GLY A 967 -18.38 -63.81 -13.42
N LEU A 968 -18.22 -63.05 -12.35
CA LEU A 968 -18.67 -63.51 -11.03
C LEU A 968 -20.19 -63.65 -11.01
N PHE A 969 -20.87 -62.71 -11.68
CA PHE A 969 -22.34 -62.75 -11.76
C PHE A 969 -22.85 -63.91 -12.60
N THR A 970 -22.31 -64.02 -13.81
CA THR A 970 -22.68 -65.07 -14.74
C THR A 970 -22.43 -66.44 -14.16
N ALA A 971 -21.35 -66.57 -13.40
CA ALA A 971 -21.01 -67.84 -12.77
C ALA A 971 -22.07 -68.20 -11.72
N THR A 972 -22.28 -67.31 -10.75
CA THR A 972 -23.26 -67.56 -9.70
C THR A 972 -24.67 -67.86 -10.26
N LEU A 973 -25.03 -67.23 -11.38
CA LEU A 973 -26.34 -67.52 -11.98
C LEU A 973 -26.28 -68.99 -12.39
N ARG A 974 -25.36 -69.31 -13.29
CA ARG A 974 -25.15 -70.68 -13.78
C ARG A 974 -25.11 -71.72 -12.65
N ARG A 975 -24.38 -71.41 -11.58
CA ARG A 975 -24.27 -72.31 -10.43
C ARG A 975 -25.68 -72.74 -10.04
N ILE A 976 -26.60 -71.79 -10.09
CA ILE A 976 -27.98 -72.07 -9.75
C ILE A 976 -28.65 -72.92 -10.83
N ILE A 977 -28.67 -72.43 -12.06
CA ILE A 977 -29.25 -73.17 -13.17
C ILE A 977 -28.80 -74.64 -13.12
N ASP A 978 -27.50 -74.92 -13.03
CA ASP A 978 -27.00 -76.31 -12.95
C ASP A 978 -27.19 -76.82 -11.52
N ASN A 979 -28.35 -77.40 -11.22
CA ASN A 979 -28.60 -77.87 -9.85
C ASN A 979 -27.72 -79.04 -9.44
N VAL A 980 -26.42 -78.76 -9.27
CA VAL A 980 -25.43 -79.77 -8.88
C VAL A 980 -25.34 -79.94 -7.37
N ARG A 981 -25.66 -78.87 -6.63
CA ARG A 981 -25.62 -78.88 -5.16
C ARG A 981 -26.97 -78.48 -4.56
N GLY A 982 -28.05 -79.04 -5.08
CA GLY A 982 -29.38 -78.74 -4.59
C GLY A 982 -29.79 -77.26 -4.56
N GLU A 983 -29.43 -76.50 -5.61
CA GLU A 983 -29.80 -75.08 -5.69
C GLU A 983 -31.31 -75.05 -5.82
N SER A 984 -31.84 -76.01 -6.57
CA SER A 984 -33.27 -76.14 -6.78
C SER A 984 -34.10 -76.27 -5.49
N THR A 985 -33.49 -76.62 -4.37
CA THR A 985 -34.24 -76.75 -3.11
C THR A 985 -34.19 -75.50 -2.23
N LYS A 986 -34.01 -74.33 -2.85
CA LYS A 986 -33.95 -73.08 -2.09
C LYS A 986 -34.07 -71.83 -2.94
N ARG A 987 -34.54 -70.74 -2.32
CA ARG A 987 -34.72 -69.46 -3.00
C ARG A 987 -33.48 -68.59 -2.90
N HIS A 988 -32.97 -68.14 -4.05
CA HIS A 988 -31.78 -67.33 -4.11
C HIS A 988 -32.06 -65.87 -4.41
N TRP A 989 -31.17 -65.04 -3.88
CA TRP A 989 -31.20 -63.61 -4.09
C TRP A 989 -29.77 -63.20 -4.48
N ILE A 990 -29.59 -62.77 -5.73
CA ILE A 990 -28.27 -62.34 -6.20
C ILE A 990 -28.26 -60.83 -6.01
N ILE A 991 -27.44 -60.37 -5.07
CA ILE A 991 -27.37 -58.96 -4.71
C ILE A 991 -26.15 -58.14 -5.16
N PHE A 992 -26.42 -56.95 -5.67
CA PHE A 992 -25.36 -56.03 -6.05
C PHE A 992 -25.41 -54.93 -4.99
N ASP A 993 -24.41 -54.88 -4.13
CA ASP A 993 -24.39 -53.85 -3.10
C ASP A 993 -23.42 -52.75 -3.56
N GLY A 994 -23.94 -51.78 -4.29
CA GLY A 994 -23.07 -50.72 -4.78
C GLY A 994 -23.65 -49.77 -5.82
N ASP A 995 -22.75 -48.98 -6.41
CA ASP A 995 -23.11 -47.99 -7.41
C ASP A 995 -23.68 -48.56 -8.70
N VAL A 996 -24.62 -47.82 -9.28
CA VAL A 996 -25.27 -48.22 -10.52
C VAL A 996 -25.09 -47.20 -11.64
N ASP A 997 -24.77 -47.72 -12.83
CA ASP A 997 -24.60 -46.94 -14.05
C ASP A 997 -25.12 -47.82 -15.21
N PRO A 998 -25.58 -47.18 -16.30
CA PRO A 998 -26.11 -47.91 -17.46
C PRO A 998 -25.13 -48.91 -18.07
N GLU A 999 -23.86 -48.55 -18.05
CA GLU A 999 -22.79 -49.41 -18.58
C GLU A 999 -22.79 -50.84 -18.00
N TRP A 1000 -22.74 -50.96 -16.67
CA TRP A 1000 -22.71 -52.29 -16.07
C TRP A 1000 -24.06 -52.96 -15.92
N VAL A 1001 -25.11 -52.29 -16.38
CA VAL A 1001 -26.45 -52.84 -16.28
C VAL A 1001 -27.06 -53.31 -17.62
N GLU A 1002 -26.77 -52.58 -18.71
CA GLU A 1002 -27.31 -52.96 -20.03
C GLU A 1002 -27.03 -54.41 -20.45
N ASN A 1003 -26.28 -55.14 -19.63
CA ASN A 1003 -25.97 -56.55 -19.89
C ASN A 1003 -26.94 -57.38 -19.06
N LEU A 1004 -27.84 -56.69 -18.35
CA LEU A 1004 -28.78 -57.35 -17.47
C LEU A 1004 -30.26 -57.09 -17.82
N ASN A 1005 -30.48 -56.12 -18.71
CA ASN A 1005 -31.82 -55.72 -19.14
C ASN A 1005 -32.80 -56.82 -19.57
N SER A 1006 -32.42 -57.60 -20.59
CA SER A 1006 -33.28 -58.65 -21.11
C SER A 1006 -33.48 -59.81 -20.12
N LEU A 1007 -32.98 -59.62 -18.90
CA LEU A 1007 -33.14 -60.63 -17.86
C LEU A 1007 -34.08 -60.04 -16.82
N LEU A 1008 -34.31 -58.73 -16.95
CA LEU A 1008 -35.18 -57.99 -16.03
C LEU A 1008 -36.40 -57.39 -16.72
N ASP A 1009 -36.52 -57.58 -18.04
CA ASP A 1009 -37.65 -57.03 -18.80
C ASP A 1009 -38.90 -57.93 -18.66
N ASP A 1010 -38.90 -59.06 -19.37
CA ASP A 1010 -40.01 -60.02 -19.34
C ASP A 1010 -39.56 -61.34 -19.97
N ASN A 1011 -38.32 -61.37 -20.48
CA ASN A 1011 -37.79 -62.56 -21.14
C ASN A 1011 -36.89 -63.38 -20.25
N LYS A 1012 -36.66 -62.90 -19.01
CA LYS A 1012 -35.79 -63.58 -18.03
C LYS A 1012 -34.60 -64.35 -18.67
N LEU A 1013 -33.92 -63.70 -19.62
CA LEU A 1013 -32.81 -64.33 -20.35
C LEU A 1013 -31.51 -63.55 -20.51
N LEU A 1014 -30.50 -63.95 -19.74
CA LEU A 1014 -29.17 -63.36 -19.82
C LEU A 1014 -28.59 -63.92 -21.11
N THR A 1015 -28.17 -63.06 -22.03
CA THR A 1015 -27.58 -63.52 -23.28
C THR A 1015 -26.14 -62.98 -23.39
N LEU A 1016 -25.19 -63.83 -23.00
CA LEU A 1016 -23.77 -63.46 -23.01
C LEU A 1016 -23.20 -63.36 -24.44
N PRO A 1017 -21.96 -62.85 -24.59
CA PRO A 1017 -21.40 -62.74 -25.95
C PRO A 1017 -21.15 -64.12 -26.59
N ASN A 1018 -20.79 -65.12 -25.78
CA ASN A 1018 -20.53 -66.45 -26.31
C ASN A 1018 -21.84 -66.99 -26.86
N GLY A 1019 -22.88 -66.18 -26.72
CA GLY A 1019 -24.22 -66.54 -27.20
C GLY A 1019 -24.96 -67.64 -26.43
N GLU A 1020 -24.37 -68.14 -25.34
CA GLU A 1020 -24.95 -69.21 -24.54
C GLU A 1020 -26.33 -68.87 -23.92
N ARG A 1021 -26.57 -67.59 -23.62
CA ARG A 1021 -27.86 -67.18 -23.04
C ARG A 1021 -28.39 -68.05 -21.89
N LEU A 1022 -28.13 -67.68 -20.63
CA LEU A 1022 -28.60 -68.48 -19.47
C LEU A 1022 -30.01 -68.04 -18.99
N ALA A 1023 -30.82 -69.02 -18.58
CA ALA A 1023 -32.19 -68.74 -18.15
C ALA A 1023 -32.36 -68.46 -16.67
N LEU A 1024 -33.22 -67.49 -16.36
CA LEU A 1024 -33.48 -67.10 -14.98
C LEU A 1024 -34.57 -67.97 -14.34
N PRO A 1025 -34.19 -68.91 -13.48
CA PRO A 1025 -35.16 -69.80 -12.82
C PRO A 1025 -36.20 -68.98 -12.03
N ASN A 1026 -37.34 -69.59 -11.74
CA ASN A 1026 -38.37 -68.91 -10.96
C ASN A 1026 -37.82 -68.69 -9.54
N ASN A 1027 -36.98 -69.61 -9.07
CA ASN A 1027 -36.40 -69.53 -7.73
C ASN A 1027 -35.23 -68.55 -7.50
N VAL A 1028 -35.14 -67.52 -8.34
CA VAL A 1028 -34.07 -66.52 -8.23
C VAL A 1028 -34.60 -65.08 -8.27
N ARG A 1029 -33.94 -64.17 -7.57
CA ARG A 1029 -34.33 -62.75 -7.52
C ARG A 1029 -33.09 -61.86 -7.56
N VAL A 1030 -33.08 -60.87 -8.45
CA VAL A 1030 -31.94 -59.96 -8.57
C VAL A 1030 -32.20 -58.58 -7.98
N MET A 1031 -31.49 -58.24 -6.91
CA MET A 1031 -31.64 -56.96 -6.26
C MET A 1031 -30.42 -56.04 -6.36
N PHE A 1032 -30.59 -54.84 -5.82
CA PHE A 1032 -29.58 -53.79 -5.78
C PHE A 1032 -29.78 -53.06 -4.45
N GLU A 1033 -28.69 -52.64 -3.82
CA GLU A 1033 -28.75 -51.85 -2.60
C GLU A 1033 -27.91 -50.65 -2.99
N VAL A 1034 -28.55 -49.52 -3.26
CA VAL A 1034 -27.81 -48.32 -3.66
C VAL A 1034 -28.18 -47.09 -2.84
N GLN A 1035 -27.27 -46.13 -2.81
CA GLN A 1035 -27.48 -44.89 -2.08
C GLN A 1035 -28.13 -43.81 -2.94
N ASP A 1036 -27.70 -43.73 -4.19
CA ASP A 1036 -28.18 -42.71 -5.13
C ASP A 1036 -28.38 -43.33 -6.51
N LEU A 1037 -29.08 -42.59 -7.38
CA LEU A 1037 -29.32 -43.03 -8.75
C LEU A 1037 -28.79 -42.04 -9.79
N LYS A 1038 -28.03 -41.05 -9.32
CA LYS A 1038 -27.47 -40.00 -10.17
C LYS A 1038 -26.97 -40.40 -11.56
N TYR A 1039 -26.69 -41.67 -11.77
CA TYR A 1039 -26.18 -42.09 -13.07
C TYR A 1039 -27.01 -43.18 -13.75
N ALA A 1040 -28.19 -43.46 -13.20
CA ALA A 1040 -29.11 -44.44 -13.77
C ALA A 1040 -30.12 -43.73 -14.71
N THR A 1041 -30.49 -44.40 -15.79
CA THR A 1041 -31.43 -43.85 -16.77
C THR A 1041 -32.81 -44.48 -16.68
N LEU A 1042 -33.82 -43.73 -17.14
CA LEU A 1042 -35.18 -44.22 -17.12
C LEU A 1042 -35.23 -45.63 -17.67
N ALA A 1043 -34.38 -45.89 -18.66
CA ALA A 1043 -34.28 -47.20 -19.32
C ALA A 1043 -33.70 -48.25 -18.37
N THR A 1044 -32.83 -47.83 -17.45
CA THR A 1044 -32.20 -48.75 -16.49
C THR A 1044 -33.05 -48.91 -15.21
N ILE A 1045 -33.96 -47.96 -14.94
CA ILE A 1045 -34.85 -48.05 -13.77
C ILE A 1045 -36.20 -48.70 -14.13
N SER A 1046 -36.85 -48.16 -15.16
CA SER A 1046 -38.15 -48.68 -15.62
C SER A 1046 -38.40 -50.19 -15.36
N ARG A 1047 -37.55 -51.05 -15.93
CA ARG A 1047 -37.76 -52.48 -15.76
C ARG A 1047 -37.28 -53.06 -14.43
N CYS A 1048 -37.57 -52.35 -13.34
CA CYS A 1048 -37.19 -52.77 -11.96
C CYS A 1048 -38.16 -52.29 -10.86
N GLY A 1049 -38.52 -53.18 -9.95
CA GLY A 1049 -39.36 -52.78 -8.83
C GLY A 1049 -38.48 -51.93 -7.93
N MET A 1050 -39.03 -50.99 -7.16
CA MET A 1050 -38.18 -50.16 -6.30
C MET A 1050 -38.76 -49.69 -4.97
N VAL A 1051 -38.02 -49.97 -3.90
CA VAL A 1051 -38.42 -49.60 -2.55
C VAL A 1051 -37.44 -48.54 -2.06
N TRP A 1052 -37.97 -47.43 -1.56
CA TRP A 1052 -37.12 -46.36 -1.07
C TRP A 1052 -36.98 -46.28 0.45
N PHE A 1053 -35.76 -46.38 0.94
CA PHE A 1053 -35.53 -46.28 2.36
C PHE A 1053 -34.93 -44.92 2.71
N SER A 1054 -35.77 -44.05 3.28
CA SER A 1054 -35.35 -42.71 3.67
C SER A 1054 -34.71 -42.76 5.06
N GLU A 1055 -33.56 -42.10 5.21
CA GLU A 1055 -32.83 -42.09 6.47
C GLU A 1055 -33.77 -41.97 7.66
N GLU A 1056 -34.82 -41.16 7.50
CA GLU A 1056 -35.83 -40.93 8.54
C GLU A 1056 -36.48 -42.21 9.07
N ILE A 1057 -36.41 -43.30 8.32
CA ILE A 1057 -36.98 -44.57 8.78
C ILE A 1057 -36.31 -44.89 10.12
N LEU A 1058 -35.02 -45.22 10.02
CA LEU A 1058 -34.17 -45.56 11.14
C LEU A 1058 -33.93 -44.37 12.08
N THR A 1059 -34.65 -44.33 13.19
CA THR A 1059 -34.53 -43.23 14.15
C THR A 1059 -33.20 -43.27 14.88
N THR A 1060 -32.68 -42.09 15.20
CA THR A 1060 -31.42 -41.99 15.92
C THR A 1060 -31.54 -42.85 17.17
N GLN A 1061 -32.76 -42.89 17.71
CA GLN A 1061 -33.08 -43.66 18.91
C GLN A 1061 -33.00 -45.16 18.69
N MET A 1062 -33.53 -45.62 17.56
CA MET A 1062 -33.51 -47.05 17.24
C MET A 1062 -32.04 -47.49 17.12
N ILE A 1063 -31.17 -46.53 16.83
CA ILE A 1063 -29.76 -46.79 16.67
C ILE A 1063 -29.11 -46.86 18.04
N PHE A 1064 -29.45 -45.92 18.92
CA PHE A 1064 -28.90 -45.93 20.26
C PHE A 1064 -29.33 -47.23 20.90
N GLN A 1065 -30.63 -47.52 20.79
CA GLN A 1065 -31.15 -48.74 21.39
C GLN A 1065 -30.47 -50.00 20.88
N ASN A 1066 -30.24 -50.06 19.59
CA ASN A 1066 -29.60 -51.24 19.01
C ASN A 1066 -28.19 -51.32 19.57
N TYR A 1067 -27.61 -50.16 19.83
CA TYR A 1067 -26.27 -50.10 20.36
C TYR A 1067 -26.20 -50.69 21.77
N LEU A 1068 -26.98 -50.10 22.68
CA LEU A 1068 -27.02 -50.51 24.08
C LEU A 1068 -27.34 -51.98 24.27
N ASP A 1069 -28.02 -52.59 23.28
CA ASP A 1069 -28.37 -54.01 23.37
C ASP A 1069 -27.26 -54.92 22.87
N THR A 1070 -26.44 -54.42 21.96
CA THR A 1070 -25.36 -55.23 21.45
C THR A 1070 -24.19 -55.23 22.43
N LEU A 1071 -24.00 -54.09 23.09
CA LEU A 1071 -22.93 -53.89 24.08
C LEU A 1071 -23.15 -54.77 25.31
N SER A 1072 -24.42 -54.92 25.69
CA SER A 1072 -24.78 -55.71 26.87
C SER A 1072 -25.13 -57.17 26.55
N ASN A 1073 -25.04 -57.55 25.29
CA ASN A 1073 -25.34 -58.92 24.88
C ASN A 1073 -24.28 -59.54 23.99
N GLU A 1074 -23.39 -58.70 23.50
CA GLU A 1074 -22.31 -59.16 22.64
C GLU A 1074 -20.94 -58.80 23.19
N PRO A 1075 -20.14 -59.81 23.55
CA PRO A 1075 -18.79 -59.59 24.09
C PRO A 1075 -17.75 -59.08 23.07
N PHE A 1076 -16.91 -58.13 23.50
CA PHE A 1076 -15.87 -57.57 22.64
C PHE A 1076 -14.92 -58.68 22.21
N ASP A 1077 -14.60 -59.58 23.15
CA ASP A 1077 -13.69 -60.69 22.94
C ASP A 1077 -14.19 -61.83 22.05
N PRO A 1078 -13.52 -62.05 20.90
CA PRO A 1078 -13.96 -63.13 20.01
C PRO A 1078 -13.83 -64.43 20.77
N GLN A 1079 -12.92 -64.45 21.75
CA GLN A 1079 -12.73 -65.64 22.58
C GLN A 1079 -13.92 -65.84 23.52
N GLU A 1080 -14.52 -64.75 24.00
CA GLU A 1080 -15.68 -64.88 24.89
C GLU A 1080 -16.92 -65.37 24.16
N LYS A 1081 -17.23 -64.81 22.99
CA LYS A 1081 -18.41 -65.28 22.27
C LYS A 1081 -18.21 -66.77 22.02
N GLU A 1082 -16.96 -67.17 21.77
CA GLU A 1082 -16.63 -68.58 21.54
C GLU A 1082 -16.87 -69.36 22.85
N GLN A 1083 -16.41 -68.78 23.97
CA GLN A 1083 -16.57 -69.38 25.31
C GLN A 1083 -18.01 -69.27 25.86
N GLN A 1084 -18.88 -68.58 25.12
CA GLN A 1084 -20.28 -68.37 25.49
C GLN A 1084 -21.16 -69.29 24.65
N LYS A 1085 -20.74 -69.52 23.40
CA LYS A 1085 -21.45 -70.40 22.45
C LYS A 1085 -21.29 -71.89 22.81
N ARG A 1086 -20.05 -72.33 23.09
CA ARG A 1086 -19.81 -73.73 23.47
C ARG A 1086 -20.67 -74.02 24.72
N ASN A 1087 -20.62 -73.10 25.68
CA ASN A 1087 -21.38 -73.21 26.94
C ASN A 1087 -22.88 -73.45 26.65
N GLU A 1088 -23.45 -72.65 25.76
CA GLU A 1088 -24.85 -72.78 25.37
C GLU A 1088 -25.11 -74.19 24.81
N ASN A 1089 -24.18 -74.66 23.99
CA ASN A 1089 -24.29 -75.97 23.34
C ASN A 1089 -23.75 -77.14 24.18
N ALA A 1090 -23.61 -76.94 25.49
CA ALA A 1090 -23.10 -77.99 26.36
C ALA A 1090 -24.05 -78.32 27.53
N ILE A 1125 -21.96 -65.55 30.69
CA ILE A 1125 -21.42 -64.20 30.88
C ILE A 1125 -19.95 -64.18 31.25
N PRO A 1126 -19.04 -64.10 30.26
CA PRO A 1126 -17.65 -64.07 30.73
C PRO A 1126 -17.45 -62.74 31.47
N ALA A 1127 -16.32 -62.61 32.16
CA ALA A 1127 -16.03 -61.39 32.91
C ALA A 1127 -16.02 -60.17 31.99
N GLY A 1128 -15.61 -60.33 30.74
CA GLY A 1128 -15.59 -59.19 29.84
C GLY A 1128 -16.95 -58.55 29.72
N LEU A 1129 -17.89 -59.35 29.22
CA LEU A 1129 -19.26 -58.91 29.01
C LEU A 1129 -19.90 -58.33 30.27
N LYS A 1130 -19.67 -58.95 31.41
CA LYS A 1130 -20.24 -58.47 32.67
C LYS A 1130 -19.93 -56.98 32.87
N VAL A 1131 -18.75 -56.57 32.44
CA VAL A 1131 -18.30 -55.18 32.55
C VAL A 1131 -19.03 -54.33 31.48
N GLN A 1132 -19.31 -54.95 30.34
CA GLN A 1132 -20.00 -54.29 29.26
C GLN A 1132 -21.44 -54.00 29.68
N LYS A 1133 -22.03 -55.00 30.33
CA LYS A 1133 -23.42 -54.93 30.81
C LYS A 1133 -23.56 -53.85 31.85
N GLU A 1134 -22.59 -53.79 32.76
CA GLU A 1134 -22.63 -52.79 33.81
C GLU A 1134 -22.53 -51.38 33.24
N CYS A 1135 -21.78 -51.21 32.16
CA CYS A 1135 -21.65 -49.89 31.58
C CYS A 1135 -22.90 -49.55 30.77
N ALA A 1136 -23.49 -50.60 30.19
CA ALA A 1136 -24.71 -50.43 29.41
C ALA A 1136 -25.63 -49.60 30.28
N ALA A 1137 -25.70 -50.04 31.54
CA ALA A 1137 -26.51 -49.45 32.59
C ALA A 1137 -26.10 -48.04 33.06
N ILE A 1138 -24.79 -47.80 33.15
CA ILE A 1138 -24.34 -46.49 33.60
C ILE A 1138 -24.63 -45.35 32.61
N ILE A 1139 -24.54 -45.66 31.32
CA ILE A 1139 -24.75 -44.68 30.23
C ILE A 1139 -26.12 -44.68 29.56
N SER A 1140 -26.85 -45.76 29.75
CA SER A 1140 -28.17 -45.96 29.17
C SER A 1140 -29.06 -44.71 29.18
N GLN A 1141 -28.99 -43.93 30.26
CA GLN A 1141 -29.83 -42.73 30.41
C GLN A 1141 -29.53 -41.52 29.49
N TYR A 1142 -28.27 -41.35 29.08
CA TYR A 1142 -27.89 -40.23 28.21
C TYR A 1142 -28.36 -40.45 26.77
N PHE A 1143 -28.81 -41.67 26.50
CA PHE A 1143 -29.30 -42.07 25.19
C PHE A 1143 -30.79 -41.88 25.04
N GLU A 1144 -31.52 -42.04 26.13
CA GLU A 1144 -32.97 -41.91 26.08
C GLU A 1144 -33.38 -40.55 25.54
N PRO A 1145 -34.61 -40.46 25.00
CA PRO A 1145 -35.24 -39.26 24.40
C PRO A 1145 -34.95 -37.93 25.08
N GLY A 1146 -34.67 -36.93 24.25
CA GLY A 1146 -34.36 -35.59 24.74
C GLY A 1146 -33.09 -35.63 25.58
N GLY A 1147 -32.36 -36.74 25.48
CA GLY A 1147 -31.13 -36.95 26.23
C GLY A 1147 -29.90 -36.20 25.76
N LEU A 1148 -28.81 -36.42 26.50
CA LEU A 1148 -27.52 -35.78 26.24
C LEU A 1148 -26.97 -36.12 24.86
N VAL A 1149 -26.67 -37.40 24.63
CA VAL A 1149 -26.12 -37.83 23.35
C VAL A 1149 -26.92 -37.17 22.22
N HIS A 1150 -28.24 -37.30 22.32
CA HIS A 1150 -29.20 -36.73 21.36
C HIS A 1150 -28.94 -35.22 21.17
N LYS A 1151 -29.02 -34.49 22.28
CA LYS A 1151 -28.83 -33.04 22.26
C LYS A 1151 -27.45 -32.71 21.69
N VAL A 1152 -26.44 -33.51 22.05
CA VAL A 1152 -25.04 -33.36 21.58
C VAL A 1152 -24.94 -33.61 20.07
N LEU A 1153 -25.54 -34.71 19.62
CA LEU A 1153 -25.51 -35.04 18.20
C LEU A 1153 -26.14 -33.90 17.39
N GLU A 1154 -27.35 -33.49 17.76
CA GLU A 1154 -28.08 -32.43 17.05
C GLU A 1154 -27.21 -31.18 16.83
N ASP A 1155 -26.45 -30.80 17.85
CA ASP A 1155 -25.56 -29.65 17.80
C ASP A 1155 -24.45 -29.90 16.77
N ALA A 1156 -23.70 -30.99 16.97
CA ALA A 1156 -22.61 -31.37 16.09
C ALA A 1156 -22.98 -31.21 14.61
N GLY A 1157 -24.07 -31.86 14.21
CA GLY A 1157 -24.55 -31.81 12.83
C GLY A 1157 -24.84 -30.42 12.25
N GLN A 1158 -25.10 -29.45 13.12
CA GLN A 1158 -25.38 -28.09 12.68
C GLN A 1158 -24.11 -27.25 12.72
N ARG A 1159 -22.97 -27.92 12.84
CA ARG A 1159 -21.66 -27.26 12.83
C ARG A 1159 -20.98 -27.72 11.56
N PRO A 1160 -19.86 -27.09 11.19
CA PRO A 1160 -19.15 -27.49 9.97
C PRO A 1160 -17.97 -28.44 10.22
N HIS A 1161 -17.78 -29.40 9.33
CA HIS A 1161 -16.70 -30.38 9.44
C HIS A 1161 -15.88 -30.42 8.14
N ILE A 1162 -14.61 -30.87 8.21
CA ILE A 1162 -13.79 -30.90 7.00
C ILE A 1162 -14.39 -31.81 5.96
N MET A 1163 -15.03 -32.89 6.39
CA MET A 1163 -15.68 -33.79 5.47
C MET A 1163 -17.16 -33.82 5.88
N ASP A 1164 -18.04 -34.18 4.96
CA ASP A 1164 -19.48 -34.22 5.23
C ASP A 1164 -19.89 -34.98 6.48
N PHE A 1165 -20.82 -34.37 7.21
CA PHE A 1165 -21.35 -34.93 8.43
C PHE A 1165 -22.45 -35.95 8.14
N THR A 1166 -22.26 -37.19 8.58
CA THR A 1166 -23.25 -38.25 8.38
C THR A 1166 -23.44 -38.93 9.74
N ARG A 1167 -24.70 -39.11 10.12
CA ARG A 1167 -25.07 -39.72 11.39
C ARG A 1167 -24.19 -40.90 11.80
N LEU A 1168 -24.02 -41.87 10.90
CA LEU A 1168 -23.23 -43.05 11.20
C LEU A 1168 -21.73 -42.85 11.42
N ARG A 1169 -21.07 -42.03 10.61
CA ARG A 1169 -19.64 -41.83 10.81
C ARG A 1169 -19.36 -41.39 12.25
N VAL A 1170 -19.96 -40.27 12.66
CA VAL A 1170 -19.80 -39.71 13.99
C VAL A 1170 -20.25 -40.63 15.14
N LEU A 1171 -21.36 -41.35 14.95
CA LEU A 1171 -21.84 -42.25 15.99
C LEU A 1171 -20.92 -43.47 16.13
N ASN A 1172 -20.30 -43.89 15.03
CA ASN A 1172 -19.40 -45.02 15.10
C ASN A 1172 -18.13 -44.49 15.73
N SER A 1173 -17.78 -43.25 15.39
CA SER A 1173 -16.60 -42.61 15.94
C SER A 1173 -16.85 -42.42 17.43
N PHE A 1174 -18.13 -42.20 17.77
CA PHE A 1174 -18.53 -42.03 19.16
C PHE A 1174 -18.63 -43.40 19.83
N PHE A 1175 -19.32 -44.35 19.20
CA PHE A 1175 -19.43 -45.67 19.80
C PHE A 1175 -18.05 -46.25 20.02
N SER A 1176 -17.22 -46.30 18.99
CA SER A 1176 -15.87 -46.86 19.12
C SER A 1176 -15.04 -46.29 20.29
N LEU A 1177 -15.24 -45.00 20.59
CA LEU A 1177 -14.55 -44.36 21.70
C LEU A 1177 -15.12 -44.91 22.99
N MET A 1178 -16.45 -45.02 23.07
CA MET A 1178 -17.14 -45.53 24.27
C MET A 1178 -16.72 -46.94 24.66
N ASN A 1179 -16.34 -47.76 23.69
CA ASN A 1179 -15.94 -49.14 23.97
C ASN A 1179 -14.56 -49.19 24.64
N ARG A 1180 -13.67 -48.32 24.17
CA ARG A 1180 -12.32 -48.22 24.69
C ARG A 1180 -12.45 -47.97 26.19
N SER A 1181 -13.32 -47.02 26.55
CA SER A 1181 -13.56 -46.69 27.95
C SER A 1181 -13.87 -47.97 28.72
N ILE A 1182 -14.89 -48.70 28.26
CA ILE A 1182 -15.31 -49.95 28.88
C ILE A 1182 -14.20 -51.00 28.92
N VAL A 1183 -13.43 -51.07 27.83
CA VAL A 1183 -12.30 -52.01 27.72
C VAL A 1183 -11.17 -51.59 28.67
N ASN A 1184 -10.90 -50.29 28.74
CA ASN A 1184 -9.84 -49.82 29.62
C ASN A 1184 -10.13 -50.24 31.05
N VAL A 1185 -11.41 -50.36 31.39
CA VAL A 1185 -11.80 -50.78 32.73
C VAL A 1185 -11.60 -52.30 32.79
N ILE A 1186 -12.12 -53.03 31.79
CA ILE A 1186 -11.98 -54.48 31.74
C ILE A 1186 -10.52 -54.84 32.02
N GLU A 1187 -9.63 -54.29 31.20
CA GLU A 1187 -8.20 -54.52 31.30
C GLU A 1187 -7.64 -53.93 32.59
N TYR A 1188 -8.22 -52.84 33.04
CA TYR A 1188 -7.77 -52.22 34.28
C TYR A 1188 -7.95 -53.24 35.37
N ASN A 1189 -9.17 -53.77 35.47
CA ASN A 1189 -9.44 -54.78 36.49
C ASN A 1189 -8.45 -55.93 36.31
N GLN A 1190 -8.25 -56.41 35.09
CA GLN A 1190 -7.29 -57.50 34.86
C GLN A 1190 -5.95 -57.12 35.47
N LEU A 1191 -5.68 -55.81 35.50
CA LEU A 1191 -4.43 -55.33 36.07
C LEU A 1191 -4.49 -55.44 37.58
N HIS A 1192 -5.24 -54.52 38.20
CA HIS A 1192 -5.40 -54.52 39.64
C HIS A 1192 -6.53 -55.51 40.01
N SER A 1193 -6.40 -56.75 39.53
CA SER A 1193 -7.38 -57.83 39.77
C SER A 1193 -7.50 -58.14 41.28
N ASP A 1194 -6.51 -57.68 42.05
CA ASP A 1194 -6.48 -57.86 43.50
C ASP A 1194 -7.48 -56.86 44.08
N PHE A 1195 -7.71 -55.80 43.31
CA PHE A 1195 -8.62 -54.73 43.68
C PHE A 1195 -9.31 -54.17 42.44
N PRO A 1196 -10.39 -54.85 41.95
CA PRO A 1196 -11.09 -54.33 40.77
C PRO A 1196 -11.63 -52.93 41.00
N MET A 1197 -12.02 -52.27 39.91
CA MET A 1197 -12.57 -50.93 40.00
C MET A 1197 -13.90 -51.02 40.78
N SER A 1198 -14.06 -50.12 41.75
CA SER A 1198 -15.27 -50.04 42.57
C SER A 1198 -16.40 -49.38 41.74
N PRO A 1199 -17.67 -49.63 42.10
CA PRO A 1199 -18.78 -49.03 41.34
C PRO A 1199 -18.82 -47.49 41.41
N GLU A 1200 -18.40 -46.91 42.54
CA GLU A 1200 -18.40 -45.44 42.69
C GLU A 1200 -17.44 -44.81 41.66
N ASN A 1201 -16.36 -45.54 41.36
CA ASN A 1201 -15.36 -45.09 40.38
C ASN A 1201 -15.75 -45.46 38.96
N GLN A 1202 -16.11 -46.72 38.73
CA GLN A 1202 -16.50 -47.12 37.39
C GLN A 1202 -17.63 -46.23 36.86
N SER A 1203 -18.52 -45.79 37.75
CA SER A 1203 -19.63 -44.93 37.35
C SER A 1203 -19.09 -43.54 37.04
N ASN A 1204 -18.27 -43.02 37.94
CA ASN A 1204 -17.68 -41.70 37.75
C ASN A 1204 -16.85 -41.65 36.44
N TYR A 1205 -15.97 -42.64 36.25
CA TYR A 1205 -15.10 -42.76 35.08
C TYR A 1205 -15.83 -42.99 33.77
N ILE A 1206 -16.50 -44.13 33.66
CA ILE A 1206 -17.25 -44.49 32.45
C ILE A 1206 -18.29 -43.45 32.08
N THR A 1207 -18.66 -42.60 33.02
CA THR A 1207 -19.65 -41.55 32.77
C THR A 1207 -18.95 -40.32 32.20
N ASN A 1208 -17.67 -40.18 32.52
CA ASN A 1208 -16.86 -39.06 32.03
C ASN A 1208 -16.27 -39.44 30.68
N ARG A 1209 -15.92 -40.72 30.53
CA ARG A 1209 -15.35 -41.20 29.28
C ARG A 1209 -16.45 -41.07 28.21
N LEU A 1210 -17.70 -40.96 28.65
CA LEU A 1210 -18.82 -40.78 27.73
C LEU A 1210 -18.84 -39.34 27.23
N LEU A 1211 -18.60 -38.38 28.12
CA LEU A 1211 -18.56 -36.98 27.70
C LEU A 1211 -17.35 -36.88 26.76
N TYR A 1212 -16.33 -37.66 27.09
CA TYR A 1212 -15.09 -37.71 26.31
C TYR A 1212 -15.32 -38.26 24.88
N SER A 1213 -15.93 -39.44 24.79
CA SER A 1213 -16.21 -40.08 23.50
C SER A 1213 -17.06 -39.22 22.57
N LEU A 1214 -17.78 -38.26 23.12
CA LEU A 1214 -18.64 -37.41 22.30
C LEU A 1214 -17.87 -36.24 21.65
N MET A 1215 -16.93 -35.65 22.39
CA MET A 1215 -16.14 -34.53 21.87
C MET A 1215 -15.39 -34.92 20.58
N TRP A 1216 -14.61 -36.00 20.67
CA TRP A 1216 -13.79 -36.46 19.55
C TRP A 1216 -14.53 -37.29 18.49
N GLY A 1217 -15.35 -38.22 18.96
CA GLY A 1217 -16.12 -39.06 18.06
C GLY A 1217 -17.04 -38.25 17.19
N LEU A 1218 -17.51 -37.11 17.70
CA LEU A 1218 -18.40 -36.24 16.95
C LEU A 1218 -17.69 -34.96 16.50
N GLY A 1219 -16.60 -34.62 17.19
CA GLY A 1219 -15.87 -33.40 16.88
C GLY A 1219 -14.48 -33.50 16.27
N GLY A 1220 -13.98 -34.71 16.06
CA GLY A 1220 -12.65 -34.86 15.47
C GLY A 1220 -12.62 -34.32 14.05
N SER A 1221 -13.76 -34.40 13.36
CA SER A 1221 -13.95 -33.96 11.97
C SER A 1221 -14.19 -32.44 11.83
N MET A 1222 -14.05 -31.73 12.95
CA MET A 1222 -14.24 -30.27 13.02
C MET A 1222 -12.86 -29.62 13.06
N GLY A 1223 -12.83 -28.30 12.91
CA GLY A 1223 -11.58 -27.57 12.99
C GLY A 1223 -11.30 -27.23 14.45
N LEU A 1224 -10.04 -26.94 14.76
CA LEU A 1224 -9.59 -26.61 16.10
C LEU A 1224 -10.52 -25.74 16.93
N VAL A 1225 -10.85 -24.56 16.40
CA VAL A 1225 -11.73 -23.61 17.10
C VAL A 1225 -13.13 -24.20 17.23
N GLU A 1226 -13.61 -24.73 16.10
CA GLU A 1226 -14.92 -25.35 16.02
C GLU A 1226 -15.04 -26.45 17.07
N ARG A 1227 -14.07 -27.35 17.11
CA ARG A 1227 -14.08 -28.46 18.08
C ARG A 1227 -14.17 -27.99 19.52
N GLU A 1228 -13.36 -26.99 19.88
CA GLU A 1228 -13.33 -26.46 21.25
C GLU A 1228 -14.65 -25.87 21.75
N ASN A 1229 -15.41 -25.24 20.86
CA ASN A 1229 -16.70 -24.67 21.25
C ASN A 1229 -17.74 -25.77 21.39
N PHE A 1230 -17.66 -26.78 20.53
CA PHE A 1230 -18.56 -27.91 20.60
C PHE A 1230 -18.24 -28.60 21.91
N SER A 1231 -16.97 -28.56 22.30
CA SER A 1231 -16.50 -29.19 23.55
C SER A 1231 -17.09 -28.42 24.73
N LYS A 1232 -17.19 -27.10 24.59
CA LYS A 1232 -17.74 -26.22 25.61
C LYS A 1232 -19.26 -26.34 25.65
N PHE A 1233 -19.85 -26.85 24.57
CA PHE A 1233 -21.30 -27.04 24.51
C PHE A 1233 -21.66 -28.27 25.38
N ILE A 1234 -20.81 -29.29 25.33
CA ILE A 1234 -20.99 -30.51 26.11
C ILE A 1234 -20.59 -30.16 27.55
N GLN A 1235 -19.71 -29.17 27.65
CA GLN A 1235 -19.19 -28.71 28.93
C GLN A 1235 -20.22 -27.98 29.81
N THR A 1236 -21.19 -27.33 29.18
CA THR A 1236 -22.20 -26.60 29.95
C THR A 1236 -23.59 -27.21 29.86
N ILE A 1237 -23.66 -28.50 29.50
CA ILE A 1237 -24.94 -29.23 29.34
C ILE A 1237 -25.02 -30.46 30.27
N ALA A 1238 -23.87 -31.03 30.64
CA ALA A 1238 -23.86 -32.20 31.54
C ALA A 1238 -24.34 -31.76 32.92
N ILE A 1239 -24.82 -32.71 33.71
CA ILE A 1239 -25.30 -32.37 35.05
C ILE A 1239 -24.34 -33.01 36.04
N THR A 1240 -23.46 -33.86 35.51
CA THR A 1240 -22.45 -34.52 36.33
C THR A 1240 -21.35 -33.46 36.54
N PRO A 1241 -20.41 -33.70 37.46
CA PRO A 1241 -19.36 -32.70 37.66
C PRO A 1241 -18.42 -32.55 36.43
N VAL A 1242 -18.24 -31.30 35.98
CA VAL A 1242 -17.40 -31.00 34.82
C VAL A 1242 -16.66 -29.66 34.93
N PRO A 1243 -15.36 -29.64 34.56
CA PRO A 1243 -14.44 -28.50 34.58
C PRO A 1243 -15.05 -27.13 34.23
N ALA A 1244 -14.55 -26.09 34.88
CA ALA A 1244 -15.04 -24.74 34.63
C ALA A 1244 -14.69 -24.34 33.21
N ASN A 1245 -15.66 -23.71 32.54
CA ASN A 1245 -15.50 -23.27 31.16
C ASN A 1245 -14.32 -22.30 31.09
N THR A 1246 -13.58 -22.22 32.19
CA THR A 1246 -12.39 -21.40 32.24
C THR A 1246 -11.56 -21.96 31.08
N ILE A 1247 -11.40 -23.28 31.11
CA ILE A 1247 -10.67 -24.05 30.09
C ILE A 1247 -11.71 -24.99 29.44
N PRO A 1248 -11.68 -25.13 28.10
CA PRO A 1248 -12.61 -25.99 27.33
C PRO A 1248 -12.45 -27.48 27.67
N LEU A 1249 -13.54 -28.27 27.54
CA LEU A 1249 -13.49 -29.71 27.86
C LEU A 1249 -12.44 -30.45 27.03
N LEU A 1250 -12.28 -30.06 25.77
CA LEU A 1250 -11.29 -30.68 24.88
C LEU A 1250 -9.97 -30.89 25.63
N ASP A 1251 -9.59 -29.90 26.42
CA ASP A 1251 -8.33 -29.90 27.18
C ASP A 1251 -8.16 -30.91 28.32
N TYR A 1252 -9.24 -31.58 28.72
CA TYR A 1252 -9.14 -32.55 29.78
C TYR A 1252 -9.31 -33.95 29.27
N SER A 1253 -8.89 -34.90 30.09
CA SER A 1253 -8.98 -36.32 29.79
C SER A 1253 -9.41 -37.00 31.09
N VAL A 1254 -9.38 -38.33 31.14
CA VAL A 1254 -9.78 -39.04 32.34
C VAL A 1254 -8.89 -40.22 32.68
N SER A 1255 -8.10 -40.06 33.75
CA SER A 1255 -7.17 -41.09 34.23
C SER A 1255 -7.93 -42.22 34.89
N ILE A 1256 -7.79 -43.40 34.31
CA ILE A 1256 -8.46 -44.59 34.78
C ILE A 1256 -8.44 -44.83 36.29
N ASP A 1257 -7.33 -44.44 36.93
CA ASP A 1257 -7.14 -44.64 38.38
C ASP A 1257 -8.03 -43.82 39.33
N ASP A 1258 -8.03 -42.49 39.20
CA ASP A 1258 -8.84 -41.63 40.07
C ASP A 1258 -10.19 -41.34 39.43
N ALA A 1259 -10.30 -41.69 38.14
CA ALA A 1259 -11.52 -41.50 37.33
C ALA A 1259 -12.05 -40.06 37.21
N ASN A 1260 -11.25 -39.07 37.61
CA ASN A 1260 -11.68 -37.68 37.53
C ASN A 1260 -11.06 -36.96 36.33
N TRP A 1261 -11.46 -35.71 36.13
CA TRP A 1261 -10.93 -34.93 35.02
C TRP A 1261 -9.58 -34.35 35.39
N SER A 1262 -8.77 -34.09 34.36
CA SER A 1262 -7.44 -33.52 34.53
C SER A 1262 -7.00 -33.00 33.17
N LEU A 1263 -6.31 -31.87 33.19
CA LEU A 1263 -5.80 -31.24 31.98
C LEU A 1263 -4.74 -32.08 31.23
N TRP A 1264 -4.93 -32.15 29.90
CA TRP A 1264 -4.04 -32.90 29.03
C TRP A 1264 -2.63 -32.34 29.09
N LYS A 1265 -2.42 -31.25 29.82
CA LYS A 1265 -1.07 -30.68 29.93
C LYS A 1265 -0.31 -31.36 31.07
N ASN A 1266 -0.69 -32.60 31.40
CA ASN A 1266 -0.01 -33.37 32.43
C ASN A 1266 0.66 -34.59 31.77
N LYS A 1267 1.52 -34.29 30.78
CA LYS A 1267 2.32 -35.25 30.00
C LYS A 1267 3.12 -34.56 28.86
N VAL A 1271 11.36 -33.98 27.72
CA VAL A 1271 12.26 -33.40 26.71
C VAL A 1271 13.61 -34.13 26.67
N GLU A 1272 13.56 -35.45 26.90
CA GLU A 1272 14.76 -36.27 26.88
C GLU A 1272 15.17 -36.44 25.43
N VAL A 1273 15.95 -35.49 24.91
CA VAL A 1273 16.39 -35.55 23.53
C VAL A 1273 17.90 -35.45 23.35
N GLU A 1274 18.42 -36.39 22.58
CA GLU A 1274 19.83 -36.47 22.28
C GLU A 1274 20.19 -35.76 20.97
N THR A 1275 21.37 -35.11 20.98
CA THR A 1275 21.87 -34.35 19.85
C THR A 1275 21.85 -34.99 18.46
N HIS A 1276 22.54 -36.10 18.29
CA HIS A 1276 22.55 -36.73 16.96
C HIS A 1276 21.10 -37.12 16.55
N LYS A 1277 20.24 -37.40 17.51
CA LYS A 1277 18.88 -37.77 17.19
C LYS A 1277 18.01 -36.55 17.21
N VAL A 1278 18.58 -35.43 16.76
CA VAL A 1278 17.87 -34.16 16.72
C VAL A 1278 16.61 -34.31 15.85
N ALA A 1279 16.38 -33.48 14.85
CA ALA A 1279 15.15 -33.62 14.08
C ALA A 1279 15.01 -34.97 13.38
N SER A 1280 14.71 -36.02 14.14
CA SER A 1280 14.59 -37.36 13.60
C SER A 1280 13.11 -37.77 13.53
N PRO A 1281 12.60 -38.06 12.31
CA PRO A 1281 11.20 -38.47 12.07
C PRO A 1281 10.57 -39.46 13.08
N ASP A 1282 11.40 -40.03 13.97
CA ASP A 1282 10.92 -40.97 14.96
C ASP A 1282 10.85 -40.33 16.36
N VAL A 1283 11.42 -39.15 16.49
CA VAL A 1283 11.36 -38.44 17.77
C VAL A 1283 10.26 -37.37 17.69
N VAL A 1284 9.24 -37.56 18.50
CA VAL A 1284 8.13 -36.63 18.55
C VAL A 1284 8.16 -36.00 19.92
N ILE A 1285 8.52 -34.73 20.00
CA ILE A 1285 8.57 -34.07 21.28
C ILE A 1285 7.10 -34.02 21.75
N PRO A 1286 6.72 -34.86 22.73
CA PRO A 1286 5.32 -34.87 23.21
C PRO A 1286 4.70 -33.53 23.59
N THR A 1287 3.51 -33.28 23.07
CA THR A 1287 2.75 -32.06 23.37
C THR A 1287 1.32 -32.43 23.74
N VAL A 1288 0.48 -31.43 23.89
CA VAL A 1288 -0.90 -31.70 24.23
C VAL A 1288 -1.59 -32.27 22.98
N ASP A 1289 -1.21 -31.76 21.81
CA ASP A 1289 -1.74 -32.22 20.51
C ASP A 1289 -1.46 -33.70 20.31
N THR A 1290 -0.19 -34.08 20.36
CA THR A 1290 0.26 -35.46 20.15
C THR A 1290 -0.33 -36.57 21.03
N THR A 1291 -0.09 -36.51 22.34
CA THR A 1291 -0.61 -37.54 23.24
C THR A 1291 -2.13 -37.49 23.34
N ARG A 1292 -2.72 -36.35 23.05
CA ARG A 1292 -4.17 -36.22 23.07
C ARG A 1292 -4.70 -36.99 21.85
N HIS A 1293 -4.01 -36.82 20.72
CA HIS A 1293 -4.39 -37.49 19.48
C HIS A 1293 -4.10 -38.98 19.64
N VAL A 1294 -3.06 -39.32 20.41
CA VAL A 1294 -2.70 -40.74 20.62
C VAL A 1294 -3.81 -41.57 21.24
N ASP A 1295 -4.49 -41.00 22.24
CA ASP A 1295 -5.56 -41.68 22.95
C ASP A 1295 -6.82 -41.91 22.11
N VAL A 1296 -7.08 -41.00 21.17
CA VAL A 1296 -8.25 -41.16 20.34
C VAL A 1296 -7.95 -42.14 19.20
N LEU A 1297 -6.84 -41.92 18.49
CA LEU A 1297 -6.46 -42.79 17.37
C LEU A 1297 -6.29 -44.25 17.81
N HIS A 1298 -5.74 -44.43 19.00
CA HIS A 1298 -5.53 -45.75 19.56
C HIS A 1298 -6.87 -46.44 19.50
N ALA A 1299 -7.86 -45.80 20.11
CA ALA A 1299 -9.24 -46.27 20.20
C ALA A 1299 -9.85 -46.83 18.93
N TRP A 1300 -9.73 -46.10 17.82
CA TRP A 1300 -10.26 -46.60 16.56
C TRP A 1300 -9.31 -47.64 15.94
N LEU A 1301 -8.02 -47.55 16.25
CA LEU A 1301 -7.05 -48.51 15.72
C LEU A 1301 -7.24 -49.89 16.36
N SER A 1302 -7.69 -49.87 17.61
CA SER A 1302 -7.92 -51.08 18.39
C SER A 1302 -9.09 -51.89 17.86
N GLU A 1303 -10.11 -51.21 17.35
CA GLU A 1303 -11.27 -51.90 16.79
C GLU A 1303 -11.07 -52.06 15.29
N HIS A 1304 -9.90 -51.63 14.82
CA HIS A 1304 -9.54 -51.76 13.43
C HIS A 1304 -10.41 -50.95 12.47
N ARG A 1305 -10.72 -49.72 12.84
CA ARG A 1305 -11.54 -48.83 12.02
C ARG A 1305 -10.75 -48.23 10.86
N PRO A 1306 -11.37 -48.12 9.67
CA PRO A 1306 -10.52 -47.52 8.64
C PRO A 1306 -10.54 -46.00 8.88
N LEU A 1307 -9.87 -45.58 9.96
CA LEU A 1307 -9.82 -44.19 10.37
C LEU A 1307 -9.08 -43.24 9.43
N ILE A 1308 -9.50 -41.99 9.40
CA ILE A 1308 -8.89 -41.03 8.52
C ILE A 1308 -8.25 -39.81 9.21
N LEU A 1309 -7.03 -39.49 8.82
CA LEU A 1309 -6.35 -38.33 9.38
C LEU A 1309 -6.42 -37.30 8.29
N CYS A 1310 -7.08 -36.19 8.59
CA CYS A 1310 -7.27 -35.12 7.61
C CYS A 1310 -6.77 -33.73 8.06
N GLY A 1311 -6.02 -33.08 7.18
CA GLY A 1311 -5.48 -31.76 7.46
C GLY A 1311 -4.52 -31.34 6.38
N PRO A 1312 -3.90 -30.17 6.50
CA PRO A 1312 -2.94 -29.69 5.49
C PRO A 1312 -1.69 -30.56 5.45
N PRO A 1313 -0.95 -30.54 4.34
CA PRO A 1313 0.25 -31.37 4.31
C PRO A 1313 1.26 -30.91 5.34
N GLY A 1314 1.70 -31.84 6.18
CA GLY A 1314 2.68 -31.52 7.19
C GLY A 1314 2.09 -31.25 8.56
N SER A 1315 0.79 -31.34 8.69
CA SER A 1315 0.15 -31.09 9.98
C SER A 1315 0.52 -32.16 11.02
N GLY A 1316 1.07 -33.27 10.57
CA GLY A 1316 1.46 -34.33 11.48
C GLY A 1316 0.64 -35.60 11.32
N LYS A 1317 -0.07 -35.71 10.20
CA LYS A 1317 -0.90 -36.88 9.93
C LYS A 1317 -0.10 -38.19 10.07
N THR A 1318 1.00 -38.30 9.33
CA THR A 1318 1.84 -39.50 9.35
C THR A 1318 2.51 -39.64 10.72
N MET A 1319 3.15 -38.58 11.16
CA MET A 1319 3.84 -38.59 12.44
C MET A 1319 3.00 -39.07 13.62
N THR A 1320 1.70 -38.86 13.58
CA THR A 1320 0.83 -39.26 14.69
C THR A 1320 0.38 -40.71 14.55
N LEU A 1321 0.24 -41.17 13.31
CA LEU A 1321 -0.17 -42.54 13.09
C LEU A 1321 0.98 -43.47 13.44
N THR A 1322 2.17 -43.16 12.92
CA THR A 1322 3.33 -43.99 13.19
C THR A 1322 3.73 -43.95 14.69
N SER A 1323 3.36 -42.89 15.41
CA SER A 1323 3.68 -42.80 16.83
C SER A 1323 2.62 -43.47 17.69
N THR A 1324 1.41 -43.61 17.15
CA THR A 1324 0.35 -44.28 17.87
C THR A 1324 0.60 -45.77 17.67
N LEU A 1325 1.12 -46.12 16.48
CA LEU A 1325 1.39 -47.51 16.12
C LEU A 1325 2.37 -48.26 17.03
N ARG A 1326 3.07 -47.53 17.89
CA ARG A 1326 4.01 -48.14 18.84
C ARG A 1326 3.17 -48.97 19.84
N ALA A 1327 2.17 -48.33 20.45
CA ALA A 1327 1.26 -48.97 21.43
C ALA A 1327 0.70 -50.30 20.94
N PHE A 1328 0.95 -50.61 19.67
CA PHE A 1328 0.46 -51.85 19.10
C PHE A 1328 1.62 -52.71 18.58
N PRO A 1329 2.45 -53.24 19.51
CA PRO A 1329 3.61 -54.08 19.16
C PRO A 1329 3.28 -55.10 18.05
N ASP A 1330 2.05 -55.62 18.07
CA ASP A 1330 1.62 -56.61 17.07
C ASP A 1330 1.15 -56.05 15.73
N PHE A 1331 1.33 -54.75 15.54
CA PHE A 1331 0.95 -54.11 14.29
C PHE A 1331 2.14 -53.88 13.35
N GLU A 1332 1.95 -54.20 12.09
CA GLU A 1332 2.98 -54.01 11.09
C GLU A 1332 2.28 -53.20 10.01
N VAL A 1333 2.84 -52.06 9.62
CA VAL A 1333 2.19 -51.24 8.61
C VAL A 1333 2.94 -51.14 7.28
N VAL A 1334 2.17 -51.09 6.19
CA VAL A 1334 2.71 -50.94 4.83
C VAL A 1334 2.17 -49.59 4.35
N SER A 1335 3.04 -48.68 3.97
CA SER A 1335 2.59 -47.38 3.51
C SER A 1335 2.30 -47.41 2.02
N LEU A 1336 1.16 -46.83 1.63
CA LEU A 1336 0.78 -46.77 0.22
C LEU A 1336 0.68 -45.30 -0.20
N ASN A 1337 0.78 -45.05 -1.50
CA ASN A 1337 0.76 -43.69 -2.04
C ASN A 1337 -0.26 -43.57 -3.12
N PHE A 1338 -1.52 -43.39 -2.75
CA PHE A 1338 -2.60 -43.26 -3.71
C PHE A 1338 -2.41 -42.05 -4.63
N SER A 1339 -2.97 -42.16 -5.84
CA SER A 1339 -2.92 -41.10 -6.84
C SER A 1339 -4.20 -41.22 -7.66
N SER A 1340 -4.31 -40.43 -8.72
CA SER A 1340 -5.52 -40.48 -9.55
C SER A 1340 -5.83 -41.89 -10.06
N ALA A 1341 -4.79 -42.64 -10.41
CA ALA A 1341 -4.98 -43.98 -10.95
C ALA A 1341 -4.71 -45.12 -9.99
N THR A 1342 -5.04 -44.92 -8.72
CA THR A 1342 -4.82 -45.99 -7.75
C THR A 1342 -6.06 -46.83 -7.59
N THR A 1343 -6.36 -47.57 -8.65
CA THR A 1343 -7.51 -48.49 -8.75
C THR A 1343 -7.39 -49.65 -7.74
N PRO A 1344 -8.44 -50.48 -7.63
CA PRO A 1344 -8.37 -51.61 -6.68
C PRO A 1344 -7.38 -52.73 -7.07
N GLU A 1345 -7.13 -52.90 -8.37
CA GLU A 1345 -6.21 -53.92 -8.83
C GLU A 1345 -4.84 -53.54 -8.35
N LEU A 1346 -4.55 -52.24 -8.27
CA LEU A 1346 -3.25 -51.79 -7.81
C LEU A 1346 -3.02 -52.08 -6.31
N LEU A 1347 -4.10 -52.05 -5.52
CA LEU A 1347 -4.03 -52.33 -4.09
C LEU A 1347 -3.86 -53.84 -3.87
N LEU A 1348 -4.32 -54.64 -4.85
CA LEU A 1348 -4.24 -56.11 -4.80
C LEU A 1348 -2.81 -56.60 -4.75
N LYS A 1349 -1.91 -55.86 -5.38
CA LYS A 1349 -0.51 -56.22 -5.37
C LYS A 1349 0.01 -56.25 -3.92
N THR A 1350 -0.40 -55.26 -3.10
CA THR A 1350 0.02 -55.19 -1.70
C THR A 1350 -0.26 -56.46 -0.90
N PHE A 1351 -1.43 -57.08 -1.12
CA PHE A 1351 -1.82 -58.32 -0.43
C PHE A 1351 -1.10 -59.54 -0.99
N ASP A 1352 -0.92 -59.55 -2.31
CA ASP A 1352 -0.24 -60.66 -2.97
C ASP A 1352 1.18 -60.75 -2.40
N HIS A 1353 1.68 -59.61 -1.94
CA HIS A 1353 3.03 -59.49 -1.39
C HIS A 1353 3.18 -59.52 0.13
N HIS A 1354 2.12 -59.18 0.88
CA HIS A 1354 2.23 -59.18 2.33
C HIS A 1354 1.31 -60.21 3.01
N CYS A 1355 0.44 -60.85 2.21
CA CYS A 1355 -0.51 -61.85 2.70
C CYS A 1355 -0.48 -63.19 1.96
N GLU A 1356 -1.15 -64.20 2.54
CA GLU A 1356 -1.27 -65.55 1.98
C GLU A 1356 -2.71 -66.08 2.15
N TYR A 1357 -3.09 -67.03 1.31
CA TYR A 1357 -4.44 -67.58 1.37
C TYR A 1357 -4.50 -68.79 2.27
N LYS A 1358 -5.60 -68.91 3.01
CA LYS A 1358 -5.76 -70.02 3.95
C LYS A 1358 -7.17 -70.58 4.05
N ARG A 1359 -7.41 -71.72 3.42
CA ARG A 1359 -8.72 -72.37 3.49
C ARG A 1359 -8.98 -72.84 4.94
N THR A 1360 -10.00 -72.27 5.59
CA THR A 1360 -10.35 -72.61 6.96
C THR A 1360 -11.13 -73.92 7.07
N PRO A 1361 -11.16 -74.50 8.28
CA PRO A 1361 -11.88 -75.76 8.54
C PRO A 1361 -13.29 -75.72 7.91
N SER A 1362 -14.01 -74.64 8.21
CA SER A 1362 -15.37 -74.39 7.70
C SER A 1362 -15.41 -74.73 6.21
N GLY A 1363 -14.33 -74.39 5.51
CA GLY A 1363 -14.24 -74.66 4.08
C GLY A 1363 -14.11 -73.36 3.33
N GLU A 1364 -14.04 -72.28 4.12
CA GLU A 1364 -13.91 -70.91 3.62
C GLU A 1364 -12.44 -70.55 3.55
N THR A 1365 -12.08 -69.68 2.61
CA THR A 1365 -10.69 -69.24 2.50
C THR A 1365 -10.54 -67.79 2.99
N VAL A 1366 -9.49 -67.53 3.75
CA VAL A 1366 -9.29 -66.18 4.27
C VAL A 1366 -7.92 -65.62 3.90
N LEU A 1367 -7.88 -64.31 3.73
CA LEU A 1367 -6.65 -63.59 3.40
C LEU A 1367 -6.12 -63.14 4.75
N ARG A 1368 -4.82 -63.29 4.98
CA ARG A 1368 -4.21 -62.92 6.26
C ARG A 1368 -2.74 -62.51 6.07
N PRO A 1369 -2.16 -61.87 7.09
CA PRO A 1369 -0.76 -61.44 7.02
C PRO A 1369 0.15 -62.66 7.12
N THR A 1370 1.13 -62.76 6.21
CA THR A 1370 2.09 -63.87 6.19
C THR A 1370 2.85 -63.89 7.51
N GLN A 1371 2.98 -62.72 8.12
CA GLN A 1371 3.68 -62.58 9.39
C GLN A 1371 2.89 -63.12 10.57
N LEU A 1372 3.40 -64.18 11.16
CA LEU A 1372 2.75 -64.81 12.31
C LEU A 1372 2.42 -63.81 13.43
N GLY A 1373 1.19 -63.88 13.91
CA GLY A 1373 0.74 -63.00 14.99
C GLY A 1373 0.84 -61.50 14.77
N LYS A 1374 0.34 -61.02 13.63
CA LYS A 1374 0.40 -59.59 13.33
C LYS A 1374 -0.68 -59.14 12.35
N TRP A 1375 -1.30 -58.00 12.66
CA TRP A 1375 -2.33 -57.39 11.80
C TRP A 1375 -1.63 -56.46 10.81
N LEU A 1376 -1.83 -56.70 9.52
CA LEU A 1376 -1.22 -55.83 8.52
C LEU A 1376 -2.01 -54.50 8.56
N VAL A 1377 -1.29 -53.38 8.58
CA VAL A 1377 -1.96 -52.08 8.58
C VAL A 1377 -1.65 -51.43 7.25
N VAL A 1378 -2.69 -51.26 6.43
CA VAL A 1378 -2.54 -50.63 5.11
C VAL A 1378 -2.86 -49.14 5.20
N PHE A 1379 -1.81 -48.34 5.39
CA PHE A 1379 -1.86 -46.88 5.51
C PHE A 1379 -1.92 -46.30 4.11
N CYS A 1380 -3.05 -45.69 3.76
CA CYS A 1380 -3.25 -45.09 2.43
C CYS A 1380 -3.14 -43.56 2.56
N ASP A 1381 -2.01 -43.00 2.10
CA ASP A 1381 -1.69 -41.58 2.23
C ASP A 1381 -2.50 -40.46 1.56
N GLU A 1382 -2.99 -40.68 0.34
CA GLU A 1382 -3.80 -39.64 -0.33
C GLU A 1382 -5.03 -40.42 -0.79
N ILE A 1383 -5.73 -40.99 0.19
CA ILE A 1383 -6.90 -41.82 -0.07
C ILE A 1383 -7.99 -41.16 -0.93
N ASN A 1384 -8.11 -39.84 -0.81
CA ASN A 1384 -9.11 -39.10 -1.55
C ASN A 1384 -8.68 -38.67 -2.96
N LEU A 1385 -7.50 -39.11 -3.41
CA LEU A 1385 -7.05 -38.75 -4.75
C LEU A 1385 -7.55 -39.64 -5.89
N PRO A 1386 -7.80 -40.95 -5.65
CA PRO A 1386 -8.27 -41.89 -6.67
C PRO A 1386 -9.38 -41.33 -7.54
N SER A 1387 -9.11 -41.20 -8.84
CA SER A 1387 -10.09 -40.64 -9.77
C SER A 1387 -11.31 -41.53 -9.94
N THR A 1388 -12.45 -40.87 -10.16
CA THR A 1388 -13.72 -41.55 -10.35
C THR A 1388 -13.89 -41.86 -11.82
N ASP A 1389 -14.77 -42.80 -12.13
CA ASP A 1389 -15.01 -43.11 -13.54
C ASP A 1389 -16.02 -42.11 -14.08
N LYS A 1390 -16.49 -42.36 -15.29
CA LYS A 1390 -17.46 -41.47 -15.91
C LYS A 1390 -18.72 -41.35 -15.05
N TYR A 1391 -18.88 -42.26 -14.08
CA TYR A 1391 -20.07 -42.30 -13.22
C TYR A 1391 -19.86 -42.07 -11.73
N GLY A 1392 -18.93 -41.19 -11.40
CA GLY A 1392 -18.66 -40.85 -10.01
C GLY A 1392 -18.25 -41.96 -9.06
N THR A 1393 -17.67 -43.04 -9.56
CA THR A 1393 -17.25 -44.09 -8.65
C THR A 1393 -15.76 -44.31 -8.50
N GLN A 1394 -15.27 -44.14 -7.27
CA GLN A 1394 -13.88 -44.38 -6.98
C GLN A 1394 -13.88 -45.86 -6.66
N ARG A 1395 -13.44 -46.69 -7.58
CA ARG A 1395 -13.45 -48.13 -7.33
C ARG A 1395 -12.65 -48.60 -6.14
N VAL A 1396 -11.44 -48.07 -5.96
CA VAL A 1396 -10.63 -48.50 -4.83
C VAL A 1396 -11.42 -48.28 -3.55
N ILE A 1397 -12.27 -47.26 -3.58
CA ILE A 1397 -13.07 -46.92 -2.42
C ILE A 1397 -14.28 -47.82 -2.22
N THR A 1398 -14.96 -48.24 -3.28
CA THR A 1398 -16.08 -49.14 -3.06
C THR A 1398 -15.47 -50.47 -2.67
N PHE A 1399 -14.26 -50.73 -3.14
CA PHE A 1399 -13.56 -51.96 -2.84
C PHE A 1399 -13.21 -52.02 -1.37
N ILE A 1400 -12.62 -50.94 -0.86
CA ILE A 1400 -12.25 -50.85 0.54
C ILE A 1400 -13.49 -50.85 1.46
N ARG A 1401 -14.58 -50.23 1.03
CA ARG A 1401 -15.80 -50.27 1.85
C ARG A 1401 -16.17 -51.75 1.96
N GLN A 1402 -16.23 -52.43 0.83
CA GLN A 1402 -16.56 -53.84 0.77
C GLN A 1402 -15.79 -54.65 1.80
N MET A 1403 -14.48 -54.52 1.80
CA MET A 1403 -13.68 -55.27 2.75
C MET A 1403 -14.08 -54.91 4.17
N VAL A 1404 -14.11 -53.62 4.48
CA VAL A 1404 -14.46 -53.17 5.84
C VAL A 1404 -15.88 -53.52 6.30
N GLU A 1405 -16.86 -53.24 5.45
CA GLU A 1405 -18.28 -53.49 5.77
C GLU A 1405 -18.73 -54.95 5.62
N LYS A 1406 -18.44 -55.55 4.47
CA LYS A 1406 -18.86 -56.93 4.20
C LYS A 1406 -17.92 -58.02 4.72
N GLY A 1407 -16.72 -57.64 5.17
CA GLY A 1407 -15.79 -58.62 5.69
C GLY A 1407 -14.77 -59.15 4.70
N GLY A 1408 -14.94 -58.82 3.42
CA GLY A 1408 -14.00 -59.30 2.45
C GLY A 1408 -14.22 -58.85 1.02
N PHE A 1409 -13.83 -59.72 0.08
CA PHE A 1409 -13.96 -59.42 -1.32
C PHE A 1409 -13.98 -60.71 -2.18
N TRP A 1410 -14.24 -60.56 -3.48
CA TRP A 1410 -14.31 -61.70 -4.40
C TRP A 1410 -13.08 -61.88 -5.27
N ARG A 1411 -12.47 -63.05 -5.20
CA ARG A 1411 -11.31 -63.33 -6.06
C ARG A 1411 -11.91 -63.63 -7.44
N THR A 1412 -11.59 -62.77 -8.40
CA THR A 1412 -12.12 -62.87 -9.76
C THR A 1412 -11.39 -63.83 -10.68
N SER A 1413 -10.56 -64.70 -10.09
CA SER A 1413 -9.82 -65.67 -10.89
C SER A 1413 -10.54 -67.01 -10.79
N ASP A 1414 -11.06 -67.30 -9.61
CA ASP A 1414 -11.77 -68.55 -9.37
C ASP A 1414 -13.14 -68.33 -8.69
N HIS A 1415 -13.54 -67.07 -8.55
CA HIS A 1415 -14.81 -66.72 -7.91
C HIS A 1415 -14.99 -67.29 -6.50
N THR A 1416 -14.13 -66.89 -5.57
CA THR A 1416 -14.24 -67.34 -4.19
C THR A 1416 -14.27 -66.07 -3.32
N TRP A 1417 -15.13 -66.02 -2.30
CA TRP A 1417 -15.16 -64.86 -1.40
C TRP A 1417 -14.02 -65.01 -0.39
N ILE A 1418 -13.23 -63.97 -0.27
CA ILE A 1418 -12.13 -63.99 0.67
C ILE A 1418 -12.46 -63.12 1.88
N LYS A 1419 -12.32 -63.71 3.06
CA LYS A 1419 -12.59 -63.02 4.32
C LYS A 1419 -11.25 -62.62 4.96
N LEU A 1420 -11.05 -61.32 5.11
CA LEU A 1420 -9.82 -60.81 5.70
C LEU A 1420 -9.72 -61.37 7.10
N ASP A 1421 -8.51 -61.52 7.60
CA ASP A 1421 -8.34 -62.05 8.96
C ASP A 1421 -7.91 -60.94 9.90
N LYS A 1422 -6.64 -60.53 9.77
CA LYS A 1422 -6.13 -59.45 10.61
C LYS A 1422 -5.63 -58.28 9.74
N ILE A 1423 -6.48 -57.78 8.85
CA ILE A 1423 -6.07 -56.69 7.99
C ILE A 1423 -6.95 -55.48 8.20
N GLN A 1424 -6.30 -54.33 8.34
CA GLN A 1424 -7.02 -53.08 8.52
C GLN A 1424 -6.42 -51.95 7.70
N PHE A 1425 -7.18 -50.87 7.58
CA PHE A 1425 -6.75 -49.73 6.78
C PHE A 1425 -6.77 -48.48 7.61
N VAL A 1426 -5.88 -47.56 7.25
CA VAL A 1426 -5.77 -46.25 7.87
C VAL A 1426 -5.66 -45.32 6.67
N GLY A 1427 -6.22 -44.13 6.79
CA GLY A 1427 -6.13 -43.22 5.69
C GLY A 1427 -5.73 -41.86 6.20
N ALA A 1428 -5.19 -41.06 5.28
CA ALA A 1428 -4.78 -39.71 5.57
C ALA A 1428 -4.94 -38.97 4.25
N CYS A 1429 -5.12 -37.67 4.31
CA CYS A 1429 -5.29 -36.89 3.08
C CYS A 1429 -5.53 -35.44 3.38
N ASN A 1430 -5.77 -34.68 2.33
CA ASN A 1430 -6.04 -33.26 2.46
C ASN A 1430 -7.54 -33.06 2.40
N PRO A 1431 -8.04 -31.97 2.98
CA PRO A 1431 -9.49 -31.81 2.91
C PRO A 1431 -9.95 -31.72 1.46
N PRO A 1432 -11.14 -32.26 1.18
CA PRO A 1432 -11.70 -32.23 -0.17
C PRO A 1432 -11.69 -30.85 -0.87
N THR A 1433 -11.55 -29.78 -0.10
CA THR A 1433 -11.52 -28.44 -0.71
C THR A 1433 -10.28 -28.23 -1.60
N ASP A 1434 -9.17 -28.89 -1.28
CA ASP A 1434 -7.96 -28.76 -2.06
C ASP A 1434 -8.20 -29.32 -3.47
N ALA A 1435 -7.34 -28.92 -4.42
CA ALA A 1435 -7.47 -29.37 -5.80
C ALA A 1435 -7.04 -30.83 -5.97
N GLY A 1436 -7.87 -31.61 -6.67
CA GLY A 1436 -7.57 -33.01 -6.92
C GLY A 1436 -8.23 -33.97 -5.95
N ARG A 1437 -8.63 -33.49 -4.78
CA ARG A 1437 -9.26 -34.36 -3.80
C ARG A 1437 -10.73 -34.61 -4.13
N VAL A 1438 -11.11 -35.88 -4.12
CA VAL A 1438 -12.48 -36.29 -4.40
C VAL A 1438 -13.23 -36.48 -3.08
N GLN A 1439 -14.46 -36.02 -3.00
CA GLN A 1439 -15.22 -36.20 -1.77
C GLN A 1439 -15.56 -37.66 -1.69
N LEU A 1440 -15.07 -38.33 -0.65
CA LEU A 1440 -15.30 -39.75 -0.43
C LEU A 1440 -16.79 -40.09 -0.28
N THR A 1441 -17.24 -41.11 -1.00
CA THR A 1441 -18.62 -41.55 -0.94
C THR A 1441 -19.09 -41.66 0.50
N HIS A 1442 -20.39 -41.55 0.74
CA HIS A 1442 -20.89 -41.62 2.10
C HIS A 1442 -20.88 -43.05 2.65
N ARG A 1443 -21.00 -44.03 1.76
CA ARG A 1443 -21.01 -45.44 2.16
C ARG A 1443 -19.66 -45.79 2.77
N PHE A 1444 -18.66 -45.02 2.41
CA PHE A 1444 -17.35 -45.27 2.96
C PHE A 1444 -17.18 -44.56 4.29
N LEU A 1445 -17.23 -43.23 4.27
CA LEU A 1445 -17.08 -42.43 5.49
C LEU A 1445 -17.85 -42.94 6.71
N ARG A 1446 -18.81 -43.81 6.46
CA ARG A 1446 -19.65 -44.40 7.50
C ARG A 1446 -18.78 -45.26 8.43
N HIS A 1447 -17.74 -45.86 7.85
CA HIS A 1447 -16.84 -46.75 8.59
C HIS A 1447 -15.56 -46.06 8.97
N ALA A 1448 -15.40 -44.84 8.43
CA ALA A 1448 -14.19 -44.06 8.64
C ALA A 1448 -14.20 -42.97 9.70
N PRO A 1449 -13.77 -43.30 10.93
CA PRO A 1449 -13.81 -42.18 11.87
C PRO A 1449 -12.77 -41.14 11.46
N ILE A 1450 -13.11 -39.87 11.63
CA ILE A 1450 -12.24 -38.79 11.23
C ILE A 1450 -11.64 -37.94 12.36
N LEU A 1451 -10.34 -37.69 12.27
CA LEU A 1451 -9.64 -36.85 13.25
C LEU A 1451 -8.92 -35.75 12.50
N LEU A 1452 -9.30 -34.50 12.76
CA LEU A 1452 -8.64 -33.40 12.08
C LEU A 1452 -7.40 -32.95 12.83
N VAL A 1453 -6.35 -32.76 12.02
CA VAL A 1453 -5.05 -32.36 12.49
C VAL A 1453 -4.63 -31.14 11.70
N ASP A 1454 -4.52 -30.00 12.39
CA ASP A 1454 -4.10 -28.77 11.74
C ASP A 1454 -2.66 -28.51 12.16
N PHE A 1455 -2.10 -27.37 11.79
CA PHE A 1455 -0.73 -27.06 12.17
C PHE A 1455 -0.60 -26.79 13.67
N PRO A 1456 0.51 -27.21 14.28
CA PRO A 1456 0.67 -26.96 15.71
C PRO A 1456 0.75 -25.44 15.91
N SER A 1457 0.43 -24.96 17.11
CA SER A 1457 0.46 -23.53 17.38
C SER A 1457 1.87 -23.02 17.65
N THR A 1458 2.04 -21.69 17.57
CA THR A 1458 3.34 -21.08 17.84
C THR A 1458 3.89 -21.60 19.17
N SER A 1459 2.99 -21.76 20.13
CA SER A 1459 3.30 -22.24 21.46
C SER A 1459 4.00 -23.57 21.36
N SER A 1460 3.30 -24.53 20.75
CA SER A 1460 3.77 -25.91 20.56
C SER A 1460 5.01 -26.00 19.72
N LEU A 1461 5.04 -25.28 18.61
CA LEU A 1461 6.20 -25.30 17.74
C LEU A 1461 7.40 -24.73 18.50
N THR A 1462 7.14 -24.03 19.60
CA THR A 1462 8.25 -23.48 20.38
C THR A 1462 8.76 -24.53 21.37
N GLN A 1463 7.83 -25.26 21.98
CA GLN A 1463 8.16 -26.33 22.92
C GLN A 1463 8.85 -27.46 22.14
N ILE A 1464 8.29 -27.76 20.97
CA ILE A 1464 8.85 -28.79 20.12
C ILE A 1464 10.30 -28.45 19.72
N TYR A 1465 10.47 -27.44 18.86
CA TYR A 1465 11.80 -27.03 18.41
C TYR A 1465 12.68 -26.45 19.51
N GLY A 1466 12.06 -26.07 20.62
CA GLY A 1466 12.83 -25.57 21.75
C GLY A 1466 13.65 -26.75 22.24
N THR A 1467 13.00 -27.89 22.48
CA THR A 1467 13.70 -29.08 22.94
C THR A 1467 14.80 -29.47 21.96
N PHE A 1468 14.50 -29.42 20.66
CA PHE A 1468 15.51 -29.78 19.68
C PHE A 1468 16.66 -28.80 19.79
N ASN A 1469 16.43 -27.54 19.41
CA ASN A 1469 17.46 -26.49 19.48
C ASN A 1469 18.22 -26.43 20.82
N ARG A 1470 17.51 -26.65 21.93
CA ARG A 1470 18.11 -26.66 23.27
C ARG A 1470 19.08 -27.84 23.45
N ALA A 1471 18.97 -28.82 22.56
CA ALA A 1471 19.86 -29.97 22.59
C ALA A 1471 20.82 -29.75 21.44
N LEU A 1472 20.30 -29.23 20.34
CA LEU A 1472 21.16 -28.97 19.21
C LEU A 1472 22.30 -28.05 19.61
N MET A 1473 22.00 -27.07 20.47
CA MET A 1473 22.99 -26.10 20.90
C MET A 1473 23.97 -26.56 21.97
N LYS A 1474 24.30 -27.86 21.98
CA LYS A 1474 25.25 -28.39 22.95
C LYS A 1474 26.60 -28.42 22.29
N LEU A 1475 26.61 -28.65 20.99
CA LEU A 1475 27.85 -28.69 20.23
C LEU A 1475 28.54 -27.35 20.26
N LEU A 1476 27.85 -26.36 20.78
CA LEU A 1476 28.40 -25.03 20.87
C LEU A 1476 28.18 -24.55 22.30
N PRO A 1477 29.14 -24.85 23.20
CA PRO A 1477 29.03 -24.45 24.61
C PRO A 1477 29.08 -22.93 24.83
N ASN A 1478 29.71 -22.22 23.90
CA ASN A 1478 29.85 -20.76 23.99
C ASN A 1478 28.57 -19.96 23.65
N LEU A 1479 27.65 -20.58 22.89
CA LEU A 1479 26.42 -19.89 22.54
C LEU A 1479 25.21 -20.52 23.22
N ARG A 1480 25.47 -21.26 24.31
CA ARG A 1480 24.42 -21.94 25.07
C ARG A 1480 23.13 -21.17 25.32
N SER A 1481 23.20 -19.84 25.31
CA SER A 1481 22.03 -18.98 25.58
C SER A 1481 21.19 -18.49 24.40
N PHE A 1482 21.58 -18.83 23.18
CA PHE A 1482 20.82 -18.40 22.00
C PHE A 1482 20.02 -19.57 21.47
N ALA A 1483 20.13 -20.72 22.14
CA ALA A 1483 19.41 -21.91 21.72
C ALA A 1483 17.94 -21.50 21.61
N ASP A 1484 17.41 -20.99 22.72
CA ASP A 1484 16.03 -20.53 22.80
C ASP A 1484 15.77 -19.38 21.83
N ASN A 1485 16.75 -18.50 21.66
CA ASN A 1485 16.61 -17.34 20.76
C ASN A 1485 16.49 -17.86 19.35
N LEU A 1486 17.21 -18.96 19.08
CA LEU A 1486 17.22 -19.61 17.77
C LEU A 1486 15.87 -20.23 17.49
N THR A 1487 15.24 -20.78 18.53
CA THR A 1487 13.93 -21.39 18.42
C THR A 1487 12.91 -20.33 18.04
N ASP A 1488 12.95 -19.18 18.71
CA ASP A 1488 12.02 -18.08 18.45
C ASP A 1488 12.25 -17.50 17.03
N ALA A 1489 13.51 -17.47 16.60
CA ALA A 1489 13.87 -16.96 15.28
C ALA A 1489 13.32 -17.85 14.13
N MET A 1490 13.39 -19.17 14.30
CA MET A 1490 12.89 -20.12 13.29
C MET A 1490 11.36 -20.17 13.31
N VAL A 1491 10.80 -20.29 14.50
CA VAL A 1491 9.36 -20.33 14.65
C VAL A 1491 8.73 -19.07 14.06
N GLU A 1492 9.29 -17.90 14.37
CA GLU A 1492 8.74 -16.63 13.85
C GLU A 1492 8.83 -16.48 12.32
N PHE A 1493 10.03 -16.54 11.77
CA PHE A 1493 10.19 -16.39 10.32
C PHE A 1493 9.35 -17.43 9.58
N TYR A 1494 9.12 -18.57 10.22
CA TYR A 1494 8.35 -19.64 9.61
C TYR A 1494 6.91 -19.20 9.48
N SER A 1495 6.37 -18.73 10.60
CA SER A 1495 4.99 -18.26 10.68
C SER A 1495 4.76 -17.16 9.65
N GLU A 1496 5.66 -16.18 9.70
CA GLU A 1496 5.63 -15.03 8.80
C GLU A 1496 5.54 -15.46 7.34
N SER A 1497 6.55 -16.20 6.87
CA SER A 1497 6.56 -16.68 5.49
C SER A 1497 5.35 -17.60 5.21
N GLN A 1498 4.68 -18.06 6.25
CA GLN A 1498 3.52 -18.92 6.06
C GLN A 1498 2.22 -18.10 5.94
N LYS A 1499 2.20 -16.92 6.57
CA LYS A 1499 1.03 -16.04 6.52
C LYS A 1499 1.21 -15.06 5.34
N ARG A 1500 2.45 -14.93 4.90
CA ARG A 1500 2.79 -14.03 3.81
C ARG A 1500 2.61 -14.66 2.41
N PHE A 1501 2.97 -15.93 2.26
CA PHE A 1501 2.88 -16.59 0.96
C PHE A 1501 1.85 -17.73 0.93
N THR A 1502 0.60 -17.33 0.76
CA THR A 1502 -0.54 -18.24 0.73
C THR A 1502 -0.75 -18.95 -0.62
N PRO A 1503 -1.10 -20.24 -0.58
CA PRO A 1503 -1.35 -21.05 -1.77
C PRO A 1503 -2.24 -20.31 -2.75
N ASP A 1504 -2.87 -19.25 -2.25
CA ASP A 1504 -3.77 -18.40 -3.03
C ASP A 1504 -2.99 -17.63 -4.11
N ILE A 1505 -1.74 -17.29 -3.79
CA ILE A 1505 -0.87 -16.55 -4.68
C ILE A 1505 -0.10 -17.44 -5.68
N GLN A 1506 0.35 -18.59 -5.18
CA GLN A 1506 1.12 -19.54 -5.98
C GLN A 1506 0.89 -20.93 -5.35
N ALA A 1507 0.60 -21.92 -6.16
CA ALA A 1507 0.33 -23.26 -5.64
C ALA A 1507 1.27 -23.77 -4.53
N HIS A 1508 2.51 -24.13 -4.89
CA HIS A 1508 3.48 -24.68 -3.93
C HIS A 1508 3.79 -23.88 -2.66
N TYR A 1509 3.08 -22.78 -2.44
CA TYR A 1509 3.30 -21.98 -1.23
C TYR A 1509 2.63 -22.59 0.01
N ILE A 1510 2.99 -23.84 0.29
CA ILE A 1510 2.48 -24.55 1.47
C ILE A 1510 3.70 -24.50 2.36
N TYR A 1511 3.48 -24.64 3.66
CA TYR A 1511 4.54 -24.64 4.65
C TYR A 1511 4.02 -25.50 5.78
N SER A 1512 4.89 -25.92 6.68
CA SER A 1512 4.48 -26.77 7.78
C SER A 1512 5.66 -26.97 8.68
N PRO A 1513 5.45 -27.64 9.82
CA PRO A 1513 6.55 -27.87 10.74
C PRO A 1513 7.61 -28.77 10.10
N ARG A 1514 7.37 -29.14 8.86
CA ARG A 1514 8.32 -29.96 8.13
C ARG A 1514 9.55 -29.15 7.73
N GLU A 1515 9.38 -27.87 7.35
CA GLU A 1515 10.54 -27.04 7.01
C GLU A 1515 11.24 -26.67 8.33
N LEU A 1516 10.46 -26.64 9.41
CA LEU A 1516 11.02 -26.34 10.70
C LEU A 1516 11.93 -27.51 11.07
N SER A 1517 11.54 -28.72 10.70
CA SER A 1517 12.37 -29.90 10.96
C SER A 1517 13.56 -30.03 10.02
N ARG A 1518 13.42 -29.59 8.78
CA ARG A 1518 14.49 -29.62 7.80
C ARG A 1518 15.52 -28.54 8.26
N TRP A 1519 15.00 -27.40 8.71
CA TRP A 1519 15.83 -26.31 9.19
C TRP A 1519 16.75 -26.81 10.27
N ASP A 1520 16.19 -27.56 11.21
CA ASP A 1520 16.97 -28.12 12.31
C ASP A 1520 17.91 -29.27 11.94
N ARG A 1521 17.58 -30.02 10.89
CA ARG A 1521 18.46 -31.11 10.45
C ARG A 1521 19.71 -30.44 9.85
N ALA A 1522 19.48 -29.54 8.89
CA ALA A 1522 20.57 -28.81 8.24
C ALA A 1522 21.48 -28.09 9.23
N LEU A 1523 20.90 -27.40 10.20
CA LEU A 1523 21.71 -26.70 11.20
C LEU A 1523 22.63 -27.70 11.89
N LEU A 1524 22.06 -28.79 12.40
CA LEU A 1524 22.83 -29.83 13.09
C LEU A 1524 23.95 -30.34 12.20
N GLU A 1525 23.61 -30.68 10.95
CA GLU A 1525 24.59 -31.20 10.00
C GLU A 1525 25.72 -30.20 9.66
N ALA A 1526 25.39 -28.91 9.62
CA ALA A 1526 26.40 -27.89 9.33
C ALA A 1526 27.26 -27.73 10.60
N ILE A 1527 26.63 -27.66 11.78
CA ILE A 1527 27.37 -27.51 13.03
C ILE A 1527 28.39 -28.62 13.26
N GLN A 1528 27.93 -29.87 13.31
CA GLN A 1528 28.78 -31.04 13.51
C GLN A 1528 30.14 -30.96 12.77
N THR A 1529 30.17 -30.54 11.51
CA THR A 1529 31.46 -30.47 10.82
C THR A 1529 32.06 -29.09 10.93
N MET A 1530 32.26 -28.62 12.16
CA MET A 1530 32.85 -27.30 12.40
C MET A 1530 33.65 -27.33 13.68
N ASP A 1531 34.86 -26.80 13.64
CA ASP A 1531 35.70 -26.79 14.85
C ASP A 1531 35.01 -25.94 15.92
N GLY A 1532 34.09 -25.07 15.50
CA GLY A 1532 33.39 -24.21 16.44
C GLY A 1532 32.51 -23.17 15.78
N CYS A 1533 31.85 -22.32 16.59
CA CYS A 1533 30.96 -21.27 16.06
C CYS A 1533 30.77 -19.99 16.87
N THR A 1534 30.98 -18.84 16.24
CA THR A 1534 30.76 -17.56 16.93
C THR A 1534 29.29 -17.21 16.79
N LEU A 1535 28.89 -16.05 17.32
CA LEU A 1535 27.49 -15.65 17.20
C LEU A 1535 27.32 -15.07 15.78
N GLU A 1536 28.35 -15.23 14.96
CA GLU A 1536 28.35 -14.75 13.58
C GLU A 1536 28.28 -15.95 12.64
N GLY A 1537 28.63 -17.12 13.19
CA GLY A 1537 28.58 -18.36 12.44
C GLY A 1537 27.18 -18.96 12.51
N LEU A 1538 26.58 -18.92 13.70
CA LEU A 1538 25.22 -19.43 13.88
C LEU A 1538 24.26 -18.55 13.08
N VAL A 1539 24.28 -17.25 13.35
CA VAL A 1539 23.40 -16.32 12.65
C VAL A 1539 23.52 -16.46 11.12
N ARG A 1540 24.75 -16.59 10.62
CA ARG A 1540 24.95 -16.72 9.18
C ARG A 1540 24.47 -18.05 8.64
N LEU A 1541 24.47 -19.11 9.47
CA LEU A 1541 24.02 -20.44 9.05
C LEU A 1541 22.49 -20.52 8.99
N TRP A 1542 21.87 -19.94 10.01
CA TRP A 1542 20.43 -19.85 10.15
C TRP A 1542 19.86 -19.29 8.85
N ALA A 1543 20.50 -18.25 8.36
CA ALA A 1543 20.09 -17.56 7.14
C ALA A 1543 20.17 -18.34 5.83
N HIS A 1544 21.27 -19.07 5.62
CA HIS A 1544 21.43 -19.83 4.38
C HIS A 1544 20.41 -20.92 4.26
N GLU A 1545 20.15 -21.63 5.35
CA GLU A 1545 19.16 -22.70 5.29
C GLU A 1545 17.79 -22.04 5.17
N ALA A 1546 17.69 -20.84 5.75
CA ALA A 1546 16.46 -20.05 5.69
C ALA A 1546 16.15 -19.65 4.25
N LEU A 1547 17.19 -19.26 3.53
CA LEU A 1547 17.03 -18.86 2.13
C LEU A 1547 16.76 -20.07 1.24
N ARG A 1548 17.36 -21.22 1.58
CA ARG A 1548 17.17 -22.43 0.79
C ARG A 1548 15.76 -22.99 0.97
N LEU A 1549 15.27 -23.07 2.20
CA LEU A 1549 13.94 -23.63 2.44
C LEU A 1549 12.76 -22.71 2.14
N PHE A 1550 12.83 -21.46 2.53
CA PHE A 1550 11.74 -20.51 2.29
C PHE A 1550 11.85 -19.59 1.04
N GLN A 1551 13.03 -19.48 0.43
CA GLN A 1551 13.18 -18.61 -0.73
C GLN A 1551 13.41 -19.27 -2.08
N ASP A 1552 14.30 -20.26 -2.13
CA ASP A 1552 14.57 -20.94 -3.40
C ASP A 1552 13.32 -21.29 -4.20
N ARG A 1553 12.17 -21.28 -3.54
CA ARG A 1553 10.90 -21.63 -4.16
C ARG A 1553 10.09 -20.47 -4.74
N LEU A 1554 10.40 -19.24 -4.35
CA LEU A 1554 9.67 -18.06 -4.83
C LEU A 1554 9.69 -17.89 -6.36
N VAL A 1555 8.61 -17.30 -6.89
CA VAL A 1555 8.43 -17.11 -8.35
C VAL A 1555 8.54 -15.63 -8.83
N GLU A 1556 9.03 -14.76 -7.97
CA GLU A 1556 9.19 -13.35 -8.32
C GLU A 1556 10.24 -12.70 -7.42
N THR A 1557 11.10 -11.90 -8.02
CA THR A 1557 12.15 -11.22 -7.27
C THR A 1557 11.58 -10.35 -6.13
N GLU A 1558 10.38 -9.82 -6.33
CA GLU A 1558 9.74 -8.98 -5.32
C GLU A 1558 9.48 -9.77 -4.03
N GLU A 1559 9.20 -11.05 -4.18
CA GLU A 1559 8.94 -11.93 -3.04
C GLU A 1559 10.27 -12.37 -2.45
N LYS A 1560 11.23 -12.71 -3.31
CA LYS A 1560 12.54 -13.12 -2.86
C LYS A 1560 13.10 -11.97 -2.05
N GLU A 1561 12.79 -10.76 -2.48
CA GLU A 1561 13.24 -9.55 -1.79
C GLU A 1561 12.49 -9.38 -0.46
N TRP A 1562 11.21 -9.75 -0.41
CA TRP A 1562 10.45 -9.66 0.84
C TRP A 1562 11.10 -10.59 1.89
N THR A 1563 11.33 -11.84 1.49
CA THR A 1563 11.95 -12.85 2.34
C THR A 1563 13.31 -12.38 2.91
N ASP A 1564 14.11 -11.75 2.06
CA ASP A 1564 15.43 -11.22 2.43
C ASP A 1564 15.41 -10.17 3.52
N LYS A 1565 14.53 -9.18 3.38
CA LYS A 1565 14.44 -8.12 4.38
C LYS A 1565 13.91 -8.75 5.66
N LYS A 1566 13.11 -9.80 5.52
CA LYS A 1566 12.55 -10.49 6.67
C LYS A 1566 13.57 -11.31 7.43
N ILE A 1567 14.43 -12.05 6.71
CA ILE A 1567 15.48 -12.87 7.34
C ILE A 1567 16.40 -11.93 8.13
N ASP A 1568 16.67 -10.76 7.55
CA ASP A 1568 17.52 -9.73 8.18
C ASP A 1568 16.79 -9.12 9.39
N GLU A 1569 15.47 -8.97 9.28
CA GLU A 1569 14.67 -8.37 10.35
C GLU A 1569 14.53 -9.29 11.56
N VAL A 1570 14.27 -10.58 11.31
CA VAL A 1570 14.12 -11.56 12.38
C VAL A 1570 15.46 -11.77 13.11
N ALA A 1571 16.50 -11.96 12.30
CA ALA A 1571 17.85 -12.18 12.78
C ALA A 1571 18.33 -11.11 13.77
N LEU A 1572 18.05 -9.83 13.47
CA LEU A 1572 18.46 -8.73 14.34
C LEU A 1572 17.63 -8.62 15.61
N LYS A 1573 16.38 -9.08 15.52
CA LYS A 1573 15.47 -9.02 16.66
C LYS A 1573 15.76 -10.06 17.75
N HIS A 1574 16.33 -11.20 17.36
CA HIS A 1574 16.59 -12.23 18.34
C HIS A 1574 18.07 -12.38 18.65
N PHE A 1575 18.90 -11.88 17.73
CA PHE A 1575 20.35 -11.90 17.89
C PHE A 1575 20.84 -10.44 17.81
N PRO A 1576 20.39 -9.55 18.74
CA PRO A 1576 20.85 -8.15 18.66
C PRO A 1576 22.38 -7.98 18.66
N SER A 1577 23.03 -8.80 19.46
CA SER A 1577 24.47 -8.78 19.64
C SER A 1577 25.36 -9.19 18.46
N VAL A 1578 24.75 -9.46 17.30
CA VAL A 1578 25.52 -9.92 16.13
C VAL A 1578 26.05 -8.86 15.18
N ASN A 1579 27.33 -8.98 14.85
CA ASN A 1579 27.97 -8.07 13.92
C ASN A 1579 27.15 -8.19 12.62
N LEU A 1580 26.41 -7.12 12.28
CA LEU A 1580 25.56 -7.16 11.09
C LEU A 1580 26.21 -7.79 9.86
N ASP A 1581 27.54 -7.79 9.81
CA ASP A 1581 28.26 -8.35 8.66
C ASP A 1581 27.88 -9.81 8.39
N ALA A 1582 27.62 -10.55 9.47
CA ALA A 1582 27.24 -11.97 9.36
C ALA A 1582 26.31 -12.16 8.17
N LEU A 1583 25.20 -11.43 8.22
CA LEU A 1583 24.17 -11.47 7.20
C LEU A 1583 24.61 -10.88 5.84
N LYS A 1584 25.91 -10.61 5.69
CA LYS A 1584 26.40 -10.05 4.43
C LYS A 1584 26.08 -10.97 3.22
N ARG A 1585 25.38 -10.40 2.24
CA ARG A 1585 24.99 -11.12 1.02
C ARG A 1585 26.10 -11.13 -0.05
N PRO A 1586 26.13 -12.18 -0.90
CA PRO A 1586 25.20 -13.32 -0.85
C PRO A 1586 25.72 -14.30 0.17
N ILE A 1587 24.83 -15.01 0.84
CA ILE A 1587 25.27 -15.98 1.84
C ILE A 1587 25.59 -17.31 1.19
N LEU A 1588 26.82 -17.45 0.70
CA LEU A 1588 27.26 -18.67 0.03
C LEU A 1588 27.86 -19.69 1.01
N TYR A 1589 27.70 -20.97 0.69
CA TYR A 1589 28.19 -22.03 1.58
C TYR A 1589 28.50 -23.37 0.88
N SER A 1590 29.64 -23.95 1.23
CA SER A 1590 29.99 -25.26 0.68
C SER A 1590 31.30 -25.84 1.20
N ASN A 1591 31.43 -27.16 1.06
CA ASN A 1591 32.63 -27.91 1.48
C ASN A 1591 33.27 -28.62 0.26
N TRP A 1592 33.78 -27.83 -0.69
CA TRP A 1592 34.46 -28.35 -1.88
C TRP A 1592 35.86 -27.74 -1.95
N LEU A 1593 36.07 -26.67 -1.17
CA LEU A 1593 37.35 -25.95 -1.12
C LEU A 1593 37.87 -25.93 0.33
N THR A 1594 37.56 -26.99 1.08
CA THR A 1594 37.95 -27.12 2.48
C THR A 1594 38.02 -28.58 2.94
N PRO A 1599 31.17 -22.12 4.35
CA PRO A 1599 31.08 -20.68 4.02
C PRO A 1599 32.08 -20.23 2.96
N VAL A 1600 31.60 -19.97 1.75
CA VAL A 1600 32.47 -19.58 0.65
C VAL A 1600 32.06 -18.34 -0.16
N ASN A 1601 33.05 -17.64 -0.74
CA ASN A 1601 32.81 -16.44 -1.56
C ASN A 1601 32.63 -16.84 -3.04
N ARG A 1602 31.92 -16.02 -3.81
CA ARG A 1602 31.69 -16.38 -5.22
C ARG A 1602 32.94 -16.79 -6.02
N SER A 1603 33.97 -15.94 -6.02
CA SER A 1603 35.20 -16.19 -6.78
C SER A 1603 35.99 -17.49 -6.51
N ASP A 1604 36.19 -17.85 -5.24
CA ASP A 1604 36.93 -19.08 -4.95
C ASP A 1604 36.16 -20.22 -5.61
N LEU A 1605 34.84 -20.17 -5.47
CA LEU A 1605 33.93 -21.18 -6.03
C LEU A 1605 33.88 -21.20 -7.55
N ARG A 1606 33.66 -20.05 -8.19
CA ARG A 1606 33.60 -20.06 -9.65
C ARG A 1606 34.90 -20.58 -10.27
N GLU A 1607 36.03 -19.99 -9.86
CA GLU A 1607 37.34 -20.39 -10.35
C GLU A 1607 37.46 -21.93 -10.26
N TYR A 1608 37.22 -22.46 -9.06
CA TYR A 1608 37.22 -23.90 -8.79
C TYR A 1608 36.34 -24.60 -9.84
N VAL A 1609 35.09 -24.17 -9.93
CA VAL A 1609 34.14 -24.75 -10.88
C VAL A 1609 34.56 -24.59 -12.34
N LYS A 1610 35.30 -23.52 -12.64
CA LYS A 1610 35.76 -23.27 -14.00
C LYS A 1610 36.67 -24.42 -14.41
N ALA A 1611 37.44 -24.94 -13.45
CA ALA A 1611 38.34 -26.06 -13.70
C ALA A 1611 37.46 -27.25 -14.06
N ARG A 1612 36.59 -27.63 -13.12
CA ARG A 1612 35.66 -28.74 -13.28
C ARG A 1612 34.98 -28.63 -14.64
N LEU A 1613 34.42 -27.45 -14.88
CA LEU A 1613 33.71 -27.15 -16.10
C LEU A 1613 34.56 -27.49 -17.33
N LYS A 1614 35.88 -27.47 -17.14
CA LYS A 1614 36.81 -27.78 -18.23
C LYS A 1614 36.85 -29.29 -18.45
N VAL A 1615 37.16 -30.02 -17.37
CA VAL A 1615 37.23 -31.49 -17.39
C VAL A 1615 35.84 -32.06 -17.70
N PHE A 1616 34.94 -31.19 -18.16
CA PHE A 1616 33.57 -31.56 -18.48
C PHE A 1616 33.27 -31.26 -19.96
N TYR A 1617 34.21 -30.56 -20.58
CA TYR A 1617 34.10 -30.19 -21.98
C TYR A 1617 34.77 -31.28 -22.83
N PRO A 1624 29.38 -24.86 -23.71
CA PRO A 1624 29.82 -23.47 -23.54
C PRO A 1624 28.89 -22.75 -22.56
N LEU A 1625 29.14 -22.88 -21.26
CA LEU A 1625 28.28 -22.26 -20.25
C LEU A 1625 28.91 -21.03 -19.61
N VAL A 1626 28.07 -20.14 -19.10
CA VAL A 1626 28.54 -18.92 -18.49
C VAL A 1626 28.33 -18.95 -17.00
N LEU A 1627 29.40 -19.20 -16.26
CA LEU A 1627 29.28 -19.29 -14.82
C LEU A 1627 28.86 -18.01 -14.13
N PHE A 1628 27.62 -17.59 -14.36
CA PHE A 1628 27.19 -16.39 -13.69
C PHE A 1628 26.69 -16.68 -12.29
N ASN A 1629 26.67 -15.63 -11.48
CA ASN A 1629 26.19 -15.67 -10.09
C ASN A 1629 25.11 -16.71 -9.79
N GLU A 1630 24.22 -16.93 -10.74
CA GLU A 1630 23.14 -17.87 -10.55
C GLU A 1630 23.44 -19.32 -10.89
N VAL A 1631 24.27 -19.58 -11.90
CA VAL A 1631 24.57 -20.97 -12.18
C VAL A 1631 25.23 -21.51 -10.92
N LEU A 1632 26.04 -20.66 -10.29
CA LEU A 1632 26.71 -21.04 -9.04
C LEU A 1632 25.69 -21.39 -7.98
N ASP A 1633 24.75 -20.48 -7.77
CA ASP A 1633 23.68 -20.68 -6.80
C ASP A 1633 22.97 -22.02 -7.00
N HIS A 1634 22.71 -22.39 -8.27
CA HIS A 1634 22.02 -23.63 -8.55
C HIS A 1634 22.86 -24.89 -8.46
N ILE A 1635 24.12 -24.85 -8.88
CA ILE A 1635 24.88 -26.08 -8.78
C ILE A 1635 25.21 -26.38 -7.33
N LEU A 1636 24.89 -25.44 -6.44
CA LEU A 1636 25.15 -25.65 -5.02
C LEU A 1636 23.89 -26.20 -4.40
N ARG A 1637 22.74 -25.75 -4.92
CA ARG A 1637 21.45 -26.21 -4.46
C ARG A 1637 21.20 -27.62 -4.97
N ILE A 1638 21.48 -27.86 -6.26
CA ILE A 1638 21.28 -29.18 -6.82
C ILE A 1638 22.13 -30.16 -6.07
N ASP A 1639 23.41 -29.82 -5.91
CA ASP A 1639 24.33 -30.71 -5.20
C ASP A 1639 23.89 -31.00 -3.78
N ARG A 1640 23.46 -29.93 -3.08
CA ARG A 1640 22.99 -30.00 -1.69
C ARG A 1640 21.95 -31.13 -1.59
N VAL A 1641 21.22 -31.32 -2.69
CA VAL A 1641 20.20 -32.35 -2.81
C VAL A 1641 20.90 -33.70 -2.91
N PHE A 1642 21.55 -33.97 -4.05
CA PHE A 1642 22.23 -35.24 -4.27
C PHE A 1642 23.02 -35.78 -3.08
N ARG A 1643 23.33 -34.93 -2.10
CA ARG A 1643 24.10 -35.36 -0.93
C ARG A 1643 23.13 -35.74 0.19
N GLN A 1644 21.90 -36.05 -0.20
CA GLN A 1644 20.86 -36.45 0.76
C GLN A 1644 20.19 -37.74 0.30
N PRO A 1645 19.59 -38.47 1.23
CA PRO A 1645 18.92 -39.72 0.84
C PRO A 1645 17.58 -39.31 0.21
N GLN A 1646 17.13 -40.06 -0.79
CA GLN A 1646 15.90 -39.75 -1.52
C GLN A 1646 15.98 -38.32 -2.01
N GLY A 1647 17.19 -37.84 -2.25
CA GLY A 1647 17.40 -36.48 -2.70
C GLY A 1647 16.86 -36.26 -4.10
N HIS A 1648 15.66 -35.68 -4.19
CA HIS A 1648 15.07 -35.43 -5.49
C HIS A 1648 14.81 -33.94 -5.66
N ALA A 1649 15.00 -33.46 -6.88
CA ALA A 1649 14.81 -32.06 -7.17
C ALA A 1649 13.70 -31.82 -8.17
N LEU A 1650 13.09 -30.65 -8.05
CA LEU A 1650 12.05 -30.22 -8.94
C LEU A 1650 12.57 -28.87 -9.40
N LEU A 1651 13.01 -28.80 -10.64
CA LEU A 1651 13.55 -27.56 -11.16
C LEU A 1651 12.49 -26.90 -12.05
N ILE A 1652 12.00 -25.76 -11.60
CA ILE A 1652 10.98 -25.01 -12.33
C ILE A 1652 11.60 -23.74 -12.91
N GLY A 1653 11.60 -23.64 -14.23
CA GLY A 1653 12.16 -22.45 -14.86
C GLY A 1653 11.88 -22.29 -16.35
N VAL A 1654 12.25 -21.13 -16.90
CA VAL A 1654 12.07 -20.81 -18.32
C VAL A 1654 12.69 -21.90 -19.18
N SER A 1655 12.15 -22.10 -20.38
CA SER A 1655 12.70 -23.13 -21.25
C SER A 1655 14.13 -22.80 -21.60
N GLY A 1656 14.96 -23.84 -21.62
CA GLY A 1656 16.37 -23.70 -21.96
C GLY A 1656 17.15 -22.77 -21.07
N GLY A 1657 16.77 -22.68 -19.80
CA GLY A 1657 17.48 -21.81 -18.89
C GLY A 1657 18.64 -22.48 -18.16
N GLY A 1658 18.94 -23.74 -18.49
CA GLY A 1658 20.03 -24.45 -17.85
C GLY A 1658 19.68 -25.53 -16.84
N LYS A 1659 18.41 -25.92 -16.77
CA LYS A 1659 18.00 -26.94 -15.81
C LYS A 1659 18.68 -28.28 -16.03
N SER A 1660 18.54 -28.84 -17.23
CA SER A 1660 19.14 -30.13 -17.55
C SER A 1660 20.65 -30.05 -17.55
N VAL A 1661 21.17 -28.93 -18.04
CA VAL A 1661 22.60 -28.71 -18.13
C VAL A 1661 23.25 -28.85 -16.75
N LEU A 1662 22.91 -27.94 -15.85
CA LEU A 1662 23.46 -27.95 -14.51
C LEU A 1662 23.13 -29.25 -13.84
N SER A 1663 21.97 -29.79 -14.15
CA SER A 1663 21.54 -31.05 -13.55
C SER A 1663 22.53 -32.19 -13.83
N ARG A 1664 22.97 -32.32 -15.08
CA ARG A 1664 23.94 -33.35 -15.47
C ARG A 1664 25.29 -33.10 -14.81
N PHE A 1665 25.75 -31.85 -14.94
CA PHE A 1665 27.03 -31.42 -14.41
C PHE A 1665 27.21 -31.71 -12.92
N VAL A 1666 26.18 -31.38 -12.13
CA VAL A 1666 26.26 -31.61 -10.69
C VAL A 1666 26.21 -33.11 -10.39
N ALA A 1667 25.71 -33.88 -11.36
CA ALA A 1667 25.62 -35.33 -11.24
C ALA A 1667 27.05 -35.90 -11.35
N TRP A 1668 27.71 -35.56 -12.44
CA TRP A 1668 29.08 -35.98 -12.69
C TRP A 1668 29.95 -35.63 -11.46
N MET A 1669 29.91 -34.35 -11.06
CA MET A 1669 30.68 -33.84 -9.90
C MET A 1669 30.59 -34.70 -8.62
N ASN A 1670 29.50 -35.43 -8.47
CA ASN A 1670 29.29 -36.29 -7.30
C ASN A 1670 29.42 -37.78 -7.65
N GLY A 1671 29.72 -38.03 -8.92
CA GLY A 1671 29.88 -39.39 -9.40
C GLY A 1671 28.60 -40.14 -9.68
N LEU A 1672 27.60 -39.45 -10.22
CA LEU A 1672 26.32 -40.08 -10.52
C LEU A 1672 26.15 -40.30 -12.01
N SER A 1673 25.63 -41.47 -12.34
CA SER A 1673 25.36 -41.88 -13.71
C SER A 1673 24.02 -41.29 -14.10
N ILE A 1674 23.99 -40.60 -15.25
CA ILE A 1674 22.75 -39.97 -15.66
C ILE A 1674 21.86 -40.90 -16.48
N TYR A 1675 20.60 -41.00 -16.09
CA TYR A 1675 19.66 -41.85 -16.82
C TYR A 1675 18.49 -41.03 -17.37
N THR A 1676 17.95 -41.47 -18.50
CA THR A 1676 16.84 -40.80 -19.16
C THR A 1676 16.03 -41.83 -19.93
N ILE A 1677 14.82 -41.44 -20.33
CA ILE A 1677 13.95 -42.32 -21.08
C ILE A 1677 14.04 -41.95 -22.57
N LYS A 1678 14.25 -42.97 -23.40
CA LYS A 1678 14.36 -42.82 -24.86
C LYS A 1678 13.12 -43.40 -25.54
N TYR A 1683 6.57 -46.24 -28.61
CA TYR A 1683 6.86 -46.43 -27.18
C TYR A 1683 5.56 -46.82 -26.47
N LYS A 1684 5.65 -47.07 -25.16
CA LYS A 1684 4.50 -47.46 -24.35
C LYS A 1684 4.92 -47.50 -22.88
N SER A 1685 3.94 -47.58 -21.98
CA SER A 1685 4.20 -47.60 -20.54
C SER A 1685 4.75 -48.95 -20.03
N SER A 1686 4.61 -50.01 -20.82
CA SER A 1686 5.13 -51.32 -20.41
C SER A 1686 6.63 -51.34 -20.71
N ASP A 1687 7.11 -50.24 -21.28
CA ASP A 1687 8.51 -50.06 -21.59
C ASP A 1687 9.09 -49.32 -20.38
N PHE A 1688 8.27 -48.43 -19.81
CA PHE A 1688 8.69 -47.63 -18.66
C PHE A 1688 8.82 -48.53 -17.43
N ASP A 1689 7.91 -49.49 -17.29
CA ASP A 1689 7.96 -50.43 -16.18
C ASP A 1689 9.22 -51.28 -16.41
N ASP A 1690 9.51 -51.51 -17.69
CA ASP A 1690 10.67 -52.29 -18.07
C ASP A 1690 11.96 -51.54 -17.78
N ASP A 1691 11.98 -50.24 -18.12
CA ASP A 1691 13.16 -49.43 -17.88
C ASP A 1691 13.40 -49.25 -16.39
N LEU A 1692 12.31 -49.15 -15.64
CA LEU A 1692 12.37 -48.95 -14.20
C LEU A 1692 12.92 -50.14 -13.43
N ARG A 1693 12.40 -51.35 -13.68
CA ARG A 1693 12.89 -52.54 -12.98
C ARG A 1693 14.40 -52.66 -13.14
N MET A 1694 14.89 -52.31 -14.33
CA MET A 1694 16.33 -52.34 -14.64
C MET A 1694 17.04 -51.21 -13.84
N LEU A 1695 16.52 -50.00 -13.97
CA LEU A 1695 17.03 -48.84 -13.26
C LEU A 1695 17.04 -49.09 -11.76
N LEU A 1696 15.91 -49.58 -11.25
CA LEU A 1696 15.73 -49.89 -9.82
C LEU A 1696 16.66 -50.98 -9.35
N LYS A 1697 17.07 -51.85 -10.28
CA LYS A 1697 17.99 -52.94 -9.95
C LYS A 1697 19.42 -52.37 -9.88
N ARG A 1698 19.71 -51.41 -10.77
CA ARG A 1698 21.02 -50.74 -10.84
C ARG A 1698 21.26 -49.90 -9.60
N ALA A 1699 20.20 -49.37 -9.03
CA ALA A 1699 20.33 -48.52 -7.84
C ALA A 1699 20.21 -49.32 -6.53
N GLY A 1700 19.22 -50.20 -6.47
CA GLY A 1700 18.98 -50.99 -5.27
C GLY A 1700 19.87 -52.22 -5.13
N CYS A 1701 20.20 -52.87 -6.24
CA CYS A 1701 21.06 -54.04 -6.22
C CYS A 1701 22.50 -53.65 -6.52
N LYS A 1702 22.84 -53.43 -7.79
CA LYS A 1702 24.19 -53.04 -8.23
C LYS A 1702 24.79 -51.89 -7.40
N GLU A 1703 23.95 -51.32 -6.52
CA GLU A 1703 24.31 -50.22 -5.61
C GLU A 1703 24.82 -48.93 -6.24
N GLU A 1704 24.52 -48.76 -7.52
CA GLU A 1704 24.92 -47.59 -8.28
C GLU A 1704 24.04 -46.37 -7.92
N LYS A 1705 24.64 -45.18 -7.90
CA LYS A 1705 23.94 -43.94 -7.60
C LYS A 1705 23.65 -43.30 -8.94
N ILE A 1706 22.37 -43.23 -9.27
CA ILE A 1706 21.96 -42.65 -10.52
C ILE A 1706 21.35 -41.28 -10.28
N CYS A 1707 21.14 -40.55 -11.36
CA CYS A 1707 20.50 -39.24 -11.32
C CYS A 1707 19.58 -39.26 -12.53
N PHE A 1708 18.37 -39.77 -12.33
CA PHE A 1708 17.40 -39.85 -13.40
C PHE A 1708 16.64 -38.57 -13.61
N ILE A 1709 16.93 -37.95 -14.75
CA ILE A 1709 16.30 -36.71 -15.15
C ILE A 1709 15.02 -37.05 -15.87
N PHE A 1710 13.93 -36.46 -15.39
CA PHE A 1710 12.61 -36.70 -15.95
C PHE A 1710 12.04 -35.34 -16.34
N ASP A 1711 11.66 -35.17 -17.59
CA ASP A 1711 11.09 -33.89 -18.01
C ASP A 1711 9.57 -34.07 -18.16
N GLU A 1712 8.81 -32.98 -18.02
CA GLU A 1712 7.37 -33.13 -18.17
C GLU A 1712 7.11 -33.78 -19.52
N SER A 1713 7.95 -33.42 -20.51
CA SER A 1713 7.87 -33.97 -21.86
C SER A 1713 8.04 -35.49 -21.85
N ASN A 1714 8.64 -36.02 -20.79
CA ASN A 1714 8.87 -37.45 -20.65
C ASN A 1714 7.61 -38.21 -20.27
N VAL A 1715 6.56 -37.49 -19.88
CA VAL A 1715 5.29 -38.08 -19.44
C VAL A 1715 4.35 -38.58 -20.56
N LEU A 1716 4.90 -39.28 -21.56
CA LEU A 1716 4.14 -39.80 -22.70
C LEU A 1716 2.76 -40.33 -22.31
N GLU A 1717 2.74 -41.09 -21.22
CA GLU A 1717 1.51 -41.69 -20.69
C GLU A 1717 1.21 -41.21 -19.25
N SER A 1718 -0.07 -41.21 -18.87
CA SER A 1718 -0.44 -40.75 -17.54
C SER A 1718 -0.06 -41.75 -16.46
N SER A 1719 0.36 -42.92 -16.90
CA SER A 1719 0.77 -43.92 -15.93
C SER A 1719 2.11 -43.50 -15.33
N PHE A 1720 2.96 -42.91 -16.15
CA PHE A 1720 4.30 -42.47 -15.74
C PHE A 1720 4.37 -41.76 -14.37
N LEU A 1721 3.49 -40.81 -14.13
CA LEU A 1721 3.48 -40.10 -12.85
C LEU A 1721 3.14 -41.09 -11.73
N GLU A 1722 2.20 -42.00 -12.00
CA GLU A 1722 1.73 -43.00 -11.03
C GLU A 1722 2.92 -43.81 -10.52
N ARG A 1723 3.84 -44.12 -11.42
CA ARG A 1723 5.01 -44.87 -11.04
C ARG A 1723 6.03 -43.92 -10.40
N MET A 1724 6.15 -42.71 -10.93
CA MET A 1724 7.09 -41.70 -10.40
C MET A 1724 6.75 -41.33 -8.96
N ASN A 1725 5.45 -41.24 -8.69
CA ASN A 1725 4.88 -40.91 -7.39
C ASN A 1725 5.35 -41.93 -6.34
N THR A 1726 4.92 -43.18 -6.49
CA THR A 1726 5.30 -44.26 -5.57
C THR A 1726 6.82 -44.42 -5.45
N LEU A 1727 7.53 -44.08 -6.53
CA LEU A 1727 8.98 -44.18 -6.54
C LEU A 1727 9.56 -43.03 -5.72
N LEU A 1728 9.03 -41.83 -5.93
CA LEU A 1728 9.49 -40.64 -5.22
C LEU A 1728 9.03 -40.60 -3.79
N ALA A 1729 7.85 -41.16 -3.52
CA ALA A 1729 7.30 -41.17 -2.16
C ALA A 1729 8.04 -42.12 -1.21
N GLY A 1730 8.08 -43.40 -1.58
CA GLY A 1730 8.73 -44.39 -0.74
C GLY A 1730 9.78 -45.29 -1.36
N GLY A 1731 10.31 -44.89 -2.52
CA GLY A 1731 11.37 -45.65 -3.16
C GLY A 1731 11.11 -47.09 -3.60
N GLU A 1732 9.85 -47.40 -3.86
CA GLU A 1732 9.48 -48.73 -4.31
C GLU A 1732 8.10 -48.63 -4.95
N VAL A 1733 7.85 -49.47 -5.93
CA VAL A 1733 6.61 -49.46 -6.65
C VAL A 1733 5.85 -50.78 -6.51
N PRO A 1734 4.79 -50.83 -5.69
CA PRO A 1734 4.02 -52.08 -5.50
C PRO A 1734 3.46 -52.65 -6.80
N GLY A 1735 3.76 -53.92 -7.08
CA GLY A 1735 3.26 -54.53 -8.30
C GLY A 1735 4.19 -54.46 -9.51
N LEU A 1736 5.29 -53.71 -9.39
CA LEU A 1736 6.26 -53.59 -10.48
C LEU A 1736 7.16 -54.84 -10.60
N PHE A 1737 7.36 -55.52 -9.48
CA PHE A 1737 8.17 -56.73 -9.45
C PHE A 1737 7.33 -57.94 -9.07
N GLU A 1738 6.97 -58.77 -10.03
CA GLU A 1738 6.19 -59.97 -9.75
C GLU A 1738 6.50 -61.11 -10.73
N GLY A 1739 6.31 -62.34 -10.27
CA GLY A 1739 6.58 -63.52 -11.10
C GLY A 1739 8.05 -63.85 -11.22
N GLU A 1740 8.50 -64.07 -12.45
CA GLU A 1740 9.90 -64.40 -12.72
C GLU A 1740 10.76 -63.24 -12.23
N GLU A 1741 10.25 -62.04 -12.40
CA GLU A 1741 10.94 -60.83 -11.99
C GLU A 1741 11.16 -60.72 -10.49
N PHE A 1742 10.18 -61.12 -9.69
CA PHE A 1742 10.35 -61.07 -8.24
C PHE A 1742 11.41 -62.07 -7.79
N THR A 1743 11.53 -63.19 -8.52
CA THR A 1743 12.50 -64.23 -8.18
C THR A 1743 13.94 -63.88 -8.63
N ALA A 1744 14.08 -62.81 -9.41
CA ALA A 1744 15.41 -62.37 -9.84
C ALA A 1744 15.83 -61.25 -8.87
N LEU A 1745 14.88 -60.36 -8.59
CA LEU A 1745 15.13 -59.26 -7.67
C LEU A 1745 15.54 -59.86 -6.32
N MET A 1746 14.96 -61.01 -5.98
CA MET A 1746 15.30 -61.66 -4.73
C MET A 1746 16.70 -62.26 -4.82
N HIS A 1747 16.97 -63.01 -5.90
CA HIS A 1747 18.30 -63.62 -6.07
C HIS A 1747 19.36 -62.53 -6.16
N ALA A 1748 18.99 -61.34 -6.62
CA ALA A 1748 19.96 -60.27 -6.74
C ALA A 1748 20.21 -59.75 -5.32
N CYS A 1749 19.17 -59.15 -4.73
CA CYS A 1749 19.27 -58.59 -3.39
C CYS A 1749 20.02 -59.46 -2.39
N LYS A 1750 19.71 -60.77 -2.38
CA LYS A 1750 20.32 -61.75 -1.47
C LYS A 1750 21.84 -61.67 -1.62
N GLU A 1751 22.30 -61.87 -2.86
CA GLU A 1751 23.71 -61.80 -3.20
C GLU A 1751 24.28 -60.43 -2.86
N THR A 1752 23.45 -59.40 -2.98
CA THR A 1752 23.88 -58.04 -2.65
C THR A 1752 24.07 -57.94 -1.13
N ALA A 1753 23.20 -58.62 -0.38
CA ALA A 1753 23.28 -58.66 1.08
C ALA A 1753 24.60 -59.37 1.49
N GLN A 1754 24.93 -60.47 0.82
CA GLN A 1754 26.15 -61.23 1.12
C GLN A 1754 27.44 -60.38 1.07
N ARG A 1755 27.56 -59.47 0.09
CA ARG A 1755 28.75 -58.63 -0.01
C ARG A 1755 28.82 -57.66 1.18
N ASN A 1756 27.75 -56.90 1.38
CA ASN A 1756 27.67 -55.95 2.48
C ASN A 1756 27.73 -56.72 3.81
N GLY A 1757 28.15 -57.98 3.72
CA GLY A 1757 28.27 -58.83 4.89
C GLY A 1757 27.02 -58.87 5.73
N LEU A 1758 25.87 -59.13 5.12
CA LEU A 1758 24.63 -59.17 5.87
C LEU A 1758 23.95 -60.54 5.83
N ILE A 1759 23.32 -60.90 6.95
CA ILE A 1759 22.58 -62.16 7.04
C ILE A 1759 21.09 -61.77 6.95
N LEU A 1760 20.56 -61.83 5.72
CA LEU A 1760 19.15 -61.53 5.43
C LEU A 1760 18.55 -62.67 4.61
N ASP A 1761 17.66 -63.45 5.23
CA ASP A 1761 17.02 -64.57 4.54
C ASP A 1761 15.59 -64.22 4.09
N SER A 1762 14.71 -63.96 5.07
CA SER A 1762 13.30 -63.59 4.80
C SER A 1762 13.11 -62.62 3.63
N GLU A 1763 12.24 -63.03 2.70
CA GLU A 1763 11.91 -62.23 1.52
C GLU A 1763 11.32 -60.88 1.89
N GLU A 1764 10.42 -60.84 2.90
CA GLU A 1764 9.86 -59.56 3.34
C GLU A 1764 11.02 -58.65 3.76
N GLU A 1765 11.89 -59.15 4.64
CA GLU A 1765 13.02 -58.35 5.10
C GLU A 1765 13.88 -57.97 3.89
N LEU A 1766 14.08 -58.90 2.97
CA LEU A 1766 14.88 -58.66 1.78
C LEU A 1766 14.35 -57.53 0.86
N TYR A 1767 13.02 -57.35 0.80
CA TYR A 1767 12.45 -56.28 -0.03
C TYR A 1767 12.59 -54.92 0.68
N LYS A 1768 12.64 -54.93 2.01
CA LYS A 1768 12.81 -53.68 2.77
C LYS A 1768 14.24 -53.20 2.51
N TYR A 1769 15.15 -54.16 2.41
CA TYR A 1769 16.55 -53.87 2.19
C TYR A 1769 16.77 -53.21 0.82
N PHE A 1770 16.08 -53.74 -0.19
CA PHE A 1770 16.18 -53.21 -1.56
C PHE A 1770 15.61 -51.79 -1.58
N THR A 1771 14.44 -51.60 -0.97
CA THR A 1771 13.79 -50.30 -0.89
C THR A 1771 14.69 -49.24 -0.22
N SER A 1772 15.42 -49.66 0.81
CA SER A 1772 16.30 -48.74 1.54
C SER A 1772 17.59 -48.40 0.75
N GLN A 1773 17.80 -49.11 -0.37
CA GLN A 1773 18.95 -48.84 -1.23
C GLN A 1773 18.52 -47.90 -2.34
N VAL A 1774 17.33 -48.14 -2.87
CA VAL A 1774 16.81 -47.28 -3.95
C VAL A 1774 16.66 -45.85 -3.40
N ARG A 1775 16.33 -45.76 -2.11
CA ARG A 1775 16.13 -44.48 -1.45
C ARG A 1775 17.41 -43.64 -1.37
N ARG A 1776 18.56 -44.29 -1.31
CA ARG A 1776 19.79 -43.51 -1.27
C ARG A 1776 20.71 -43.83 -2.45
N ASN A 1777 20.12 -44.01 -3.62
CA ASN A 1777 20.89 -44.32 -4.81
C ASN A 1777 20.24 -43.78 -6.07
N LEU A 1778 18.90 -43.81 -6.11
CA LEU A 1778 18.17 -43.36 -7.28
C LEU A 1778 18.39 -41.89 -7.62
N HIS A 1779 17.80 -40.97 -6.86
CA HIS A 1779 17.94 -39.52 -7.12
C HIS A 1779 17.25 -39.07 -8.39
N VAL A 1780 16.01 -38.65 -8.25
CA VAL A 1780 15.27 -38.18 -9.40
C VAL A 1780 15.29 -36.66 -9.48
N VAL A 1781 15.40 -36.15 -10.70
CA VAL A 1781 15.36 -34.71 -10.95
C VAL A 1781 14.31 -34.52 -12.00
N PHE A 1782 13.20 -33.92 -11.57
CA PHE A 1782 12.06 -33.65 -12.43
C PHE A 1782 12.20 -32.19 -12.85
N THR A 1783 12.18 -31.94 -14.15
CA THR A 1783 12.30 -30.57 -14.64
C THR A 1783 11.03 -30.15 -15.39
N MET A 1784 10.72 -28.87 -15.34
CA MET A 1784 9.55 -28.38 -16.05
C MET A 1784 9.54 -26.86 -16.26
N ASN A 1785 8.78 -26.43 -17.26
CA ASN A 1785 8.63 -25.01 -17.63
C ASN A 1785 7.26 -24.53 -17.13
N PRO A 1786 7.23 -23.42 -16.37
CA PRO A 1786 5.99 -22.85 -15.82
C PRO A 1786 4.97 -22.41 -16.88
N ALA A 1787 5.37 -22.40 -18.14
CA ALA A 1787 4.48 -21.99 -19.23
C ALA A 1787 3.78 -23.16 -19.94
N SER A 1788 4.33 -24.37 -19.80
CA SER A 1788 3.76 -25.53 -20.45
C SER A 1788 2.27 -25.66 -20.08
N PRO A 1789 1.47 -26.30 -20.95
CA PRO A 1789 0.03 -26.53 -20.82
C PRO A 1789 -0.43 -27.20 -19.53
N ASP A 1790 0.21 -28.31 -19.17
CA ASP A 1790 -0.19 -29.04 -17.97
C ASP A 1790 0.49 -28.63 -16.65
N PHE A 1791 0.99 -27.39 -16.53
CA PHE A 1791 1.66 -27.01 -15.29
C PHE A 1791 0.85 -27.32 -14.00
N HIS A 1792 -0.32 -26.71 -13.88
CA HIS A 1792 -1.17 -26.90 -12.70
C HIS A 1792 -2.15 -28.10 -12.85
N ASN A 1793 -1.82 -29.04 -13.75
CA ASN A 1793 -2.68 -30.21 -13.98
C ASN A 1793 -2.33 -31.42 -13.10
N SER A 1798 0.04 -35.60 -9.44
CA SER A 1798 1.34 -36.16 -9.04
C SER A 1798 1.77 -35.67 -7.63
N PRO A 1799 0.82 -35.58 -6.68
CA PRO A 1799 1.03 -35.13 -5.29
C PRO A 1799 2.44 -35.20 -4.72
N ALA A 1800 3.01 -36.39 -4.69
CA ALA A 1800 4.35 -36.55 -4.15
C ALA A 1800 5.29 -35.47 -4.67
N LEU A 1801 5.31 -35.32 -5.98
CA LEU A 1801 6.18 -34.35 -6.64
C LEU A 1801 6.49 -33.09 -5.84
N PHE A 1802 5.52 -32.17 -5.75
CA PHE A 1802 5.69 -30.89 -5.06
C PHE A 1802 6.28 -30.93 -3.66
N ASN A 1803 5.90 -31.92 -2.85
CA ASN A 1803 6.43 -31.98 -1.50
C ASN A 1803 7.35 -33.14 -1.16
N ARG A 1804 7.86 -33.82 -2.17
CA ARG A 1804 8.78 -34.92 -1.94
C ARG A 1804 10.14 -34.49 -2.46
N CYS A 1805 10.14 -33.59 -3.44
CA CYS A 1805 11.39 -33.13 -4.02
C CYS A 1805 11.74 -31.77 -3.50
N VAL A 1806 13.02 -31.43 -3.54
CA VAL A 1806 13.43 -30.09 -3.13
C VAL A 1806 13.19 -29.23 -4.36
N LEU A 1807 12.28 -28.26 -4.23
CA LEU A 1807 11.93 -27.39 -5.33
C LEU A 1807 12.80 -26.15 -5.45
N ASP A 1808 13.54 -26.08 -6.55
CA ASP A 1808 14.40 -24.95 -6.81
C ASP A 1808 13.90 -24.22 -8.06
N TRP A 1809 13.17 -23.13 -7.85
CA TRP A 1809 12.58 -22.33 -8.93
C TRP A 1809 13.61 -21.50 -9.70
N PHE A 1810 14.22 -22.10 -10.73
CA PHE A 1810 15.21 -21.38 -11.54
C PHE A 1810 14.51 -20.08 -11.94
N GLY A 1811 13.37 -20.24 -12.59
CA GLY A 1811 12.60 -19.09 -13.00
C GLY A 1811 13.08 -18.49 -14.29
N GLU A 1812 13.58 -17.27 -14.18
CA GLU A 1812 14.06 -16.52 -15.34
C GLU A 1812 15.45 -15.98 -15.07
N TRP A 1813 16.28 -15.95 -16.12
CA TRP A 1813 17.62 -15.41 -15.99
C TRP A 1813 17.48 -13.94 -15.59
N SER A 1814 18.10 -13.57 -14.46
CA SER A 1814 18.06 -12.21 -13.96
C SER A 1814 18.84 -11.24 -14.87
N PRO A 1815 18.71 -9.92 -14.65
CA PRO A 1815 19.42 -8.94 -15.47
C PRO A 1815 20.92 -9.16 -15.33
N GLU A 1816 21.33 -9.55 -14.13
CA GLU A 1816 22.75 -9.80 -13.85
C GLU A 1816 23.24 -10.95 -14.72
N ALA A 1817 22.49 -12.04 -14.71
CA ALA A 1817 22.80 -13.22 -15.49
C ALA A 1817 22.90 -12.81 -16.95
N LEU A 1818 21.97 -11.96 -17.37
CA LEU A 1818 21.92 -11.46 -18.74
C LEU A 1818 23.10 -10.54 -19.04
N PHE A 1819 23.48 -9.73 -18.06
CA PHE A 1819 24.62 -8.85 -18.24
C PHE A 1819 25.84 -9.75 -18.49
N GLN A 1820 26.22 -10.52 -17.49
CA GLN A 1820 27.36 -11.43 -17.60
C GLN A 1820 27.39 -12.24 -18.89
N VAL A 1821 26.25 -12.80 -19.30
CA VAL A 1821 26.17 -13.58 -20.53
C VAL A 1821 26.51 -12.70 -21.72
N GLY A 1822 26.06 -11.46 -21.66
CA GLY A 1822 26.31 -10.52 -22.74
C GLY A 1822 27.72 -9.98 -22.76
N SER A 1823 28.33 -9.84 -21.58
CA SER A 1823 29.69 -9.32 -21.54
C SER A 1823 30.62 -10.38 -22.10
N GLU A 1824 30.42 -11.60 -21.61
CA GLU A 1824 31.24 -12.70 -22.03
C GLU A 1824 31.17 -12.96 -23.52
N PHE A 1825 29.98 -13.19 -24.04
CA PHE A 1825 29.86 -13.49 -25.46
C PHE A 1825 30.32 -12.33 -26.32
N THR A 1826 30.53 -11.18 -25.70
CA THR A 1826 30.97 -9.99 -26.42
C THR A 1826 32.40 -9.60 -26.07
N ARG A 1827 33.06 -10.43 -25.26
CA ARG A 1827 34.44 -10.19 -24.82
C ARG A 1827 35.40 -9.89 -25.96
N ASN A 1828 35.23 -10.59 -27.08
CA ASN A 1828 36.10 -10.43 -28.24
C ASN A 1828 35.46 -9.59 -29.34
N LEU A 1829 35.05 -8.39 -28.97
CA LEU A 1829 34.45 -7.49 -29.91
C LEU A 1829 35.00 -6.14 -29.49
N ASP A 1830 35.50 -5.36 -30.45
CA ASP A 1830 36.06 -4.07 -30.13
C ASP A 1830 34.97 -3.12 -29.67
N LEU A 1831 34.82 -2.99 -28.36
CA LEU A 1831 33.78 -2.10 -27.82
C LEU A 1831 34.36 -0.98 -26.98
N GLU A 1832 35.63 -0.63 -27.18
CA GLU A 1832 36.24 0.43 -26.35
C GLU A 1832 36.19 1.82 -26.95
N ASN A 1833 35.33 2.69 -26.42
CA ASN A 1833 35.26 4.06 -26.92
C ASN A 1833 35.96 4.95 -25.90
N PRO A 1834 37.28 5.12 -26.05
CA PRO A 1834 38.08 5.94 -25.14
C PRO A 1834 37.72 7.42 -25.12
N GLN A 1835 36.42 7.72 -25.25
CA GLN A 1835 35.90 9.09 -25.21
C GLN A 1835 34.48 9.05 -24.65
N TYR A 1836 34.11 7.88 -24.13
CA TYR A 1836 32.80 7.68 -23.54
C TYR A 1836 32.76 8.51 -22.26
N ILE A 1837 31.60 8.56 -21.62
CA ILE A 1837 31.43 9.31 -20.39
C ILE A 1837 30.23 8.71 -19.69
N ALA A 1838 30.48 8.05 -18.57
CA ALA A 1838 29.43 7.38 -17.81
C ALA A 1838 28.34 8.31 -17.24
N PRO A 1839 27.18 8.40 -17.93
CA PRO A 1839 26.07 9.24 -17.48
C PRO A 1839 25.64 8.92 -16.06
N PRO A 1840 25.43 9.96 -15.24
CA PRO A 1840 25.01 9.82 -13.84
C PRO A 1840 23.95 8.73 -13.67
N VAL A 1841 22.83 8.90 -14.35
CA VAL A 1841 21.73 7.94 -14.27
C VAL A 1841 22.27 6.51 -14.46
N PHE A 1842 23.20 6.36 -15.40
CA PHE A 1842 23.84 5.08 -15.70
C PHE A 1842 24.84 4.72 -14.59
N ILE A 1843 25.71 5.67 -14.23
CA ILE A 1843 26.69 5.46 -13.16
C ILE A 1843 25.88 4.93 -11.96
N GLN A 1844 24.67 5.44 -11.84
CA GLN A 1844 23.78 5.02 -10.78
C GLN A 1844 23.54 3.53 -11.02
N GLU A 1845 22.91 3.20 -12.15
CA GLU A 1845 22.58 1.82 -12.53
C GLU A 1845 23.66 0.78 -12.23
N ALA A 1846 24.92 1.10 -12.53
CA ALA A 1846 25.99 0.15 -12.26
C ALA A 1846 25.94 -0.22 -10.78
N GLU A 1847 26.27 0.73 -9.92
CA GLU A 1847 26.27 0.50 -8.48
C GLU A 1847 24.86 0.24 -7.91
N ILE A 1848 23.90 1.04 -8.36
CA ILE A 1848 22.53 0.89 -7.90
C ILE A 1848 22.13 -0.56 -8.06
N LEU A 1853 30.08 -6.59 -10.99
CA LEU A 1853 29.60 -6.73 -12.38
C LEU A 1853 30.13 -5.60 -13.27
N MET A 1854 29.76 -4.36 -12.93
CA MET A 1854 30.16 -3.17 -13.70
C MET A 1854 31.29 -2.41 -13.03
N ALA A 1855 31.99 -1.60 -13.80
CA ALA A 1855 33.10 -0.81 -13.27
C ALA A 1855 32.52 0.30 -12.38
N ILE A 1856 33.34 0.80 -11.43
CA ILE A 1856 32.92 1.90 -10.53
C ILE A 1856 32.44 2.89 -11.58
N PRO A 1857 33.36 3.55 -12.28
CA PRO A 1857 32.93 4.41 -13.40
C PRO A 1857 32.65 3.56 -14.62
N PRO A 1858 31.38 3.33 -14.99
CA PRO A 1858 31.11 2.35 -16.05
C PRO A 1858 31.79 2.65 -17.38
N SER A 1859 31.99 1.62 -18.19
CA SER A 1859 32.66 1.81 -19.48
C SER A 1859 31.74 1.71 -20.68
N HIS A 1860 32.28 2.05 -21.85
CA HIS A 1860 31.53 1.99 -23.11
C HIS A 1860 30.94 0.58 -23.25
N ARG A 1861 31.79 -0.43 -23.05
CA ARG A 1861 31.39 -1.83 -23.10
C ARG A 1861 30.22 -2.08 -22.15
N ASP A 1862 30.33 -1.57 -20.93
CA ASP A 1862 29.26 -1.74 -19.94
C ASP A 1862 28.01 -1.08 -20.50
N ALA A 1863 28.16 0.14 -21.01
CA ALA A 1863 27.04 0.87 -21.57
C ALA A 1863 26.35 0.04 -22.64
N VAL A 1864 27.16 -0.56 -23.51
CA VAL A 1864 26.63 -1.37 -24.59
C VAL A 1864 26.05 -2.69 -24.09
N VAL A 1865 26.81 -3.43 -23.31
CA VAL A 1865 26.29 -4.71 -22.83
C VAL A 1865 25.02 -4.51 -22.01
N SER A 1866 25.04 -3.50 -21.17
CA SER A 1866 23.91 -3.17 -20.31
C SER A 1866 22.63 -2.86 -21.10
N SER A 1867 22.79 -2.31 -22.29
CA SER A 1867 21.64 -1.98 -23.10
C SER A 1867 21.12 -3.20 -23.82
N LEU A 1868 21.95 -4.24 -23.93
CA LEU A 1868 21.55 -5.49 -24.59
C LEU A 1868 20.53 -6.15 -23.73
N VAL A 1869 20.72 -6.00 -22.43
CA VAL A 1869 19.84 -6.57 -21.43
C VAL A 1869 18.52 -5.82 -21.44
N TYR A 1870 18.59 -4.53 -21.14
CA TYR A 1870 17.40 -3.69 -21.12
C TYR A 1870 16.58 -3.91 -22.37
N ILE A 1871 17.23 -4.16 -23.49
CA ILE A 1871 16.49 -4.41 -24.70
C ILE A 1871 15.81 -5.76 -24.63
N HIS A 1872 16.50 -6.75 -24.05
CA HIS A 1872 15.93 -8.09 -23.92
C HIS A 1872 14.68 -8.04 -23.06
N GLN A 1873 14.70 -7.20 -22.03
CA GLN A 1873 13.57 -7.07 -21.10
C GLN A 1873 12.32 -6.38 -21.65
N THR A 1874 12.48 -5.36 -22.45
CA THR A 1874 11.33 -4.68 -23.00
C THR A 1874 10.44 -5.65 -23.75
N ILE A 1875 11.03 -6.69 -24.33
CA ILE A 1875 10.23 -7.69 -25.05
C ILE A 1875 9.37 -8.46 -24.07
N GLY A 1876 9.78 -8.43 -22.80
CA GLY A 1876 9.01 -9.08 -21.76
C GLY A 1876 7.72 -8.28 -21.64
N GLU A 1877 7.81 -7.04 -21.17
CA GLU A 1877 6.64 -6.15 -21.04
C GLU A 1877 5.76 -6.23 -22.29
N ALA A 1878 6.43 -6.12 -23.42
CA ALA A 1878 5.79 -6.19 -24.72
C ALA A 1878 4.92 -7.43 -24.79
N ASN A 1879 5.53 -8.58 -24.51
CA ASN A 1879 4.82 -9.86 -24.56
C ASN A 1879 3.64 -9.93 -23.62
N ILE A 1880 3.82 -9.43 -22.40
CA ILE A 1880 2.77 -9.41 -21.38
C ILE A 1880 1.59 -8.48 -21.75
N ARG A 1881 1.90 -7.29 -22.27
CA ARG A 1881 0.86 -6.34 -22.68
C ARG A 1881 0.11 -6.84 -23.93
N LEU A 1882 0.86 -7.37 -24.90
CA LEU A 1882 0.24 -7.86 -26.13
C LEU A 1882 -0.69 -9.03 -25.85
N LEU A 1883 -0.56 -9.60 -24.65
CA LEU A 1883 -1.41 -10.70 -24.23
C LEU A 1883 -2.68 -10.09 -23.61
N LYS A 1884 -2.51 -9.02 -22.84
CA LYS A 1884 -3.62 -8.34 -22.20
C LYS A 1884 -4.47 -7.63 -23.24
N ARG A 1885 -3.88 -6.65 -23.92
CA ARG A 1885 -4.62 -5.88 -24.93
C ARG A 1885 -5.10 -6.71 -26.13
N GLN A 1886 -4.51 -7.89 -26.32
CA GLN A 1886 -4.92 -8.79 -27.39
C GLN A 1886 -4.70 -10.22 -26.89
N GLY A 1887 -5.45 -11.18 -27.42
CA GLY A 1887 -5.26 -12.53 -26.94
C GLY A 1887 -3.99 -13.18 -27.42
N ARG A 1888 -3.22 -12.44 -28.24
CA ARG A 1888 -1.97 -12.93 -28.83
C ARG A 1888 -0.90 -13.31 -27.80
N GLN A 1889 -0.23 -14.43 -28.07
CA GLN A 1889 0.79 -14.95 -27.17
C GLN A 1889 2.17 -15.19 -27.81
N ASN A 1890 3.17 -14.53 -27.22
CA ASN A 1890 4.56 -14.64 -27.66
C ASN A 1890 5.45 -14.95 -26.46
N TYR A 1891 6.54 -15.67 -26.70
CA TYR A 1891 7.46 -16.03 -25.64
C TYR A 1891 8.89 -15.69 -25.97
N VAL A 1892 9.60 -15.13 -24.99
CA VAL A 1892 11.01 -14.80 -25.19
C VAL A 1892 11.78 -15.67 -24.22
N THR A 1893 12.68 -16.48 -24.75
CA THR A 1893 13.48 -17.40 -23.94
C THR A 1893 14.94 -17.02 -23.93
N PRO A 1894 15.70 -17.59 -23.00
CA PRO A 1894 17.12 -17.25 -22.96
C PRO A 1894 17.69 -17.42 -24.36
N ARG A 1895 17.32 -18.53 -24.99
CA ARG A 1895 17.76 -18.85 -26.33
C ARG A 1895 17.67 -17.67 -27.31
N HIS A 1896 16.70 -16.80 -27.08
CA HIS A 1896 16.51 -15.60 -27.91
C HIS A 1896 17.61 -14.61 -27.53
N TYR A 1897 17.85 -14.46 -26.23
CA TYR A 1897 18.89 -13.55 -25.81
C TYR A 1897 20.19 -13.91 -26.50
N LEU A 1898 20.53 -15.19 -26.44
CA LEU A 1898 21.75 -15.66 -27.07
C LEU A 1898 21.83 -15.33 -28.57
N ASP A 1899 20.79 -15.64 -29.34
CA ASP A 1899 20.85 -15.33 -30.76
C ASP A 1899 21.00 -13.81 -30.96
N PHE A 1900 20.34 -13.04 -30.10
CA PHE A 1900 20.41 -11.58 -30.13
C PHE A 1900 21.87 -11.17 -30.14
N ILE A 1901 22.60 -11.60 -29.12
CA ILE A 1901 24.01 -11.29 -29.01
C ILE A 1901 24.79 -11.74 -30.24
N ASN A 1902 24.54 -12.96 -30.68
CA ASN A 1902 25.27 -13.45 -31.83
C ASN A 1902 25.03 -12.59 -33.05
N GLN A 1903 23.82 -12.05 -33.16
CA GLN A 1903 23.48 -11.18 -34.30
C GLN A 1903 24.28 -9.89 -34.11
N VAL A 1904 24.22 -9.32 -32.92
CA VAL A 1904 24.96 -8.10 -32.65
C VAL A 1904 26.45 -8.28 -32.90
N VAL A 1905 26.97 -9.46 -32.62
CA VAL A 1905 28.39 -9.72 -32.87
C VAL A 1905 28.69 -9.79 -34.37
N LEU A 1906 27.85 -10.51 -35.12
CA LEU A 1906 28.05 -10.67 -36.56
C LEU A 1906 27.79 -9.43 -37.38
N LEU A 1907 26.90 -8.58 -36.89
CA LEU A 1907 26.56 -7.37 -37.61
C LEU A 1907 27.53 -6.23 -37.31
N ILE A 1908 28.06 -6.17 -36.10
CA ILE A 1908 29.02 -5.13 -35.81
C ILE A 1908 30.25 -5.38 -36.68
N ASN A 1909 30.60 -6.65 -36.87
CA ASN A 1909 31.74 -7.02 -37.69
C ASN A 1909 31.41 -6.67 -39.12
N GLU A 1910 30.35 -7.30 -39.64
CA GLU A 1910 29.95 -7.06 -41.02
C GLU A 1910 29.90 -5.58 -41.35
N LYS A 1911 29.47 -4.75 -40.41
CA LYS A 1911 29.38 -3.33 -40.67
C LYS A 1911 30.70 -2.57 -40.55
N ARG A 1912 31.43 -2.81 -39.47
CA ARG A 1912 32.73 -2.16 -39.29
C ARG A 1912 33.62 -2.51 -40.48
N ASP A 1913 33.75 -3.80 -40.76
CA ASP A 1913 34.58 -4.22 -41.87
C ASP A 1913 34.30 -3.36 -43.12
N GLN A 1914 33.04 -3.27 -43.55
CA GLN A 1914 32.69 -2.49 -44.73
C GLN A 1914 33.14 -1.03 -44.62
N LEU A 1915 32.98 -0.45 -43.43
CA LEU A 1915 33.35 0.94 -43.20
C LEU A 1915 34.86 1.21 -43.14
N GLU A 1916 35.59 0.31 -42.49
CA GLU A 1916 37.04 0.46 -42.39
C GLU A 1916 37.72 0.20 -43.72
N GLU A 1917 37.19 -0.76 -44.48
CA GLU A 1917 37.75 -1.08 -45.80
C GLU A 1917 37.55 0.10 -46.74
N GLU A 1918 36.59 0.96 -46.40
CA GLU A 1918 36.27 2.14 -47.20
C GLU A 1918 36.98 3.39 -46.65
N GLN A 1919 37.32 3.37 -45.36
CA GLN A 1919 38.04 4.50 -44.77
C GLN A 1919 39.50 4.36 -45.21
N LEU A 1920 39.96 3.12 -45.33
CA LEU A 1920 41.33 2.85 -45.79
C LEU A 1920 41.48 3.46 -47.18
N HIS A 1921 40.61 3.05 -48.10
CA HIS A 1921 40.65 3.57 -49.46
C HIS A 1921 40.56 5.10 -49.44
N LEU A 1922 39.73 5.64 -48.54
CA LEU A 1922 39.61 7.10 -48.42
C LEU A 1922 40.88 7.70 -47.87
N ASN A 1923 41.85 6.85 -47.56
CA ASN A 1923 43.10 7.35 -47.02
C ASN A 1923 44.22 7.17 -48.01
N ILE A 1924 44.15 6.11 -48.80
CA ILE A 1924 45.14 5.88 -49.85
C ILE A 1924 44.97 7.06 -50.79
N GLY A 1925 43.81 7.74 -50.66
CA GLY A 1925 43.50 8.86 -51.52
C GLY A 1925 43.91 10.23 -51.01
N LEU A 1926 43.42 10.63 -49.84
CA LEU A 1926 43.76 11.94 -49.29
C LEU A 1926 45.27 12.17 -49.18
N LYS A 1927 46.03 11.10 -49.01
CA LYS A 1927 47.48 11.21 -48.96
C LYS A 1927 47.91 11.53 -50.40
N LYS A 1928 47.66 10.60 -51.34
CA LYS A 1928 48.03 10.82 -52.74
C LYS A 1928 47.64 12.20 -53.26
N LEU A 1929 46.57 12.77 -52.70
CA LEU A 1929 46.12 14.09 -53.09
C LEU A 1929 46.79 15.20 -52.32
N ARG A 1930 46.73 15.16 -50.99
CA ARG A 1930 47.34 16.22 -50.20
C ARG A 1930 48.82 16.30 -50.52
N ASP A 1931 49.34 15.25 -51.14
CA ASP A 1931 50.75 15.16 -51.55
C ASP A 1931 50.94 15.85 -52.90
N THR A 1932 50.17 15.41 -53.89
CA THR A 1932 50.28 16.02 -55.21
C THR A 1932 49.98 17.52 -55.09
N GLU A 1933 49.21 17.88 -54.06
CA GLU A 1933 48.88 19.28 -53.80
C GLU A 1933 50.07 20.05 -53.21
N ALA A 1934 50.94 19.37 -52.47
CA ALA A 1934 52.11 20.04 -51.89
C ALA A 1934 53.16 20.08 -52.97
N GLN A 1935 53.25 18.99 -53.73
CA GLN A 1935 54.20 18.92 -54.82
C GLN A 1935 53.93 20.03 -55.82
N VAL A 1936 52.68 20.13 -56.26
CA VAL A 1936 52.29 21.15 -57.22
C VAL A 1936 52.49 22.54 -56.64
N LYS A 1937 52.03 22.74 -55.42
CA LYS A 1937 52.16 24.04 -54.77
C LYS A 1937 53.64 24.36 -54.66
N ASP A 1938 54.46 23.31 -54.61
CA ASP A 1938 55.92 23.49 -54.53
C ASP A 1938 56.44 24.10 -55.80
N LEU A 1939 56.26 23.36 -56.90
CA LEU A 1939 56.72 23.78 -58.21
C LEU A 1939 56.24 25.20 -58.52
N GLN A 1940 55.25 25.65 -57.75
CA GLN A 1940 54.70 27.00 -57.89
C GLN A 1940 55.66 28.03 -57.31
N VAL A 1941 56.26 27.67 -56.19
CA VAL A 1941 57.22 28.52 -55.50
C VAL A 1941 58.45 28.73 -56.38
N SER A 1942 59.04 27.64 -56.84
CA SER A 1942 60.22 27.71 -57.68
C SER A 1942 59.95 28.51 -58.95
N LEU A 1943 58.84 28.23 -59.64
CA LEU A 1943 58.54 28.96 -60.86
C LEU A 1943 58.24 30.43 -60.63
N ALA A 1944 57.86 30.79 -59.40
CA ALA A 1944 57.61 32.21 -59.08
C ALA A 1944 58.97 32.78 -58.75
N GLN A 1945 59.84 31.92 -58.24
CA GLN A 1945 61.19 32.33 -57.92
C GLN A 1945 61.87 32.63 -59.25
N LYS A 1946 62.09 31.59 -60.08
CA LYS A 1946 62.74 31.76 -61.38
C LYS A 1946 62.19 32.94 -62.17
N ASN A 1947 60.92 33.27 -61.97
CA ASN A 1947 60.33 34.39 -62.69
C ASN A 1947 61.05 35.64 -62.17
N ARG A 1948 61.52 35.57 -60.92
CA ARG A 1948 62.24 36.70 -60.33
C ARG A 1948 63.63 36.70 -60.93
N GLU A 1949 64.32 35.56 -60.86
CA GLU A 1949 65.66 35.45 -61.44
C GLU A 1949 65.64 36.04 -62.87
N LEU A 1950 64.48 35.99 -63.50
CA LEU A 1950 64.34 36.54 -64.84
C LEU A 1950 64.21 38.08 -64.79
N ASP A 1951 63.25 38.61 -64.03
CA ASP A 1951 63.04 40.07 -63.93
C ASP A 1951 64.39 40.79 -63.83
N VAL A 1952 65.18 40.36 -62.85
CA VAL A 1952 66.50 40.90 -62.60
C VAL A 1952 67.40 40.65 -63.83
N LYS A 1953 67.55 39.38 -64.21
CA LYS A 1953 68.37 39.03 -65.37
C LYS A 1953 68.06 40.02 -66.49
N ASN A 1954 66.76 40.25 -66.69
CA ASN A 1954 66.26 41.15 -67.73
C ASN A 1954 66.54 42.64 -67.47
N GLU A 1955 66.43 43.11 -66.23
CA GLU A 1955 66.73 44.51 -65.97
C GLU A 1955 68.24 44.78 -65.96
N GLN A 1956 69.04 43.80 -65.53
CA GLN A 1956 70.48 43.99 -65.55
C GLN A 1956 70.86 44.22 -67.03
N ALA A 1957 70.19 43.51 -67.96
CA ALA A 1957 70.46 43.70 -69.39
C ALA A 1957 69.68 44.93 -69.90
N ASN A 1958 68.38 45.02 -69.56
CA ASN A 1958 67.54 46.15 -70.00
C ASN A 1958 68.14 47.48 -69.58
N GLN A 1959 69.01 47.43 -68.57
CA GLN A 1959 69.68 48.63 -68.08
C GLN A 1959 70.89 48.88 -68.98
N LYS A 1960 71.83 47.93 -68.95
CA LYS A 1960 73.06 48.02 -69.75
C LYS A 1960 72.76 48.42 -71.20
N LEU A 1961 71.61 47.98 -71.70
CA LEU A 1961 71.19 48.28 -73.07
C LEU A 1961 70.99 49.79 -73.26
N LYS A 1962 70.57 50.45 -72.17
CA LYS A 1962 70.33 51.89 -72.16
C LYS A 1962 71.69 52.57 -72.32
N GLN A 1963 72.71 52.02 -71.66
CA GLN A 1963 74.09 52.53 -71.71
C GLN A 1963 74.60 52.49 -73.16
N MET A 1964 74.26 51.41 -73.86
CA MET A 1964 74.64 51.23 -75.26
C MET A 1964 74.09 52.41 -76.10
N VAL A 1965 72.81 52.74 -75.95
CA VAL A 1965 72.22 53.84 -76.70
C VAL A 1965 72.91 55.19 -76.42
N GLN A 1966 73.33 55.40 -75.18
CA GLN A 1966 74.01 56.64 -74.81
C GLN A 1966 75.50 56.34 -74.80
N ASP A 1967 75.92 55.46 -75.69
CA ASP A 1967 77.32 55.08 -75.78
C ASP A 1967 77.66 54.91 -77.26
N GLN A 1968 76.61 54.70 -78.06
CA GLN A 1968 76.74 54.49 -79.49
C GLN A 1968 76.20 55.74 -80.21
N GLN A 1969 75.19 56.37 -79.61
CA GLN A 1969 74.64 57.60 -80.19
C GLN A 1969 75.78 58.61 -80.08
N ALA A 1970 76.55 58.49 -78.99
CA ALA A 1970 77.70 59.38 -78.76
C ALA A 1970 78.64 59.30 -79.95
N ALA A 1971 79.21 58.12 -80.17
CA ALA A 1971 80.10 57.91 -81.30
C ALA A 1971 79.43 58.43 -82.59
N GLU A 1972 78.32 57.82 -83.00
CA GLU A 1972 77.64 58.27 -84.23
C GLU A 1972 77.76 59.78 -84.43
N ILE A 1973 77.57 60.54 -83.35
CA ILE A 1973 77.67 62.01 -83.39
C ILE A 1973 79.04 62.41 -83.98
N LYS A 1974 80.14 61.95 -83.36
CA LYS A 1974 81.46 62.24 -83.90
C LYS A 1974 81.43 61.93 -85.40
N GLN A 1975 81.07 60.68 -85.75
CA GLN A 1975 80.98 60.26 -87.15
C GLN A 1975 80.33 61.34 -88.01
N LYS A 1976 79.02 61.53 -87.81
CA LYS A 1976 78.26 62.53 -88.56
C LYS A 1976 79.03 63.86 -88.52
N ASP A 1977 79.56 64.18 -87.34
CA ASP A 1977 80.35 65.39 -87.14
C ASP A 1977 81.59 65.32 -88.04
N ALA A 1978 82.54 64.46 -87.66
CA ALA A 1978 83.79 64.27 -88.42
C ALA A 1978 83.57 63.90 -89.89
N ARG A 1979 82.32 63.61 -90.26
CA ARG A 1979 82.02 63.31 -91.65
C ARG A 1979 81.94 64.68 -92.33
N GLU A 1980 81.36 65.64 -91.60
CA GLU A 1980 81.23 67.02 -92.11
C GLU A 1980 82.63 67.59 -92.46
N LEU A 1981 83.65 67.19 -91.70
CA LEU A 1981 85.04 67.63 -91.95
C LEU A 1981 85.58 66.98 -93.23
N GLN A 1982 85.56 65.64 -93.31
CA GLN A 1982 86.04 64.95 -94.51
C GLN A 1982 85.44 65.64 -95.74
N VAL A 1983 84.18 66.06 -95.61
CA VAL A 1983 83.47 66.73 -96.67
C VAL A 1983 84.02 68.15 -96.84
N GLN A 1984 83.89 68.94 -95.78
CA GLN A 1984 84.37 70.32 -95.71
C GLN A 1984 85.77 70.47 -96.36
N LEU A 1985 86.79 69.81 -95.79
CA LEU A 1985 88.16 69.87 -96.31
C LEU A 1985 88.29 69.27 -97.73
N ASP A 1986 87.24 68.58 -98.21
CA ASP A 1986 87.27 68.00 -99.54
C ASP A 1986 87.28 69.12 -100.57
N VAL A 1987 86.71 70.25 -100.14
CA VAL A 1987 86.67 71.45 -100.95
C VAL A 1987 88.14 71.76 -101.32
N ARG A 1988 88.93 72.09 -100.29
CA ARG A 1988 90.37 72.44 -100.35
C ARG A 1988 91.23 71.63 -101.28
N ASN A 1989 91.17 70.31 -101.17
CA ASN A 1989 91.97 69.47 -102.03
C ASN A 1989 91.53 69.61 -103.47
N LYS A 1990 90.20 69.66 -103.66
CA LYS A 1990 89.60 69.79 -104.99
C LYS A 1990 89.89 71.19 -105.55
N GLU A 1991 89.97 72.15 -104.64
CA GLU A 1991 90.25 73.54 -104.98
C GLU A 1991 91.71 73.56 -105.36
N ILE A 1992 92.56 73.59 -104.33
CA ILE A 1992 94.01 73.60 -104.50
C ILE A 1992 94.44 72.70 -105.65
N ALA A 1993 93.61 71.72 -105.98
CA ALA A 1993 93.89 70.77 -107.07
C ALA A 1993 93.90 71.42 -108.46
N VAL A 1994 92.81 72.09 -108.80
CA VAL A 1994 92.66 72.75 -110.08
C VAL A 1994 93.78 73.78 -110.33
N GLN A 1995 93.98 74.70 -109.38
CA GLN A 1995 95.05 75.71 -109.53
C GLN A 1995 96.37 75.03 -109.88
N LYS A 1996 96.71 73.95 -109.19
CA LYS A 1996 97.94 73.22 -109.51
C LYS A 1996 97.96 72.93 -111.02
N VAL A 1997 96.91 72.25 -111.48
CA VAL A 1997 96.77 71.92 -112.90
C VAL A 1997 96.99 73.17 -113.80
N LYS A 1998 96.21 74.22 -113.52
CA LYS A 1998 96.29 75.46 -114.29
C LYS A 1998 97.73 76.01 -114.28
N ALA A 1999 98.10 76.67 -113.18
CA ALA A 1999 99.42 77.25 -113.05
C ALA A 1999 100.56 76.33 -113.60
N TYR A 2000 100.47 75.01 -113.38
CA TYR A 2000 101.52 74.12 -113.92
C TYR A 2000 101.58 74.15 -115.46
N ALA A 2001 100.44 74.44 -116.09
CA ALA A 2001 100.37 74.52 -117.55
C ALA A 2001 100.81 75.96 -117.93
N ASP A 2002 100.30 76.91 -117.16
CA ASP A 2002 100.61 78.32 -117.33
C ASP A 2002 102.11 78.51 -117.11
N LEU A 2003 102.87 77.40 -117.21
CA LEU A 2003 104.32 77.43 -117.03
C LEU A 2003 105.10 76.83 -118.21
N PRO A 2011 105.62 85.76 -110.14
CA PRO A 2011 105.33 85.14 -108.84
C PRO A 2011 104.71 83.74 -108.98
N LEU A 2012 104.15 83.45 -110.17
CA LEU A 2012 103.53 82.15 -110.46
C LEU A 2012 104.31 80.95 -109.88
N ARG A 2013 105.60 80.83 -110.24
CA ARG A 2013 106.46 79.76 -109.75
C ARG A 2013 106.35 79.63 -108.22
N GLU A 2014 106.84 80.61 -107.48
CA GLU A 2014 106.78 80.58 -106.02
C GLU A 2014 105.33 80.37 -105.54
N GLU A 2015 104.38 81.13 -106.11
CA GLU A 2015 102.98 81.00 -105.71
C GLU A 2015 102.55 79.53 -105.82
N VAL A 2016 103.08 78.84 -106.85
CA VAL A 2016 102.76 77.42 -107.09
C VAL A 2016 103.47 76.58 -106.02
N GLU A 2017 104.68 76.97 -105.64
CA GLU A 2017 105.39 76.23 -104.61
C GLU A 2017 104.46 76.18 -103.39
N GLN A 2018 103.71 77.28 -103.21
CA GLN A 2018 102.74 77.46 -102.13
C GLN A 2018 101.53 76.51 -102.20
N LEU A 2019 100.94 76.36 -103.40
CA LEU A 2019 99.81 75.44 -103.53
C LEU A 2019 100.27 74.03 -103.16
N GLU A 2020 101.41 73.60 -103.71
CA GLU A 2020 101.92 72.26 -103.44
C GLU A 2020 102.07 72.01 -101.93
N ASN A 2021 102.51 73.02 -101.18
CA ASN A 2021 102.67 72.86 -99.74
C ASN A 2021 101.29 72.81 -99.06
N ALA A 2022 100.43 73.77 -99.40
CA ALA A 2022 99.10 73.84 -98.82
C ALA A 2022 98.43 72.47 -99.00
N ALA A 2023 98.42 71.95 -100.22
CA ALA A 2023 97.84 70.64 -100.52
C ALA A 2023 98.56 69.53 -99.72
N ASN A 2024 99.74 69.86 -99.18
CA ASN A 2024 100.48 68.89 -98.39
C ASN A 2024 99.98 69.00 -96.95
N GLU A 2025 99.84 70.24 -96.47
CA GLU A 2025 99.36 70.49 -95.11
C GLU A 2025 98.08 69.67 -94.93
N LEU A 2026 97.26 69.70 -95.98
CA LEU A 2026 95.98 69.02 -96.06
C LEU A 2026 96.13 67.50 -96.21
N LYS A 2027 96.67 67.08 -97.35
CA LYS A 2027 96.91 65.66 -97.66
C LYS A 2027 97.16 64.91 -96.36
N LEU A 2028 97.99 65.52 -95.50
CA LEU A 2028 98.32 64.96 -94.20
C LEU A 2028 97.09 65.02 -93.28
N LYS A 2029 96.52 66.22 -93.10
CA LYS A 2029 95.34 66.47 -92.23
C LYS A 2029 94.09 65.64 -92.61
N GLN A 2030 94.13 65.06 -93.81
CA GLN A 2030 93.04 64.23 -94.29
C GLN A 2030 93.30 62.83 -93.71
N ASP A 2031 94.47 62.25 -94.00
CA ASP A 2031 94.85 60.93 -93.46
C ASP A 2031 94.62 61.01 -91.95
N GLU A 2032 94.54 62.24 -91.48
CA GLU A 2032 94.30 62.56 -90.09
C GLU A 2032 92.86 62.23 -89.72
N ILE A 2033 91.87 62.74 -90.48
CA ILE A 2033 90.47 62.45 -90.17
C ILE A 2033 90.02 61.09 -90.71
N VAL A 2034 90.63 60.62 -91.80
CA VAL A 2034 90.26 59.32 -92.33
C VAL A 2034 90.66 58.23 -91.34
N ALA A 2035 91.57 58.57 -90.45
CA ALA A 2035 91.97 57.64 -89.41
C ALA A 2035 90.95 57.86 -88.29
N THR A 2036 90.54 59.12 -88.08
CA THR A 2036 89.57 59.45 -87.05
C THR A 2036 88.21 58.79 -87.36
N ILE A 2037 87.87 58.76 -88.65
CA ILE A 2037 86.61 58.17 -89.10
C ILE A 2037 86.60 56.64 -88.80
N THR A 2038 87.69 55.97 -89.16
CA THR A 2038 87.82 54.52 -88.92
C THR A 2038 87.71 54.23 -87.42
N ALA A 2039 88.29 55.14 -86.62
CA ALA A 2039 88.27 55.03 -85.16
C ALA A 2039 86.87 54.64 -84.70
N LEU A 2040 85.92 55.52 -85.03
CA LEU A 2040 84.52 55.34 -84.68
C LEU A 2040 83.96 54.20 -85.52
N GLU A 2041 84.09 54.33 -86.85
CA GLU A 2041 83.61 53.30 -87.78
C GLU A 2041 83.59 51.93 -87.12
N LYS A 2042 84.71 51.55 -86.49
CA LYS A 2042 84.81 50.28 -85.79
C LYS A 2042 84.05 50.43 -84.47
N SER A 2043 84.60 51.25 -83.56
CA SER A 2043 84.01 51.53 -82.24
C SER A 2043 82.46 51.43 -82.30
N ILE A 2044 81.88 52.16 -83.25
CA ILE A 2044 80.43 52.18 -83.45
C ILE A 2044 79.87 50.88 -84.04
N ALA A 2045 80.58 50.27 -84.99
CA ALA A 2045 80.09 49.04 -85.58
C ALA A 2045 80.13 47.85 -84.62
N THR A 2046 80.86 47.98 -83.51
CA THR A 2046 80.91 46.88 -82.55
C THR A 2046 79.76 47.08 -81.57
N TYR A 2047 79.43 48.34 -81.31
CA TYR A 2047 78.31 48.65 -80.43
C TYR A 2047 77.06 48.03 -81.03
N LYS A 2048 77.03 47.94 -82.36
CA LYS A 2048 75.88 47.33 -83.01
C LYS A 2048 75.96 45.84 -82.75
N GLU A 2049 77.06 45.22 -83.18
CA GLU A 2049 77.25 43.79 -82.96
C GLU A 2049 76.97 43.45 -81.51
N GLU A 2050 77.11 44.43 -80.62
CA GLU A 2050 76.90 44.23 -79.18
C GLU A 2050 75.46 44.41 -78.82
N TYR A 2051 74.86 45.46 -79.36
CA TYR A 2051 73.46 45.76 -79.12
C TYR A 2051 72.77 44.48 -79.51
N ALA A 2052 72.82 44.19 -80.81
CA ALA A 2052 72.24 42.98 -81.36
C ALA A 2052 72.43 41.79 -80.41
N THR A 2053 73.62 41.66 -79.82
CA THR A 2053 73.83 40.56 -78.89
C THR A 2053 73.01 40.76 -77.61
N LEU A 2054 73.01 41.97 -77.08
CA LEU A 2054 72.22 42.20 -75.86
C LEU A 2054 70.76 42.02 -76.19
N ILE A 2055 70.40 42.12 -77.48
CA ILE A 2055 69.02 41.95 -77.90
C ILE A 2055 68.69 40.48 -77.79
N ARG A 2056 69.58 39.65 -78.34
CA ARG A 2056 69.38 38.20 -78.25
C ARG A 2056 69.18 37.82 -76.78
N GLU A 2057 70.02 38.35 -75.87
CA GLU A 2057 69.88 38.02 -74.45
C GLU A 2057 68.48 38.39 -73.96
N THR A 2058 68.00 39.58 -74.31
CA THR A 2058 66.67 40.04 -73.91
C THR A 2058 65.59 39.12 -74.50
N GLU A 2059 65.68 38.87 -75.79
CA GLU A 2059 64.73 37.98 -76.45
C GLU A 2059 64.65 36.64 -75.71
N GLN A 2060 65.81 36.05 -75.40
CA GLN A 2060 65.82 34.77 -74.70
C GLN A 2060 65.16 34.89 -73.32
N ILE A 2061 65.32 36.03 -72.67
CA ILE A 2061 64.74 36.27 -71.35
C ILE A 2061 63.22 36.40 -71.48
N LYS A 2062 62.76 37.30 -72.33
CA LYS A 2062 61.34 37.50 -72.53
C LYS A 2062 60.64 36.15 -72.70
N THR A 2063 61.15 35.32 -73.62
CA THR A 2063 60.57 34.00 -73.86
C THR A 2063 60.50 33.11 -72.62
N GLU A 2064 61.62 33.03 -71.88
CA GLU A 2064 61.66 32.21 -70.67
C GLU A 2064 60.54 32.64 -69.75
N SER A 2065 60.49 33.94 -69.45
CA SER A 2065 59.47 34.47 -68.58
C SER A 2065 58.12 34.00 -69.05
N SER A 2066 57.92 34.01 -70.35
CA SER A 2066 56.68 33.56 -70.95
C SER A 2066 56.41 32.09 -70.69
N LYS A 2067 57.36 31.24 -71.05
CA LYS A 2067 57.19 29.82 -70.85
C LYS A 2067 57.02 29.45 -69.39
N VAL A 2068 57.33 30.38 -68.49
CA VAL A 2068 57.18 30.12 -67.07
C VAL A 2068 55.80 30.54 -66.61
N LYS A 2069 55.30 31.65 -67.14
CA LYS A 2069 53.96 32.16 -66.81
C LYS A 2069 52.92 31.09 -67.14
N ASN A 2070 53.09 30.46 -68.30
CA ASN A 2070 52.16 29.45 -68.75
C ASN A 2070 52.18 28.26 -67.84
N LYS A 2071 53.37 27.87 -67.40
CA LYS A 2071 53.51 26.75 -66.51
C LYS A 2071 52.86 27.12 -65.19
N VAL A 2072 53.12 28.34 -64.71
CA VAL A 2072 52.51 28.76 -63.45
C VAL A 2072 50.99 28.80 -63.57
N ASP A 2073 50.50 29.44 -64.63
CA ASP A 2073 49.06 29.52 -64.88
C ASP A 2073 48.51 28.09 -64.90
N ARG A 2074 49.25 27.19 -65.54
CA ARG A 2074 48.85 25.80 -65.64
C ARG A 2074 48.86 25.06 -64.29
N SER A 2075 49.56 25.61 -63.31
CA SER A 2075 49.64 25.00 -61.97
C SER A 2075 48.48 25.51 -61.12
N ILE A 2076 48.06 26.74 -61.36
CA ILE A 2076 46.94 27.31 -60.63
C ILE A 2076 45.68 26.52 -61.01
N ALA A 2077 45.65 26.00 -62.22
CA ALA A 2077 44.53 25.21 -62.69
C ALA A 2077 44.60 23.85 -61.98
N LEU A 2078 45.79 23.28 -61.95
CA LEU A 2078 45.97 21.98 -61.32
C LEU A 2078 45.64 22.06 -59.83
N LEU A 2079 46.23 23.00 -59.12
CA LEU A 2079 45.91 23.11 -57.71
C LEU A 2079 44.42 23.19 -57.49
N ASP A 2080 43.75 24.02 -58.27
CA ASP A 2080 42.30 24.19 -58.14
C ASP A 2080 41.49 22.93 -58.41
N ASN A 2081 41.85 22.15 -59.41
CA ASN A 2081 41.11 20.93 -59.68
C ASN A 2081 41.40 19.88 -58.61
N LEU A 2082 42.61 19.88 -58.08
CA LEU A 2082 43.01 18.93 -57.04
C LEU A 2082 42.36 19.28 -55.72
N ASN A 2083 42.20 20.58 -55.47
CA ASN A 2083 41.60 21.07 -54.23
C ASN A 2083 40.10 20.84 -54.19
N SER A 2084 39.50 20.64 -55.36
CA SER A 2084 38.07 20.46 -55.48
C SER A 2084 37.75 19.00 -55.34
N GLU A 2085 38.61 18.19 -55.93
CA GLU A 2085 38.50 16.75 -55.89
C GLU A 2085 38.84 16.33 -54.46
N ARG A 2086 39.97 16.81 -53.97
CA ARG A 2086 40.43 16.50 -52.63
C ARG A 2086 39.42 16.95 -51.59
N GLY A 2087 38.68 18.01 -51.91
CA GLY A 2087 37.69 18.50 -50.97
C GLY A 2087 36.56 17.50 -50.86
N ARG A 2088 36.28 16.84 -51.98
CA ARG A 2088 35.24 15.83 -52.07
C ARG A 2088 35.60 14.64 -51.18
N TRP A 2089 36.87 14.22 -51.20
CA TRP A 2089 37.33 13.11 -50.38
C TRP A 2089 37.12 13.47 -48.91
N GLU A 2090 37.49 14.70 -48.54
CA GLU A 2090 37.32 15.17 -47.18
C GLU A 2090 35.87 15.03 -46.69
N GLN A 2091 34.90 15.32 -47.56
CA GLN A 2091 33.50 15.19 -47.18
C GLN A 2091 33.18 13.71 -47.00
N GLN A 2092 33.59 12.88 -47.96
CA GLN A 2092 33.32 11.45 -47.86
C GLN A 2092 33.94 10.88 -46.59
N SER A 2093 35.18 11.28 -46.31
CA SER A 2093 35.88 10.80 -45.11
C SER A 2093 35.11 11.12 -43.84
N GLU A 2094 34.82 12.38 -43.61
CA GLU A 2094 34.09 12.80 -42.42
C GLU A 2094 32.75 12.08 -42.30
N ASN A 2095 32.14 11.79 -43.44
CA ASN A 2095 30.86 11.08 -43.48
C ASN A 2095 31.02 9.67 -42.92
N PHE A 2096 32.12 9.00 -43.31
CA PHE A 2096 32.41 7.65 -42.84
C PHE A 2096 32.84 7.59 -41.38
N ASN A 2097 33.38 8.68 -40.85
CA ASN A 2097 33.77 8.69 -39.45
C ASN A 2097 32.50 8.81 -38.64
N THR A 2098 31.52 9.48 -39.24
CA THR A 2098 30.25 9.66 -38.57
C THR A 2098 29.59 8.30 -38.43
N GLN A 2099 29.58 7.53 -39.52
CA GLN A 2099 29.00 6.19 -39.48
C GLN A 2099 29.82 5.37 -38.51
N MET A 2100 31.11 5.33 -38.74
CA MET A 2100 31.97 4.57 -37.85
C MET A 2100 31.68 4.97 -36.42
N SER A 2101 31.22 6.21 -36.22
CA SER A 2101 30.92 6.71 -34.89
C SER A 2101 29.58 6.24 -34.35
N THR A 2102 28.63 5.94 -35.24
CA THR A 2102 27.31 5.49 -34.81
C THR A 2102 27.03 4.04 -35.20
N VAL A 2103 28.05 3.24 -35.44
CA VAL A 2103 27.83 1.86 -35.84
C VAL A 2103 27.34 0.95 -34.73
N VAL A 2104 27.99 1.00 -33.57
CA VAL A 2104 27.58 0.13 -32.48
C VAL A 2104 26.09 0.29 -32.12
N GLY A 2105 25.68 1.52 -31.85
CA GLY A 2105 24.28 1.75 -31.54
C GLY A 2105 23.35 1.42 -32.70
N ASP A 2106 23.82 1.70 -33.91
CA ASP A 2106 23.05 1.43 -35.11
C ASP A 2106 22.81 -0.06 -35.26
N VAL A 2107 23.82 -0.82 -34.90
CA VAL A 2107 23.75 -2.26 -34.99
C VAL A 2107 22.88 -2.82 -33.90
N VAL A 2108 23.08 -2.38 -32.67
CA VAL A 2108 22.25 -2.86 -31.60
C VAL A 2108 20.78 -2.75 -32.02
N LEU A 2109 20.37 -1.55 -32.39
CA LEU A 2109 18.99 -1.28 -32.82
C LEU A 2109 18.52 -2.16 -33.95
N ALA A 2110 19.37 -2.38 -34.94
CA ALA A 2110 19.02 -3.23 -36.07
C ALA A 2110 18.93 -4.68 -35.65
N SER A 2111 19.68 -5.05 -34.63
CA SER A 2111 19.65 -6.43 -34.15
C SER A 2111 18.32 -6.71 -33.47
N ALA A 2112 18.03 -5.97 -32.41
CA ALA A 2112 16.76 -6.15 -31.70
C ALA A 2112 15.64 -6.23 -32.74
N PHE A 2113 15.66 -5.33 -33.71
CA PHE A 2113 14.65 -5.33 -34.75
C PHE A 2113 14.50 -6.72 -35.35
N LEU A 2114 15.63 -7.29 -35.78
CA LEU A 2114 15.68 -8.60 -36.39
C LEU A 2114 15.43 -9.72 -35.39
N ALA A 2115 15.76 -9.46 -34.14
CA ALA A 2115 15.58 -10.48 -33.14
C ALA A 2115 14.18 -10.54 -32.51
N TYR A 2116 13.64 -9.39 -32.14
CA TYR A 2116 12.37 -9.35 -31.42
C TYR A 2116 11.10 -8.79 -32.09
N ILE A 2117 11.24 -7.63 -32.73
CA ILE A 2117 10.19 -6.91 -33.43
C ILE A 2117 9.17 -7.73 -34.23
N GLY A 2118 9.66 -8.68 -35.01
CA GLY A 2118 8.82 -9.52 -35.87
C GLY A 2118 7.40 -9.91 -35.50
N PHE A 2119 7.21 -10.41 -34.29
CA PHE A 2119 5.89 -10.84 -33.85
C PHE A 2119 4.81 -9.75 -33.84
N PHE A 2120 5.16 -8.60 -33.28
CA PHE A 2120 4.26 -7.46 -33.13
C PHE A 2120 3.79 -6.69 -34.34
N ASP A 2121 2.86 -5.78 -34.11
CA ASP A 2121 2.32 -4.93 -35.15
C ASP A 2121 3.07 -3.60 -35.13
N GLN A 2122 2.75 -2.69 -36.05
CA GLN A 2122 3.44 -1.40 -36.12
C GLN A 2122 3.57 -0.65 -34.80
N ASN A 2123 2.47 -0.55 -34.07
CA ASN A 2123 2.48 0.16 -32.82
C ASN A 2123 3.45 -0.37 -31.78
N PHE A 2124 3.52 -1.69 -31.65
CA PHE A 2124 4.44 -2.28 -30.68
C PHE A 2124 5.85 -2.16 -31.21
N ARG A 2125 6.04 -2.32 -32.51
CA ARG A 2125 7.35 -2.19 -33.09
C ARG A 2125 7.79 -0.76 -32.84
N THR A 2126 6.95 0.19 -33.22
CA THR A 2126 7.25 1.60 -33.03
C THR A 2126 7.61 1.98 -31.60
N ASP A 2127 6.75 1.60 -30.65
CA ASP A 2127 7.03 1.91 -29.27
C ASP A 2127 8.28 1.20 -28.75
N LEU A 2128 8.52 -0.02 -29.23
CA LEU A 2128 9.68 -0.78 -28.82
C LEU A 2128 10.94 -0.08 -29.30
N MET A 2129 10.97 0.29 -30.58
CA MET A 2129 12.15 0.96 -31.12
C MET A 2129 12.46 2.26 -30.39
N ARG A 2130 11.44 2.89 -29.82
CA ARG A 2130 11.66 4.13 -29.12
C ARG A 2130 12.26 3.87 -27.75
N LYS A 2131 11.84 2.81 -27.07
CA LYS A 2131 12.40 2.50 -25.76
C LYS A 2131 13.89 2.19 -25.90
N TRP A 2132 14.25 1.55 -27.01
CA TRP A 2132 15.64 1.20 -27.27
C TRP A 2132 16.47 2.44 -27.55
N MET A 2133 15.94 3.38 -28.32
CA MET A 2133 16.64 4.62 -28.62
C MET A 2133 16.75 5.49 -27.38
N ILE A 2134 15.68 5.54 -26.58
CA ILE A 2134 15.71 6.33 -25.35
C ILE A 2134 16.79 5.80 -24.43
N ARG A 2135 16.94 4.49 -24.44
CA ARG A 2135 17.92 3.80 -23.63
C ARG A 2135 19.33 4.13 -24.07
N LEU A 2136 19.58 4.00 -25.36
CA LEU A 2136 20.89 4.29 -25.92
C LEU A 2136 21.26 5.75 -25.62
N ASP A 2137 20.29 6.64 -25.79
CA ASP A 2137 20.49 8.07 -25.56
C ASP A 2137 20.81 8.37 -24.11
N SER A 2138 20.16 7.61 -23.23
CA SER A 2138 20.32 7.75 -21.80
C SER A 2138 21.64 7.19 -21.30
N VAL A 2139 22.24 6.32 -22.09
CA VAL A 2139 23.49 5.69 -21.69
C VAL A 2139 24.71 6.32 -22.37
N GLY A 2140 24.49 7.18 -23.34
CA GLY A 2140 25.60 7.82 -23.99
C GLY A 2140 26.17 7.08 -25.16
N ILE A 2141 25.39 6.17 -25.73
CA ILE A 2141 25.85 5.43 -26.89
C ILE A 2141 25.35 6.21 -28.12
N LYS A 2142 26.25 6.56 -29.02
CA LYS A 2142 25.85 7.31 -30.19
C LYS A 2142 25.19 6.49 -31.31
N PHE A 2143 24.11 7.01 -31.86
CA PHE A 2143 23.40 6.35 -32.94
C PHE A 2143 22.66 7.37 -33.80
N LYS A 2144 22.16 6.94 -34.97
CA LYS A 2144 21.43 7.81 -35.88
C LYS A 2144 20.00 8.03 -35.38
N SER A 2145 19.70 9.23 -34.91
CA SER A 2145 18.37 9.57 -34.40
C SER A 2145 17.21 9.04 -35.25
N ASP A 2146 17.40 9.06 -36.55
CA ASP A 2146 16.39 8.62 -37.51
C ASP A 2146 16.95 7.49 -38.33
N LEU A 2147 17.14 6.34 -37.71
CA LEU A 2147 17.70 5.21 -38.41
C LEU A 2147 16.66 4.27 -38.98
N SER A 2148 16.78 4.01 -40.28
CA SER A 2148 15.86 3.10 -40.95
C SER A 2148 16.51 1.73 -40.95
N VAL A 2149 16.05 0.82 -40.10
CA VAL A 2149 16.64 -0.51 -40.07
C VAL A 2149 16.62 -1.12 -41.48
N PRO A 2150 15.56 -0.83 -42.25
CA PRO A 2150 15.44 -1.33 -43.62
C PRO A 2150 16.52 -0.82 -44.59
N SER A 2151 16.88 0.45 -44.48
CA SER A 2151 17.91 1.04 -45.35
C SER A 2151 19.30 0.58 -44.91
N PHE A 2152 19.43 0.42 -43.60
CA PHE A 2152 20.66 -0.01 -42.97
C PHE A 2152 21.01 -1.46 -43.32
N LEU A 2153 20.02 -2.22 -43.81
CA LEU A 2153 20.21 -3.63 -44.12
C LEU A 2153 19.74 -4.12 -45.49
N SER A 2154 19.69 -3.23 -46.48
CA SER A 2154 19.27 -3.63 -47.83
C SER A 2154 19.44 -2.47 -48.80
N LYS A 2155 19.99 -2.72 -49.97
CA LYS A 2155 20.19 -1.63 -50.93
C LYS A 2155 18.86 -1.25 -51.61
N PRO A 2156 18.70 0.04 -51.96
CA PRO A 2156 17.48 0.54 -52.62
C PRO A 2156 17.07 -0.27 -53.83
N GLU A 2157 18.05 -0.86 -54.50
CA GLU A 2157 17.80 -1.68 -55.68
C GLU A 2157 17.14 -2.99 -55.24
N GLU A 2158 17.67 -3.58 -54.18
CA GLU A 2158 17.19 -4.83 -53.59
C GLU A 2158 15.67 -4.74 -53.26
N ARG A 2159 15.18 -3.53 -53.04
CA ARG A 2159 13.78 -3.34 -52.70
C ARG A 2159 12.91 -3.22 -53.93
N LEU A 2160 13.32 -2.36 -54.85
CA LEU A 2160 12.54 -2.20 -56.08
C LEU A 2160 12.20 -3.58 -56.62
N ASN A 2161 13.16 -4.49 -56.56
CA ASN A 2161 12.97 -5.84 -57.04
C ASN A 2161 12.01 -6.62 -56.13
N TRP A 2162 12.03 -6.31 -54.83
CA TRP A 2162 11.13 -6.97 -53.89
C TRP A 2162 9.70 -6.70 -54.29
N HIS A 2163 9.41 -5.43 -54.53
CA HIS A 2163 8.07 -5.02 -54.94
C HIS A 2163 7.74 -5.61 -56.32
N ALA A 2164 8.67 -5.52 -57.26
CA ALA A 2164 8.48 -6.09 -58.59
C ALA A 2164 8.09 -7.55 -58.42
N ASN A 2165 8.53 -8.15 -57.32
CA ASN A 2165 8.18 -9.53 -57.03
C ASN A 2165 6.93 -9.62 -56.15
N SER A 2166 6.10 -8.58 -56.20
CA SER A 2166 4.84 -8.49 -55.45
C SER A 2166 4.87 -8.14 -53.96
N LEU A 2167 5.98 -7.65 -53.43
CA LEU A 2167 6.02 -7.27 -52.02
C LEU A 2167 5.10 -6.07 -51.91
N PRO A 2168 4.11 -6.11 -51.01
CA PRO A 2168 3.22 -4.96 -50.89
C PRO A 2168 4.06 -3.74 -50.50
N SER A 2169 3.77 -2.61 -51.08
CA SER A 2169 4.54 -1.40 -50.80
C SER A 2169 4.11 -0.58 -49.57
N ASP A 2170 4.39 -1.11 -48.39
CA ASP A 2170 4.06 -0.41 -47.16
C ASP A 2170 5.21 -0.62 -46.17
N GLU A 2171 5.37 0.30 -45.24
CA GLU A 2171 6.45 0.23 -44.26
C GLU A 2171 6.52 -1.08 -43.49
N LEU A 2172 5.37 -1.65 -43.17
CA LEU A 2172 5.33 -2.90 -42.42
C LEU A 2172 5.98 -4.04 -43.19
N CYS A 2173 5.63 -4.18 -44.45
CA CYS A 2173 6.16 -5.24 -45.29
C CYS A 2173 7.65 -5.08 -45.61
N ILE A 2174 8.08 -3.85 -45.87
CA ILE A 2174 9.48 -3.60 -46.18
C ILE A 2174 10.26 -4.04 -44.95
N GLU A 2175 9.73 -3.76 -43.78
CA GLU A 2175 10.38 -4.18 -42.57
C GLU A 2175 10.39 -5.72 -42.54
N ASN A 2176 9.26 -6.34 -42.82
CA ASN A 2176 9.16 -7.78 -42.83
C ASN A 2176 10.15 -8.38 -43.81
N ALA A 2177 10.28 -7.73 -44.96
CA ALA A 2177 11.18 -8.19 -46.00
C ALA A 2177 12.62 -8.37 -45.51
N ILE A 2178 13.13 -7.41 -44.74
CA ILE A 2178 14.48 -7.47 -44.19
C ILE A 2178 14.59 -8.60 -43.18
N MET A 2179 13.47 -8.97 -42.56
CA MET A 2179 13.48 -10.05 -41.60
C MET A 2179 13.59 -11.36 -42.34
N LEU A 2180 13.07 -11.38 -43.57
CA LEU A 2180 13.11 -12.56 -44.40
C LEU A 2180 14.38 -12.59 -45.23
N LYS A 2181 15.23 -11.60 -45.02
CA LYS A 2181 16.49 -11.54 -45.74
C LYS A 2181 17.64 -11.75 -44.77
N ARG A 2182 17.55 -11.16 -43.58
CA ARG A 2182 18.60 -11.28 -42.57
C ARG A 2182 18.22 -12.13 -41.39
N PHE A 2183 17.24 -13.00 -41.55
CA PHE A 2183 16.78 -13.83 -40.45
C PHE A 2183 17.89 -14.73 -39.93
N ASN A 2184 17.79 -15.08 -38.66
CA ASN A 2184 18.74 -15.96 -38.02
C ASN A 2184 18.07 -17.35 -38.09
N ARG A 2185 17.11 -17.59 -37.20
CA ARG A 2185 16.38 -18.86 -37.18
C ARG A 2185 15.38 -18.78 -38.31
N TYR A 2186 15.16 -19.87 -39.04
CA TYR A 2186 14.22 -19.85 -40.16
C TYR A 2186 12.93 -19.13 -39.76
N PRO A 2187 12.32 -18.36 -40.70
CA PRO A 2187 11.09 -17.63 -40.38
C PRO A 2187 9.76 -18.36 -40.35
N LEU A 2188 8.92 -17.94 -39.41
CA LEU A 2188 7.57 -18.46 -39.23
C LEU A 2188 6.69 -17.25 -39.55
N VAL A 2189 6.19 -17.21 -40.77
CA VAL A 2189 5.36 -16.09 -41.22
C VAL A 2189 3.87 -16.16 -40.92
N ILE A 2190 3.39 -15.23 -40.10
CA ILE A 2190 1.98 -15.10 -39.75
C ILE A 2190 1.45 -14.30 -40.93
N ASP A 2191 0.80 -14.97 -41.87
CA ASP A 2191 0.35 -14.28 -43.06
C ASP A 2191 -1.03 -14.71 -43.53
N PRO A 2192 -2.08 -14.14 -42.92
CA PRO A 2192 -3.47 -14.45 -43.25
C PRO A 2192 -3.93 -14.05 -44.66
N SER A 2193 -3.35 -12.99 -45.19
CA SER A 2193 -3.73 -12.52 -46.51
C SER A 2193 -3.00 -13.25 -47.64
N GLY A 2194 -2.03 -14.06 -47.28
CA GLY A 2194 -1.28 -14.76 -48.30
C GLY A 2194 -0.44 -13.86 -49.20
N GLN A 2195 -0.20 -12.62 -48.77
CA GLN A 2195 0.60 -11.69 -49.58
C GLN A 2195 2.08 -12.05 -49.44
N ALA A 2196 2.45 -12.55 -48.27
CA ALA A 2196 3.82 -12.95 -48.00
C ALA A 2196 4.12 -14.17 -48.85
N MET A 2197 3.19 -15.14 -48.84
CA MET A 2197 3.35 -16.36 -49.63
C MET A 2197 3.58 -15.96 -51.08
N GLU A 2198 2.61 -15.25 -51.66
CA GLU A 2198 2.72 -14.77 -53.04
C GLU A 2198 4.10 -14.16 -53.29
N PHE A 2199 4.53 -13.30 -52.38
CA PHE A 2199 5.82 -12.60 -52.46
C PHE A 2199 7.06 -13.52 -52.57
N LEU A 2200 7.39 -14.25 -51.51
CA LEU A 2200 8.55 -15.13 -51.54
C LEU A 2200 8.46 -16.03 -52.77
N MET A 2201 7.21 -16.38 -53.12
CA MET A 2201 6.92 -17.24 -54.24
C MET A 2201 7.31 -16.69 -55.62
N ASN A 2202 7.79 -15.46 -55.67
CA ASN A 2202 8.21 -14.86 -56.94
C ASN A 2202 9.64 -14.38 -56.75
N GLN A 2203 9.97 -14.04 -55.49
CA GLN A 2203 11.28 -13.56 -55.14
C GLN A 2203 12.25 -14.73 -55.31
N TYR A 2204 11.73 -15.93 -55.13
CA TYR A 2204 12.52 -17.14 -55.25
C TYR A 2204 11.97 -18.06 -56.34
N ALA A 2205 11.40 -17.45 -57.37
CA ALA A 2205 10.85 -18.20 -58.49
C ALA A 2205 12.01 -18.78 -59.29
N ASP A 2206 13.07 -18.00 -59.39
CA ASP A 2206 14.27 -18.39 -60.13
C ASP A 2206 15.12 -19.40 -59.39
N LYS A 2207 14.73 -19.78 -58.18
CA LYS A 2207 15.51 -20.73 -57.42
C LYS A 2207 14.72 -21.97 -57.01
N LYS A 2208 13.53 -22.13 -57.60
CA LYS A 2208 12.64 -23.28 -57.36
C LYS A 2208 12.18 -23.58 -55.92
N ILE A 2209 11.11 -22.90 -55.50
CA ILE A 2209 10.56 -23.13 -54.18
C ILE A 2209 9.37 -24.08 -54.36
N THR A 2210 8.69 -24.41 -53.27
CA THR A 2210 7.58 -25.34 -53.35
C THR A 2210 6.57 -24.93 -52.29
N LYS A 2211 5.31 -24.78 -52.69
CA LYS A 2211 4.29 -24.34 -51.74
C LYS A 2211 3.79 -25.50 -50.85
N THR A 2212 4.59 -26.56 -50.75
CA THR A 2212 4.27 -27.72 -49.93
C THR A 2212 3.76 -27.43 -48.50
N SER A 2213 3.47 -28.50 -47.77
CA SER A 2213 2.98 -28.48 -46.40
C SER A 2213 3.60 -29.71 -45.66
N PHE A 2219 5.47 -34.76 -49.42
CA PHE A 2219 6.03 -33.75 -48.51
C PHE A 2219 7.50 -34.04 -48.24
N MET A 2220 7.71 -34.90 -47.23
CA MET A 2220 9.04 -35.33 -46.78
C MET A 2220 10.09 -35.56 -47.85
N LYS A 2221 9.68 -35.98 -49.05
CA LYS A 2221 10.65 -36.20 -50.12
C LYS A 2221 11.09 -34.85 -50.71
N ASN A 2222 10.14 -33.92 -50.87
CA ASN A 2222 10.43 -32.58 -51.43
C ASN A 2222 11.34 -31.85 -50.45
N LEU A 2223 11.23 -32.21 -49.17
CA LEU A 2223 12.09 -31.62 -48.16
C LEU A 2223 13.49 -32.08 -48.54
N GLU A 2224 13.61 -33.37 -48.78
CA GLU A 2224 14.89 -33.96 -49.19
C GLU A 2224 15.34 -33.38 -50.54
N SER A 2225 14.42 -33.32 -51.48
CA SER A 2225 14.71 -32.78 -52.80
C SER A 2225 15.30 -31.34 -52.63
N ALA A 2226 14.71 -30.59 -51.69
CA ALA A 2226 15.14 -29.24 -51.38
C ALA A 2226 16.48 -29.24 -50.65
N LEU A 2227 16.56 -30.03 -49.57
CA LEU A 2227 17.78 -30.15 -48.77
C LEU A 2227 18.95 -30.58 -49.67
N ARG A 2228 18.75 -31.68 -50.40
CA ARG A 2228 19.77 -32.20 -51.30
C ARG A 2228 20.10 -31.21 -52.43
N PHE A 2229 19.07 -30.65 -53.06
CA PHE A 2229 19.28 -29.72 -54.16
C PHE A 2229 19.49 -28.24 -53.72
N GLY A 2230 19.41 -27.99 -52.42
CA GLY A 2230 19.61 -26.62 -51.92
C GLY A 2230 18.65 -25.59 -52.52
N CYS A 2231 17.39 -25.99 -52.67
CA CYS A 2231 16.36 -25.10 -53.20
C CYS A 2231 15.41 -24.78 -52.07
N PRO A 2232 14.90 -23.53 -52.01
CA PRO A 2232 13.96 -23.03 -50.97
C PRO A 2232 12.65 -23.82 -50.87
N LEU A 2233 12.10 -23.90 -49.67
CA LEU A 2233 10.83 -24.60 -49.47
C LEU A 2233 9.89 -23.80 -48.57
N LEU A 2234 8.60 -23.79 -48.91
CA LEU A 2234 7.58 -23.03 -48.17
C LEU A 2234 6.50 -23.97 -47.59
N VAL A 2235 6.52 -24.16 -46.27
CA VAL A 2235 5.55 -25.03 -45.60
C VAL A 2235 4.31 -24.24 -45.21
N GLN A 2236 3.13 -24.86 -45.38
CA GLN A 2236 1.86 -24.22 -45.03
C GLN A 2236 1.41 -24.72 -43.66
N ASP A 2237 0.25 -24.25 -43.21
CA ASP A 2237 -0.33 -24.64 -41.91
C ASP A 2237 0.67 -25.38 -41.03
N VAL A 2238 1.21 -24.68 -40.03
CA VAL A 2238 2.20 -25.27 -39.14
C VAL A 2238 1.77 -25.16 -37.67
N GLU A 2239 0.47 -25.35 -37.41
CA GLU A 2239 -0.04 -25.24 -36.04
C GLU A 2239 0.39 -26.41 -35.17
N SER A 2274 23.20 -23.37 -48.66
CA SER A 2274 22.37 -22.40 -49.38
C SER A 2274 20.90 -22.85 -49.48
N PHE A 2275 20.50 -23.66 -48.52
CA PHE A 2275 19.12 -24.14 -48.45
C PHE A 2275 18.41 -23.22 -47.46
N MET A 2276 17.09 -23.09 -47.62
CA MET A 2276 16.29 -22.26 -46.72
C MET A 2276 14.82 -22.70 -46.76
N ILE A 2277 14.15 -22.52 -45.62
CA ILE A 2277 12.75 -22.91 -45.45
C ILE A 2277 11.91 -21.78 -44.81
N PHE A 2278 10.60 -21.82 -45.05
CA PHE A 2278 9.70 -20.81 -44.51
C PHE A 2278 8.41 -21.45 -43.93
N LEU A 2279 8.16 -21.19 -42.64
CA LEU A 2279 6.97 -21.72 -41.94
C LEU A 2279 5.79 -20.77 -42.12
N PHE A 2280 4.59 -21.31 -42.30
CA PHE A 2280 3.40 -20.49 -42.50
C PHE A 2280 2.10 -20.86 -41.79
N THR A 2281 1.41 -19.82 -41.34
CA THR A 2281 0.10 -19.92 -40.68
C THR A 2281 -0.70 -18.91 -41.48
N ARG A 2282 -2.01 -18.90 -41.29
CA ARG A 2282 -2.86 -17.94 -41.96
C ARG A 2282 -3.75 -17.50 -40.82
N ASP A 2283 -3.32 -17.84 -39.61
CA ASP A 2283 -4.06 -17.48 -38.41
C ASP A 2283 -3.36 -16.42 -37.57
N PRO A 2284 -3.99 -15.25 -37.45
CA PRO A 2284 -3.48 -14.11 -36.69
C PRO A 2284 -3.28 -14.34 -35.17
N THR A 2285 -4.14 -15.15 -34.58
CA THR A 2285 -4.07 -15.46 -33.15
C THR A 2285 -3.26 -16.74 -32.91
N ALA A 2286 -2.39 -17.07 -33.85
CA ALA A 2286 -1.58 -18.28 -33.77
C ALA A 2286 -0.75 -18.46 -32.49
N HIS A 2287 -1.07 -19.49 -31.71
CA HIS A 2287 -0.33 -19.76 -30.48
C HIS A 2287 0.76 -20.82 -30.71
N PHE A 2288 1.97 -20.53 -30.23
CA PHE A 2288 3.08 -21.47 -30.36
C PHE A 2288 3.79 -21.71 -29.02
N THR A 2289 4.47 -22.86 -28.90
CA THR A 2289 5.18 -23.22 -27.67
C THR A 2289 6.44 -22.40 -27.42
N PRO A 2290 6.66 -21.95 -26.17
CA PRO A 2290 7.89 -21.17 -25.96
C PRO A 2290 9.05 -21.86 -26.68
N ASP A 2291 9.16 -23.18 -26.54
CA ASP A 2291 10.24 -23.91 -27.19
C ASP A 2291 10.34 -23.67 -28.70
N LEU A 2292 9.26 -23.88 -29.43
CA LEU A 2292 9.30 -23.67 -30.87
C LEU A 2292 9.49 -22.19 -31.18
N CYS A 2293 9.12 -21.33 -30.22
CA CYS A 2293 9.26 -19.89 -30.37
C CYS A 2293 10.75 -19.51 -30.53
N SER A 2294 11.57 -20.11 -29.66
CA SER A 2294 13.02 -19.86 -29.66
C SER A 2294 13.77 -20.54 -30.78
N ARG A 2295 13.11 -21.41 -31.54
CA ARG A 2295 13.79 -22.05 -32.66
C ARG A 2295 13.33 -21.45 -33.99
N VAL A 2296 12.62 -20.32 -33.91
CA VAL A 2296 12.11 -19.67 -35.12
C VAL A 2296 12.04 -18.13 -35.07
N THR A 2297 12.13 -17.49 -36.23
CA THR A 2297 12.05 -16.04 -36.32
C THR A 2297 10.68 -15.63 -36.86
N PHE A 2298 9.86 -15.01 -36.01
CA PHE A 2298 8.53 -14.57 -36.44
C PHE A 2298 8.57 -13.40 -37.41
N VAL A 2299 7.51 -13.28 -38.21
CA VAL A 2299 7.38 -12.19 -39.17
C VAL A 2299 5.88 -12.01 -39.34
N ASN A 2300 5.33 -11.00 -38.67
CA ASN A 2300 3.89 -10.75 -38.72
C ASN A 2300 3.45 -9.93 -39.92
N PHE A 2301 2.68 -10.54 -40.79
CA PHE A 2301 2.21 -9.84 -41.98
C PHE A 2301 0.76 -9.41 -41.85
N THR A 2302 0.23 -9.50 -40.64
CA THR A 2302 -1.16 -9.12 -40.44
C THR A 2302 -1.42 -7.72 -40.96
N VAL A 2303 -2.37 -7.62 -41.88
CA VAL A 2303 -2.77 -6.34 -42.46
C VAL A 2303 -3.35 -5.40 -41.39
N THR A 2304 -3.21 -4.10 -41.63
CA THR A 2304 -3.66 -3.11 -40.69
C THR A 2304 -4.30 -1.98 -41.48
N PRO A 2305 -5.09 -1.12 -40.81
CA PRO A 2305 -5.68 -0.04 -41.60
C PRO A 2305 -4.72 1.01 -42.13
N SER A 2306 -3.60 1.21 -41.46
CA SER A 2306 -2.62 2.18 -41.96
C SER A 2306 -1.84 1.61 -43.13
N SER A 2307 -1.46 0.34 -43.02
CA SER A 2307 -0.70 -0.31 -44.09
C SER A 2307 -1.54 -0.56 -45.35
N LEU A 2308 -2.76 -1.05 -45.17
CA LEU A 2308 -3.63 -1.29 -46.31
C LEU A 2308 -3.88 0.02 -47.03
N GLN A 2309 -3.95 1.09 -46.25
CA GLN A 2309 -4.17 2.41 -46.82
C GLN A 2309 -2.95 2.73 -47.65
N SER A 2310 -1.79 2.51 -47.03
CA SER A 2310 -0.51 2.77 -47.65
C SER A 2310 -0.40 1.97 -48.95
N GLN A 2311 -0.83 0.73 -48.92
CA GLN A 2311 -0.77 -0.11 -50.10
C GLN A 2311 -1.63 0.43 -51.21
N CYS A 2312 -2.86 0.81 -50.88
CA CYS A 2312 -3.74 1.33 -51.91
C CYS A 2312 -3.19 2.59 -52.51
N LEU A 2313 -2.71 3.49 -51.66
CA LEU A 2313 -2.15 4.74 -52.15
C LEU A 2313 -1.07 4.47 -53.18
N HIS A 2314 0.01 3.81 -52.76
CA HIS A 2314 1.10 3.55 -53.69
C HIS A 2314 0.62 2.89 -54.97
N GLU A 2315 -0.27 1.91 -54.85
CA GLU A 2315 -0.80 1.21 -56.01
C GLU A 2315 -1.54 2.15 -56.94
N ALA A 2316 -2.26 3.13 -56.37
CA ALA A 2316 -3.01 4.11 -57.14
C ALA A 2316 -2.08 5.01 -57.93
N LEU A 2317 -1.20 5.72 -57.25
CA LEU A 2317 -0.23 6.58 -57.91
C LEU A 2317 0.45 5.76 -59.01
N LYS A 2318 1.08 4.65 -58.62
CA LYS A 2318 1.76 3.79 -59.57
C LYS A 2318 0.92 3.48 -60.80
N THR A 2319 -0.40 3.48 -60.65
CA THR A 2319 -1.31 3.19 -61.78
C THR A 2319 -1.86 4.44 -62.46
N GLU A 2320 -2.47 5.32 -61.68
CA GLU A 2320 -3.03 6.54 -62.22
C GLU A 2320 -1.99 7.58 -62.66
N ARG A 2321 -0.97 7.81 -61.82
CA ARG A 2321 0.09 8.76 -62.13
C ARG A 2321 1.41 8.04 -62.41
N PRO A 2322 1.44 7.21 -63.47
CA PRO A 2322 2.70 6.51 -63.73
C PRO A 2322 3.90 7.44 -63.95
N ASP A 2323 3.65 8.61 -64.56
CA ASP A 2323 4.72 9.59 -64.83
C ASP A 2323 5.75 9.48 -63.69
N THR A 2324 5.29 9.84 -62.50
CA THR A 2324 6.06 9.81 -61.27
C THR A 2324 6.80 8.48 -61.04
N HIS A 2325 6.06 7.39 -60.85
CA HIS A 2325 6.73 6.12 -60.58
C HIS A 2325 7.91 5.90 -61.54
N LYS A 2326 7.67 6.12 -62.83
CA LYS A 2326 8.72 5.94 -63.83
C LYS A 2326 9.97 6.73 -63.45
N LYS A 2327 9.83 8.05 -63.37
CA LYS A 2327 10.98 8.90 -63.01
C LYS A 2327 11.63 8.44 -61.70
N ARG A 2328 10.90 8.64 -60.59
CA ARG A 2328 11.38 8.29 -59.26
C ARG A 2328 12.19 7.02 -59.26
N SER A 2329 11.73 5.95 -59.92
CA SER A 2329 12.52 4.70 -59.96
C SER A 2329 13.75 5.06 -60.75
N ASP A 2330 13.82 4.57 -61.99
CA ASP A 2330 14.95 4.85 -62.88
C ASP A 2330 15.95 5.87 -62.32
N LEU A 2331 15.55 7.15 -62.33
CA LEU A 2331 16.39 8.23 -61.81
C LEU A 2331 17.28 7.72 -60.67
N LEU A 2332 16.68 7.65 -59.48
CA LEU A 2332 17.35 7.20 -58.26
C LEU A 2332 17.69 5.70 -58.32
N LYS A 2333 17.12 5.00 -59.30
CA LYS A 2333 17.38 3.57 -59.48
C LYS A 2333 18.70 3.48 -60.24
N ILE A 2334 19.10 4.61 -60.85
CA ILE A 2334 20.34 4.71 -61.64
C ILE A 2334 21.45 5.44 -60.88
N GLN A 2335 21.61 5.09 -59.60
CA GLN A 2335 22.63 5.68 -58.75
C GLN A 2335 24.01 5.13 -59.10
N GLY A 2336 24.03 4.04 -59.87
CA GLY A 2336 25.28 3.42 -60.28
C GLY A 2336 26.29 4.40 -60.85
N GLU A 2337 25.87 5.22 -61.81
CA GLU A 2337 26.76 6.23 -62.42
C GLU A 2337 27.43 6.95 -61.25
N PHE A 2338 26.60 7.60 -60.44
CA PHE A 2338 27.09 8.33 -59.26
C PHE A 2338 27.71 7.37 -58.23
N GLN A 2339 27.62 6.06 -58.48
CA GLN A 2339 28.17 5.02 -57.59
C GLN A 2339 29.49 4.49 -58.15
N VAL A 2340 29.40 3.46 -59.00
CA VAL A 2340 30.57 2.85 -59.63
C VAL A 2340 31.34 3.78 -60.58
N LYS A 2341 30.62 4.52 -61.44
CA LYS A 2341 31.27 5.46 -62.38
C LYS A 2341 32.19 6.44 -61.62
N LEU A 2342 32.20 6.34 -60.30
CA LEU A 2342 33.03 7.18 -59.47
C LEU A 2342 33.83 6.26 -58.54
N ARG A 2343 33.13 5.32 -57.90
CA ARG A 2343 33.71 4.34 -56.96
C ARG A 2343 34.92 3.58 -57.51
N ILE A 2344 35.13 3.69 -58.82
CA ILE A 2344 36.25 3.03 -59.49
C ILE A 2344 36.96 4.05 -60.37
N LEU A 2345 36.22 5.08 -60.81
CA LEU A 2345 36.82 6.12 -61.63
C LEU A 2345 37.72 6.93 -60.68
N GLU A 2346 37.41 6.84 -59.39
CA GLU A 2346 38.21 7.52 -58.37
C GLU A 2346 39.52 6.76 -58.36
N LYS A 2347 39.42 5.43 -58.25
CA LYS A 2347 40.59 4.55 -58.23
C LYS A 2347 41.51 4.86 -59.41
N SER A 2348 40.91 5.25 -60.53
CA SER A 2348 41.67 5.59 -61.74
C SER A 2348 42.46 6.91 -61.59
N LEU A 2349 42.04 7.76 -60.65
CA LEU A 2349 42.76 9.02 -60.41
C LEU A 2349 43.97 8.67 -59.60
N LEU A 2350 43.74 7.87 -58.56
CA LEU A 2350 44.82 7.45 -57.67
C LEU A 2350 45.93 6.78 -58.46
N ASN A 2351 45.58 6.25 -59.63
CA ASN A 2351 46.60 5.62 -60.44
C ASN A 2351 47.51 6.71 -61.01
N ALA A 2352 46.98 7.53 -61.90
CA ALA A 2352 47.76 8.59 -62.54
C ALA A 2352 48.72 9.26 -61.56
N LEU A 2353 48.17 9.77 -60.46
CA LEU A 2353 48.97 10.43 -59.44
C LEU A 2353 50.16 9.56 -59.03
N SER A 2354 50.00 8.25 -59.14
CA SER A 2354 51.07 7.32 -58.79
C SER A 2354 52.15 7.27 -59.89
N GLN A 2355 51.78 6.93 -61.12
CA GLN A 2355 52.75 6.90 -62.22
C GLN A 2355 53.17 8.36 -62.51
N ALA A 2356 53.11 9.21 -61.49
CA ALA A 2356 53.45 10.63 -61.60
C ALA A 2356 54.70 11.06 -60.83
N SER A 2357 54.49 11.78 -59.72
CA SER A 2357 55.58 12.29 -58.87
C SER A 2357 56.83 12.72 -59.65
N GLY A 2358 56.73 13.76 -60.47
CA GLY A 2358 57.87 14.22 -61.22
C GLY A 2358 57.55 15.25 -62.29
N ASN A 2359 56.65 14.91 -63.19
CA ASN A 2359 56.29 15.85 -64.26
C ASN A 2359 54.79 16.19 -64.25
N ILE A 2360 54.23 16.22 -63.04
CA ILE A 2360 52.81 16.50 -62.79
C ILE A 2360 52.12 17.48 -63.72
N LEU A 2361 52.76 18.61 -64.00
CA LEU A 2361 52.18 19.66 -64.84
C LEU A 2361 51.81 19.42 -66.29
N ASP A 2362 52.26 18.33 -66.90
CA ASP A 2362 51.89 18.12 -68.30
C ASP A 2362 51.18 16.80 -68.42
N ASP A 2363 51.14 16.08 -67.29
CA ASP A 2363 50.51 14.78 -67.20
C ASP A 2363 49.06 14.74 -67.69
N ASP A 2364 48.86 14.10 -68.84
CA ASP A 2364 47.53 14.03 -69.44
C ASP A 2364 46.57 13.14 -68.66
N SER A 2365 47.04 12.01 -68.14
CA SER A 2365 46.16 11.16 -67.39
C SER A 2365 45.78 11.77 -66.03
N VAL A 2366 46.53 12.77 -65.58
CA VAL A 2366 46.18 13.40 -64.31
C VAL A 2366 45.22 14.53 -64.69
N ILE A 2367 45.56 15.26 -65.76
CA ILE A 2367 44.71 16.35 -66.22
C ILE A 2367 43.37 15.75 -66.69
N SER A 2368 43.43 14.54 -67.25
CA SER A 2368 42.23 13.88 -67.73
C SER A 2368 41.35 13.44 -66.56
N THR A 2369 41.71 12.32 -65.94
CA THR A 2369 40.97 11.76 -64.80
C THR A 2369 40.33 12.89 -63.98
N LEU A 2370 41.14 13.85 -63.55
CA LEU A 2370 40.63 14.97 -62.76
C LEU A 2370 39.50 15.72 -63.44
N GLU A 2371 39.80 16.46 -64.50
CA GLU A 2371 38.77 17.22 -65.22
C GLU A 2371 37.58 16.32 -65.57
N THR A 2372 37.88 15.03 -65.77
CA THR A 2372 36.85 14.05 -66.09
C THR A 2372 35.90 14.04 -64.92
N LEU A 2373 36.45 14.00 -63.72
CA LEU A 2373 35.62 14.00 -62.53
C LEU A 2373 34.86 15.31 -62.37
N LYS A 2374 35.57 16.44 -62.50
CA LYS A 2374 34.94 17.75 -62.39
C LYS A 2374 33.60 17.78 -63.17
N LYS A 2375 33.46 16.85 -64.12
CA LYS A 2375 32.25 16.71 -64.92
C LYS A 2375 31.38 15.58 -64.32
N GLU A 2376 31.76 14.34 -64.62
CA GLU A 2376 31.04 13.15 -64.15
C GLU A 2376 30.55 13.34 -62.71
N THR A 2377 31.18 14.29 -62.02
CA THR A 2377 30.84 14.63 -60.65
C THR A 2377 29.54 15.42 -60.74
N THR A 2378 29.64 16.66 -61.24
CA THR A 2378 28.52 17.58 -61.38
C THR A 2378 27.15 16.92 -61.67
N GLU A 2379 27.16 15.87 -62.50
CA GLU A 2379 25.92 15.15 -62.85
C GLU A 2379 25.08 14.99 -61.60
N ILE A 2380 25.67 14.34 -60.60
CA ILE A 2380 25.02 14.08 -59.34
C ILE A 2380 24.47 15.38 -58.72
N ALA A 2381 25.38 16.17 -58.14
CA ALA A 2381 25.04 17.43 -57.47
C ALA A 2381 23.75 18.11 -57.96
N LEU A 2382 23.84 18.80 -59.10
CA LEU A 2382 22.71 19.53 -59.69
C LEU A 2382 21.49 18.64 -60.04
N LYS A 2383 21.73 17.51 -60.70
CA LYS A 2383 20.64 16.57 -61.07
C LYS A 2383 19.81 16.21 -59.83
N VAL A 2384 20.47 16.24 -58.67
CA VAL A 2384 19.87 15.96 -57.37
C VAL A 2384 18.94 17.14 -57.02
N GLU A 2385 19.44 18.35 -57.25
CA GLU A 2385 18.72 19.61 -57.00
C GLU A 2385 17.33 19.55 -57.62
N GLU A 2386 17.19 18.69 -58.63
CA GLU A 2386 15.91 18.50 -59.32
C GLU A 2386 15.13 17.31 -58.73
N THR A 2387 15.85 16.31 -58.21
CA THR A 2387 15.21 15.12 -57.62
C THR A 2387 14.48 15.46 -56.31
N GLU A 2388 14.96 16.48 -55.58
CA GLU A 2388 14.30 16.89 -54.35
C GLU A 2388 12.96 17.48 -54.84
N THR A 2389 13.05 18.27 -55.91
CA THR A 2389 11.88 18.91 -56.55
C THR A 2389 10.91 17.92 -57.23
N VAL A 2390 11.38 16.70 -57.48
CA VAL A 2390 10.56 15.66 -58.07
C VAL A 2390 9.86 14.99 -56.89
N MET A 2391 10.61 14.76 -55.80
CA MET A 2391 10.07 14.15 -54.59
C MET A 2391 8.91 15.02 -54.17
N GLN A 2392 8.99 16.28 -54.57
CA GLN A 2392 7.95 17.27 -54.31
C GLN A 2392 6.77 16.94 -55.25
N GLU A 2393 7.08 16.70 -56.53
CA GLU A 2393 6.06 16.33 -57.50
C GLU A 2393 5.36 15.12 -56.89
N ILE A 2394 6.16 14.13 -56.50
CA ILE A 2394 5.69 12.92 -55.86
C ILE A 2394 4.71 13.25 -54.73
N SER A 2395 5.21 13.95 -53.71
CA SER A 2395 4.39 14.32 -52.55
C SER A 2395 3.06 14.97 -52.94
N GLU A 2396 3.11 16.09 -53.64
CA GLU A 2396 1.88 16.75 -54.05
C GLU A 2396 0.86 15.70 -54.48
N VAL A 2397 1.20 14.90 -55.48
CA VAL A 2397 0.29 13.87 -56.00
C VAL A 2397 -0.03 12.74 -55.02
N SER A 2398 0.90 12.42 -54.15
CA SER A 2398 0.69 11.35 -53.18
C SER A 2398 -0.24 11.86 -52.07
N ALA A 2399 -0.62 13.13 -52.16
CA ALA A 2399 -1.53 13.69 -51.16
C ALA A 2399 -2.91 13.80 -51.82
N LEU A 2400 -2.89 14.03 -53.12
CA LEU A 2400 -4.10 14.17 -53.90
C LEU A 2400 -4.90 12.86 -53.89
N TYR A 2401 -4.23 11.73 -53.66
CA TYR A 2401 -4.93 10.44 -53.68
C TYR A 2401 -5.26 9.91 -52.29
N ASN A 2402 -4.56 10.45 -51.33
CA ASN A 2402 -4.69 10.10 -49.93
C ASN A 2402 -6.12 9.83 -49.41
N PRO A 2403 -7.06 10.77 -49.61
CA PRO A 2403 -8.43 10.56 -49.11
C PRO A 2403 -9.06 9.28 -49.65
N MET A 2404 -8.91 9.08 -50.95
CA MET A 2404 -9.46 7.92 -51.61
C MET A 2404 -8.79 6.66 -51.11
N ALA A 2405 -7.48 6.69 -50.94
CA ALA A 2405 -6.75 5.54 -50.45
C ALA A 2405 -7.28 5.22 -49.05
N LEU A 2406 -7.65 6.26 -48.33
CA LEU A 2406 -8.17 6.12 -46.98
C LEU A 2406 -9.55 5.45 -47.02
N SER A 2407 -10.43 5.94 -47.86
CA SER A 2407 -11.76 5.36 -47.98
C SER A 2407 -11.62 3.86 -48.22
N CYS A 2408 -10.67 3.51 -49.09
CA CYS A 2408 -10.42 2.11 -49.42
C CYS A 2408 -10.13 1.27 -48.19
N SER A 2409 -9.16 1.71 -47.39
CA SER A 2409 -8.81 0.98 -46.17
C SER A 2409 -10.04 0.84 -45.27
N ARG A 2410 -10.81 1.90 -45.18
CA ARG A 2410 -12.01 1.89 -44.35
C ARG A 2410 -13.05 0.92 -44.90
N VAL A 2411 -13.26 0.93 -46.21
CA VAL A 2411 -14.23 0.02 -46.82
C VAL A 2411 -13.86 -1.44 -46.52
N TYR A 2412 -12.61 -1.81 -46.80
CA TYR A 2412 -12.17 -3.16 -46.54
C TYR A 2412 -12.40 -3.61 -45.10
N PHE A 2413 -12.01 -2.78 -44.14
CA PHE A 2413 -12.19 -3.15 -42.75
C PHE A 2413 -13.65 -3.18 -42.38
N ALA A 2414 -14.49 -2.76 -43.30
CA ALA A 2414 -15.93 -2.78 -43.08
C ALA A 2414 -16.38 -4.19 -43.44
N MET A 2415 -15.82 -4.70 -44.54
CA MET A 2415 -16.13 -6.03 -45.02
C MET A 2415 -15.62 -7.01 -43.98
N GLU A 2416 -14.55 -6.62 -43.30
CA GLU A 2416 -14.00 -7.51 -42.30
C GLU A 2416 -14.86 -7.53 -41.03
N GLU A 2417 -15.68 -6.51 -40.81
CA GLU A 2417 -16.53 -6.50 -39.62
C GLU A 2417 -17.73 -7.40 -39.84
N LEU A 2418 -18.11 -7.55 -41.09
CA LEU A 2418 -19.22 -8.41 -41.45
C LEU A 2418 -18.95 -9.83 -40.97
N SER A 2419 -17.68 -10.14 -40.74
CA SER A 2419 -17.29 -11.48 -40.32
C SER A 2419 -17.98 -11.94 -39.04
N GLN A 2420 -18.57 -11.01 -38.30
CA GLN A 2420 -19.25 -11.40 -37.08
C GLN A 2420 -20.39 -12.37 -37.39
N PHE A 2421 -20.87 -12.33 -38.62
CA PHE A 2421 -21.91 -13.26 -39.03
C PHE A 2421 -21.21 -14.38 -39.78
N HIS A 2422 -21.31 -15.60 -39.26
CA HIS A 2422 -20.65 -16.77 -39.82
C HIS A 2422 -20.62 -16.92 -41.34
N LEU A 2423 -21.64 -16.43 -42.02
CA LEU A 2423 -21.65 -16.58 -43.44
C LEU A 2423 -20.85 -15.52 -44.16
N TYR A 2424 -20.57 -14.39 -43.52
CA TYR A 2424 -19.86 -13.30 -44.20
C TYR A 2424 -18.35 -13.16 -44.06
N GLN A 2425 -17.61 -14.16 -44.53
CA GLN A 2425 -16.16 -14.16 -44.49
C GLN A 2425 -15.59 -13.62 -45.80
N PHE A 2426 -15.08 -12.39 -45.78
CA PHE A 2426 -14.53 -11.80 -46.98
C PHE A 2426 -13.02 -11.65 -46.84
N SER A 2427 -12.28 -11.91 -47.91
CA SER A 2427 -10.81 -11.84 -47.89
C SER A 2427 -10.17 -10.55 -48.46
N LEU A 2428 -8.97 -10.25 -47.99
CA LEU A 2428 -8.24 -9.08 -48.47
C LEU A 2428 -8.08 -9.21 -49.98
N ARG A 2429 -7.74 -10.42 -50.39
CA ARG A 2429 -7.55 -10.75 -51.80
C ARG A 2429 -8.79 -10.35 -52.58
N ALA A 2430 -9.95 -10.58 -51.97
CA ALA A 2430 -11.24 -10.27 -52.56
C ALA A 2430 -11.40 -8.78 -52.73
N PHE A 2431 -10.95 -8.02 -51.75
CA PHE A 2431 -11.05 -6.56 -51.83
C PHE A 2431 -10.04 -6.06 -52.84
N LEU A 2432 -8.82 -6.55 -52.72
CA LEU A 2432 -7.78 -6.13 -53.63
C LEU A 2432 -8.25 -6.38 -55.05
N ASP A 2433 -9.03 -7.43 -55.26
CA ASP A 2433 -9.56 -7.72 -56.60
C ASP A 2433 -10.51 -6.58 -56.97
N ILE A 2434 -11.31 -6.13 -56.01
CA ILE A 2434 -12.21 -5.05 -56.33
C ILE A 2434 -11.39 -3.81 -56.64
N PHE A 2435 -10.37 -3.56 -55.80
CA PHE A 2435 -9.53 -2.39 -55.98
C PHE A 2435 -8.84 -2.35 -57.32
N TYR A 2436 -8.40 -3.51 -57.79
CA TYR A 2436 -7.73 -3.57 -59.07
C TYR A 2436 -8.67 -3.06 -60.16
N ASN A 2437 -9.88 -3.62 -60.20
CA ASN A 2437 -10.88 -3.24 -61.19
C ASN A 2437 -11.34 -1.80 -61.11
N LEU A 2438 -11.27 -1.23 -59.91
CA LEU A 2438 -11.63 0.16 -59.69
C LEU A 2438 -10.66 0.99 -60.50
N LEU A 2439 -9.42 0.54 -60.57
CA LEU A 2439 -8.38 1.25 -61.31
C LEU A 2439 -8.34 0.94 -62.80
N ASN A 2440 -8.48 -0.34 -63.14
CA ASN A 2440 -8.42 -0.78 -64.54
C ASN A 2440 -9.77 -1.03 -65.19
N ASN A 2441 -10.32 -2.23 -64.96
CA ASN A 2441 -11.61 -2.64 -65.51
C ASN A 2441 -12.83 -1.89 -64.98
N ASN A 2442 -12.78 -0.55 -64.97
CA ASN A 2442 -13.91 0.24 -64.51
C ASN A 2442 -14.67 0.83 -65.71
N PRO A 2443 -15.84 0.24 -66.01
CA PRO A 2443 -16.66 0.70 -67.14
C PRO A 2443 -16.84 2.20 -67.08
N ASN A 2444 -17.43 2.64 -65.98
CA ASN A 2444 -17.70 4.03 -65.72
C ASN A 2444 -16.45 4.90 -65.97
N LEU A 2445 -15.35 4.27 -66.35
CA LEU A 2445 -14.10 5.02 -66.57
C LEU A 2445 -13.22 4.46 -67.71
N VAL A 2446 -13.71 4.57 -68.94
CA VAL A 2446 -12.95 4.05 -70.07
C VAL A 2446 -12.92 4.98 -71.26
N ASP A 2447 -12.95 6.28 -71.03
CA ASP A 2447 -12.90 7.19 -72.17
C ASP A 2447 -12.05 8.37 -71.80
N LYS A 2448 -12.25 8.88 -70.60
CA LYS A 2448 -11.47 10.02 -70.16
C LYS A 2448 -10.05 9.53 -69.81
N LYS A 2449 -9.09 10.44 -69.81
CA LYS A 2449 -7.72 10.06 -69.49
C LYS A 2449 -7.12 11.12 -68.55
N ASP A 2450 -7.87 12.20 -68.38
CA ASP A 2450 -7.43 13.26 -67.49
C ASP A 2450 -7.25 12.74 -66.06
N PRO A 2451 -6.11 13.02 -65.41
CA PRO A 2451 -5.92 12.52 -64.05
C PRO A 2451 -6.98 13.13 -63.13
N ASN A 2452 -6.83 14.42 -62.82
CA ASN A 2452 -7.77 15.11 -61.96
C ASN A 2452 -9.25 14.96 -62.37
N GLU A 2453 -9.52 14.23 -63.45
CA GLU A 2453 -10.88 13.99 -63.89
C GLU A 2453 -11.22 12.60 -63.43
N ARG A 2454 -10.37 11.64 -63.79
CA ARG A 2454 -10.55 10.25 -63.43
C ARG A 2454 -10.58 10.01 -61.92
N LEU A 2455 -9.83 10.80 -61.14
CA LEU A 2455 -9.83 10.58 -59.70
C LEU A 2455 -11.22 10.83 -59.11
N VAL A 2456 -12.04 11.56 -59.85
CA VAL A 2456 -13.39 11.85 -59.40
C VAL A 2456 -14.18 10.55 -59.31
N TYR A 2457 -14.26 9.83 -60.44
CA TYR A 2457 -14.97 8.55 -60.51
C TYR A 2457 -14.34 7.57 -59.49
N LEU A 2458 -13.02 7.50 -59.49
CA LEU A 2458 -12.29 6.62 -58.60
C LEU A 2458 -12.70 6.79 -57.12
N SER A 2459 -12.85 8.04 -56.72
CA SER A 2459 -13.21 8.35 -55.34
C SER A 2459 -14.54 7.79 -54.88
N LYS A 2460 -15.51 7.73 -55.79
CA LYS A 2460 -16.84 7.24 -55.46
C LYS A 2460 -17.13 5.81 -55.86
N ASP A 2461 -16.57 5.39 -56.99
CA ASP A 2461 -16.79 4.04 -57.49
C ASP A 2461 -16.28 2.91 -56.60
N ILE A 2462 -15.40 3.23 -55.64
CA ILE A 2462 -14.90 2.19 -54.75
C ILE A 2462 -16.05 1.63 -53.96
N PHE A 2463 -16.94 2.53 -53.52
CA PHE A 2463 -18.08 2.15 -52.73
C PHE A 2463 -19.08 1.30 -53.50
N SER A 2464 -19.61 1.84 -54.60
CA SER A 2464 -20.56 1.08 -55.40
C SER A 2464 -19.95 -0.23 -55.88
N MET A 2465 -18.72 -0.19 -56.36
CA MET A 2465 -18.11 -1.43 -56.85
C MET A 2465 -17.92 -2.50 -55.77
N THR A 2466 -17.63 -2.09 -54.54
CA THR A 2466 -17.44 -3.05 -53.47
C THR A 2466 -18.79 -3.65 -53.14
N PHE A 2467 -19.83 -2.84 -53.17
CA PHE A 2467 -21.18 -3.29 -52.86
C PHE A 2467 -21.67 -4.29 -53.87
N ASN A 2468 -21.31 -4.08 -55.13
CA ASN A 2468 -21.73 -5.00 -56.18
C ASN A 2468 -21.19 -6.40 -55.93
N ARG A 2469 -19.96 -6.48 -55.42
CA ARG A 2469 -19.35 -7.76 -55.19
C ARG A 2469 -19.75 -8.37 -53.85
N VAL A 2470 -19.92 -7.52 -52.83
CA VAL A 2470 -20.31 -8.06 -51.52
C VAL A 2470 -21.78 -8.47 -51.47
N THR A 2471 -22.64 -7.64 -52.06
CA THR A 2471 -24.06 -7.89 -52.06
C THR A 2471 -24.42 -9.33 -52.45
N ARG A 2472 -23.59 -9.95 -53.29
CA ARG A 2472 -23.81 -11.32 -53.74
C ARG A 2472 -23.73 -12.37 -52.65
N THR A 2473 -23.21 -12.00 -51.49
CA THR A 2473 -23.06 -12.92 -50.39
C THR A 2473 -24.07 -12.62 -49.29
N LEU A 2474 -24.57 -11.39 -49.27
CA LEU A 2474 -25.49 -10.96 -48.22
C LEU A 2474 -26.97 -11.29 -48.43
N LEU A 2475 -27.59 -11.77 -47.34
CA LEU A 2475 -29.01 -12.08 -47.33
C LEU A 2475 -29.69 -10.71 -47.44
N ASN A 2476 -30.83 -10.65 -48.12
CA ASN A 2476 -31.56 -9.39 -48.33
C ASN A 2476 -31.63 -8.40 -47.17
N ASP A 2477 -31.86 -8.88 -45.97
CA ASP A 2477 -31.95 -7.98 -44.83
C ASP A 2477 -30.62 -7.33 -44.46
N ASP A 2478 -29.53 -7.77 -45.09
CA ASP A 2478 -28.23 -7.22 -44.76
C ASP A 2478 -27.64 -6.38 -45.88
N LYS A 2479 -28.36 -6.24 -46.98
CA LYS A 2479 -27.84 -5.45 -48.09
C LYS A 2479 -27.88 -3.98 -47.79
N LEU A 2480 -28.81 -3.56 -46.93
CA LEU A 2480 -28.93 -2.16 -46.57
C LEU A 2480 -28.06 -1.89 -45.34
N THR A 2481 -28.03 -2.87 -44.44
CA THR A 2481 -27.24 -2.77 -43.24
C THR A 2481 -25.80 -2.45 -43.63
N PHE A 2482 -25.23 -3.22 -44.55
CA PHE A 2482 -23.87 -2.98 -45.03
C PHE A 2482 -23.85 -1.71 -45.87
N ALA A 2483 -24.98 -1.39 -46.51
CA ALA A 2483 -25.05 -0.19 -47.34
C ALA A 2483 -24.96 1.03 -46.47
N LEU A 2484 -25.53 0.97 -45.27
CA LEU A 2484 -25.45 2.10 -44.36
C LEU A 2484 -24.02 2.32 -43.90
N GLN A 2485 -23.29 1.24 -43.66
CA GLN A 2485 -21.91 1.37 -43.24
C GLN A 2485 -21.14 2.03 -44.35
N LEU A 2486 -21.25 1.51 -45.57
CA LEU A 2486 -20.53 2.08 -46.67
C LEU A 2486 -20.83 3.55 -46.79
N THR A 2487 -22.11 3.93 -46.64
CA THR A 2487 -22.50 5.33 -46.75
C THR A 2487 -21.81 6.21 -45.73
N ILE A 2488 -21.98 5.88 -44.45
CA ILE A 2488 -21.36 6.63 -43.37
C ILE A 2488 -19.88 6.91 -43.62
N ILE A 2489 -19.20 5.95 -44.26
CA ILE A 2489 -17.77 6.08 -44.57
C ILE A 2489 -17.51 7.03 -45.72
N SER A 2490 -18.37 7.01 -46.74
CA SER A 2490 -18.16 7.86 -47.89
C SER A 2490 -18.24 9.35 -47.64
N VAL A 2491 -19.01 9.75 -46.63
CA VAL A 2491 -19.13 11.17 -46.36
C VAL A 2491 -18.15 11.64 -45.32
N LYS A 2492 -17.47 10.67 -44.71
CA LYS A 2492 -16.47 10.94 -43.68
C LYS A 2492 -15.43 11.88 -44.28
N GLY A 2493 -15.25 13.04 -43.67
CA GLY A 2493 -14.29 13.98 -44.20
C GLY A 2493 -14.85 14.92 -45.25
N THR A 2494 -16.14 14.78 -45.58
CA THR A 2494 -16.79 15.68 -46.55
C THR A 2494 -17.65 16.64 -45.75
N SER A 2495 -18.39 17.51 -46.44
CA SER A 2495 -19.27 18.47 -45.78
C SER A 2495 -20.37 17.76 -45.01
N ASN A 2496 -21.10 16.92 -45.72
CA ASN A 2496 -22.18 16.16 -45.13
C ASN A 2496 -21.70 14.85 -44.49
N GLU A 2497 -20.86 15.00 -43.46
CA GLU A 2497 -20.33 13.88 -42.69
C GLU A 2497 -21.19 13.69 -41.44
N ILE A 2498 -21.66 12.48 -41.21
CA ILE A 2498 -22.52 12.23 -40.07
C ILE A 2498 -21.85 12.34 -38.70
N GLU A 2499 -22.44 13.18 -37.85
CA GLU A 2499 -21.95 13.42 -36.50
C GLU A 2499 -21.88 12.11 -35.77
N GLU A 2500 -20.89 11.96 -34.89
CA GLU A 2500 -20.80 10.71 -34.14
C GLU A 2500 -22.02 10.54 -33.26
N SER A 2501 -22.30 11.52 -32.41
CA SER A 2501 -23.45 11.44 -31.52
C SER A 2501 -24.71 10.99 -32.27
N GLU A 2502 -24.81 11.38 -33.53
CA GLU A 2502 -25.96 11.03 -34.34
C GLU A 2502 -25.93 9.58 -34.82
N TRP A 2503 -24.80 9.12 -35.33
CA TRP A 2503 -24.67 7.75 -35.77
C TRP A 2503 -24.68 6.85 -34.56
N ASP A 2504 -24.50 7.44 -33.39
CA ASP A 2504 -24.51 6.71 -32.13
C ASP A 2504 -25.92 6.45 -31.66
N PHE A 2505 -26.73 7.51 -31.66
CA PHE A 2505 -28.09 7.37 -31.22
C PHE A 2505 -28.75 6.28 -32.02
N LEU A 2506 -28.44 6.20 -33.31
CA LEU A 2506 -29.05 5.17 -34.13
C LEU A 2506 -28.71 3.80 -33.58
N LEU A 2507 -27.45 3.61 -33.20
CA LEU A 2507 -27.04 2.32 -32.70
C LEU A 2507 -27.37 2.04 -31.23
N LYS A 2508 -27.43 3.06 -30.40
CA LYS A 2508 -27.71 2.82 -28.99
C LYS A 2508 -28.89 3.59 -28.43
N GLY A 2509 -29.33 4.60 -29.15
CA GLY A 2509 -30.45 5.43 -28.72
C GLY A 2509 -31.61 4.71 -28.03
N GLY A 2510 -32.00 5.22 -26.87
CA GLY A 2510 -33.10 4.64 -26.14
C GLY A 2510 -32.87 3.23 -25.62
N ASP A 2511 -31.65 2.72 -25.77
CA ASP A 2511 -31.31 1.38 -25.30
C ASP A 2511 -31.60 1.22 -23.81
N ASN A 2512 -31.71 2.33 -23.10
CA ASN A 2512 -31.94 2.28 -21.66
C ASN A 2512 -33.35 2.68 -21.25
N LEU A 2513 -34.18 3.04 -22.22
CA LEU A 2513 -35.56 3.45 -22.01
C LEU A 2513 -36.20 2.96 -20.71
N THR A 2514 -36.10 1.66 -20.47
CA THR A 2514 -36.68 1.06 -19.29
C THR A 2514 -36.14 1.57 -17.97
N SER A 2515 -35.33 2.63 -18.02
CA SER A 2515 -34.76 3.19 -16.80
C SER A 2515 -34.97 4.69 -16.72
N ILE A 2516 -35.62 5.25 -17.73
CA ILE A 2516 -35.89 6.68 -17.78
C ILE A 2516 -37.07 7.02 -16.88
N LYS A 2517 -36.83 7.85 -15.87
CA LYS A 2517 -37.91 8.24 -14.96
C LYS A 2517 -38.30 9.68 -15.18
N GLU A 2518 -37.51 10.41 -15.94
CA GLU A 2518 -37.84 11.79 -16.21
C GLU A 2518 -39.08 11.75 -17.10
N THR A 2519 -39.86 12.82 -17.11
CA THR A 2519 -41.06 12.87 -17.95
C THR A 2519 -41.15 14.24 -18.60
N ILE A 2520 -42.13 14.42 -19.49
CA ILE A 2520 -42.29 15.71 -20.15
C ILE A 2520 -43.74 16.16 -20.04
N PRO A 2521 -44.16 16.54 -18.83
CA PRO A 2521 -45.51 17.01 -18.52
C PRO A 2521 -46.10 17.92 -19.58
N GLN A 2522 -45.36 18.96 -19.93
CA GLN A 2522 -45.79 19.92 -20.95
C GLN A 2522 -46.36 19.24 -22.22
N LEU A 2523 -46.10 17.95 -22.40
CA LEU A 2523 -46.56 17.22 -23.57
C LEU A 2523 -47.46 16.00 -23.35
N ASP A 2524 -48.23 15.98 -22.27
CA ASP A 2524 -49.13 14.84 -22.03
C ASP A 2524 -50.29 14.84 -22.99
N SER A 2525 -50.73 16.01 -23.41
CA SER A 2525 -51.87 16.09 -24.32
C SER A 2525 -51.46 15.72 -25.74
N LEU A 2526 -50.16 15.50 -25.93
CA LEU A 2526 -49.66 15.18 -27.25
C LEU A 2526 -48.86 13.87 -27.34
N LEU A 2527 -48.11 13.55 -26.28
CA LEU A 2527 -47.30 12.32 -26.29
C LEU A 2527 -47.58 11.32 -25.19
N SER A 2528 -47.43 10.04 -25.55
CA SER A 2528 -47.65 8.96 -24.62
C SER A 2528 -46.51 8.97 -23.62
N THR A 2529 -46.46 7.97 -22.76
CA THR A 2529 -45.40 7.92 -21.78
C THR A 2529 -44.12 7.50 -22.48
N THR A 2530 -44.12 6.31 -23.08
CA THR A 2530 -42.93 5.83 -23.78
C THR A 2530 -42.46 6.85 -24.80
N GLN A 2531 -43.38 7.47 -25.51
CA GLN A 2531 -42.98 8.47 -26.50
C GLN A 2531 -42.15 9.57 -25.84
N GLN A 2532 -42.62 10.07 -24.69
CA GLN A 2532 -41.90 11.13 -23.99
C GLN A 2532 -40.50 10.64 -23.66
N LYS A 2533 -40.45 9.45 -23.04
CA LYS A 2533 -39.21 8.82 -22.65
C LYS A 2533 -38.24 8.89 -23.81
N TRP A 2534 -38.68 8.42 -24.97
CA TRP A 2534 -37.87 8.43 -26.16
C TRP A 2534 -37.39 9.83 -26.46
N LEU A 2535 -38.29 10.80 -26.42
CA LEU A 2535 -37.90 12.17 -26.73
C LEU A 2535 -36.85 12.70 -25.77
N ILE A 2536 -36.88 12.22 -24.54
CA ILE A 2536 -35.89 12.64 -23.56
C ILE A 2536 -34.53 12.17 -24.03
N CYS A 2537 -34.48 10.95 -24.55
CA CYS A 2537 -33.24 10.39 -25.06
C CYS A 2537 -32.66 11.23 -26.17
N LEU A 2538 -33.52 11.57 -27.13
CA LEU A 2538 -33.11 12.38 -28.26
C LEU A 2538 -32.50 13.68 -27.83
N ARG A 2539 -33.28 14.49 -27.11
CA ARG A 2539 -32.79 15.78 -26.62
C ARG A 2539 -31.51 15.61 -25.82
N GLN A 2540 -31.49 14.55 -25.03
CA GLN A 2540 -30.36 14.22 -24.17
C GLN A 2540 -29.09 13.74 -24.88
N GLN A 2541 -29.18 12.76 -25.77
CA GLN A 2541 -28.02 12.22 -26.47
C GLN A 2541 -27.54 12.99 -27.70
N VAL A 2542 -28.44 13.47 -28.54
CA VAL A 2542 -28.02 14.16 -29.75
C VAL A 2542 -28.16 15.67 -29.75
N PRO A 2543 -27.04 16.39 -29.80
CA PRO A 2543 -27.04 17.85 -29.79
C PRO A 2543 -27.88 18.51 -30.88
N SER A 2544 -28.05 17.86 -32.02
CA SER A 2544 -28.84 18.50 -33.09
C SER A 2544 -30.29 18.61 -32.70
N PHE A 2545 -30.74 17.77 -31.77
CA PHE A 2545 -32.14 17.78 -31.33
C PHE A 2545 -32.28 18.48 -29.98
N SER A 2546 -31.32 19.34 -29.65
CA SER A 2546 -31.37 20.05 -28.37
C SER A 2546 -32.68 20.78 -28.16
N LYS A 2547 -33.24 21.33 -29.23
CA LYS A 2547 -34.48 22.10 -29.15
C LYS A 2547 -35.69 21.40 -29.80
N LEU A 2548 -35.82 20.08 -29.63
CA LEU A 2548 -36.95 19.36 -30.22
C LEU A 2548 -38.19 19.48 -29.35
N VAL A 2549 -38.02 19.26 -28.05
CA VAL A 2549 -39.14 19.34 -27.13
C VAL A 2549 -39.76 20.73 -27.19
N ASP A 2550 -38.92 21.77 -27.24
CA ASP A 2550 -39.47 23.11 -27.33
C ASP A 2550 -40.15 23.29 -28.68
N HIS A 2551 -39.64 22.64 -29.72
CA HIS A 2551 -40.27 22.78 -31.03
C HIS A 2551 -41.63 22.10 -31.02
N ILE A 2552 -41.67 20.86 -30.56
CA ILE A 2552 -42.91 20.12 -30.50
C ILE A 2552 -43.89 20.96 -29.71
N GLN A 2553 -43.39 21.69 -28.71
CA GLN A 2553 -44.21 22.54 -27.87
C GLN A 2553 -44.82 23.74 -28.58
N GLN A 2554 -43.96 24.53 -29.24
CA GLN A 2554 -44.37 25.73 -29.97
C GLN A 2554 -45.27 25.48 -31.15
N ASN A 2555 -44.95 24.46 -31.94
CA ASN A 2555 -45.72 24.22 -33.15
C ASN A 2555 -46.48 22.92 -33.16
N SER A 2556 -47.06 22.57 -32.02
CA SER A 2556 -47.84 21.33 -31.87
C SER A 2556 -48.61 20.78 -33.06
N SER A 2557 -49.33 21.64 -33.77
CA SER A 2557 -50.15 21.17 -34.89
C SER A 2557 -49.40 20.58 -36.09
N ASP A 2558 -48.09 20.58 -36.03
CA ASP A 2558 -47.30 19.99 -37.12
C ASP A 2558 -46.93 18.58 -36.70
N TRP A 2559 -46.57 18.45 -35.43
CA TRP A 2559 -46.21 17.17 -34.87
C TRP A 2559 -47.49 16.44 -34.56
N LYS A 2560 -48.58 17.11 -34.85
CA LYS A 2560 -49.91 16.58 -34.64
C LYS A 2560 -50.04 15.12 -35.09
N GLN A 2561 -50.35 14.93 -36.38
CA GLN A 2561 -50.53 13.59 -36.93
C GLN A 2561 -49.32 12.68 -36.72
N PHE A 2562 -48.12 13.28 -36.61
CA PHE A 2562 -46.90 12.51 -36.41
C PHE A 2562 -46.98 11.58 -35.21
N PHE A 2563 -47.28 12.12 -34.05
CA PHE A 2563 -47.39 11.32 -32.83
C PHE A 2563 -48.78 10.70 -32.72
N GLY A 2564 -49.57 10.80 -33.76
CA GLY A 2564 -50.93 10.28 -33.66
C GLY A 2564 -51.26 8.84 -34.04
N LYS A 2565 -52.21 8.27 -33.31
CA LYS A 2565 -52.69 6.90 -33.53
C LYS A 2565 -53.58 6.86 -34.77
N ASP A 2566 -54.06 5.65 -35.11
CA ASP A 2566 -54.92 5.42 -36.29
C ASP A 2566 -55.23 6.71 -37.06
N GLN A 2567 -54.32 7.10 -37.94
CA GLN A 2567 -54.51 8.30 -38.75
C GLN A 2567 -54.07 7.82 -40.11
N VAL A 2568 -54.97 7.74 -41.09
CA VAL A 2568 -54.52 7.28 -42.39
C VAL A 2568 -53.45 8.27 -42.84
N GLY A 2569 -52.50 7.79 -43.64
CA GLY A 2569 -51.45 8.65 -44.11
C GLY A 2569 -50.18 8.43 -43.31
N GLU A 2570 -49.09 8.25 -44.04
CA GLU A 2570 -47.77 8.02 -43.49
C GLU A 2570 -47.26 9.19 -42.63
N PRO A 2571 -46.71 8.88 -41.43
CA PRO A 2571 -46.19 9.88 -40.51
C PRO A 2571 -45.41 10.92 -41.28
N ILE A 2572 -45.50 12.17 -40.88
CA ILE A 2572 -44.79 13.19 -41.63
C ILE A 2572 -44.02 14.09 -40.69
N ILE A 2573 -42.70 14.09 -40.85
CA ILE A 2573 -41.87 14.93 -40.02
C ILE A 2573 -42.08 16.31 -40.59
N PRO A 2574 -42.62 17.23 -39.79
CA PRO A 2574 -42.88 18.61 -40.24
C PRO A 2574 -41.71 19.41 -40.83
N GLU A 2575 -41.91 19.91 -42.05
CA GLU A 2575 -40.91 20.70 -42.75
C GLU A 2575 -40.42 21.87 -41.92
N SER A 2576 -41.28 22.35 -41.03
CA SER A 2576 -40.94 23.44 -40.17
C SER A 2576 -39.75 23.04 -39.33
N TRP A 2577 -39.76 21.79 -38.89
CA TRP A 2577 -38.69 21.23 -38.08
C TRP A 2577 -37.45 20.89 -38.92
N ILE A 2578 -37.68 20.30 -40.09
CA ILE A 2578 -36.61 19.91 -40.98
C ILE A 2578 -35.87 21.15 -41.46
N VAL A 2579 -36.30 22.31 -41.00
CA VAL A 2579 -35.66 23.55 -41.39
C VAL A 2579 -35.19 24.32 -40.16
N ALA A 2580 -36.03 24.36 -39.14
CA ALA A 2580 -35.65 25.03 -37.91
C ALA A 2580 -34.30 24.44 -37.44
N GLN A 2581 -34.23 23.12 -37.33
CA GLN A 2581 -33.03 22.40 -36.91
C GLN A 2581 -31.93 22.41 -37.98
N ALA A 2582 -32.33 22.55 -39.24
CA ALA A 2582 -31.38 22.61 -40.33
C ALA A 2582 -30.64 23.95 -40.27
N GLN A 2583 -31.12 24.85 -39.41
CA GLN A 2583 -30.51 26.17 -39.27
C GLN A 2583 -29.77 26.31 -37.94
N LEU A 2584 -30.32 25.73 -36.87
CA LEU A 2584 -29.66 25.81 -35.56
C LEU A 2584 -28.25 25.26 -35.66
N SER A 2585 -28.12 24.10 -36.27
CA SER A 2585 -26.80 23.51 -36.44
C SER A 2585 -26.25 24.11 -37.73
N ASN A 2586 -24.94 24.25 -37.82
CA ASN A 2586 -24.34 24.79 -39.04
C ASN A 2586 -24.35 23.72 -40.11
N GLN A 2587 -25.48 23.04 -40.23
CA GLN A 2587 -25.60 21.99 -41.21
C GLN A 2587 -26.88 22.13 -42.03
N GLN A 2588 -26.70 22.63 -43.23
CA GLN A 2588 -27.79 22.82 -44.16
C GLN A 2588 -27.65 21.86 -45.32
N SER A 2589 -27.35 20.61 -44.99
CA SER A 2589 -27.14 19.55 -45.97
C SER A 2589 -28.31 18.58 -46.07
N THR A 2590 -28.70 18.25 -47.28
CA THR A 2590 -29.79 17.30 -47.46
C THR A 2590 -29.43 15.95 -46.87
N ILE A 2591 -28.32 15.38 -47.33
CA ILE A 2591 -27.88 14.08 -46.83
C ILE A 2591 -27.94 13.98 -45.31
N VAL A 2592 -27.42 14.98 -44.63
CA VAL A 2592 -27.42 14.97 -43.17
C VAL A 2592 -28.85 15.05 -42.65
N SER A 2593 -29.66 15.82 -43.37
CA SER A 2593 -31.08 16.02 -43.04
C SER A 2593 -31.81 14.69 -43.12
N ASN A 2594 -31.52 13.94 -44.17
CA ASN A 2594 -32.14 12.66 -44.38
C ASN A 2594 -31.73 11.66 -43.30
N PHE A 2595 -30.57 11.89 -42.70
CA PHE A 2595 -30.10 10.99 -41.66
C PHE A 2595 -30.77 11.31 -40.34
N ARG A 2596 -30.95 12.60 -40.06
CA ARG A 2596 -31.63 13.01 -38.84
C ARG A 2596 -33.06 12.44 -38.85
N LYS A 2597 -33.61 12.20 -40.03
CA LYS A 2597 -34.95 11.63 -40.16
C LYS A 2597 -34.99 10.17 -39.70
N ILE A 2598 -33.88 9.45 -39.88
CA ILE A 2598 -33.85 8.07 -39.44
C ILE A 2598 -33.96 8.07 -37.92
N LEU A 2599 -33.28 9.01 -37.28
CA LEU A 2599 -33.27 9.09 -35.83
C LEU A 2599 -34.63 9.30 -35.21
N LEU A 2600 -35.46 10.09 -35.86
CA LEU A 2600 -36.82 10.34 -35.38
C LEU A 2600 -37.64 9.07 -35.54
N MET A 2601 -37.47 8.42 -36.69
CA MET A 2601 -38.19 7.20 -36.95
C MET A 2601 -37.77 6.12 -35.99
N LYS A 2602 -36.48 6.01 -35.69
CA LYS A 2602 -36.08 4.98 -34.75
C LYS A 2602 -36.80 5.25 -33.45
N ALA A 2603 -36.90 6.54 -33.12
CA ALA A 2603 -37.51 6.91 -31.87
C ALA A 2603 -39.01 6.81 -31.80
N PHE A 2604 -39.70 7.19 -32.87
CA PHE A 2604 -41.15 7.15 -32.82
C PHE A 2604 -41.93 6.22 -33.76
N HIS A 2605 -41.28 5.71 -34.80
CA HIS A 2605 -41.90 4.79 -35.76
C HIS A 2605 -40.84 3.79 -36.24
N SER A 2606 -40.54 2.77 -35.45
CA SER A 2606 -39.53 1.79 -35.83
C SER A 2606 -39.76 1.13 -37.18
N ASP A 2607 -41.03 1.02 -37.56
CA ASP A 2607 -41.37 0.41 -38.83
C ASP A 2607 -40.95 1.26 -40.02
N ARG A 2608 -40.51 2.48 -39.77
CA ARG A 2608 -40.08 3.35 -40.85
C ARG A 2608 -38.57 3.41 -41.00
N VAL A 2609 -37.86 2.89 -40.01
CA VAL A 2609 -36.39 2.90 -40.03
C VAL A 2609 -35.80 2.42 -41.34
N LEU A 2610 -36.29 1.31 -41.85
CA LEU A 2610 -35.79 0.79 -43.11
C LEU A 2610 -36.15 1.74 -44.23
N GLN A 2611 -37.41 2.16 -44.29
CA GLN A 2611 -37.82 3.07 -45.35
C GLN A 2611 -36.89 4.25 -45.43
N TYR A 2612 -36.64 4.89 -44.30
CA TYR A 2612 -35.78 6.05 -44.27
C TYR A 2612 -34.29 5.79 -44.40
N SER A 2613 -33.82 4.62 -44.02
CA SER A 2613 -32.41 4.31 -44.16
C SER A 2613 -32.11 4.23 -45.64
N HIS A 2614 -32.91 3.43 -46.30
CA HIS A 2614 -32.83 3.21 -47.72
C HIS A 2614 -32.75 4.56 -48.40
N SER A 2615 -33.71 5.41 -48.06
CA SER A 2615 -33.80 6.73 -48.63
C SER A 2615 -32.52 7.52 -48.44
N PHE A 2616 -31.95 7.46 -47.23
CA PHE A 2616 -30.72 8.18 -46.94
C PHE A 2616 -29.63 7.62 -47.82
N VAL A 2617 -29.41 6.31 -47.78
CA VAL A 2617 -28.39 5.69 -48.61
C VAL A 2617 -28.55 6.14 -50.05
N CYS A 2618 -29.78 6.21 -50.52
CA CYS A 2618 -30.05 6.63 -51.88
C CYS A 2618 -29.76 8.08 -52.17
N SER A 2619 -29.72 8.91 -51.15
CA SER A 2619 -29.43 10.31 -51.38
C SER A 2619 -27.93 10.52 -51.41
N VAL A 2620 -27.16 9.47 -51.18
CA VAL A 2620 -25.72 9.61 -51.24
C VAL A 2620 -25.20 9.01 -52.52
N PHE A 2621 -25.69 7.83 -52.85
CA PHE A 2621 -25.27 7.15 -54.07
C PHE A 2621 -26.30 7.29 -55.18
N GLY A 2622 -27.45 6.66 -55.05
CA GLY A 2622 -28.45 6.80 -56.10
C GLY A 2622 -29.61 5.84 -56.01
N GLU A 2623 -30.77 6.30 -56.45
CA GLU A 2623 -31.99 5.49 -56.42
C GLU A 2623 -31.68 4.04 -56.81
N ASP A 2624 -30.65 3.89 -57.63
CA ASP A 2624 -30.22 2.61 -58.18
C ASP A 2624 -29.22 1.78 -57.37
N PHE A 2625 -28.29 2.41 -56.68
CA PHE A 2625 -27.26 1.68 -55.91
C PHE A 2625 -27.79 0.47 -55.13
N LEU A 2626 -28.97 0.59 -54.53
CA LEU A 2626 -29.55 -0.52 -53.76
C LEU A 2626 -30.41 -1.48 -54.60
N ASN A 2627 -30.13 -1.62 -55.89
CA ASN A 2627 -30.93 -2.51 -56.73
C ASN A 2627 -30.31 -3.85 -57.04
N THR A 2628 -31.18 -4.86 -57.09
CA THR A 2628 -30.79 -6.23 -57.35
C THR A 2628 -29.54 -6.35 -58.21
N LEU A 2631 -28.18 -10.16 -62.39
CA LEU A 2631 -26.83 -10.64 -62.08
C LEU A 2631 -26.42 -11.77 -63.01
N ASP A 2632 -26.04 -11.47 -64.25
CA ASP A 2632 -25.64 -12.55 -65.16
C ASP A 2632 -24.63 -13.58 -64.58
N MET A 2633 -25.09 -14.81 -64.29
CA MET A 2633 -24.19 -15.83 -63.74
C MET A 2633 -23.18 -16.36 -64.78
N ALA A 2634 -23.42 -15.97 -66.03
CA ALA A 2634 -22.57 -16.35 -67.15
C ALA A 2634 -21.15 -15.78 -66.94
N ASN A 2635 -21.05 -14.46 -67.03
CA ASN A 2635 -19.81 -13.73 -66.84
C ASN A 2635 -19.05 -14.12 -65.60
N ILE A 2636 -19.69 -13.92 -64.44
CA ILE A 2636 -19.05 -14.21 -63.15
C ILE A 2636 -18.21 -15.49 -63.17
N VAL A 2637 -18.88 -16.60 -63.45
CA VAL A 2637 -18.23 -17.90 -63.51
C VAL A 2637 -17.21 -17.96 -64.64
N GLU A 2638 -17.42 -17.15 -65.69
CA GLU A 2638 -16.51 -17.12 -66.84
C GLU A 2638 -15.31 -16.18 -66.71
N LYS A 2639 -15.54 -14.89 -66.94
CA LYS A 2639 -14.46 -13.87 -66.88
C LYS A 2639 -14.45 -12.94 -65.65
N GLU A 2640 -14.69 -13.50 -64.46
CA GLU A 2640 -14.75 -12.65 -63.28
C GLU A 2640 -14.44 -13.37 -61.98
N VAL A 2641 -13.98 -14.62 -62.09
CA VAL A 2641 -13.64 -15.37 -60.91
C VAL A 2641 -12.40 -16.20 -61.19
N LYS A 2642 -11.38 -16.07 -60.35
CA LYS A 2642 -10.19 -16.84 -60.59
C LYS A 2642 -10.41 -18.30 -60.15
N SER A 2643 -9.96 -19.21 -61.00
CA SER A 2643 -10.07 -20.64 -60.77
C SER A 2643 -9.58 -21.13 -59.42
N SER A 2644 -8.84 -20.30 -58.71
CA SER A 2644 -8.31 -20.71 -57.41
C SER A 2644 -9.37 -20.53 -56.33
N SER A 2645 -10.44 -19.84 -56.71
CA SER A 2645 -11.51 -19.57 -55.78
C SER A 2645 -12.79 -20.32 -56.17
N PRO A 2646 -13.22 -21.28 -55.33
CA PRO A 2646 -14.40 -22.10 -55.52
C PRO A 2646 -15.63 -21.20 -55.56
N LEU A 2647 -16.81 -21.80 -55.73
CA LEU A 2647 -18.03 -21.03 -55.72
C LEU A 2647 -19.03 -21.67 -54.78
N LEU A 2648 -19.29 -21.03 -53.65
CA LEU A 2648 -20.24 -21.55 -52.67
C LEU A 2648 -21.62 -20.98 -52.90
N LEU A 2649 -22.64 -21.76 -52.54
CA LEU A 2649 -24.02 -21.34 -52.69
C LEU A 2649 -24.75 -21.73 -51.42
N CYS A 2650 -24.32 -21.14 -50.30
CA CYS A 2650 -24.93 -21.44 -49.01
C CYS A 2650 -26.41 -21.06 -49.08
N SER A 2651 -27.30 -22.03 -48.85
CA SER A 2651 -28.73 -21.78 -48.95
C SER A 2651 -29.52 -22.00 -47.67
N VAL A 2652 -30.77 -21.56 -47.69
CA VAL A 2652 -31.66 -21.67 -46.54
C VAL A 2652 -32.40 -23.00 -46.61
N PRO A 2653 -32.55 -23.69 -45.46
CA PRO A 2653 -33.23 -24.98 -45.36
C PRO A 2653 -34.33 -25.18 -46.41
N GLY A 2654 -34.42 -26.39 -46.97
CA GLY A 2654 -35.43 -26.67 -47.98
C GLY A 2654 -35.13 -26.11 -49.35
N TYR A 2655 -34.30 -25.07 -49.41
CA TYR A 2655 -33.92 -24.48 -50.68
C TYR A 2655 -32.72 -25.29 -51.24
N ASP A 2656 -32.82 -25.77 -52.48
CA ASP A 2656 -31.70 -26.51 -53.05
C ASP A 2656 -31.12 -25.77 -54.23
N ALA A 2657 -29.84 -25.42 -54.13
CA ALA A 2657 -29.15 -24.71 -55.19
C ALA A 2657 -28.64 -25.71 -56.26
N SER A 2658 -28.42 -26.95 -55.83
CA SER A 2658 -27.94 -28.05 -56.69
C SER A 2658 -28.32 -27.85 -58.16
N SER A 2659 -29.60 -27.62 -58.41
CA SER A 2659 -30.12 -27.38 -59.76
C SER A 2659 -29.24 -26.34 -60.50
N LYS A 2660 -29.39 -25.08 -60.08
CA LYS A 2660 -28.67 -23.94 -60.64
C LYS A 2660 -27.33 -24.28 -61.27
N VAL A 2661 -26.56 -25.14 -60.59
CA VAL A 2661 -25.22 -25.57 -61.02
C VAL A 2661 -25.26 -26.44 -62.26
N ASP A 2662 -25.98 -27.55 -62.13
CA ASP A 2662 -26.11 -28.51 -63.22
C ASP A 2662 -26.58 -27.81 -64.51
N ASP A 2663 -27.39 -26.76 -64.36
CA ASP A 2663 -27.89 -25.96 -65.48
C ASP A 2663 -26.75 -25.37 -66.32
N LEU A 2664 -25.96 -24.52 -65.67
CA LEU A 2664 -24.87 -23.88 -66.34
C LEU A 2664 -23.84 -24.88 -66.85
N ALA A 2665 -23.60 -25.93 -66.07
CA ALA A 2665 -22.65 -26.97 -66.46
C ALA A 2665 -23.09 -27.44 -67.85
N LEU A 2666 -24.40 -27.68 -68.01
CA LEU A 2666 -24.97 -28.11 -69.29
C LEU A 2666 -24.79 -26.92 -70.24
N GLN A 2667 -25.53 -25.85 -69.94
CA GLN A 2667 -25.48 -24.60 -70.72
C GLN A 2667 -24.07 -24.30 -71.27
N LEU A 2668 -23.08 -24.21 -70.37
CA LEU A 2668 -21.70 -23.89 -70.74
C LEU A 2668 -20.95 -24.97 -71.58
N HIS A 2669 -21.24 -26.24 -71.34
CA HIS A 2669 -20.56 -27.30 -72.11
C HIS A 2669 -19.14 -27.58 -71.59
N LYS A 2670 -19.05 -28.39 -70.56
CA LYS A 2670 -17.76 -28.73 -69.97
C LYS A 2670 -17.96 -29.93 -69.06
N GLN A 2671 -17.00 -30.84 -69.08
CA GLN A 2671 -17.10 -32.04 -68.26
C GLN A 2671 -17.58 -31.67 -66.86
N TYR A 2672 -18.68 -32.27 -66.43
CA TYR A 2672 -19.24 -31.99 -65.10
C TYR A 2672 -19.28 -33.22 -64.21
N LYS A 2673 -19.12 -33.04 -62.89
CA LYS A 2673 -19.15 -34.18 -61.99
C LYS A 2673 -19.72 -33.88 -60.59
N SER A 2674 -20.96 -34.29 -60.33
CA SER A 2674 -21.61 -34.05 -59.04
C SER A 2674 -21.25 -35.06 -57.92
N PHE A 2675 -21.75 -34.82 -56.71
CA PHE A 2675 -21.49 -35.74 -55.58
C PHE A 2675 -22.16 -35.31 -54.28
N ALA A 2676 -22.92 -36.23 -53.68
CA ALA A 2676 -23.61 -35.94 -52.42
C ALA A 2676 -22.86 -36.45 -51.20
N ILE A 2677 -22.39 -35.49 -50.42
CA ILE A 2677 -21.63 -35.72 -49.19
C ILE A 2677 -22.49 -36.27 -48.03
N GLY A 2678 -22.00 -37.30 -47.35
CA GLY A 2678 -22.75 -37.88 -46.25
C GLY A 2678 -22.36 -39.33 -46.00
N SER A 2679 -22.05 -40.05 -47.08
CA SER A 2679 -21.65 -41.46 -47.02
C SER A 2679 -20.12 -41.62 -46.74
N PRO A 2680 -19.65 -42.85 -46.46
CA PRO A 2680 -18.22 -43.14 -46.18
C PRO A 2680 -17.50 -43.11 -47.53
N GLU A 2681 -18.16 -43.71 -48.51
CA GLU A 2681 -17.68 -43.76 -49.89
C GLU A 2681 -17.63 -42.32 -50.43
N GLY A 2682 -18.62 -41.52 -50.03
CA GLY A 2682 -18.66 -40.14 -50.49
C GLY A 2682 -17.36 -39.36 -50.27
N PHE A 2683 -16.68 -39.55 -49.14
CA PHE A 2683 -15.46 -38.79 -48.86
C PHE A 2683 -14.24 -39.02 -49.78
N GLU A 2684 -13.96 -40.27 -50.13
CA GLU A 2684 -12.80 -40.60 -50.94
C GLU A 2684 -12.86 -40.37 -52.44
N LEU A 2685 -13.88 -40.91 -53.10
CA LEU A 2685 -14.00 -40.78 -54.55
C LEU A 2685 -13.89 -39.30 -54.89
N ALA A 2686 -14.32 -38.49 -53.91
CA ALA A 2686 -14.34 -37.04 -54.02
C ALA A 2686 -12.95 -36.37 -53.98
N GLU A 2687 -12.20 -36.61 -52.92
CA GLU A 2687 -10.87 -36.01 -52.79
C GLU A 2687 -9.90 -36.60 -53.83
N LYS A 2688 -10.50 -37.14 -54.89
CA LYS A 2688 -9.76 -37.73 -56.01
C LYS A 2688 -10.32 -37.11 -57.31
N SER A 2689 -11.51 -37.53 -57.72
CA SER A 2689 -12.13 -36.97 -58.92
C SER A 2689 -11.94 -35.45 -58.99
N ILE A 2690 -12.10 -34.78 -57.86
CA ILE A 2690 -11.91 -33.34 -57.81
C ILE A 2690 -10.43 -32.95 -57.98
N TYR A 2691 -9.55 -33.63 -57.25
CA TYR A 2691 -8.10 -33.38 -57.33
C TYR A 2691 -7.65 -33.47 -58.77
N ALA A 2692 -8.04 -34.56 -59.42
CA ALA A 2692 -7.73 -34.78 -60.82
C ALA A 2692 -8.44 -33.71 -61.65
N ALA A 2693 -9.73 -33.51 -61.33
CA ALA A 2693 -10.58 -32.53 -62.01
C ALA A 2693 -9.84 -31.20 -62.22
N ALA A 2694 -8.91 -30.92 -61.32
CA ALA A 2694 -8.10 -29.70 -61.33
C ALA A 2694 -7.09 -29.56 -62.47
N LYS A 2695 -6.11 -30.46 -62.54
CA LYS A 2695 -5.08 -30.37 -63.61
C LYS A 2695 -5.76 -30.46 -64.95
N SER A 2696 -6.67 -31.43 -65.07
CA SER A 2696 -7.40 -31.57 -66.33
C SER A 2696 -8.01 -30.20 -66.61
N GLY A 2697 -8.76 -29.67 -65.63
CA GLY A 2697 -9.38 -28.37 -65.75
C GLY A 2697 -10.88 -28.41 -65.99
N THR A 2698 -11.53 -29.43 -65.43
CA THR A 2698 -12.99 -29.59 -65.57
C THR A 2698 -13.73 -28.97 -64.38
N TRP A 2699 -15.00 -29.30 -64.20
CA TRP A 2699 -15.77 -28.76 -63.08
C TRP A 2699 -16.19 -29.85 -62.07
N VAL A 2700 -16.41 -29.45 -60.83
CA VAL A 2700 -16.81 -30.40 -59.80
C VAL A 2700 -17.95 -29.78 -59.00
N LEU A 2701 -18.75 -30.59 -58.32
CA LEU A 2701 -19.83 -30.08 -57.50
C LEU A 2701 -20.11 -30.97 -56.30
N LEU A 2702 -19.90 -30.43 -55.12
CA LEU A 2702 -20.21 -31.22 -53.95
C LEU A 2702 -21.49 -30.57 -53.46
N LYS A 2703 -22.37 -31.36 -52.85
CA LYS A 2703 -23.62 -30.79 -52.38
C LYS A 2703 -23.92 -31.22 -50.98
N ASN A 2704 -24.18 -30.25 -50.12
CA ASN A 2704 -24.53 -30.53 -48.73
C ASN A 2704 -23.31 -30.96 -47.95
N ILE A 2705 -22.19 -30.31 -48.23
CA ILE A 2705 -20.92 -30.61 -47.57
C ILE A 2705 -21.06 -30.42 -46.05
N HIS A 2706 -22.06 -29.61 -45.66
CA HIS A 2706 -22.38 -29.28 -44.27
C HIS A 2706 -22.68 -30.53 -43.41
N LEU A 2707 -22.96 -31.65 -44.10
CA LEU A 2707 -23.23 -32.90 -43.41
C LEU A 2707 -21.89 -33.46 -42.93
N ALA A 2708 -20.78 -32.90 -43.43
CA ALA A 2708 -19.47 -33.38 -43.08
C ALA A 2708 -18.69 -32.35 -42.27
N PRO A 2709 -19.26 -31.92 -41.12
CA PRO A 2709 -18.61 -30.93 -40.24
C PRO A 2709 -17.15 -31.25 -39.91
N GLN A 2710 -16.86 -32.53 -39.69
CA GLN A 2710 -15.50 -32.93 -39.35
C GLN A 2710 -14.71 -33.35 -40.62
N TRP A 2711 -15.17 -32.86 -41.78
CA TRP A 2711 -14.54 -33.19 -43.03
C TRP A 2711 -13.94 -32.03 -43.82
N LEU A 2712 -14.70 -30.93 -43.96
CA LEU A 2712 -14.22 -29.79 -44.75
C LEU A 2712 -12.91 -29.22 -44.20
N VAL A 2713 -12.69 -29.38 -42.89
CA VAL A 2713 -11.45 -28.93 -42.25
C VAL A 2713 -10.28 -29.39 -43.14
N GLN A 2714 -10.44 -30.59 -43.69
CA GLN A 2714 -9.46 -31.22 -44.57
C GLN A 2714 -9.57 -30.63 -45.99
N LEU A 2715 -10.78 -30.67 -46.55
CA LEU A 2715 -11.06 -30.17 -47.91
C LEU A 2715 -10.53 -28.74 -48.05
N GLU A 2716 -10.63 -28.00 -46.95
CA GLU A 2716 -10.17 -26.63 -46.90
C GLU A 2716 -8.64 -26.67 -47.09
N LYS A 2717 -7.92 -27.08 -46.04
CA LYS A 2717 -6.46 -27.16 -46.06
C LYS A 2717 -5.93 -27.62 -47.44
N LYS A 2718 -6.58 -28.62 -48.03
CA LYS A 2718 -6.16 -29.15 -49.33
C LYS A 2718 -6.38 -28.10 -50.42
N LEU A 2719 -7.65 -27.85 -50.76
CA LEU A 2719 -8.01 -26.86 -51.78
C LEU A 2719 -7.14 -25.58 -51.75
N HIS A 2720 -6.82 -25.11 -50.54
CA HIS A 2720 -6.01 -23.91 -50.37
C HIS A 2720 -4.70 -24.06 -51.14
N SER A 2721 -3.89 -25.03 -50.75
CA SER A 2721 -2.62 -25.25 -51.43
C SER A 2721 -2.81 -26.28 -52.51
N LEU A 2722 -3.79 -26.03 -53.38
CA LEU A 2722 -4.08 -26.92 -54.49
C LEU A 2722 -4.15 -26.14 -55.81
N SER A 2723 -3.04 -25.51 -56.19
CA SER A 2723 -2.96 -24.74 -57.44
C SER A 2723 -3.55 -25.48 -58.67
N PRO A 2724 -4.48 -24.83 -59.40
CA PRO A 2724 -5.06 -25.52 -60.55
C PRO A 2724 -4.86 -24.71 -61.82
N HIS A 2725 -5.55 -25.19 -62.87
CA HIS A 2725 -5.54 -24.59 -64.20
C HIS A 2725 -6.71 -23.61 -64.40
N PRO A 2726 -6.44 -22.51 -65.11
CA PRO A 2726 -7.41 -21.45 -65.42
C PRO A 2726 -8.88 -21.88 -65.57
N SER A 2727 -9.13 -22.80 -66.49
CA SER A 2727 -10.49 -23.28 -66.79
C SER A 2727 -11.22 -24.04 -65.65
N PHE A 2728 -10.47 -24.51 -64.66
CA PHE A 2728 -11.07 -25.25 -63.54
C PHE A 2728 -12.18 -24.41 -62.91
N ARG A 2729 -12.97 -25.06 -62.04
CA ARG A 2729 -14.07 -24.41 -61.33
C ARG A 2729 -14.62 -25.47 -60.39
N LEU A 2730 -14.46 -25.29 -59.09
CA LEU A 2730 -15.00 -26.25 -58.14
C LEU A 2730 -16.24 -25.63 -57.50
N PHE A 2731 -17.43 -26.00 -57.98
CA PHE A 2731 -18.71 -25.47 -57.44
C PHE A 2731 -19.22 -26.27 -56.26
N MET A 2732 -19.15 -25.73 -55.05
CA MET A 2732 -19.69 -26.46 -53.92
C MET A 2732 -21.13 -26.00 -53.69
N THR A 2733 -21.80 -26.59 -52.70
CA THR A 2733 -23.20 -26.23 -52.41
C THR A 2733 -23.45 -26.46 -50.94
N SER A 2734 -24.24 -25.57 -50.32
CA SER A 2734 -24.52 -25.71 -48.89
C SER A 2734 -25.79 -25.01 -48.42
N GLU A 2735 -26.00 -25.10 -47.11
CA GLU A 2735 -27.12 -24.46 -46.44
C GLU A 2735 -26.46 -23.66 -45.31
N ILE A 2736 -26.86 -22.39 -45.16
CA ILE A 2736 -26.28 -21.51 -44.13
C ILE A 2736 -26.12 -22.25 -42.79
N HIS A 2737 -25.13 -23.13 -42.74
CA HIS A 2737 -24.88 -23.95 -41.58
C HIS A 2737 -23.51 -23.71 -40.97
N PRO A 2738 -23.48 -23.27 -39.70
CA PRO A 2738 -22.29 -22.95 -38.90
C PRO A 2738 -21.15 -23.99 -38.84
N ALA A 2739 -21.28 -25.10 -39.57
CA ALA A 2739 -20.23 -26.11 -39.59
C ALA A 2739 -19.16 -25.68 -40.60
N LEU A 2740 -19.59 -24.95 -41.64
CA LEU A 2740 -18.71 -24.43 -42.68
C LEU A 2740 -17.56 -23.65 -42.04
N PRO A 2741 -16.32 -24.01 -42.35
CA PRO A 2741 -15.26 -23.22 -41.72
C PRO A 2741 -15.08 -21.91 -42.45
N ALA A 2742 -14.69 -20.89 -41.71
CA ALA A 2742 -14.46 -19.57 -42.30
C ALA A 2742 -13.62 -19.65 -43.58
N ASN A 2743 -12.40 -20.17 -43.42
CA ASN A 2743 -11.46 -20.33 -44.53
C ASN A 2743 -12.13 -20.83 -45.80
N LEU A 2744 -13.07 -21.76 -45.64
CA LEU A 2744 -13.77 -22.30 -46.78
C LEU A 2744 -14.62 -21.25 -47.47
N LEU A 2745 -15.34 -20.45 -46.68
CA LEU A 2745 -16.17 -19.41 -47.26
C LEU A 2745 -15.27 -18.31 -47.81
N ARG A 2746 -14.27 -17.94 -47.01
CA ARG A 2746 -13.31 -16.90 -47.36
C ARG A 2746 -12.48 -17.13 -48.61
N MET A 2747 -12.29 -18.39 -49.00
CA MET A 2747 -11.49 -18.65 -50.19
C MET A 2747 -12.35 -18.79 -51.43
N SER A 2748 -13.65 -18.68 -51.30
CA SER A 2748 -14.53 -18.80 -52.46
C SER A 2748 -15.43 -17.61 -52.63
N ASN A 2749 -16.11 -17.55 -53.78
CA ASN A 2749 -17.08 -16.50 -54.04
C ASN A 2749 -18.44 -17.02 -53.55
N VAL A 2750 -18.85 -16.59 -52.36
CA VAL A 2750 -20.10 -17.04 -51.80
C VAL A 2750 -21.28 -16.40 -52.53
N PHE A 2751 -22.32 -17.19 -52.74
CA PHE A 2751 -23.53 -16.70 -53.40
C PHE A 2751 -24.73 -17.11 -52.53
N SER A 2752 -25.49 -16.12 -52.08
CA SER A 2752 -26.64 -16.39 -51.21
C SER A 2752 -27.97 -16.54 -51.94
N TYR A 2753 -28.79 -17.45 -51.42
CA TYR A 2753 -30.08 -17.76 -52.00
C TYR A 2753 -31.23 -17.72 -51.01
N GLU A 2754 -32.20 -16.86 -51.29
CA GLU A 2754 -33.37 -16.72 -50.39
C GLU A 2754 -34.68 -16.71 -51.17
N ASN A 2755 -35.71 -17.34 -50.61
CA ASN A 2755 -37.02 -17.37 -51.27
C ASN A 2755 -37.48 -15.91 -51.25
N PRO A 2756 -37.49 -15.24 -52.41
CA PRO A 2756 -37.94 -13.84 -52.42
C PRO A 2756 -39.30 -13.69 -51.76
N PRO A 2757 -39.65 -12.48 -51.34
CA PRO A 2757 -40.95 -12.26 -50.70
C PRO A 2757 -42.07 -12.16 -51.71
N GLY A 2758 -43.31 -12.21 -51.23
CA GLY A 2758 -44.46 -12.06 -52.10
C GLY A 2758 -45.19 -13.27 -52.64
N VAL A 2759 -46.52 -13.16 -52.63
CA VAL A 2759 -47.41 -14.21 -53.11
C VAL A 2759 -47.25 -14.45 -54.62
N LYS A 2760 -46.94 -13.39 -55.37
CA LYS A 2760 -46.74 -13.49 -56.82
C LYS A 2760 -45.48 -14.28 -57.14
N ALA A 2761 -44.45 -14.04 -56.36
CA ALA A 2761 -43.19 -14.71 -56.55
C ALA A 2761 -43.37 -16.14 -56.08
N ASN A 2762 -44.25 -16.33 -55.10
CA ASN A 2762 -44.49 -17.67 -54.59
C ASN A 2762 -45.20 -18.52 -55.63
N LEU A 2763 -46.17 -17.93 -56.30
CA LEU A 2763 -46.93 -18.64 -57.30
C LEU A 2763 -46.06 -19.06 -58.46
N LEU A 2764 -45.12 -18.23 -58.86
CA LEU A 2764 -44.26 -18.56 -59.98
C LEU A 2764 -43.34 -19.72 -59.66
N HIS A 2765 -42.85 -19.80 -58.43
CA HIS A 2765 -41.98 -20.90 -58.04
C HIS A 2765 -42.76 -22.20 -58.04
N THR A 2766 -44.00 -22.14 -57.58
CA THR A 2766 -44.86 -23.32 -57.53
C THR A 2766 -45.14 -23.87 -58.93
N PHE A 2767 -45.41 -22.96 -59.86
CA PHE A 2767 -45.75 -23.33 -61.23
C PHE A 2767 -44.66 -23.97 -62.04
N ILE A 2768 -43.42 -23.78 -61.65
CA ILE A 2768 -42.35 -24.44 -62.38
C ILE A 2768 -42.55 -25.95 -62.29
N GLY A 2769 -43.21 -26.39 -61.23
CA GLY A 2769 -43.47 -27.80 -61.02
C GLY A 2769 -44.83 -28.29 -61.45
N ILE A 2770 -45.63 -27.40 -62.05
CA ILE A 2770 -46.96 -27.77 -62.54
C ILE A 2770 -46.94 -27.63 -64.07
N PRO A 2771 -46.40 -28.64 -64.76
CA PRO A 2771 -46.31 -28.63 -66.22
C PRO A 2771 -47.66 -28.53 -66.94
N ALA A 2772 -47.72 -27.71 -67.98
CA ALA A 2772 -48.96 -27.59 -68.73
C ALA A 2772 -49.42 -29.00 -69.10
N THR A 2773 -48.46 -29.89 -69.30
CA THR A 2773 -48.76 -31.26 -69.68
C THR A 2773 -49.61 -31.94 -68.64
N ARG A 2774 -49.41 -31.62 -67.36
CA ARG A 2774 -50.20 -32.23 -66.29
C ARG A 2774 -51.48 -31.42 -66.05
N MET A 2775 -51.29 -30.13 -65.85
CA MET A 2775 -52.39 -29.21 -65.59
C MET A 2775 -53.48 -29.11 -66.66
N ASP A 2776 -53.08 -29.01 -67.93
CA ASP A 2776 -54.04 -28.84 -69.03
C ASP A 2776 -54.96 -29.97 -69.46
N LYS A 2777 -54.81 -31.15 -68.86
CA LYS A 2777 -55.65 -32.30 -69.21
C LYS A 2777 -57.07 -32.24 -68.61
N GLN A 2778 -58.04 -32.87 -69.26
CA GLN A 2778 -59.41 -32.85 -68.79
C GLN A 2778 -59.56 -33.44 -67.40
N PRO A 2779 -60.58 -32.99 -66.65
CA PRO A 2779 -61.60 -32.00 -66.97
C PRO A 2779 -60.99 -30.64 -67.03
N ALA A 2780 -61.74 -29.68 -67.56
CA ALA A 2780 -61.26 -28.32 -67.66
C ALA A 2780 -61.16 -27.71 -66.26
N GLU A 2781 -61.94 -28.27 -65.33
CA GLU A 2781 -61.93 -27.78 -63.96
C GLU A 2781 -60.63 -28.16 -63.24
N ARG A 2782 -59.89 -29.11 -63.79
CA ARG A 2782 -58.63 -29.55 -63.20
C ARG A 2782 -57.70 -28.38 -62.97
N SER A 2783 -57.48 -27.59 -64.00
CA SER A 2783 -56.61 -26.43 -63.89
C SER A 2783 -57.05 -25.49 -62.80
N ARG A 2784 -58.32 -25.13 -62.78
CA ARG A 2784 -58.79 -24.23 -61.74
C ARG A 2784 -58.47 -24.76 -60.35
N ILE A 2785 -58.48 -26.08 -60.20
CA ILE A 2785 -58.18 -26.67 -58.90
C ILE A 2785 -56.71 -26.55 -58.58
N TYR A 2786 -55.86 -26.78 -59.57
CA TYR A 2786 -54.42 -26.67 -59.39
C TYR A 2786 -54.08 -25.26 -58.94
N PHE A 2787 -54.74 -24.26 -59.52
CA PHE A 2787 -54.49 -22.88 -59.17
C PHE A 2787 -54.89 -22.60 -57.74
N LEU A 2788 -55.99 -23.20 -57.29
CA LEU A 2788 -56.44 -22.98 -55.94
C LEU A 2788 -55.44 -23.61 -54.98
N LEU A 2789 -54.83 -24.71 -55.39
CA LEU A 2789 -53.85 -25.39 -54.57
C LEU A 2789 -52.63 -24.50 -54.44
N ALA A 2790 -52.20 -23.94 -55.56
CA ALA A 2790 -51.04 -23.07 -55.59
C ALA A 2790 -51.23 -21.81 -54.77
N TRP A 2791 -52.41 -21.20 -54.87
CA TRP A 2791 -52.71 -19.97 -54.13
C TRP A 2791 -52.73 -20.28 -52.63
N PHE A 2792 -53.25 -21.45 -52.28
CA PHE A 2792 -53.31 -21.92 -50.88
C PHE A 2792 -51.91 -22.00 -50.33
N HIS A 2793 -51.07 -22.70 -51.08
CA HIS A 2793 -49.67 -22.92 -50.75
C HIS A 2793 -48.93 -21.61 -50.54
N ALA A 2794 -49.22 -20.63 -51.38
CA ALA A 2794 -48.59 -19.34 -51.27
C ALA A 2794 -49.01 -18.63 -50.00
N ILE A 2795 -50.30 -18.65 -49.68
CA ILE A 2795 -50.80 -17.99 -48.49
C ILE A 2795 -50.20 -18.52 -47.20
N ILE A 2796 -50.26 -19.83 -46.98
CA ILE A 2796 -49.71 -20.39 -45.76
C ILE A 2796 -48.20 -20.25 -45.65
N GLN A 2797 -47.51 -20.06 -46.77
CA GLN A 2797 -46.06 -19.89 -46.74
C GLN A 2797 -45.66 -18.44 -46.56
N GLU A 2798 -46.50 -17.51 -47.03
CA GLU A 2798 -46.20 -16.10 -46.84
C GLU A 2798 -46.50 -15.70 -45.40
N ARG A 2799 -47.44 -16.39 -44.77
CA ARG A 2799 -47.77 -16.09 -43.39
C ARG A 2799 -46.64 -16.55 -42.48
N LEU A 2800 -45.71 -17.33 -43.03
CA LEU A 2800 -44.59 -17.82 -42.26
C LEU A 2800 -43.66 -16.68 -41.90
N ARG A 2801 -43.64 -15.65 -42.74
CA ARG A 2801 -42.78 -14.52 -42.47
C ARG A 2801 -43.42 -13.55 -41.52
N TYR A 2802 -44.46 -13.99 -40.83
CA TYR A 2802 -45.12 -13.13 -39.87
C TYR A 2802 -45.32 -13.77 -38.52
N ILE A 2803 -44.48 -14.76 -38.22
CA ILE A 2803 -44.56 -15.47 -36.96
C ILE A 2803 -44.24 -14.43 -35.90
N PRO A 2804 -44.94 -14.47 -34.75
CA PRO A 2804 -45.99 -15.41 -34.40
C PRO A 2804 -47.42 -15.07 -34.80
N LEU A 2805 -47.60 -14.10 -35.69
CA LEU A 2805 -48.94 -13.70 -36.16
C LEU A 2805 -49.43 -14.66 -37.23
N GLY A 2806 -48.59 -14.86 -38.25
CA GLY A 2806 -48.94 -15.74 -39.34
C GLY A 2806 -49.18 -17.15 -38.85
N TRP A 2807 -48.23 -17.68 -38.09
CA TRP A 2807 -48.30 -19.03 -37.52
C TRP A 2807 -47.61 -18.94 -36.19
N THR A 2808 -47.81 -19.96 -35.36
CA THR A 2808 -47.19 -19.98 -34.04
C THR A 2808 -45.74 -20.39 -34.11
N LYS A 2809 -45.42 -21.30 -35.03
CA LYS A 2809 -44.06 -21.80 -35.21
C LYS A 2809 -43.72 -21.79 -36.70
N PHE A 2810 -42.52 -22.22 -37.08
CA PHE A 2810 -42.16 -22.26 -38.48
C PHE A 2810 -42.41 -23.64 -39.04
N PHE A 2811 -43.56 -23.84 -39.67
CA PHE A 2811 -43.90 -25.12 -40.26
C PHE A 2811 -43.34 -25.16 -41.66
N GLU A 2812 -42.55 -26.18 -41.94
CA GLU A 2812 -41.89 -26.30 -43.22
C GLU A 2812 -42.70 -26.86 -44.38
N PHE A 2813 -43.74 -26.13 -44.76
CA PHE A 2813 -44.57 -26.54 -45.87
C PHE A 2813 -43.63 -26.48 -47.04
N ASN A 2814 -43.25 -27.63 -47.56
CA ASN A 2814 -42.32 -27.67 -48.69
C ASN A 2814 -43.01 -27.91 -50.03
N ASP A 2815 -42.19 -28.09 -51.07
CA ASP A 2815 -42.67 -28.32 -52.44
C ASP A 2815 -43.22 -29.71 -52.67
N ALA A 2816 -42.78 -30.66 -51.84
CA ALA A 2816 -43.23 -32.03 -51.95
C ALA A 2816 -44.67 -32.11 -51.49
N ASP A 2817 -45.03 -31.22 -50.58
CA ASP A 2817 -46.41 -31.19 -50.09
C ASP A 2817 -47.32 -30.86 -51.24
N LEU A 2818 -46.93 -29.89 -52.06
CA LEU A 2818 -47.73 -29.50 -53.20
C LEU A 2818 -47.93 -30.70 -54.13
N ARG A 2819 -46.82 -31.32 -54.55
CA ARG A 2819 -46.84 -32.49 -55.42
C ARG A 2819 -47.77 -33.55 -54.86
N GLY A 2820 -47.66 -33.79 -53.56
CA GLY A 2820 -48.50 -34.77 -52.91
C GLY A 2820 -49.96 -34.38 -52.99
N ALA A 2821 -50.24 -33.10 -52.80
CA ALA A 2821 -51.59 -32.57 -52.84
C ALA A 2821 -52.17 -32.72 -54.24
N LEU A 2822 -51.32 -32.53 -55.26
CA LEU A 2822 -51.73 -32.69 -56.65
C LEU A 2822 -52.05 -34.16 -56.88
N ASP A 2823 -51.23 -35.06 -56.37
CA ASP A 2823 -51.50 -36.48 -56.53
C ASP A 2823 -52.88 -36.76 -55.96
N SER A 2824 -53.19 -36.15 -54.83
CA SER A 2824 -54.48 -36.38 -54.18
C SER A 2824 -55.63 -35.83 -55.00
N ILE A 2825 -55.48 -34.60 -55.49
CA ILE A 2825 -56.51 -33.97 -56.29
C ILE A 2825 -56.78 -34.92 -57.46
N ASP A 2826 -55.72 -35.18 -58.21
CA ASP A 2826 -55.74 -36.04 -59.38
C ASP A 2826 -56.48 -37.35 -59.19
N TYR A 2827 -56.41 -37.87 -57.98
CA TYR A 2827 -57.08 -39.12 -57.61
C TYR A 2827 -58.58 -38.91 -57.62
N TRP A 2828 -59.06 -37.91 -56.90
CA TRP A 2828 -60.48 -37.63 -56.85
C TRP A 2828 -61.04 -37.15 -58.19
N VAL A 2829 -60.27 -36.38 -58.95
CA VAL A 2829 -60.76 -35.93 -60.23
C VAL A 2829 -60.89 -37.12 -61.18
N ASP A 2830 -59.97 -38.06 -61.08
CA ASP A 2830 -60.01 -39.26 -61.93
C ASP A 2830 -61.11 -40.23 -61.47
N LEU A 2831 -61.62 -40.04 -60.27
CA LEU A 2831 -62.63 -40.95 -59.78
C LEU A 2831 -64.02 -40.48 -60.18
N TYR A 2832 -64.24 -39.18 -60.06
CA TYR A 2832 -65.53 -38.59 -60.39
C TYR A 2832 -65.70 -38.09 -61.82
N SER A 2833 -64.65 -38.17 -62.65
CA SER A 2833 -64.79 -37.70 -64.02
C SER A 2833 -63.87 -38.33 -65.05
N LYS A 2834 -63.03 -39.26 -64.62
CA LYS A 2834 -62.09 -39.95 -65.50
C LYS A 2834 -62.61 -40.09 -66.95
N GLY A 2835 -61.97 -39.40 -67.89
CA GLY A 2835 -62.40 -39.48 -69.28
C GLY A 2835 -63.35 -38.40 -69.77
N ARG A 2836 -63.95 -37.66 -68.85
CA ARG A 2836 -64.88 -36.60 -69.19
C ARG A 2836 -64.15 -35.26 -69.41
N SER A 2837 -64.81 -34.30 -70.07
CA SER A 2837 -64.24 -33.00 -70.33
C SER A 2837 -64.65 -32.02 -69.24
N ASN A 2838 -65.55 -32.46 -68.34
CA ASN A 2838 -66.03 -31.63 -67.25
C ASN A 2838 -66.41 -32.43 -65.99
N ILE A 2839 -66.23 -31.82 -64.82
CA ILE A 2839 -66.57 -32.47 -63.57
C ILE A 2839 -67.52 -31.55 -62.83
N ASP A 2840 -68.40 -32.11 -62.02
CA ASP A 2840 -69.32 -31.27 -61.28
C ASP A 2840 -68.68 -30.94 -59.96
N PRO A 2841 -68.52 -29.66 -59.66
CA PRO A 2841 -67.90 -29.27 -58.39
C PRO A 2841 -68.65 -29.66 -57.13
N ASP A 2842 -69.91 -30.08 -57.24
CA ASP A 2842 -70.67 -30.48 -56.06
C ASP A 2842 -70.70 -31.99 -55.85
N LYS A 2843 -70.28 -32.74 -56.86
CA LYS A 2843 -70.28 -34.17 -56.75
C LYS A 2843 -68.98 -34.61 -56.10
N ILE A 2844 -68.02 -33.68 -56.00
CA ILE A 2844 -66.71 -33.94 -55.40
C ILE A 2844 -66.74 -33.89 -53.90
N PRO A 2845 -66.10 -34.85 -53.23
CA PRO A 2845 -66.02 -34.97 -51.79
C PRO A 2845 -65.00 -34.04 -51.17
N TRP A 2846 -65.34 -32.75 -51.12
CA TRP A 2846 -64.45 -31.74 -50.59
C TRP A 2846 -63.99 -31.93 -49.14
N ILE A 2847 -64.83 -32.48 -48.27
CA ILE A 2847 -64.38 -32.73 -46.91
C ILE A 2847 -63.25 -33.76 -46.95
N ALA A 2848 -63.33 -34.70 -47.89
CA ALA A 2848 -62.32 -35.73 -48.03
C ALA A 2848 -61.04 -35.09 -48.55
N VAL A 2849 -61.18 -34.19 -49.52
CA VAL A 2849 -60.02 -33.51 -50.09
C VAL A 2849 -59.30 -32.66 -49.04
N ARG A 2850 -60.06 -31.81 -48.36
CA ARG A 2850 -59.52 -30.93 -47.33
C ARG A 2850 -58.79 -31.69 -46.22
N THR A 2851 -59.36 -32.81 -45.80
CA THR A 2851 -58.79 -33.62 -44.72
C THR A 2851 -57.49 -34.27 -45.11
N ILE A 2852 -57.40 -34.82 -46.31
CA ILE A 2852 -56.15 -35.46 -46.70
C ILE A 2852 -55.04 -34.43 -46.77
N LEU A 2853 -55.35 -33.29 -47.38
CA LEU A 2853 -54.39 -32.22 -47.54
C LEU A 2853 -54.10 -31.53 -46.22
N GLY A 2854 -55.12 -31.35 -45.40
CA GLY A 2854 -54.92 -30.68 -44.15
C GLY A 2854 -54.23 -31.48 -43.06
N SER A 2855 -54.80 -32.63 -42.73
CA SER A 2855 -54.27 -33.45 -41.65
C SER A 2855 -53.16 -34.43 -41.99
N THR A 2856 -52.92 -34.66 -43.29
CA THR A 2856 -51.94 -35.63 -43.73
C THR A 2856 -50.74 -35.09 -44.50
N ILE A 2857 -51.00 -34.13 -45.37
CA ILE A 2857 -49.94 -33.59 -46.18
C ILE A 2857 -49.31 -32.33 -45.64
N TYR A 2858 -50.09 -31.26 -45.55
CA TYR A 2858 -49.60 -30.00 -45.04
C TYR A 2858 -49.64 -29.88 -43.53
N GLY A 2859 -50.64 -30.50 -42.91
CA GLY A 2859 -50.82 -30.38 -41.49
C GLY A 2859 -50.31 -31.44 -40.54
N GLY A 2860 -49.66 -32.46 -41.06
CA GLY A 2860 -49.15 -33.48 -40.16
C GLY A 2860 -48.16 -32.89 -39.19
N ARG A 2861 -47.33 -31.98 -39.69
CA ARG A 2861 -46.31 -31.31 -38.89
C ARG A 2861 -46.79 -30.33 -37.82
N ILE A 2862 -48.08 -29.97 -37.82
CA ILE A 2862 -48.61 -29.03 -36.85
C ILE A 2862 -48.94 -29.74 -35.54
N ASP A 2863 -48.44 -29.18 -34.45
CA ASP A 2863 -48.56 -29.74 -33.09
C ASP A 2863 -49.38 -28.92 -32.15
N ASN A 2864 -49.98 -27.88 -32.69
CA ASN A 2864 -50.77 -26.91 -31.97
C ASN A 2864 -52.19 -27.15 -32.44
N GLU A 2865 -53.17 -26.76 -31.64
CA GLU A 2865 -54.56 -26.96 -32.00
C GLU A 2865 -55.17 -25.72 -32.66
N PHE A 2866 -54.47 -24.60 -32.62
CA PHE A 2866 -54.93 -23.36 -33.23
C PHE A 2866 -54.28 -23.14 -34.58
N ASP A 2867 -53.11 -23.71 -34.79
CA ASP A 2867 -52.44 -23.58 -36.07
C ASP A 2867 -53.18 -24.56 -36.99
N MET A 2868 -53.79 -25.60 -36.43
CA MET A 2868 -54.56 -26.54 -37.23
C MET A 2868 -55.88 -25.88 -37.53
N ARG A 2869 -56.30 -25.00 -36.64
CA ARG A 2869 -57.54 -24.29 -36.79
C ARG A 2869 -57.36 -23.36 -37.96
N LEU A 2870 -56.18 -22.75 -38.03
CA LEU A 2870 -55.86 -21.79 -39.08
C LEU A 2870 -55.65 -22.37 -40.48
N LEU A 2871 -55.08 -23.57 -40.57
CA LEU A 2871 -54.82 -24.24 -41.84
C LEU A 2871 -56.12 -24.64 -42.51
N TYR A 2872 -57.06 -25.12 -41.72
CA TYR A 2872 -58.36 -25.55 -42.21
C TYR A 2872 -59.22 -24.37 -42.54
N SER A 2873 -58.85 -23.23 -41.98
CA SER A 2873 -59.54 -22.00 -42.24
C SER A 2873 -59.34 -21.76 -43.73
N PHE A 2874 -58.10 -21.86 -44.18
CA PHE A 2874 -57.78 -21.65 -45.58
C PHE A 2874 -58.23 -22.76 -46.48
N LEU A 2875 -58.19 -23.97 -45.98
CA LEU A 2875 -58.61 -25.13 -46.74
C LEU A 2875 -60.09 -25.03 -47.03
N GLU A 2876 -60.88 -24.70 -46.01
CA GLU A 2876 -62.32 -24.58 -46.16
C GLU A 2876 -62.75 -23.35 -46.94
N GLN A 2877 -61.84 -22.42 -47.10
CA GLN A 2877 -62.17 -21.23 -47.82
C GLN A 2877 -61.95 -21.44 -49.31
N LEU A 2878 -60.93 -22.18 -49.68
CA LEU A 2878 -60.61 -22.39 -51.08
C LEU A 2878 -61.00 -23.72 -51.70
N PHE A 2879 -61.32 -24.72 -50.90
CA PHE A 2879 -61.68 -26.00 -51.48
C PHE A 2879 -63.12 -26.42 -51.18
N THR A 2880 -64.06 -25.62 -51.66
CA THR A 2880 -65.47 -25.89 -51.49
C THR A 2880 -66.06 -25.67 -52.85
N PRO A 2881 -67.24 -26.23 -53.10
CA PRO A 2881 -67.83 -26.03 -54.42
C PRO A 2881 -67.99 -24.56 -54.84
N SER A 2882 -68.46 -23.71 -53.94
CA SER A 2882 -68.64 -22.32 -54.31
C SER A 2882 -67.39 -21.63 -54.88
N ALA A 2883 -66.23 -22.23 -54.68
CA ALA A 2883 -64.97 -21.63 -55.17
C ALA A 2883 -64.85 -21.70 -56.68
N PHE A 2884 -65.74 -22.44 -57.32
CA PHE A 2884 -65.69 -22.59 -58.76
C PHE A 2884 -66.61 -21.61 -59.44
N ASN A 2885 -67.30 -20.84 -58.62
CA ASN A 2885 -68.22 -19.85 -59.12
C ASN A 2885 -67.42 -18.70 -59.68
N PRO A 2886 -67.77 -18.23 -60.89
CA PRO A 2886 -67.01 -17.12 -61.47
C PRO A 2886 -66.89 -15.93 -60.54
N ASP A 2887 -65.75 -15.24 -60.63
CA ASP A 2887 -65.47 -14.08 -59.81
C ASP A 2887 -65.41 -14.45 -58.34
N PHE A 2888 -64.69 -15.50 -58.01
CA PHE A 2888 -64.54 -15.94 -56.63
C PHE A 2888 -63.47 -15.06 -55.99
N PRO A 2889 -63.80 -14.37 -54.89
CA PRO A 2889 -62.81 -13.51 -54.23
C PRO A 2889 -61.66 -14.26 -53.53
N LEU A 2890 -60.47 -13.69 -53.65
CA LEU A 2890 -59.27 -14.23 -53.03
C LEU A 2890 -58.83 -13.19 -52.01
N VAL A 2891 -58.84 -11.94 -52.48
CA VAL A 2891 -58.46 -10.80 -51.67
C VAL A 2891 -59.43 -9.72 -52.09
N PRO A 2892 -60.60 -9.68 -51.45
CA PRO A 2892 -61.65 -8.72 -51.73
C PRO A 2892 -61.23 -7.25 -51.60
N SER A 2893 -60.69 -6.90 -50.45
CA SER A 2893 -60.28 -5.52 -50.20
C SER A 2893 -59.56 -4.89 -51.38
N ILE A 2894 -58.85 -5.70 -52.17
CA ILE A 2894 -58.10 -5.19 -53.29
C ILE A 2894 -58.74 -5.52 -54.65
N GLY A 2895 -59.94 -6.10 -54.61
CA GLY A 2895 -60.67 -6.44 -55.83
C GLY A 2895 -60.18 -7.65 -56.60
N LEU A 2896 -59.22 -8.37 -56.05
CA LEU A 2896 -58.63 -9.55 -56.69
C LEU A 2896 -59.42 -10.83 -56.49
N SER A 2897 -59.86 -11.44 -57.58
CA SER A 2897 -60.62 -12.66 -57.51
C SER A 2897 -60.03 -13.70 -58.46
N VAL A 2898 -60.40 -14.96 -58.31
CA VAL A 2898 -59.86 -16.01 -59.16
C VAL A 2898 -60.19 -15.77 -60.63
N PRO A 2899 -59.20 -15.95 -61.52
CA PRO A 2899 -59.39 -15.76 -62.95
C PRO A 2899 -60.11 -16.93 -63.60
N GLU A 2900 -60.87 -16.63 -64.64
CA GLU A 2900 -61.58 -17.66 -65.37
C GLU A 2900 -60.54 -18.16 -66.34
N GLY A 2901 -60.41 -19.49 -66.46
CA GLY A 2901 -59.44 -20.06 -67.36
C GLY A 2901 -59.38 -21.57 -67.25
N THR A 2902 -58.86 -22.23 -68.27
CA THR A 2902 -58.80 -23.67 -68.26
C THR A 2902 -57.44 -24.19 -68.66
N THR A 2903 -56.50 -23.28 -68.86
CA THR A 2903 -55.15 -23.70 -69.21
C THR A 2903 -54.11 -23.02 -68.32
N ARG A 2904 -52.94 -23.64 -68.21
CA ARG A 2904 -51.87 -23.09 -67.40
C ARG A 2904 -51.57 -21.66 -67.87
N ALA A 2905 -51.53 -21.48 -69.19
CA ALA A 2905 -51.26 -20.16 -69.78
C ALA A 2905 -52.29 -19.12 -69.35
N HIS A 2906 -53.52 -19.54 -69.16
CA HIS A 2906 -54.55 -18.61 -68.73
C HIS A 2906 -54.25 -18.15 -67.32
N PHE A 2907 -53.79 -19.08 -66.48
CA PHE A 2907 -53.49 -18.77 -65.09
C PHE A 2907 -52.16 -18.04 -64.93
N MET A 2908 -51.20 -18.32 -65.80
CA MET A 2908 -49.91 -17.65 -65.73
C MET A 2908 -50.04 -16.18 -66.08
N LYS A 2909 -50.86 -15.87 -67.08
CA LYS A 2909 -51.07 -14.50 -67.50
C LYS A 2909 -51.72 -13.70 -66.38
N TRP A 2910 -52.42 -14.39 -65.49
CA TRP A 2910 -53.07 -13.71 -64.38
C TRP A 2910 -52.01 -13.48 -63.30
N ILE A 2911 -51.17 -14.47 -63.07
CA ILE A 2911 -50.12 -14.36 -62.08
C ILE A 2911 -49.20 -13.21 -62.45
N GLU A 2912 -48.72 -13.24 -63.68
CA GLU A 2912 -47.82 -12.22 -64.19
C GLU A 2912 -48.39 -10.81 -64.12
N ALA A 2913 -49.67 -10.64 -63.86
CA ALA A 2913 -50.22 -9.30 -63.79
C ALA A 2913 -50.45 -8.85 -62.36
N LEU A 2914 -49.92 -9.61 -61.41
CA LEU A 2914 -50.05 -9.30 -60.01
C LEU A 2914 -48.92 -8.38 -59.59
N PRO A 2915 -49.13 -7.55 -58.55
CA PRO A 2915 -48.07 -6.67 -58.09
C PRO A 2915 -46.95 -7.51 -57.47
N GLU A 2916 -45.71 -7.05 -57.53
CA GLU A 2916 -44.62 -7.83 -56.94
C GLU A 2916 -44.83 -7.89 -55.43
N ILE A 2917 -45.34 -6.77 -54.90
CA ILE A 2917 -45.60 -6.62 -53.48
C ILE A 2917 -46.98 -7.10 -53.07
N SER A 2918 -47.00 -7.91 -52.02
CA SER A 2918 -48.23 -8.43 -51.45
C SER A 2918 -48.27 -7.82 -50.07
N THR A 2919 -49.47 -7.62 -49.53
CA THR A 2919 -49.55 -7.08 -48.20
C THR A 2919 -50.24 -8.16 -47.33
N PRO A 2920 -50.06 -8.09 -46.01
CA PRO A 2920 -50.68 -9.07 -45.13
C PRO A 2920 -52.17 -9.23 -45.27
N ILE A 2921 -52.83 -8.24 -45.85
CA ILE A 2921 -54.28 -8.31 -46.03
C ILE A 2921 -54.57 -9.45 -47.00
N TRP A 2922 -53.61 -9.77 -47.85
CA TRP A 2922 -53.76 -10.85 -48.81
C TRP A 2922 -53.85 -12.17 -48.07
N LEU A 2923 -53.09 -12.24 -46.99
CA LEU A 2923 -52.99 -13.43 -46.15
C LEU A 2923 -54.01 -13.52 -45.04
N GLY A 2924 -55.03 -12.68 -45.09
CA GLY A 2924 -56.04 -12.72 -44.04
C GLY A 2924 -55.63 -12.09 -42.72
N LEU A 2925 -54.52 -11.35 -42.73
CA LEU A 2925 -54.02 -10.67 -41.54
C LEU A 2925 -54.22 -9.19 -41.70
N PRO A 2926 -54.17 -8.43 -40.61
CA PRO A 2926 -54.33 -6.99 -40.71
C PRO A 2926 -53.05 -6.42 -41.31
N GLU A 2927 -53.14 -5.28 -41.99
CA GLU A 2927 -51.97 -4.67 -42.61
C GLU A 2927 -50.82 -4.35 -41.66
N ASN A 2928 -51.15 -3.95 -40.44
CA ASN A 2928 -50.14 -3.60 -39.45
C ASN A 2928 -49.28 -4.78 -39.05
N ALA A 2929 -49.53 -5.95 -39.65
CA ALA A 2929 -48.74 -7.12 -39.37
C ALA A 2929 -47.37 -6.81 -39.94
N GLU A 2930 -47.39 -5.98 -40.97
CA GLU A 2930 -46.20 -5.56 -41.68
C GLU A 2930 -45.34 -4.62 -40.87
N SER A 2931 -45.99 -3.90 -39.96
CA SER A 2931 -45.35 -2.94 -39.08
C SER A 2931 -44.46 -3.69 -38.10
N LEU A 2932 -44.96 -4.78 -37.55
CA LEU A 2932 -44.18 -5.57 -36.63
C LEU A 2932 -42.96 -6.09 -37.37
N LEU A 2933 -43.18 -6.62 -38.56
CA LEU A 2933 -42.11 -7.15 -39.39
C LEU A 2933 -41.04 -6.11 -39.73
N LEU A 2934 -41.47 -4.93 -40.19
CA LEU A 2934 -40.52 -3.88 -40.52
C LEU A 2934 -39.74 -3.34 -39.33
N SER A 2935 -40.27 -3.55 -38.13
CA SER A 2935 -39.61 -3.10 -36.91
C SER A 2935 -38.59 -4.11 -36.45
N ASN A 2936 -38.96 -5.39 -36.51
CA ASN A 2936 -38.06 -6.46 -36.12
C ASN A 2936 -36.84 -6.39 -37.01
N LYS A 2937 -37.04 -6.01 -38.26
CA LYS A 2937 -35.95 -5.89 -39.20
C LYS A 2937 -35.16 -4.65 -38.89
N ALA A 2938 -35.81 -3.65 -38.31
CA ALA A 2938 -35.12 -2.43 -37.96
C ALA A 2938 -34.25 -2.70 -36.72
N ARG A 2939 -34.72 -3.62 -35.88
CA ARG A 2939 -33.99 -3.96 -34.69
C ARG A 2939 -32.81 -4.85 -35.01
N LYS A 2940 -33.03 -5.81 -35.90
CA LYS A 2940 -31.98 -6.72 -36.32
C LYS A 2940 -30.83 -5.92 -36.93
N MET A 2941 -31.16 -4.90 -37.71
CA MET A 2941 -30.17 -4.06 -38.37
C MET A 2941 -29.40 -3.17 -37.40
N ILE A 2942 -30.12 -2.42 -36.57
CA ILE A 2942 -29.50 -1.52 -35.60
C ILE A 2942 -28.57 -2.34 -34.73
N ASN A 2943 -29.08 -3.49 -34.31
CA ASN A 2943 -28.39 -4.44 -33.48
C ASN A 2943 -27.10 -4.91 -34.19
N ASP A 2944 -27.18 -5.14 -35.50
CA ASP A 2944 -26.03 -5.58 -36.26
C ASP A 2944 -24.98 -4.47 -36.38
N LEU A 2945 -25.41 -3.27 -36.75
CA LEU A 2945 -24.49 -2.15 -36.89
C LEU A 2945 -23.74 -1.89 -35.57
N GLN A 2946 -24.44 -2.08 -34.45
CA GLN A 2946 -23.86 -1.86 -33.13
C GLN A 2946 -22.76 -2.84 -32.78
N LYS A 2947 -22.82 -4.04 -33.34
CA LYS A 2947 -21.81 -5.05 -33.09
C LYS A 2947 -20.54 -4.71 -33.84
N MET A 2948 -20.67 -4.51 -35.14
CA MET A 2948 -19.55 -4.18 -36.02
C MET A 2948 -18.99 -2.79 -35.69
N GLN A 2949 -19.42 -2.24 -34.56
CA GLN A 2949 -18.98 -0.91 -34.15
C GLN A 2949 -18.41 -1.01 -32.75
N SER A 2950 -18.77 -2.09 -32.05
CA SER A 2950 -18.28 -2.31 -30.70
C SER A 2950 -16.84 -2.79 -30.79
N SER A 2951 -16.63 -3.94 -31.45
CA SER A 2951 -15.29 -4.48 -31.60
C SER A 2951 -14.37 -3.37 -32.13
N GLU A 2952 -14.80 -2.70 -33.20
CA GLU A 2952 -14.03 -1.62 -33.82
C GLU A 2952 -13.56 -0.61 -32.77
N GLU A 2953 -14.08 -0.77 -31.55
CA GLU A 2953 -13.74 0.08 -30.42
C GLU A 2953 -12.84 -0.72 -29.47
N ASP A 2954 -13.40 -1.82 -28.95
CA ASP A 2954 -12.70 -2.71 -28.03
C ASP A 2954 -11.31 -3.10 -28.58
N SER A 2970 -17.60 -4.57 -16.09
CA SER A 2970 -17.22 -3.35 -15.37
C SER A 2970 -18.49 -2.67 -14.93
N SER A 2971 -18.93 -1.75 -15.79
CA SER A 2971 -20.13 -0.96 -15.57
C SER A 2971 -21.42 -1.80 -15.53
N SER A 2972 -21.49 -2.81 -16.39
CA SER A 2972 -22.69 -3.67 -16.48
C SER A 2972 -23.13 -4.37 -15.19
N SER A 2973 -22.18 -5.00 -14.47
CA SER A 2973 -22.48 -5.72 -13.23
C SER A 2973 -22.71 -4.79 -12.03
N GLU A 2974 -21.81 -3.81 -11.88
CA GLU A 2974 -21.91 -2.83 -10.79
C GLU A 2974 -23.35 -2.30 -10.73
N ASP A 2975 -23.95 -2.13 -11.93
CA ASP A 2975 -25.31 -1.62 -12.05
C ASP A 2975 -26.36 -2.59 -11.48
N LYS A 2976 -26.60 -3.66 -12.23
CA LYS A 2976 -27.59 -4.68 -11.87
C LYS A 2976 -27.70 -4.88 -10.36
N GLY A 2977 -26.55 -4.84 -9.68
CA GLY A 2977 -26.47 -5.03 -8.23
C GLY A 2977 -27.39 -4.16 -7.35
N LYS A 2978 -27.56 -2.88 -7.67
CA LYS A 2978 -28.42 -2.00 -6.85
C LYS A 2978 -29.90 -2.37 -6.96
N ALA A 2979 -30.20 -3.16 -7.99
CA ALA A 2979 -31.58 -3.56 -8.24
C ALA A 2979 -32.00 -4.89 -7.58
N LYS A 2980 -31.04 -5.69 -7.12
CA LYS A 2980 -31.33 -6.99 -6.50
C LYS A 2980 -32.37 -7.09 -5.37
N PRO A 3009 -55.53 -24.81 -1.09
CA PRO A 3009 -55.03 -25.23 -2.40
C PRO A 3009 -54.68 -24.04 -3.27
N LEU A 3010 -53.99 -23.09 -2.65
CA LEU A 3010 -53.54 -21.86 -3.29
C LEU A 3010 -52.32 -21.40 -2.48
N PHE A 3011 -52.48 -21.41 -1.16
CA PHE A 3011 -51.38 -21.03 -0.27
C PHE A 3011 -50.29 -22.00 -0.67
N ARG A 3012 -50.71 -23.26 -0.89
CA ARG A 3012 -49.81 -24.32 -1.31
C ARG A 3012 -48.96 -23.74 -2.44
N CYS A 3013 -49.65 -23.16 -3.42
CA CYS A 3013 -49.02 -22.55 -4.60
C CYS A 3013 -48.00 -21.42 -4.32
N PHE A 3014 -48.50 -20.31 -3.77
CA PHE A 3014 -47.64 -19.17 -3.48
C PHE A 3014 -46.47 -19.58 -2.59
N GLU A 3015 -46.70 -20.58 -1.75
CA GLU A 3015 -45.69 -21.08 -0.86
C GLU A 3015 -44.46 -21.39 -1.70
N ARG A 3016 -44.67 -22.10 -2.82
CA ARG A 3016 -43.58 -22.48 -3.72
C ARG A 3016 -43.03 -21.26 -4.48
N GLU A 3017 -43.92 -20.31 -4.80
CA GLU A 3017 -43.48 -19.09 -5.48
C GLU A 3017 -42.49 -18.39 -4.55
N ILE A 3018 -43.03 -17.84 -3.46
CA ILE A 3018 -42.23 -17.14 -2.46
C ILE A 3018 -40.94 -17.93 -2.28
N SER A 3019 -41.13 -19.15 -1.78
CA SER A 3019 -40.03 -20.08 -1.56
C SER A 3019 -39.03 -20.00 -2.71
N THR A 3020 -39.45 -20.48 -3.87
CA THR A 3020 -38.60 -20.48 -5.07
C THR A 3020 -37.99 -19.11 -5.39
N GLY A 3021 -38.84 -18.08 -5.44
CA GLY A 3021 -38.34 -16.74 -5.72
C GLY A 3021 -37.12 -16.49 -4.85
N GLY A 3022 -37.32 -16.59 -3.53
CA GLY A 3022 -36.25 -16.38 -2.58
C GLY A 3022 -34.96 -17.04 -2.98
N LYS A 3023 -34.98 -18.37 -3.06
CA LYS A 3023 -33.80 -19.12 -3.45
C LYS A 3023 -33.11 -18.39 -4.62
N LEU A 3024 -33.91 -17.88 -5.56
CA LEU A 3024 -33.35 -17.18 -6.71
C LEU A 3024 -32.88 -15.79 -6.29
N VAL A 3025 -33.61 -15.18 -5.36
CA VAL A 3025 -33.22 -13.87 -4.86
C VAL A 3025 -31.78 -14.13 -4.45
N LYS A 3026 -31.65 -14.78 -3.29
CA LYS A 3026 -30.35 -15.13 -2.70
C LYS A 3026 -29.35 -15.58 -3.76
N LYS A 3027 -29.72 -16.61 -4.50
CA LYS A 3027 -28.84 -17.15 -5.53
C LYS A 3027 -28.15 -16.04 -6.35
N ILE A 3028 -28.94 -15.27 -7.10
CA ILE A 3028 -28.41 -14.19 -7.92
C ILE A 3028 -27.81 -13.04 -7.09
N THR A 3029 -28.44 -12.76 -5.93
CA THR A 3029 -28.00 -11.71 -5.00
C THR A 3029 -26.49 -11.82 -4.78
N ASN A 3030 -26.09 -12.98 -4.27
CA ASN A 3030 -24.71 -13.25 -3.99
C ASN A 3030 -23.91 -13.61 -5.25
N ASP A 3031 -24.46 -14.46 -6.11
CA ASP A 3031 -23.69 -14.85 -7.28
C ASP A 3031 -23.00 -13.65 -7.94
N LEU A 3032 -23.67 -12.49 -7.94
CA LEU A 3032 -23.12 -11.26 -8.52
C LEU A 3032 -22.01 -10.71 -7.59
N ALA A 3033 -22.38 -10.38 -6.34
CA ALA A 3033 -21.45 -9.88 -5.33
C ALA A 3033 -20.07 -10.50 -5.57
N ASN A 3034 -20.06 -11.83 -5.72
CA ASN A 3034 -18.85 -12.61 -5.98
C ASN A 3034 -17.94 -11.87 -6.98
N LEU A 3035 -18.23 -12.03 -8.28
CA LEU A 3035 -17.46 -11.38 -9.34
C LEU A 3035 -16.44 -10.39 -8.79
N LEU A 3036 -16.93 -9.23 -8.32
CA LEU A 3036 -16.04 -8.20 -7.76
C LEU A 3036 -15.25 -8.81 -6.60
N LYS A 3066 -32.38 -18.42 -15.43
CA LYS A 3066 -33.74 -18.38 -15.92
C LYS A 3066 -34.66 -19.37 -15.23
N TRP A 3067 -34.69 -19.38 -13.91
CA TRP A 3067 -35.55 -20.30 -13.17
C TRP A 3067 -37.03 -20.21 -13.56
N TYR A 3068 -37.33 -19.41 -14.58
CA TYR A 3068 -38.69 -19.24 -15.05
C TYR A 3068 -38.64 -18.92 -16.54
N SER A 3069 -39.78 -19.00 -17.22
CA SER A 3069 -39.79 -18.79 -18.66
C SER A 3069 -40.00 -17.36 -19.18
N VAL A 3070 -39.19 -16.98 -20.15
CA VAL A 3070 -39.26 -15.67 -20.78
C VAL A 3070 -38.76 -15.72 -22.22
N PRO A 3071 -39.29 -14.86 -23.09
CA PRO A 3071 -38.93 -14.76 -24.51
C PRO A 3071 -37.47 -14.96 -24.84
N GLU A 3072 -37.20 -15.79 -25.84
CA GLU A 3072 -35.84 -16.09 -26.30
C GLU A 3072 -35.08 -14.77 -26.26
N THR A 3073 -35.12 -14.03 -27.36
CA THR A 3073 -34.48 -12.73 -27.41
C THR A 3073 -35.22 -11.90 -26.39
N ILE A 3074 -34.47 -11.08 -25.67
CA ILE A 3074 -34.96 -10.18 -24.63
C ILE A 3074 -33.69 -9.64 -24.08
N SER A 3075 -33.56 -8.32 -24.05
CA SER A 3075 -32.34 -7.68 -23.56
C SER A 3075 -32.13 -7.83 -22.04
N LEU A 3076 -30.85 -7.83 -21.64
CA LEU A 3076 -30.47 -7.97 -20.23
C LEU A 3076 -31.15 -6.97 -19.31
N SER A 3077 -31.08 -5.70 -19.69
CA SER A 3077 -31.69 -4.65 -18.87
C SER A 3077 -33.17 -4.93 -18.63
N VAL A 3078 -33.87 -5.49 -19.62
CA VAL A 3078 -35.30 -5.79 -19.52
C VAL A 3078 -35.62 -7.00 -18.63
N TRP A 3079 -34.77 -8.03 -18.77
CA TRP A 3079 -34.89 -9.26 -17.99
C TRP A 3079 -34.83 -8.83 -16.53
N ILE A 3080 -33.78 -8.06 -16.23
CA ILE A 3080 -33.54 -7.53 -14.89
C ILE A 3080 -34.72 -6.68 -14.47
N SER A 3081 -35.00 -5.65 -15.28
CA SER A 3081 -36.11 -4.75 -15.02
C SER A 3081 -37.38 -5.55 -14.69
N ASP A 3082 -37.70 -6.54 -15.55
CA ASP A 3082 -38.88 -7.39 -15.35
C ASP A 3082 -38.69 -8.28 -14.12
N PHE A 3083 -37.50 -8.88 -14.02
CA PHE A 3083 -37.18 -9.76 -12.90
C PHE A 3083 -37.51 -9.05 -11.60
N SER A 3084 -36.94 -7.86 -11.47
CA SER A 3084 -37.13 -7.02 -10.29
C SER A 3084 -38.63 -6.80 -10.00
N LYS A 3085 -39.40 -6.54 -11.05
CA LYS A 3085 -40.82 -6.33 -10.87
C LYS A 3085 -41.56 -7.59 -10.41
N ARG A 3086 -41.00 -8.76 -10.74
CA ARG A 3086 -41.61 -10.03 -10.37
C ARG A 3086 -41.44 -10.36 -8.89
N MET A 3087 -40.26 -10.05 -8.35
CA MET A 3087 -39.94 -10.31 -6.93
C MET A 3087 -40.82 -9.43 -6.03
N GLN A 3088 -41.11 -8.23 -6.50
CA GLN A 3088 -41.97 -7.29 -5.78
C GLN A 3088 -43.35 -7.93 -5.82
N GLN A 3089 -43.76 -8.34 -7.03
CA GLN A 3089 -45.05 -9.00 -7.20
C GLN A 3089 -45.08 -9.99 -6.04
N LEU A 3090 -44.01 -10.79 -5.95
CA LEU A 3090 -43.85 -11.81 -4.90
C LEU A 3090 -44.18 -11.28 -3.51
N SER A 3091 -43.45 -10.24 -3.09
CA SER A 3091 -43.68 -9.63 -1.78
C SER A 3091 -45.16 -9.31 -1.52
N GLU A 3092 -45.74 -8.38 -2.29
CA GLU A 3092 -47.15 -8.01 -2.12
C GLU A 3092 -48.00 -9.26 -1.80
N ILE A 3093 -47.53 -10.42 -2.26
CA ILE A 3093 -48.23 -11.68 -2.04
C ILE A 3093 -48.08 -12.18 -0.61
N SER A 3094 -46.88 -12.03 -0.04
CA SER A 3094 -46.61 -12.46 1.34
C SER A 3094 -47.67 -11.88 2.31
N GLU A 3095 -47.52 -10.61 2.65
CA GLU A 3095 -48.44 -9.92 3.56
C GLU A 3095 -49.94 -10.21 3.33
N SER A 3096 -50.36 -10.41 2.08
CA SER A 3096 -51.77 -10.70 1.78
C SER A 3096 -52.49 -11.43 2.94
N VAL A 3104 -53.33 -10.44 -8.93
CA VAL A 3104 -52.45 -11.54 -9.34
C VAL A 3104 -51.92 -11.37 -10.77
N TRP A 3105 -50.64 -11.04 -10.87
CA TRP A 3105 -49.98 -10.86 -12.16
C TRP A 3105 -49.60 -12.22 -12.75
N LEU A 3106 -50.61 -12.96 -13.23
CA LEU A 3106 -50.42 -14.29 -13.80
C LEU A 3106 -49.17 -14.53 -14.65
N GLY A 3107 -48.95 -13.69 -15.65
CA GLY A 3107 -47.80 -13.85 -16.51
C GLY A 3107 -46.52 -13.33 -15.87
N GLY A 3108 -46.59 -13.06 -14.56
CA GLY A 3108 -45.45 -12.55 -13.82
C GLY A 3108 -44.99 -13.56 -12.78
N LEU A 3109 -45.89 -14.49 -12.44
CA LEU A 3109 -45.60 -15.56 -11.50
C LEU A 3109 -44.46 -16.37 -12.12
N LEU A 3110 -43.89 -17.28 -11.32
CA LEU A 3110 -42.79 -18.12 -11.79
C LEU A 3110 -43.29 -19.42 -12.41
N ASN A 3111 -44.47 -19.86 -11.96
CA ASN A 3111 -45.07 -21.08 -12.47
C ASN A 3111 -46.57 -20.87 -12.77
N PRO A 3112 -46.88 -20.07 -13.81
CA PRO A 3112 -48.25 -19.78 -14.18
C PRO A 3112 -49.07 -21.03 -14.32
N GLU A 3113 -48.50 -22.04 -14.96
CA GLU A 3113 -49.20 -23.31 -15.15
C GLU A 3113 -49.74 -23.78 -13.80
N ALA A 3114 -48.86 -23.83 -12.81
CA ALA A 3114 -49.24 -24.28 -11.48
C ALA A 3114 -50.39 -23.48 -10.85
N TYR A 3115 -50.21 -22.16 -10.73
CA TYR A 3115 -51.24 -21.30 -10.14
C TYR A 3115 -52.62 -21.67 -10.70
N ILE A 3116 -52.68 -22.01 -11.98
CA ILE A 3116 -53.94 -22.36 -12.60
C ILE A 3116 -54.38 -23.75 -12.15
N THR A 3117 -53.53 -24.76 -12.35
CA THR A 3117 -53.86 -26.13 -11.96
C THR A 3117 -54.25 -26.11 -10.48
N ALA A 3118 -53.72 -25.13 -9.76
CA ALA A 3118 -54.05 -24.94 -8.35
C ALA A 3118 -55.49 -24.46 -8.26
N THR A 3119 -55.73 -23.21 -8.71
CA THR A 3119 -57.07 -22.60 -8.67
C THR A 3119 -58.13 -23.57 -9.16
N ARG A 3120 -57.71 -24.56 -9.95
CA ARG A 3120 -58.63 -25.55 -10.46
C ARG A 3120 -59.21 -26.22 -9.23
N GLN A 3121 -58.32 -26.77 -8.39
CA GLN A 3121 -58.77 -27.45 -7.17
C GLN A 3121 -59.37 -26.46 -6.17
N SER A 3122 -58.68 -25.37 -5.84
CA SER A 3122 -59.24 -24.42 -4.87
C SER A 3122 -60.65 -23.94 -5.29
N ALA A 3123 -60.73 -23.34 -6.48
CA ALA A 3123 -62.01 -22.88 -7.01
C ALA A 3123 -62.98 -24.07 -6.98
N SER A 3124 -62.41 -25.30 -7.00
CA SER A 3124 -63.17 -26.56 -6.97
C SER A 3124 -63.49 -27.01 -5.53
N GLN A 3125 -62.50 -26.83 -4.63
CA GLN A 3125 -62.62 -27.17 -3.21
C GLN A 3125 -63.84 -26.47 -2.60
N LEU A 3126 -64.42 -25.55 -3.35
CA LEU A 3126 -65.61 -24.84 -2.91
C LEU A 3126 -66.82 -25.34 -3.72
N ASN A 3127 -67.14 -24.62 -4.80
CA ASN A 3127 -68.27 -24.95 -5.65
C ASN A 3127 -68.21 -26.34 -6.34
N GLY A 3128 -67.19 -26.61 -7.16
CA GLY A 3128 -67.12 -27.91 -7.82
C GLY A 3128 -67.56 -29.12 -6.98
N ARG A 3135 -63.91 -27.31 -17.03
CA ARG A 3135 -63.75 -26.37 -18.16
C ARG A 3135 -63.81 -24.91 -17.67
N LEU A 3136 -62.76 -24.16 -17.97
CA LEU A 3136 -62.68 -22.76 -17.56
C LEU A 3136 -63.69 -21.95 -18.38
N HIS A 3137 -63.89 -20.71 -17.97
CA HIS A 3137 -64.84 -19.82 -18.63
C HIS A 3137 -64.59 -18.42 -18.11
N ALA A 3138 -64.75 -17.41 -18.97
CA ALA A 3138 -64.49 -16.02 -18.57
C ALA A 3138 -65.75 -15.14 -18.39
N SER A 3139 -65.52 -13.88 -18.02
CA SER A 3139 -66.59 -12.90 -17.78
C SER A 3139 -66.07 -11.49 -17.94
N ALA A 3150 -65.52 -18.23 -5.76
CA ALA A 3150 -65.52 -19.54 -6.41
C ALA A 3150 -64.81 -19.46 -7.76
N SER A 3151 -64.24 -18.28 -8.01
CA SER A 3151 -63.51 -17.97 -9.24
C SER A 3151 -62.47 -16.93 -8.91
N PHE A 3152 -61.42 -16.86 -9.72
CA PHE A 3152 -60.32 -15.90 -9.50
C PHE A 3152 -60.33 -14.77 -10.50
N ASN A 3153 -59.43 -13.82 -10.32
CA ASN A 3153 -59.34 -12.66 -11.20
C ASN A 3153 -57.88 -12.41 -11.55
N VAL A 3154 -57.60 -12.19 -12.84
CA VAL A 3154 -56.21 -11.96 -13.27
C VAL A 3154 -56.06 -10.61 -13.94
N LYS A 3155 -54.84 -10.07 -13.87
CA LYS A 3155 -54.50 -8.79 -14.47
C LYS A 3155 -53.09 -8.92 -15.04
N GLY A 3156 -52.75 -8.10 -16.02
CA GLY A 3156 -51.43 -8.20 -16.59
C GLY A 3156 -51.47 -8.89 -17.94
N MET A 3157 -52.65 -9.34 -18.33
CA MET A 3157 -52.82 -10.01 -19.62
C MET A 3157 -53.02 -8.95 -20.71
N ALA A 3158 -53.03 -9.41 -21.95
CA ALA A 3158 -53.20 -8.55 -23.12
C ALA A 3158 -53.98 -9.24 -24.23
N LEU A 3159 -54.67 -8.45 -25.04
CA LEU A 3159 -55.43 -8.98 -26.16
C LEU A 3159 -54.53 -8.76 -27.36
N GLU A 3160 -54.27 -9.81 -28.13
CA GLU A 3160 -53.39 -9.68 -29.29
C GLU A 3160 -54.18 -9.79 -30.60
N GLY A 3161 -54.24 -8.70 -31.34
CA GLY A 3161 -54.98 -8.72 -32.59
C GLY A 3161 -56.42 -8.30 -32.41
N ALA A 3162 -56.77 -7.78 -31.23
CA ALA A 3162 -58.14 -7.34 -30.99
C ALA A 3162 -58.24 -6.41 -29.80
N VAL A 3163 -59.47 -5.98 -29.54
CA VAL A 3163 -59.81 -5.08 -28.43
C VAL A 3163 -61.20 -5.48 -27.96
N TRP A 3164 -61.47 -5.23 -26.69
CA TRP A 3164 -62.75 -5.60 -26.10
C TRP A 3164 -63.69 -4.42 -25.99
N ASN A 3165 -64.59 -4.29 -26.97
CA ASN A 3165 -65.59 -3.24 -26.97
C ASN A 3165 -66.97 -3.90 -26.93
N ASN A 3166 -67.84 -3.39 -26.07
CA ASN A 3166 -69.20 -3.92 -25.95
C ASN A 3166 -69.28 -5.39 -25.57
N ASP A 3167 -68.54 -5.79 -24.54
CA ASP A 3167 -68.57 -7.17 -24.09
C ASP A 3167 -68.39 -8.15 -25.24
N GLN A 3168 -67.33 -7.98 -26.02
CA GLN A 3168 -67.05 -8.86 -27.16
C GLN A 3168 -65.75 -8.50 -27.86
N LEU A 3169 -65.21 -9.45 -28.62
CA LEU A 3169 -63.98 -9.22 -29.37
C LEU A 3169 -64.33 -8.46 -30.64
N THR A 3170 -63.54 -7.45 -30.98
CA THR A 3170 -63.78 -6.65 -32.19
C THR A 3170 -62.48 -6.09 -32.75
N PRO A 3171 -62.37 -5.99 -34.09
CA PRO A 3171 -61.24 -5.51 -34.89
C PRO A 3171 -60.48 -4.28 -34.40
N THR A 3172 -59.20 -4.18 -34.74
CA THR A 3172 -58.34 -3.03 -34.35
C THR A 3172 -57.07 -2.81 -35.21
N ASP A 3173 -56.50 -1.62 -35.02
CA ASP A 3173 -55.30 -1.19 -35.74
C ASP A 3173 -54.06 -1.42 -34.87
N ILE A 3174 -54.32 -1.80 -33.62
CA ILE A 3174 -53.26 -2.07 -32.68
C ILE A 3174 -52.87 -3.56 -32.75
N LEU A 3175 -51.60 -3.86 -32.48
CA LEU A 3175 -51.18 -5.25 -32.51
C LEU A 3175 -51.64 -5.95 -31.24
N SER A 3176 -51.66 -5.21 -30.12
CA SER A 3176 -52.14 -5.76 -28.85
C SER A 3176 -52.50 -4.69 -27.83
N THR A 3177 -53.55 -4.94 -27.05
CA THR A 3177 -54.00 -4.01 -26.02
C THR A 3177 -54.15 -4.73 -24.70
N PRO A 3178 -53.69 -4.09 -23.62
CA PRO A 3178 -53.77 -4.69 -22.30
C PRO A 3178 -55.19 -4.89 -21.76
N ILE A 3179 -55.34 -5.92 -20.94
CA ILE A 3179 -56.61 -6.20 -20.30
C ILE A 3179 -56.26 -5.89 -18.85
N SER A 3180 -57.10 -5.08 -18.21
CA SER A 3180 -56.91 -4.67 -16.82
C SER A 3180 -57.26 -5.80 -15.84
N ILE A 3181 -58.27 -6.60 -16.20
CA ILE A 3181 -58.69 -7.71 -15.33
C ILE A 3181 -59.76 -8.61 -15.95
N ALA A 3182 -59.86 -9.84 -15.46
CA ALA A 3182 -60.84 -10.79 -15.98
C ALA A 3182 -61.24 -11.84 -14.96
N THR A 3183 -62.48 -12.29 -15.05
CA THR A 3183 -63.01 -13.29 -14.13
C THR A 3183 -63.16 -14.63 -14.84
N LEU A 3184 -62.52 -15.67 -14.30
CA LEU A 3184 -62.64 -16.99 -14.89
C LEU A 3184 -63.29 -17.90 -13.85
N THR A 3185 -64.04 -18.89 -14.31
CA THR A 3185 -64.71 -19.81 -13.39
C THR A 3185 -64.78 -21.18 -13.99
N TRP A 3186 -64.40 -22.19 -13.21
CA TRP A 3186 -64.46 -23.55 -13.73
C TRP A 3186 -65.88 -24.08 -13.65
N LYS A 3187 -66.39 -24.56 -14.79
CA LYS A 3187 -67.75 -25.10 -14.87
C LYS A 3187 -67.66 -26.59 -15.13
N ASP A 3188 -68.79 -27.21 -15.50
CA ASP A 3188 -68.78 -28.66 -15.74
C ASP A 3188 -69.07 -29.00 -17.20
N PRO A 3192 -73.23 -26.70 -19.23
CA PRO A 3192 -73.77 -25.58 -18.40
C PRO A 3192 -73.95 -24.26 -19.18
N ILE A 3193 -73.02 -23.98 -20.08
CA ILE A 3193 -73.04 -22.76 -20.86
C ILE A 3193 -72.39 -23.01 -22.22
N PHE A 3194 -71.30 -23.79 -22.18
CA PHE A 3194 -70.55 -24.14 -23.37
C PHE A 3194 -71.46 -24.94 -24.28
N ASN A 3195 -72.48 -24.30 -24.82
CA ASN A 3195 -73.46 -24.95 -25.68
C ASN A 3195 -73.80 -23.98 -26.80
N ASN A 3196 -73.64 -22.69 -26.50
CA ASN A 3196 -73.92 -21.65 -27.49
C ASN A 3196 -72.54 -21.31 -28.04
N SER A 3197 -71.61 -22.25 -27.86
CA SER A 3197 -70.21 -22.12 -28.28
C SER A 3197 -69.93 -22.05 -29.78
N SER A 3198 -70.93 -22.29 -30.62
CA SER A 3198 -70.71 -22.20 -32.07
C SER A 3198 -70.89 -20.76 -32.59
N SER A 3199 -71.13 -19.84 -31.65
CA SER A 3199 -71.32 -18.43 -31.95
C SER A 3199 -70.27 -17.60 -31.20
N LYS A 3200 -69.30 -18.29 -30.61
CA LYS A 3200 -68.20 -17.65 -29.86
C LYS A 3200 -66.84 -18.06 -30.46
N LEU A 3201 -65.80 -17.30 -30.15
CA LEU A 3201 -64.46 -17.59 -30.68
C LEU A 3201 -63.48 -18.10 -29.64
N SER A 3202 -62.76 -19.16 -29.95
CA SER A 3202 -61.80 -19.66 -28.98
C SER A 3202 -60.49 -18.90 -29.12
N VAL A 3203 -60.12 -18.24 -28.03
CA VAL A 3203 -58.91 -17.44 -27.93
C VAL A 3203 -57.99 -18.14 -26.97
N PRO A 3204 -56.79 -18.44 -27.41
CA PRO A 3204 -55.84 -19.12 -26.53
C PRO A 3204 -55.03 -18.14 -25.68
N VAL A 3205 -54.72 -18.54 -24.47
CA VAL A 3205 -53.93 -17.69 -23.61
C VAL A 3205 -52.56 -18.35 -23.53
N TYR A 3206 -51.56 -17.66 -24.07
CA TYR A 3206 -50.19 -18.14 -24.07
C TYR A 3206 -49.43 -17.49 -22.91
N LEU A 3207 -48.33 -18.10 -22.51
CA LEU A 3207 -47.52 -17.53 -21.44
C LEU A 3207 -47.08 -16.14 -21.89
N ASN A 3208 -46.62 -16.04 -23.13
CA ASN A 3208 -46.17 -14.77 -23.69
C ASN A 3208 -46.16 -14.72 -25.23
N GLU A 3209 -45.84 -13.54 -25.79
CA GLU A 3209 -45.79 -13.30 -27.23
C GLU A 3209 -45.41 -14.49 -28.09
N THR A 3210 -44.25 -15.06 -27.82
CA THR A 3210 -43.77 -16.21 -28.58
C THR A 3210 -44.86 -17.18 -28.99
N ARG A 3211 -45.94 -17.24 -28.23
CA ARG A 3211 -47.05 -18.14 -28.52
C ARG A 3211 -46.56 -19.57 -28.48
N SER A 3212 -45.60 -19.87 -27.61
CA SER A 3212 -45.09 -21.23 -27.56
C SER A 3212 -45.44 -22.06 -26.36
N GLU A 3213 -46.20 -21.51 -25.42
CA GLU A 3213 -46.65 -22.27 -24.25
C GLU A 3213 -48.06 -21.84 -23.92
N LEU A 3214 -49.00 -22.74 -24.10
CA LEU A 3214 -50.40 -22.46 -23.84
C LEU A 3214 -50.78 -22.73 -22.39
N LEU A 3215 -51.18 -21.70 -21.66
CA LEU A 3215 -51.60 -21.89 -20.28
C LEU A 3215 -52.96 -22.58 -20.26
N PHE A 3216 -53.90 -22.02 -21.01
CA PHE A 3216 -55.24 -22.55 -21.10
C PHE A 3216 -55.93 -21.92 -22.29
N SER A 3217 -57.17 -22.32 -22.55
CA SER A 3217 -57.94 -21.76 -23.65
C SER A 3217 -59.25 -21.21 -23.10
N ILE A 3218 -59.66 -20.05 -23.62
CA ILE A 3218 -60.85 -19.37 -23.15
C ILE A 3218 -61.79 -18.98 -24.32
N ASP A 3219 -63.10 -19.16 -24.13
CA ASP A 3219 -64.09 -18.83 -25.16
C ASP A 3219 -64.63 -17.42 -24.98
N LEU A 3220 -64.75 -16.69 -26.07
CA LEU A 3220 -65.26 -15.33 -26.01
C LEU A 3220 -66.15 -14.94 -27.19
N PRO A 3221 -67.13 -14.07 -26.95
CA PRO A 3221 -68.02 -13.67 -28.04
C PRO A 3221 -67.23 -12.71 -28.93
N TYR A 3222 -67.63 -12.61 -30.17
CA TYR A 3222 -66.94 -11.72 -31.09
C TYR A 3222 -67.93 -10.87 -31.86
N ASP A 3223 -67.47 -9.74 -32.38
CA ASP A 3223 -68.31 -8.85 -33.16
C ASP A 3223 -68.77 -9.63 -34.38
N GLN A 3224 -69.94 -10.24 -34.29
CA GLN A 3224 -70.46 -11.06 -35.40
C GLN A 3224 -70.57 -10.34 -36.74
N SER A 3225 -70.28 -9.03 -36.77
CA SER A 3225 -70.36 -8.28 -38.02
C SER A 3225 -69.29 -8.75 -39.00
N THR A 3226 -68.21 -9.29 -38.46
CA THR A 3226 -67.10 -9.81 -39.27
C THR A 3226 -67.30 -11.32 -39.36
N SER A 3227 -66.84 -11.94 -40.46
CA SER A 3227 -66.97 -13.38 -40.67
C SER A 3227 -66.18 -14.21 -39.65
N LYS A 3228 -66.63 -15.44 -39.41
CA LYS A 3228 -65.92 -16.28 -38.47
C LYS A 3228 -64.60 -16.71 -39.10
N GLN A 3229 -64.47 -16.48 -40.41
CA GLN A 3229 -63.27 -16.85 -41.13
C GLN A 3229 -62.28 -15.72 -41.00
N ASN A 3230 -62.79 -14.50 -41.08
CA ASN A 3230 -61.96 -13.32 -40.98
C ASN A 3230 -61.28 -13.39 -39.60
N TRP A 3231 -62.02 -13.89 -38.62
CA TRP A 3231 -61.49 -14.00 -37.26
C TRP A 3231 -60.46 -15.09 -37.09
N TYR A 3232 -60.77 -16.28 -37.63
CA TYR A 3232 -59.87 -17.41 -37.54
C TYR A 3232 -58.49 -17.10 -38.15
N GLN A 3233 -58.46 -16.25 -39.17
CA GLN A 3233 -57.21 -15.92 -39.82
C GLN A 3233 -56.54 -14.70 -39.22
N ARG A 3234 -57.26 -14.02 -38.35
CA ARG A 3234 -56.77 -12.84 -37.66
C ARG A 3234 -55.83 -13.39 -36.60
N SER A 3235 -56.09 -14.61 -36.15
CA SER A 3235 -55.31 -15.29 -35.15
C SER A 3235 -55.22 -14.59 -33.80
N VAL A 3236 -56.36 -14.13 -33.29
CA VAL A 3236 -56.33 -13.44 -32.00
C VAL A 3236 -55.99 -14.40 -30.88
N SER A 3237 -55.13 -13.93 -30.00
CA SER A 3237 -54.68 -14.70 -28.86
C SER A 3237 -54.54 -13.75 -27.67
N ILE A 3238 -54.23 -14.33 -26.53
CA ILE A 3238 -54.03 -13.55 -25.31
C ILE A 3238 -52.67 -13.93 -24.72
N SER A 3239 -51.85 -12.94 -24.44
CA SER A 3239 -50.53 -13.16 -23.84
C SER A 3239 -50.70 -12.89 -22.36
N SER A 3240 -50.13 -13.73 -21.51
CA SER A 3240 -50.27 -13.48 -20.08
C SER A 3240 -49.12 -12.59 -19.63
N TRP A 3241 -48.13 -12.41 -20.50
CA TRP A 3241 -46.97 -11.57 -20.21
C TRP A 3241 -46.61 -10.69 -21.41
N LYS A 3242 -46.63 -9.38 -21.20
CA LYS A 3242 -46.30 -8.43 -22.26
C LYS A 3242 -45.31 -7.40 -21.72
N SER A 3243 -44.24 -7.15 -22.47
CA SER A 3243 -43.22 -6.19 -22.07
C SER A 3243 -43.66 -4.78 -22.44
N ASP A 3244 -42.94 -3.77 -21.94
CA ASP A 3244 -43.30 -2.39 -22.22
C ASP A 3244 -42.12 -1.48 -22.57
N LEU B 182 -10.32 64.58 34.86
CA LEU B 182 -11.41 65.23 35.66
C LEU B 182 -11.94 64.26 36.73
N VAL B 183 -11.22 64.15 37.85
CA VAL B 183 -11.64 63.24 38.91
C VAL B 183 -11.63 63.84 40.31
N ASN B 184 -12.77 63.68 40.99
CA ASN B 184 -12.97 64.20 42.33
C ASN B 184 -11.88 63.77 43.31
N TYR B 185 -11.25 64.76 43.93
CA TYR B 185 -10.20 64.52 44.90
C TYR B 185 -10.58 65.01 46.31
N GLN B 186 -11.29 64.15 47.06
CA GLN B 186 -11.67 64.47 48.43
C GLN B 186 -12.33 65.82 48.64
N ARG B 187 -13.12 66.29 47.67
CA ARG B 187 -13.77 67.58 47.83
C ARG B 187 -12.68 68.65 48.09
N LYS B 188 -11.79 68.82 47.12
CA LYS B 188 -10.71 69.81 47.24
C LYS B 188 -10.48 70.43 45.87
N CYS B 189 -10.65 69.59 44.85
CA CYS B 189 -10.42 70.02 43.47
C CYS B 189 -10.55 68.77 42.60
N LYS B 190 -10.71 68.99 41.30
CA LYS B 190 -10.78 67.88 40.34
C LYS B 190 -9.33 67.60 39.95
N LEU B 191 -8.99 66.34 39.73
CA LEU B 191 -7.62 66.01 39.32
C LEU B 191 -7.58 65.59 37.87
N VAL B 192 -6.44 65.83 37.22
CA VAL B 192 -6.24 65.46 35.80
C VAL B 192 -5.90 63.96 35.66
N ARG B 193 -6.61 63.23 34.78
CA ARG B 193 -6.31 61.80 34.61
C ARG B 193 -6.45 61.19 33.21
N GLY B 194 -5.39 60.51 32.78
CA GLY B 194 -5.38 59.88 31.48
C GLY B 194 -4.10 60.11 30.72
N TRP B 195 -3.03 60.43 31.44
CA TRP B 195 -1.71 60.72 30.84
C TRP B 195 -1.22 59.76 29.72
N ASP B 196 -1.45 58.46 29.90
CA ASP B 196 -1.03 57.45 28.92
C ASP B 196 -1.60 57.68 27.51
N ASP B 197 -2.85 57.25 27.29
CA ASP B 197 -3.52 57.42 26.00
C ASP B 197 -3.56 58.89 25.59
N LEU B 198 -3.10 59.77 26.49
CA LEU B 198 -3.05 61.20 26.20
C LEU B 198 -1.84 61.31 25.28
N PHE B 199 -0.66 60.90 25.78
CA PHE B 199 0.55 60.91 24.94
C PHE B 199 0.28 60.00 23.72
N ASN B 200 -0.47 58.90 23.91
CA ASN B 200 -0.76 57.99 22.79
C ASN B 200 -1.31 58.72 21.54
N LYS B 201 -2.23 59.65 21.77
CA LYS B 201 -2.80 60.45 20.71
C LYS B 201 -1.76 61.58 20.50
N LEU B 202 -0.95 61.86 21.55
CA LEU B 202 0.13 62.87 21.49
C LEU B 202 1.39 62.09 21.05
N ALA B 203 1.15 60.99 20.33
CA ALA B 203 2.21 60.14 19.81
C ALA B 203 2.01 59.95 18.30
N GLU B 204 1.10 59.03 17.92
CA GLU B 204 0.81 58.74 16.50
C GLU B 204 0.53 59.96 15.61
N HIS B 205 -0.32 60.87 16.10
CA HIS B 205 -0.68 62.08 15.36
C HIS B 205 0.52 62.96 15.06
N LEU B 206 1.21 63.42 16.08
CA LEU B 206 2.39 64.29 15.88
C LEU B 206 3.46 63.52 15.13
N ASN B 207 3.36 62.18 15.20
CA ASN B 207 4.28 61.27 14.53
C ASN B 207 3.94 61.28 13.03
N SER B 208 2.64 61.12 12.73
CA SER B 208 2.02 61.11 11.38
C SER B 208 1.89 62.54 10.85
N ILE B 209 2.78 63.41 11.32
CA ILE B 209 2.78 64.82 10.93
C ILE B 209 4.20 65.26 10.55
N SER B 210 5.18 64.79 11.30
CA SER B 210 6.57 65.13 11.07
C SER B 210 7.39 63.86 10.83
N HIS B 227 -0.17 73.73 11.05
CA HIS B 227 -0.24 74.51 12.29
C HIS B 227 -0.61 73.66 13.52
N TRP B 228 -1.23 72.51 13.28
CA TRP B 228 -1.59 71.59 14.38
C TRP B 228 -0.31 71.19 15.15
N ASP B 229 0.86 71.54 14.59
CA ASP B 229 2.14 71.23 15.23
C ASP B 229 2.35 71.99 16.55
N ASP B 230 3.05 73.14 16.48
CA ASP B 230 3.38 73.96 17.66
C ASP B 230 2.39 73.72 18.80
N ARG B 231 1.10 73.87 18.52
CA ARG B 231 0.10 73.61 19.54
C ARG B 231 0.40 72.22 20.16
N LEU B 232 0.31 71.16 19.33
CA LEU B 232 0.55 69.79 19.81
C LEU B 232 1.94 69.59 20.42
N ASN B 233 2.87 70.44 20.00
CA ASN B 233 4.23 70.36 20.51
C ASN B 233 4.23 71.01 21.88
N LYS B 234 3.41 72.04 22.06
CA LYS B 234 3.29 72.74 23.34
C LYS B 234 2.69 71.78 24.39
N VAL B 235 1.48 71.27 24.10
CA VAL B 235 0.77 70.33 24.97
C VAL B 235 1.69 69.23 25.52
N ARG B 236 2.63 68.79 24.69
CA ARG B 236 3.60 67.76 25.08
C ARG B 236 4.39 68.23 26.32
N SER B 237 5.04 69.38 26.19
CA SER B 237 5.82 69.91 27.30
C SER B 237 4.93 70.23 28.50
N LEU B 238 3.77 70.86 28.24
CA LEU B 238 2.84 71.21 29.32
C LEU B 238 2.67 70.02 30.27
N LEU B 239 2.10 68.94 29.73
CA LEU B 239 1.85 67.73 30.49
C LEU B 239 3.10 67.01 31.04
N ASP B 240 4.28 67.34 30.50
CA ASP B 240 5.53 66.72 30.98
C ASP B 240 5.87 67.23 32.37
N VAL B 241 5.39 68.44 32.65
CA VAL B 241 5.62 69.07 33.94
C VAL B 241 4.31 69.13 34.77
N TRP B 242 3.15 69.08 34.10
CA TRP B 242 1.89 69.10 34.82
C TRP B 242 1.75 67.83 35.65
N ILE B 243 2.31 66.74 35.13
CA ILE B 243 2.25 65.44 35.80
C ILE B 243 3.22 65.37 36.96
N ASP B 244 4.49 65.72 36.70
CA ASP B 244 5.51 65.71 37.74
C ASP B 244 4.99 66.45 38.97
N VAL B 245 3.90 67.20 38.79
CA VAL B 245 3.31 67.92 39.89
C VAL B 245 2.31 67.00 40.55
N GLN B 246 1.18 66.74 39.89
CA GLN B 246 0.16 65.84 40.44
C GLN B 246 0.82 64.82 41.38
N ARG B 247 1.77 64.09 40.82
CA ARG B 247 2.52 63.07 41.57
C ARG B 247 2.84 63.61 42.97
N ARG B 248 3.59 64.70 42.98
CA ARG B 248 4.00 65.38 44.22
C ARG B 248 2.80 65.76 45.11
N TRP B 249 2.21 66.92 44.81
CA TRP B 249 1.08 67.42 45.58
C TRP B 249 0.38 66.28 46.29
N VAL B 250 -0.24 65.40 45.52
CA VAL B 250 -0.94 64.26 46.10
C VAL B 250 -0.17 63.63 47.27
N TYR B 251 1.12 63.34 47.10
CA TYR B 251 1.88 62.77 48.21
C TYR B 251 2.11 63.80 49.33
N LEU B 252 2.26 65.08 48.96
CA LEU B 252 2.47 66.13 49.96
C LEU B 252 1.16 66.67 50.55
N GLU B 253 0.17 66.87 49.69
CA GLU B 253 -1.13 67.39 50.11
C GLU B 253 -1.56 66.74 51.40
N GLY B 254 -1.55 65.41 51.42
CA GLY B 254 -1.94 64.68 52.61
C GLY B 254 -1.02 64.98 53.77
N ILE B 255 0.22 64.53 53.68
CA ILE B 255 1.18 64.76 54.74
C ILE B 255 1.03 66.08 55.50
N PHE B 256 0.90 67.21 54.79
CA PHE B 256 0.81 68.52 55.43
C PHE B 256 -0.58 68.94 55.94
N SER B 257 -1.49 67.98 56.09
CA SER B 257 -2.84 68.24 56.58
C SER B 257 -3.46 66.92 57.08
N GLY B 258 -3.92 66.95 58.33
CA GLY B 258 -4.51 65.78 58.96
C GLY B 258 -3.90 65.59 60.34
N SER B 259 -4.37 64.61 61.10
CA SER B 259 -3.82 64.36 62.43
C SER B 259 -2.30 64.32 62.36
N GLY B 260 -1.67 65.30 63.02
CA GLY B 260 -0.23 65.35 63.01
C GLY B 260 0.26 66.77 63.27
N ASP B 261 1.38 66.87 63.97
CA ASP B 261 1.96 68.15 64.32
C ASP B 261 3.13 68.43 63.35
N ILE B 262 2.95 68.02 62.10
CA ILE B 262 3.99 68.21 61.09
C ILE B 262 4.10 69.69 60.74
N ASN B 263 2.95 70.37 60.66
CA ASN B 263 2.94 71.79 60.33
C ASN B 263 3.65 72.64 61.40
N GLN B 264 3.54 72.21 62.67
CA GLN B 264 4.21 72.92 63.77
C GLN B 264 5.69 72.50 63.83
N LEU B 265 5.95 71.19 63.75
CA LEU B 265 7.31 70.63 63.78
C LEU B 265 8.12 70.97 62.55
N LEU B 266 7.43 71.33 61.47
CA LEU B 266 8.10 71.66 60.23
C LEU B 266 7.39 72.87 59.60
N PRO B 267 7.67 74.07 60.15
CA PRO B 267 7.09 75.34 59.69
C PRO B 267 7.59 75.81 58.35
N ALA B 268 8.89 76.05 58.28
CA ALA B 268 9.52 76.54 57.07
C ALA B 268 8.86 75.92 55.85
N GLU B 269 8.78 74.59 55.84
CA GLU B 269 8.19 73.89 54.72
C GLU B 269 6.66 73.90 54.71
N SER B 270 6.05 73.77 55.88
CA SER B 270 4.59 73.74 55.93
C SER B 270 3.93 74.94 55.28
N THR B 271 4.41 76.14 55.56
CA THR B 271 3.80 77.33 54.95
C THR B 271 4.10 77.42 53.45
N ARG B 272 5.35 77.09 53.07
CA ARG B 272 5.76 77.10 51.68
C ARG B 272 4.86 76.16 50.85
N PHE B 273 4.62 74.95 51.37
CA PHE B 273 3.76 74.01 50.64
C PHE B 273 2.31 74.51 50.54
N LYS B 274 1.87 75.26 51.57
CA LYS B 274 0.50 75.79 51.57
C LYS B 274 0.39 76.77 50.42
N SER B 275 1.48 77.50 50.19
CA SER B 275 1.52 78.46 49.10
C SER B 275 1.23 77.74 47.78
N ILE B 276 1.94 76.62 47.57
CA ILE B 276 1.78 75.81 46.37
C ILE B 276 0.34 75.27 46.22
N ASN B 277 -0.30 74.91 47.33
CA ASN B 277 -1.66 74.38 47.29
C ASN B 277 -2.58 75.47 46.74
N SER B 278 -2.46 76.66 47.31
CA SER B 278 -3.26 77.81 46.92
C SER B 278 -3.29 77.94 45.40
N GLU B 279 -2.13 78.21 44.82
CA GLU B 279 -1.95 78.39 43.36
C GLU B 279 -2.45 77.19 42.57
N PHE B 280 -2.21 76.01 43.14
CA PHE B 280 -2.60 74.75 42.53
C PHE B 280 -4.10 74.49 42.44
N ILE B 281 -4.85 74.80 43.51
CA ILE B 281 -6.30 74.57 43.47
C ILE B 281 -6.85 75.56 42.46
N ALA B 282 -6.32 76.78 42.54
CA ALA B 282 -6.72 77.86 41.64
C ALA B 282 -6.65 77.36 40.21
N ILE B 283 -5.51 76.76 39.87
CA ILE B 283 -5.31 76.21 38.53
C ILE B 283 -6.37 75.14 38.23
N LEU B 284 -6.64 74.25 39.18
CA LEU B 284 -7.63 73.20 38.96
C LEU B 284 -9.06 73.71 39.06
N LYS B 285 -9.23 74.97 39.45
CA LYS B 285 -10.58 75.53 39.53
C LYS B 285 -10.82 76.26 38.22
N LYS B 286 -9.73 76.80 37.67
CA LYS B 286 -9.72 77.53 36.40
C LYS B 286 -9.70 76.48 35.29
N VAL B 287 -8.80 75.51 35.42
CA VAL B 287 -8.68 74.42 34.45
C VAL B 287 -10.05 73.74 34.39
N SER B 288 -10.63 73.47 35.55
CA SER B 288 -11.94 72.86 35.64
C SER B 288 -12.96 73.69 34.84
N GLY B 289 -12.78 75.02 34.90
CA GLY B 289 -13.66 75.95 34.21
C GLY B 289 -13.94 75.60 32.75
N ALA B 290 -12.98 74.90 32.14
CA ALA B 290 -13.08 74.45 30.76
C ALA B 290 -11.98 73.42 30.49
N PRO B 291 -12.37 72.23 30.02
CA PRO B 291 -11.47 71.10 29.70
C PRO B 291 -10.75 71.23 28.35
N LEU B 292 -11.26 72.11 27.48
CA LEU B 292 -10.69 72.36 26.14
C LEU B 292 -9.16 72.36 26.14
N ILE B 293 -8.56 71.28 25.62
CA ILE B 293 -7.09 71.15 25.59
C ILE B 293 -6.37 72.42 25.14
N LEU B 294 -6.94 73.09 24.13
CA LEU B 294 -6.36 74.32 23.60
C LEU B 294 -6.56 75.49 24.56
N GLU B 295 -7.75 75.56 25.16
CA GLU B 295 -8.11 76.62 26.11
C GLU B 295 -7.21 76.62 27.35
N VAL B 296 -7.15 75.46 27.99
CA VAL B 296 -6.32 75.32 29.17
C VAL B 296 -4.91 75.70 28.73
N LEU B 297 -4.39 75.00 27.70
CA LEU B 297 -3.05 75.24 27.17
C LEU B 297 -2.70 76.74 27.00
N ALA B 298 -3.71 77.54 26.69
CA ALA B 298 -3.48 78.96 26.50
C ALA B 298 -3.68 79.82 27.76
N ILE B 299 -3.92 79.19 28.90
CA ILE B 299 -4.11 79.95 30.14
C ILE B 299 -2.91 80.86 30.44
N GLU B 300 -3.16 81.87 31.28
CA GLU B 300 -2.14 82.81 31.70
C GLU B 300 -0.85 82.04 32.03
N ARG B 301 0.11 82.12 31.12
CA ARG B 301 1.40 81.43 31.26
C ARG B 301 1.50 80.22 32.21
N ILE B 302 0.82 79.13 31.86
CA ILE B 302 0.83 77.90 32.65
C ILE B 302 2.20 77.21 32.65
N GLN B 303 2.76 77.01 31.45
CA GLN B 303 4.06 76.35 31.35
C GLN B 303 5.11 76.99 32.27
N GLN B 304 4.76 78.12 32.90
CA GLN B 304 5.68 78.78 33.82
C GLN B 304 5.14 78.61 35.24
N THR B 305 3.82 78.72 35.36
CA THR B 305 3.19 78.57 36.65
C THR B 305 3.36 77.09 36.99
N MET B 306 3.01 76.24 36.04
CA MET B 306 3.13 74.79 36.22
C MET B 306 4.61 74.39 36.42
N GLU B 307 5.52 75.24 35.94
CA GLU B 307 6.93 74.97 36.10
C GLU B 307 7.25 75.21 37.55
N ARG B 308 7.24 76.49 37.93
CA ARG B 308 7.51 76.95 39.30
C ARG B 308 6.95 75.96 40.34
N LEU B 309 5.77 75.43 40.04
CA LEU B 309 5.11 74.49 40.93
C LEU B 309 5.95 73.24 41.19
N SER B 310 6.50 72.67 40.11
CA SER B 310 7.35 71.49 40.22
C SER B 310 8.61 71.75 41.06
N ASP B 311 9.39 72.77 40.71
CA ASP B 311 10.60 73.11 41.47
C ASP B 311 10.26 73.28 42.96
N LEU B 312 9.11 73.90 43.22
CA LEU B 312 8.63 74.14 44.58
C LEU B 312 8.28 72.81 45.26
N LEU B 313 7.31 72.11 44.69
CA LEU B 313 6.91 70.82 45.23
C LEU B 313 8.16 69.97 45.47
N GLY B 314 9.05 69.94 44.48
CA GLY B 314 10.28 69.18 44.60
C GLY B 314 11.11 69.69 45.74
N LYS B 315 11.38 71.00 45.76
CA LYS B 315 12.16 71.59 46.83
C LYS B 315 11.59 71.20 48.20
N VAL B 316 10.28 71.02 48.27
CA VAL B 316 9.63 70.60 49.51
C VAL B 316 9.94 69.14 49.85
N GLN B 317 9.57 68.24 48.95
CA GLN B 317 9.81 66.79 49.14
C GLN B 317 11.28 66.51 49.45
N LYS B 318 12.18 67.39 49.02
CA LYS B 318 13.59 67.17 49.31
C LYS B 318 13.85 67.67 50.71
N ALA B 319 13.19 68.77 51.05
CA ALA B 319 13.36 69.37 52.36
C ALA B 319 12.76 68.43 53.38
N LEU B 320 11.65 67.80 53.01
CA LEU B 320 10.98 66.84 53.89
C LEU B 320 11.86 65.61 54.01
N GLY B 321 12.13 64.99 52.88
CA GLY B 321 12.99 63.82 52.88
C GLY B 321 14.20 64.00 53.79
N GLU B 322 14.88 65.15 53.69
CA GLU B 322 16.06 65.40 54.51
C GLU B 322 15.73 65.50 55.99
N TYR B 323 14.50 65.88 56.29
CA TYR B 323 14.03 65.99 57.67
C TYR B 323 14.04 64.61 58.28
N LEU B 324 13.26 63.71 57.67
CA LEU B 324 13.16 62.33 58.12
C LEU B 324 14.49 61.66 58.37
N GLU B 325 15.49 62.00 57.57
CA GLU B 325 16.80 61.39 57.73
C GLU B 325 17.49 61.91 59.00
N ARG B 326 17.32 63.19 59.28
CA ARG B 326 17.88 63.77 60.51
C ARG B 326 17.24 63.02 61.68
N GLN B 327 15.95 62.75 61.56
CA GLN B 327 15.18 62.04 62.56
C GLN B 327 15.70 60.62 62.74
N ARG B 328 15.92 59.94 61.62
CA ARG B 328 16.43 58.59 61.70
C ARG B 328 17.84 58.60 62.27
N SER B 329 18.57 59.69 62.09
CA SER B 329 19.94 59.72 62.59
C SER B 329 20.00 60.01 64.08
N ALA B 330 19.02 60.75 64.57
CA ALA B 330 18.99 61.11 65.98
C ALA B 330 18.52 59.96 66.85
N PHE B 331 17.92 58.95 66.20
CA PHE B 331 17.41 57.76 66.84
C PHE B 331 17.35 56.67 65.79
N ALA B 332 18.44 55.90 65.70
CA ALA B 332 18.62 54.82 64.71
C ALA B 332 17.62 53.68 64.62
N ARG B 333 17.00 53.28 65.72
CA ARG B 333 16.04 52.18 65.63
C ARG B 333 14.89 52.60 64.70
N PHE B 334 14.95 53.84 64.25
CA PHE B 334 13.97 54.40 63.32
C PHE B 334 14.16 53.87 61.90
N TYR B 335 15.38 53.43 61.57
CA TYR B 335 15.67 52.91 60.23
C TYR B 335 14.85 51.67 59.95
N PHE B 336 14.33 51.05 61.01
CA PHE B 336 13.52 49.86 60.87
C PHE B 336 12.09 50.26 60.61
N VAL B 337 11.88 51.54 60.33
CA VAL B 337 10.54 52.05 60.08
C VAL B 337 10.48 52.74 58.74
N GLY B 338 9.45 52.47 57.97
CA GLY B 338 9.29 53.10 56.67
C GLY B 338 8.85 54.55 56.75
N ASP B 339 9.10 55.31 55.69
CA ASP B 339 8.72 56.71 55.67
C ASP B 339 7.28 56.98 56.05
N GLU B 340 6.36 56.16 55.54
CA GLU B 340 4.95 56.36 55.88
C GLU B 340 4.77 56.23 57.40
N ASP B 341 5.21 55.09 57.95
CA ASP B 341 5.09 54.87 59.39
C ASP B 341 5.77 56.00 60.16
N LEU B 342 7.01 56.29 59.80
CA LEU B 342 7.77 57.33 60.48
C LEU B 342 7.04 58.66 60.54
N LEU B 343 6.43 59.06 59.42
CA LEU B 343 5.70 60.33 59.41
C LEU B 343 4.53 60.26 60.39
N GLU B 344 3.87 59.11 60.49
CA GLU B 344 2.77 58.98 61.44
C GLU B 344 3.30 59.15 62.87
N ILE B 345 4.45 58.55 63.17
CA ILE B 345 5.02 58.65 64.51
C ILE B 345 5.45 60.06 64.83
N ILE B 346 6.11 60.73 63.90
CA ILE B 346 6.55 62.11 64.15
C ILE B 346 5.38 63.04 64.48
N GLY B 347 4.37 63.09 63.61
CA GLY B 347 3.21 63.94 63.88
C GLY B 347 2.66 63.76 65.28
N ASN B 348 2.21 62.54 65.57
CA ASN B 348 1.66 62.21 66.88
C ASN B 348 2.79 61.99 67.89
N SER B 349 3.81 62.81 67.83
CA SER B 349 4.95 62.66 68.74
C SER B 349 4.67 62.68 70.25
N LYS B 350 3.51 63.17 70.68
CA LYS B 350 3.18 63.21 72.12
C LYS B 350 1.96 62.34 72.50
N ASP B 351 1.63 61.40 71.63
CA ASP B 351 0.51 60.48 71.81
C ASP B 351 1.09 59.07 71.86
N ILE B 352 1.85 58.79 72.92
CA ILE B 352 2.50 57.49 73.08
C ILE B 352 1.61 56.25 72.92
N ILE B 353 0.29 56.41 72.91
CA ILE B 353 -0.56 55.23 72.69
C ILE B 353 -0.52 54.96 71.19
N LYS B 354 -0.87 55.99 70.42
CA LYS B 354 -0.92 55.95 68.97
C LYS B 354 0.41 55.56 68.32
N ILE B 355 1.51 55.66 69.07
CA ILE B 355 2.83 55.30 68.58
C ILE B 355 3.12 53.83 68.87
N GLN B 356 2.53 53.33 69.95
CA GLN B 356 2.72 51.94 70.36
C GLN B 356 2.58 50.96 69.20
N LYS B 357 1.67 51.25 68.28
CA LYS B 357 1.47 50.38 67.13
C LYS B 357 2.77 50.21 66.34
N HIS B 358 3.82 50.93 66.72
CA HIS B 358 5.07 50.83 66.00
C HIS B 358 6.26 50.32 66.81
N PHE B 359 6.12 50.23 68.11
CA PHE B 359 7.23 49.72 68.93
C PHE B 359 7.72 48.35 68.42
N ARG B 360 6.80 47.46 68.05
CA ARG B 360 7.17 46.13 67.56
C ARG B 360 8.27 46.08 66.45
N LYS B 361 8.42 47.18 65.70
CA LYS B 361 9.40 47.26 64.63
C LYS B 361 10.71 47.82 65.11
N MET B 362 10.65 48.71 66.09
CA MET B 362 11.85 49.34 66.62
C MET B 362 12.51 48.57 67.76
N PHE B 363 11.74 47.72 68.42
CA PHE B 363 12.28 46.97 69.54
C PHE B 363 11.91 45.52 69.45
N ALA B 364 12.76 44.66 70.00
CA ALA B 364 12.51 43.25 70.01
C ALA B 364 11.32 42.98 70.91
N GLY B 365 11.52 43.13 72.21
CA GLY B 365 10.45 42.86 73.17
C GLY B 365 9.55 43.99 73.63
N LEU B 366 10.03 45.22 73.58
CA LEU B 366 9.21 46.32 74.05
C LEU B 366 7.98 46.49 73.15
N ALA B 367 6.81 46.22 73.73
CA ALA B 367 5.54 46.30 73.04
C ALA B 367 4.72 47.54 73.41
N ASN B 368 4.81 47.99 74.65
CA ASN B 368 4.09 49.19 75.06
C ASN B 368 4.80 49.78 76.26
N LEU B 369 4.41 51.00 76.62
CA LEU B 369 5.01 51.67 77.77
C LEU B 369 3.90 52.10 78.72
N THR B 370 4.16 51.94 80.01
CA THR B 370 3.16 52.31 81.00
C THR B 370 3.38 53.78 81.33
N LEU B 371 2.29 54.53 81.48
CA LEU B 371 2.40 55.95 81.80
C LEU B 371 1.38 56.34 82.85
N ASP B 372 1.71 57.42 83.56
CA ASP B 372 0.82 57.90 84.61
C ASP B 372 -0.45 58.47 84.00
N ASP B 373 -1.36 58.89 84.89
CA ASP B 373 -2.66 59.42 84.49
C ASP B 373 -2.63 60.75 83.75
N GLU B 374 -1.62 61.56 83.99
CA GLU B 374 -1.52 62.83 83.30
C GLU B 374 -0.72 62.55 82.01
N LYS B 375 -0.38 61.27 81.82
CA LYS B 375 0.41 60.76 80.68
C LYS B 375 1.59 61.66 80.33
N THR B 376 2.15 62.27 81.36
CA THR B 376 3.28 63.17 81.24
C THR B 376 4.59 62.40 81.41
N THR B 377 4.55 61.28 82.13
CA THR B 377 5.80 60.58 82.32
C THR B 377 5.73 59.07 82.20
N ILE B 378 6.72 58.53 81.47
CA ILE B 378 6.87 57.11 81.22
C ILE B 378 7.38 56.42 82.48
N ILE B 379 6.66 55.42 82.96
CA ILE B 379 7.05 54.73 84.18
C ILE B 379 7.50 53.28 84.00
N GLY B 380 7.03 52.62 82.95
CA GLY B 380 7.42 51.24 82.73
C GLY B 380 7.20 50.76 81.32
N MET B 381 7.51 49.48 81.11
CA MET B 381 7.36 48.88 79.79
C MET B 381 6.70 47.51 79.94
N SER B 382 6.32 46.93 78.81
CA SER B 382 5.71 45.61 78.82
C SER B 382 5.95 44.86 77.50
N SER B 383 6.00 43.53 77.58
CA SER B 383 6.20 42.67 76.43
C SER B 383 4.84 42.46 75.81
N ALA B 384 4.77 41.65 74.75
CA ALA B 384 3.49 41.41 74.10
C ALA B 384 2.76 40.23 74.73
N GLU B 385 3.40 39.62 75.73
CA GLU B 385 2.81 38.48 76.42
C GLU B 385 2.30 38.88 77.80
N GLY B 386 2.41 40.17 78.12
CA GLY B 386 1.94 40.65 79.40
C GLY B 386 3.02 40.87 80.45
N GLU B 387 4.27 40.62 80.09
CA GLU B 387 5.32 40.83 81.07
C GLU B 387 5.64 42.29 81.26
N THR B 388 5.56 42.75 82.51
CA THR B 388 5.84 44.14 82.79
C THR B 388 7.15 44.35 83.55
N VAL B 389 7.75 45.51 83.28
CA VAL B 389 9.00 45.92 83.90
C VAL B 389 8.83 47.37 84.24
N THR B 390 9.25 47.75 85.44
CA THR B 390 9.10 49.14 85.83
C THR B 390 10.44 49.84 85.72
N PHE B 391 10.45 51.01 85.09
CA PHE B 391 11.69 51.75 84.92
C PHE B 391 12.23 52.26 86.25
N LYS B 392 13.49 51.95 86.54
CA LYS B 392 14.08 52.43 87.78
C LYS B 392 14.05 53.96 87.85
N LYS B 393 14.55 54.63 86.81
CA LYS B 393 14.57 56.10 86.78
C LYS B 393 13.63 56.66 85.70
N PRO B 394 12.32 56.71 86.00
CA PRO B 394 11.23 57.19 85.14
C PRO B 394 11.56 58.39 84.27
N ILE B 395 10.99 58.42 83.06
CA ILE B 395 11.22 59.52 82.13
C ILE B 395 10.05 60.50 82.12
N SER B 396 10.26 61.71 82.63
CA SER B 396 9.19 62.71 82.63
C SER B 396 9.16 63.55 81.35
N ILE B 397 8.33 63.10 80.39
CA ILE B 397 8.18 63.78 79.10
C ILE B 397 7.33 65.04 79.12
N ALA B 398 6.94 65.51 80.31
CA ALA B 398 6.10 66.70 80.39
C ALA B 398 6.78 67.91 79.75
N ASN B 399 8.11 67.98 79.87
CA ASN B 399 8.86 69.12 79.27
C ASN B 399 8.36 69.35 77.83
N GLY B 400 8.36 68.27 77.05
CA GLY B 400 7.97 68.30 75.66
C GLY B 400 9.20 67.96 74.82
N PRO B 401 10.08 67.08 75.31
CA PRO B 401 11.28 66.75 74.53
C PRO B 401 10.95 66.25 73.13
N LYS B 402 11.87 66.47 72.21
CA LYS B 402 11.67 66.06 70.83
C LYS B 402 11.35 64.55 70.79
N ILE B 403 10.61 64.10 69.79
CA ILE B 403 10.28 62.67 69.71
C ILE B 403 11.49 61.79 69.92
N HIS B 404 12.59 62.15 69.26
CA HIS B 404 13.82 61.39 69.35
C HIS B 404 14.50 61.59 70.70
N GLU B 405 14.12 62.65 71.40
CA GLU B 405 14.68 62.93 72.71
C GLU B 405 14.28 61.85 73.72
N TRP B 406 12.98 61.56 73.84
CA TRP B 406 12.60 60.53 74.81
C TRP B 406 12.94 59.08 74.43
N LEU B 407 12.63 58.66 73.20
CA LEU B 407 12.92 57.29 72.77
C LEU B 407 14.36 56.92 73.08
N THR B 408 15.26 57.89 72.94
CA THR B 408 16.67 57.63 73.19
C THR B 408 16.84 57.18 74.65
N MET B 409 16.21 57.91 75.58
CA MET B 409 16.30 57.57 76.99
C MET B 409 15.51 56.31 77.31
N VAL B 410 14.29 56.24 76.80
CA VAL B 410 13.44 55.07 77.00
C VAL B 410 14.27 53.84 76.65
N GLU B 411 15.01 53.97 75.54
CA GLU B 411 15.87 52.91 75.04
C GLU B 411 17.10 52.77 75.96
N SER B 412 17.50 53.89 76.54
CA SER B 412 18.64 53.93 77.44
C SER B 412 18.30 53.23 78.76
N GLU B 413 17.17 53.61 79.35
CA GLU B 413 16.71 53.08 80.63
C GLU B 413 16.44 51.58 80.55
N MET B 414 15.92 51.15 79.41
CA MET B 414 15.61 49.75 79.20
C MET B 414 16.78 48.84 79.53
N LYS B 415 17.99 49.25 79.18
CA LYS B 415 19.13 48.40 79.46
C LYS B 415 19.64 48.50 80.91
N SER B 416 19.67 49.71 81.46
CA SER B 416 20.15 49.87 82.84
C SER B 416 19.10 49.29 83.79
N THR B 417 17.83 49.68 83.60
CA THR B 417 16.76 49.17 84.43
C THR B 417 16.77 47.65 84.40
N LEU B 418 17.39 47.08 83.38
CA LEU B 418 17.48 45.63 83.28
C LEU B 418 18.82 45.19 83.82
N ALA B 419 19.78 46.10 83.74
CA ALA B 419 21.14 45.82 84.19
C ALA B 419 21.20 45.64 85.70
N THR B 420 20.63 46.62 86.42
CA THR B 420 20.60 46.57 87.88
C THR B 420 19.68 45.43 88.31
N LEU B 421 18.49 45.34 87.71
CA LEU B 421 17.60 44.24 88.06
C LEU B 421 18.43 42.98 88.07
N LEU B 422 19.18 42.75 86.99
CA LEU B 422 20.01 41.56 86.92
C LEU B 422 20.77 41.48 88.22
N SER B 423 21.53 42.54 88.50
CA SER B 423 22.30 42.59 89.74
C SER B 423 21.38 42.14 90.88
N GLU B 424 20.46 43.01 91.28
CA GLU B 424 19.53 42.68 92.35
C GLU B 424 19.11 41.22 92.34
N SER B 425 18.64 40.73 91.19
CA SER B 425 18.19 39.34 91.07
C SER B 425 19.23 38.38 91.61
N LEU B 426 20.49 38.77 91.49
CA LEU B 426 21.59 37.94 91.98
C LEU B 426 21.62 38.01 93.52
N GLN B 427 21.77 39.22 94.04
CA GLN B 427 21.81 39.44 95.48
C GLN B 427 20.62 38.76 96.12
N HIS B 428 19.45 38.98 95.55
CA HIS B 428 18.23 38.38 96.09
C HIS B 428 18.32 36.86 96.05
N PHE B 429 18.66 36.30 94.91
CA PHE B 429 18.74 34.86 94.78
C PHE B 429 19.66 34.21 95.79
N ASN B 430 20.80 34.84 96.06
CA ASN B 430 21.76 34.27 97.00
C ASN B 430 21.13 34.09 98.39
N GLN B 431 20.44 35.13 98.88
CA GLN B 431 19.77 35.04 100.15
C GLN B 431 18.51 34.22 99.90
N VAL B 432 18.69 33.05 99.27
CA VAL B 432 17.55 32.19 98.97
C VAL B 432 17.87 30.70 99.12
N ASP B 433 17.14 30.08 100.03
CA ASP B 433 17.27 28.65 100.29
C ASP B 433 16.46 27.93 99.21
N VAL B 434 17.17 27.44 98.20
CA VAL B 434 16.57 26.73 97.07
C VAL B 434 15.87 25.44 97.47
N ASN B 435 16.09 25.00 98.71
CA ASN B 435 15.44 23.78 99.21
C ASN B 435 13.97 24.08 99.46
N ASP B 436 13.67 25.32 99.79
CA ASP B 436 12.29 25.75 100.00
C ASP B 436 11.78 26.45 98.72
N HIS B 437 10.95 25.74 97.98
CA HIS B 437 10.37 26.25 96.75
C HIS B 437 9.69 27.62 96.95
N SER B 438 8.90 27.73 98.02
CA SER B 438 8.19 28.98 98.37
C SER B 438 9.09 30.21 98.17
N LYS B 439 10.25 30.20 98.82
CA LYS B 439 11.18 31.31 98.67
C LYS B 439 11.63 31.39 97.19
N TYR B 440 12.18 30.29 96.67
CA TYR B 440 12.68 30.20 95.28
C TYR B 440 11.65 30.68 94.28
N SER B 441 10.43 30.15 94.38
CA SER B 441 9.37 30.55 93.47
C SER B 441 9.20 32.06 93.60
N GLU B 442 8.97 32.52 94.83
CA GLU B 442 8.80 33.93 95.14
C GLU B 442 9.79 34.73 94.28
N TRP B 443 11.03 34.26 94.22
CA TRP B 443 12.08 34.91 93.42
C TRP B 443 11.68 34.89 91.93
N VAL B 444 11.50 33.68 91.41
CA VAL B 444 11.13 33.48 90.02
C VAL B 444 10.12 34.50 89.55
N ASP B 445 9.13 34.76 90.38
CA ASP B 445 8.09 35.68 90.02
C ASP B 445 8.49 37.15 90.20
N ASN B 446 9.61 37.44 90.84
CA ASN B 446 10.00 38.83 91.02
C ASN B 446 10.60 39.51 89.77
N TYR B 447 11.63 38.89 89.20
CA TYR B 447 12.32 39.44 88.01
C TYR B 447 11.75 38.99 86.64
N PRO B 448 12.11 39.72 85.57
CA PRO B 448 11.65 39.39 84.21
C PRO B 448 12.11 37.99 83.75
N THR B 449 11.42 37.44 82.77
CA THR B 449 11.73 36.11 82.29
C THR B 449 13.19 35.87 81.89
N GLN B 450 13.75 36.78 81.11
CA GLN B 450 15.13 36.66 80.66
C GLN B 450 16.16 36.84 81.75
N LEU B 451 15.90 37.71 82.72
CA LEU B 451 16.84 37.91 83.82
C LEU B 451 16.77 36.71 84.76
N VAL B 452 15.57 36.13 84.89
CA VAL B 452 15.39 34.95 85.72
C VAL B 452 16.21 33.77 85.19
N LEU B 453 16.27 33.63 83.86
CA LEU B 453 17.04 32.55 83.22
C LEU B 453 18.53 32.86 83.27
N LEU B 454 18.87 34.14 83.09
CA LEU B 454 20.24 34.57 83.13
C LEU B 454 20.87 34.25 84.47
N THR B 455 20.24 34.73 85.55
CA THR B 455 20.74 34.48 86.91
C THR B 455 21.03 33.02 87.11
N SER B 456 20.07 32.16 86.76
CA SER B 456 20.28 30.74 86.90
C SER B 456 21.60 30.36 86.24
N GLN B 457 21.76 30.80 85.00
CA GLN B 457 22.94 30.51 84.21
C GLN B 457 24.26 31.03 84.79
N ILE B 458 24.25 32.22 85.40
CA ILE B 458 25.46 32.81 85.98
C ILE B 458 25.76 32.07 87.26
N VAL B 459 24.70 31.87 88.04
CA VAL B 459 24.80 31.18 89.33
C VAL B 459 25.19 29.73 89.10
N TRP B 460 24.99 29.25 87.86
CA TRP B 460 25.34 27.88 87.45
C TRP B 460 26.79 27.84 87.01
N SER B 461 27.23 28.85 86.29
CA SER B 461 28.61 28.89 85.82
C SER B 461 29.52 28.88 87.05
N THR B 462 29.40 29.94 87.85
CA THR B 462 30.19 30.12 89.06
C THR B 462 30.29 28.82 89.85
N GLN B 463 29.15 28.16 90.07
CA GLN B 463 29.21 26.91 90.80
C GLN B 463 30.12 25.95 90.03
N VAL B 464 29.56 25.24 89.06
CA VAL B 464 30.32 24.29 88.24
C VAL B 464 31.79 24.70 88.11
N ASP B 465 32.03 25.98 87.89
CA ASP B 465 33.40 26.44 87.76
C ASP B 465 34.09 26.09 89.05
N GLN B 466 33.88 26.94 90.06
CA GLN B 466 34.45 26.78 91.39
C GLN B 466 34.45 25.31 91.83
N ALA B 467 33.60 24.50 91.21
CA ALA B 467 33.51 23.10 91.56
C ALA B 467 34.62 22.30 90.89
N LEU B 468 35.05 22.76 89.71
CA LEU B 468 36.10 22.08 88.95
C LEU B 468 37.50 22.29 89.53
N GLY B 469 37.67 23.42 90.21
CA GLY B 469 38.95 23.72 90.81
C GLY B 469 39.92 24.44 89.90
N GLY B 470 41.07 24.78 90.46
CA GLY B 470 42.10 25.46 89.70
C GLY B 470 43.14 24.42 89.30
N GLY B 471 42.67 23.27 88.83
CA GLY B 471 43.55 22.20 88.39
C GLY B 471 44.52 21.68 89.44
N THR B 472 44.08 21.64 90.69
CA THR B 472 44.91 21.16 91.80
C THR B 472 44.04 20.32 92.72
N LEU B 473 42.87 19.93 92.23
CA LEU B 473 41.98 19.11 93.03
C LEU B 473 42.20 17.69 92.54
N GLN B 474 41.28 16.79 92.84
CA GLN B 474 41.41 15.39 92.40
C GLN B 474 40.09 14.95 91.79
N GLN B 475 40.14 14.08 90.78
CA GLN B 475 38.92 13.62 90.14
C GLN B 475 37.90 13.40 91.25
N SER B 476 38.38 12.93 92.40
CA SER B 476 37.51 12.68 93.55
C SER B 476 36.87 13.97 94.08
N LYS B 477 37.71 14.91 94.48
CA LYS B 477 37.23 16.18 95.02
C LYS B 477 36.20 16.85 94.11
N ILE B 478 36.53 16.91 92.81
CA ILE B 478 35.65 17.53 91.84
C ILE B 478 34.37 16.72 91.68
N GLN B 479 34.51 15.49 91.20
CA GLN B 479 33.38 14.59 91.00
C GLN B 479 32.35 14.66 92.12
N GLU B 480 32.83 14.96 93.32
CA GLU B 480 31.97 15.04 94.48
C GLU B 480 31.20 16.36 94.48
N GLN B 481 31.79 17.40 93.91
CA GLN B 481 31.14 18.71 93.86
C GLN B 481 30.20 18.84 92.66
N LEU B 482 30.56 18.19 91.56
CA LEU B 482 29.72 18.20 90.35
C LEU B 482 28.47 17.47 90.77
N GLN B 483 28.67 16.36 91.47
CA GLN B 483 27.58 15.56 91.99
C GLN B 483 26.66 16.42 92.85
N SER B 484 27.23 17.17 93.78
CA SER B 484 26.42 18.04 94.63
C SER B 484 25.54 18.95 93.78
N ILE B 485 26.13 19.50 92.72
CA ILE B 485 25.40 20.39 91.82
C ILE B 485 24.37 19.60 91.01
N GLU B 486 24.80 18.48 90.43
CA GLU B 486 23.92 17.63 89.65
C GLU B 486 22.70 17.28 90.52
N GLN B 487 22.94 17.07 91.82
CA GLN B 487 21.85 16.74 92.75
C GLN B 487 20.91 17.94 92.94
N THR B 488 21.41 19.05 93.52
CA THR B 488 20.56 20.23 93.74
C THR B 488 19.64 20.49 92.56
N THR B 489 20.25 20.76 91.41
CA THR B 489 19.52 21.04 90.18
C THR B 489 18.41 20.01 89.94
N GLN B 490 18.74 18.72 89.96
CA GLN B 490 17.71 17.68 89.75
C GLN B 490 16.53 17.97 90.68
N MET B 491 16.84 18.46 91.87
CA MET B 491 15.86 18.80 92.88
C MET B 491 14.97 19.97 92.44
N ILE B 492 15.57 21.12 92.14
CA ILE B 492 14.79 22.27 91.71
C ILE B 492 13.96 21.88 90.50
N LEU B 493 14.44 20.92 89.72
CA LEU B 493 13.68 20.48 88.55
C LEU B 493 12.39 19.80 88.96
N ASN B 494 12.48 18.92 89.95
CA ASN B 494 11.34 18.16 90.47
C ASN B 494 10.37 19.11 91.16
N ASN B 495 10.89 20.01 91.98
CA ASN B 495 10.07 20.97 92.66
C ASN B 495 9.27 21.75 91.59
N LEU B 496 9.91 21.99 90.43
CA LEU B 496 9.27 22.70 89.31
C LEU B 496 8.40 21.74 88.50
N ALA B 497 8.88 20.50 88.37
CA ALA B 497 8.17 19.46 87.63
C ALA B 497 6.81 19.25 88.30
N ASP B 498 6.74 19.73 89.54
CA ASP B 498 5.53 19.68 90.36
C ASP B 498 5.14 21.11 90.60
N SER B 499 4.93 21.82 89.51
CA SER B 499 4.55 23.21 89.57
C SER B 499 3.76 23.45 88.30
N VAL B 500 4.23 22.89 87.20
CA VAL B 500 3.53 23.07 85.95
C VAL B 500 2.20 22.33 86.00
N LEU B 501 2.02 21.55 87.07
CA LEU B 501 0.80 20.78 87.30
C LEU B 501 -0.25 21.63 88.01
N GLN B 502 0.08 22.89 88.28
CA GLN B 502 -0.85 23.84 88.93
C GLN B 502 -1.60 24.62 87.84
N ASP B 503 -2.63 25.37 88.23
CA ASP B 503 -3.39 26.14 87.25
C ASP B 503 -2.90 27.57 87.16
N LEU B 504 -1.79 27.76 86.46
CA LEU B 504 -1.19 29.10 86.28
C LEU B 504 -1.37 29.66 84.89
N SER B 505 -1.24 30.97 84.77
CA SER B 505 -1.41 31.65 83.49
C SER B 505 -0.35 31.22 82.46
N ALA B 506 -0.78 31.10 81.21
CA ALA B 506 0.12 30.72 80.13
C ALA B 506 1.36 31.62 80.21
N GLN B 507 1.15 32.84 80.70
CA GLN B 507 2.23 33.80 80.84
C GLN B 507 3.25 33.28 81.87
N LYS B 508 2.76 32.81 83.02
CA LYS B 508 3.64 32.29 84.05
C LYS B 508 4.16 30.90 83.69
N ARG B 509 3.35 30.12 82.99
CA ARG B 509 3.75 28.80 82.55
C ARG B 509 4.93 28.88 81.59
N LYS B 510 4.73 29.63 80.51
CA LYS B 510 5.75 29.82 79.48
C LYS B 510 7.07 30.09 80.18
N LYS B 511 7.03 31.07 81.06
CA LYS B 511 8.18 31.47 81.84
C LYS B 511 8.75 30.23 82.52
N PHE B 512 7.91 29.53 83.27
CA PHE B 512 8.30 28.31 83.99
C PHE B 512 8.84 27.20 83.07
N GLU B 513 8.39 27.22 81.82
CA GLU B 513 8.82 26.23 80.86
C GLU B 513 10.24 26.49 80.40
N HIS B 514 10.65 27.75 80.35
CA HIS B 514 12.01 28.04 79.93
C HIS B 514 13.01 27.68 80.99
N LEU B 515 12.66 27.93 82.25
CA LEU B 515 13.53 27.60 83.36
C LEU B 515 13.67 26.09 83.44
N ILE B 516 12.55 25.38 83.32
CA ILE B 516 12.56 23.93 83.35
C ILE B 516 13.49 23.42 82.25
N THR B 517 13.52 24.16 81.15
CA THR B 517 14.36 23.80 80.00
C THR B 517 15.81 24.19 80.20
N GLU B 518 16.03 25.32 80.86
CA GLU B 518 17.39 25.79 81.14
C GLU B 518 18.07 24.86 82.15
N LEU B 519 17.40 24.60 83.27
CA LEU B 519 17.94 23.74 84.30
C LEU B 519 18.25 22.33 83.78
N VAL B 520 17.47 21.84 82.82
CA VAL B 520 17.73 20.53 82.26
C VAL B 520 19.05 20.54 81.50
N HIS B 521 19.39 21.69 80.92
CA HIS B 521 20.63 21.86 80.15
C HIS B 521 21.81 21.97 81.09
N GLN B 522 21.61 22.62 82.23
CA GLN B 522 22.68 22.78 83.19
C GLN B 522 23.01 21.39 83.74
N ARG B 523 21.99 20.71 84.23
CA ARG B 523 22.20 19.39 84.78
C ARG B 523 22.80 18.44 83.75
N ASP B 524 22.31 18.51 82.52
CA ASP B 524 22.81 17.63 81.49
C ASP B 524 24.27 17.87 81.18
N VAL B 525 24.72 19.11 81.32
CA VAL B 525 26.13 19.41 81.04
C VAL B 525 26.98 18.97 82.22
N VAL B 526 26.49 19.23 83.42
CA VAL B 526 27.20 18.84 84.61
C VAL B 526 27.40 17.34 84.53
N ARG B 527 26.44 16.65 83.91
CA ARG B 527 26.57 15.21 83.74
C ARG B 527 27.81 14.96 82.90
N GLN B 528 27.87 15.56 81.72
CA GLN B 528 29.01 15.43 80.83
C GLN B 528 30.32 15.43 81.60
N LEU B 529 30.44 16.39 82.51
CA LEU B 529 31.64 16.52 83.33
C LEU B 529 31.71 15.38 84.33
N GLN B 530 30.58 14.76 84.64
CA GLN B 530 30.56 13.64 85.59
C GLN B 530 31.05 12.36 84.92
N LYS B 531 31.33 12.43 83.62
CA LYS B 531 31.78 11.26 82.90
C LYS B 531 33.25 11.43 82.52
N CYS B 532 33.92 12.42 83.11
CA CYS B 532 35.34 12.67 82.83
C CYS B 532 36.29 12.10 83.88
N LYS B 533 37.29 11.35 83.42
CA LYS B 533 38.28 10.77 84.33
C LYS B 533 39.23 11.88 84.87
N ASN B 534 40.19 12.31 84.04
CA ASN B 534 41.13 13.34 84.47
C ASN B 534 40.64 14.74 84.08
N LEU B 535 40.19 15.52 85.06
CA LEU B 535 39.72 16.88 84.78
C LEU B 535 40.74 18.01 85.10
N THR B 536 41.27 18.60 84.05
CA THR B 536 42.23 19.70 84.15
C THR B 536 41.84 20.87 85.07
N GLY B 537 40.55 21.03 85.36
CA GLY B 537 40.13 22.12 86.23
C GLY B 537 39.04 22.98 85.64
N ASN B 538 38.97 24.26 86.02
CA ASN B 538 37.95 25.15 85.49
C ASN B 538 38.42 25.75 84.17
N LYS B 539 39.40 25.10 83.55
CA LYS B 539 39.96 25.56 82.29
C LYS B 539 39.98 24.42 81.27
N ASP B 540 39.77 23.19 81.74
CA ASP B 540 39.74 22.02 80.86
C ASP B 540 38.71 22.27 79.74
N PHE B 541 39.11 22.02 78.49
CA PHE B 541 38.20 22.26 77.37
C PHE B 541 36.82 21.65 77.51
N ASP B 542 36.72 20.45 78.07
CA ASP B 542 35.41 19.79 78.24
C ASP B 542 34.45 20.78 78.88
N TRP B 543 34.97 21.88 79.42
CA TRP B 543 34.17 22.92 80.07
C TRP B 543 34.26 24.26 79.33
N LEU B 544 35.43 24.58 78.80
CA LEU B 544 35.54 25.84 78.10
C LEU B 544 34.68 25.77 76.85
N TYR B 545 34.50 24.57 76.31
CA TYR B 545 33.66 24.39 75.12
C TYR B 545 32.32 25.10 75.22
N HIS B 546 31.60 24.83 76.31
CA HIS B 546 30.28 25.41 76.55
C HIS B 546 30.24 26.92 76.77
N MET B 547 29.03 27.48 76.67
CA MET B 547 28.81 28.91 76.88
C MET B 547 28.58 29.12 78.37
N ARG B 548 29.54 29.77 79.03
CA ARG B 548 29.47 30.04 80.47
C ARG B 548 29.25 31.52 80.72
N TYR B 549 28.53 31.88 81.78
CA TYR B 549 28.23 33.29 82.06
C TYR B 549 28.77 33.84 83.37
N TYR B 550 29.95 34.46 83.34
CA TYR B 550 30.59 35.05 84.53
C TYR B 550 30.22 36.50 84.81
N TYR B 551 29.94 36.80 86.08
CA TYR B 551 29.57 38.15 86.54
C TYR B 551 30.69 38.86 87.33
N ASP B 552 30.56 40.17 87.51
CA ASP B 552 31.58 40.91 88.26
C ASP B 552 31.14 42.31 88.71
N ALA B 553 30.57 42.38 89.92
CA ALA B 553 30.08 43.64 90.48
C ALA B 553 31.08 44.80 90.35
N THR B 554 32.32 44.54 90.70
CA THR B 554 33.36 45.56 90.62
C THR B 554 33.23 46.46 89.40
N GLN B 555 32.93 45.88 88.24
CA GLN B 555 32.82 46.66 86.99
C GLN B 555 32.01 47.92 87.21
N GLU B 556 32.60 49.05 86.82
CA GLU B 556 31.95 50.34 86.98
C GLU B 556 30.62 50.36 86.25
N ASN B 557 30.70 50.34 84.91
CA ASN B 557 29.54 50.36 84.02
C ASN B 557 28.65 49.14 84.28
N VAL B 558 27.39 49.37 84.63
CA VAL B 558 26.49 48.25 84.92
C VAL B 558 26.48 47.27 83.75
N LEU B 559 26.22 47.80 82.55
CA LEU B 559 26.16 46.99 81.35
C LEU B 559 27.39 46.14 81.05
N HIS B 560 28.42 46.21 81.89
CA HIS B 560 29.61 45.40 81.65
C HIS B 560 29.87 44.41 82.80
N LYS B 561 28.95 44.37 83.76
CA LYS B 561 29.11 43.47 84.89
C LYS B 561 29.19 42.04 84.37
N LEU B 562 28.24 41.71 83.51
CA LEU B 562 28.16 40.40 82.92
C LEU B 562 29.01 40.28 81.65
N VAL B 563 29.67 39.14 81.54
CA VAL B 563 30.54 38.83 80.43
C VAL B 563 30.35 37.38 80.05
N ILE B 564 29.66 37.17 78.93
CA ILE B 564 29.36 35.85 78.42
C ILE B 564 30.51 35.28 77.59
N HIS B 565 30.93 34.06 77.94
CA HIS B 565 32.01 33.43 77.22
C HIS B 565 31.49 32.14 76.62
N MET B 566 32.32 31.56 75.76
CA MET B 566 32.05 30.30 75.08
C MET B 566 33.25 30.09 74.18
N ALA B 567 34.01 29.02 74.46
CA ALA B 567 35.23 28.73 73.74
C ALA B 567 36.11 29.95 74.06
N ASN B 568 36.78 30.49 73.06
CA ASN B 568 37.61 31.64 73.32
C ASN B 568 36.91 32.94 73.04
N ALA B 569 35.63 32.86 72.68
CA ALA B 569 34.89 34.08 72.36
C ALA B 569 34.20 34.70 73.55
N THR B 570 34.14 36.03 73.58
CA THR B 570 33.49 36.73 74.68
C THR B 570 32.49 37.77 74.16
N PHE B 571 31.46 38.07 74.95
CA PHE B 571 30.42 39.04 74.56
C PHE B 571 29.89 39.79 75.78
N TYR B 572 29.09 40.82 75.52
CA TYR B 572 28.47 41.60 76.57
C TYR B 572 26.97 41.48 76.39
N TYR B 573 26.26 41.07 77.43
CA TYR B 573 24.80 40.98 77.32
C TYR B 573 24.37 42.37 76.84
N GLY B 574 23.50 42.42 75.83
CA GLY B 574 23.07 43.70 75.30
C GLY B 574 21.98 44.40 76.07
N PHE B 575 21.21 43.64 76.82
CA PHE B 575 20.13 44.16 77.63
C PHE B 575 18.98 44.70 76.82
N GLU B 576 18.71 44.00 75.73
CA GLU B 576 17.60 44.34 74.87
C GLU B 576 16.47 43.63 75.61
N TYR B 577 15.35 44.31 75.84
CA TYR B 577 14.26 43.66 76.54
C TYR B 577 13.62 42.65 75.59
N LEU B 578 13.65 41.38 76.00
CA LEU B 578 13.13 40.27 75.18
C LEU B 578 11.74 39.76 75.58
N GLY B 579 11.22 40.25 76.70
CA GLY B 579 9.92 39.80 77.16
C GLY B 579 10.02 38.32 77.48
N ILE B 580 8.90 37.62 77.50
CA ILE B 580 8.99 36.21 77.80
C ILE B 580 9.63 35.45 76.65
N GLY B 581 9.18 35.76 75.44
CA GLY B 581 9.74 35.12 74.26
C GLY B 581 9.64 33.61 74.24
N GLU B 582 10.30 33.01 73.24
CA GLU B 582 10.33 31.57 73.07
C GLU B 582 11.72 31.11 73.40
N ARG B 583 11.87 29.85 73.76
CA ARG B 583 13.18 29.34 74.09
C ARG B 583 13.35 27.92 73.55
N LEU B 584 14.58 27.52 73.30
CA LEU B 584 14.78 26.18 72.74
C LEU B 584 15.38 25.20 73.71
N VAL B 585 15.38 23.96 73.30
CA VAL B 585 15.96 22.89 74.08
C VAL B 585 17.39 22.77 73.55
N GLN B 586 18.37 23.09 74.39
CA GLN B 586 19.76 23.01 73.95
C GLN B 586 20.26 21.60 73.74
N THR B 587 19.80 21.00 72.66
CA THR B 587 20.20 19.66 72.34
C THR B 587 21.70 19.74 72.06
N PRO B 588 22.38 18.59 71.92
CA PRO B 588 23.80 18.73 71.64
C PRO B 588 24.10 19.44 70.32
N LEU B 589 23.15 19.42 69.39
CA LEU B 589 23.34 20.08 68.09
C LEU B 589 23.30 21.60 68.28
N THR B 590 22.47 22.05 69.20
CA THR B 590 22.35 23.46 69.46
C THR B 590 23.61 24.05 70.11
N ASP B 591 24.29 23.29 70.96
CA ASP B 591 25.52 23.82 71.57
C ASP B 591 26.57 23.91 70.46
N ARG B 592 26.58 22.90 69.60
CA ARG B 592 27.51 22.83 68.49
C ARG B 592 27.40 24.03 67.58
N CYS B 593 26.19 24.29 67.11
CA CYS B 593 25.93 25.42 66.22
C CYS B 593 26.27 26.73 66.90
N TYR B 594 26.05 26.76 68.22
CA TYR B 594 26.34 27.93 69.03
C TYR B 594 27.82 28.22 68.95
N LEU B 595 28.61 27.16 69.01
CA LEU B 595 30.06 27.27 68.96
C LEU B 595 30.59 27.79 67.65
N THR B 596 30.00 27.37 66.53
CA THR B 596 30.53 27.86 65.28
C THR B 596 30.05 29.28 64.96
N LEU B 597 28.94 29.70 65.55
CA LEU B 597 28.46 31.06 65.33
C LEU B 597 29.22 32.03 66.25
N THR B 598 29.43 31.62 67.49
CA THR B 598 30.17 32.45 68.44
C THR B 598 31.64 32.42 68.05
N GLN B 599 32.03 31.39 67.32
CA GLN B 599 33.38 31.28 66.82
C GLN B 599 33.47 32.17 65.60
N ALA B 600 32.34 32.36 64.94
CA ALA B 600 32.27 33.19 63.75
C ALA B 600 32.18 34.67 64.08
N LEU B 601 31.33 35.04 65.04
CA LEU B 601 31.17 36.44 65.45
C LEU B 601 32.52 36.93 65.94
N GLU B 602 33.24 36.02 66.58
CA GLU B 602 34.56 36.30 67.12
C GLU B 602 35.51 36.58 65.99
N SER B 603 35.46 35.73 64.97
CA SER B 603 36.33 35.87 63.80
C SER B 603 35.88 36.92 62.79
N ARG B 604 34.89 37.73 63.18
CA ARG B 604 34.34 38.78 62.32
C ARG B 604 33.84 38.17 61.01
N MET B 605 33.11 37.06 61.11
CA MET B 605 32.55 36.38 59.94
C MET B 605 31.05 36.26 60.20
N GLY B 606 30.25 36.24 59.14
CA GLY B 606 28.83 36.11 59.33
C GLY B 606 28.46 34.66 59.63
N GLY B 607 27.23 34.42 60.04
CA GLY B 607 26.82 33.06 60.36
C GLY B 607 26.00 32.42 59.27
N ASN B 608 26.34 31.20 58.89
CA ASN B 608 25.59 30.52 57.82
C ASN B 608 25.05 29.11 58.08
N PRO B 609 24.00 28.96 58.92
CA PRO B 609 23.48 27.62 59.14
C PRO B 609 22.76 27.14 57.86
N PHE B 610 22.89 25.85 57.54
CA PHE B 610 22.26 25.33 56.34
C PHE B 610 21.76 23.90 56.43
N GLY B 611 20.69 23.61 55.71
CA GLY B 611 20.15 22.27 55.71
C GLY B 611 18.73 22.17 55.23
N PRO B 612 18.12 20.99 55.33
CA PRO B 612 16.75 20.90 54.87
C PRO B 612 15.88 21.80 55.73
N ALA B 613 14.62 21.98 55.33
CA ALA B 613 13.69 22.81 56.05
C ALA B 613 13.39 22.26 57.43
N GLY B 614 13.22 23.16 58.39
CA GLY B 614 12.89 22.82 59.76
C GLY B 614 13.89 22.09 60.66
N THR B 615 15.17 22.42 60.55
CA THR B 615 16.15 21.76 61.39
C THR B 615 16.62 22.67 62.51
N GLY B 616 15.97 23.81 62.67
CA GLY B 616 16.32 24.75 63.72
C GLY B 616 17.25 25.86 63.28
N LYS B 617 17.32 26.10 61.98
CA LYS B 617 18.21 27.12 61.47
C LYS B 617 17.82 28.53 61.88
N THR B 618 16.69 29.03 61.40
CA THR B 618 16.29 30.38 61.73
C THR B 618 16.14 30.53 63.24
N GLU B 619 15.37 29.63 63.82
CA GLU B 619 15.10 29.65 65.25
C GLU B 619 16.34 29.54 66.15
N THR B 620 17.31 28.69 65.79
CA THR B 620 18.52 28.56 66.60
C THR B 620 19.33 29.83 66.53
N VAL B 621 19.11 30.61 65.49
CA VAL B 621 19.82 31.87 65.33
C VAL B 621 19.13 32.88 66.24
N LYS B 622 17.81 32.98 66.12
CA LYS B 622 17.03 33.88 66.96
C LYS B 622 17.34 33.57 68.42
N ALA B 623 17.65 32.30 68.68
CA ALA B 623 17.94 31.82 70.02
C ALA B 623 19.27 32.31 70.58
N LEU B 624 20.34 32.15 69.82
CA LEU B 624 21.64 32.62 70.30
C LEU B 624 21.58 34.13 70.50
N GLY B 625 20.66 34.78 69.78
CA GLY B 625 20.53 36.21 69.89
C GLY B 625 19.90 36.63 71.19
N SER B 626 18.92 35.85 71.63
CA SER B 626 18.24 36.13 72.87
C SER B 626 19.14 35.81 74.05
N GLN B 627 19.99 34.81 73.86
CA GLN B 627 20.91 34.41 74.90
C GLN B 627 21.81 35.57 75.19
N LEU B 628 22.25 36.23 74.12
CA LEU B 628 23.15 37.36 74.24
C LEU B 628 22.41 38.67 74.35
N GLY B 629 21.10 38.58 74.49
CA GLY B 629 20.26 39.75 74.62
C GLY B 629 20.31 40.81 73.53
N ARG B 630 20.62 40.41 72.30
CA ARG B 630 20.71 41.36 71.20
C ARG B 630 19.32 41.50 70.59
N PHE B 631 19.20 42.35 69.57
CA PHE B 631 17.95 42.58 68.86
C PHE B 631 18.10 41.92 67.47
N VAL B 632 17.39 40.80 67.28
CA VAL B 632 17.44 40.00 66.06
C VAL B 632 16.28 40.16 65.07
N LEU B 633 16.54 40.80 63.94
CA LEU B 633 15.51 40.97 62.93
C LEU B 633 15.60 39.84 61.91
N VAL B 634 14.47 39.34 61.44
CA VAL B 634 14.46 38.23 60.48
C VAL B 634 13.86 38.64 59.13
N PHE B 635 14.58 38.39 58.04
CA PHE B 635 14.06 38.72 56.72
C PHE B 635 13.68 37.44 56.00
N CYS B 636 12.41 37.30 55.66
CA CYS B 636 11.96 36.09 54.97
C CYS B 636 12.07 36.26 53.47
N CYS B 637 13.15 35.74 52.91
CA CYS B 637 13.45 35.84 51.50
C CYS B 637 12.61 35.00 50.53
N ASP B 638 12.26 33.77 50.88
CA ASP B 638 11.44 32.93 50.00
C ASP B 638 10.00 33.47 50.03
N GLU B 639 9.90 34.80 49.98
CA GLU B 639 8.63 35.50 50.05
C GLU B 639 8.83 36.84 49.34
N GLY B 640 7.82 37.71 49.42
CA GLY B 640 7.90 39.04 48.83
C GLY B 640 8.96 39.81 49.60
N PHE B 641 9.98 40.28 48.90
CA PHE B 641 11.10 40.99 49.51
C PHE B 641 11.32 42.33 48.83
N ASP B 642 11.72 43.33 49.61
CA ASP B 642 11.92 44.66 49.07
C ASP B 642 13.34 45.17 49.24
N LEU B 643 14.05 45.28 48.13
CA LEU B 643 15.42 45.74 48.14
C LEU B 643 15.50 47.15 48.68
N GLN B 644 14.56 47.98 48.24
CA GLN B 644 14.50 49.38 48.63
C GLN B 644 14.54 49.56 50.12
N ALA B 645 13.73 48.80 50.84
CA ALA B 645 13.70 48.90 52.28
C ALA B 645 14.93 48.24 52.89
N MET B 646 15.27 47.06 52.39
CA MET B 646 16.41 46.33 52.93
C MET B 646 17.66 47.18 53.03
N SER B 647 17.82 48.16 52.15
CA SER B 647 19.00 49.00 52.19
C SER B 647 18.94 49.91 53.40
N ARG B 648 17.72 50.31 53.74
CA ARG B 648 17.41 51.19 54.87
C ARG B 648 17.65 50.39 56.16
N ILE B 649 17.10 49.19 56.22
CA ILE B 649 17.27 48.32 57.38
C ILE B 649 18.75 48.19 57.74
N PHE B 650 19.58 48.03 56.71
CA PHE B 650 21.01 47.86 56.89
C PHE B 650 21.72 48.96 57.65
N VAL B 651 21.26 50.20 57.49
CA VAL B 651 21.86 51.34 58.16
C VAL B 651 21.56 51.15 59.63
N GLY B 652 20.35 50.69 59.92
CA GLY B 652 19.95 50.44 61.28
C GLY B 652 20.72 49.33 61.97
N LEU B 653 20.82 48.18 61.32
CA LEU B 653 21.56 47.08 61.91
C LEU B 653 22.97 47.51 62.30
N CYS B 654 23.62 48.20 61.38
CA CYS B 654 24.96 48.68 61.61
C CYS B 654 25.03 49.59 62.85
N GLN B 655 24.30 50.70 62.81
CA GLN B 655 24.29 51.65 63.93
C GLN B 655 23.69 51.12 65.22
N CYS B 656 22.82 50.12 65.12
CA CYS B 656 22.16 49.54 66.28
C CYS B 656 22.79 48.31 66.88
N GLY B 657 23.89 47.85 66.33
CA GLY B 657 24.51 46.65 66.86
C GLY B 657 23.48 45.54 66.86
N ALA B 658 22.52 45.65 65.96
CA ALA B 658 21.47 44.65 65.86
C ALA B 658 21.89 43.47 64.99
N TRP B 659 20.97 42.53 64.82
CA TRP B 659 21.21 41.31 64.05
C TRP B 659 20.18 41.07 62.95
N GLY B 660 20.67 40.66 61.79
CA GLY B 660 19.78 40.37 60.68
C GLY B 660 19.89 38.93 60.22
N CYS B 661 18.80 38.20 60.31
CA CYS B 661 18.80 36.81 59.88
C CYS B 661 18.01 36.68 58.59
N PHE B 662 18.70 36.37 57.49
CA PHE B 662 18.05 36.18 56.20
C PHE B 662 17.60 34.74 56.09
N ASP B 663 16.32 34.51 56.34
CA ASP B 663 15.76 33.18 56.28
C ASP B 663 15.63 32.71 54.82
N GLU B 664 16.29 31.58 54.53
CA GLU B 664 16.27 30.96 53.20
C GLU B 664 16.81 31.91 52.16
N PHE B 665 17.91 32.54 52.52
CA PHE B 665 18.61 33.51 51.68
C PHE B 665 18.61 33.23 50.19
N ASN B 666 18.97 32.01 49.81
CA ASN B 666 19.05 31.66 48.40
C ASN B 666 17.76 31.64 47.60
N ARG B 667 16.61 31.84 48.23
CA ARG B 667 15.35 31.85 47.48
C ARG B 667 15.12 33.26 46.93
N LEU B 668 16.20 34.01 46.83
CA LEU B 668 16.18 35.39 46.35
C LEU B 668 16.45 35.49 44.86
N GLU B 669 15.57 36.20 44.15
CA GLU B 669 15.68 36.40 42.71
C GLU B 669 17.15 36.67 42.37
N GLU B 670 17.60 36.19 41.21
CA GLU B 670 18.99 36.37 40.81
C GLU B 670 19.49 37.79 40.94
N ARG B 671 18.69 38.73 40.46
CA ARG B 671 19.08 40.14 40.50
C ARG B 671 19.05 40.68 41.92
N ILE B 672 17.90 40.55 42.56
CA ILE B 672 17.75 41.03 43.93
C ILE B 672 18.86 40.48 44.82
N LEU B 673 19.14 39.19 44.69
CA LEU B 673 20.15 38.51 45.49
C LEU B 673 21.51 39.18 45.43
N SER B 674 21.95 39.54 44.24
CA SER B 674 23.24 40.18 44.11
C SER B 674 23.28 41.46 44.91
N ALA B 675 22.22 42.25 44.79
CA ALA B 675 22.12 43.50 45.51
C ALA B 675 22.35 43.27 47.00
N VAL B 676 21.52 42.44 47.61
CA VAL B 676 21.67 42.17 49.03
C VAL B 676 23.06 41.64 49.24
N SER B 677 23.39 40.59 48.50
CA SER B 677 24.69 39.94 48.56
C SER B 677 25.88 40.89 48.77
N GLN B 678 25.94 41.96 48.00
CA GLN B 678 27.05 42.89 48.11
C GLN B 678 26.92 43.94 49.21
N GLN B 679 25.69 44.21 49.66
CA GLN B 679 25.52 45.16 50.75
C GLN B 679 26.03 44.38 51.95
N ILE B 680 25.72 43.08 51.97
CA ILE B 680 26.20 42.20 53.02
C ILE B 680 27.72 42.08 52.91
N GLN B 681 28.22 41.80 51.70
CA GLN B 681 29.66 41.68 51.57
C GLN B 681 30.38 42.91 52.08
N THR B 682 29.84 44.08 51.78
CA THR B 682 30.46 45.34 52.19
C THR B 682 30.57 45.53 53.70
N ILE B 683 29.44 45.33 54.38
CA ILE B 683 29.39 45.48 55.82
C ILE B 683 30.34 44.53 56.51
N GLN B 684 30.37 43.28 56.04
CA GLN B 684 31.21 42.25 56.63
C GLN B 684 32.73 42.49 56.57
N VAL B 685 33.23 42.97 55.43
CA VAL B 685 34.65 43.24 55.29
C VAL B 685 35.03 44.41 56.19
N ALA B 686 34.08 45.30 56.42
CA ALA B 686 34.32 46.46 57.28
C ALA B 686 34.52 45.94 58.69
N LEU B 687 33.61 45.05 59.11
CA LEU B 687 33.66 44.44 60.43
C LEU B 687 34.95 43.64 60.62
N LYS B 688 35.41 43.03 59.53
CA LYS B 688 36.63 42.24 59.56
C LYS B 688 37.83 43.14 59.90
N GLU B 689 37.98 44.22 59.14
CA GLU B 689 39.07 45.16 59.32
C GLU B 689 38.82 46.06 60.52
N ASN B 690 37.92 45.63 61.38
CA ASN B 690 37.56 46.37 62.59
C ASN B 690 37.27 47.86 62.37
N SER B 691 36.90 48.22 61.16
CA SER B 691 36.55 49.59 60.83
C SER B 691 35.38 50.07 61.71
N LYS B 692 35.39 51.33 62.12
CA LYS B 692 34.30 51.84 62.95
C LYS B 692 33.22 52.53 62.10
N GLU B 693 33.45 52.64 60.79
CA GLU B 693 32.52 53.29 59.87
C GLU B 693 32.46 52.58 58.49
N VAL B 694 31.36 52.74 57.75
CA VAL B 694 31.23 52.11 56.42
C VAL B 694 31.00 53.10 55.27
N ASN B 701 29.46 57.46 55.18
CA ASN B 701 30.25 56.98 56.33
C ASN B 701 29.35 56.63 57.53
N ILE B 702 28.60 55.54 57.41
CA ILE B 702 27.72 55.09 58.48
C ILE B 702 28.62 54.46 59.55
N SER B 703 28.29 54.71 60.82
CA SER B 703 29.06 54.18 61.95
C SER B 703 28.82 52.67 62.09
N LEU B 704 29.85 51.91 62.45
CA LEU B 704 29.66 50.49 62.55
C LEU B 704 29.80 49.94 63.96
N HIS B 705 28.69 49.46 64.51
CA HIS B 705 28.68 48.90 65.86
C HIS B 705 29.27 47.50 65.72
N GLN B 706 30.40 47.24 66.37
CA GLN B 706 31.07 45.94 66.27
C GLN B 706 30.19 44.80 66.74
N ASP B 707 29.10 45.12 67.44
CA ASP B 707 28.18 44.10 67.94
C ASP B 707 27.26 43.57 66.86
N MET B 708 27.10 44.32 65.78
CA MET B 708 26.24 43.90 64.68
C MET B 708 26.53 42.47 64.21
N GLY B 709 25.56 41.88 63.53
CA GLY B 709 25.73 40.52 63.03
C GLY B 709 24.82 40.16 61.88
N ILE B 710 25.37 39.41 60.95
CA ILE B 710 24.60 38.98 59.79
C ILE B 710 24.59 37.47 59.71
N PHE B 711 23.39 36.91 59.66
CA PHE B 711 23.23 35.48 59.58
C PHE B 711 22.40 35.18 58.35
N VAL B 712 22.75 34.08 57.69
CA VAL B 712 22.13 33.66 56.45
C VAL B 712 21.81 32.16 56.50
N THR B 713 20.52 31.81 56.47
CA THR B 713 20.11 30.39 56.51
C THR B 713 19.63 29.90 55.14
N MET B 714 20.15 28.76 54.71
CA MET B 714 19.78 28.19 53.41
C MET B 714 19.98 26.69 53.39
N ASN B 715 19.54 26.04 52.31
CA ASN B 715 19.65 24.61 52.14
C ASN B 715 21.01 24.27 51.59
N PRO B 716 21.40 23.00 51.57
CA PRO B 716 22.72 22.65 51.03
C PRO B 716 22.86 22.94 49.55
N GLY B 717 24.09 23.23 49.14
CA GLY B 717 24.34 23.51 47.75
C GLY B 717 24.34 22.17 47.07
N TYR B 718 24.84 22.11 45.84
CA TYR B 718 24.86 20.87 45.10
C TYR B 718 26.07 19.96 45.35
N ALA B 719 25.78 18.75 45.83
CA ALA B 719 26.80 17.75 46.08
C ALA B 719 27.96 18.21 46.98
N GLY B 720 27.62 18.82 48.11
CA GLY B 720 28.63 19.25 49.05
C GLY B 720 28.90 20.75 49.14
N ARG B 721 28.85 21.41 47.98
CA ARG B 721 29.11 22.83 47.87
C ARG B 721 28.13 23.73 48.61
N SER B 722 28.52 24.98 48.82
CA SER B 722 27.68 25.94 49.52
C SER B 722 26.79 26.72 48.59
N ASN B 723 25.61 27.10 49.07
CA ASN B 723 24.70 27.88 48.27
C ASN B 723 24.83 29.37 48.49
N LEU B 724 25.93 29.77 49.13
CA LEU B 724 26.18 31.17 49.37
C LEU B 724 26.68 31.75 48.06
N PRO B 725 26.42 33.04 47.81
CA PRO B 725 26.90 33.64 46.57
C PRO B 725 28.43 33.62 46.75
N ASP B 726 29.20 33.47 45.69
CA ASP B 726 30.64 33.40 45.86
C ASP B 726 31.29 34.50 46.72
N ASN B 727 30.91 35.75 46.49
CA ASN B 727 31.48 36.88 47.21
C ASN B 727 31.31 36.80 48.70
N LEU B 728 30.43 35.91 49.16
CA LEU B 728 30.16 35.74 50.58
C LEU B 728 30.74 34.47 51.19
N LYS B 729 31.29 33.58 50.37
CA LYS B 729 31.80 32.32 50.90
C LYS B 729 33.02 32.46 51.79
N LYS B 730 33.96 33.34 51.46
CA LYS B 730 35.14 33.47 52.28
C LYS B 730 34.93 34.44 53.43
N LEU B 731 33.69 34.92 53.58
CA LEU B 731 33.35 35.87 54.65
C LEU B 731 32.39 35.31 55.66
N PHE B 732 31.96 34.07 55.45
CA PHE B 732 31.03 33.43 56.36
C PHE B 732 31.55 32.10 56.85
N ARG B 733 30.88 31.60 57.88
CA ARG B 733 31.17 30.32 58.50
C ARG B 733 29.87 29.51 58.48
N SER B 734 29.88 28.37 57.79
CA SER B 734 28.69 27.54 57.72
C SER B 734 28.55 26.53 58.87
N MET B 735 27.31 26.14 59.13
CA MET B 735 26.99 25.18 60.17
C MET B 735 25.86 24.28 59.66
N ALA B 736 26.19 23.03 59.33
CA ALA B 736 25.19 22.10 58.84
C ALA B 736 24.27 21.67 59.98
N MET B 737 22.96 21.73 59.73
CA MET B 737 21.96 21.33 60.69
C MET B 737 20.97 20.45 59.94
N ILE B 738 21.30 19.16 59.83
CA ILE B 738 20.51 18.19 59.11
C ILE B 738 19.56 17.34 59.96
N LYS B 739 20.11 16.73 61.01
CA LYS B 739 19.34 15.87 61.91
C LYS B 739 19.06 16.48 63.28
N PRO B 740 17.93 17.19 63.43
CA PRO B 740 17.57 17.81 64.71
C PRO B 740 17.36 16.76 65.81
N ASP B 741 17.82 17.04 67.01
CA ASP B 741 17.67 16.13 68.15
C ASP B 741 16.19 16.12 68.62
N ARG B 742 15.34 15.50 67.81
CA ARG B 742 13.91 15.46 68.10
C ARG B 742 13.53 14.75 69.39
N GLU B 743 14.02 13.54 69.62
CA GLU B 743 13.63 12.82 70.84
C GLU B 743 13.92 13.71 72.04
N MET B 744 15.11 14.28 72.10
CA MET B 744 15.45 15.12 73.22
C MET B 744 14.54 16.34 73.34
N ILE B 745 14.10 16.88 72.21
CA ILE B 745 13.23 18.05 72.25
C ILE B 745 11.86 17.65 72.80
N ALA B 746 11.33 16.55 72.29
CA ALA B 746 10.03 16.08 72.71
C ALA B 746 10.03 15.65 74.18
N GLN B 747 11.13 15.09 74.63
CA GLN B 747 11.22 14.64 76.01
C GLN B 747 11.20 15.78 77.03
N VAL B 748 11.96 16.83 76.76
CA VAL B 748 12.03 17.96 77.67
C VAL B 748 10.71 18.71 77.65
N MET B 749 10.12 18.81 76.47
CA MET B 749 8.86 19.54 76.33
C MET B 749 7.71 18.84 77.07
N LEU B 750 7.57 17.53 76.90
CA LEU B 750 6.52 16.80 77.58
C LEU B 750 6.85 16.89 79.07
N TYR B 751 8.13 16.76 79.41
CA TYR B 751 8.54 16.87 80.79
C TYR B 751 7.97 18.13 81.43
N SER B 752 8.25 19.29 80.83
CA SER B 752 7.76 20.54 81.38
C SER B 752 6.26 20.70 81.21
N GLN B 753 5.65 19.93 80.32
CA GLN B 753 4.19 20.01 80.11
C GLN B 753 3.44 19.41 81.29
N GLY B 754 4.17 18.69 82.14
CA GLY B 754 3.57 18.05 83.29
C GLY B 754 3.35 16.56 83.08
N PHE B 755 4.05 15.97 82.10
CA PHE B 755 3.90 14.54 81.86
C PHE B 755 4.96 13.82 82.68
N LYS B 756 4.71 12.56 83.00
CA LYS B 756 5.66 11.80 83.79
C LYS B 756 6.23 10.60 83.05
N THR B 757 5.70 10.32 81.86
CA THR B 757 6.18 9.18 81.09
C THR B 757 6.99 9.75 79.92
N ALA B 758 7.29 11.04 80.02
CA ALA B 758 8.05 11.75 78.99
C ALA B 758 9.12 10.90 78.31
N GLU B 759 10.13 10.48 79.05
CA GLU B 759 11.22 9.68 78.46
C GLU B 759 10.72 8.57 77.50
N VAL B 760 9.54 8.01 77.76
CA VAL B 760 9.02 6.95 76.88
C VAL B 760 8.28 7.52 75.68
N LEU B 761 7.27 8.34 75.94
CA LEU B 761 6.48 8.94 74.87
C LEU B 761 7.38 9.47 73.75
N ALA B 762 8.27 10.38 74.10
CA ALA B 762 9.17 10.97 73.11
C ALA B 762 9.80 9.92 72.20
N GLY B 763 10.41 8.91 72.80
CA GLY B 763 11.04 7.86 72.01
C GLY B 763 10.08 7.14 71.09
N LYS B 764 8.78 7.26 71.37
CA LYS B 764 7.76 6.64 70.56
C LYS B 764 7.08 7.61 69.58
N ILE B 765 6.78 8.82 70.03
CA ILE B 765 6.13 9.81 69.18
C ILE B 765 6.89 10.11 67.89
N VAL B 766 8.18 10.46 67.99
CA VAL B 766 8.95 10.82 66.80
C VAL B 766 9.02 9.73 65.73
N PRO B 767 9.36 8.47 66.11
CA PRO B 767 9.41 7.43 65.07
C PRO B 767 8.06 7.33 64.38
N LEU B 768 6.99 7.43 65.19
CA LEU B 768 5.63 7.38 64.69
C LEU B 768 5.51 8.41 63.57
N PHE B 769 5.83 9.65 63.92
CA PHE B 769 5.77 10.73 62.95
C PHE B 769 6.60 10.41 61.70
N LYS B 770 7.82 9.93 61.89
CA LYS B 770 8.66 9.61 60.75
C LYS B 770 8.03 8.49 59.93
N LEU B 771 7.42 7.53 60.62
CA LEU B 771 6.80 6.42 59.94
C LEU B 771 5.55 6.81 59.16
N CYS B 772 4.95 7.93 59.51
CA CYS B 772 3.77 8.41 58.80
C CYS B 772 4.20 9.08 57.51
N GLN B 773 5.22 9.92 57.62
CA GLN B 773 5.76 10.64 56.48
C GLN B 773 6.45 9.69 55.54
N GLU B 774 6.37 8.39 55.83
CA GLU B 774 7.03 7.41 54.99
C GLU B 774 6.08 6.30 54.51
N GLN B 775 4.97 6.10 55.22
CA GLN B 775 4.03 5.05 54.85
C GLN B 775 2.58 5.47 54.54
N LEU B 776 2.21 6.72 54.84
CA LEU B 776 0.88 7.19 54.50
C LEU B 776 1.08 7.80 53.13
N SER B 777 0.04 7.88 52.31
CA SER B 777 0.23 8.45 50.98
C SER B 777 0.93 9.80 51.07
N ALA B 778 1.63 10.15 50.02
CA ALA B 778 2.33 11.41 49.98
C ALA B 778 1.36 12.53 49.61
N GLN B 779 0.79 13.17 50.62
CA GLN B 779 -0.16 14.26 50.44
C GLN B 779 0.56 15.59 50.63
N SER B 780 0.18 16.60 49.86
CA SER B 780 0.81 17.91 49.94
C SER B 780 0.44 18.72 51.19
N HIS B 781 -0.62 18.31 51.88
CA HIS B 781 -1.04 19.03 53.07
C HIS B 781 -0.67 18.30 54.36
N TYR B 782 0.24 17.34 54.24
CA TYR B 782 0.70 16.59 55.41
C TYR B 782 1.90 17.27 55.99
N ASP B 783 1.99 17.31 57.31
CA ASP B 783 3.14 17.92 57.94
C ASP B 783 3.46 17.08 59.14
N PHE B 784 4.59 16.38 59.07
CA PHE B 784 5.02 15.54 60.17
C PHE B 784 6.39 15.99 60.60
N GLY B 785 6.63 17.29 60.39
CA GLY B 785 7.89 17.91 60.75
C GLY B 785 7.93 18.22 62.22
N LEU B 786 9.05 18.80 62.66
CA LEU B 786 9.20 19.12 64.06
C LEU B 786 8.17 20.10 64.64
N ARG B 787 7.89 21.21 63.94
CA ARG B 787 6.91 22.18 64.46
C ARG B 787 5.52 21.57 64.56
N ALA B 788 5.22 20.66 63.64
CA ALA B 788 3.92 19.99 63.62
C ALA B 788 3.85 19.14 64.88
N LEU B 789 4.96 18.46 65.15
CA LEU B 789 5.10 17.60 66.31
C LEU B 789 5.07 18.37 67.63
N LYS B 790 5.66 19.57 67.63
CA LYS B 790 5.70 20.40 68.83
C LYS B 790 4.32 20.92 69.14
N SER B 791 3.49 21.05 68.12
CA SER B 791 2.13 21.52 68.31
C SER B 791 1.38 20.41 69.07
N VAL B 792 1.59 19.16 68.66
CA VAL B 792 0.97 18.01 69.30
C VAL B 792 1.19 17.94 70.82
N LEU B 793 2.45 18.09 71.21
CA LEU B 793 2.86 18.03 72.62
C LEU B 793 2.31 19.15 73.48
N VAL B 794 2.56 20.38 73.05
CA VAL B 794 2.10 21.53 73.81
C VAL B 794 0.58 21.43 73.97
N SER B 795 -0.06 20.85 72.97
CA SER B 795 -1.51 20.70 72.97
C SER B 795 -1.91 19.56 73.93
N ALA B 796 -1.15 18.47 73.82
CA ALA B 796 -1.34 17.29 74.66
C ALA B 796 -1.25 17.70 76.14
N GLY B 797 -0.26 18.53 76.45
CA GLY B 797 -0.10 18.99 77.82
C GLY B 797 -1.31 19.77 78.28
N GLY B 798 -2.04 20.35 77.34
CA GLY B 798 -3.21 21.11 77.71
C GLY B 798 -4.35 20.16 78.06
N ILE B 799 -4.58 19.21 77.16
CA ILE B 799 -5.62 18.25 77.37
C ILE B 799 -5.35 17.60 78.71
N LYS B 800 -4.10 17.27 78.95
CA LYS B 800 -3.68 16.62 80.19
C LYS B 800 -4.20 17.39 81.42
N ARG B 801 -3.97 18.70 81.45
CA ARG B 801 -4.42 19.50 82.57
C ARG B 801 -5.95 19.62 82.60
N LYS B 802 -6.63 18.65 81.99
CA LYS B 802 -8.10 18.60 82.00
C LYS B 802 -8.54 17.29 82.68
N CYS B 803 -7.89 16.96 83.81
CA CYS B 803 -8.18 15.78 84.62
C CYS B 803 -7.46 14.49 84.20
N ILE B 811 -3.73 2.18 96.40
CA ILE B 811 -2.46 1.46 96.46
C ILE B 811 -2.17 0.85 97.85
N THR B 812 -1.85 -0.44 97.91
CA THR B 812 -1.54 -1.10 99.18
C THR B 812 -0.30 -1.98 99.20
N ASP B 813 0.21 -2.34 98.03
CA ASP B 813 1.41 -3.15 97.92
C ASP B 813 2.13 -2.88 96.59
N ALA B 814 2.94 -3.82 96.14
CA ALA B 814 3.67 -3.66 94.89
C ALA B 814 2.78 -3.88 93.68
N GLU B 815 2.01 -4.96 93.69
CA GLU B 815 1.10 -5.27 92.59
C GLU B 815 0.14 -4.10 92.35
N SER B 816 -0.43 -3.58 93.43
CA SER B 816 -1.35 -2.47 93.29
C SER B 816 -0.58 -1.26 92.76
N LYS B 817 0.64 -1.07 93.24
CA LYS B 817 1.47 0.06 92.78
C LYS B 817 1.68 -0.09 91.28
N THR B 818 2.04 -1.28 90.82
CA THR B 818 2.24 -1.54 89.40
C THR B 818 0.95 -1.20 88.66
N LYS B 819 -0.17 -1.70 89.19
CA LYS B 819 -1.45 -1.43 88.57
C LYS B 819 -1.57 0.07 88.35
N ALA B 820 -1.56 0.84 89.45
CA ALA B 820 -1.67 2.30 89.37
C ALA B 820 -0.75 2.83 88.29
N ASP B 821 0.52 2.42 88.34
CA ASP B 821 1.52 2.83 87.36
C ASP B 821 1.09 2.42 85.93
N GLN B 822 0.97 1.11 85.72
CA GLN B 822 0.60 0.54 84.42
C GLN B 822 -0.78 0.99 83.93
N ILE B 823 -1.45 1.82 84.71
CA ILE B 823 -2.74 2.35 84.31
C ILE B 823 -2.52 3.85 84.04
N TYR B 824 -1.83 4.52 84.97
CA TYR B 824 -1.53 5.93 84.78
C TYR B 824 -0.75 6.11 83.48
N CYS B 825 0.32 5.34 83.31
CA CYS B 825 1.11 5.43 82.10
C CYS B 825 0.21 5.31 80.88
N GLN B 826 -0.83 4.50 80.99
CA GLN B 826 -1.75 4.38 79.87
C GLN B 826 -2.55 5.67 79.77
N TYR B 827 -2.82 6.30 80.91
CA TYR B 827 -3.55 7.58 80.95
C TYR B 827 -2.86 8.54 80.02
N GLU B 828 -1.56 8.69 80.24
CA GLU B 828 -0.76 9.59 79.45
C GLU B 828 -0.75 9.22 77.99
N ILE B 829 -0.60 7.94 77.69
CA ILE B 829 -0.58 7.51 76.28
C ILE B 829 -1.87 7.88 75.59
N GLY B 830 -2.93 7.99 76.36
CA GLY B 830 -4.23 8.31 75.81
C GLY B 830 -4.35 9.79 75.51
N VAL B 831 -3.75 10.59 76.38
CA VAL B 831 -3.77 12.05 76.22
C VAL B 831 -2.99 12.38 74.95
N LEU B 832 -1.84 11.72 74.76
CA LEU B 832 -1.05 11.97 73.56
C LEU B 832 -1.88 11.62 72.32
N LEU B 833 -2.46 10.44 72.31
CA LEU B 833 -3.28 10.03 71.17
C LEU B 833 -4.40 11.04 70.94
N ASN B 834 -4.90 11.61 72.03
CA ASN B 834 -5.97 12.59 71.97
C ASN B 834 -5.53 13.86 71.25
N SER B 835 -4.24 14.18 71.38
CA SER B 835 -3.73 15.37 70.72
C SER B 835 -3.49 14.97 69.27
N ILE B 836 -2.97 13.78 69.06
CA ILE B 836 -2.74 13.33 67.72
C ILE B 836 -4.09 13.27 66.99
N ASN B 837 -5.14 12.87 67.71
CA ASN B 837 -6.47 12.75 67.12
C ASN B 837 -7.15 14.09 66.81
N ASP B 838 -6.93 15.08 67.67
CA ASP B 838 -7.53 16.39 67.47
C ASP B 838 -6.98 17.15 66.27
N THR B 839 -5.67 17.07 66.05
CA THR B 839 -5.06 17.83 64.96
C THR B 839 -4.37 17.09 63.80
N MET B 840 -4.17 15.78 63.90
CA MET B 840 -3.51 15.08 62.81
C MET B 840 -4.47 14.28 61.94
N ILE B 841 -5.28 13.44 62.57
CA ILE B 841 -6.23 12.62 61.86
C ILE B 841 -7.17 13.45 61.00
N PRO B 842 -7.68 14.58 61.55
CA PRO B 842 -8.59 15.47 60.82
C PRO B 842 -8.24 15.73 59.35
N LYS B 843 -6.95 15.83 59.03
CA LYS B 843 -6.54 16.12 57.67
C LYS B 843 -6.12 14.91 56.82
N LEU B 844 -6.22 13.71 57.37
CA LEU B 844 -5.83 12.53 56.61
C LEU B 844 -6.94 12.17 55.64
N VAL B 845 -6.57 11.63 54.49
CA VAL B 845 -7.58 11.22 53.52
C VAL B 845 -8.06 9.86 53.98
N ALA B 846 -9.25 9.46 53.56
CA ALA B 846 -9.83 8.18 53.97
C ALA B 846 -8.94 6.93 53.99
N ASP B 847 -8.13 6.71 52.96
CA ASP B 847 -7.25 5.54 52.90
C ASP B 847 -6.09 5.55 53.87
N ASP B 848 -5.84 6.70 54.50
CA ASP B 848 -4.73 6.80 55.45
C ASP B 848 -5.16 6.53 56.90
N ILE B 849 -6.46 6.60 57.16
CA ILE B 849 -6.95 6.39 58.52
C ILE B 849 -6.68 4.98 59.00
N PRO B 850 -6.93 3.95 58.16
CA PRO B 850 -6.67 2.59 58.62
C PRO B 850 -5.18 2.35 58.81
N LEU B 851 -4.38 3.06 58.01
CA LEU B 851 -2.92 2.98 58.06
C LEU B 851 -2.32 3.69 59.27
N ILE B 852 -2.89 4.85 59.61
CA ILE B 852 -2.41 5.61 60.76
C ILE B 852 -2.66 4.79 62.01
N GLN B 853 -3.72 3.99 61.97
CA GLN B 853 -4.09 3.12 63.08
C GLN B 853 -3.26 1.84 63.10
N SER B 854 -2.96 1.29 61.93
CA SER B 854 -2.14 0.08 61.89
C SER B 854 -0.80 0.43 62.51
N LEU B 855 -0.33 1.65 62.25
CA LEU B 855 0.95 2.10 62.79
C LEU B 855 0.79 2.48 64.27
N LEU B 856 -0.31 3.13 64.61
CA LEU B 856 -0.55 3.53 65.99
C LEU B 856 -0.66 2.31 66.90
N LEU B 857 -0.96 1.17 66.32
CA LEU B 857 -1.09 -0.06 67.09
C LEU B 857 0.30 -0.40 67.59
N ASP B 858 1.24 -0.42 66.66
CA ASP B 858 2.62 -0.75 66.95
C ASP B 858 3.27 0.09 68.04
N VAL B 859 2.98 1.38 68.02
CA VAL B 859 3.58 2.29 68.99
C VAL B 859 2.83 2.35 70.32
N PHE B 860 1.52 2.16 70.26
CA PHE B 860 0.68 2.22 71.45
C PHE B 860 -0.31 1.06 71.57
N PRO B 861 0.20 -0.16 71.85
CA PRO B 861 -0.66 -1.32 71.98
C PRO B 861 -1.88 -0.96 72.82
N GLY B 862 -1.76 0.13 73.56
CA GLY B 862 -2.86 0.61 74.39
C GLY B 862 -3.83 1.50 73.61
N LEU B 865 -7.66 5.11 69.26
CA LEU B 865 -8.21 6.44 69.03
C LEU B 865 -9.68 6.50 69.46
N GLN B 866 -10.01 7.42 70.35
CA GLN B 866 -11.36 7.52 70.84
C GLN B 866 -12.08 8.69 70.15
N PRO B 867 -13.41 8.57 69.93
CA PRO B 867 -14.14 9.66 69.28
C PRO B 867 -13.87 10.92 70.09
N ILE B 868 -14.58 12.00 69.77
CA ILE B 868 -14.34 13.22 70.52
C ILE B 868 -15.47 13.52 71.49
N GLN B 869 -15.05 13.99 72.66
CA GLN B 869 -15.93 14.40 73.74
C GLN B 869 -16.67 15.64 73.27
N MET B 870 -17.99 15.53 73.10
CA MET B 870 -18.74 16.69 72.60
C MET B 870 -20.23 16.40 72.70
N ASP B 871 -20.59 15.65 73.74
CA ASP B 871 -21.98 15.24 73.99
C ASP B 871 -23.10 16.23 73.70
N GLN B 872 -22.87 17.50 73.97
CA GLN B 872 -23.89 18.51 73.72
C GLN B 872 -23.98 18.79 72.23
N LEU B 873 -22.86 19.17 71.63
CA LEU B 873 -22.81 19.47 70.20
C LEU B 873 -23.16 18.24 69.40
N ARG B 874 -22.52 17.12 69.72
CA ARG B 874 -22.78 15.88 69.01
C ARG B 874 -24.29 15.65 68.93
N LYS B 875 -25.02 16.14 69.91
CA LYS B 875 -26.46 15.96 69.94
C LYS B 875 -27.21 16.92 69.02
N LYS B 876 -27.05 18.21 69.28
CA LYS B 876 -27.72 19.27 68.52
C LYS B 876 -27.45 19.19 67.01
N ILE B 877 -26.35 18.53 66.64
CA ILE B 877 -25.98 18.38 65.24
C ILE B 877 -26.96 17.46 64.54
N GLN B 878 -27.05 16.21 64.97
CA GLN B 878 -27.99 15.28 64.34
C GLN B 878 -29.44 15.74 64.49
N GLU B 879 -29.70 16.64 65.43
CA GLU B 879 -31.04 17.16 65.61
C GLU B 879 -31.28 18.03 64.38
N ILE B 880 -30.24 18.78 64.02
CA ILE B 880 -30.23 19.67 62.86
C ILE B 880 -30.15 18.82 61.56
N ALA B 881 -29.29 17.80 61.58
CA ALA B 881 -29.12 16.92 60.44
C ALA B 881 -30.42 16.17 60.10
N LYS B 882 -31.27 15.95 61.09
CA LYS B 882 -32.54 15.24 60.88
C LYS B 882 -33.59 16.12 60.18
N GLN B 883 -33.62 17.41 60.52
CA GLN B 883 -34.56 18.34 59.88
C GLN B 883 -34.13 18.55 58.42
N ARG B 884 -32.85 18.30 58.16
CA ARG B 884 -32.31 18.46 56.81
C ARG B 884 -32.36 17.14 56.07
N HIS B 885 -33.03 16.16 56.66
CA HIS B 885 -33.18 14.84 56.04
C HIS B 885 -31.84 14.25 55.68
N LEU B 886 -30.86 14.47 56.56
CA LEU B 886 -29.51 13.99 56.34
C LEU B 886 -29.16 12.80 57.21
N VAL B 887 -28.64 11.75 56.58
CA VAL B 887 -28.25 10.57 57.34
C VAL B 887 -27.14 10.95 58.29
N THR B 888 -27.42 10.83 59.59
CA THR B 888 -26.44 11.13 60.60
C THR B 888 -25.58 9.87 60.82
N LYS B 889 -24.35 9.88 60.32
CA LYS B 889 -23.42 8.77 60.48
C LYS B 889 -22.30 9.21 61.43
N GLN B 890 -21.61 8.24 62.03
CA GLN B 890 -20.53 8.55 62.97
C GLN B 890 -19.56 9.46 62.22
N GLU B 891 -18.87 8.88 61.24
CA GLU B 891 -17.89 9.60 60.46
C GLU B 891 -18.36 10.96 59.97
N TRP B 892 -19.61 11.05 59.52
CA TRP B 892 -20.13 12.32 59.05
C TRP B 892 -20.21 13.33 60.19
N VAL B 893 -20.84 12.94 61.29
CA VAL B 893 -20.94 13.85 62.42
C VAL B 893 -19.56 14.12 63.02
N GLU B 894 -18.79 13.04 63.21
CA GLU B 894 -17.44 13.10 63.77
C GLU B 894 -16.59 14.15 63.08
N LYS B 895 -16.82 14.31 61.78
CA LYS B 895 -16.08 15.26 60.98
C LYS B 895 -16.49 16.67 61.34
N ILE B 896 -17.79 16.90 61.47
CA ILE B 896 -18.30 18.23 61.81
C ILE B 896 -17.75 18.65 63.17
N LEU B 897 -17.44 17.66 64.00
CA LEU B 897 -16.90 17.95 65.31
C LEU B 897 -15.42 18.26 65.16
N GLN B 898 -14.77 17.65 64.17
CA GLN B 898 -13.35 17.89 63.90
C GLN B 898 -13.20 19.35 63.49
N LEU B 899 -14.11 19.81 62.64
CA LEU B 899 -14.13 21.18 62.17
C LEU B 899 -14.20 22.15 63.38
N HIS B 900 -15.13 21.87 64.30
CA HIS B 900 -15.29 22.69 65.51
C HIS B 900 -13.97 22.79 66.25
N GLN B 901 -13.41 21.65 66.65
CA GLN B 901 -12.14 21.64 67.37
C GLN B 901 -11.04 22.42 66.70
N ILE B 902 -10.87 22.18 65.40
CA ILE B 902 -9.83 22.85 64.63
C ILE B 902 -10.06 24.36 64.47
N LEU B 903 -11.32 24.78 64.39
CA LEU B 903 -11.67 26.18 64.26
C LEU B 903 -11.39 26.87 65.59
N ASN B 904 -11.28 26.04 66.63
CA ASN B 904 -11.04 26.54 67.98
C ASN B 904 -9.57 26.85 68.27
N ILE B 905 -8.67 26.15 67.58
CA ILE B 905 -7.24 26.35 67.78
C ILE B 905 -6.61 27.18 66.66
N ASN B 906 -7.28 27.27 65.51
CA ASN B 906 -6.79 28.04 64.36
C ASN B 906 -7.86 29.00 63.88
N HIS B 907 -7.48 30.24 63.63
CA HIS B 907 -8.43 31.22 63.17
C HIS B 907 -8.58 31.19 61.65
N GLY B 908 -7.96 30.20 61.04
CA GLY B 908 -8.05 30.05 59.60
C GLY B 908 -8.09 28.57 59.29
N VAL B 909 -9.14 28.11 58.62
CA VAL B 909 -9.24 26.70 58.31
C VAL B 909 -9.61 26.37 56.87
N MET B 910 -8.95 25.37 56.29
CA MET B 910 -9.26 24.93 54.94
C MET B 910 -9.99 23.60 55.00
N MET B 911 -11.11 23.52 54.30
CA MET B 911 -11.94 22.32 54.23
C MET B 911 -11.74 21.82 52.82
N VAL B 912 -10.97 20.75 52.69
CA VAL B 912 -10.65 20.23 51.38
C VAL B 912 -11.16 18.84 51.14
N GLY B 913 -11.32 18.52 49.86
CA GLY B 913 -11.79 17.22 49.44
C GLY B 913 -12.46 17.27 48.09
N PRO B 914 -12.48 16.14 47.37
CA PRO B 914 -13.11 16.08 46.05
C PRO B 914 -14.56 16.52 46.11
N SER B 915 -15.07 17.13 45.04
CA SER B 915 -16.43 17.63 45.02
C SER B 915 -17.40 16.57 45.53
N GLY B 916 -18.51 17.02 46.11
CA GLY B 916 -19.49 16.11 46.67
C GLY B 916 -19.01 15.22 47.80
N GLY B 917 -18.47 15.80 48.86
CA GLY B 917 -17.97 15.01 49.96
C GLY B 917 -18.63 15.37 51.27
N GLY B 918 -19.40 16.46 51.27
CA GLY B 918 -20.08 16.89 52.48
C GLY B 918 -19.55 18.18 53.05
N LYS B 919 -18.55 18.76 52.40
CA LYS B 919 -17.94 20.02 52.86
C LYS B 919 -18.91 21.15 53.24
N THR B 920 -19.77 21.55 52.31
CA THR B 920 -20.70 22.65 52.57
C THR B 920 -21.76 22.28 53.62
N THR B 921 -22.47 21.18 53.37
CA THR B 921 -23.50 20.71 54.28
C THR B 921 -22.93 20.67 55.69
N SER B 922 -21.75 20.06 55.83
CA SER B 922 -21.13 19.96 57.14
C SER B 922 -20.97 21.30 57.87
N TRP B 923 -20.39 22.31 57.24
CA TRP B 923 -20.23 23.56 57.95
C TRP B 923 -21.53 24.34 58.12
N GLU B 924 -22.49 24.17 57.19
CA GLU B 924 -23.77 24.87 57.35
C GLU B 924 -24.44 24.29 58.60
N VAL B 925 -24.34 22.97 58.72
CA VAL B 925 -24.88 22.23 59.86
C VAL B 925 -24.23 22.73 61.13
N TYR B 926 -22.90 22.75 61.12
CA TYR B 926 -22.15 23.21 62.26
C TYR B 926 -22.53 24.62 62.67
N LEU B 927 -22.64 25.54 61.72
CA LEU B 927 -22.97 26.91 62.06
C LEU B 927 -24.23 27.07 62.88
N GLU B 928 -25.22 26.22 62.62
CA GLU B 928 -26.48 26.29 63.34
C GLU B 928 -26.39 25.64 64.70
N ALA B 929 -25.91 24.40 64.73
CA ALA B 929 -25.80 23.69 66.00
C ALA B 929 -25.07 24.58 67.02
N ILE B 930 -23.89 25.07 66.63
CA ILE B 930 -23.11 25.90 67.53
C ILE B 930 -23.82 27.24 67.80
N GLU B 931 -24.77 27.62 66.95
CA GLU B 931 -25.52 28.86 67.19
C GLU B 931 -26.51 28.53 68.30
N GLN B 932 -27.07 27.33 68.25
CA GLN B 932 -28.01 26.84 69.25
C GLN B 932 -27.25 26.80 70.57
N VAL B 933 -26.47 25.73 70.78
CA VAL B 933 -25.66 25.58 71.99
C VAL B 933 -25.40 26.89 72.75
N ASP B 934 -24.57 27.78 72.18
CA ASP B 934 -24.22 29.07 72.80
C ASP B 934 -25.28 30.15 72.62
N ASN B 935 -26.30 29.87 71.84
CA ASN B 935 -27.33 30.87 71.55
C ASN B 935 -26.68 32.20 71.15
N ILE B 936 -26.02 32.19 70.00
CA ILE B 936 -25.37 33.36 69.41
C ILE B 936 -25.56 33.26 67.90
N LYS B 937 -25.99 34.36 67.28
CA LYS B 937 -26.22 34.36 65.84
C LYS B 937 -24.97 34.03 65.04
N SER B 938 -25.06 33.03 64.17
CA SER B 938 -23.94 32.65 63.31
C SER B 938 -24.19 33.19 61.90
N GLU B 939 -23.36 34.10 61.45
CA GLU B 939 -23.53 34.70 60.14
C GLU B 939 -22.42 34.30 59.17
N ALA B 940 -22.80 33.65 58.07
CA ALA B 940 -21.82 33.22 57.07
C ALA B 940 -21.72 34.19 55.91
N HIS B 941 -20.49 34.60 55.59
CA HIS B 941 -20.24 35.51 54.48
C HIS B 941 -19.52 34.71 53.40
N VAL B 942 -20.29 34.18 52.46
CA VAL B 942 -19.76 33.34 51.39
C VAL B 942 -19.49 34.02 50.07
N MET B 943 -18.33 33.73 49.49
CA MET B 943 -17.92 34.32 48.23
C MET B 943 -16.93 33.42 47.49
N ASP B 944 -16.71 33.71 46.22
CA ASP B 944 -15.78 32.95 45.39
C ASP B 944 -14.61 33.88 45.06
N PRO B 945 -13.41 33.55 45.57
CA PRO B 945 -12.21 34.37 45.34
C PRO B 945 -11.83 34.56 43.88
N LYS B 946 -11.99 33.50 43.11
CA LYS B 946 -11.63 33.53 41.71
C LYS B 946 -12.73 34.00 40.78
N ALA B 947 -13.94 34.17 41.28
CA ALA B 947 -15.03 34.65 40.41
C ALA B 947 -14.80 36.11 40.08
N ILE B 948 -14.48 36.92 41.08
CA ILE B 948 -14.22 38.32 40.84
C ILE B 948 -12.72 38.51 40.74
N THR B 949 -12.27 39.65 40.23
CA THR B 949 -10.84 39.91 40.08
C THR B 949 -10.09 40.01 41.40
N LYS B 950 -8.78 39.81 41.35
CA LYS B 950 -7.95 39.86 42.55
C LYS B 950 -8.09 41.18 43.29
N ASP B 951 -8.38 42.25 42.56
CA ASP B 951 -8.56 43.57 43.17
C ASP B 951 -9.94 43.57 43.83
N GLN B 952 -10.98 43.52 43.01
CA GLN B 952 -12.36 43.50 43.49
C GLN B 952 -12.54 42.71 44.79
N LEU B 953 -11.63 41.77 45.04
CA LEU B 953 -11.69 40.97 46.26
C LEU B 953 -11.09 41.74 47.45
N PHE B 954 -9.92 42.34 47.24
CA PHE B 954 -9.25 43.08 48.31
C PHE B 954 -9.45 44.60 48.25
N GLY B 955 -9.41 45.12 47.03
CA GLY B 955 -9.58 46.55 46.82
C GLY B 955 -8.45 47.09 45.97
N SER B 956 -8.65 48.29 45.44
CA SER B 956 -7.63 48.94 44.62
C SER B 956 -7.43 50.38 45.04
N LEU B 957 -6.19 50.82 44.92
CA LEU B 957 -5.84 52.18 45.25
C LEU B 957 -5.72 52.95 43.93
N ASP B 958 -6.50 54.03 43.81
CA ASP B 958 -6.51 54.85 42.60
C ASP B 958 -5.12 55.38 42.30
N LEU B 959 -4.68 55.27 41.04
CA LEU B 959 -3.34 55.78 40.67
C LEU B 959 -3.27 57.31 40.77
N THR B 960 -4.26 57.99 40.18
CA THR B 960 -4.32 59.46 40.23
C THR B 960 -4.70 60.02 41.64
N THR B 961 -5.90 59.72 42.17
CA THR B 961 -6.28 60.26 43.50
C THR B 961 -5.65 59.59 44.73
N ARG B 962 -5.16 58.37 44.55
CA ARG B 962 -4.54 57.58 45.62
C ARG B 962 -5.62 57.10 46.58
N GLU B 963 -6.87 57.35 46.21
CA GLU B 963 -8.01 56.93 47.03
C GLU B 963 -8.09 55.40 47.06
N TRP B 964 -8.09 54.85 48.26
CA TRP B 964 -8.15 53.40 48.40
C TRP B 964 -9.58 52.90 48.50
N THR B 965 -9.97 52.01 47.59
CA THR B 965 -11.32 51.45 47.65
C THR B 965 -11.28 49.98 48.04
N ASP B 966 -12.19 49.58 48.91
CA ASP B 966 -12.25 48.22 49.43
C ASP B 966 -12.76 47.22 48.42
N GLY B 967 -12.36 45.96 48.63
CA GLY B 967 -12.81 44.86 47.79
C GLY B 967 -13.92 44.17 48.59
N LEU B 968 -14.47 43.10 48.03
CA LEU B 968 -15.55 42.37 48.70
C LEU B 968 -15.13 41.85 50.06
N PHE B 969 -14.02 41.13 50.09
CA PHE B 969 -13.52 40.55 51.33
C PHE B 969 -13.15 41.59 52.40
N THR B 970 -12.45 42.65 51.99
CA THR B 970 -12.01 43.67 52.93
C THR B 970 -13.17 44.50 53.44
N ALA B 971 -14.18 44.72 52.61
CA ALA B 971 -15.35 45.49 53.03
C ALA B 971 -16.09 44.66 54.08
N THR B 972 -16.26 43.38 53.81
CA THR B 972 -16.95 42.48 54.71
C THR B 972 -16.32 42.54 56.11
N LEU B 973 -15.00 42.38 56.17
CA LEU B 973 -14.31 42.39 57.43
C LEU B 973 -14.39 43.73 58.17
N ARG B 974 -14.09 44.83 57.47
CA ARG B 974 -14.14 46.18 58.06
C ARG B 974 -15.51 46.47 58.68
N ARG B 975 -16.56 45.90 58.09
CA ARG B 975 -17.91 46.10 58.57
C ARG B 975 -18.12 45.34 59.89
N ILE B 976 -17.42 44.22 60.06
CA ILE B 976 -17.55 43.45 61.29
C ILE B 976 -16.65 44.09 62.34
N ILE B 977 -15.68 44.89 61.89
CA ILE B 977 -14.78 45.54 62.79
C ILE B 977 -15.37 46.84 63.36
N ASP B 978 -16.20 47.54 62.60
CA ASP B 978 -16.80 48.77 63.10
C ASP B 978 -18.21 48.57 63.67
N ASN B 979 -18.65 47.31 63.74
CA ASN B 979 -19.98 47.00 64.25
C ASN B 979 -21.03 47.86 63.51
N VAL B 980 -20.70 48.23 62.28
CA VAL B 980 -21.55 49.04 61.42
C VAL B 980 -23.06 48.89 61.68
N ARG B 981 -23.53 47.65 61.86
CA ARG B 981 -24.93 47.43 62.15
C ARG B 981 -25.20 46.17 62.99
N GLY B 982 -24.44 45.97 64.06
CA GLY B 982 -24.71 44.82 64.92
C GLY B 982 -23.89 43.55 64.79
N GLU B 983 -22.71 43.66 64.19
CA GLU B 983 -21.83 42.52 64.00
C GLU B 983 -21.28 42.00 65.31
N SER B 984 -21.00 42.91 66.25
CA SER B 984 -20.44 42.56 67.54
C SER B 984 -21.23 41.50 68.31
N THR B 985 -22.54 41.57 68.21
CA THR B 985 -23.42 40.64 68.89
C THR B 985 -23.43 39.27 68.21
N LYS B 986 -22.72 39.15 67.09
CA LYS B 986 -22.68 37.89 66.33
C LYS B 986 -21.30 37.28 66.13
N ARG B 987 -21.29 36.09 65.52
CA ARG B 987 -20.07 35.33 65.20
C ARG B 987 -20.03 35.13 63.69
N HIS B 988 -18.93 35.50 63.07
CA HIS B 988 -18.83 35.40 61.63
C HIS B 988 -17.85 34.37 61.08
N TRP B 989 -18.09 33.98 59.84
CA TRP B 989 -17.25 33.03 59.14
C TRP B 989 -17.19 33.53 57.71
N ILE B 990 -16.12 34.24 57.39
CA ILE B 990 -15.93 34.75 56.04
C ILE B 990 -15.43 33.57 55.22
N ILE B 991 -16.24 33.10 54.27
CA ILE B 991 -15.87 31.92 53.47
C ILE B 991 -15.55 32.11 51.98
N PHE B 992 -14.37 31.64 51.60
CA PHE B 992 -13.93 31.69 50.22
C PHE B 992 -14.26 30.33 49.61
N ASP B 993 -15.39 30.23 48.93
CA ASP B 993 -15.80 28.97 48.32
C ASP B 993 -15.40 29.00 46.83
N GLY B 994 -14.14 28.70 46.55
CA GLY B 994 -13.64 28.70 45.19
C GLY B 994 -12.18 28.32 45.14
N ASP B 995 -11.66 28.07 43.94
CA ASP B 995 -10.26 27.67 43.80
C ASP B 995 -9.31 28.51 44.63
N VAL B 996 -8.24 27.88 45.10
CA VAL B 996 -7.22 28.56 45.87
C VAL B 996 -6.00 28.66 44.98
N ASP B 997 -5.18 29.66 45.22
CA ASP B 997 -3.95 29.79 44.47
C ASP B 997 -3.08 30.76 45.26
N PRO B 998 -1.76 30.58 45.16
CA PRO B 998 -0.75 31.38 45.86
C PRO B 998 -0.85 32.88 45.73
N GLU B 999 -1.33 33.35 44.58
CA GLU B 999 -1.47 34.77 44.32
C GLU B 999 -2.47 35.48 45.26
N TRP B 1000 -3.77 35.35 45.03
CA TRP B 1000 -4.72 36.03 45.91
C TRP B 1000 -4.55 35.71 47.39
N VAL B 1001 -4.21 34.47 47.70
CA VAL B 1001 -4.06 34.09 49.08
C VAL B 1001 -2.96 34.82 49.83
N GLU B 1002 -1.94 35.31 49.11
CA GLU B 1002 -0.83 36.03 49.76
C GLU B 1002 -1.37 37.14 50.67
N ASN B 1003 -2.20 38.01 50.10
CA ASN B 1003 -2.82 39.11 50.83
C ASN B 1003 -3.28 38.76 52.26
N LEU B 1004 -3.77 37.54 52.45
CA LEU B 1004 -4.25 37.10 53.74
C LEU B 1004 -3.17 36.45 54.58
N ASN B 1005 -1.95 36.41 54.09
CA ASN B 1005 -0.88 35.75 54.84
C ASN B 1005 -0.59 36.26 56.25
N SER B 1006 -0.51 37.57 56.43
CA SER B 1006 -0.22 38.10 57.76
C SER B 1006 -1.47 38.28 58.62
N LEU B 1007 -2.58 37.73 58.16
CA LEU B 1007 -3.84 37.82 58.89
C LEU B 1007 -4.29 36.42 59.32
N LEU B 1008 -3.76 35.40 58.66
CA LEU B 1008 -4.10 34.04 59.01
C LEU B 1008 -3.05 33.48 59.97
N ASP B 1009 -1.96 34.22 60.15
CA ASP B 1009 -0.87 33.81 61.05
C ASP B 1009 -0.87 34.45 62.44
N ASP B 1010 0.27 34.36 63.12
CA ASP B 1010 0.43 34.91 64.47
C ASP B 1010 -0.33 36.22 64.70
N ASN B 1011 0.00 37.25 63.92
CA ASN B 1011 -0.64 38.57 64.01
C ASN B 1011 -1.95 38.56 63.24
N LYS B 1012 -3.08 38.55 63.94
CA LYS B 1012 -4.35 38.54 63.25
C LYS B 1012 -4.51 39.94 62.65
N LEU B 1013 -3.72 40.24 61.63
CA LEU B 1013 -3.73 41.58 61.04
C LEU B 1013 -3.53 41.67 59.53
N LEU B 1014 -4.44 42.39 58.87
CA LEU B 1014 -4.36 42.61 57.44
C LEU B 1014 -3.90 44.06 57.24
N THR B 1015 -2.95 44.27 56.33
CA THR B 1015 -2.50 45.63 56.05
C THR B 1015 -2.76 45.95 54.58
N LEU B 1016 -3.50 47.03 54.36
CA LEU B 1016 -3.88 47.44 53.01
C LEU B 1016 -2.80 48.31 52.35
N PRO B 1017 -2.68 48.22 51.01
CA PRO B 1017 -1.71 48.98 50.23
C PRO B 1017 -1.60 50.46 50.65
N ASN B 1018 -2.44 50.89 51.59
CA ASN B 1018 -2.42 52.27 52.03
C ASN B 1018 -2.14 52.35 53.53
N GLY B 1019 -1.50 51.31 54.06
CA GLY B 1019 -1.16 51.26 55.47
C GLY B 1019 -2.38 51.29 56.36
N GLU B 1020 -3.48 50.84 55.80
CA GLU B 1020 -4.74 50.82 56.52
C GLU B 1020 -4.61 50.07 57.83
N ARG B 1021 -4.04 48.86 57.76
CA ARG B 1021 -3.84 47.99 58.95
C ARG B 1021 -5.13 47.57 59.67
N LEU B 1022 -5.74 46.49 59.19
CA LEU B 1022 -6.98 46.00 59.78
C LEU B 1022 -6.80 44.75 60.65
N ALA B 1023 -7.03 44.90 61.95
CA ALA B 1023 -6.89 43.77 62.86
C ALA B 1023 -8.04 42.78 62.65
N LEU B 1024 -7.83 41.54 63.06
CA LEU B 1024 -8.83 40.47 62.95
C LEU B 1024 -9.44 40.19 64.31
N PRO B 1025 -10.66 40.69 64.55
CA PRO B 1025 -11.38 40.52 65.82
C PRO B 1025 -11.52 39.04 66.15
N ASN B 1026 -11.87 38.74 67.40
CA ASN B 1026 -12.01 37.37 67.84
C ASN B 1026 -13.37 36.74 67.56
N ASN B 1027 -14.19 37.45 66.79
CA ASN B 1027 -15.54 37.00 66.43
C ASN B 1027 -15.61 36.63 64.95
N VAL B 1028 -14.43 36.54 64.33
CA VAL B 1028 -14.29 36.19 62.93
C VAL B 1028 -13.33 35.00 62.79
N ARG B 1029 -13.62 34.13 61.82
CA ARG B 1029 -12.80 32.97 61.50
C ARG B 1029 -12.80 32.95 59.98
N VAL B 1030 -11.65 32.84 59.34
CA VAL B 1030 -11.62 32.79 57.88
C VAL B 1030 -11.59 31.34 57.42
N MET B 1031 -12.43 30.99 56.46
CA MET B 1031 -12.45 29.61 55.99
C MET B 1031 -12.28 29.49 54.49
N PHE B 1032 -11.92 28.29 54.07
CA PHE B 1032 -11.68 27.97 52.68
C PHE B 1032 -12.43 26.69 52.36
N GLU B 1033 -13.30 26.72 51.36
CA GLU B 1033 -13.96 25.47 50.95
C GLU B 1033 -13.45 25.21 49.56
N VAL B 1034 -12.35 24.48 49.50
CA VAL B 1034 -11.76 24.18 48.21
C VAL B 1034 -11.75 22.68 47.98
N GLN B 1035 -11.63 22.29 46.71
CA GLN B 1035 -11.63 20.89 46.30
C GLN B 1035 -10.23 20.23 46.31
N ASP B 1036 -9.19 21.03 46.16
CA ASP B 1036 -7.86 20.49 46.16
C ASP B 1036 -6.85 21.62 46.32
N LEU B 1037 -5.63 21.28 46.68
CA LEU B 1037 -4.61 22.28 46.88
C LEU B 1037 -3.53 22.19 45.81
N LYS B 1038 -3.91 21.76 44.62
CA LYS B 1038 -2.94 21.60 43.53
C LYS B 1038 -1.96 22.75 43.29
N TYR B 1039 -2.44 23.99 43.21
CA TYR B 1039 -1.54 25.10 42.95
C TYR B 1039 -1.29 25.89 44.22
N ALA B 1040 -1.64 25.31 45.36
CA ALA B 1040 -1.47 25.97 46.64
C ALA B 1040 -0.07 25.80 47.20
N THR B 1041 0.50 26.90 47.65
CA THR B 1041 1.84 26.86 48.22
C THR B 1041 1.86 26.44 49.67
N LEU B 1042 3.03 25.95 50.09
CA LEU B 1042 3.20 25.53 51.46
C LEU B 1042 3.03 26.75 52.34
N ALA B 1043 3.54 27.88 51.88
CA ALA B 1043 3.40 29.10 52.65
C ALA B 1043 1.90 29.49 52.79
N THR B 1044 1.04 28.97 51.92
CA THR B 1044 -0.39 29.30 52.01
C THR B 1044 -1.21 28.16 52.62
N ILE B 1045 -0.53 27.19 53.26
CA ILE B 1045 -1.19 26.04 53.91
C ILE B 1045 -0.70 25.88 55.36
N SER B 1046 0.52 26.33 55.61
CA SER B 1046 1.15 26.21 56.91
C SER B 1046 0.46 26.96 58.04
N ARG B 1047 -0.33 27.97 57.71
CA ARG B 1047 -1.02 28.76 58.73
C ARG B 1047 -2.52 28.61 58.68
N CYS B 1048 -2.99 27.38 58.50
CA CYS B 1048 -4.40 27.13 58.45
C CYS B 1048 -4.72 25.80 59.10
N GLY B 1049 -5.86 25.72 59.77
CA GLY B 1049 -6.26 24.46 60.38
C GLY B 1049 -6.61 23.62 59.18
N MET B 1050 -6.84 22.33 59.35
CA MET B 1050 -7.13 21.52 58.19
C MET B 1050 -7.99 20.30 58.45
N VAL B 1051 -9.10 20.22 57.73
CA VAL B 1051 -10.03 19.10 57.83
C VAL B 1051 -10.22 18.62 56.42
N TRP B 1052 -10.07 17.32 56.20
CA TRP B 1052 -10.24 16.77 54.87
C TRP B 1052 -11.50 15.96 54.78
N PHE B 1053 -12.27 16.22 53.73
CA PHE B 1053 -13.51 15.49 53.53
C PHE B 1053 -13.41 14.60 52.33
N SER B 1054 -12.96 13.38 52.55
CA SER B 1054 -12.85 12.47 51.44
C SER B 1054 -14.29 12.09 51.05
N GLU B 1055 -14.47 11.75 49.78
CA GLU B 1055 -15.77 11.38 49.27
C GLU B 1055 -16.32 10.15 49.97
N GLU B 1056 -15.41 9.24 50.30
CA GLU B 1056 -15.74 7.97 50.92
C GLU B 1056 -16.70 8.02 52.11
N ILE B 1057 -16.64 9.06 52.93
CA ILE B 1057 -17.56 9.09 54.06
C ILE B 1057 -19.02 9.00 53.61
N LEU B 1058 -19.43 9.90 52.72
CA LEU B 1058 -20.82 9.87 52.22
C LEU B 1058 -21.03 8.65 51.35
N THR B 1059 -21.54 7.57 51.94
CA THR B 1059 -21.82 6.35 51.19
C THR B 1059 -22.97 6.70 50.24
N THR B 1060 -22.99 6.09 49.06
CA THR B 1060 -24.07 6.39 48.12
C THR B 1060 -25.41 6.33 48.84
N GLN B 1061 -25.51 5.37 49.77
CA GLN B 1061 -26.71 5.18 50.54
C GLN B 1061 -27.24 6.47 51.14
N MET B 1062 -26.37 7.27 51.76
CA MET B 1062 -26.85 8.53 52.33
C MET B 1062 -27.50 9.40 51.25
N ILE B 1063 -26.80 9.61 50.13
CA ILE B 1063 -27.34 10.43 49.03
C ILE B 1063 -28.73 9.93 48.62
N PHE B 1064 -28.83 8.61 48.38
CA PHE B 1064 -30.09 7.98 48.00
C PHE B 1064 -31.16 8.23 49.05
N GLN B 1065 -30.84 7.91 50.30
CA GLN B 1065 -31.79 8.10 51.39
C GLN B 1065 -32.27 9.52 51.37
N ASN B 1066 -31.34 10.46 51.47
CA ASN B 1066 -31.67 11.88 51.48
C ASN B 1066 -32.68 12.23 50.38
N TYR B 1067 -32.36 11.81 49.16
CA TYR B 1067 -33.24 12.06 48.00
C TYR B 1067 -34.61 11.51 48.37
N LEU B 1068 -34.72 10.19 48.47
CA LEU B 1068 -35.98 9.56 48.80
C LEU B 1068 -36.71 10.39 49.82
N ASP B 1069 -36.05 10.67 50.94
CA ASP B 1069 -36.67 11.49 51.98
C ASP B 1069 -37.25 12.77 51.38
N THR B 1070 -36.46 13.85 51.38
CA THR B 1070 -36.87 15.14 50.84
C THR B 1070 -37.99 15.05 49.81
N LEU B 1071 -37.91 14.05 48.93
CA LEU B 1071 -38.92 13.85 47.89
C LEU B 1071 -40.30 13.72 48.52
N SER B 1072 -40.44 12.73 49.39
CA SER B 1072 -41.73 12.49 50.04
C SER B 1072 -42.14 13.54 51.10
N ASN B 1073 -41.27 14.47 51.49
CA ASN B 1073 -41.65 15.46 52.48
C ASN B 1073 -41.62 16.92 52.04
N GLU B 1074 -41.12 17.17 50.84
CA GLU B 1074 -41.04 18.54 50.32
C GLU B 1074 -41.71 18.70 48.95
N PRO B 1075 -42.79 19.52 48.90
CA PRO B 1075 -43.59 19.84 47.72
C PRO B 1075 -42.72 20.37 46.59
N PHE B 1076 -42.78 19.74 45.42
CA PHE B 1076 -41.99 20.25 44.30
C PHE B 1076 -42.42 21.71 44.20
N ASP B 1077 -43.72 21.92 44.38
CA ASP B 1077 -44.30 23.25 44.35
C ASP B 1077 -44.39 23.74 45.80
N PRO B 1078 -43.65 24.81 46.13
CA PRO B 1078 -43.65 25.34 47.49
C PRO B 1078 -45.05 25.76 47.96
N GLN B 1079 -45.88 26.20 47.00
CA GLN B 1079 -47.24 26.63 47.27
C GLN B 1079 -48.06 25.56 47.98
N GLU B 1080 -47.38 24.62 48.63
CA GLU B 1080 -47.99 23.52 49.38
C GLU B 1080 -47.35 23.29 50.76
N ALA B 1127 -51.84 17.56 50.41
CA ALA B 1127 -51.56 18.40 49.24
C ALA B 1127 -51.21 17.58 47.97
N GLY B 1128 -50.76 18.26 46.92
CA GLY B 1128 -50.37 17.60 45.67
C GLY B 1128 -49.23 16.64 45.96
N LEU B 1129 -48.41 17.04 46.94
CA LEU B 1129 -47.27 16.24 47.39
C LEU B 1129 -47.75 14.80 47.56
N LYS B 1130 -49.06 14.65 47.64
CA LYS B 1130 -49.70 13.35 47.81
C LYS B 1130 -49.02 12.30 46.93
N VAL B 1131 -48.76 12.66 45.68
CA VAL B 1131 -48.16 11.70 44.76
C VAL B 1131 -46.67 11.48 45.02
N GLN B 1132 -45.97 12.54 45.38
CA GLN B 1132 -44.53 12.46 45.65
C GLN B 1132 -44.34 11.32 46.63
N LYS B 1133 -44.97 11.47 47.81
CA LYS B 1133 -44.87 10.47 48.87
C LYS B 1133 -45.27 9.12 48.28
N GLU B 1134 -46.47 9.05 47.74
CA GLU B 1134 -46.91 7.80 47.16
C GLU B 1134 -45.82 7.23 46.25
N CYS B 1135 -45.39 8.02 45.28
CA CYS B 1135 -44.37 7.59 44.34
C CYS B 1135 -43.07 7.10 44.97
N ALA B 1136 -42.53 7.86 45.91
CA ALA B 1136 -41.29 7.44 46.58
C ALA B 1136 -41.46 5.98 46.97
N ALA B 1137 -42.55 5.70 47.67
CA ALA B 1137 -42.85 4.34 48.10
C ALA B 1137 -42.68 3.42 46.92
N ILE B 1138 -43.22 3.85 45.78
CA ILE B 1138 -43.17 3.06 44.56
C ILE B 1138 -41.76 2.71 44.08
N ILE B 1139 -40.81 3.63 44.20
CA ILE B 1139 -39.44 3.36 43.76
C ILE B 1139 -38.46 3.17 44.93
N SER B 1140 -39.01 3.05 46.14
CA SER B 1140 -38.18 2.85 47.34
C SER B 1140 -37.37 1.56 47.36
N GLN B 1141 -38.05 0.44 47.19
CA GLN B 1141 -37.39 -0.86 47.22
C GLN B 1141 -36.20 -1.01 46.27
N TYR B 1142 -36.15 -0.23 45.19
CA TYR B 1142 -35.03 -0.35 44.26
C TYR B 1142 -33.75 0.36 44.76
N PHE B 1143 -33.95 1.34 45.65
CA PHE B 1143 -32.85 2.13 46.24
C PHE B 1143 -32.21 1.55 47.50
N GLU B 1144 -32.26 0.24 47.70
CA GLU B 1144 -31.69 -0.37 48.91
C GLU B 1144 -30.38 -1.14 48.69
N PRO B 1145 -29.60 -1.38 49.76
CA PRO B 1145 -28.32 -2.10 49.60
C PRO B 1145 -28.39 -3.30 48.64
N GLY B 1146 -27.53 -3.30 47.62
CA GLY B 1146 -27.51 -4.37 46.63
C GLY B 1146 -28.68 -4.26 45.64
N GLY B 1147 -29.38 -3.13 45.71
CA GLY B 1147 -30.54 -2.88 44.87
C GLY B 1147 -30.33 -2.48 43.42
N LEU B 1148 -31.43 -2.23 42.73
CA LEU B 1148 -31.38 -1.86 41.32
C LEU B 1148 -30.47 -0.67 41.08
N VAL B 1149 -30.93 0.53 41.46
CA VAL B 1149 -30.13 1.75 41.26
C VAL B 1149 -28.64 1.51 41.50
N HIS B 1150 -28.31 0.85 42.62
CA HIS B 1150 -26.92 0.54 42.96
C HIS B 1150 -26.19 -0.32 41.93
N LYS B 1151 -26.84 -1.38 41.45
CA LYS B 1151 -26.23 -2.28 40.46
C LYS B 1151 -26.14 -1.69 39.04
N VAL B 1152 -27.04 -0.76 38.73
CA VAL B 1152 -27.06 -0.12 37.43
C VAL B 1152 -26.12 1.07 37.42
N LEU B 1153 -26.01 1.75 38.55
CA LEU B 1153 -25.13 2.91 38.71
C LEU B 1153 -23.69 2.46 38.65
N GLU B 1154 -23.36 1.41 39.39
CA GLU B 1154 -22.00 0.95 39.39
C GLU B 1154 -21.63 0.62 37.96
N ASP B 1155 -22.52 -0.10 37.27
CA ASP B 1155 -22.27 -0.49 35.88
C ASP B 1155 -21.94 0.74 35.03
N ALA B 1156 -22.78 1.76 35.15
CA ALA B 1156 -22.62 3.02 34.44
C ALA B 1156 -21.23 3.60 34.70
N GLY B 1157 -20.84 3.61 35.98
CA GLY B 1157 -19.54 4.15 36.34
C GLY B 1157 -18.37 3.34 35.83
N GLN B 1158 -18.65 2.30 35.05
CA GLN B 1158 -17.60 1.46 34.50
C GLN B 1158 -17.42 1.61 33.00
N ARG B 1159 -18.34 2.32 32.35
CA ARG B 1159 -18.28 2.56 30.91
C ARG B 1159 -17.64 3.93 30.68
N PRO B 1160 -17.17 4.22 29.46
CA PRO B 1160 -16.57 5.53 29.27
C PRO B 1160 -17.63 6.64 29.12
N HIS B 1161 -17.22 7.90 29.33
CA HIS B 1161 -18.10 9.05 29.22
C HIS B 1161 -17.35 10.17 28.50
N ILE B 1162 -18.06 11.08 27.82
CA ILE B 1162 -17.41 12.18 27.09
C ILE B 1162 -16.69 13.13 28.01
N MET B 1163 -17.19 13.26 29.23
CA MET B 1163 -16.56 14.13 30.22
C MET B 1163 -16.43 13.23 31.43
N ASP B 1164 -15.60 13.61 32.39
CA ASP B 1164 -15.42 12.78 33.56
C ASP B 1164 -16.73 12.31 34.20
N PHE B 1165 -16.66 11.18 34.87
CA PHE B 1165 -17.81 10.62 35.53
C PHE B 1165 -17.69 10.95 37.01
N THR B 1166 -18.70 11.62 37.55
CA THR B 1166 -18.68 11.91 38.97
C THR B 1166 -20.04 11.46 39.47
N ARG B 1167 -20.04 10.81 40.63
CA ARG B 1167 -21.24 10.27 41.24
C ARG B 1167 -22.43 11.20 41.30
N LEU B 1168 -22.21 12.43 41.74
CA LEU B 1168 -23.29 13.39 41.84
C LEU B 1168 -23.78 13.95 40.51
N ARG B 1169 -22.93 13.97 39.50
CA ARG B 1169 -23.35 14.48 38.20
C ARG B 1169 -24.44 13.59 37.57
N VAL B 1170 -24.23 12.29 37.58
CA VAL B 1170 -25.21 11.38 37.01
C VAL B 1170 -26.44 11.20 37.89
N LEU B 1171 -26.27 11.21 39.21
CA LEU B 1171 -27.43 11.08 40.08
C LEU B 1171 -28.34 12.31 39.95
N ASN B 1172 -27.77 13.48 39.78
CA ASN B 1172 -28.60 14.65 39.58
C ASN B 1172 -29.34 14.54 38.25
N SER B 1173 -28.61 14.16 37.19
CA SER B 1173 -29.25 14.00 35.89
C SER B 1173 -30.39 13.00 36.03
N PHE B 1174 -30.13 11.95 36.79
CA PHE B 1174 -31.11 10.90 37.03
C PHE B 1174 -32.21 11.33 37.99
N PHE B 1175 -31.87 12.05 39.06
CA PHE B 1175 -32.91 12.47 39.98
C PHE B 1175 -33.89 13.35 39.23
N SER B 1176 -33.36 14.32 38.48
CA SER B 1176 -34.15 15.27 37.72
C SER B 1176 -35.16 14.67 36.76
N LEU B 1177 -34.82 13.50 36.23
CA LEU B 1177 -35.70 12.79 35.34
C LEU B 1177 -36.77 12.16 36.24
N MET B 1178 -36.37 11.26 37.15
CA MET B 1178 -37.33 10.62 38.07
C MET B 1178 -38.36 11.64 38.55
N ASN B 1179 -37.87 12.78 39.04
CA ASN B 1179 -38.76 13.80 39.51
C ASN B 1179 -39.71 14.12 38.38
N ARG B 1180 -39.16 14.59 37.26
CA ARG B 1180 -40.02 14.93 36.12
C ARG B 1180 -41.09 13.87 35.94
N SER B 1181 -40.70 12.59 36.03
CA SER B 1181 -41.65 11.48 35.89
C SER B 1181 -42.88 11.75 36.76
N ILE B 1182 -42.65 11.80 38.06
CA ILE B 1182 -43.69 12.05 39.06
C ILE B 1182 -44.48 13.32 38.74
N VAL B 1183 -43.84 14.30 38.13
CA VAL B 1183 -44.53 15.54 37.79
C VAL B 1183 -45.56 15.32 36.69
N ASN B 1184 -45.33 14.31 35.85
CA ASN B 1184 -46.26 14.03 34.77
C ASN B 1184 -47.52 13.38 35.32
N VAL B 1185 -47.40 12.83 36.53
CA VAL B 1185 -48.54 12.21 37.20
C VAL B 1185 -49.34 13.39 37.80
N ILE B 1186 -48.68 14.19 38.65
CA ILE B 1186 -49.33 15.35 39.23
C ILE B 1186 -50.04 16.11 38.11
N GLU B 1187 -49.28 16.41 37.05
CA GLU B 1187 -49.81 17.15 35.91
C GLU B 1187 -50.98 16.44 35.23
N TYR B 1188 -50.79 15.15 34.92
CA TYR B 1188 -51.82 14.32 34.28
C TYR B 1188 -53.16 14.46 35.01
N ASN B 1189 -53.20 13.96 36.25
CA ASN B 1189 -54.40 14.03 37.08
C ASN B 1189 -54.98 15.44 36.98
N GLN B 1190 -54.14 16.41 37.30
CA GLN B 1190 -54.48 17.84 37.25
C GLN B 1190 -55.38 18.21 36.07
N LEU B 1191 -55.32 17.39 35.01
CA LEU B 1191 -56.13 17.55 33.81
C LEU B 1191 -57.24 16.52 33.96
N HIS B 1192 -56.92 15.26 33.66
CA HIS B 1192 -57.88 14.14 33.77
C HIS B 1192 -58.48 13.96 35.18
N SER B 1193 -58.53 15.07 35.93
CA SER B 1193 -59.08 15.10 37.29
C SER B 1193 -60.33 14.21 37.29
N ASP B 1194 -61.05 14.27 36.17
CA ASP B 1194 -62.24 13.48 35.95
C ASP B 1194 -62.10 12.09 36.60
N PHE B 1195 -61.03 11.37 36.24
CA PHE B 1195 -60.80 10.04 36.81
C PHE B 1195 -59.31 9.73 36.92
N PRO B 1196 -58.65 10.26 37.97
CA PRO B 1196 -57.22 10.10 38.29
C PRO B 1196 -56.53 8.76 37.94
N MET B 1197 -55.21 8.73 38.04
CA MET B 1197 -54.46 7.53 37.71
C MET B 1197 -54.64 6.36 38.68
N SER B 1198 -54.86 5.20 38.10
CA SER B 1198 -55.07 3.97 38.82
C SER B 1198 -53.82 3.51 39.55
N PRO B 1199 -53.98 2.97 40.77
CA PRO B 1199 -52.81 2.49 41.52
C PRO B 1199 -52.02 1.62 40.57
N GLU B 1200 -52.76 0.82 39.79
CA GLU B 1200 -52.13 -0.07 38.83
C GLU B 1200 -51.09 0.71 38.05
N ASN B 1201 -51.50 1.85 37.49
CA ASN B 1201 -50.62 2.69 36.67
C ASN B 1201 -49.52 3.48 37.40
N GLN B 1202 -49.91 4.32 38.36
CA GLN B 1202 -48.93 5.13 39.12
C GLN B 1202 -47.78 4.28 39.67
N SER B 1203 -47.76 2.99 39.32
CA SER B 1203 -46.70 2.07 39.77
C SER B 1203 -45.95 1.54 38.54
N ASN B 1204 -46.66 0.89 37.62
CA ASN B 1204 -46.02 0.38 36.40
C ASN B 1204 -45.30 1.57 35.78
N TYR B 1205 -46.07 2.61 35.49
CA TYR B 1205 -45.55 3.85 34.92
C TYR B 1205 -44.33 4.40 35.66
N ILE B 1206 -44.47 4.64 36.96
CA ILE B 1206 -43.37 5.13 37.77
C ILE B 1206 -42.20 4.13 37.76
N THR B 1207 -42.49 2.86 37.99
CA THR B 1207 -41.42 1.87 38.01
C THR B 1207 -40.73 1.72 36.64
N ASN B 1208 -41.44 2.12 35.60
CA ASN B 1208 -40.90 2.08 34.25
C ASN B 1208 -40.09 3.36 34.10
N ARG B 1209 -40.68 4.45 34.56
CA ARG B 1209 -40.01 5.75 34.50
C ARG B 1209 -38.74 5.69 35.35
N LEU B 1210 -38.65 4.75 36.29
CA LEU B 1210 -37.42 4.66 37.06
C LEU B 1210 -36.35 4.07 36.11
N LEU B 1211 -36.63 2.89 35.57
CA LEU B 1211 -35.70 2.23 34.66
C LEU B 1211 -35.35 3.11 33.47
N TYR B 1212 -36.34 3.86 32.98
CA TYR B 1212 -36.13 4.78 31.86
C TYR B 1212 -35.16 5.83 32.36
N SER B 1213 -35.47 6.40 33.53
CA SER B 1213 -34.65 7.43 34.16
C SER B 1213 -33.19 7.01 34.43
N LEU B 1214 -32.96 5.73 34.70
CA LEU B 1214 -31.60 5.30 34.95
C LEU B 1214 -30.77 5.35 33.67
N MET B 1215 -31.34 4.93 32.54
CA MET B 1215 -30.57 4.96 31.30
C MET B 1215 -30.29 6.35 30.74
N TRP B 1216 -31.18 7.31 30.94
CA TRP B 1216 -30.92 8.65 30.43
C TRP B 1216 -30.23 9.55 31.43
N GLY B 1217 -30.45 9.30 32.72
CA GLY B 1217 -29.81 10.09 33.76
C GLY B 1217 -28.33 9.74 33.88
N LEU B 1218 -27.98 8.49 33.60
CA LEU B 1218 -26.58 8.04 33.69
C LEU B 1218 -25.96 7.74 32.34
N GLY B 1219 -26.79 7.45 31.33
CA GLY B 1219 -26.24 7.15 30.01
C GLY B 1219 -26.16 8.33 29.07
N GLY B 1220 -26.76 9.44 29.47
CA GLY B 1220 -26.74 10.61 28.62
C GLY B 1220 -25.35 11.01 28.24
N SER B 1221 -24.42 10.85 29.17
CA SER B 1221 -23.04 11.23 28.93
C SER B 1221 -22.18 10.12 28.34
N MET B 1222 -22.83 9.15 27.70
CA MET B 1222 -22.14 8.02 27.06
C MET B 1222 -22.24 8.06 25.55
N GLY B 1223 -21.31 7.36 24.89
CA GLY B 1223 -21.31 7.32 23.44
C GLY B 1223 -22.67 6.82 22.99
N LEU B 1224 -22.87 6.66 21.68
CA LEU B 1224 -24.17 6.16 21.28
C LEU B 1224 -24.26 4.67 21.49
N VAL B 1225 -23.33 3.92 20.90
CA VAL B 1225 -23.35 2.47 21.05
C VAL B 1225 -23.16 2.15 22.53
N GLU B 1226 -22.46 3.02 23.23
CA GLU B 1226 -22.22 2.79 24.65
C GLU B 1226 -23.55 2.74 25.39
N ARG B 1227 -24.32 3.82 25.23
CA ARG B 1227 -25.61 3.99 25.86
C ARG B 1227 -26.48 2.85 25.43
N GLU B 1228 -26.25 2.33 24.23
CA GLU B 1228 -27.05 1.21 23.76
C GLU B 1228 -26.73 -0.02 24.60
N ASN B 1229 -25.45 -0.37 24.72
CA ASN B 1229 -25.07 -1.52 25.52
C ASN B 1229 -25.63 -1.33 26.93
N PHE B 1230 -25.34 -0.16 27.51
CA PHE B 1230 -25.79 0.16 28.86
C PHE B 1230 -27.28 -0.08 29.06
N SER B 1231 -28.10 0.31 28.09
CA SER B 1231 -29.56 0.12 28.22
C SER B 1231 -29.91 -1.36 28.17
N LYS B 1232 -29.24 -2.09 27.27
CA LYS B 1232 -29.46 -3.52 27.14
C LYS B 1232 -29.32 -4.13 28.54
N PHE B 1233 -28.21 -3.78 29.17
CA PHE B 1233 -27.88 -4.23 30.52
C PHE B 1233 -29.07 -4.01 31.45
N ILE B 1234 -29.56 -2.76 31.52
CA ILE B 1234 -30.73 -2.45 32.35
C ILE B 1234 -31.78 -3.53 32.08
N GLN B 1235 -32.16 -3.68 30.81
CA GLN B 1235 -33.16 -4.68 30.40
C GLN B 1235 -32.84 -6.11 30.86
N THR B 1236 -31.57 -6.51 30.71
CA THR B 1236 -31.15 -7.86 31.10
C THR B 1236 -30.83 -7.95 32.59
N ILE B 1237 -31.69 -7.36 33.41
CA ILE B 1237 -31.45 -7.36 34.85
C ILE B 1237 -32.69 -6.83 35.56
N ALA B 1238 -33.40 -5.90 34.92
CA ALA B 1238 -34.59 -5.33 35.53
C ALA B 1238 -35.56 -6.46 35.89
N ILE B 1239 -36.57 -6.12 36.69
CA ILE B 1239 -37.58 -7.08 37.10
C ILE B 1239 -38.88 -6.71 36.37
N THR B 1240 -39.45 -5.59 36.76
CA THR B 1240 -40.67 -5.05 36.17
C THR B 1240 -40.67 -5.42 34.68
N PRO B 1241 -41.85 -5.44 34.03
CA PRO B 1241 -41.87 -5.79 32.60
C PRO B 1241 -41.02 -4.91 31.66
N VAL B 1242 -40.21 -5.55 30.83
CA VAL B 1242 -39.35 -4.86 29.88
C VAL B 1242 -39.47 -5.47 28.48
N PRO B 1243 -39.50 -4.63 27.45
CA PRO B 1243 -39.60 -5.10 26.07
C PRO B 1243 -38.54 -6.15 25.72
N ALA B 1244 -38.86 -6.91 24.67
CA ALA B 1244 -37.98 -7.98 24.21
C ALA B 1244 -36.51 -7.58 24.16
N ASN B 1245 -35.66 -8.56 24.44
CA ASN B 1245 -34.21 -8.40 24.39
C ASN B 1245 -33.86 -8.41 22.89
N THR B 1246 -34.68 -7.71 22.10
CA THR B 1246 -34.49 -7.63 20.65
C THR B 1246 -34.65 -6.19 20.19
N ILE B 1247 -34.56 -5.28 21.16
CA ILE B 1247 -34.66 -3.86 20.91
C ILE B 1247 -34.17 -3.19 22.19
N PRO B 1248 -33.02 -2.48 22.10
CA PRO B 1248 -32.44 -1.79 23.26
C PRO B 1248 -33.50 -0.91 23.90
N LEU B 1249 -33.69 -1.07 25.20
CA LEU B 1249 -34.68 -0.29 25.95
C LEU B 1249 -34.52 1.19 25.56
N LEU B 1250 -33.38 1.49 24.94
CA LEU B 1250 -33.06 2.83 24.51
C LEU B 1250 -34.09 3.29 23.49
N ASP B 1251 -34.39 2.42 22.52
CA ASP B 1251 -35.33 2.70 21.46
C ASP B 1251 -36.76 2.83 21.95
N TYR B 1252 -36.99 2.54 23.23
CA TYR B 1252 -38.33 2.61 23.81
C TYR B 1252 -38.53 3.80 24.76
N SER B 1253 -39.79 4.17 24.98
CA SER B 1253 -40.14 5.27 25.89
C SER B 1253 -41.18 4.71 26.86
N VAL B 1254 -41.80 5.58 27.64
CA VAL B 1254 -42.83 5.14 28.56
C VAL B 1254 -44.04 6.08 28.48
N SER B 1255 -45.12 5.55 27.91
CA SER B 1255 -46.38 6.25 27.72
C SER B 1255 -47.13 6.51 29.04
N ILE B 1256 -47.66 7.72 29.19
CA ILE B 1256 -48.39 8.07 30.41
C ILE B 1256 -49.80 7.47 30.49
N ASP B 1257 -50.28 6.89 29.38
CA ASP B 1257 -51.61 6.30 29.39
C ASP B 1257 -51.47 4.80 29.67
N ASP B 1258 -51.28 4.02 28.60
CA ASP B 1258 -51.11 2.58 28.75
C ASP B 1258 -50.20 2.31 29.95
N ALA B 1259 -49.19 3.16 30.13
CA ALA B 1259 -48.24 3.05 31.23
C ALA B 1259 -47.23 1.92 31.02
N ASN B 1260 -47.41 1.16 29.93
CA ASN B 1260 -46.46 0.10 29.58
C ASN B 1260 -45.51 0.73 28.56
N TRP B 1261 -44.35 0.10 28.35
CA TRP B 1261 -43.38 0.66 27.41
C TRP B 1261 -43.99 0.90 26.04
N SER B 1262 -43.40 1.82 25.29
CA SER B 1262 -43.85 2.09 23.93
C SER B 1262 -42.59 2.19 23.07
N LEU B 1263 -42.74 2.19 21.75
CA LEU B 1263 -41.57 2.30 20.87
C LEU B 1263 -41.40 3.76 20.44
N TRP B 1264 -40.19 4.30 20.59
CA TRP B 1264 -39.96 5.69 20.21
C TRP B 1264 -40.33 5.87 18.74
N LYS B 1265 -39.96 4.91 17.90
CA LYS B 1265 -40.28 4.98 16.48
C LYS B 1265 -41.73 5.44 16.27
N ASN B 1266 -42.64 5.07 17.17
CA ASN B 1266 -44.05 5.46 17.07
C ASN B 1266 -44.28 6.96 17.35
N LYS B 1267 -43.20 7.73 17.47
CA LYS B 1267 -43.32 9.16 17.78
C LYS B 1267 -43.23 10.16 16.63
N VAL B 1268 -43.97 11.24 16.84
CA VAL B 1268 -44.17 12.37 15.93
C VAL B 1268 -43.50 12.39 14.57
N GLU B 1272 -45.77 19.02 6.78
CA GLU B 1272 -44.43 18.78 6.27
C GLU B 1272 -43.75 20.11 5.98
N VAL B 1273 -42.77 20.08 5.07
CA VAL B 1273 -41.98 21.26 4.70
C VAL B 1273 -42.50 22.00 3.49
N GLU B 1274 -42.10 23.26 3.39
CA GLU B 1274 -42.44 24.14 2.28
C GLU B 1274 -41.21 24.37 1.43
N THR B 1275 -41.35 24.14 0.13
CA THR B 1275 -40.29 24.30 -0.84
C THR B 1275 -39.18 25.29 -0.49
N HIS B 1276 -39.53 26.50 -0.08
CA HIS B 1276 -38.52 27.54 0.23
C HIS B 1276 -37.91 27.53 1.62
N LYS B 1277 -38.48 26.79 2.55
CA LYS B 1277 -37.91 26.75 3.90
C LYS B 1277 -37.17 25.44 4.01
N VAL B 1278 -37.04 24.76 2.87
CA VAL B 1278 -36.38 23.46 2.79
C VAL B 1278 -35.20 23.25 3.74
N ALA B 1279 -33.98 23.61 3.38
CA ALA B 1279 -32.90 23.35 4.35
C ALA B 1279 -32.75 24.50 5.34
N SER B 1280 -33.74 25.38 5.35
CA SER B 1280 -33.77 26.55 6.24
C SER B 1280 -33.37 26.12 7.66
N PRO B 1281 -32.39 26.82 8.26
CA PRO B 1281 -31.88 26.53 9.60
C PRO B 1281 -32.89 26.14 10.66
N ASP B 1282 -33.92 26.97 10.82
CA ASP B 1282 -34.95 26.76 11.84
C ASP B 1282 -35.94 25.59 11.65
N VAL B 1283 -35.80 24.80 10.59
CA VAL B 1283 -36.71 23.67 10.38
C VAL B 1283 -36.07 22.40 10.94
N VAL B 1284 -36.85 21.59 11.64
CA VAL B 1284 -36.33 20.36 12.24
C VAL B 1284 -37.14 19.09 12.01
N ILE B 1285 -36.88 18.39 10.91
CA ILE B 1285 -37.57 17.13 10.62
C ILE B 1285 -37.39 16.28 11.87
N PRO B 1286 -38.49 15.93 12.56
CA PRO B 1286 -38.40 15.12 13.78
C PRO B 1286 -38.09 13.66 13.55
N THR B 1287 -37.21 13.10 14.38
CA THR B 1287 -36.83 11.69 14.28
C THR B 1287 -36.83 11.04 15.64
N VAL B 1288 -36.36 9.81 15.70
CA VAL B 1288 -36.29 9.13 16.98
C VAL B 1288 -35.38 9.89 17.92
N ASP B 1289 -34.28 10.39 17.39
CA ASP B 1289 -33.32 11.16 18.21
C ASP B 1289 -33.88 12.45 18.77
N THR B 1290 -34.40 13.31 17.90
CA THR B 1290 -34.91 14.60 18.36
C THR B 1290 -36.01 14.44 19.38
N THR B 1291 -36.85 13.43 19.16
CA THR B 1291 -37.98 13.13 20.05
C THR B 1291 -37.58 12.73 21.47
N ARG B 1292 -36.97 11.55 21.62
CA ARG B 1292 -36.54 11.13 22.94
C ARG B 1292 -35.66 12.22 23.57
N HIS B 1293 -35.04 13.04 22.74
CA HIS B 1293 -34.21 14.12 23.24
C HIS B 1293 -35.03 15.19 23.93
N VAL B 1294 -36.17 15.57 23.37
CA VAL B 1294 -36.96 16.62 24.00
C VAL B 1294 -37.57 16.18 25.32
N ASP B 1295 -37.85 14.88 25.45
CA ASP B 1295 -38.43 14.34 26.67
C ASP B 1295 -37.38 14.44 27.79
N VAL B 1296 -36.15 14.07 27.47
CA VAL B 1296 -35.06 14.13 28.43
C VAL B 1296 -34.66 15.55 28.83
N LEU B 1297 -34.50 16.42 27.83
CA LEU B 1297 -34.12 17.80 28.07
C LEU B 1297 -35.20 18.59 28.78
N HIS B 1298 -36.43 18.14 28.56
CA HIS B 1298 -37.58 18.79 29.17
C HIS B 1298 -37.47 18.68 30.69
N ALA B 1299 -37.16 17.49 31.17
CA ALA B 1299 -37.01 17.22 32.60
C ALA B 1299 -35.90 18.06 33.20
N TRP B 1300 -34.84 18.29 32.44
CA TRP B 1300 -33.73 19.08 32.94
C TRP B 1300 -33.98 20.58 32.84
N LEU B 1301 -34.76 21.02 31.85
CA LEU B 1301 -35.03 22.43 31.71
C LEU B 1301 -36.08 22.90 32.69
N SER B 1302 -36.99 22.01 33.04
CA SER B 1302 -38.04 22.33 33.98
C SER B 1302 -37.43 22.52 35.35
N GLU B 1303 -36.40 21.76 35.66
CA GLU B 1303 -35.74 21.89 36.94
C GLU B 1303 -34.75 23.05 36.90
N HIS B 1304 -34.63 23.68 35.74
CA HIS B 1304 -33.75 24.82 35.55
C HIS B 1304 -32.26 24.47 35.74
N ARG B 1305 -31.90 23.22 35.52
CA ARG B 1305 -30.51 22.77 35.65
C ARG B 1305 -29.65 23.24 34.49
N PRO B 1306 -28.33 23.28 34.69
CA PRO B 1306 -27.45 23.71 33.61
C PRO B 1306 -26.86 22.54 32.84
N LEU B 1307 -27.70 21.94 31.99
CA LEU B 1307 -27.30 20.80 31.18
C LEU B 1307 -26.31 21.17 30.10
N ILE B 1308 -25.56 20.19 29.63
CA ILE B 1308 -24.56 20.42 28.61
C ILE B 1308 -24.70 19.40 27.50
N LEU B 1309 -24.96 19.91 26.31
CA LEU B 1309 -25.06 19.07 25.13
C LEU B 1309 -23.64 18.96 24.60
N CYS B 1310 -23.11 17.74 24.59
CA CYS B 1310 -21.74 17.54 24.13
C CYS B 1310 -21.67 16.58 22.94
N GLY B 1311 -20.93 16.99 21.91
CA GLY B 1311 -20.78 16.19 20.72
C GLY B 1311 -19.94 16.92 19.69
N PRO B 1312 -19.62 16.29 18.56
CA PRO B 1312 -18.81 16.94 17.53
C PRO B 1312 -19.57 18.07 16.86
N PRO B 1313 -18.85 19.00 16.19
CA PRO B 1313 -19.56 20.09 15.54
C PRO B 1313 -20.46 19.62 14.40
N GLY B 1314 -21.73 20.03 14.49
CA GLY B 1314 -22.72 19.68 13.49
C GLY B 1314 -23.62 18.55 13.96
N SER B 1315 -23.26 17.93 15.07
CA SER B 1315 -24.02 16.80 15.63
C SER B 1315 -25.49 17.08 15.96
N GLY B 1316 -25.87 18.35 16.02
CA GLY B 1316 -27.26 18.67 16.31
C GLY B 1316 -27.50 19.39 17.63
N LYS B 1317 -26.43 19.77 18.31
CA LYS B 1317 -26.53 20.44 19.61
C LYS B 1317 -27.27 21.77 19.56
N THR B 1318 -26.72 22.75 18.86
CA THR B 1318 -27.39 24.05 18.79
C THR B 1318 -28.87 23.89 18.39
N MET B 1319 -29.12 22.95 17.47
CA MET B 1319 -30.47 22.68 16.98
C MET B 1319 -31.37 22.06 18.03
N THR B 1320 -30.88 21.00 18.68
CA THR B 1320 -31.65 20.31 19.70
C THR B 1320 -32.18 21.29 20.74
N LEU B 1321 -31.35 22.23 21.14
CA LEU B 1321 -31.73 23.21 22.16
C LEU B 1321 -32.78 24.23 21.70
N THR B 1322 -32.39 25.10 20.78
CA THR B 1322 -33.27 26.13 20.25
C THR B 1322 -34.63 25.55 19.86
N SER B 1323 -34.69 24.23 19.65
CA SER B 1323 -35.95 23.57 19.28
C SER B 1323 -36.82 23.16 20.47
N THR B 1324 -36.22 22.55 21.50
CA THR B 1324 -36.94 22.13 22.70
C THR B 1324 -37.52 23.38 23.38
N LEU B 1325 -36.72 24.45 23.41
CA LEU B 1325 -37.12 25.71 23.99
C LEU B 1325 -38.25 26.35 23.18
N ARG B 1326 -38.34 25.99 21.90
CA ARG B 1326 -39.39 26.55 21.07
C ARG B 1326 -40.71 25.91 21.46
N ALA B 1327 -40.64 24.68 21.93
CA ALA B 1327 -41.83 23.95 22.36
C ALA B 1327 -42.19 24.31 23.81
N PHE B 1328 -41.70 25.46 24.30
CA PHE B 1328 -42.00 25.98 25.65
C PHE B 1328 -41.92 27.50 25.65
N PRO B 1329 -42.97 28.15 25.10
CA PRO B 1329 -43.19 29.60 24.95
C PRO B 1329 -42.93 30.45 26.19
N ASP B 1330 -42.65 29.77 27.30
CA ASP B 1330 -42.34 30.44 28.56
C ASP B 1330 -40.84 30.54 28.77
N PHE B 1331 -40.06 30.19 27.75
CA PHE B 1331 -38.63 30.33 27.87
C PHE B 1331 -38.21 31.41 26.88
N GLU B 1332 -37.39 32.34 27.35
CA GLU B 1332 -36.87 33.38 26.50
C GLU B 1332 -35.38 33.06 26.52
N VAL B 1333 -34.89 32.51 25.42
CA VAL B 1333 -33.49 32.12 25.32
C VAL B 1333 -32.64 33.22 24.71
N VAL B 1334 -31.38 33.28 25.15
CA VAL B 1334 -30.39 34.24 24.66
C VAL B 1334 -29.07 33.51 24.46
N SER B 1335 -28.62 33.45 23.22
CA SER B 1335 -27.38 32.77 22.84
C SER B 1335 -26.18 33.63 23.16
N LEU B 1336 -25.03 32.97 23.25
CA LEU B 1336 -23.77 33.64 23.57
C LEU B 1336 -22.63 32.71 23.15
N ASN B 1337 -21.60 33.23 22.48
CA ASN B 1337 -20.50 32.36 22.04
C ASN B 1337 -19.16 32.53 22.74
N PHE B 1338 -18.95 31.73 23.76
CA PHE B 1338 -17.73 31.77 24.54
C PHE B 1338 -16.50 31.61 23.67
N SER B 1339 -15.37 32.08 24.16
CA SER B 1339 -14.12 31.95 23.42
C SER B 1339 -13.03 31.73 24.45
N SER B 1340 -11.80 31.67 24.00
CA SER B 1340 -10.71 31.47 24.93
C SER B 1340 -10.65 32.57 25.97
N ALA B 1341 -11.13 33.75 25.62
CA ALA B 1341 -11.07 34.89 26.52
C ALA B 1341 -12.39 35.35 27.15
N THR B 1342 -13.41 34.50 27.15
CA THR B 1342 -14.68 34.87 27.79
C THR B 1342 -14.44 34.90 29.29
N THR B 1343 -15.04 35.86 29.98
CA THR B 1343 -14.86 35.98 31.43
C THR B 1343 -16.15 36.40 32.12
N PRO B 1344 -16.20 36.27 33.47
CA PRO B 1344 -17.40 36.66 34.21
C PRO B 1344 -18.03 37.93 33.65
N GLU B 1345 -17.19 38.94 33.43
CA GLU B 1345 -17.65 40.22 32.92
C GLU B 1345 -18.41 40.13 31.59
N LEU B 1346 -17.83 39.50 30.57
CA LEU B 1346 -18.55 39.39 29.30
C LEU B 1346 -19.95 38.81 29.59
N LEU B 1347 -20.00 37.66 30.23
CA LEU B 1347 -21.29 37.04 30.53
C LEU B 1347 -22.16 38.00 31.34
N LEU B 1348 -21.52 38.82 32.15
CA LEU B 1348 -22.20 39.79 33.01
C LEU B 1348 -22.89 40.84 32.14
N LYS B 1349 -22.08 41.58 31.40
CA LYS B 1349 -22.58 42.61 30.48
C LYS B 1349 -23.79 42.13 29.68
N THR B 1350 -23.75 40.86 29.25
CA THR B 1350 -24.81 40.23 28.48
C THR B 1350 -26.11 40.10 29.27
N PHE B 1351 -26.07 40.48 30.55
CA PHE B 1351 -27.25 40.45 31.42
C PHE B 1351 -27.82 41.86 31.47
N ASP B 1352 -26.96 42.80 31.84
CA ASP B 1352 -27.34 44.20 31.94
C ASP B 1352 -28.00 44.66 30.65
N HIS B 1353 -28.16 43.76 29.67
CA HIS B 1353 -28.81 44.08 28.40
C HIS B 1353 -30.03 43.21 28.07
N HIS B 1354 -30.67 42.66 29.10
CA HIS B 1354 -31.88 41.81 28.96
C HIS B 1354 -32.59 41.79 30.32
N CYS B 1355 -31.85 42.07 31.39
CA CYS B 1355 -32.42 42.01 32.73
C CYS B 1355 -32.45 43.30 33.54
N GLU B 1356 -33.13 43.21 34.67
CA GLU B 1356 -33.30 44.34 35.58
C GLU B 1356 -33.06 44.00 37.07
N TYR B 1357 -32.03 44.62 37.66
CA TYR B 1357 -31.67 44.43 39.08
C TYR B 1357 -32.73 45.09 39.95
N LYS B 1358 -33.82 44.38 40.23
CA LYS B 1358 -34.89 44.96 41.01
C LYS B 1358 -34.71 44.76 42.51
N ARG B 1359 -34.82 45.85 43.27
CA ARG B 1359 -34.69 45.80 44.71
C ARG B 1359 -35.99 45.20 45.26
N THR B 1360 -35.85 44.36 46.28
CA THR B 1360 -36.99 43.74 46.92
C THR B 1360 -37.27 44.57 48.18
N PRO B 1361 -38.52 44.59 48.64
CA PRO B 1361 -38.83 45.38 49.86
C PRO B 1361 -38.07 44.77 51.05
N SER B 1362 -37.95 43.44 51.02
CA SER B 1362 -37.29 42.62 52.04
C SER B 1362 -35.80 42.92 52.23
N GLY B 1363 -35.26 43.79 51.37
CA GLY B 1363 -33.84 44.12 51.46
C GLY B 1363 -33.01 43.05 50.76
N GLU B 1364 -33.11 43.04 49.43
CA GLU B 1364 -32.41 42.10 48.58
C GLU B 1364 -32.51 42.67 47.19
N THR B 1365 -31.47 42.52 46.38
CA THR B 1365 -31.58 43.02 45.03
C THR B 1365 -31.56 41.80 44.16
N VAL B 1366 -32.46 41.71 43.18
CA VAL B 1366 -32.44 40.53 42.33
C VAL B 1366 -32.35 40.83 40.85
N LEU B 1367 -32.08 39.78 40.10
CA LEU B 1367 -31.94 39.88 38.66
C LEU B 1367 -33.07 39.07 38.06
N ARG B 1368 -33.98 39.75 37.38
CA ARG B 1368 -35.10 39.09 36.76
C ARG B 1368 -35.04 39.52 35.31
N PRO B 1369 -35.65 38.74 34.42
CA PRO B 1369 -35.64 39.11 32.99
C PRO B 1369 -36.52 40.34 32.89
N THR B 1370 -35.94 41.46 32.47
CA THR B 1370 -36.69 42.70 32.35
C THR B 1370 -38.08 42.54 31.70
N GLN B 1371 -38.32 41.42 31.04
CA GLN B 1371 -39.60 41.14 30.41
C GLN B 1371 -40.34 40.05 31.19
N LEU B 1372 -41.19 40.47 32.15
CA LEU B 1372 -41.96 39.55 33.00
C LEU B 1372 -42.67 38.46 32.22
N GLY B 1373 -43.02 37.38 32.91
CA GLY B 1373 -43.72 36.28 32.28
C GLY B 1373 -42.89 35.12 31.73
N LYS B 1374 -41.70 35.43 31.20
CA LYS B 1374 -40.82 34.41 30.61
C LYS B 1374 -39.55 34.13 31.42
N TRP B 1375 -39.15 32.85 31.40
CA TRP B 1375 -37.92 32.41 32.06
C TRP B 1375 -36.76 32.65 31.09
N LEU B 1376 -35.74 33.37 31.56
CA LEU B 1376 -34.60 33.66 30.71
C LEU B 1376 -33.59 32.51 30.65
N VAL B 1377 -33.44 31.92 29.48
CA VAL B 1377 -32.51 30.83 29.28
C VAL B 1377 -31.30 31.44 28.62
N VAL B 1378 -30.17 31.40 29.33
CA VAL B 1378 -28.90 31.93 28.82
C VAL B 1378 -28.09 30.78 28.22
N PHE B 1379 -28.18 30.62 26.90
CA PHE B 1379 -27.49 29.55 26.18
C PHE B 1379 -26.02 29.87 25.92
N CYS B 1380 -25.13 29.07 26.49
CA CYS B 1380 -23.70 29.30 26.32
C CYS B 1380 -23.07 28.26 25.39
N ASP B 1381 -23.03 28.55 24.10
CA ASP B 1381 -22.42 27.58 23.21
C ASP B 1381 -20.93 27.67 23.37
N GLU B 1382 -20.26 26.52 23.23
CA GLU B 1382 -18.82 26.47 23.36
C GLU B 1382 -18.33 26.86 24.76
N ILE B 1383 -18.95 26.32 25.80
CA ILE B 1383 -18.57 26.63 27.19
C ILE B 1383 -17.12 26.32 27.48
N ASN B 1384 -16.67 25.10 27.25
CA ASN B 1384 -15.30 24.73 27.59
C ASN B 1384 -14.16 25.42 26.84
N LEU B 1385 -14.46 26.53 26.17
CA LEU B 1385 -13.43 27.25 25.45
C LEU B 1385 -12.65 28.21 26.35
N PRO B 1386 -13.32 28.96 27.24
CA PRO B 1386 -12.63 29.88 28.13
C PRO B 1386 -11.39 29.23 28.70
N SER B 1387 -10.25 29.83 28.43
CA SER B 1387 -9.00 29.29 28.92
C SER B 1387 -8.85 29.57 30.41
N THR B 1388 -7.98 28.81 31.04
CA THR B 1388 -7.73 28.94 32.46
C THR B 1388 -6.61 29.94 32.74
N ASP B 1389 -6.44 30.29 34.00
CA ASP B 1389 -5.36 31.20 34.39
C ASP B 1389 -4.13 30.29 34.63
N LYS B 1390 -3.08 30.80 35.26
CA LYS B 1390 -1.90 29.96 35.48
C LYS B 1390 -2.23 28.84 36.46
N TYR B 1391 -3.30 29.02 37.24
CA TYR B 1391 -3.66 28.04 38.26
C TYR B 1391 -4.88 27.18 37.98
N GLY B 1392 -5.08 26.88 36.70
CA GLY B 1392 -6.18 26.02 36.28
C GLY B 1392 -7.55 26.32 36.80
N THR B 1393 -8.14 27.40 36.32
CA THR B 1393 -9.47 27.77 36.75
C THR B 1393 -10.08 28.68 35.70
N GLN B 1394 -11.32 28.39 35.35
CA GLN B 1394 -12.08 29.18 34.37
C GLN B 1394 -13.03 30.12 35.13
N ARG B 1395 -12.59 31.35 35.42
CA ARG B 1395 -13.40 32.34 36.15
C ARG B 1395 -14.86 32.27 35.72
N VAL B 1396 -15.08 32.19 34.43
CA VAL B 1396 -16.41 32.12 33.87
C VAL B 1396 -17.14 30.92 34.42
N ILE B 1397 -16.53 29.75 34.28
CA ILE B 1397 -17.16 28.51 34.75
C ILE B 1397 -17.41 28.49 36.25
N THR B 1398 -16.51 29.10 37.02
CA THR B 1398 -16.64 29.17 38.48
C THR B 1398 -17.75 30.19 38.80
N PHE B 1399 -17.82 31.24 37.99
CA PHE B 1399 -18.82 32.28 38.16
C PHE B 1399 -20.20 31.67 37.88
N ILE B 1400 -20.25 30.74 36.92
CA ILE B 1400 -21.50 30.08 36.58
C ILE B 1400 -21.84 29.06 37.66
N ARG B 1401 -20.83 28.47 38.31
CA ARG B 1401 -21.08 27.51 39.37
C ARG B 1401 -21.75 28.24 40.54
N GLN B 1402 -21.25 29.43 40.86
CA GLN B 1402 -21.79 30.22 41.95
C GLN B 1402 -23.30 30.45 41.75
N MET B 1403 -23.66 31.20 40.70
CA MET B 1403 -25.06 31.48 40.42
C MET B 1403 -25.94 30.26 40.53
N VAL B 1404 -25.46 29.12 40.03
CA VAL B 1404 -26.22 27.89 40.07
C VAL B 1404 -26.28 27.14 41.38
N GLU B 1405 -25.17 27.03 42.09
CA GLU B 1405 -25.22 26.31 43.34
C GLU B 1405 -25.60 27.23 44.48
N LYS B 1406 -25.05 28.45 44.45
CA LYS B 1406 -25.32 29.43 45.49
C LYS B 1406 -26.55 30.28 45.26
N GLY B 1407 -26.95 30.45 44.00
CA GLY B 1407 -28.15 31.23 43.68
C GLY B 1407 -27.97 32.69 43.26
N GLY B 1408 -26.74 33.17 43.26
CA GLY B 1408 -26.49 34.55 42.87
C GLY B 1408 -25.02 34.90 42.75
N PHE B 1409 -24.70 36.19 42.86
CA PHE B 1409 -23.32 36.66 42.76
C PHE B 1409 -23.12 38.01 43.44
N TRP B 1410 -21.87 38.35 43.73
CA TRP B 1410 -21.60 39.64 44.36
C TRP B 1410 -21.37 40.67 43.28
N ARG B 1411 -22.24 41.69 43.23
CA ARG B 1411 -22.05 42.79 42.28
C ARG B 1411 -20.96 43.63 42.91
N THR B 1412 -19.75 43.58 42.36
CA THR B 1412 -18.60 44.32 42.90
C THR B 1412 -18.58 45.85 43.02
N SER B 1413 -19.50 46.56 42.36
CA SER B 1413 -19.52 48.02 42.43
C SER B 1413 -19.99 48.60 43.76
N ASP B 1414 -20.67 47.79 44.57
CA ASP B 1414 -21.18 48.25 45.87
C ASP B 1414 -21.25 47.11 46.90
N HIS B 1415 -20.66 45.97 46.57
CA HIS B 1415 -20.64 44.80 47.45
C HIS B 1415 -22.03 44.31 47.90
N THR B 1416 -22.94 44.20 46.95
CA THR B 1416 -24.30 43.75 47.21
C THR B 1416 -24.53 42.34 46.63
N TRP B 1417 -25.23 41.49 47.38
CA TRP B 1417 -25.48 40.15 46.91
C TRP B 1417 -26.70 40.11 46.05
N ILE B 1418 -26.51 39.76 44.77
CA ILE B 1418 -27.59 39.69 43.82
C ILE B 1418 -28.23 38.30 43.79
N LYS B 1419 -29.54 38.25 43.96
CA LYS B 1419 -30.22 36.96 43.98
C LYS B 1419 -30.88 36.75 42.60
N LEU B 1420 -30.46 35.71 41.87
CA LEU B 1420 -31.02 35.42 40.54
C LEU B 1420 -32.52 35.05 40.59
N ASP B 1421 -33.32 35.69 39.73
CA ASP B 1421 -34.75 35.45 39.73
C ASP B 1421 -35.25 34.39 38.75
N LYS B 1422 -35.50 34.79 37.52
CA LYS B 1422 -36.00 33.85 36.51
C LYS B 1422 -34.95 33.64 35.42
N ILE B 1423 -33.76 33.20 35.82
CA ILE B 1423 -32.68 32.99 34.86
C ILE B 1423 -32.09 31.59 35.00
N GLN B 1424 -31.66 30.99 33.89
CA GLN B 1424 -31.03 29.67 33.93
C GLN B 1424 -29.97 29.55 32.83
N PHE B 1425 -29.26 28.43 32.82
CA PHE B 1425 -28.20 28.23 31.84
C PHE B 1425 -28.19 26.87 31.18
N VAL B 1426 -27.83 26.88 29.90
CA VAL B 1426 -27.68 25.68 29.09
C VAL B 1426 -26.36 25.82 28.34
N GLY B 1427 -25.61 24.72 28.24
CA GLY B 1427 -24.35 24.78 27.55
C GLY B 1427 -24.30 23.81 26.38
N ALA B 1428 -23.29 23.99 25.53
CA ALA B 1428 -23.09 23.15 24.36
C ALA B 1428 -21.62 23.27 24.00
N CYS B 1429 -20.98 22.16 23.66
CA CYS B 1429 -19.57 22.23 23.31
C CYS B 1429 -19.07 20.93 22.70
N ASN B 1430 -17.83 20.95 22.21
CA ASN B 1430 -17.20 19.76 21.65
C ASN B 1430 -16.60 19.05 22.86
N PRO B 1431 -16.27 17.76 22.72
CA PRO B 1431 -15.70 17.03 23.86
C PRO B 1431 -14.30 17.53 24.23
N PRO B 1432 -13.86 17.27 25.46
CA PRO B 1432 -12.54 17.69 25.93
C PRO B 1432 -11.36 16.96 25.27
N THR B 1433 -11.62 16.40 24.10
CA THR B 1433 -10.63 15.69 23.29
C THR B 1433 -10.06 16.68 22.28
N ASP B 1434 -10.92 17.56 21.76
CA ASP B 1434 -10.56 18.58 20.79
C ASP B 1434 -9.51 19.51 21.40
N ALA B 1435 -8.61 20.02 20.57
CA ALA B 1435 -7.56 20.92 21.02
C ALA B 1435 -8.12 22.25 21.55
N GLY B 1436 -7.42 22.82 22.53
CA GLY B 1436 -7.84 24.08 23.12
C GLY B 1436 -9.15 23.99 23.88
N ARG B 1437 -9.64 22.77 24.04
CA ARG B 1437 -10.88 22.51 24.76
C ARG B 1437 -10.48 22.13 26.18
N VAL B 1438 -10.91 22.95 27.15
CA VAL B 1438 -10.58 22.74 28.55
C VAL B 1438 -11.57 21.85 29.29
N GLN B 1439 -11.06 21.09 30.25
CA GLN B 1439 -11.91 20.21 31.05
C GLN B 1439 -12.59 21.02 32.14
N LEU B 1440 -13.92 20.92 32.24
CA LEU B 1440 -14.66 21.65 33.25
C LEU B 1440 -14.50 21.03 34.63
N THR B 1441 -14.45 21.85 35.69
CA THR B 1441 -14.30 21.36 37.06
C THR B 1441 -15.43 20.45 37.46
N HIS B 1442 -15.09 19.42 38.23
CA HIS B 1442 -16.10 18.50 38.69
C HIS B 1442 -17.07 19.30 39.54
N ARG B 1443 -16.61 20.40 40.14
CA ARG B 1443 -17.47 21.23 40.97
C ARG B 1443 -18.64 21.81 40.19
N PHE B 1444 -18.41 22.17 38.93
CA PHE B 1444 -19.46 22.73 38.09
C PHE B 1444 -20.24 21.59 37.45
N LEU B 1445 -19.51 20.55 37.07
CA LEU B 1445 -20.14 19.40 36.42
C LEU B 1445 -21.13 18.62 37.27
N ARG B 1446 -21.09 18.77 38.59
CA ARG B 1446 -22.03 18.03 39.44
C ARG B 1446 -23.42 18.58 39.25
N HIS B 1447 -23.52 19.82 38.83
CA HIS B 1447 -24.83 20.41 38.61
C HIS B 1447 -25.22 20.32 37.16
N ALA B 1448 -24.30 19.90 36.31
CA ALA B 1448 -24.59 19.87 34.88
C ALA B 1448 -24.88 18.52 34.27
N PRO B 1449 -26.18 18.20 34.11
CA PRO B 1449 -26.51 16.91 33.52
C PRO B 1449 -25.99 17.01 32.10
N ILE B 1450 -25.49 15.92 31.56
CA ILE B 1450 -24.94 15.95 30.22
C ILE B 1450 -25.70 15.05 29.28
N LEU B 1451 -25.75 15.44 28.02
CA LEU B 1451 -26.42 14.67 26.99
C LEU B 1451 -25.52 14.63 25.79
N LEU B 1452 -24.84 13.51 25.58
CA LEU B 1452 -23.97 13.43 24.43
C LEU B 1452 -24.86 13.40 23.21
N VAL B 1453 -24.51 14.15 22.18
CA VAL B 1453 -25.29 14.17 20.96
C VAL B 1453 -24.32 13.89 19.82
N ASP B 1454 -24.55 12.77 19.14
CA ASP B 1454 -23.71 12.32 18.03
C ASP B 1454 -24.41 12.57 16.70
N PHE B 1455 -23.88 11.99 15.62
CA PHE B 1455 -24.48 12.19 14.31
C PHE B 1455 -25.65 11.27 14.07
N PRO B 1456 -26.71 11.78 13.42
CA PRO B 1456 -27.88 10.95 13.13
C PRO B 1456 -27.37 9.79 12.32
N SER B 1457 -28.10 8.68 12.28
CA SER B 1457 -27.64 7.54 11.50
C SER B 1457 -27.98 7.77 10.03
N THR B 1458 -27.48 6.89 9.15
CA THR B 1458 -27.77 7.04 7.73
C THR B 1458 -29.28 6.95 7.49
N SER B 1459 -29.96 6.09 8.25
CA SER B 1459 -31.40 5.96 8.13
C SER B 1459 -32.04 7.25 8.64
N SER B 1460 -31.62 7.66 9.84
CA SER B 1460 -32.13 8.87 10.46
C SER B 1460 -31.96 10.03 9.47
N LEU B 1461 -30.76 10.14 8.88
CA LEU B 1461 -30.46 11.18 7.91
C LEU B 1461 -31.31 11.12 6.64
N THR B 1462 -31.42 9.92 6.04
CA THR B 1462 -32.21 9.68 4.82
C THR B 1462 -33.63 10.20 5.01
N GLN B 1463 -34.11 10.04 6.23
CA GLN B 1463 -35.43 10.49 6.56
C GLN B 1463 -35.46 12.02 6.70
N ILE B 1464 -34.44 12.61 7.32
CA ILE B 1464 -34.41 14.06 7.50
C ILE B 1464 -34.32 14.78 6.17
N TYR B 1465 -33.37 14.37 5.34
CA TYR B 1465 -33.19 15.03 4.07
C TYR B 1465 -34.14 14.53 3.00
N GLY B 1466 -34.69 13.35 3.22
CA GLY B 1466 -35.65 12.80 2.27
C GLY B 1466 -36.84 13.75 2.25
N THR B 1467 -37.21 14.24 3.42
CA THR B 1467 -38.32 15.17 3.56
C THR B 1467 -38.01 16.49 2.84
N PHE B 1468 -36.82 17.00 3.07
CA PHE B 1468 -36.38 18.24 2.45
C PHE B 1468 -36.43 18.14 0.94
N ASN B 1469 -35.88 17.06 0.42
CA ASN B 1469 -35.85 16.85 -1.01
C ASN B 1469 -37.22 16.61 -1.62
N ARG B 1470 -38.03 15.79 -0.98
CA ARG B 1470 -39.35 15.57 -1.52
C ARG B 1470 -40.06 16.91 -1.72
N ALA B 1471 -39.75 17.89 -0.89
CA ALA B 1471 -40.39 19.21 -0.97
C ALA B 1471 -39.69 20.17 -1.93
N LEU B 1472 -38.39 19.97 -2.12
CA LEU B 1472 -37.58 20.79 -3.02
C LEU B 1472 -37.87 20.39 -4.45
N MET B 1473 -38.10 19.10 -4.65
CA MET B 1473 -38.37 18.57 -5.97
C MET B 1473 -39.73 18.94 -6.52
N LYS B 1474 -40.41 19.88 -5.87
CA LYS B 1474 -41.71 20.32 -6.34
C LYS B 1474 -41.50 21.44 -7.36
N LEU B 1475 -40.29 21.99 -7.36
CA LEU B 1475 -39.98 23.02 -8.31
C LEU B 1475 -39.68 22.33 -9.64
N LEU B 1476 -39.53 21.01 -9.60
CA LEU B 1476 -39.22 20.22 -10.79
C LEU B 1476 -40.16 19.04 -10.94
N PRO B 1477 -41.40 19.28 -11.42
CA PRO B 1477 -42.35 18.19 -11.59
C PRO B 1477 -41.84 17.09 -12.51
N ASN B 1478 -41.01 17.48 -13.49
CA ASN B 1478 -40.48 16.51 -14.44
C ASN B 1478 -39.51 15.50 -13.84
N LEU B 1479 -39.00 15.81 -12.65
CA LEU B 1479 -38.06 14.94 -11.97
C LEU B 1479 -38.60 14.41 -10.63
N ARG B 1480 -39.92 14.42 -10.46
CA ARG B 1480 -40.52 13.97 -9.20
C ARG B 1480 -40.01 12.62 -8.70
N SER B 1481 -39.68 11.71 -9.60
CA SER B 1481 -39.21 10.40 -9.16
C SER B 1481 -37.73 10.34 -8.80
N PHE B 1482 -37.06 11.48 -8.80
CA PHE B 1482 -35.64 11.49 -8.48
C PHE B 1482 -35.33 12.03 -7.10
N ALA B 1483 -36.36 12.37 -6.33
CA ALA B 1483 -36.15 12.91 -5.01
C ALA B 1483 -35.45 11.95 -4.04
N ASP B 1484 -36.08 10.83 -3.70
CA ASP B 1484 -35.45 9.89 -2.78
C ASP B 1484 -34.10 9.48 -3.36
N ASN B 1485 -34.01 9.61 -4.69
CA ASN B 1485 -32.81 9.29 -5.44
C ASN B 1485 -31.72 10.25 -5.00
N LEU B 1486 -32.08 11.53 -4.95
CA LEU B 1486 -31.18 12.59 -4.54
C LEU B 1486 -30.74 12.41 -3.10
N THR B 1487 -31.70 12.09 -2.24
CA THR B 1487 -31.41 11.90 -0.84
C THR B 1487 -30.40 10.80 -0.65
N ASP B 1488 -30.56 9.67 -1.34
CA ASP B 1488 -29.62 8.54 -1.21
C ASP B 1488 -28.20 8.85 -1.67
N ALA B 1489 -28.06 9.75 -2.63
CA ALA B 1489 -26.77 10.11 -3.16
C ALA B 1489 -26.08 11.14 -2.28
N MET B 1490 -26.83 12.09 -1.75
CA MET B 1490 -26.25 13.08 -0.88
C MET B 1490 -25.81 12.41 0.42
N VAL B 1491 -26.69 11.58 0.96
CA VAL B 1491 -26.40 10.90 2.20
C VAL B 1491 -25.31 9.85 2.03
N GLU B 1492 -25.16 9.30 0.85
CA GLU B 1492 -24.13 8.30 0.66
C GLU B 1492 -22.75 8.91 0.46
N PHE B 1493 -22.66 9.91 -0.42
CA PHE B 1493 -21.39 10.56 -0.68
C PHE B 1493 -20.87 11.25 0.58
N TYR B 1494 -21.79 11.81 1.35
CA TYR B 1494 -21.40 12.49 2.57
C TYR B 1494 -20.77 11.53 3.56
N SER B 1495 -21.40 10.36 3.73
CA SER B 1495 -20.90 9.36 4.65
C SER B 1495 -19.55 8.84 4.19
N GLU B 1496 -19.44 8.54 2.91
CA GLU B 1496 -18.19 8.02 2.37
C GLU B 1496 -17.05 9.00 2.56
N SER B 1497 -17.30 10.28 2.34
CA SER B 1497 -16.26 11.29 2.51
C SER B 1497 -15.87 11.46 3.97
N GLN B 1498 -16.87 11.40 4.85
CA GLN B 1498 -16.63 11.54 6.27
C GLN B 1498 -15.72 10.46 6.82
N LYS B 1499 -15.85 9.24 6.29
CA LYS B 1499 -15.05 8.10 6.72
C LYS B 1499 -13.72 7.98 5.99
N ARG B 1500 -13.59 8.61 4.83
CA ARG B 1500 -12.35 8.55 4.08
C ARG B 1500 -11.47 9.72 4.50
N PHE B 1501 -12.11 10.75 5.04
CA PHE B 1501 -11.38 11.93 5.45
C PHE B 1501 -11.66 12.25 6.90
N THR B 1502 -10.83 11.66 7.75
CA THR B 1502 -10.87 11.78 9.21
C THR B 1502 -9.78 12.74 9.72
N PRO B 1503 -10.03 13.43 10.84
CA PRO B 1503 -9.10 14.39 11.44
C PRO B 1503 -7.64 13.96 11.60
N ASP B 1504 -7.40 12.68 11.89
CA ASP B 1504 -6.03 12.25 12.08
C ASP B 1504 -5.23 12.48 10.81
N ILE B 1505 -5.92 12.65 9.68
CA ILE B 1505 -5.27 12.90 8.39
C ILE B 1505 -5.02 14.41 8.25
N GLN B 1506 -6.08 15.20 8.41
CA GLN B 1506 -5.97 16.66 8.37
C GLN B 1506 -6.99 17.22 9.35
N ALA B 1507 -6.53 18.06 10.26
CA ALA B 1507 -7.41 18.67 11.25
C ALA B 1507 -8.80 18.94 10.69
N HIS B 1508 -8.90 19.91 9.77
CA HIS B 1508 -10.17 20.32 9.17
C HIS B 1508 -10.92 19.28 8.32
N TYR B 1509 -10.56 18.01 8.44
CA TYR B 1509 -11.26 16.99 7.68
C TYR B 1509 -12.40 16.40 8.51
N ILE B 1510 -13.17 17.29 9.12
CA ILE B 1510 -14.33 16.93 9.92
C ILE B 1510 -15.53 17.31 9.07
N TYR B 1511 -16.58 16.51 9.13
CA TYR B 1511 -17.80 16.73 8.35
C TYR B 1511 -19.04 16.55 9.22
N SER B 1512 -20.16 17.10 8.78
CA SER B 1512 -21.37 16.95 9.55
C SER B 1512 -22.58 17.18 8.67
N PRO B 1513 -23.78 16.92 9.21
CA PRO B 1513 -25.01 17.12 8.46
C PRO B 1513 -25.13 18.57 8.01
N ARG B 1514 -24.24 19.40 8.51
CA ARG B 1514 -24.22 20.80 8.10
C ARG B 1514 -23.90 20.84 6.60
N GLU B 1515 -23.09 19.90 6.14
CA GLU B 1515 -22.76 19.84 4.73
C GLU B 1515 -24.04 19.50 3.97
N LEU B 1516 -24.74 18.48 4.45
CA LEU B 1516 -25.97 18.06 3.83
C LEU B 1516 -26.92 19.23 3.75
N SER B 1517 -26.90 20.10 4.74
CA SER B 1517 -27.81 21.25 4.70
C SER B 1517 -27.37 22.34 3.74
N ARG B 1518 -26.08 22.65 3.68
CA ARG B 1518 -25.64 23.68 2.77
C ARG B 1518 -25.83 23.17 1.37
N TRP B 1519 -25.70 21.86 1.23
CA TRP B 1519 -25.83 21.17 -0.03
C TRP B 1519 -27.24 21.34 -0.53
N ASP B 1520 -28.22 21.04 0.33
CA ASP B 1520 -29.61 21.15 -0.04
C ASP B 1520 -30.04 22.59 -0.25
N ARG B 1521 -29.49 23.50 0.52
CA ARG B 1521 -29.83 24.91 0.38
C ARG B 1521 -29.22 25.49 -0.88
N ALA B 1522 -28.06 24.96 -1.30
CA ALA B 1522 -27.43 25.44 -2.53
C ALA B 1522 -28.23 24.90 -3.70
N LEU B 1523 -28.73 23.68 -3.56
CA LEU B 1523 -29.55 23.06 -4.59
C LEU B 1523 -30.80 23.91 -4.78
N LEU B 1524 -31.50 24.18 -3.68
CA LEU B 1524 -32.71 25.00 -3.73
C LEU B 1524 -32.49 26.35 -4.41
N GLU B 1525 -31.40 27.02 -4.08
CA GLU B 1525 -31.13 28.30 -4.70
C GLU B 1525 -30.92 28.23 -6.20
N ALA B 1526 -30.09 27.29 -6.65
CA ALA B 1526 -29.83 27.16 -8.07
C ALA B 1526 -31.12 26.88 -8.84
N ILE B 1527 -31.82 25.83 -8.44
CA ILE B 1527 -33.09 25.43 -9.08
C ILE B 1527 -34.10 26.55 -9.20
N GLN B 1528 -34.08 27.47 -8.25
CA GLN B 1528 -35.04 28.55 -8.29
C GLN B 1528 -34.73 29.55 -9.37
N THR B 1529 -33.53 29.49 -9.92
CA THR B 1529 -33.17 30.43 -10.98
C THR B 1529 -32.87 29.73 -12.28
N MET B 1530 -33.85 28.96 -12.76
CA MET B 1530 -33.74 28.24 -14.03
C MET B 1530 -35.10 27.76 -14.56
N ASP B 1531 -35.42 28.13 -15.81
CA ASP B 1531 -36.69 27.69 -16.39
C ASP B 1531 -36.58 26.21 -16.65
N GLY B 1532 -36.86 25.41 -15.62
CA GLY B 1532 -36.78 23.98 -15.77
C GLY B 1532 -35.38 23.42 -15.70
N CYS B 1533 -35.34 22.11 -15.52
CA CYS B 1533 -34.09 21.37 -15.39
C CYS B 1533 -34.35 19.92 -15.73
N THR B 1534 -33.45 19.32 -16.50
CA THR B 1534 -33.56 17.92 -16.88
C THR B 1534 -32.69 17.10 -15.93
N LEU B 1535 -32.85 15.78 -15.94
CA LEU B 1535 -32.05 14.96 -15.05
C LEU B 1535 -30.59 15.37 -15.09
N GLU B 1536 -30.04 15.51 -16.29
CA GLU B 1536 -28.66 15.90 -16.41
C GLU B 1536 -28.39 17.23 -15.73
N GLY B 1537 -29.39 18.11 -15.73
CA GLY B 1537 -29.19 19.38 -15.07
C GLY B 1537 -29.08 19.17 -13.58
N LEU B 1538 -29.99 18.36 -13.03
CA LEU B 1538 -30.03 18.06 -11.61
C LEU B 1538 -28.83 17.30 -11.12
N VAL B 1539 -28.26 16.48 -11.98
CA VAL B 1539 -27.11 15.69 -11.59
C VAL B 1539 -25.82 16.48 -11.65
N ARG B 1540 -25.71 17.42 -12.57
CA ARG B 1540 -24.48 18.20 -12.67
C ARG B 1540 -24.43 19.20 -11.52
N LEU B 1541 -25.59 19.67 -11.13
CA LEU B 1541 -25.71 20.62 -10.04
C LEU B 1541 -25.39 19.96 -8.71
N TRP B 1542 -25.75 18.69 -8.61
CA TRP B 1542 -25.51 17.90 -7.43
C TRP B 1542 -24.05 17.57 -7.31
N ALA B 1543 -23.37 17.40 -8.45
CA ALA B 1543 -21.95 17.08 -8.45
C ALA B 1543 -21.14 18.30 -8.08
N HIS B 1544 -21.50 19.43 -8.69
CA HIS B 1544 -20.82 20.71 -8.46
C HIS B 1544 -20.79 21.08 -6.99
N GLU B 1545 -21.95 20.99 -6.35
CA GLU B 1545 -22.06 21.33 -4.95
C GLU B 1545 -21.32 20.34 -4.08
N ALA B 1546 -21.21 19.11 -4.56
CA ALA B 1546 -20.49 18.09 -3.82
C ALA B 1546 -19.02 18.47 -3.82
N LEU B 1547 -18.55 19.01 -4.94
CA LEU B 1547 -17.17 19.42 -5.10
C LEU B 1547 -16.80 20.62 -4.23
N ARG B 1548 -17.72 21.58 -4.15
CA ARG B 1548 -17.46 22.78 -3.36
C ARG B 1548 -17.46 22.49 -1.87
N LEU B 1549 -18.41 21.66 -1.45
CA LEU B 1549 -18.57 21.29 -0.05
C LEU B 1549 -17.73 20.13 0.42
N PHE B 1550 -17.06 19.44 -0.47
CA PHE B 1550 -16.26 18.30 -0.04
C PHE B 1550 -14.85 18.27 -0.59
N GLN B 1551 -14.64 18.78 -1.79
CA GLN B 1551 -13.32 18.70 -2.37
C GLN B 1551 -12.38 19.87 -2.18
N ASP B 1552 -12.89 21.08 -2.35
CA ASP B 1552 -12.10 22.29 -2.23
C ASP B 1552 -11.16 22.32 -1.03
N ARG B 1553 -11.61 21.75 0.08
CA ARG B 1553 -10.85 21.73 1.31
C ARG B 1553 -9.66 20.77 1.33
N LEU B 1554 -9.70 19.76 0.49
CA LEU B 1554 -8.67 18.72 0.41
C LEU B 1554 -7.28 19.22 0.09
N VAL B 1555 -6.30 18.61 0.74
CA VAL B 1555 -4.89 18.97 0.59
C VAL B 1555 -4.14 18.25 -0.53
N GLU B 1556 -4.19 16.91 -0.53
CA GLU B 1556 -3.48 16.13 -1.53
C GLU B 1556 -4.31 15.79 -2.75
N THR B 1557 -3.68 15.88 -3.92
CA THR B 1557 -4.32 15.54 -5.19
C THR B 1557 -4.89 14.12 -5.13
N GLU B 1558 -4.15 13.24 -4.47
CA GLU B 1558 -4.59 11.87 -4.33
C GLU B 1558 -5.96 11.88 -3.65
N GLU B 1559 -6.18 12.86 -2.79
CA GLU B 1559 -7.43 12.99 -2.06
C GLU B 1559 -8.54 13.59 -2.94
N LYS B 1560 -8.17 14.46 -3.87
CA LYS B 1560 -9.16 15.04 -4.75
C LYS B 1560 -9.64 14.06 -5.81
N GLU B 1561 -8.76 13.16 -6.24
CA GLU B 1561 -9.10 12.12 -7.22
C GLU B 1561 -10.04 11.11 -6.61
N TRP B 1562 -9.78 10.73 -5.37
CA TRP B 1562 -10.65 9.80 -4.69
C TRP B 1562 -12.04 10.43 -4.75
N THR B 1563 -12.10 11.71 -4.41
CA THR B 1563 -13.36 12.46 -4.40
C THR B 1563 -14.05 12.49 -5.76
N ASP B 1564 -13.31 12.89 -6.80
CA ASP B 1564 -13.84 12.96 -8.15
C ASP B 1564 -14.36 11.61 -8.56
N LYS B 1565 -13.77 10.55 -8.02
CA LYS B 1565 -14.18 9.18 -8.32
C LYS B 1565 -15.46 8.75 -7.63
N LYS B 1566 -15.62 9.10 -6.35
CA LYS B 1566 -16.83 8.73 -5.63
C LYS B 1566 -18.02 9.50 -6.15
N ILE B 1567 -17.80 10.77 -6.50
CA ILE B 1567 -18.86 11.60 -7.02
C ILE B 1567 -19.46 10.91 -8.23
N ASP B 1568 -18.60 10.49 -9.15
CA ASP B 1568 -19.03 9.81 -10.36
C ASP B 1568 -19.66 8.46 -10.03
N GLU B 1569 -19.01 7.73 -9.15
CA GLU B 1569 -19.48 6.43 -8.76
C GLU B 1569 -20.87 6.49 -8.13
N VAL B 1570 -21.07 7.41 -7.18
CA VAL B 1570 -22.37 7.55 -6.54
C VAL B 1570 -23.41 8.04 -7.54
N ALA B 1571 -23.04 9.01 -8.35
CA ALA B 1571 -23.97 9.56 -9.33
C ALA B 1571 -24.56 8.51 -10.25
N LEU B 1572 -23.77 7.49 -10.60
CA LEU B 1572 -24.26 6.45 -11.51
C LEU B 1572 -25.05 5.41 -10.77
N LYS B 1573 -24.72 5.21 -9.50
CA LYS B 1573 -25.44 4.23 -8.72
C LYS B 1573 -26.87 4.72 -8.42
N HIS B 1574 -27.05 6.03 -8.32
CA HIS B 1574 -28.37 6.55 -8.03
C HIS B 1574 -29.06 7.22 -9.21
N PHE B 1575 -28.30 7.69 -10.17
CA PHE B 1575 -28.87 8.32 -11.35
C PHE B 1575 -28.43 7.56 -12.61
N PRO B 1576 -28.78 6.26 -12.69
CA PRO B 1576 -28.49 5.30 -13.76
C PRO B 1576 -28.86 5.74 -15.17
N SER B 1577 -29.94 6.50 -15.29
CA SER B 1577 -30.40 6.96 -16.60
C SER B 1577 -29.72 8.25 -17.02
N VAL B 1578 -28.96 8.86 -16.12
CA VAL B 1578 -28.33 10.10 -16.45
C VAL B 1578 -27.27 9.83 -17.46
N ASN B 1579 -27.09 10.80 -18.35
CA ASN B 1579 -26.10 10.75 -19.41
C ASN B 1579 -24.82 11.29 -18.83
N LEU B 1580 -23.72 10.55 -19.00
CA LEU B 1580 -22.41 10.93 -18.49
C LEU B 1580 -22.02 12.38 -18.81
N ASP B 1581 -22.57 12.93 -19.90
CA ASP B 1581 -22.26 14.30 -20.25
C ASP B 1581 -22.54 15.19 -19.06
N ALA B 1582 -23.39 14.73 -18.16
CA ALA B 1582 -23.73 15.50 -16.97
C ALA B 1582 -22.52 15.68 -16.05
N LEU B 1583 -21.60 14.73 -16.08
CA LEU B 1583 -20.43 14.81 -15.23
C LEU B 1583 -19.12 15.19 -15.90
N LYS B 1584 -19.19 15.70 -17.13
CA LYS B 1584 -17.98 16.08 -17.85
C LYS B 1584 -17.24 17.14 -17.09
N ARG B 1585 -15.96 16.87 -16.80
CA ARG B 1585 -15.10 17.80 -16.08
C ARG B 1585 -14.44 18.78 -17.04
N PRO B 1586 -14.20 20.03 -16.59
CA PRO B 1586 -14.51 20.55 -15.26
C PRO B 1586 -15.98 20.92 -15.10
N ILE B 1587 -16.50 20.77 -13.89
CA ILE B 1587 -17.87 21.12 -13.64
C ILE B 1587 -17.85 22.54 -13.15
N LEU B 1588 -18.05 23.48 -14.06
CA LEU B 1588 -18.03 24.88 -13.68
C LEU B 1588 -19.39 25.58 -13.74
N TYR B 1589 -19.50 26.64 -12.95
CA TYR B 1589 -20.70 27.46 -12.86
C TYR B 1589 -20.29 28.90 -12.51
N SER B 1590 -21.09 29.85 -12.96
CA SER B 1590 -20.84 31.25 -12.67
C SER B 1590 -22.02 32.08 -13.08
N ASN B 1591 -22.20 33.19 -12.37
CA ASN B 1591 -23.31 34.09 -12.65
C ASN B 1591 -22.85 35.32 -13.41
N TRP B 1592 -21.78 35.18 -14.20
CA TRP B 1592 -21.19 36.30 -14.95
C TRP B 1592 -21.45 36.43 -16.45
N LEU B 1593 -21.91 35.37 -17.12
CA LEU B 1593 -22.07 35.46 -18.57
C LEU B 1593 -23.48 35.36 -19.08
N THR B 1594 -24.42 35.09 -18.18
CA THR B 1594 -25.81 34.96 -18.57
C THR B 1594 -26.73 35.57 -17.50
N LYS B 1595 -28.01 35.65 -17.80
CA LYS B 1595 -28.95 36.22 -16.83
C LYS B 1595 -28.74 35.63 -15.43
N ASP B 1596 -29.07 34.34 -15.25
CA ASP B 1596 -28.93 33.70 -13.94
C ASP B 1596 -27.76 32.71 -13.92
N TYR B 1597 -27.60 32.02 -12.79
CA TYR B 1597 -26.55 31.01 -12.58
C TYR B 1597 -26.69 30.06 -13.75
N GLN B 1598 -25.59 29.38 -14.10
CA GLN B 1598 -25.63 28.43 -15.21
C GLN B 1598 -24.24 27.96 -15.53
N PRO B 1599 -24.12 26.74 -16.08
CA PRO B 1599 -22.80 26.21 -16.44
C PRO B 1599 -21.98 27.15 -17.32
N VAL B 1600 -20.68 26.93 -17.32
CA VAL B 1600 -19.70 27.73 -18.06
C VAL B 1600 -18.49 26.85 -18.35
N ASN B 1601 -17.74 27.17 -19.40
CA ASN B 1601 -16.57 26.38 -19.70
C ASN B 1601 -15.29 27.23 -19.73
N ARG B 1602 -14.18 26.61 -19.37
CA ARG B 1602 -12.87 27.24 -19.31
C ARG B 1602 -12.63 28.33 -20.34
N SER B 1603 -12.89 28.05 -21.60
CA SER B 1603 -12.66 29.01 -22.67
C SER B 1603 -13.46 30.30 -22.55
N ASP B 1604 -14.76 30.19 -22.78
CA ASP B 1604 -15.67 31.33 -22.69
C ASP B 1604 -15.43 32.14 -21.42
N LEU B 1605 -15.18 31.44 -20.33
CA LEU B 1605 -14.93 32.08 -19.06
C LEU B 1605 -13.60 32.81 -19.09
N ARG B 1606 -12.65 32.27 -19.84
CA ARG B 1606 -11.33 32.88 -19.91
C ARG B 1606 -11.34 34.13 -20.77
N GLU B 1607 -12.04 34.06 -21.89
CA GLU B 1607 -12.14 35.23 -22.75
C GLU B 1607 -12.77 36.36 -21.92
N TYR B 1608 -13.71 35.99 -21.05
CA TYR B 1608 -14.41 36.95 -20.20
C TYR B 1608 -13.49 37.56 -19.16
N VAL B 1609 -13.02 36.74 -18.22
CA VAL B 1609 -12.13 37.19 -17.17
C VAL B 1609 -10.91 37.87 -17.75
N LYS B 1610 -10.53 37.48 -18.96
CA LYS B 1610 -9.37 38.07 -19.60
C LYS B 1610 -9.71 39.50 -19.97
N ALA B 1611 -10.95 39.70 -20.41
CA ALA B 1611 -11.44 41.02 -20.77
C ALA B 1611 -11.62 41.85 -19.49
N ARG B 1612 -12.34 41.31 -18.50
CA ARG B 1612 -12.57 42.01 -17.24
C ARG B 1612 -11.26 42.24 -16.48
N LEU B 1613 -10.17 41.67 -16.98
CA LEU B 1613 -8.84 41.82 -16.35
C LEU B 1613 -8.07 42.96 -16.99
N LYS B 1614 -8.36 43.20 -18.27
CA LYS B 1614 -7.72 44.26 -19.04
C LYS B 1614 -8.11 45.61 -18.44
N VAL B 1615 -9.29 45.66 -17.83
CA VAL B 1615 -9.80 46.88 -17.23
C VAL B 1615 -9.38 46.93 -15.78
N PHE B 1616 -9.17 45.77 -15.19
CA PHE B 1616 -8.72 45.67 -13.80
C PHE B 1616 -7.28 46.22 -13.70
N TYR B 1617 -6.50 46.00 -14.76
CA TYR B 1617 -5.10 46.46 -14.78
C TYR B 1617 -4.94 47.99 -14.78
N GLU B 1618 -5.54 48.70 -15.75
CA GLU B 1618 -5.43 50.16 -15.80
C GLU B 1618 -5.85 50.75 -14.47
N GLU B 1619 -7.05 50.36 -14.02
CA GLU B 1619 -7.59 50.83 -12.74
C GLU B 1619 -6.80 50.32 -11.52
N GLU B 1620 -7.32 49.25 -10.91
CA GLU B 1620 -6.77 48.60 -9.71
C GLU B 1620 -5.30 48.15 -9.62
N LEU B 1621 -5.08 46.85 -9.84
CA LEU B 1621 -3.73 46.27 -9.77
C LEU B 1621 -3.11 45.83 -11.11
N ASP B 1622 -2.05 46.51 -11.51
CA ASP B 1622 -1.34 46.20 -12.76
C ASP B 1622 -0.28 45.11 -12.62
N VAL B 1623 -0.76 43.92 -12.27
CA VAL B 1623 0.10 42.77 -12.10
C VAL B 1623 -0.52 41.70 -13.01
N PRO B 1624 0.22 41.31 -14.07
CA PRO B 1624 -0.16 40.31 -15.07
C PRO B 1624 -0.51 38.93 -14.49
N LEU B 1625 -1.73 38.49 -14.73
CA LEU B 1625 -2.15 37.20 -14.22
C LEU B 1625 -2.37 36.14 -15.29
N VAL B 1626 -1.68 35.03 -15.13
CA VAL B 1626 -1.80 33.91 -16.05
C VAL B 1626 -3.03 33.14 -15.59
N LEU B 1627 -4.03 33.03 -16.45
CA LEU B 1627 -5.24 32.33 -16.07
C LEU B 1627 -5.15 30.82 -16.18
N PHE B 1628 -4.24 30.19 -15.44
CA PHE B 1628 -4.17 28.75 -15.54
C PHE B 1628 -5.36 28.10 -14.85
N ASN B 1629 -5.68 26.88 -15.27
CA ASN B 1629 -6.81 26.11 -14.75
C ASN B 1629 -7.34 26.39 -13.36
N GLU B 1630 -6.50 26.18 -12.35
CA GLU B 1630 -6.87 26.41 -10.96
C GLU B 1630 -7.31 27.84 -10.68
N VAL B 1631 -6.67 28.81 -11.32
CA VAL B 1631 -7.05 30.20 -11.12
C VAL B 1631 -8.53 30.41 -11.42
N LEU B 1632 -8.98 29.83 -12.53
CA LEU B 1632 -10.38 29.93 -12.93
C LEU B 1632 -11.20 29.29 -11.83
N ASP B 1633 -10.72 28.16 -11.33
CA ASP B 1633 -11.41 27.45 -10.26
C ASP B 1633 -11.62 28.29 -8.99
N HIS B 1634 -10.64 29.10 -8.64
CA HIS B 1634 -10.71 29.93 -7.43
C HIS B 1634 -11.46 31.25 -7.56
N ILE B 1635 -11.33 31.93 -8.70
CA ILE B 1635 -12.03 33.20 -8.85
C ILE B 1635 -13.50 32.92 -9.15
N LEU B 1636 -13.98 31.76 -8.71
CA LEU B 1636 -15.38 31.36 -8.91
C LEU B 1636 -15.87 30.90 -7.57
N ARG B 1637 -14.98 30.23 -6.85
CA ARG B 1637 -15.28 29.72 -5.52
C ARG B 1637 -15.31 30.88 -4.56
N ILE B 1638 -14.43 31.84 -4.81
CA ILE B 1638 -14.31 33.03 -3.99
C ILE B 1638 -15.54 33.85 -4.29
N ASP B 1639 -15.95 33.85 -5.55
CA ASP B 1639 -17.12 34.58 -5.94
C ASP B 1639 -18.31 34.12 -5.11
N ARG B 1640 -18.64 32.82 -5.20
CA ARG B 1640 -19.75 32.25 -4.44
C ARG B 1640 -19.78 32.81 -3.03
N VAL B 1641 -18.62 32.78 -2.39
CA VAL B 1641 -18.49 33.26 -1.02
C VAL B 1641 -18.92 34.72 -0.86
N PHE B 1642 -18.46 35.59 -1.76
CA PHE B 1642 -18.77 37.01 -1.70
C PHE B 1642 -20.21 37.27 -2.08
N ARG B 1643 -20.84 36.32 -2.77
CA ARG B 1643 -22.23 36.52 -3.17
C ARG B 1643 -23.19 36.09 -2.06
N GLN B 1644 -22.69 36.03 -0.82
CA GLN B 1644 -23.53 35.61 0.30
C GLN B 1644 -23.42 36.47 1.59
N PRO B 1645 -24.48 36.46 2.43
CA PRO B 1645 -24.49 37.21 3.69
C PRO B 1645 -23.39 36.64 4.58
N GLN B 1646 -22.83 37.45 5.49
CA GLN B 1646 -21.76 36.96 6.36
C GLN B 1646 -20.76 36.05 5.63
N GLY B 1647 -20.61 36.25 4.31
CA GLY B 1647 -19.70 35.45 3.48
C GLY B 1647 -18.22 35.65 3.75
N HIS B 1648 -17.61 34.66 4.41
CA HIS B 1648 -16.19 34.70 4.73
C HIS B 1648 -15.42 33.51 4.15
N ALA B 1649 -14.21 33.77 3.65
CA ALA B 1649 -13.41 32.73 3.04
C ALA B 1649 -12.08 32.53 3.72
N LEU B 1650 -11.59 31.29 3.71
CA LEU B 1650 -10.31 30.92 4.30
C LEU B 1650 -9.45 30.25 3.23
N LEU B 1651 -8.60 31.04 2.59
CA LEU B 1651 -7.73 30.57 1.53
C LEU B 1651 -6.41 30.17 2.15
N ILE B 1652 -6.09 28.88 2.10
CA ILE B 1652 -4.87 28.37 2.68
C ILE B 1652 -3.98 27.74 1.60
N GLY B 1653 -2.77 28.25 1.43
CA GLY B 1653 -1.89 27.67 0.42
C GLY B 1653 -0.49 28.23 0.40
N VAL B 1654 0.27 27.96 -0.64
CA VAL B 1654 1.64 28.46 -0.75
C VAL B 1654 1.68 29.97 -0.76
N SER B 1655 2.82 30.51 -0.40
CA SER B 1655 2.98 31.96 -0.40
C SER B 1655 3.33 32.46 -1.81
N GLY B 1656 2.64 33.51 -2.22
CA GLY B 1656 2.87 34.06 -3.54
C GLY B 1656 2.13 33.20 -4.54
N GLY B 1657 1.16 32.43 -4.03
CA GLY B 1657 0.39 31.54 -4.88
C GLY B 1657 -0.84 32.10 -5.57
N GLY B 1658 -1.31 33.27 -5.14
CA GLY B 1658 -2.47 33.87 -5.76
C GLY B 1658 -3.67 34.21 -4.90
N LYS B 1659 -3.58 33.93 -3.61
CA LYS B 1659 -4.67 34.17 -2.67
C LYS B 1659 -5.14 35.61 -2.56
N SER B 1660 -4.20 36.54 -2.44
CA SER B 1660 -4.56 37.95 -2.33
C SER B 1660 -4.98 38.61 -3.63
N VAL B 1661 -4.19 38.45 -4.69
CA VAL B 1661 -4.55 39.06 -5.97
C VAL B 1661 -5.89 38.57 -6.50
N LEU B 1662 -6.18 37.29 -6.32
CA LEU B 1662 -7.44 36.74 -6.79
C LEU B 1662 -8.58 37.24 -5.92
N SER B 1663 -8.34 37.29 -4.62
CA SER B 1663 -9.38 37.77 -3.71
C SER B 1663 -9.75 39.19 -4.08
N ARG B 1664 -8.78 39.92 -4.60
CA ARG B 1664 -8.98 41.30 -5.02
C ARG B 1664 -9.82 41.37 -6.29
N PHE B 1665 -9.36 40.70 -7.33
CA PHE B 1665 -10.07 40.71 -8.59
C PHE B 1665 -11.56 40.43 -8.39
N VAL B 1666 -11.90 39.53 -7.48
CA VAL B 1666 -13.30 39.20 -7.27
C VAL B 1666 -13.98 40.13 -6.27
N ALA B 1667 -13.20 40.85 -5.47
CA ALA B 1667 -13.78 41.80 -4.52
C ALA B 1667 -14.19 42.94 -5.43
N TRP B 1668 -13.34 43.17 -6.42
CA TRP B 1668 -13.54 44.20 -7.41
C TRP B 1668 -14.77 43.91 -8.29
N MET B 1669 -14.92 42.66 -8.71
CA MET B 1669 -16.03 42.20 -9.55
C MET B 1669 -17.41 42.34 -8.90
N ASN B 1670 -17.42 42.31 -7.57
CA ASN B 1670 -18.65 42.44 -6.78
C ASN B 1670 -18.71 43.85 -6.19
N GLY B 1671 -17.90 44.74 -6.76
CA GLY B 1671 -17.87 46.11 -6.28
C GLY B 1671 -17.57 46.22 -4.80
N LEU B 1672 -16.78 45.27 -4.28
CA LEU B 1672 -16.40 45.29 -2.88
C LEU B 1672 -15.12 46.08 -2.71
N SER B 1673 -15.02 46.77 -1.60
CA SER B 1673 -13.85 47.58 -1.32
C SER B 1673 -12.87 46.75 -0.50
N ILE B 1674 -11.61 46.74 -0.92
CA ILE B 1674 -10.57 45.98 -0.24
C ILE B 1674 -9.99 46.80 0.90
N TYR B 1675 -9.67 46.14 2.01
CA TYR B 1675 -9.06 46.79 3.17
C TYR B 1675 -8.11 45.84 3.86
N THR B 1676 -7.00 46.36 4.36
CA THR B 1676 -6.05 45.50 5.07
C THR B 1676 -5.27 46.32 6.10
N ILE B 1677 -5.13 45.81 7.33
CA ILE B 1677 -4.39 46.53 8.36
C ILE B 1677 -2.94 46.57 7.93
N LYS B 1678 -2.26 47.68 8.22
CA LYS B 1678 -0.86 47.86 7.85
C LYS B 1678 0.05 47.74 9.06
N VAL B 1679 0.27 46.50 9.46
CA VAL B 1679 1.08 46.18 10.62
C VAL B 1679 2.56 46.55 10.46
N ASN B 1680 3.24 46.76 11.59
CA ASN B 1680 4.67 47.10 11.57
C ASN B 1680 5.44 46.61 12.82
N ASN B 1681 6.76 46.54 12.71
CA ASN B 1681 7.64 46.08 13.80
C ASN B 1681 7.27 46.59 15.19
N ASN B 1682 6.53 47.71 15.24
CA ASN B 1682 6.08 48.36 16.48
C ASN B 1682 4.55 48.55 16.46
N TYR B 1683 3.80 47.48 16.23
CA TYR B 1683 2.34 47.57 16.15
C TYR B 1683 1.63 46.85 17.33
N LYS B 1684 1.19 47.64 18.31
CA LYS B 1684 0.53 47.12 19.51
C LYS B 1684 -0.94 46.67 19.40
N SER B 1685 -1.30 45.68 20.25
CA SER B 1685 -2.65 45.09 20.33
C SER B 1685 -3.73 46.12 20.69
N SER B 1686 -3.33 47.39 20.67
CA SER B 1686 -4.20 48.52 20.96
C SER B 1686 -4.41 49.25 19.64
N ASP B 1687 -3.49 48.99 18.70
CA ASP B 1687 -3.51 49.59 17.35
C ASP B 1687 -4.64 48.97 16.53
N PHE B 1688 -4.96 47.73 16.87
CA PHE B 1688 -5.97 46.96 16.16
C PHE B 1688 -7.43 47.40 16.22
N ASP B 1689 -8.00 47.44 17.42
CA ASP B 1689 -9.39 47.82 17.57
C ASP B 1689 -9.66 49.13 16.84
N ASP B 1690 -8.60 49.92 16.69
CA ASP B 1690 -8.69 51.20 16.02
C ASP B 1690 -9.13 50.94 14.58
N ASP B 1691 -8.28 50.23 13.84
CA ASP B 1691 -8.61 49.89 12.48
C ASP B 1691 -9.96 49.15 12.53
N LEU B 1692 -10.11 48.23 13.49
CA LEU B 1692 -11.37 47.49 13.62
C LEU B 1692 -12.58 48.41 13.73
N ARG B 1693 -12.44 49.47 14.54
CA ARG B 1693 -13.50 50.47 14.73
C ARG B 1693 -13.94 51.02 13.36
N MET B 1694 -12.95 51.34 12.53
CA MET B 1694 -13.22 51.88 11.21
C MET B 1694 -13.73 50.87 10.19
N LEU B 1695 -13.04 49.72 10.07
CA LEU B 1695 -13.47 48.72 9.10
C LEU B 1695 -14.95 48.44 9.28
N LEU B 1696 -15.35 48.17 10.52
CA LEU B 1696 -16.75 47.92 10.82
C LEU B 1696 -17.53 49.21 10.61
N LYS B 1697 -16.83 50.31 10.86
CA LYS B 1697 -17.43 51.62 10.71
C LYS B 1697 -17.98 51.79 9.29
N ARG B 1698 -17.13 51.58 8.27
CA ARG B 1698 -17.55 51.74 6.88
C ARG B 1698 -18.57 50.68 6.46
N ALA B 1699 -18.53 49.54 7.13
CA ALA B 1699 -19.45 48.45 6.83
C ALA B 1699 -20.89 48.71 7.30
N GLY B 1700 -21.05 48.92 8.61
CA GLY B 1700 -22.37 49.16 9.16
C GLY B 1700 -22.99 50.54 8.92
N CYS B 1701 -22.24 51.58 9.25
CA CYS B 1701 -22.74 52.93 9.07
C CYS B 1701 -22.76 53.34 7.61
N LYS B 1702 -21.61 53.28 6.94
CA LYS B 1702 -21.55 53.66 5.52
C LYS B 1702 -22.27 52.68 4.57
N GLU B 1703 -22.48 51.44 5.01
CA GLU B 1703 -23.15 50.45 4.16
C GLU B 1703 -22.26 50.17 2.98
N GLU B 1704 -20.97 50.27 3.22
CA GLU B 1704 -19.95 50.03 2.21
C GLU B 1704 -19.49 48.56 2.23
N LYS B 1705 -19.78 47.84 1.15
CA LYS B 1705 -19.38 46.43 1.01
C LYS B 1705 -17.87 46.44 1.07
N ILE B 1706 -17.29 45.57 1.90
CA ILE B 1706 -15.84 45.53 2.04
C ILE B 1706 -15.28 44.14 2.11
N CYS B 1707 -14.11 43.98 1.54
CA CYS B 1707 -13.39 42.72 1.57
C CYS B 1707 -12.15 42.95 2.43
N PHE B 1708 -12.19 42.45 3.67
CA PHE B 1708 -11.05 42.59 4.58
C PHE B 1708 -10.13 41.36 4.52
N ILE B 1709 -9.06 41.47 3.74
CA ILE B 1709 -8.10 40.40 3.54
C ILE B 1709 -7.05 40.39 4.66
N PHE B 1710 -7.30 39.56 5.65
CA PHE B 1710 -6.44 39.43 6.82
C PHE B 1710 -5.47 38.26 6.68
N ASP B 1711 -4.16 38.52 6.76
CA ASP B 1711 -3.21 37.41 6.64
C ASP B 1711 -2.70 36.88 7.99
N GLU B 1712 -2.23 35.65 7.97
CA GLU B 1712 -1.73 34.99 9.18
C GLU B 1712 -0.56 35.70 9.83
N SER B 1713 0.16 36.50 9.04
CA SER B 1713 1.30 37.24 9.58
C SER B 1713 0.70 38.45 10.27
N ASN B 1714 -0.54 38.80 9.90
CA ASN B 1714 -1.23 39.93 10.47
C ASN B 1714 -1.44 39.80 11.99
N VAL B 1715 -1.60 38.57 12.48
CA VAL B 1715 -1.76 38.33 13.92
C VAL B 1715 -0.39 38.39 14.62
N LEU B 1716 -0.02 39.60 15.05
CA LEU B 1716 1.25 39.82 15.73
C LEU B 1716 1.11 39.48 17.21
N GLU B 1717 -0.11 39.10 17.61
CA GLU B 1717 -0.40 38.75 19.00
C GLU B 1717 -1.62 37.84 19.06
N SER B 1718 -1.54 36.80 19.87
CA SER B 1718 -2.64 35.86 20.00
C SER B 1718 -3.96 36.60 20.22
N SER B 1719 -3.96 37.66 21.02
CA SER B 1719 -5.21 38.40 21.26
C SER B 1719 -5.86 38.78 19.93
N PHE B 1720 -5.03 39.04 18.92
CA PHE B 1720 -5.46 39.43 17.55
C PHE B 1720 -6.51 38.51 16.89
N LEU B 1721 -6.33 37.21 17.07
CA LEU B 1721 -7.25 36.22 16.51
C LEU B 1721 -8.63 36.38 17.09
N GLU B 1722 -8.68 36.38 18.42
CA GLU B 1722 -9.92 36.51 19.18
C GLU B 1722 -10.82 37.63 18.65
N ARG B 1723 -10.25 38.81 18.46
CA ARG B 1723 -11.05 39.93 17.96
C ARG B 1723 -11.80 39.47 16.69
N MET B 1724 -11.06 39.00 15.71
CA MET B 1724 -11.64 38.54 14.45
C MET B 1724 -12.59 37.36 14.64
N ASN B 1725 -12.17 36.45 15.51
CA ASN B 1725 -12.92 35.25 15.81
C ASN B 1725 -14.36 35.57 16.26
N THR B 1726 -14.54 36.74 16.88
CA THR B 1726 -15.86 37.19 17.36
C THR B 1726 -16.64 37.83 16.23
N LEU B 1727 -16.01 38.79 15.55
CA LEU B 1727 -16.63 39.47 14.42
C LEU B 1727 -16.79 38.45 13.30
N LEU B 1728 -16.05 37.34 13.39
CA LEU B 1728 -16.14 36.34 12.34
C LEU B 1728 -17.56 35.82 12.18
N ALA B 1729 -18.24 35.59 13.31
CA ALA B 1729 -19.61 35.12 13.25
C ALA B 1729 -20.68 36.24 13.09
N GLY B 1730 -21.34 36.59 14.19
CA GLY B 1730 -22.41 37.57 14.22
C GLY B 1730 -22.39 38.90 13.48
N GLY B 1731 -21.50 39.81 13.88
CA GLY B 1731 -21.45 41.11 13.23
C GLY B 1731 -20.60 42.12 13.97
N GLU B 1732 -20.53 41.98 15.30
CA GLU B 1732 -19.69 42.86 16.14
C GLU B 1732 -18.73 42.07 17.02
N GLU B 1738 -18.10 50.42 23.15
CA GLU B 1738 -17.71 50.50 24.57
C GLU B 1738 -16.94 51.81 24.88
N GLY B 1739 -16.91 52.17 26.16
CA GLY B 1739 -16.24 53.40 26.57
C GLY B 1739 -16.97 54.63 26.06
N GLU B 1740 -16.22 55.63 25.59
CA GLU B 1740 -16.83 56.85 25.04
C GLU B 1740 -17.31 56.47 23.63
N GLU B 1741 -16.48 55.66 22.96
CA GLU B 1741 -16.75 55.15 21.61
C GLU B 1741 -18.24 54.89 21.36
N PHE B 1742 -18.81 53.99 22.18
CA PHE B 1742 -20.21 53.57 22.12
C PHE B 1742 -21.21 54.65 21.77
N THR B 1743 -20.75 55.91 21.72
CA THR B 1743 -21.60 57.06 21.39
C THR B 1743 -21.74 57.21 19.87
N ALA B 1744 -20.64 57.54 19.20
CA ALA B 1744 -20.62 57.72 17.74
C ALA B 1744 -21.00 56.40 17.07
N LEU B 1745 -20.66 55.30 17.74
CA LEU B 1745 -20.96 53.96 17.26
C LEU B 1745 -22.46 53.72 17.29
N MET B 1746 -23.22 54.77 17.57
CA MET B 1746 -24.69 54.72 17.63
C MET B 1746 -25.17 56.05 17.09
N HIS B 1747 -24.34 57.08 17.29
CA HIS B 1747 -24.65 58.40 16.79
C HIS B 1747 -24.63 58.30 15.26
N ALA B 1748 -23.63 57.58 14.73
CA ALA B 1748 -23.51 57.40 13.28
C ALA B 1748 -24.66 56.49 12.82
N CYS B 1749 -24.86 55.42 13.59
CA CYS B 1749 -25.94 54.47 13.37
C CYS B 1749 -27.13 55.38 13.06
N LYS B 1750 -27.56 56.07 14.11
CA LYS B 1750 -28.65 57.01 14.04
C LYS B 1750 -28.52 57.84 12.74
N GLU B 1751 -27.37 58.50 12.60
CA GLU B 1751 -27.05 59.38 11.45
C GLU B 1751 -27.47 58.75 10.11
N THR B 1752 -27.01 57.52 9.88
CA THR B 1752 -27.34 56.80 8.66
C THR B 1752 -28.74 56.21 8.79
N ALA B 1753 -28.99 55.68 10.00
CA ALA B 1753 -30.26 55.08 10.38
C ALA B 1753 -31.28 56.04 9.83
N GLN B 1754 -30.87 57.31 9.78
CA GLN B 1754 -31.67 58.37 9.21
C GLN B 1754 -31.43 58.27 7.70
N ARG B 1755 -30.36 58.92 7.22
CA ARG B 1755 -29.95 58.97 5.81
C ARG B 1755 -30.61 57.94 4.89
N SER B 1762 -35.51 53.02 19.13
CA SER B 1762 -35.02 52.68 20.47
C SER B 1762 -33.53 52.36 20.53
N GLU B 1763 -32.83 52.92 21.52
CA GLU B 1763 -31.39 52.70 21.64
C GLU B 1763 -30.87 51.30 21.28
N GLU B 1764 -31.25 50.26 22.02
CA GLU B 1764 -30.77 48.89 21.73
C GLU B 1764 -31.02 48.52 20.25
N GLU B 1765 -32.29 48.41 19.86
CA GLU B 1765 -32.64 48.09 18.47
C GLU B 1765 -31.67 48.80 17.48
N LEU B 1766 -31.21 49.99 17.86
CA LEU B 1766 -30.27 50.76 17.03
C LEU B 1766 -28.94 50.03 16.83
N TYR B 1767 -28.43 49.40 17.91
CA TYR B 1767 -27.14 48.68 17.85
C TYR B 1767 -27.27 47.32 17.18
N LYS B 1768 -28.49 46.78 17.09
CA LYS B 1768 -28.67 45.52 16.37
C LYS B 1768 -28.56 45.88 14.88
N TYR B 1769 -29.16 47.01 14.51
CA TYR B 1769 -29.15 47.51 13.13
C TYR B 1769 -27.73 47.66 12.53
N PHE B 1770 -26.78 48.03 13.38
CA PHE B 1770 -25.37 48.24 13.03
C PHE B 1770 -24.68 46.89 12.86
N THR B 1771 -24.88 46.02 13.86
CA THR B 1771 -24.32 44.67 13.92
C THR B 1771 -25.00 43.76 12.89
N SER B 1772 -26.03 44.27 12.25
CA SER B 1772 -26.76 43.50 11.25
C SER B 1772 -26.37 43.94 9.82
N GLN B 1773 -25.71 45.11 9.72
CA GLN B 1773 -25.24 45.62 8.44
C GLN B 1773 -23.88 44.93 8.23
N VAL B 1774 -22.99 45.18 9.18
CA VAL B 1774 -21.66 44.61 9.18
C VAL B 1774 -21.76 43.18 8.67
N ARG B 1775 -22.61 42.38 9.33
CA ARG B 1775 -22.75 40.99 8.93
C ARG B 1775 -22.99 40.76 7.45
N ARG B 1776 -23.96 41.47 6.88
CA ARG B 1776 -24.23 41.27 5.46
C ARG B 1776 -23.69 42.43 4.62
N ASN B 1777 -22.46 42.82 4.88
CA ASN B 1777 -21.90 43.91 4.09
C ASN B 1777 -20.40 43.89 4.15
N LEU B 1778 -19.89 43.11 5.08
CA LEU B 1778 -18.46 42.97 5.24
C LEU B 1778 -18.08 41.53 4.97
N HIS B 1779 -16.94 41.35 4.30
CA HIS B 1779 -16.46 40.02 3.99
C HIS B 1779 -15.04 39.83 4.49
N VAL B 1780 -14.81 38.69 5.12
CA VAL B 1780 -13.48 38.41 5.63
C VAL B 1780 -12.79 37.35 4.80
N VAL B 1781 -11.59 37.65 4.34
CA VAL B 1781 -10.83 36.71 3.55
C VAL B 1781 -9.52 36.45 4.28
N PHE B 1782 -9.45 35.32 4.98
CA PHE B 1782 -8.23 34.94 5.70
C PHE B 1782 -7.34 34.18 4.76
N THR B 1783 -6.04 34.40 4.87
CA THR B 1783 -5.08 33.72 4.02
C THR B 1783 -4.05 33.06 4.92
N MET B 1784 -3.74 31.80 4.65
CA MET B 1784 -2.77 31.10 5.48
C MET B 1784 -1.85 30.20 4.66
N ASN B 1785 -0.65 29.99 5.17
CA ASN B 1785 0.32 29.10 4.54
C ASN B 1785 0.41 27.92 5.49
N PRO B 1786 0.05 26.72 5.02
CA PRO B 1786 0.10 25.53 5.86
C PRO B 1786 1.54 25.06 6.10
N ALA B 1787 2.45 26.02 6.24
CA ALA B 1787 3.84 25.68 6.47
C ALA B 1787 4.44 26.53 7.58
N SER B 1788 3.78 27.63 7.90
CA SER B 1788 4.25 28.51 8.97
C SER B 1788 3.81 27.88 10.30
N PRO B 1789 4.74 27.73 11.27
CA PRO B 1789 4.36 27.13 12.56
C PRO B 1789 3.23 27.82 13.32
N ASP B 1790 2.62 28.81 12.70
CA ASP B 1790 1.49 29.52 13.32
C ASP B 1790 0.21 29.11 12.54
N PHE B 1791 0.12 27.81 12.23
CA PHE B 1791 -1.00 27.27 11.43
C PHE B 1791 -1.91 26.24 12.10
N HIS B 1792 -1.40 25.02 12.23
CA HIS B 1792 -2.19 23.97 12.84
C HIS B 1792 -2.82 24.46 14.15
N ASN B 1793 -1.99 24.84 15.12
CA ASN B 1793 -2.53 25.32 16.39
C ASN B 1793 -3.48 26.52 16.24
N ARG B 1794 -3.50 27.13 15.06
CA ARG B 1794 -4.38 28.28 14.82
C ARG B 1794 -5.86 27.89 15.01
N SER B 1795 -6.23 26.68 14.57
CA SER B 1795 -7.62 26.23 14.70
C SER B 1795 -8.04 26.07 16.17
N ALA B 1796 -7.24 25.33 16.94
CA ALA B 1796 -7.54 25.15 18.35
C ALA B 1796 -7.52 26.55 19.00
N THR B 1797 -6.79 27.48 18.37
CA THR B 1797 -6.66 28.87 18.82
C THR B 1797 -7.90 29.73 18.56
N SER B 1798 -8.39 29.71 17.33
CA SER B 1798 -9.55 30.52 16.98
C SER B 1798 -10.62 29.71 16.26
N PRO B 1799 -11.17 28.69 16.94
CA PRO B 1799 -12.21 27.79 16.42
C PRO B 1799 -13.38 28.33 15.57
N ALA B 1800 -13.40 29.60 15.23
CA ALA B 1800 -14.48 30.11 14.39
C ALA B 1800 -13.98 30.17 12.93
N LEU B 1801 -12.64 30.25 12.80
CA LEU B 1801 -11.96 30.30 11.50
C LEU B 1801 -12.31 29.13 10.57
N PHE B 1802 -11.64 28.00 10.77
CA PHE B 1802 -11.87 26.80 9.95
C PHE B 1802 -13.23 26.19 10.24
N ASN B 1803 -14.11 26.96 10.88
CA ASN B 1803 -15.44 26.47 11.23
C ASN B 1803 -16.61 27.40 10.83
N ARG B 1804 -16.27 28.61 10.39
CA ARG B 1804 -17.30 29.57 9.99
C ARG B 1804 -17.09 30.04 8.56
N CYS B 1805 -15.86 29.91 8.08
CA CYS B 1805 -15.51 30.35 6.72
C CYS B 1805 -15.55 29.24 5.68
N VAL B 1806 -15.63 29.64 4.42
CA VAL B 1806 -15.64 28.66 3.33
C VAL B 1806 -14.19 28.35 2.99
N LEU B 1807 -13.69 27.23 3.48
CA LEU B 1807 -12.32 26.87 3.22
C LEU B 1807 -12.04 26.43 1.78
N ASP B 1808 -11.12 27.12 1.12
CA ASP B 1808 -10.75 26.78 -0.25
C ASP B 1808 -9.24 26.56 -0.32
N TRP B 1809 -8.80 25.32 -0.49
CA TRP B 1809 -7.37 25.04 -0.52
C TRP B 1809 -6.65 25.34 -1.85
N PHE B 1810 -5.79 26.35 -1.84
CA PHE B 1810 -5.00 26.73 -3.01
C PHE B 1810 -3.88 25.70 -3.22
N GLY B 1811 -3.12 25.43 -2.16
CA GLY B 1811 -2.05 24.45 -2.25
C GLY B 1811 -0.96 24.90 -3.18
N GLU B 1812 -0.32 23.95 -3.85
CA GLU B 1812 0.76 24.29 -4.77
C GLU B 1812 0.20 24.55 -6.17
N TRP B 1813 1.09 24.94 -7.07
CA TRP B 1813 0.75 25.18 -8.47
C TRP B 1813 1.12 23.87 -9.15
N SER B 1814 0.21 23.32 -9.95
CA SER B 1814 0.45 22.04 -10.62
C SER B 1814 1.52 22.10 -11.69
N PRO B 1815 2.03 20.94 -12.14
CA PRO B 1815 3.06 21.03 -13.17
C PRO B 1815 2.47 21.67 -14.41
N GLU B 1816 1.16 21.51 -14.57
CA GLU B 1816 0.46 22.06 -15.70
C GLU B 1816 0.39 23.61 -15.61
N ALA B 1817 0.17 24.11 -14.40
CA ALA B 1817 0.10 25.54 -14.16
C ALA B 1817 1.47 26.15 -14.39
N LEU B 1818 2.50 25.45 -13.96
CA LEU B 1818 3.87 25.93 -14.11
C LEU B 1818 4.21 26.01 -15.59
N PHE B 1819 3.64 25.10 -16.37
CA PHE B 1819 3.90 25.10 -17.80
C PHE B 1819 3.30 26.35 -18.40
N GLN B 1820 2.07 26.66 -18.02
CA GLN B 1820 1.40 27.84 -18.52
C GLN B 1820 2.11 29.14 -18.19
N VAL B 1821 2.33 29.38 -16.90
CA VAL B 1821 3.01 30.60 -16.48
C VAL B 1821 4.32 30.77 -17.22
N GLY B 1822 5.16 29.74 -17.21
CA GLY B 1822 6.42 29.82 -17.90
C GLY B 1822 6.21 30.03 -19.38
N SER B 1823 5.11 29.53 -19.89
CA SER B 1823 4.81 29.66 -21.29
C SER B 1823 4.47 31.10 -21.62
N GLU B 1824 3.45 31.62 -20.97
CA GLU B 1824 3.04 32.99 -21.25
C GLU B 1824 4.04 34.06 -20.86
N PHE B 1825 4.89 33.80 -19.87
CA PHE B 1825 5.87 34.81 -19.51
C PHE B 1825 6.98 34.86 -20.54
N THR B 1826 7.04 33.86 -21.40
CA THR B 1826 8.06 33.80 -22.43
C THR B 1826 7.43 33.87 -23.83
N ARG B 1827 6.18 34.28 -23.90
CA ARG B 1827 5.50 34.37 -25.17
C ARG B 1827 6.22 35.30 -26.13
N ASN B 1828 6.76 36.39 -25.61
CA ASN B 1828 7.45 37.36 -26.45
C ASN B 1828 8.93 37.07 -26.70
N LEU B 1829 9.49 36.06 -26.03
CA LEU B 1829 10.89 35.74 -26.26
C LEU B 1829 10.97 34.89 -27.49
N ASP B 1830 12.04 35.02 -28.25
CA ASP B 1830 12.18 34.22 -29.44
C ASP B 1830 12.87 32.92 -29.05
N LEU B 1831 12.06 31.88 -28.85
CA LEU B 1831 12.59 30.58 -28.47
C LEU B 1831 12.46 29.58 -29.61
N GLU B 1832 12.43 30.08 -30.83
CA GLU B 1832 12.32 29.23 -32.01
C GLU B 1832 13.70 28.77 -32.49
N ASN B 1833 13.73 27.67 -33.23
CA ASN B 1833 14.96 27.13 -33.74
C ASN B 1833 14.67 25.98 -34.67
N PRO B 1834 14.39 26.28 -35.95
CA PRO B 1834 14.07 25.30 -37.00
C PRO B 1834 15.12 24.23 -37.27
N GLN B 1835 16.24 24.30 -36.56
CA GLN B 1835 17.29 23.31 -36.73
C GLN B 1835 17.27 22.36 -35.51
N TYR B 1836 16.23 22.48 -34.69
CA TYR B 1836 16.06 21.67 -33.49
C TYR B 1836 15.21 20.43 -33.69
N ILE B 1837 15.78 19.27 -33.36
CA ILE B 1837 15.06 18.01 -33.46
C ILE B 1837 14.81 17.50 -32.04
N ALA B 1838 13.56 17.23 -31.71
CA ALA B 1838 13.17 16.75 -30.38
C ALA B 1838 13.60 15.32 -30.19
N PRO B 1839 14.46 15.04 -29.19
CA PRO B 1839 14.93 13.68 -28.94
C PRO B 1839 13.82 12.70 -28.55
N PRO B 1840 14.03 11.41 -28.81
CA PRO B 1840 13.00 10.43 -28.45
C PRO B 1840 12.51 10.48 -27.01
N VAL B 1841 13.42 10.69 -26.06
CA VAL B 1841 13.02 10.75 -24.67
C VAL B 1841 12.07 11.92 -24.44
N PHE B 1842 12.16 12.94 -25.29
CA PHE B 1842 11.31 14.11 -25.15
C PHE B 1842 10.03 14.06 -25.99
N ILE B 1843 10.02 13.31 -27.09
CA ILE B 1843 8.78 13.17 -27.88
C ILE B 1843 7.79 12.38 -26.99
N GLN B 1844 8.33 11.44 -26.24
CA GLN B 1844 7.53 10.61 -25.33
C GLN B 1844 6.93 11.47 -24.22
N GLU B 1845 7.73 12.37 -23.68
CA GLU B 1845 7.27 13.25 -22.61
C GLU B 1845 6.08 14.09 -23.04
N ALA B 1846 6.10 14.62 -24.24
CA ALA B 1846 4.96 15.41 -24.68
C ALA B 1846 3.75 14.47 -24.74
N GLU B 1847 3.97 13.25 -25.25
CA GLU B 1847 2.93 12.23 -25.38
C GLU B 1847 2.06 12.16 -24.15
N ILE B 1848 2.69 12.25 -22.98
CA ILE B 1848 1.97 12.20 -21.73
C ILE B 1848 1.67 13.64 -21.28
N MET B 1849 0.73 14.29 -21.97
CA MET B 1849 0.34 15.67 -21.70
C MET B 1849 -0.53 16.18 -22.87
N MET B 1854 1.72 21.54 -25.87
CA MET B 1854 2.71 20.67 -26.52
C MET B 1854 2.29 20.20 -27.93
N ALA B 1855 3.05 20.58 -28.95
CA ALA B 1855 2.75 20.20 -30.34
C ALA B 1855 3.10 18.73 -30.66
N ILE B 1856 2.27 18.08 -31.49
CA ILE B 1856 2.44 16.65 -31.90
C ILE B 1856 3.90 16.15 -31.85
N PRO B 1857 4.80 16.97 -32.40
CA PRO B 1857 6.25 16.74 -32.36
C PRO B 1857 6.91 17.91 -31.65
N PRO B 1858 7.13 17.74 -30.36
CA PRO B 1858 7.53 18.83 -29.44
C PRO B 1858 8.45 19.87 -30.06
N SER B 1859 8.20 21.15 -29.77
CA SER B 1859 9.02 22.26 -30.30
C SER B 1859 10.17 22.69 -29.38
N HIS B 1860 11.08 23.52 -29.90
CA HIS B 1860 12.22 24.01 -29.13
C HIS B 1860 11.67 24.83 -27.95
N ARG B 1861 10.65 25.63 -28.22
CA ARG B 1861 10.03 26.43 -27.20
C ARG B 1861 9.48 25.49 -26.14
N ASP B 1862 8.92 24.37 -26.57
CA ASP B 1862 8.37 23.38 -25.65
C ASP B 1862 9.49 22.89 -24.77
N ALA B 1863 10.62 22.58 -25.40
CA ALA B 1863 11.78 22.10 -24.67
C ALA B 1863 12.20 23.06 -23.57
N VAL B 1864 12.16 24.35 -23.86
CA VAL B 1864 12.58 25.33 -22.90
C VAL B 1864 11.62 25.50 -21.74
N VAL B 1865 10.39 25.90 -22.03
CA VAL B 1865 9.40 26.10 -20.98
C VAL B 1865 9.25 24.89 -20.07
N SER B 1866 9.11 23.69 -20.65
CA SER B 1866 8.97 22.49 -19.84
C SER B 1866 10.19 22.22 -18.96
N SER B 1867 11.38 22.65 -19.39
CA SER B 1867 12.59 22.45 -18.61
C SER B 1867 12.66 23.49 -17.50
N LEU B 1868 11.86 24.54 -17.61
CA LEU B 1868 11.84 25.58 -16.60
C LEU B 1868 10.99 25.02 -15.46
N VAL B 1869 10.03 24.18 -15.82
CA VAL B 1869 9.14 23.52 -14.89
C VAL B 1869 9.89 22.40 -14.17
N TYR B 1870 10.62 21.63 -14.94
CA TYR B 1870 11.40 20.56 -14.37
C TYR B 1870 12.39 21.11 -13.36
N ILE B 1871 13.12 22.14 -13.74
CA ILE B 1871 14.10 22.72 -12.84
C ILE B 1871 13.44 23.23 -11.57
N HIS B 1872 12.28 23.85 -11.70
CA HIS B 1872 11.56 24.37 -10.54
C HIS B 1872 11.29 23.27 -9.51
N GLN B 1873 10.94 22.10 -10.01
CA GLN B 1873 10.64 21.00 -9.13
C GLN B 1873 11.86 20.41 -8.47
N THR B 1874 12.99 20.37 -9.16
CA THR B 1874 14.18 19.81 -8.54
C THR B 1874 14.47 20.54 -7.24
N ILE B 1875 14.12 21.82 -7.19
CA ILE B 1875 14.39 22.57 -5.97
C ILE B 1875 13.46 22.14 -4.84
N GLY B 1876 12.23 21.79 -5.19
CA GLY B 1876 11.35 21.31 -4.16
C GLY B 1876 12.04 20.17 -3.45
N GLU B 1877 12.28 19.07 -4.17
CA GLU B 1877 12.94 17.89 -3.60
C GLU B 1877 14.29 18.13 -2.94
N ALA B 1878 15.19 18.85 -3.60
CA ALA B 1878 16.48 19.11 -3.00
C ALA B 1878 16.25 19.70 -1.62
N ASN B 1879 15.07 20.31 -1.44
CA ASN B 1879 14.73 20.89 -0.14
C ASN B 1879 14.40 19.78 0.85
N ILE B 1880 13.62 18.81 0.40
CA ILE B 1880 13.28 17.68 1.25
C ILE B 1880 14.55 16.99 1.67
N ARG B 1881 15.49 16.81 0.74
CA ARG B 1881 16.75 16.17 1.05
C ARG B 1881 17.58 17.01 2.02
N LEU B 1882 17.66 18.31 1.78
CA LEU B 1882 18.44 19.15 2.67
C LEU B 1882 17.93 18.95 4.09
N LEU B 1883 16.60 18.93 4.23
CA LEU B 1883 15.97 18.76 5.53
C LEU B 1883 16.31 17.43 6.17
N LYS B 1884 16.24 16.35 5.38
CA LYS B 1884 16.51 15.02 5.91
C LYS B 1884 18.01 14.73 5.98
N ARG B 1885 18.82 15.77 6.16
CA ARG B 1885 20.26 15.55 6.22
C ARG B 1885 21.01 16.57 7.05
N GLN B 1886 20.74 17.85 6.84
CA GLN B 1886 21.41 18.90 7.61
C GLN B 1886 20.39 19.60 8.46
N GLY B 1887 19.17 19.10 8.38
CA GLY B 1887 18.10 19.66 9.15
C GLY B 1887 17.76 21.12 8.88
N ARG B 1888 18.30 21.70 7.81
CA ARG B 1888 18.00 23.09 7.46
C ARG B 1888 16.69 23.15 6.66
N GLN B 1889 15.90 24.19 6.90
CA GLN B 1889 14.61 24.34 6.24
C GLN B 1889 14.50 25.45 5.19
N ASN B 1890 14.25 25.06 3.95
CA ASN B 1890 14.09 25.98 2.82
C ASN B 1890 12.74 25.71 2.15
N TYR B 1891 12.17 26.73 1.51
CA TYR B 1891 10.88 26.60 0.85
C TYR B 1891 10.87 27.13 -0.58
N VAL B 1892 10.22 26.40 -1.49
CA VAL B 1892 10.12 26.85 -2.88
C VAL B 1892 8.69 27.30 -3.10
N THR B 1893 8.53 28.55 -3.49
CA THR B 1893 7.21 29.10 -3.74
C THR B 1893 7.09 29.57 -5.19
N PRO B 1894 5.86 29.83 -5.65
CA PRO B 1894 5.73 30.29 -7.03
C PRO B 1894 6.35 31.69 -7.23
N ARG B 1895 6.78 32.33 -6.15
CA ARG B 1895 7.43 33.63 -6.24
C ARG B 1895 8.84 33.35 -6.74
N HIS B 1896 9.37 32.21 -6.35
CA HIS B 1896 10.70 31.77 -6.77
C HIS B 1896 10.66 31.45 -8.27
N TYR B 1897 9.50 31.03 -8.77
CA TYR B 1897 9.36 30.68 -10.17
C TYR B 1897 9.29 31.92 -11.05
N LEU B 1898 8.60 32.96 -10.59
CA LEU B 1898 8.51 34.20 -11.36
C LEU B 1898 9.86 34.90 -11.42
N ASP B 1899 10.68 34.73 -10.38
CA ASP B 1899 12.01 35.34 -10.35
C ASP B 1899 12.85 34.64 -11.42
N PHE B 1900 12.77 33.33 -11.43
CA PHE B 1900 13.47 32.49 -12.39
C PHE B 1900 13.06 32.90 -13.80
N ILE B 1901 11.77 32.80 -14.10
CA ILE B 1901 11.25 33.15 -15.41
C ILE B 1901 11.69 34.53 -15.87
N ASN B 1902 11.46 35.55 -15.04
CA ASN B 1902 11.81 36.93 -15.38
C ASN B 1902 13.29 37.12 -15.62
N GLN B 1903 14.10 36.29 -14.96
CA GLN B 1903 15.55 36.32 -15.10
C GLN B 1903 15.93 35.67 -16.43
N VAL B 1904 15.13 34.70 -16.86
CA VAL B 1904 15.38 34.03 -18.12
C VAL B 1904 15.16 35.04 -19.20
N VAL B 1905 14.04 35.74 -19.12
CA VAL B 1905 13.71 36.75 -20.12
C VAL B 1905 14.71 37.90 -20.10
N LEU B 1906 15.04 38.39 -18.92
CA LEU B 1906 15.98 39.48 -18.84
C LEU B 1906 17.32 39.11 -19.42
N LEU B 1907 17.92 38.04 -18.91
CA LEU B 1907 19.23 37.62 -19.38
C LEU B 1907 19.36 37.19 -20.83
N ILE B 1908 18.31 36.61 -21.41
CA ILE B 1908 18.44 36.20 -22.79
C ILE B 1908 18.47 37.45 -23.66
N ASN B 1909 17.67 38.44 -23.27
CA ASN B 1909 17.62 39.68 -24.01
C ASN B 1909 18.92 40.43 -23.87
N GLU B 1910 19.57 40.29 -22.73
CA GLU B 1910 20.84 40.98 -22.48
C GLU B 1910 21.95 40.38 -23.32
N LYS B 1911 22.12 39.08 -23.17
CA LYS B 1911 23.13 38.36 -23.90
C LYS B 1911 22.91 38.47 -25.40
N ARG B 1912 21.67 38.40 -25.86
CA ARG B 1912 21.42 38.51 -27.29
C ARG B 1912 21.71 39.90 -27.85
N ASP B 1913 21.19 40.94 -27.21
CA ASP B 1913 21.44 42.30 -27.66
C ASP B 1913 22.94 42.55 -27.69
N GLN B 1914 23.66 42.01 -26.71
CA GLN B 1914 25.11 42.17 -26.61
C GLN B 1914 25.74 41.63 -27.87
N LEU B 1915 25.41 40.36 -28.14
CA LEU B 1915 25.92 39.66 -29.31
C LEU B 1915 25.51 40.29 -30.63
N GLU B 1916 24.26 40.72 -30.74
CA GLU B 1916 23.78 41.33 -31.97
C GLU B 1916 24.43 42.66 -32.27
N GLU B 1917 24.53 43.51 -31.25
CA GLU B 1917 25.16 44.82 -31.39
C GLU B 1917 26.54 44.58 -31.94
N GLU B 1918 27.22 43.60 -31.39
CA GLU B 1918 28.55 43.26 -31.85
C GLU B 1918 28.55 42.82 -33.31
N GLN B 1919 27.74 41.81 -33.62
CA GLN B 1919 27.64 41.31 -34.98
C GLN B 1919 27.43 42.49 -35.91
N LEU B 1920 26.44 43.31 -35.57
CA LEU B 1920 26.10 44.49 -36.35
C LEU B 1920 27.31 45.41 -36.55
N HIS B 1921 28.12 45.52 -35.51
CA HIS B 1921 29.32 46.34 -35.52
C HIS B 1921 30.39 45.63 -36.32
N LEU B 1922 30.31 44.31 -36.37
CA LEU B 1922 31.31 43.53 -37.09
C LEU B 1922 31.14 43.58 -38.59
N ASN B 1923 29.91 43.76 -39.08
CA ASN B 1923 29.69 43.80 -40.51
C ASN B 1923 29.92 45.17 -41.10
N ILE B 1924 29.48 46.20 -40.38
CA ILE B 1924 29.69 47.55 -40.85
C ILE B 1924 31.20 47.78 -40.93
N GLY B 1925 31.93 47.16 -40.02
CA GLY B 1925 33.37 47.32 -40.05
C GLY B 1925 33.95 46.47 -41.14
N LEU B 1926 33.36 45.31 -41.37
CA LEU B 1926 33.87 44.44 -42.41
C LEU B 1926 33.65 45.13 -43.74
N LYS B 1927 32.53 45.84 -43.86
CA LYS B 1927 32.22 46.54 -45.10
C LYS B 1927 33.13 47.75 -45.34
N LYS B 1928 33.20 48.65 -44.39
CA LYS B 1928 34.04 49.81 -44.55
C LYS B 1928 35.47 49.39 -44.87
N LEU B 1929 35.91 48.24 -44.36
CA LEU B 1929 37.25 47.77 -44.64
C LEU B 1929 37.37 47.24 -46.05
N ARG B 1930 36.37 46.52 -46.51
CA ARG B 1930 36.41 45.98 -47.86
C ARG B 1930 36.30 47.13 -48.87
N ASP B 1931 35.37 48.04 -48.64
CA ASP B 1931 35.16 49.16 -49.53
C ASP B 1931 36.33 50.12 -49.66
N THR B 1932 37.02 50.37 -48.55
CA THR B 1932 38.16 51.27 -48.57
C THR B 1932 39.33 50.58 -49.23
N GLU B 1933 39.30 49.25 -49.19
CA GLU B 1933 40.35 48.46 -49.79
C GLU B 1933 40.27 48.55 -51.31
N ALA B 1934 39.09 48.87 -51.81
CA ALA B 1934 38.89 48.98 -53.25
C ALA B 1934 39.21 50.38 -53.74
N GLN B 1935 38.92 51.37 -52.93
CA GLN B 1935 39.19 52.76 -53.28
C GLN B 1935 40.67 53.06 -53.40
N VAL B 1936 41.45 52.57 -52.44
CA VAL B 1936 42.89 52.80 -52.44
C VAL B 1936 43.51 52.03 -53.58
N LYS B 1937 42.87 50.94 -53.95
CA LYS B 1937 43.36 50.12 -55.04
C LYS B 1937 43.19 50.97 -56.29
N ASP B 1938 41.99 51.51 -56.50
CA ASP B 1938 41.75 52.36 -57.66
C ASP B 1938 42.64 53.60 -57.58
N LEU B 1939 42.61 54.24 -56.41
CA LEU B 1939 43.39 55.43 -56.12
C LEU B 1939 44.83 55.21 -56.51
N GLN B 1940 45.31 54.02 -56.21
CA GLN B 1940 46.67 53.62 -56.51
C GLN B 1940 46.90 53.43 -58.00
N VAL B 1941 45.84 53.08 -58.72
CA VAL B 1941 45.95 52.87 -60.16
C VAL B 1941 46.13 54.21 -60.87
N SER B 1942 45.42 55.22 -60.40
CA SER B 1942 45.52 56.55 -60.97
C SER B 1942 46.87 57.21 -60.65
N LEU B 1943 47.46 56.89 -59.51
CA LEU B 1943 48.75 57.45 -59.16
C LEU B 1943 49.87 56.90 -60.05
N ALA B 1944 49.74 55.65 -60.49
CA ALA B 1944 50.75 55.06 -61.36
C ALA B 1944 50.68 55.75 -62.72
N GLN B 1945 49.57 56.42 -62.98
CA GLN B 1945 49.34 57.14 -64.23
C GLN B 1945 49.76 58.60 -64.10
N LYS B 1946 49.62 59.18 -62.90
CA LYS B 1946 50.05 60.55 -62.65
C LYS B 1946 51.57 60.47 -62.60
N ASN B 1947 52.08 59.32 -62.19
CA ASN B 1947 53.51 59.14 -62.11
C ASN B 1947 54.07 59.10 -63.50
N ARG B 1948 53.37 58.42 -64.40
CA ARG B 1948 53.82 58.33 -65.79
C ARG B 1948 53.79 59.70 -66.43
N GLU B 1949 52.61 60.35 -66.44
CA GLU B 1949 52.46 61.67 -67.04
C GLU B 1949 53.64 62.55 -66.67
N LEU B 1950 54.07 62.44 -65.42
CA LEU B 1950 55.18 63.21 -64.89
C LEU B 1950 56.53 62.87 -65.51
N ASP B 1951 57.00 61.63 -65.31
CA ASP B 1951 58.32 61.21 -65.86
C ASP B 1951 58.49 61.54 -67.34
N VAL B 1952 57.41 61.45 -68.11
CA VAL B 1952 57.46 61.79 -69.51
C VAL B 1952 57.73 63.29 -69.49
N LYS B 1953 56.73 64.05 -69.03
CA LYS B 1953 56.89 65.51 -68.95
C LYS B 1953 58.34 65.83 -68.63
N ASN B 1954 58.80 65.42 -67.45
CA ASN B 1954 60.18 65.70 -67.10
C ASN B 1954 61.05 65.38 -68.32
N GLU B 1955 61.11 64.11 -68.71
CA GLU B 1955 61.92 63.71 -69.87
C GLU B 1955 61.87 64.80 -70.94
N GLN B 1956 60.66 65.19 -71.36
CA GLN B 1956 60.52 66.24 -72.35
C GLN B 1956 61.39 67.42 -71.86
N ALA B 1957 60.98 68.07 -70.77
CA ALA B 1957 61.72 69.20 -70.20
C ALA B 1957 63.22 69.16 -70.53
N ASN B 1958 63.94 68.22 -69.95
CA ASN B 1958 65.38 68.11 -70.18
C ASN B 1958 65.82 68.16 -71.66
N GLN B 1959 65.00 67.65 -72.59
CA GLN B 1959 65.36 67.68 -74.00
C GLN B 1959 64.98 69.04 -74.62
N LYS B 1960 64.04 69.74 -74.00
CA LYS B 1960 63.62 71.05 -74.49
C LYS B 1960 64.63 72.09 -74.01
N LEU B 1961 65.21 71.85 -72.84
CA LEU B 1961 66.20 72.76 -72.28
C LEU B 1961 67.52 72.64 -73.05
N LYS B 1962 67.87 71.42 -73.46
CA LYS B 1962 69.09 71.22 -74.23
C LYS B 1962 68.96 72.13 -75.46
N GLN B 1963 67.87 71.93 -76.22
CA GLN B 1963 67.60 72.73 -77.40
C GLN B 1963 67.52 74.22 -77.03
N MET B 1964 67.31 74.50 -75.74
CA MET B 1964 67.24 75.87 -75.24
C MET B 1964 68.66 76.35 -74.99
N VAL B 1965 69.37 75.63 -74.14
CA VAL B 1965 70.75 75.95 -73.81
C VAL B 1965 71.61 75.78 -75.05
N GLN B 1966 71.02 75.30 -76.14
CA GLN B 1966 71.82 75.16 -77.34
C GLN B 1966 71.42 76.21 -78.36
N ASP B 1967 70.16 76.65 -78.28
CA ASP B 1967 69.66 77.67 -79.19
C ASP B 1967 70.11 79.03 -78.69
N GLN B 1968 70.66 79.04 -77.48
CA GLN B 1968 71.16 80.27 -76.89
C GLN B 1968 72.54 80.40 -77.54
N GLN B 1969 73.39 79.41 -77.24
CA GLN B 1969 74.75 79.36 -77.77
C GLN B 1969 74.79 79.53 -79.30
N ALA B 1970 73.70 79.18 -79.97
CA ALA B 1970 73.64 79.31 -81.43
C ALA B 1970 73.66 80.78 -81.82
N ALA B 1971 72.63 81.48 -81.36
CA ALA B 1971 72.46 82.89 -81.65
C ALA B 1971 73.56 83.73 -81.03
N GLU B 1972 74.16 83.26 -79.94
CA GLU B 1972 75.23 84.02 -79.28
C GLU B 1972 76.42 84.16 -80.22
N ILE B 1973 76.86 83.05 -80.80
CA ILE B 1973 77.96 83.07 -81.75
C ILE B 1973 77.62 84.04 -82.88
N LYS B 1974 76.40 83.94 -83.42
CA LYS B 1974 75.98 84.83 -84.50
C LYS B 1974 75.98 86.28 -84.02
N GLN B 1975 76.06 86.49 -82.71
CA GLN B 1975 76.08 87.82 -82.08
C GLN B 1975 77.50 88.40 -82.09
N LYS B 1976 78.40 87.78 -81.33
CA LYS B 1976 79.79 88.19 -81.26
C LYS B 1976 80.31 88.48 -82.67
N ASP B 1977 79.94 87.62 -83.62
CA ASP B 1977 80.36 87.78 -85.01
C ASP B 1977 79.77 89.05 -85.62
N ALA B 1978 78.59 89.44 -85.16
CA ALA B 1978 77.96 90.65 -85.65
C ALA B 1978 78.70 91.84 -85.02
N ARG B 1979 79.09 91.71 -83.76
CA ARG B 1979 79.83 92.79 -83.09
C ARG B 1979 81.18 92.95 -83.82
N GLU B 1980 81.49 91.94 -84.64
CA GLU B 1980 82.71 91.92 -85.44
C GLU B 1980 82.46 92.91 -86.58
N LEU B 1981 81.57 92.53 -87.49
CA LEU B 1981 81.23 93.40 -88.60
C LEU B 1981 80.80 94.77 -88.08
N GLN B 1982 80.64 94.89 -86.78
CA GLN B 1982 80.25 96.16 -86.17
C GLN B 1982 81.54 96.99 -86.19
N VAL B 1983 82.52 96.52 -85.41
CA VAL B 1983 83.84 97.15 -85.26
C VAL B 1983 84.58 97.24 -86.60
N GLN B 1984 84.62 96.13 -87.32
CA GLN B 1984 85.28 96.13 -88.62
C GLN B 1984 84.64 97.18 -89.53
N LEU B 1985 83.37 97.50 -89.32
CA LEU B 1985 82.71 98.50 -90.15
C LEU B 1985 82.89 99.96 -89.70
N ASP B 1986 82.94 100.19 -88.38
CA ASP B 1986 83.13 101.55 -87.86
C ASP B 1986 84.49 102.08 -88.29
N VAL B 1987 85.38 101.16 -88.71
CA VAL B 1987 86.71 101.53 -89.17
C VAL B 1987 86.80 101.76 -90.68
N ARG B 1988 86.32 100.82 -91.52
CA ARG B 1988 86.35 101.09 -92.96
C ARG B 1988 85.72 102.48 -93.06
N ASN B 1989 84.86 102.79 -92.07
CA ASN B 1989 84.18 104.08 -91.97
C ASN B 1989 85.18 105.18 -91.65
N LYS B 1990 85.73 105.12 -90.42
CA LYS B 1990 86.72 106.08 -89.92
C LYS B 1990 87.87 106.29 -90.90
N GLU B 1991 88.01 105.37 -91.85
CA GLU B 1991 89.05 105.49 -92.85
C GLU B 1991 88.36 106.26 -93.96
N ILE B 1992 87.41 105.61 -94.64
CA ILE B 1992 86.67 106.26 -95.75
C ILE B 1992 86.31 107.69 -95.37
N ALA B 1993 86.17 107.94 -94.06
CA ALA B 1993 85.84 109.26 -93.56
C ALA B 1993 86.90 110.28 -94.00
N VAL B 1994 88.15 109.84 -94.12
CA VAL B 1994 89.22 110.74 -94.50
C VAL B 1994 89.65 110.57 -95.96
N GLN B 1995 90.15 109.38 -96.30
CA GLN B 1995 90.59 109.12 -97.68
C GLN B 1995 89.45 109.32 -98.68
N GLU B 2017 83.59 109.36 -108.32
CA GLU B 2017 82.35 108.70 -108.72
C GLU B 2017 82.10 107.41 -107.92
N GLN B 2018 83.17 106.88 -107.32
CA GLN B 2018 83.10 105.68 -106.50
C GLN B 2018 83.46 106.13 -105.08
N LEU B 2019 84.56 106.86 -104.95
CA LEU B 2019 85.01 107.36 -103.67
C LEU B 2019 83.83 107.90 -102.89
N GLU B 2020 82.88 108.52 -103.61
CA GLU B 2020 81.69 109.13 -102.99
C GLU B 2020 80.56 108.17 -102.63
N ASN B 2021 80.04 107.45 -103.64
CA ASN B 2021 78.92 106.50 -103.46
C ASN B 2021 79.22 105.38 -102.45
N ALA B 2022 80.49 105.22 -102.04
CA ALA B 2022 80.87 104.18 -101.07
C ALA B 2022 80.25 104.50 -99.71
N ALA B 2023 80.39 105.74 -99.28
CA ALA B 2023 79.82 106.13 -97.99
C ALA B 2023 78.31 105.87 -98.04
N ASN B 2024 77.74 105.93 -99.26
CA ASN B 2024 76.33 105.65 -99.50
C ASN B 2024 76.05 104.13 -99.29
N GLU B 2025 77.10 103.30 -99.41
CA GLU B 2025 76.98 101.84 -99.20
C GLU B 2025 77.46 101.38 -97.83
N LEU B 2026 78.41 102.11 -97.24
CA LEU B 2026 78.95 101.73 -95.94
C LEU B 2026 77.92 101.90 -94.82
N LYS B 2027 77.10 102.96 -94.89
CA LYS B 2027 76.07 103.20 -93.87
C LYS B 2027 74.93 102.19 -94.05
N LEU B 2028 74.67 101.81 -95.29
CA LEU B 2028 73.61 100.84 -95.59
C LEU B 2028 74.02 99.54 -94.89
N LYS B 2029 75.25 99.10 -95.11
CA LYS B 2029 75.74 97.87 -94.49
C LYS B 2029 75.77 98.04 -92.97
N GLN B 2030 76.06 99.27 -92.52
CA GLN B 2030 76.12 99.58 -91.09
C GLN B 2030 74.74 99.49 -90.45
N ASP B 2031 73.72 99.73 -91.26
CA ASP B 2031 72.38 99.65 -90.74
C ASP B 2031 72.01 98.18 -90.62
N GLU B 2032 72.26 97.43 -91.67
CA GLU B 2032 71.98 96.00 -91.70
C GLU B 2032 72.46 95.34 -90.41
N ILE B 2033 73.62 95.73 -89.89
CA ILE B 2033 74.15 95.13 -88.67
C ILE B 2033 73.46 95.69 -87.43
N VAL B 2034 72.98 96.92 -87.52
CA VAL B 2034 72.29 97.54 -86.40
C VAL B 2034 71.03 96.74 -86.17
N ALA B 2035 70.39 96.39 -87.28
CA ALA B 2035 69.19 95.60 -87.25
C ALA B 2035 69.59 94.21 -86.77
N THR B 2036 70.31 93.48 -87.62
CA THR B 2036 70.78 92.13 -87.29
C THR B 2036 71.19 91.97 -85.83
N ILE B 2037 71.91 92.94 -85.28
CA ILE B 2037 72.33 92.84 -83.88
C ILE B 2037 71.12 92.93 -82.94
N THR B 2038 70.23 93.89 -83.16
CA THR B 2038 69.04 94.03 -82.30
C THR B 2038 68.11 92.80 -82.36
N ALA B 2039 67.87 92.28 -83.55
CA ALA B 2039 67.00 91.12 -83.69
C ALA B 2039 67.61 89.96 -82.89
N LEU B 2040 68.90 89.73 -83.08
CA LEU B 2040 69.57 88.67 -82.35
C LEU B 2040 69.47 88.98 -80.87
N GLU B 2041 69.85 90.21 -80.51
CA GLU B 2041 69.84 90.67 -79.12
C GLU B 2041 68.46 90.49 -78.48
N LYS B 2042 67.40 90.76 -79.24
CA LYS B 2042 66.03 90.61 -78.76
C LYS B 2042 65.75 89.12 -78.61
N SER B 2043 66.15 88.37 -79.64
CA SER B 2043 65.98 86.92 -79.68
C SER B 2043 66.63 86.22 -78.49
N ILE B 2044 67.74 86.75 -77.98
CA ILE B 2044 68.44 86.15 -76.85
C ILE B 2044 67.74 86.39 -75.50
N ALA B 2045 67.05 87.54 -75.37
CA ALA B 2045 66.31 87.86 -74.15
C ALA B 2045 65.21 86.81 -74.01
N THR B 2046 64.68 86.38 -75.17
CA THR B 2046 63.64 85.38 -75.23
C THR B 2046 64.17 84.00 -74.79
N TYR B 2047 65.21 83.51 -75.46
CA TYR B 2047 65.78 82.23 -75.07
C TYR B 2047 66.08 82.34 -73.58
N LYS B 2048 66.46 83.54 -73.17
CA LYS B 2048 66.79 83.83 -71.77
C LYS B 2048 65.57 83.59 -70.88
N GLU B 2049 64.48 84.26 -71.22
CA GLU B 2049 63.25 84.19 -70.46
C GLU B 2049 62.57 82.83 -70.50
N GLU B 2050 62.74 82.11 -71.61
CA GLU B 2050 62.12 80.79 -71.71
C GLU B 2050 62.80 79.79 -70.78
N TYR B 2051 64.13 79.84 -70.75
CA TYR B 2051 64.91 78.93 -69.91
C TYR B 2051 64.44 78.92 -68.46
N ALA B 2052 64.44 80.09 -67.81
CA ALA B 2052 64.01 80.17 -66.41
C ALA B 2052 62.60 79.58 -66.28
N THR B 2053 61.73 79.85 -67.26
CA THR B 2053 60.38 79.31 -67.23
C THR B 2053 60.42 77.79 -67.21
N LEU B 2054 61.28 77.19 -68.04
CA LEU B 2054 61.40 75.73 -68.06
C LEU B 2054 61.90 75.26 -66.70
N ILE B 2055 63.10 75.66 -66.33
CA ILE B 2055 63.66 75.28 -65.03
C ILE B 2055 62.54 75.33 -63.99
N ARG B 2056 61.74 76.39 -64.05
CA ARG B 2056 60.63 76.58 -63.12
C ARG B 2056 59.64 75.42 -63.19
N GLU B 2057 59.22 75.07 -64.40
CA GLU B 2057 58.27 73.98 -64.60
C GLU B 2057 58.95 72.66 -64.23
N THR B 2058 60.18 72.49 -64.70
CA THR B 2058 60.94 71.30 -64.40
C THR B 2058 60.85 71.09 -62.89
N GLU B 2059 61.06 72.17 -62.14
CA GLU B 2059 61.00 72.12 -60.69
C GLU B 2059 59.63 71.64 -60.23
N GLN B 2060 58.58 72.39 -60.57
CA GLN B 2060 57.23 71.99 -60.20
C GLN B 2060 57.14 70.48 -60.38
N ILE B 2061 57.35 70.00 -61.61
CA ILE B 2061 57.30 68.57 -61.89
C ILE B 2061 58.00 67.79 -60.77
N LYS B 2062 59.23 68.15 -60.44
CA LYS B 2062 59.89 67.45 -59.35
C LYS B 2062 58.97 67.47 -58.12
N THR B 2063 58.37 68.63 -57.81
CA THR B 2063 57.46 68.75 -56.67
C THR B 2063 56.33 67.72 -56.81
N GLU B 2064 55.50 67.93 -57.82
CA GLU B 2064 54.38 67.04 -58.11
C GLU B 2064 54.83 65.59 -58.00
N SER B 2065 55.98 65.30 -58.60
CA SER B 2065 56.50 63.95 -58.58
C SER B 2065 56.64 63.43 -57.14
N SER B 2066 57.54 64.02 -56.36
CA SER B 2066 57.72 63.61 -54.96
C SER B 2066 56.42 63.69 -54.19
N LYS B 2067 55.50 64.54 -54.64
CA LYS B 2067 54.20 64.68 -53.99
C LYS B 2067 53.39 63.43 -54.29
N VAL B 2068 53.53 62.92 -55.52
CA VAL B 2068 52.84 61.71 -55.95
C VAL B 2068 53.55 60.53 -55.27
N LYS B 2069 54.88 60.60 -55.16
CA LYS B 2069 55.63 59.54 -54.51
C LYS B 2069 55.05 59.39 -53.11
N ASN B 2070 54.72 60.52 -52.48
CA ASN B 2070 54.16 60.48 -51.15
C ASN B 2070 52.85 59.71 -51.18
N LYS B 2071 51.84 60.28 -51.82
CA LYS B 2071 50.53 59.65 -51.94
C LYS B 2071 50.66 58.16 -52.29
N VAL B 2072 51.60 57.79 -53.15
CA VAL B 2072 51.79 56.39 -53.53
C VAL B 2072 52.26 55.52 -52.38
N ASP B 2073 53.40 55.86 -51.79
CA ASP B 2073 53.92 55.09 -50.66
C ASP B 2073 52.90 54.93 -49.55
N ARG B 2074 52.15 55.99 -49.28
CA ARG B 2074 51.12 55.93 -48.25
C ARG B 2074 50.10 54.89 -48.67
N SER B 2075 49.93 54.71 -49.98
CA SER B 2075 48.97 53.75 -50.50
C SER B 2075 49.44 52.32 -50.26
N ILE B 2076 50.71 52.06 -50.53
CA ILE B 2076 51.25 50.73 -50.34
C ILE B 2076 51.09 50.20 -48.93
N ALA B 2077 51.18 51.09 -47.95
CA ALA B 2077 51.04 50.69 -46.56
C ALA B 2077 49.58 50.70 -46.13
N LEU B 2078 48.82 51.61 -46.73
CA LEU B 2078 47.40 51.72 -46.41
C LEU B 2078 46.66 50.44 -46.80
N LEU B 2079 47.13 49.75 -47.84
CA LEU B 2079 46.49 48.52 -48.28
C LEU B 2079 47.03 47.34 -47.50
N ASP B 2080 48.28 47.44 -47.10
CA ASP B 2080 48.94 46.40 -46.36
C ASP B 2080 48.37 46.22 -44.94
N ASN B 2081 47.82 47.27 -44.37
CA ASN B 2081 47.23 47.18 -43.06
C ASN B 2081 45.77 46.87 -43.24
N LEU B 2082 45.14 47.53 -44.20
CA LEU B 2082 43.73 47.30 -44.46
C LEU B 2082 43.54 45.81 -44.69
N ASN B 2083 44.56 45.16 -45.21
CA ASN B 2083 44.43 43.76 -45.47
C ASN B 2083 44.64 42.89 -44.25
N SER B 2084 45.42 43.39 -43.30
CA SER B 2084 45.63 42.64 -42.09
C SER B 2084 44.36 42.81 -41.25
N GLU B 2085 43.95 44.05 -41.05
CA GLU B 2085 42.76 44.28 -40.27
C GLU B 2085 41.58 43.52 -40.87
N ARG B 2086 41.26 43.78 -42.14
CA ARG B 2086 40.13 43.09 -42.74
C ARG B 2086 40.22 41.60 -42.44
N GLY B 2087 41.46 41.13 -42.30
CA GLY B 2087 41.69 39.74 -41.98
C GLY B 2087 41.30 39.43 -40.55
N ARG B 2088 41.64 40.33 -39.63
CA ARG B 2088 41.30 40.13 -38.22
C ARG B 2088 39.79 40.14 -37.98
N TRP B 2089 39.05 40.93 -38.76
CA TRP B 2089 37.60 40.99 -38.59
C TRP B 2089 36.92 39.74 -39.13
N GLU B 2090 37.44 39.19 -40.23
CA GLU B 2090 36.86 38.00 -40.82
C GLU B 2090 37.05 36.77 -39.94
N GLN B 2091 38.16 36.71 -39.21
CA GLN B 2091 38.39 35.56 -38.33
C GLN B 2091 37.44 35.60 -37.14
N GLN B 2092 36.30 36.28 -37.29
CA GLN B 2092 35.33 36.40 -36.22
C GLN B 2092 33.90 36.20 -36.68
N SER B 2093 33.67 36.12 -37.98
CA SER B 2093 32.30 35.95 -38.48
C SER B 2093 31.69 34.62 -38.09
N GLU B 2094 32.46 33.78 -37.39
CA GLU B 2094 31.94 32.51 -36.92
C GLU B 2094 31.42 32.70 -35.49
N ASN B 2095 31.86 33.80 -34.87
CA ASN B 2095 31.50 34.14 -33.50
C ASN B 2095 30.01 34.23 -33.15
N PHE B 2096 29.29 35.09 -33.87
CA PHE B 2096 27.87 35.25 -33.58
C PHE B 2096 27.16 33.93 -33.44
N ASN B 2097 27.30 33.07 -34.44
CA ASN B 2097 26.62 31.80 -34.39
C ASN B 2097 27.07 30.92 -33.24
N THR B 2098 28.37 30.84 -33.03
CA THR B 2098 28.86 30.00 -31.97
C THR B 2098 28.40 30.38 -30.56
N GLN B 2099 28.54 31.64 -30.18
CA GLN B 2099 28.11 32.05 -28.84
C GLN B 2099 26.60 32.10 -28.69
N MET B 2100 25.93 32.49 -29.76
CA MET B 2100 24.46 32.59 -29.79
C MET B 2100 23.75 31.24 -29.78
N SER B 2101 24.49 30.20 -30.14
CA SER B 2101 23.96 28.84 -30.23
C SER B 2101 23.71 28.21 -28.90
N THR B 2102 24.42 28.66 -27.87
CA THR B 2102 24.28 28.09 -26.55
C THR B 2102 23.72 29.06 -25.54
N VAL B 2103 23.19 30.19 -26.00
CA VAL B 2103 22.67 31.23 -25.13
C VAL B 2103 21.41 30.90 -24.34
N VAL B 2104 20.41 30.34 -24.99
CA VAL B 2104 19.18 30.01 -24.27
C VAL B 2104 19.42 29.01 -23.16
N GLY B 2105 20.10 27.92 -23.48
CA GLY B 2105 20.37 26.91 -22.45
C GLY B 2105 21.33 27.41 -21.40
N ASP B 2106 22.23 28.32 -21.77
CA ASP B 2106 23.21 28.87 -20.84
C ASP B 2106 22.59 29.82 -19.86
N VAL B 2107 21.55 30.50 -20.30
CA VAL B 2107 20.88 31.45 -19.45
C VAL B 2107 19.89 30.77 -18.54
N VAL B 2108 19.27 29.68 -18.99
CA VAL B 2108 18.33 28.96 -18.15
C VAL B 2108 19.14 28.40 -17.00
N LEU B 2109 20.32 27.89 -17.30
CA LEU B 2109 21.16 27.34 -16.25
C LEU B 2109 21.53 28.40 -15.25
N ALA B 2110 21.96 29.57 -15.72
CA ALA B 2110 22.38 30.65 -14.84
C ALA B 2110 21.24 31.34 -14.10
N SER B 2111 20.02 31.24 -14.62
CA SER B 2111 18.88 31.88 -14.00
C SER B 2111 18.29 31.03 -12.91
N ALA B 2112 18.57 29.73 -12.96
CA ALA B 2112 18.09 28.78 -11.96
C ALA B 2112 19.09 28.89 -10.85
N PHE B 2113 20.33 29.21 -11.22
CA PHE B 2113 21.44 29.36 -10.30
C PHE B 2113 21.18 30.56 -9.41
N LEU B 2114 20.54 31.58 -9.98
CA LEU B 2114 20.28 32.82 -9.26
C LEU B 2114 18.92 32.83 -8.56
N ALA B 2115 18.01 31.99 -9.00
CA ALA B 2115 16.72 31.99 -8.35
C ALA B 2115 16.64 30.98 -7.23
N TYR B 2116 17.47 29.94 -7.27
CA TYR B 2116 17.39 28.93 -6.22
C TYR B 2116 18.67 28.51 -5.51
N ILE B 2117 19.76 28.36 -6.24
CA ILE B 2117 21.03 27.92 -5.66
C ILE B 2117 21.51 28.62 -4.40
N GLY B 2118 21.20 29.90 -4.26
CA GLY B 2118 21.63 30.66 -3.11
C GLY B 2118 21.67 29.97 -1.75
N PHE B 2119 20.56 29.40 -1.34
CA PHE B 2119 20.45 28.73 -0.04
C PHE B 2119 21.44 27.60 0.24
N PHE B 2120 21.71 26.77 -0.77
CA PHE B 2120 22.59 25.60 -0.64
C PHE B 2120 24.12 25.73 -0.58
N ASP B 2121 24.77 24.59 -0.38
CA ASP B 2121 26.23 24.54 -0.30
C ASP B 2121 26.85 23.95 -1.55
N GLN B 2122 28.16 23.74 -1.50
CA GLN B 2122 28.88 23.20 -2.63
C GLN B 2122 28.27 21.90 -3.13
N ASN B 2123 28.04 20.96 -2.24
CA ASN B 2123 27.48 19.70 -2.68
C ASN B 2123 26.08 19.84 -3.22
N PHE B 2124 25.24 20.57 -2.51
CA PHE B 2124 23.89 20.73 -3.00
C PHE B 2124 23.84 21.51 -4.32
N ARG B 2125 24.58 22.62 -4.41
CA ARG B 2125 24.63 23.40 -5.64
C ARG B 2125 25.11 22.56 -6.82
N THR B 2126 26.22 21.89 -6.61
CA THR B 2126 26.83 21.02 -7.61
C THR B 2126 25.87 19.98 -8.17
N ASP B 2127 25.06 19.36 -7.32
CA ASP B 2127 24.12 18.34 -7.77
C ASP B 2127 22.96 18.94 -8.56
N LEU B 2128 22.43 20.05 -8.07
CA LEU B 2128 21.34 20.73 -8.74
C LEU B 2128 21.77 21.18 -10.13
N MET B 2129 22.89 21.88 -10.20
CA MET B 2129 23.38 22.34 -11.48
C MET B 2129 23.50 21.15 -12.39
N ARG B 2130 24.23 20.14 -11.91
CA ARG B 2130 24.43 18.91 -12.64
C ARG B 2130 23.13 18.27 -13.14
N LYS B 2131 22.08 18.31 -12.31
CA LYS B 2131 20.80 17.76 -12.70
C LYS B 2131 20.11 18.63 -13.75
N TRP B 2132 20.32 19.93 -13.66
CA TRP B 2132 19.71 20.86 -14.60
C TRP B 2132 20.27 20.65 -15.99
N MET B 2133 21.59 20.51 -16.07
CA MET B 2133 22.28 20.30 -17.33
C MET B 2133 21.85 18.98 -17.93
N ILE B 2134 21.69 17.97 -17.09
CA ILE B 2134 21.25 16.69 -17.58
C ILE B 2134 19.89 16.86 -18.25
N ARG B 2135 19.02 17.72 -17.70
CA ARG B 2135 17.69 17.94 -18.29
C ARG B 2135 17.82 18.62 -19.64
N LEU B 2136 18.57 19.72 -19.69
CA LEU B 2136 18.76 20.43 -20.94
C LEU B 2136 19.33 19.52 -22.03
N ASP B 2137 20.23 18.65 -21.63
CA ASP B 2137 20.87 17.69 -22.53
C ASP B 2137 19.90 16.61 -23.05
N SER B 2138 19.08 16.05 -22.17
CA SER B 2138 18.15 15.00 -22.58
C SER B 2138 17.00 15.49 -23.45
N VAL B 2139 16.86 16.79 -23.53
CA VAL B 2139 15.80 17.42 -24.29
C VAL B 2139 16.22 18.08 -25.62
N GLY B 2140 17.54 18.20 -25.84
CA GLY B 2140 18.01 18.77 -27.08
C GLY B 2140 18.43 20.23 -27.10
N ILE B 2141 18.42 20.85 -25.93
CA ILE B 2141 18.78 22.25 -25.77
C ILE B 2141 20.28 22.35 -25.54
N LYS B 2142 20.93 23.25 -26.30
CA LYS B 2142 22.37 23.42 -26.23
C LYS B 2142 22.86 24.39 -25.17
N PHE B 2143 23.94 24.00 -24.48
CA PHE B 2143 24.56 24.81 -23.44
C PHE B 2143 26.06 24.46 -23.34
N LYS B 2144 26.84 25.28 -22.64
CA LYS B 2144 28.26 25.03 -22.48
C LYS B 2144 28.55 24.09 -21.30
N SER B 2145 29.24 23.00 -21.58
CA SER B 2145 29.59 21.98 -20.57
C SER B 2145 30.55 22.48 -19.51
N ASP B 2146 31.44 23.39 -19.88
CA ASP B 2146 32.39 23.91 -18.93
C ASP B 2146 31.84 25.25 -18.46
N LEU B 2147 30.52 25.37 -18.40
CA LEU B 2147 29.90 26.62 -18.00
C LEU B 2147 30.13 27.00 -16.55
N SER B 2148 30.38 28.29 -16.35
CA SER B 2148 30.59 28.87 -15.03
C SER B 2148 29.77 30.13 -14.95
N VAL B 2149 28.67 30.06 -14.21
CA VAL B 2149 27.79 31.20 -14.07
C VAL B 2149 28.51 32.52 -13.78
N PRO B 2150 29.52 32.52 -12.90
CA PRO B 2150 30.26 33.74 -12.59
C PRO B 2150 30.95 34.32 -13.80
N SER B 2151 31.83 33.53 -14.41
CA SER B 2151 32.57 33.97 -15.58
C SER B 2151 31.67 34.17 -16.78
N PHE B 2152 30.37 34.08 -16.54
CA PHE B 2152 29.39 34.28 -17.60
C PHE B 2152 28.55 35.51 -17.27
N LEU B 2153 28.63 35.98 -16.03
CA LEU B 2153 27.88 37.15 -15.59
C LEU B 2153 28.78 38.19 -14.92
N SER B 2154 30.09 38.09 -15.16
CA SER B 2154 31.06 39.03 -14.60
C SER B 2154 32.38 38.85 -15.33
N LYS B 2155 33.10 39.95 -15.49
CA LYS B 2155 34.40 39.95 -16.17
C LYS B 2155 35.54 39.57 -15.24
N PRO B 2156 36.55 38.84 -15.74
CA PRO B 2156 37.64 38.44 -14.86
C PRO B 2156 38.30 39.62 -14.13
N GLU B 2157 38.09 40.83 -14.65
CA GLU B 2157 38.63 42.04 -14.03
C GLU B 2157 37.86 42.37 -12.76
N GLU B 2158 36.55 42.51 -12.85
CA GLU B 2158 35.73 42.84 -11.68
C GLU B 2158 35.87 41.77 -10.60
N ARG B 2159 35.86 40.49 -10.98
CA ARG B 2159 36.00 39.42 -10.01
C ARG B 2159 37.25 39.72 -9.22
N LEU B 2160 38.26 40.22 -9.91
CA LEU B 2160 39.53 40.55 -9.26
C LEU B 2160 39.33 41.64 -8.22
N ASN B 2161 38.60 42.67 -8.60
CA ASN B 2161 38.36 43.76 -7.69
C ASN B 2161 37.54 43.25 -6.51
N TRP B 2162 36.76 42.20 -6.75
CA TRP B 2162 35.96 41.63 -5.67
C TRP B 2162 36.91 41.10 -4.59
N HIS B 2163 37.91 40.33 -5.02
CA HIS B 2163 38.87 39.75 -4.09
C HIS B 2163 39.72 40.79 -3.36
N ALA B 2164 39.97 41.90 -4.05
CA ALA B 2164 40.76 42.97 -3.48
C ALA B 2164 40.00 43.52 -2.30
N ASN B 2165 38.68 43.36 -2.33
CA ASN B 2165 37.83 43.85 -1.26
C ASN B 2165 37.47 42.80 -0.23
N SER B 2166 38.39 41.87 -0.02
CA SER B 2166 38.22 40.83 0.97
C SER B 2166 37.24 39.73 0.59
N LEU B 2167 37.06 39.48 -0.70
CA LEU B 2167 36.17 38.39 -1.09
C LEU B 2167 37.06 37.18 -1.03
N PRO B 2168 36.74 36.23 -0.16
CA PRO B 2168 37.56 35.03 -0.06
C PRO B 2168 37.60 34.32 -1.43
N SER B 2169 38.75 33.79 -1.82
CA SER B 2169 38.80 33.08 -3.09
C SER B 2169 38.45 31.62 -2.90
N ASP B 2170 37.20 31.30 -3.15
CA ASP B 2170 36.69 29.95 -3.05
C ASP B 2170 35.47 30.04 -3.95
N GLU B 2171 35.35 29.12 -4.89
CA GLU B 2171 34.23 29.18 -5.82
C GLU B 2171 32.90 29.47 -5.15
N LEU B 2172 32.76 29.12 -3.87
CA LEU B 2172 31.52 29.37 -3.16
C LEU B 2172 31.25 30.86 -3.01
N CYS B 2173 32.27 31.61 -2.61
CA CYS B 2173 32.10 33.06 -2.47
C CYS B 2173 31.98 33.71 -3.84
N ILE B 2174 32.85 33.34 -4.76
CA ILE B 2174 32.78 33.91 -6.10
C ILE B 2174 31.37 33.75 -6.63
N GLU B 2175 30.79 32.56 -6.45
CA GLU B 2175 29.42 32.30 -6.88
C GLU B 2175 28.43 33.23 -6.17
N ASN B 2176 28.64 33.41 -4.87
CA ASN B 2176 27.77 34.25 -4.05
C ASN B 2176 27.87 35.70 -4.50
N ALA B 2177 29.06 36.12 -4.91
CA ALA B 2177 29.28 37.47 -5.36
C ALA B 2177 28.38 37.76 -6.56
N ILE B 2178 28.21 36.76 -7.41
CA ILE B 2178 27.38 36.86 -8.61
C ILE B 2178 25.93 37.10 -8.22
N MET B 2179 25.45 36.40 -7.21
CA MET B 2179 24.07 36.57 -6.76
C MET B 2179 23.92 37.93 -6.09
N LEU B 2180 24.98 38.38 -5.46
CA LEU B 2180 24.99 39.68 -4.79
C LEU B 2180 24.97 40.82 -5.81
N LYS B 2181 25.16 40.50 -7.08
CA LYS B 2181 25.15 41.50 -8.14
C LYS B 2181 23.92 41.41 -9.04
N ARG B 2182 23.65 40.22 -9.56
CA ARG B 2182 22.52 40.03 -10.46
C ARG B 2182 21.24 39.57 -9.77
N PHE B 2183 21.22 39.64 -8.44
CA PHE B 2183 20.04 39.21 -7.69
C PHE B 2183 18.76 39.88 -8.16
N ASN B 2184 17.70 39.12 -8.27
CA ASN B 2184 16.44 39.69 -8.71
C ASN B 2184 15.73 40.20 -7.48
N ARG B 2185 15.28 39.28 -6.65
CA ARG B 2185 14.65 39.66 -5.40
C ARG B 2185 15.85 40.11 -4.55
N TYR B 2186 15.61 40.93 -3.54
CA TYR B 2186 16.71 41.40 -2.70
C TYR B 2186 17.45 40.26 -1.98
N PRO B 2187 18.69 40.52 -1.53
CA PRO B 2187 19.41 39.44 -0.85
C PRO B 2187 19.37 39.39 0.68
N LEU B 2188 19.27 38.17 1.21
CA LEU B 2188 19.31 37.93 2.65
C LEU B 2188 20.53 37.00 2.79
N VAL B 2189 21.63 37.56 3.27
CA VAL B 2189 22.89 36.84 3.42
C VAL B 2189 23.10 36.04 4.72
N ILE B 2190 23.43 34.78 4.59
CA ILE B 2190 23.70 33.95 5.75
C ILE B 2190 25.20 33.93 5.81
N ASP B 2191 25.75 34.77 6.69
CA ASP B 2191 27.18 34.91 6.84
C ASP B 2191 27.61 34.86 8.31
N PRO B 2192 27.62 33.65 8.89
CA PRO B 2192 27.98 33.40 10.28
C PRO B 2192 29.38 33.84 10.69
N SER B 2193 30.34 33.69 9.79
CA SER B 2193 31.71 34.05 10.12
C SER B 2193 32.10 35.48 9.81
N GLY B 2194 31.14 36.27 9.32
CA GLY B 2194 31.35 37.68 9.01
C GLY B 2194 32.14 38.05 7.76
N GLN B 2195 32.62 37.01 7.08
CA GLN B 2195 33.42 37.14 5.87
C GLN B 2195 32.74 37.95 4.76
N ALA B 2196 31.41 37.91 4.73
CA ALA B 2196 30.66 38.63 3.71
C ALA B 2196 30.43 40.08 4.04
N MET B 2197 29.84 40.36 5.19
CA MET B 2197 29.57 41.74 5.60
C MET B 2197 30.78 42.64 5.38
N GLU B 2198 31.99 42.10 5.54
CA GLU B 2198 33.21 42.84 5.28
C GLU B 2198 33.22 43.19 3.78
N PHE B 2199 33.21 42.16 2.94
CA PHE B 2199 33.21 42.34 1.49
C PHE B 2199 32.27 43.46 1.05
N LEU B 2200 30.96 43.19 1.08
CA LEU B 2200 29.96 44.16 0.67
C LEU B 2200 30.23 45.55 1.20
N MET B 2201 30.82 45.64 2.39
CA MET B 2201 31.12 46.95 2.97
C MET B 2201 32.13 47.72 2.13
N ASN B 2202 33.17 47.02 1.68
CA ASN B 2202 34.18 47.65 0.86
C ASN B 2202 33.57 47.82 -0.53
N GLN B 2203 33.29 46.70 -1.17
CA GLN B 2203 32.71 46.66 -2.51
C GLN B 2203 31.72 47.77 -2.79
N TYR B 2204 31.01 48.24 -1.76
CA TYR B 2204 30.03 49.29 -1.98
C TYR B 2204 30.24 50.63 -1.28
N ALA B 2205 31.35 50.78 -0.53
CA ALA B 2205 31.62 52.06 0.12
C ALA B 2205 31.28 53.13 -0.94
N ASP B 2206 32.00 53.04 -2.07
CA ASP B 2206 31.83 53.93 -3.21
C ASP B 2206 30.47 54.62 -3.19
N LYS B 2207 29.42 53.81 -3.05
CA LYS B 2207 28.05 54.30 -3.03
C LYS B 2207 27.49 54.56 -1.61
N LYS B 2208 28.37 54.99 -0.71
CA LYS B 2208 27.99 55.31 0.69
C LYS B 2208 27.14 54.19 1.30
N ILE B 2209 27.81 53.08 1.60
CA ILE B 2209 27.13 51.91 2.16
C ILE B 2209 26.89 52.12 3.66
N THR B 2210 25.65 51.85 4.06
CA THR B 2210 25.23 52.01 5.45
C THR B 2210 25.05 50.66 6.15
N LYS B 2211 25.44 50.60 7.42
CA LYS B 2211 25.36 49.38 8.25
C LYS B 2211 24.38 49.49 9.42
N THR B 2212 23.08 49.27 9.19
CA THR B 2212 22.08 49.37 10.25
C THR B 2212 21.53 48.02 10.71
N SER B 2213 20.73 48.03 11.79
CA SER B 2213 20.12 46.81 12.31
C SER B 2213 18.69 47.03 12.76
N PHE B 2214 17.94 45.92 12.84
CA PHE B 2214 16.57 46.02 13.29
C PHE B 2214 16.54 46.24 14.81
N LEU B 2215 17.69 46.58 15.38
CA LEU B 2215 17.81 46.84 16.82
C LEU B 2215 17.30 48.25 17.15
N ASP B 2216 18.24 49.13 17.51
CA ASP B 2216 17.91 50.53 17.83
C ASP B 2216 17.05 51.14 16.75
N SER B 2217 16.09 51.94 17.21
CA SER B 2217 15.13 52.64 16.36
C SER B 2217 15.82 53.60 15.37
N SER B 2218 17.11 53.85 15.57
CA SER B 2218 17.86 54.73 14.67
C SER B 2218 17.68 54.15 13.26
N PHE B 2219 17.34 52.86 13.22
CA PHE B 2219 17.10 52.10 12.00
C PHE B 2219 16.14 52.74 10.98
N MET B 2220 14.84 52.63 11.29
CA MET B 2220 13.75 53.14 10.46
C MET B 2220 14.16 54.33 9.59
N LYS B 2221 14.68 55.39 10.22
CA LYS B 2221 15.11 56.58 9.49
C LYS B 2221 16.13 56.30 8.40
N ASN B 2222 17.13 55.44 8.69
CA ASN B 2222 18.17 55.12 7.72
C ASN B 2222 17.52 54.52 6.48
N LEU B 2223 16.48 53.74 6.72
CA LEU B 2223 15.76 53.11 5.64
C LEU B 2223 15.09 54.19 4.78
N GLU B 2224 14.46 55.16 5.42
CA GLU B 2224 13.79 56.24 4.70
C GLU B 2224 14.83 57.03 3.87
N SER B 2225 15.94 57.37 4.51
CA SER B 2225 17.03 58.12 3.85
C SER B 2225 17.64 57.35 2.66
N ALA B 2226 17.88 56.05 2.85
CA ALA B 2226 18.46 55.17 1.83
C ALA B 2226 17.51 54.84 0.66
N LEU B 2227 16.21 55.02 0.86
CA LEU B 2227 15.22 54.79 -0.20
C LEU B 2227 14.95 56.14 -0.92
N ARG B 2228 15.39 57.24 -0.30
CA ARG B 2228 15.25 58.59 -0.86
C ARG B 2228 16.51 58.94 -1.68
N PHE B 2229 17.68 58.70 -1.10
CA PHE B 2229 18.96 58.97 -1.76
C PHE B 2229 19.53 57.82 -2.59
N GLY B 2230 18.82 56.69 -2.64
CA GLY B 2230 19.29 55.55 -3.41
C GLY B 2230 20.61 54.90 -3.02
N CYS B 2231 20.98 54.88 -1.75
CA CYS B 2231 22.22 54.24 -1.39
C CYS B 2231 22.01 52.81 -0.85
N PRO B 2232 23.05 51.96 -0.94
CA PRO B 2232 23.01 50.58 -0.47
C PRO B 2232 22.94 50.52 1.05
N LEU B 2233 21.96 49.78 1.56
CA LEU B 2233 21.77 49.65 3.02
C LEU B 2233 21.87 48.19 3.46
N LEU B 2234 22.83 47.88 4.31
CA LEU B 2234 22.99 46.53 4.82
C LEU B 2234 22.36 46.48 6.20
N VAL B 2235 21.41 45.57 6.42
CA VAL B 2235 20.72 45.49 7.72
C VAL B 2235 20.95 44.14 8.43
N GLN B 2236 21.66 44.18 9.54
CA GLN B 2236 21.94 42.97 10.30
C GLN B 2236 20.74 42.52 11.12
N ASP B 2237 20.81 41.27 11.59
CA ASP B 2237 19.78 40.67 12.41
C ASP B 2237 18.43 40.59 11.75
N VAL B 2238 18.41 39.91 10.61
CA VAL B 2238 17.19 39.70 9.84
C VAL B 2238 16.26 38.89 10.74
N GLU B 2239 16.85 38.24 11.74
CA GLU B 2239 16.16 37.41 12.74
C GLU B 2239 14.80 37.94 13.16
N ASN B 2240 14.59 39.24 12.98
CA ASN B 2240 13.35 39.91 13.37
C ASN B 2240 13.08 41.11 12.43
N ILE B 2241 12.75 40.79 11.19
CA ILE B 2241 12.48 41.79 10.18
C ILE B 2241 11.05 42.35 10.20
N ASP B 2242 10.92 43.66 10.41
CA ASP B 2242 9.59 44.28 10.43
C ASP B 2242 8.93 43.93 9.09
N PRO B 2243 7.65 43.54 9.13
CA PRO B 2243 6.89 43.17 7.92
C PRO B 2243 6.66 44.40 7.04
N VAL B 2244 6.95 45.57 7.62
CA VAL B 2244 6.81 46.89 6.99
C VAL B 2244 7.91 47.12 5.94
N LEU B 2245 8.25 46.08 5.19
CA LEU B 2245 9.25 46.15 4.14
C LEU B 2245 8.78 45.26 3.01
N ASN B 2246 7.83 44.39 3.30
CA ASN B 2246 7.36 43.49 2.28
C ASN B 2246 7.10 44.23 0.95
N PRO B 2247 6.40 45.38 0.98
CA PRO B 2247 6.14 46.10 -0.27
C PRO B 2247 7.41 46.66 -0.92
N VAL B 2248 8.48 46.74 -0.12
CA VAL B 2248 9.78 47.23 -0.57
C VAL B 2248 10.50 46.10 -1.33
N LEU B 2249 10.63 44.96 -0.65
CA LEU B 2249 11.26 43.76 -1.20
C LEU B 2249 10.43 43.21 -2.37
N ASN B 2250 9.13 43.49 -2.36
CA ASN B 2250 8.23 43.03 -3.42
C ASN B 2250 8.21 44.01 -4.58
N LYS B 2251 8.61 45.25 -4.31
CA LYS B 2251 8.62 46.31 -5.34
C LYS B 2251 7.25 46.41 -6.01
N PRO B 2273 16.24 54.58 -6.83
CA PRO B 2273 16.35 53.56 -7.88
C PRO B 2273 17.72 52.89 -7.79
N SER B 2274 18.73 53.69 -7.46
CA SER B 2274 20.07 53.15 -7.30
C SER B 2274 20.15 52.60 -5.89
N PHE B 2275 18.99 52.47 -5.25
CA PHE B 2275 18.90 51.93 -3.88
C PHE B 2275 18.89 50.41 -3.88
N MET B 2276 19.44 49.83 -2.81
CA MET B 2276 19.49 48.39 -2.61
C MET B 2276 19.75 48.11 -1.13
N ILE B 2277 19.12 47.02 -0.65
CA ILE B 2277 19.23 46.58 0.74
C ILE B 2277 19.72 45.13 0.81
N PHE B 2278 20.49 44.85 1.85
CA PHE B 2278 21.06 43.52 2.10
C PHE B 2278 20.70 43.05 3.49
N LEU B 2279 19.85 42.04 3.59
CA LEU B 2279 19.48 41.54 4.89
C LEU B 2279 20.54 40.52 5.36
N PHE B 2280 20.89 40.56 6.65
CA PHE B 2280 21.93 39.66 7.17
C PHE B 2280 21.60 38.79 8.38
N THR B 2281 22.45 37.79 8.58
CA THR B 2281 22.36 36.86 9.70
C THR B 2281 23.75 36.39 10.06
N ARG B 2282 23.97 36.13 11.34
CA ARG B 2282 25.23 35.59 11.84
C ARG B 2282 24.93 34.14 12.22
N ASP B 2283 23.64 33.81 12.29
CA ASP B 2283 23.22 32.47 12.65
C ASP B 2283 23.27 31.49 11.48
N PRO B 2284 24.17 30.50 11.56
CA PRO B 2284 24.26 29.54 10.45
C PRO B 2284 23.15 28.51 10.63
N THR B 2285 22.71 28.39 11.89
CA THR B 2285 21.63 27.47 12.28
C THR B 2285 20.39 28.33 12.61
N ALA B 2286 19.93 29.07 11.61
CA ALA B 2286 18.79 29.94 11.76
C ALA B 2286 17.65 29.50 10.87
N HIS B 2287 16.41 29.71 11.34
CA HIS B 2287 15.21 29.32 10.59
C HIS B 2287 14.32 30.50 10.23
N PHE B 2288 14.04 30.66 8.95
CA PHE B 2288 13.20 31.75 8.48
C PHE B 2288 11.90 31.16 7.95
N THR B 2289 10.83 31.94 8.06
CA THR B 2289 9.52 31.49 7.60
C THR B 2289 9.46 31.28 6.08
N PRO B 2290 8.43 30.56 5.60
CA PRO B 2290 8.32 30.33 4.16
C PRO B 2290 7.96 31.64 3.46
N ASP B 2291 7.43 32.59 4.22
CA ASP B 2291 7.08 33.87 3.61
C ASP B 2291 8.35 34.58 3.23
N LEU B 2292 9.21 34.78 4.22
CA LEU B 2292 10.48 35.46 4.01
C LEU B 2292 11.22 34.75 2.87
N CYS B 2293 11.36 33.44 2.99
CA CYS B 2293 12.04 32.62 1.98
C CYS B 2293 11.60 33.02 0.58
N SER B 2294 10.29 33.25 0.40
CA SER B 2294 9.69 33.61 -0.90
C SER B 2294 9.99 35.01 -1.42
N ARG B 2295 10.18 35.96 -0.52
CA ARG B 2295 10.45 37.34 -0.93
C ARG B 2295 11.94 37.68 -0.89
N VAL B 2296 12.78 36.65 -0.78
CA VAL B 2296 14.22 36.85 -0.64
C VAL B 2296 15.15 36.06 -1.59
N THR B 2297 16.39 36.53 -1.74
CA THR B 2297 17.40 35.85 -2.57
C THR B 2297 18.52 35.33 -1.68
N PHE B 2298 18.35 34.14 -1.11
CA PHE B 2298 19.38 33.59 -0.25
C PHE B 2298 20.75 33.49 -0.87
N VAL B 2299 21.75 33.84 -0.08
CA VAL B 2299 23.15 33.78 -0.46
C VAL B 2299 23.81 33.24 0.80
N ASN B 2300 24.23 31.97 0.75
CA ASN B 2300 24.83 31.29 1.89
C ASN B 2300 26.36 31.28 1.98
N PHE B 2301 26.90 32.11 2.87
CA PHE B 2301 28.34 32.25 3.07
C PHE B 2301 29.02 31.34 4.09
N THR B 2302 28.26 30.52 4.81
CA THR B 2302 28.87 29.64 5.80
C THR B 2302 29.82 28.66 5.10
N VAL B 2303 31.08 28.63 5.53
CA VAL B 2303 32.11 27.81 4.91
C VAL B 2303 32.03 26.30 5.14
N THR B 2304 32.29 25.52 4.09
CA THR B 2304 32.26 24.07 4.19
C THR B 2304 33.70 23.61 4.18
N PRO B 2305 33.97 22.33 4.44
CA PRO B 2305 35.36 21.92 4.42
C PRO B 2305 36.05 22.16 3.08
N SER B 2306 35.28 22.17 2.01
CA SER B 2306 35.87 22.43 0.70
C SER B 2306 36.21 23.92 0.58
N SER B 2307 35.23 24.75 0.89
CA SER B 2307 35.38 26.20 0.84
C SER B 2307 36.66 26.64 1.55
N LEU B 2308 36.86 26.14 2.77
CA LEU B 2308 38.03 26.52 3.54
C LEU B 2308 39.31 26.00 2.89
N GLN B 2309 39.29 24.76 2.39
CA GLN B 2309 40.48 24.22 1.75
C GLN B 2309 40.97 25.17 0.67
N SER B 2310 40.04 25.76 -0.09
CA SER B 2310 40.35 26.72 -1.16
C SER B 2310 40.90 28.02 -0.57
N GLN B 2311 40.09 28.69 0.24
CA GLN B 2311 40.51 29.93 0.87
C GLN B 2311 41.97 29.83 1.34
N CYS B 2312 42.32 28.72 1.99
CA CYS B 2312 43.69 28.53 2.48
C CYS B 2312 44.68 28.39 1.33
N LEU B 2313 44.47 27.38 0.49
CA LEU B 2313 45.35 27.14 -0.66
C LEU B 2313 45.66 28.40 -1.46
N HIS B 2314 44.65 29.24 -1.67
CA HIS B 2314 44.86 30.47 -2.41
C HIS B 2314 45.65 31.45 -1.55
N GLU B 2315 45.35 31.47 -0.26
CA GLU B 2315 46.03 32.36 0.65
C GLU B 2315 47.51 31.95 0.77
N ALA B 2316 47.71 30.62 0.84
CA ALA B 2316 49.02 30.02 0.95
C ALA B 2316 49.89 30.49 -0.21
N LEU B 2317 49.48 30.12 -1.42
CA LEU B 2317 50.20 30.50 -2.64
C LEU B 2317 50.46 32.00 -2.66
N LYS B 2318 49.42 32.80 -2.44
CA LYS B 2318 49.53 34.25 -2.43
C LYS B 2318 50.69 34.74 -1.57
N THR B 2319 51.14 33.92 -0.62
CA THR B 2319 52.24 34.37 0.22
C THR B 2319 53.51 33.65 -0.15
N GLU B 2320 53.37 32.34 -0.33
CA GLU B 2320 54.51 31.51 -0.68
C GLU B 2320 55.14 31.76 -2.05
N ARG B 2321 54.31 31.91 -3.08
CA ARG B 2321 54.78 32.16 -4.45
C ARG B 2321 54.17 33.51 -4.85
N PRO B 2322 54.57 34.60 -4.16
CA PRO B 2322 54.04 35.93 -4.44
C PRO B 2322 54.29 36.44 -5.86
N ASP B 2323 55.34 35.91 -6.49
CA ASP B 2323 55.72 36.29 -7.83
C ASP B 2323 54.67 35.84 -8.85
N THR B 2324 54.39 34.55 -8.86
CA THR B 2324 53.41 34.03 -9.80
C THR B 2324 52.02 34.61 -9.51
N HIS B 2325 51.81 35.05 -8.28
CA HIS B 2325 50.52 35.61 -7.91
C HIS B 2325 50.29 36.96 -8.57
N LYS B 2326 51.33 37.79 -8.63
CA LYS B 2326 51.18 39.10 -9.25
C LYS B 2326 51.15 39.05 -10.76
N LYS B 2327 51.66 37.97 -11.35
CA LYS B 2327 51.64 37.88 -12.79
C LYS B 2327 50.17 37.77 -13.21
N ARG B 2328 49.50 36.70 -12.78
CA ARG B 2328 48.09 36.49 -13.15
C ARG B 2328 47.28 37.75 -12.88
N SER B 2329 47.60 38.41 -11.76
CA SER B 2329 46.90 39.62 -11.37
C SER B 2329 47.14 40.77 -12.32
N ASP B 2330 48.36 40.88 -12.83
CA ASP B 2330 48.67 41.98 -13.71
C ASP B 2330 48.21 41.73 -15.13
N LEU B 2331 48.27 40.50 -15.60
CA LEU B 2331 47.82 40.27 -16.96
C LEU B 2331 46.32 40.52 -16.96
N LEU B 2332 45.62 39.98 -15.97
CA LEU B 2332 44.17 40.19 -15.87
C LEU B 2332 43.73 41.65 -15.88
N LYS B 2333 44.48 42.52 -15.20
CA LYS B 2333 44.14 43.93 -15.18
C LYS B 2333 44.51 44.55 -16.51
N ILE B 2334 45.66 44.14 -17.02
CA ILE B 2334 46.18 44.61 -18.29
C ILE B 2334 45.19 44.28 -19.41
N GLN B 2335 44.79 43.01 -19.46
CA GLN B 2335 43.87 42.52 -20.48
C GLN B 2335 42.50 43.18 -20.45
N GLY B 2336 42.02 43.50 -19.26
CA GLY B 2336 40.71 44.12 -19.14
C GLY B 2336 40.68 45.51 -19.76
N GLU B 2337 41.81 46.21 -19.69
CA GLU B 2337 41.88 47.54 -20.25
C GLU B 2337 42.03 47.48 -21.78
N PHE B 2338 42.64 46.40 -22.27
CA PHE B 2338 42.84 46.21 -23.71
C PHE B 2338 41.58 45.77 -24.44
N GLN B 2339 40.51 45.52 -23.68
CA GLN B 2339 39.23 45.13 -24.29
C GLN B 2339 38.39 46.39 -24.33
N VAL B 2340 38.90 47.45 -23.73
CA VAL B 2340 38.16 48.70 -23.73
C VAL B 2340 38.78 49.59 -24.79
N LYS B 2341 40.10 49.67 -24.82
CA LYS B 2341 40.78 50.50 -25.80
C LYS B 2341 40.58 49.97 -27.20
N LEU B 2342 40.51 48.64 -27.33
CA LEU B 2342 40.32 48.03 -28.63
C LEU B 2342 38.93 48.34 -29.17
N ARG B 2343 37.95 48.46 -28.29
CA ARG B 2343 36.60 48.77 -28.75
C ARG B 2343 36.54 50.25 -29.10
N ILE B 2344 37.31 51.06 -28.38
CA ILE B 2344 37.38 52.50 -28.61
C ILE B 2344 38.02 52.68 -29.98
N LEU B 2345 39.17 52.04 -30.19
CA LEU B 2345 39.86 52.15 -31.46
C LEU B 2345 38.96 51.77 -32.63
N GLU B 2346 38.36 50.59 -32.55
CA GLU B 2346 37.48 50.13 -33.59
C GLU B 2346 36.42 51.16 -33.91
N LYS B 2347 35.78 51.71 -32.90
CA LYS B 2347 34.77 52.71 -33.16
C LYS B 2347 35.38 53.93 -33.83
N SER B 2348 36.64 54.22 -33.54
CA SER B 2348 37.33 55.37 -34.14
C SER B 2348 37.60 55.13 -35.61
N LEU B 2349 38.17 53.97 -35.92
CA LEU B 2349 38.51 53.53 -37.27
C LEU B 2349 37.31 53.52 -38.20
N LEU B 2350 36.17 53.07 -37.71
CA LEU B 2350 34.98 53.04 -38.51
C LEU B 2350 34.55 54.45 -38.89
N ASN B 2351 34.64 55.38 -37.95
CA ASN B 2351 34.27 56.76 -38.21
C ASN B 2351 35.36 57.29 -39.11
N ALA B 2352 36.60 56.92 -38.80
CA ALA B 2352 37.75 57.35 -39.57
C ALA B 2352 37.62 56.95 -41.03
N LEU B 2353 37.29 55.69 -41.27
CA LEU B 2353 37.12 55.19 -42.62
C LEU B 2353 35.96 55.89 -43.34
N SER B 2354 35.06 56.50 -42.59
CA SER B 2354 33.90 57.17 -43.19
C SER B 2354 34.06 58.60 -43.68
N GLN B 2355 35.23 58.97 -44.17
CA GLN B 2355 35.45 60.31 -44.70
C GLN B 2355 35.96 60.34 -46.15
N ALA B 2356 35.41 61.28 -46.94
CA ALA B 2356 35.74 61.49 -48.36
C ALA B 2356 36.91 60.66 -48.85
N SER B 2357 36.65 59.87 -49.89
CA SER B 2357 37.65 58.99 -50.50
C SER B 2357 39.02 59.62 -50.77
N GLY B 2358 38.99 60.76 -51.47
CA GLY B 2358 40.20 61.46 -51.84
C GLY B 2358 41.18 61.72 -50.71
N ASN B 2359 40.67 62.28 -49.62
CA ASN B 2359 41.52 62.59 -48.49
C ASN B 2359 42.25 61.39 -47.89
N ILE B 2360 41.76 60.18 -48.16
CA ILE B 2360 42.39 58.97 -47.61
C ILE B 2360 43.90 58.95 -47.76
N LEU B 2361 44.44 59.63 -48.76
CA LEU B 2361 45.89 59.62 -48.96
C LEU B 2361 46.66 60.84 -48.43
N ASP B 2362 45.97 61.75 -47.73
CA ASP B 2362 46.61 62.94 -47.18
C ASP B 2362 46.60 62.91 -45.64
N ASP B 2363 45.42 62.64 -45.08
CA ASP B 2363 45.15 62.60 -43.64
C ASP B 2363 46.02 61.70 -42.74
N ASP B 2364 46.17 60.44 -43.11
CA ASP B 2364 46.97 59.53 -42.29
C ASP B 2364 46.28 59.25 -40.94
N SER B 2365 45.01 59.65 -40.87
CA SER B 2365 44.17 59.44 -39.71
C SER B 2365 43.75 57.96 -39.74
N VAL B 2366 43.59 57.43 -40.95
CA VAL B 2366 43.21 56.04 -41.13
C VAL B 2366 44.41 55.09 -41.00
N ILE B 2367 45.57 55.48 -41.51
CA ILE B 2367 46.74 54.61 -41.41
C ILE B 2367 47.21 54.57 -39.98
N SER B 2368 46.99 55.68 -39.27
CA SER B 2368 47.37 55.83 -37.87
C SER B 2368 46.68 54.81 -36.97
N THR B 2369 45.35 54.83 -37.01
CA THR B 2369 44.55 53.93 -36.21
C THR B 2369 44.85 52.49 -36.60
N LEU B 2370 45.06 52.24 -37.88
CA LEU B 2370 45.37 50.91 -38.36
C LEU B 2370 46.68 50.44 -37.75
N GLU B 2371 47.71 51.28 -37.81
CA GLU B 2371 49.02 50.95 -37.27
C GLU B 2371 48.92 50.63 -35.77
N THR B 2372 48.17 51.46 -35.07
CA THR B 2372 47.94 51.33 -33.63
C THR B 2372 47.19 50.02 -33.34
N LEU B 2373 46.08 49.80 -34.03
CA LEU B 2373 45.28 48.58 -33.85
C LEU B 2373 46.12 47.34 -34.02
N LYS B 2374 47.23 47.43 -34.74
CA LYS B 2374 48.06 46.25 -34.97
C LYS B 2374 49.05 46.03 -33.84
N LYS B 2375 49.59 47.11 -33.29
CA LYS B 2375 50.55 47.02 -32.18
C LYS B 2375 49.72 46.51 -31.00
N GLU B 2376 48.61 47.20 -30.80
CA GLU B 2376 47.61 46.98 -29.75
C GLU B 2376 46.90 45.63 -29.81
N THR B 2377 46.93 44.96 -30.96
CA THR B 2377 46.26 43.66 -31.06
C THR B 2377 47.19 42.47 -30.96
N THR B 2378 48.43 42.63 -31.38
CA THR B 2378 49.34 41.50 -31.29
C THR B 2378 49.94 41.54 -29.89
N GLU B 2379 49.69 42.65 -29.19
CA GLU B 2379 50.21 42.78 -27.84
C GLU B 2379 49.24 42.12 -26.88
N ILE B 2380 47.97 42.04 -27.29
CA ILE B 2380 46.97 41.37 -26.47
C ILE B 2380 47.24 39.88 -26.62
N ALA B 2381 46.98 39.32 -27.80
CA ALA B 2381 47.21 37.89 -28.02
C ALA B 2381 48.56 37.46 -27.44
N LEU B 2382 49.49 38.41 -27.28
CA LEU B 2382 50.80 38.09 -26.72
C LEU B 2382 50.69 37.92 -25.22
N LYS B 2383 50.10 38.91 -24.56
CA LYS B 2383 49.89 38.88 -23.11
C LYS B 2383 49.00 37.69 -22.81
N VAL B 2384 48.38 37.14 -23.84
CA VAL B 2384 47.52 35.98 -23.70
C VAL B 2384 48.41 34.78 -23.47
N GLU B 2385 49.53 34.72 -24.18
CA GLU B 2385 50.47 33.62 -24.00
C GLU B 2385 51.01 33.72 -22.56
N GLU B 2386 51.51 34.90 -22.20
CA GLU B 2386 52.05 35.14 -20.85
C GLU B 2386 51.10 34.64 -19.75
N THR B 2387 49.78 34.76 -19.97
CA THR B 2387 48.78 34.30 -19.01
C THR B 2387 48.79 32.76 -18.93
N GLU B 2388 48.53 32.13 -20.08
CA GLU B 2388 48.50 30.67 -20.18
C GLU B 2388 49.73 30.05 -19.52
N THR B 2389 50.86 30.75 -19.56
CA THR B 2389 52.10 30.26 -18.96
C THR B 2389 51.96 30.28 -17.44
N VAL B 2390 51.64 31.45 -16.88
CA VAL B 2390 51.49 31.61 -15.43
C VAL B 2390 50.55 30.55 -14.89
N MET B 2391 49.40 30.42 -15.53
CA MET B 2391 48.40 29.44 -15.14
C MET B 2391 48.99 28.02 -14.94
N GLN B 2392 49.75 27.55 -15.92
CA GLN B 2392 50.37 26.24 -15.81
C GLN B 2392 51.26 26.27 -14.57
N GLU B 2393 52.12 27.30 -14.50
CA GLU B 2393 53.05 27.50 -13.39
C GLU B 2393 52.31 27.46 -12.04
N ILE B 2394 51.20 28.17 -11.94
CA ILE B 2394 50.43 28.18 -10.71
C ILE B 2394 49.83 26.78 -10.60
N SER B 2395 49.04 26.40 -11.60
CA SER B 2395 48.41 25.07 -11.58
C SER B 2395 49.44 24.01 -11.17
N GLU B 2396 50.71 24.35 -11.31
CA GLU B 2396 51.81 23.48 -10.95
C GLU B 2396 51.95 23.45 -9.43
N VAL B 2397 52.57 24.48 -8.85
CA VAL B 2397 52.78 24.55 -7.40
C VAL B 2397 51.57 24.19 -6.51
N SER B 2398 50.39 24.70 -6.86
CA SER B 2398 49.17 24.49 -6.09
C SER B 2398 48.91 23.04 -5.68
N ALA B 2399 49.31 22.09 -6.51
CA ALA B 2399 49.09 20.70 -6.16
C ALA B 2399 50.05 20.30 -5.03
N LEU B 2400 51.12 21.07 -4.85
CA LEU B 2400 52.08 20.80 -3.79
C LEU B 2400 51.63 21.40 -2.45
N TYR B 2401 50.72 22.38 -2.51
CA TYR B 2401 50.20 23.03 -1.28
C TYR B 2401 48.83 22.50 -0.85
N ASN B 2402 48.17 21.81 -1.77
CA ASN B 2402 46.85 21.26 -1.52
C ASN B 2402 46.77 20.35 -0.29
N PRO B 2403 47.77 19.47 -0.10
CA PRO B 2403 47.76 18.54 1.05
C PRO B 2403 47.71 19.25 2.40
N MET B 2404 48.40 20.40 2.48
CA MET B 2404 48.44 21.17 3.71
C MET B 2404 47.12 21.93 3.82
N ALA B 2405 46.69 22.51 2.72
CA ALA B 2405 45.43 23.24 2.72
C ALA B 2405 44.37 22.26 3.24
N LEU B 2406 44.48 20.99 2.83
CA LEU B 2406 43.51 20.00 3.28
C LEU B 2406 43.59 19.78 4.78
N SER B 2407 44.79 19.52 5.28
CA SER B 2407 44.91 19.29 6.70
C SER B 2407 44.40 20.51 7.44
N CYS B 2408 44.66 21.70 6.92
CA CYS B 2408 44.18 22.91 7.58
C CYS B 2408 42.67 22.93 7.77
N SER B 2409 41.96 22.79 6.67
CA SER B 2409 40.51 22.77 6.72
C SER B 2409 40.02 21.68 7.65
N ARG B 2410 40.69 20.53 7.66
CA ARG B 2410 40.26 19.46 8.54
C ARG B 2410 40.44 19.86 10.01
N VAL B 2411 41.39 20.75 10.27
CA VAL B 2411 41.69 21.24 11.61
C VAL B 2411 40.66 22.24 12.13
N TYR B 2412 40.27 23.21 11.32
CA TYR B 2412 39.27 24.16 11.79
C TYR B 2412 37.96 23.46 12.17
N PHE B 2413 37.47 22.57 11.29
CA PHE B 2413 36.23 21.86 11.57
C PHE B 2413 36.30 20.95 12.78
N ALA B 2414 37.53 20.66 13.19
CA ALA B 2414 37.79 19.84 14.37
C ALA B 2414 37.47 20.75 15.56
N MET B 2415 37.89 22.01 15.44
CA MET B 2415 37.65 23.02 16.46
C MET B 2415 36.16 23.35 16.49
N GLU B 2416 35.51 23.28 15.34
CA GLU B 2416 34.10 23.58 15.29
C GLU B 2416 33.31 22.44 15.92
N GLU B 2417 33.99 21.33 16.22
CA GLU B 2417 33.33 20.20 16.85
C GLU B 2417 33.43 20.32 18.35
N LEU B 2418 34.48 20.99 18.84
CA LEU B 2418 34.66 21.18 20.28
C LEU B 2418 33.43 21.89 20.80
N SER B 2419 32.67 22.45 19.88
CA SER B 2419 31.44 23.21 20.14
C SER B 2419 30.34 22.53 20.97
N GLN B 2420 30.47 21.23 21.17
CA GLN B 2420 29.49 20.48 21.94
C GLN B 2420 29.63 20.82 23.40
N PHE B 2421 30.69 21.54 23.73
CA PHE B 2421 30.94 21.98 25.09
C PHE B 2421 30.81 23.48 25.05
N HIS B 2422 29.83 24.01 25.77
CA HIS B 2422 29.55 25.45 25.81
C HIS B 2422 30.74 26.38 25.90
N LEU B 2423 31.77 26.00 26.66
CA LEU B 2423 32.93 26.85 26.82
C LEU B 2423 33.86 26.93 25.63
N TYR B 2424 33.77 25.96 24.72
CA TYR B 2424 34.65 25.95 23.55
C TYR B 2424 33.95 26.37 22.28
N GLN B 2425 33.91 27.68 22.05
CA GLN B 2425 33.29 28.23 20.87
C GLN B 2425 34.39 28.90 20.12
N PHE B 2426 34.72 28.38 18.96
CA PHE B 2426 35.80 28.95 18.18
C PHE B 2426 35.32 29.50 16.84
N SER B 2427 35.71 30.73 16.55
CA SER B 2427 35.31 31.37 15.31
C SER B 2427 36.22 31.00 14.16
N LEU B 2428 35.75 31.24 12.96
CA LEU B 2428 36.53 30.97 11.79
C LEU B 2428 37.67 31.97 11.84
N ARG B 2429 37.36 33.18 12.28
CA ARG B 2429 38.34 34.25 12.41
C ARG B 2429 39.50 33.87 13.32
N ALA B 2430 39.20 33.21 14.42
CA ALA B 2430 40.23 32.80 15.36
C ALA B 2430 41.22 31.91 14.62
N PHE B 2431 40.69 30.90 13.96
CA PHE B 2431 41.50 29.96 13.19
C PHE B 2431 42.29 30.70 12.12
N LEU B 2432 41.65 31.64 11.46
CA LEU B 2432 42.32 32.37 10.42
C LEU B 2432 43.53 33.16 10.88
N ASP B 2433 43.64 33.46 12.18
CA ASP B 2433 44.81 34.20 12.64
C ASP B 2433 45.92 33.21 12.91
N ILE B 2434 45.54 32.01 13.31
CA ILE B 2434 46.52 30.98 13.58
C ILE B 2434 47.21 30.76 12.24
N PHE B 2435 46.38 30.54 11.22
CA PHE B 2435 46.86 30.32 9.86
C PHE B 2435 47.71 31.47 9.36
N TYR B 2436 47.26 32.68 9.62
CA TYR B 2436 48.00 33.87 9.20
C TYR B 2436 49.39 33.79 9.81
N ASN B 2437 49.47 33.21 11.01
CA ASN B 2437 50.74 33.08 11.68
C ASN B 2437 51.52 31.96 11.02
N LEU B 2438 50.94 30.76 10.99
CA LEU B 2438 51.59 29.62 10.38
C LEU B 2438 52.34 30.03 9.13
N LEU B 2439 51.75 30.95 8.38
CA LEU B 2439 52.36 31.44 7.15
C LEU B 2439 53.38 32.54 7.43
N ASN B 2440 52.91 33.69 7.92
CA ASN B 2440 53.80 34.80 8.19
C ASN B 2440 54.69 34.65 9.41
N ASN B 2441 54.18 34.93 10.61
CA ASN B 2441 55.02 34.84 11.81
C ASN B 2441 55.31 33.46 12.39
N ASN B 2442 56.00 32.61 11.60
CA ASN B 2442 56.34 31.27 12.05
C ASN B 2442 57.79 31.17 12.53
N PRO B 2443 58.00 30.52 13.67
CA PRO B 2443 59.30 30.28 14.31
C PRO B 2443 60.18 29.38 13.45
N ASN B 2444 59.73 28.14 13.24
CA ASN B 2444 60.46 27.18 12.43
C ASN B 2444 60.65 27.62 10.97
N LEU B 2445 60.34 28.88 10.65
CA LEU B 2445 60.50 29.38 9.28
C LEU B 2445 61.47 30.57 9.14
N VAL B 2446 61.52 31.42 10.17
CA VAL B 2446 62.38 32.61 10.16
C VAL B 2446 63.69 32.40 9.39
N ASP B 2447 64.26 31.21 9.54
CA ASP B 2447 65.50 30.87 8.85
C ASP B 2447 65.22 30.77 7.35
N LYS B 2448 64.85 29.56 6.93
CA LYS B 2448 64.58 29.23 5.53
C LYS B 2448 63.88 30.28 4.65
N LYS B 2449 64.08 30.15 3.33
CA LYS B 2449 63.47 31.05 2.36
C LYS B 2449 63.08 30.25 1.11
N ASP B 2450 63.58 29.01 1.01
CA ASP B 2450 63.24 28.15 -0.13
C ASP B 2450 61.87 27.49 0.03
N PRO B 2451 60.89 27.93 -0.78
CA PRO B 2451 59.50 27.45 -0.82
C PRO B 2451 59.26 25.96 -0.58
N ASN B 2452 59.94 25.09 -1.33
CA ASN B 2452 59.76 23.65 -1.15
C ASN B 2452 60.14 23.12 0.24
N GLU B 2453 61.09 23.78 0.91
CA GLU B 2453 61.53 23.35 2.24
C GLU B 2453 60.65 23.91 3.37
N ARG B 2454 60.10 25.10 3.14
CA ARG B 2454 59.20 25.76 4.10
C ARG B 2454 57.88 24.98 4.05
N LEU B 2455 57.57 24.45 2.87
CA LEU B 2455 56.36 23.67 2.63
C LEU B 2455 56.37 22.42 3.52
N VAL B 2456 57.48 22.22 4.22
CA VAL B 2456 57.62 21.07 5.11
C VAL B 2456 57.20 21.45 6.52
N TYR B 2457 57.66 22.60 7.01
CA TYR B 2457 57.27 23.03 8.35
C TYR B 2457 55.82 23.53 8.36
N LEU B 2458 55.32 23.92 7.20
CA LEU B 2458 53.94 24.38 7.10
C LEU B 2458 53.06 23.14 7.18
N SER B 2459 53.33 22.14 6.34
CA SER B 2459 52.53 20.93 6.37
C SER B 2459 52.43 20.36 7.78
N LYS B 2460 53.33 20.79 8.65
CA LYS B 2460 53.33 20.25 10.02
C LYS B 2460 52.89 21.22 11.11
N ASP B 2461 53.45 22.42 11.12
CA ASP B 2461 53.14 23.38 12.15
C ASP B 2461 51.66 23.71 12.44
N ILE B 2462 50.79 23.62 11.44
CA ILE B 2462 49.37 23.88 11.66
C ILE B 2462 48.91 23.16 12.93
N PHE B 2463 49.11 21.85 12.95
CA PHE B 2463 48.71 21.01 14.06
C PHE B 2463 49.27 21.52 15.38
N SER B 2464 50.57 21.75 15.40
CA SER B 2464 51.22 22.23 16.60
C SER B 2464 50.79 23.64 16.97
N MET B 2465 50.78 24.55 16.01
CA MET B 2465 50.42 25.93 16.24
C MET B 2465 48.96 26.15 16.58
N THR B 2466 48.08 25.28 16.08
CA THR B 2466 46.68 25.45 16.41
C THR B 2466 46.53 24.99 17.85
N PHE B 2467 47.01 23.79 18.15
CA PHE B 2467 46.93 23.24 19.49
C PHE B 2467 47.37 24.28 20.53
N ASN B 2468 48.51 24.92 20.29
CA ASN B 2468 49.02 25.91 21.24
C ASN B 2468 48.01 27.02 21.52
N ARG B 2469 47.23 27.42 20.51
CA ARG B 2469 46.26 28.49 20.73
C ARG B 2469 44.98 27.98 21.37
N VAL B 2470 44.58 26.77 21.00
CA VAL B 2470 43.35 26.17 21.53
C VAL B 2470 43.48 25.63 22.94
N THR B 2471 44.69 25.25 23.32
CA THR B 2471 44.95 24.71 24.65
C THR B 2471 44.72 25.77 25.75
N ARG B 2472 44.85 27.04 25.41
CA ARG B 2472 44.64 28.09 26.38
C ARG B 2472 43.21 28.07 26.84
N THR B 2473 42.34 27.53 26.00
CA THR B 2473 40.94 27.53 26.33
C THR B 2473 40.44 26.20 26.90
N LEU B 2474 41.06 25.10 26.49
CA LEU B 2474 40.62 23.79 26.96
C LEU B 2474 40.95 23.52 28.41
N LEU B 2475 40.09 22.76 29.08
CA LEU B 2475 40.32 22.41 30.47
C LEU B 2475 41.40 21.35 30.43
N ASN B 2476 42.21 21.26 31.48
CA ASN B 2476 43.30 20.29 31.48
C ASN B 2476 42.97 18.94 30.88
N ASP B 2477 41.82 18.39 31.22
CA ASP B 2477 41.45 17.08 30.71
C ASP B 2477 41.14 17.00 29.22
N ASP B 2478 40.74 18.11 28.61
CA ASP B 2478 40.37 18.08 27.21
C ASP B 2478 41.48 18.48 26.26
N LYS B 2479 42.68 18.65 26.78
CA LYS B 2479 43.79 19.02 25.93
C LYS B 2479 44.24 17.79 25.19
N LEU B 2480 44.19 16.64 25.86
CA LEU B 2480 44.59 15.37 25.25
C LEU B 2480 43.52 14.81 24.32
N THR B 2481 42.26 15.00 24.68
CA THR B 2481 41.25 14.49 23.79
C THR B 2481 41.36 15.27 22.49
N PHE B 2482 41.60 16.58 22.57
CA PHE B 2482 41.71 17.41 21.39
C PHE B 2482 42.94 17.05 20.60
N ALA B 2483 44.01 16.69 21.31
CA ALA B 2483 45.24 16.30 20.63
C ALA B 2483 44.92 15.11 19.76
N LEU B 2484 44.33 14.09 20.36
CA LEU B 2484 43.95 12.88 19.65
C LEU B 2484 43.30 13.23 18.34
N GLN B 2485 42.28 14.08 18.41
CA GLN B 2485 41.58 14.53 17.22
C GLN B 2485 42.51 15.08 16.14
N LEU B 2486 43.51 15.84 16.54
CA LEU B 2486 44.46 16.39 15.60
C LEU B 2486 45.37 15.31 15.04
N THR B 2487 45.67 14.29 15.84
CA THR B 2487 46.55 13.22 15.37
C THR B 2487 45.92 12.45 14.20
N ILE B 2488 44.70 11.94 14.39
CA ILE B 2488 44.01 11.19 13.34
C ILE B 2488 43.91 12.01 12.05
N ILE B 2489 43.93 13.32 12.21
CA ILE B 2489 43.87 14.22 11.08
C ILE B 2489 45.31 14.39 10.57
N SER B 2490 46.27 14.29 11.49
CA SER B 2490 47.69 14.45 11.15
C SER B 2490 48.35 13.31 10.36
N VAL B 2491 47.62 12.23 10.09
CA VAL B 2491 48.19 11.10 9.36
C VAL B 2491 47.20 10.51 8.39
N LYS B 2492 46.03 11.13 8.31
CA LYS B 2492 45.01 10.66 7.38
C LYS B 2492 45.63 10.92 6.00
N GLY B 2493 45.42 9.99 5.07
CA GLY B 2493 45.98 10.14 3.75
C GLY B 2493 47.43 9.67 3.68
N THR B 2494 47.93 9.05 4.74
CA THR B 2494 49.31 8.57 4.74
C THR B 2494 49.35 7.13 5.15
N SER B 2495 50.52 6.54 4.99
CA SER B 2495 50.76 5.15 5.36
C SER B 2495 50.46 4.96 6.85
N ASN B 2496 50.37 6.09 7.55
CA ASN B 2496 50.08 6.12 8.98
C ASN B 2496 48.60 6.24 9.32
N GLU B 2497 47.78 6.71 8.39
CA GLU B 2497 46.35 6.86 8.65
C GLU B 2497 45.77 5.77 9.51
N ILE B 2498 44.95 6.17 10.49
CA ILE B 2498 44.31 5.22 11.38
C ILE B 2498 43.07 4.67 10.70
N GLU B 2499 42.95 3.34 10.69
CA GLU B 2499 41.80 2.69 10.07
C GLU B 2499 40.57 3.30 10.76
N GLU B 2500 39.39 3.14 10.17
CA GLU B 2500 38.17 3.68 10.75
C GLU B 2500 37.61 2.73 11.78
N SER B 2501 37.63 1.45 11.45
CA SER B 2501 37.12 0.43 12.34
C SER B 2501 37.73 0.55 13.74
N GLU B 2502 39.01 0.90 13.77
CA GLU B 2502 39.75 1.04 15.01
C GLU B 2502 39.36 2.32 15.76
N TRP B 2503 39.32 3.45 15.06
CA TRP B 2503 38.93 4.72 15.67
C TRP B 2503 37.47 4.64 16.15
N ASP B 2504 36.67 3.81 15.49
CA ASP B 2504 35.27 3.62 15.88
C ASP B 2504 35.22 2.80 17.16
N PHE B 2505 36.10 1.80 17.25
CA PHE B 2505 36.15 0.97 18.44
C PHE B 2505 36.56 1.84 19.60
N LEU B 2506 37.49 2.77 19.36
CA LEU B 2506 37.92 3.63 20.44
C LEU B 2506 36.72 4.36 21.02
N LEU B 2507 35.88 4.90 20.15
CA LEU B 2507 34.71 5.67 20.58
C LEU B 2507 33.47 4.87 20.98
N LYS B 2508 33.12 3.83 20.22
CA LYS B 2508 31.93 3.06 20.56
C LYS B 2508 32.24 1.65 21.02
N GLY B 2509 33.51 1.26 20.95
CA GLY B 2509 33.90 -0.07 21.38
C GLY B 2509 33.23 -0.51 22.66
N GLY B 2510 32.65 -1.70 22.64
CA GLY B 2510 31.99 -2.23 23.81
C GLY B 2510 30.80 -1.47 24.37
N ASP B 2511 30.36 -0.42 23.69
CA ASP B 2511 29.21 0.32 24.20
C ASP B 2511 27.96 -0.54 24.25
N ASN B 2512 28.07 -1.77 23.75
CA ASN B 2512 26.94 -2.69 23.71
C ASN B 2512 27.15 -3.94 24.55
N LEU B 2513 28.26 -4.00 25.27
CA LEU B 2513 28.58 -5.14 26.12
C LEU B 2513 27.33 -5.82 26.73
N THR B 2514 26.61 -5.11 27.58
CA THR B 2514 25.41 -5.63 28.24
C THR B 2514 24.50 -6.52 27.40
N SER B 2515 24.56 -6.37 26.08
CA SER B 2515 23.73 -7.22 25.26
C SER B 2515 24.63 -8.25 24.60
N ILE B 2516 25.38 -8.99 25.41
CA ILE B 2516 26.27 -10.03 24.90
C ILE B 2516 26.23 -11.27 25.77
N LYS B 2517 25.75 -12.37 25.18
CA LYS B 2517 25.62 -13.66 25.85
C LYS B 2517 26.73 -14.62 25.40
N GLU B 2518 27.30 -14.40 24.21
CA GLU B 2518 28.36 -15.29 23.73
C GLU B 2518 29.53 -15.30 24.70
N THR B 2519 30.28 -16.39 24.70
CA THR B 2519 31.43 -16.49 25.57
C THR B 2519 32.61 -17.10 24.83
N ILE B 2520 33.73 -17.20 25.54
CA ILE B 2520 34.97 -17.81 25.03
C ILE B 2520 35.44 -18.63 26.21
N PRO B 2521 34.73 -19.73 26.52
CA PRO B 2521 35.03 -20.63 27.63
C PRO B 2521 36.46 -21.10 27.73
N GLN B 2522 37.11 -21.34 26.60
CA GLN B 2522 38.51 -21.77 26.59
C GLN B 2522 39.37 -20.92 27.52
N LEU B 2523 39.29 -19.61 27.35
CA LEU B 2523 40.06 -18.67 28.15
C LEU B 2523 39.54 -18.51 29.59
N ASP B 2524 38.56 -19.33 30.00
CA ASP B 2524 37.99 -19.27 31.35
C ASP B 2524 39.03 -19.23 32.47
N SER B 2525 40.22 -19.78 32.20
CA SER B 2525 41.29 -19.79 33.21
C SER B 2525 42.07 -18.48 33.16
N LEU B 2526 41.90 -17.72 32.08
CA LEU B 2526 42.60 -16.47 31.86
C LEU B 2526 41.79 -15.17 31.83
N LEU B 2527 40.55 -15.23 31.34
CA LEU B 2527 39.72 -14.03 31.28
C LEU B 2527 38.45 -14.17 32.08
N SER B 2528 38.08 -13.10 32.76
CA SER B 2528 36.86 -13.07 33.56
C SER B 2528 35.73 -13.06 32.55
N THR B 2529 34.49 -13.09 33.04
CA THR B 2529 33.34 -13.07 32.15
C THR B 2529 33.35 -11.74 31.38
N THR B 2530 33.49 -10.66 32.14
CA THR B 2530 33.54 -9.31 31.60
C THR B 2530 34.63 -9.22 30.55
N GLN B 2531 35.78 -9.80 30.86
CA GLN B 2531 36.92 -9.79 29.93
C GLN B 2531 36.67 -10.57 28.64
N GLN B 2532 36.06 -11.75 28.74
CA GLN B 2532 35.78 -12.51 27.52
C GLN B 2532 34.93 -11.60 26.65
N LYS B 2533 33.88 -11.02 27.25
CA LYS B 2533 32.96 -10.13 26.53
C LYS B 2533 33.68 -9.06 25.74
N TRP B 2534 34.72 -8.47 26.31
CA TRP B 2534 35.46 -7.43 25.60
C TRP B 2534 36.23 -8.00 24.42
N LEU B 2535 36.85 -9.15 24.62
CA LEU B 2535 37.60 -9.81 23.55
C LEU B 2535 36.62 -10.19 22.45
N ILE B 2536 35.53 -10.87 22.83
CA ILE B 2536 34.48 -11.24 21.88
C ILE B 2536 34.16 -10.01 21.04
N CYS B 2537 34.07 -8.86 21.70
CA CYS B 2537 33.76 -7.57 21.06
C CYS B 2537 34.84 -7.08 20.12
N LEU B 2538 36.04 -7.01 20.65
CA LEU B 2538 37.19 -6.55 19.92
C LEU B 2538 37.40 -7.39 18.66
N ARG B 2539 37.53 -8.70 18.86
CA ARG B 2539 37.73 -9.63 17.76
C ARG B 2539 36.57 -9.58 16.78
N GLN B 2540 35.41 -9.19 17.26
CA GLN B 2540 34.23 -9.13 16.44
C GLN B 2540 33.98 -7.85 15.65
N GLN B 2541 34.62 -6.74 16.02
CA GLN B 2541 34.34 -5.50 15.31
C GLN B 2541 35.54 -4.79 14.72
N VAL B 2542 36.73 -5.25 15.07
CA VAL B 2542 37.93 -4.65 14.52
C VAL B 2542 38.70 -5.75 13.80
N PRO B 2543 38.88 -5.62 12.48
CA PRO B 2543 39.60 -6.58 11.66
C PRO B 2543 40.98 -6.95 12.20
N SER B 2544 41.89 -5.98 12.25
CA SER B 2544 43.23 -6.22 12.76
C SER B 2544 43.27 -7.22 13.92
N PHE B 2545 42.34 -7.12 14.84
CA PHE B 2545 42.32 -8.02 16.00
C PHE B 2545 41.57 -9.32 15.67
N SER B 2546 42.08 -10.04 14.67
CA SER B 2546 41.47 -11.29 14.19
C SER B 2546 41.85 -12.53 14.97
N LYS B 2547 43.15 -12.78 15.08
CA LYS B 2547 43.66 -13.95 15.79
C LYS B 2547 44.00 -13.58 17.22
N LEU B 2548 43.35 -12.53 17.74
CA LEU B 2548 43.61 -12.14 19.10
C LEU B 2548 43.16 -13.24 20.07
N VAL B 2549 41.89 -13.68 19.98
CA VAL B 2549 41.44 -14.73 20.89
C VAL B 2549 42.33 -15.96 20.70
N ASP B 2550 42.84 -16.11 19.48
CA ASP B 2550 43.70 -17.22 19.19
C ASP B 2550 45.08 -16.96 19.78
N HIS B 2551 45.67 -15.80 19.47
CA HIS B 2551 47.00 -15.48 19.98
C HIS B 2551 47.07 -15.68 21.48
N ILE B 2552 46.01 -15.30 22.18
CA ILE B 2552 45.98 -15.47 23.62
C ILE B 2552 46.02 -16.94 24.02
N GLN B 2553 45.26 -17.77 23.32
CA GLN B 2553 45.21 -19.21 23.59
C GLN B 2553 46.58 -19.84 23.32
N GLN B 2554 47.11 -19.66 22.13
CA GLN B 2554 48.40 -20.22 21.84
C GLN B 2554 49.49 -19.69 22.77
N ASN B 2555 49.51 -18.38 22.97
CA ASN B 2555 50.54 -17.75 23.79
C ASN B 2555 50.16 -17.25 25.17
N SER B 2556 49.36 -18.03 25.87
CA SER B 2556 48.88 -17.68 27.19
C SER B 2556 49.96 -17.15 28.15
N SER B 2557 51.19 -17.65 28.06
CA SER B 2557 52.21 -17.16 29.01
C SER B 2557 52.51 -15.66 28.80
N ASP B 2558 52.48 -15.21 27.56
CA ASP B 2558 52.75 -13.81 27.29
C ASP B 2558 51.65 -12.91 27.88
N TRP B 2559 50.40 -13.33 27.75
CA TRP B 2559 49.27 -12.54 28.26
C TRP B 2559 49.01 -12.85 29.70
N LYS B 2560 49.79 -13.76 30.24
CA LYS B 2560 49.65 -14.13 31.63
C LYS B 2560 49.52 -12.87 32.47
N GLN B 2561 50.59 -12.08 32.52
CA GLN B 2561 50.56 -10.85 33.31
C GLN B 2561 49.46 -9.89 32.88
N PHE B 2562 49.40 -9.59 31.59
CA PHE B 2562 48.39 -8.68 31.09
C PHE B 2562 47.04 -8.84 31.79
N PHE B 2563 46.29 -9.87 31.45
CA PHE B 2563 44.97 -10.10 32.04
C PHE B 2563 45.01 -10.42 33.52
N GLY B 2564 46.23 -10.55 34.04
CA GLY B 2564 46.42 -10.88 35.44
C GLY B 2564 45.95 -9.88 36.47
N LYS B 2565 45.35 -10.43 37.54
CA LYS B 2565 44.85 -9.65 38.67
C LYS B 2565 46.01 -9.33 39.61
N ASP B 2566 45.83 -8.27 40.42
CA ASP B 2566 46.79 -7.79 41.40
C ASP B 2566 48.15 -8.47 41.26
N GLN B 2567 49.12 -7.75 40.68
CA GLN B 2567 50.45 -8.34 40.46
C GLN B 2567 51.49 -7.23 40.27
N VAL B 2568 51.37 -6.18 41.09
CA VAL B 2568 52.25 -5.01 41.01
C VAL B 2568 53.33 -5.08 39.92
N GLY B 2569 53.00 -4.39 38.83
CA GLY B 2569 53.83 -4.29 37.64
C GLY B 2569 52.76 -3.84 36.67
N GLU B 2570 53.02 -2.81 35.87
CA GLU B 2570 51.99 -2.37 34.95
C GLU B 2570 51.73 -3.45 33.88
N PRO B 2571 50.53 -3.46 33.29
CA PRO B 2571 50.40 -4.52 32.28
C PRO B 2571 51.31 -4.18 31.11
N ILE B 2572 51.76 -5.21 30.41
CA ILE B 2572 52.64 -5.01 29.27
C ILE B 2572 52.15 -5.91 28.17
N ILE B 2573 51.59 -5.30 27.12
CA ILE B 2573 51.03 -6.02 25.97
C ILE B 2573 52.10 -6.91 25.34
N PRO B 2574 51.91 -8.24 25.39
CA PRO B 2574 52.86 -9.16 24.80
C PRO B 2574 53.47 -8.63 23.52
N GLU B 2575 54.73 -8.23 23.60
CA GLU B 2575 55.48 -7.72 22.46
C GLU B 2575 55.30 -8.75 21.35
N SER B 2576 55.00 -9.99 21.74
CA SER B 2576 54.80 -11.08 20.79
C SER B 2576 53.49 -10.96 20.02
N TRP B 2577 52.57 -10.14 20.53
CA TRP B 2577 51.28 -9.89 19.88
C TRP B 2577 51.43 -8.73 18.89
N ILE B 2578 52.15 -7.69 19.30
CA ILE B 2578 52.42 -6.54 18.42
C ILE B 2578 52.98 -7.11 17.12
N VAL B 2579 54.10 -7.82 17.23
CA VAL B 2579 54.77 -8.40 16.08
C VAL B 2579 53.79 -9.10 15.17
N ALA B 2580 53.02 -10.02 15.75
CA ALA B 2580 52.03 -10.80 15.02
C ALA B 2580 51.02 -9.91 14.29
N GLN B 2581 50.43 -8.95 15.02
CA GLN B 2581 49.44 -8.01 14.47
C GLN B 2581 50.07 -7.15 13.39
N ALA B 2582 51.31 -6.74 13.60
CA ALA B 2582 52.00 -5.93 12.61
C ALA B 2582 52.13 -6.73 11.30
N GLN B 2583 52.16 -8.05 11.40
CA GLN B 2583 52.29 -8.91 10.24
C GLN B 2583 50.94 -9.09 9.52
N LEU B 2584 49.97 -9.68 10.23
CA LEU B 2584 48.64 -9.90 9.66
C LEU B 2584 47.98 -8.61 9.15
N SER B 2585 48.69 -7.49 9.17
CA SER B 2585 48.15 -6.22 8.68
C SER B 2585 49.20 -5.64 7.80
N ASN B 2586 48.86 -5.33 6.56
CA ASN B 2586 49.88 -4.75 5.69
C ASN B 2586 50.41 -3.47 6.30
N GLN B 2587 49.68 -2.97 7.30
CA GLN B 2587 50.12 -1.77 8.02
C GLN B 2587 51.17 -2.26 9.01
N GLN B 2588 52.41 -1.89 8.79
CA GLN B 2588 53.41 -2.29 9.75
C GLN B 2588 53.92 -1.03 10.43
N SER B 2589 53.08 0.00 10.37
CA SER B 2589 53.37 1.30 10.97
C SER B 2589 53.59 1.18 12.49
N THR B 2590 54.60 1.89 12.98
CA THR B 2590 54.89 1.85 14.41
C THR B 2590 53.86 2.72 15.11
N ILE B 2591 53.59 3.88 14.51
CA ILE B 2591 52.63 4.83 15.04
C ILE B 2591 51.30 4.14 15.22
N VAL B 2592 50.85 3.44 14.19
CA VAL B 2592 49.59 2.72 14.27
C VAL B 2592 49.64 1.66 15.37
N SER B 2593 50.79 1.03 15.53
CA SER B 2593 50.91 0.01 16.55
C SER B 2593 50.50 0.57 17.90
N ASN B 2594 50.97 1.77 18.23
CA ASN B 2594 50.63 2.42 19.49
C ASN B 2594 49.13 2.59 19.65
N PHE B 2595 48.49 3.16 18.64
CA PHE B 2595 47.05 3.37 18.70
C PHE B 2595 46.37 2.07 19.10
N ARG B 2596 46.65 1.01 18.33
CA ARG B 2596 46.02 -0.29 18.60
C ARG B 2596 46.25 -0.69 20.05
N LYS B 2597 47.37 -0.26 20.62
CA LYS B 2597 47.63 -0.57 22.01
C LYS B 2597 46.57 0.12 22.87
N ILE B 2598 46.16 1.32 22.46
CA ILE B 2598 45.14 2.07 23.20
C ILE B 2598 43.84 1.31 23.26
N LEU B 2599 43.49 0.67 22.16
CA LEU B 2599 42.26 -0.09 22.12
C LEU B 2599 42.28 -1.22 23.13
N LEU B 2600 43.40 -1.94 23.14
CA LEU B 2600 43.56 -3.05 24.04
C LEU B 2600 43.40 -2.53 25.46
N MET B 2601 43.86 -1.31 25.68
CA MET B 2601 43.75 -0.71 27.00
C MET B 2601 42.32 -0.31 27.32
N LYS B 2602 41.58 0.22 26.35
CA LYS B 2602 40.20 0.58 26.63
C LYS B 2602 39.38 -0.63 27.06
N ALA B 2603 39.75 -1.79 26.54
CA ALA B 2603 39.05 -3.04 26.83
C ALA B 2603 39.48 -3.79 28.09
N PHE B 2604 40.75 -3.69 28.44
CA PHE B 2604 41.24 -4.42 29.61
C PHE B 2604 41.83 -3.60 30.76
N HIS B 2605 42.27 -2.38 30.48
CA HIS B 2605 42.85 -1.49 31.50
C HIS B 2605 42.48 -0.04 31.18
N SER B 2606 41.25 0.36 31.51
CA SER B 2606 40.78 1.72 31.25
C SER B 2606 41.60 2.80 31.94
N ASP B 2607 42.26 2.45 33.04
CA ASP B 2607 43.09 3.40 33.76
C ASP B 2607 44.43 3.54 33.07
N ARG B 2608 44.54 2.94 31.89
CA ARG B 2608 45.76 3.02 31.10
C ARG B 2608 45.47 3.77 29.81
N VAL B 2609 44.19 4.00 29.53
CA VAL B 2609 43.80 4.69 28.32
C VAL B 2609 44.43 6.07 28.19
N LEU B 2610 44.39 6.89 29.24
CA LEU B 2610 45.01 8.21 29.11
C LEU B 2610 46.49 8.06 28.88
N GLN B 2611 47.09 7.05 29.53
CA GLN B 2611 48.53 6.79 29.43
C GLN B 2611 48.99 6.44 28.03
N TYR B 2612 48.25 5.58 27.36
CA TYR B 2612 48.62 5.17 26.01
C TYR B 2612 48.15 6.10 24.91
N SER B 2613 47.04 6.81 25.11
CA SER B 2613 46.63 7.75 24.08
C SER B 2613 47.61 8.94 24.08
N HIS B 2614 48.08 9.34 25.26
CA HIS B 2614 49.07 10.42 25.32
C HIS B 2614 50.30 10.00 24.53
N SER B 2615 50.80 8.82 24.84
CA SER B 2615 51.98 8.26 24.20
C SER B 2615 51.78 8.25 22.69
N PHE B 2616 50.57 7.88 22.27
CA PHE B 2616 50.21 7.82 20.86
C PHE B 2616 50.40 9.20 20.25
N VAL B 2617 49.82 10.19 20.89
CA VAL B 2617 49.93 11.55 20.40
C VAL B 2617 51.39 11.92 20.15
N CYS B 2618 52.22 11.63 21.13
CA CYS B 2618 53.63 11.97 21.04
C CYS B 2618 54.39 11.25 19.93
N SER B 2619 53.97 10.06 19.57
CA SER B 2619 54.68 9.35 18.52
C SER B 2619 54.44 10.00 17.15
N VAL B 2620 53.64 11.06 17.11
CA VAL B 2620 53.38 11.75 15.85
C VAL B 2620 53.48 13.26 15.97
N PHE B 2621 54.03 13.71 17.08
CA PHE B 2621 54.20 15.14 17.35
C PHE B 2621 55.42 15.35 18.23
N GLY B 2622 55.88 14.28 18.85
CA GLY B 2622 57.03 14.37 19.73
C GLY B 2622 56.68 14.23 21.20
N GLU B 2623 57.72 14.14 22.03
CA GLU B 2623 57.54 14.00 23.46
C GLU B 2623 57.10 15.33 24.06
N ASP B 2624 57.41 16.41 23.37
CA ASP B 2624 57.04 17.75 23.85
C ASP B 2624 56.04 18.47 22.94
N PHE B 2625 54.80 18.01 22.98
CA PHE B 2625 53.74 18.63 22.21
C PHE B 2625 52.75 19.08 23.27
N LEU B 2626 52.13 18.13 23.97
CA LEU B 2626 51.18 18.48 25.02
C LEU B 2626 51.94 18.98 26.23
N ASN B 2627 53.22 19.30 26.04
CA ASN B 2627 53.99 19.82 27.16
C ASN B 2627 53.59 21.24 27.50
N THR B 2628 52.72 21.34 28.51
CA THR B 2628 52.17 22.59 29.04
C THR B 2628 53.18 23.74 29.05
N GLN B 2629 52.88 24.76 28.26
CA GLN B 2629 53.76 25.92 28.16
C GLN B 2629 53.23 27.07 29.00
N GLU B 2630 54.12 27.72 29.74
CA GLU B 2630 53.72 28.86 30.57
C GLU B 2630 53.16 29.99 29.67
N LEU B 2631 52.24 30.77 30.22
CA LEU B 2631 51.60 31.86 29.47
C LEU B 2631 52.19 33.25 29.74
N ASP B 2632 52.29 34.05 28.69
CA ASP B 2632 52.79 35.42 28.80
C ASP B 2632 51.58 36.24 28.42
N MET B 2633 50.67 36.46 29.36
CA MET B 2633 49.48 37.27 29.07
C MET B 2633 49.96 38.61 28.52
N ALA B 2634 50.83 39.25 29.28
CA ALA B 2634 51.40 40.52 28.92
C ALA B 2634 51.59 40.56 27.40
N ASN B 2635 52.39 39.62 26.91
CA ASN B 2635 52.67 39.54 25.48
C ASN B 2635 51.45 39.21 24.62
N ILE B 2636 50.57 38.35 25.13
CA ILE B 2636 49.40 37.98 24.36
C ILE B 2636 48.50 39.20 24.12
N VAL B 2637 48.04 39.83 25.19
CA VAL B 2637 47.15 40.99 25.04
C VAL B 2637 47.68 42.09 24.13
N GLU B 2638 48.97 42.35 24.23
CA GLU B 2638 49.60 43.41 23.45
C GLU B 2638 49.92 43.06 22.00
N LYS B 2639 50.54 41.91 21.79
CA LYS B 2639 50.95 41.52 20.46
C LYS B 2639 50.09 40.45 19.77
N GLU B 2640 49.10 39.91 20.46
CA GLU B 2640 48.31 38.84 19.86
C GLU B 2640 46.83 39.09 19.59
N VAL B 2641 46.15 39.72 20.51
CA VAL B 2641 44.74 39.96 20.32
C VAL B 2641 44.53 41.34 19.70
N LYS B 2642 43.50 41.46 18.86
CA LYS B 2642 43.15 42.74 18.26
C LYS B 2642 42.29 43.34 19.37
N SER B 2643 41.70 44.51 19.15
CA SER B 2643 40.84 45.11 20.18
C SER B 2643 39.38 44.70 20.00
N SER B 2644 39.10 44.00 18.91
CA SER B 2644 37.75 43.58 18.59
C SER B 2644 37.36 42.22 19.19
N SER B 2645 38.27 41.64 19.95
CA SER B 2645 38.03 40.34 20.58
C SER B 2645 38.46 40.47 22.04
N PRO B 2646 37.49 40.54 22.97
CA PRO B 2646 37.75 40.67 24.41
C PRO B 2646 38.56 39.52 24.97
N LEU B 2647 39.11 39.70 26.15
CA LEU B 2647 39.82 38.62 26.79
C LEU B 2647 38.84 38.15 27.83
N LEU B 2648 38.49 36.87 27.77
CA LEU B 2648 37.52 36.29 28.70
C LEU B 2648 38.10 35.25 29.65
N LEU B 2649 38.36 35.64 30.89
CA LEU B 2649 38.91 34.71 31.88
C LEU B 2649 37.82 33.84 32.51
N CYS B 2650 37.87 32.55 32.22
CA CYS B 2650 36.90 31.62 32.76
C CYS B 2650 37.51 30.59 33.68
N SER B 2651 37.17 30.66 34.97
CA SER B 2651 37.71 29.72 35.96
C SER B 2651 36.67 28.98 36.82
N VAL B 2652 37.10 27.90 37.44
CA VAL B 2652 36.25 27.07 38.30
C VAL B 2652 35.73 27.85 39.51
N PRO B 2653 34.59 27.47 40.08
CA PRO B 2653 34.07 28.20 41.24
C PRO B 2653 35.04 28.42 42.38
N GLY B 2654 34.94 29.60 42.99
CA GLY B 2654 35.82 29.93 44.09
C GLY B 2654 37.21 30.36 43.67
N TYR B 2655 37.42 30.52 42.38
CA TYR B 2655 38.71 30.92 41.83
C TYR B 2655 38.55 32.28 41.17
N ASP B 2656 38.99 33.32 41.86
CA ASP B 2656 38.91 34.71 41.37
C ASP B 2656 40.09 35.05 40.46
N ALA B 2657 39.81 35.35 39.19
CA ALA B 2657 40.86 35.68 38.26
C ALA B 2657 41.13 37.19 38.14
N SER B 2658 40.23 38.00 38.70
CA SER B 2658 40.35 39.46 38.64
C SER B 2658 41.78 39.89 38.82
N SER B 2659 42.39 39.42 39.90
CA SER B 2659 43.77 39.75 40.22
C SER B 2659 44.71 39.58 39.04
N LYS B 2660 44.55 38.50 38.30
CA LYS B 2660 45.39 38.24 37.14
C LYS B 2660 45.33 39.37 36.11
N VAL B 2661 44.21 40.08 36.05
CA VAL B 2661 44.08 41.19 35.11
C VAL B 2661 44.74 42.44 35.75
N ASP B 2662 44.26 42.85 36.91
CA ASP B 2662 44.82 44.02 37.61
C ASP B 2662 46.37 44.07 37.56
N ASP B 2663 47.00 42.91 37.75
CA ASP B 2663 48.46 42.84 37.74
C ASP B 2663 49.01 43.06 36.35
N LEU B 2664 48.31 42.52 35.36
CA LEU B 2664 48.77 42.66 34.00
C LEU B 2664 48.75 44.14 33.60
N ALA B 2665 47.82 44.88 34.18
CA ALA B 2665 47.72 46.30 33.91
C ALA B 2665 48.96 46.95 34.57
N LEU B 2666 49.00 46.91 35.89
CA LEU B 2666 50.11 47.49 36.66
C LEU B 2666 51.52 47.20 36.11
N GLN B 2667 51.65 46.14 35.32
CA GLN B 2667 52.93 45.73 34.77
C GLN B 2667 53.18 46.38 33.43
N LEU B 2668 52.10 46.67 32.71
CA LEU B 2668 52.23 47.33 31.42
C LEU B 2668 51.82 48.77 31.63
N HIS B 2669 51.74 49.15 32.90
CA HIS B 2669 51.40 50.51 33.30
C HIS B 2669 50.25 51.11 32.49
N LYS B 2670 49.26 50.29 32.16
CA LYS B 2670 48.09 50.74 31.38
C LYS B 2670 47.06 51.42 32.28
N GLN B 2671 46.20 52.23 31.68
CA GLN B 2671 45.19 52.95 32.44
C GLN B 2671 43.84 52.29 32.25
N TYR B 2672 43.29 51.74 33.34
CA TYR B 2672 41.98 51.09 33.25
C TYR B 2672 41.11 51.12 34.51
N LYS B 2673 39.89 50.62 34.39
CA LYS B 2673 38.96 50.55 35.52
C LYS B 2673 38.15 49.25 35.54
N SER B 2674 38.11 48.59 36.70
CA SER B 2674 37.33 47.35 36.85
C SER B 2674 35.89 47.68 37.29
N PHE B 2675 34.96 46.80 36.97
CA PHE B 2675 33.57 47.02 37.33
C PHE B 2675 32.97 45.69 37.68
N ALA B 2676 32.30 45.62 38.84
CA ALA B 2676 31.71 44.38 39.30
C ALA B 2676 30.27 44.20 38.84
N ILE B 2677 30.07 43.43 37.77
CA ILE B 2677 28.72 43.19 37.25
C ILE B 2677 27.83 42.42 38.21
N GLY B 2678 26.53 42.70 38.15
CA GLY B 2678 25.60 41.99 39.00
C GLY B 2678 24.50 42.88 39.47
N SER B 2679 24.84 44.12 39.75
CA SER B 2679 23.85 45.06 40.23
C SER B 2679 23.25 45.97 39.15
N PRO B 2680 22.21 46.74 39.50
CA PRO B 2680 21.53 47.67 38.58
C PRO B 2680 22.46 48.81 38.16
N GLU B 2681 23.11 49.39 39.18
CA GLU B 2681 24.04 50.49 38.99
C GLU B 2681 25.24 50.04 38.14
N GLY B 2682 25.60 48.75 38.25
CA GLY B 2682 26.72 48.22 37.52
C GLY B 2682 26.59 48.33 36.00
N PHE B 2683 25.42 48.02 35.48
CA PHE B 2683 25.22 48.04 34.03
C PHE B 2683 25.59 49.33 33.29
N GLU B 2684 25.17 50.47 33.83
CA GLU B 2684 25.44 51.72 33.17
C GLU B 2684 26.87 52.23 33.29
N LEU B 2685 27.38 52.37 34.51
CA LEU B 2685 28.76 52.86 34.65
C LEU B 2685 29.67 51.80 34.02
N ALA B 2686 29.02 50.78 33.46
CA ALA B 2686 29.68 49.65 32.79
C ALA B 2686 29.77 49.92 31.30
N GLU B 2687 28.63 49.90 30.62
CA GLU B 2687 28.60 50.15 29.19
C GLU B 2687 29.23 51.51 28.92
N LYS B 2688 28.77 52.52 29.66
CA LYS B 2688 29.29 53.87 29.49
C LYS B 2688 30.79 53.84 29.40
N SER B 2689 31.41 53.31 30.44
CA SER B 2689 32.85 53.22 30.46
C SER B 2689 33.35 52.33 29.35
N ILE B 2690 32.67 51.22 29.09
CA ILE B 2690 33.10 50.32 28.03
C ILE B 2690 33.33 51.20 26.80
N TYR B 2691 32.23 51.61 26.16
CA TYR B 2691 32.27 52.47 24.98
C TYR B 2691 33.36 53.52 25.09
N ALA B 2692 33.24 54.37 26.12
CA ALA B 2692 34.20 55.46 26.36
C ALA B 2692 35.64 55.02 26.19
N ALA B 2693 35.93 53.79 26.62
CA ALA B 2693 37.27 53.22 26.52
C ALA B 2693 37.57 52.88 25.07
N ALA B 2694 36.51 52.48 24.34
CA ALA B 2694 36.59 52.10 22.92
C ALA B 2694 37.15 53.26 22.09
N LYS B 2695 36.57 54.44 22.30
CA LYS B 2695 37.02 55.63 21.61
C LYS B 2695 38.39 56.04 22.15
N SER B 2696 38.55 56.03 23.48
CA SER B 2696 39.84 56.41 24.09
C SER B 2696 41.04 55.50 23.81
N GLY B 2697 40.79 54.18 23.79
CA GLY B 2697 41.88 53.23 23.55
C GLY B 2697 42.42 52.73 24.87
N THR B 2698 41.54 52.67 25.87
CA THR B 2698 41.90 52.24 27.23
C THR B 2698 41.42 50.81 27.54
N TRP B 2699 41.82 50.32 28.72
CA TRP B 2699 41.45 48.99 29.19
C TRP B 2699 40.26 49.04 30.14
N VAL B 2700 39.59 47.91 30.31
CA VAL B 2700 38.45 47.81 31.22
C VAL B 2700 38.09 46.35 31.46
N LEU B 2701 37.85 46.01 32.73
CA LEU B 2701 37.48 44.67 33.12
C LEU B 2701 36.07 44.66 33.71
N LEU B 2702 35.33 43.60 33.41
CA LEU B 2702 33.98 43.44 33.95
C LEU B 2702 34.11 42.18 34.78
N LYS B 2703 34.09 42.34 36.10
CA LYS B 2703 34.24 41.21 37.02
C LYS B 2703 32.95 40.44 37.20
N ASN B 2704 33.06 39.12 37.13
CA ASN B 2704 31.94 38.20 37.33
C ASN B 2704 30.71 38.53 36.50
N ILE B 2705 30.80 38.41 35.19
CA ILE B 2705 29.68 38.73 34.32
C ILE B 2705 28.59 37.67 34.26
N HIS B 2706 28.91 36.46 34.68
CA HIS B 2706 27.93 35.39 34.63
C HIS B 2706 26.77 35.67 35.57
N LEU B 2707 26.94 36.68 36.41
CA LEU B 2707 25.90 37.04 37.37
C LEU B 2707 24.75 37.85 36.76
N ALA B 2708 24.87 38.21 35.49
CA ALA B 2708 23.82 38.97 34.81
C ALA B 2708 23.59 38.34 33.43
N PRO B 2709 23.04 37.12 33.43
CA PRO B 2709 22.77 36.36 32.21
C PRO B 2709 22.09 37.12 31.08
N GLN B 2710 20.85 37.55 31.31
CA GLN B 2710 20.09 38.26 30.28
C GLN B 2710 20.77 39.52 29.75
N TRP B 2711 21.48 40.24 30.61
CA TRP B 2711 22.19 41.43 30.18
C TRP B 2711 23.31 41.11 29.19
N LEU B 2712 23.93 39.94 29.32
CA LEU B 2712 25.02 39.55 28.43
C LEU B 2712 24.65 39.48 26.97
N VAL B 2713 23.50 38.90 26.64
CA VAL B 2713 23.09 38.85 25.24
C VAL B 2713 23.20 40.30 24.77
N GLN B 2714 22.40 41.15 25.41
CA GLN B 2714 22.41 42.57 25.13
C GLN B 2714 23.82 43.14 25.04
N LEU B 2715 24.78 42.61 25.79
CA LEU B 2715 26.14 43.15 25.71
C LEU B 2715 26.87 42.63 24.47
N GLU B 2716 26.68 41.35 24.15
CA GLU B 2716 27.33 40.77 22.98
C GLU B 2716 26.90 41.60 21.78
N LYS B 2717 25.59 41.70 21.60
CA LYS B 2717 25.00 42.47 20.50
C LYS B 2717 25.55 43.89 20.44
N LYS B 2718 25.61 44.54 21.59
CA LYS B 2718 26.09 45.90 21.64
C LYS B 2718 27.60 45.91 21.73
N LEU B 2719 28.24 44.80 21.39
CA LEU B 2719 29.68 44.76 21.46
C LEU B 2719 30.18 44.37 20.06
N HIS B 2720 29.43 43.48 19.43
CA HIS B 2720 29.69 42.93 18.08
C HIS B 2720 29.78 44.05 17.06
N SER B 2721 28.83 44.96 17.14
CA SER B 2721 28.77 46.09 16.24
C SER B 2721 29.30 47.35 16.94
N LEU B 2722 30.56 47.31 17.35
CA LEU B 2722 31.18 48.44 18.06
C LEU B 2722 32.70 48.48 17.84
N SER B 2723 33.14 49.18 16.80
CA SER B 2723 34.57 49.26 16.51
C SER B 2723 35.34 50.17 17.47
N PRO B 2724 36.26 49.56 18.24
CA PRO B 2724 37.10 50.23 19.24
C PRO B 2724 38.45 50.68 18.70
N HIS B 2725 39.15 51.46 19.52
CA HIS B 2725 40.47 51.93 19.19
C HIS B 2725 41.40 50.71 19.33
N PRO B 2726 42.38 50.57 18.43
CA PRO B 2726 43.37 49.48 18.39
C PRO B 2726 44.10 49.09 19.69
N SER B 2727 44.27 50.02 20.61
CA SER B 2727 44.98 49.70 21.84
C SER B 2727 44.02 49.32 22.97
N PHE B 2728 42.75 49.68 22.77
CA PHE B 2728 41.69 49.35 23.72
C PHE B 2728 41.72 47.84 23.98
N ARG B 2729 41.22 47.44 25.15
CA ARG B 2729 41.18 46.04 25.53
C ARG B 2729 40.09 45.79 26.56
N LEU B 2730 39.15 44.89 26.23
CA LEU B 2730 38.06 44.56 27.14
C LEU B 2730 38.39 43.23 27.83
N PHE B 2731 38.45 43.24 29.16
CA PHE B 2731 38.72 42.04 29.96
C PHE B 2731 37.44 41.64 30.70
N MET B 2732 37.10 40.35 30.69
CA MET B 2732 35.91 39.88 31.41
C MET B 2732 36.17 38.63 32.22
N THR B 2733 35.90 38.71 33.51
CA THR B 2733 36.10 37.58 34.38
C THR B 2733 34.77 36.89 34.66
N SER B 2734 34.75 35.57 34.52
CA SER B 2734 33.53 34.81 34.76
C SER B 2734 33.89 33.41 35.23
N GLU B 2735 32.94 32.73 35.86
CA GLU B 2735 33.22 31.37 36.28
C GLU B 2735 32.66 30.49 35.18
N ILE B 2736 33.29 29.34 34.92
CA ILE B 2736 32.83 28.44 33.87
C ILE B 2736 31.37 28.24 34.16
N HIS B 2737 30.53 28.79 33.30
CA HIS B 2737 29.09 28.76 33.53
C HIS B 2737 28.26 28.85 32.25
N PRO B 2738 27.12 28.14 32.21
CA PRO B 2738 26.22 28.12 31.05
C PRO B 2738 25.58 29.43 30.59
N ALA B 2739 25.46 30.40 31.49
CA ALA B 2739 24.84 31.70 31.19
C ALA B 2739 25.58 32.47 30.12
N LEU B 2740 26.86 32.17 29.97
CA LEU B 2740 27.72 32.80 28.98
C LEU B 2740 27.21 32.43 27.59
N PRO B 2741 26.74 33.43 26.83
CA PRO B 2741 26.22 33.24 25.47
C PRO B 2741 27.27 32.82 24.44
N ALA B 2742 27.00 31.70 23.78
CA ALA B 2742 27.88 31.13 22.77
C ALA B 2742 28.55 32.16 21.91
N ASN B 2743 27.82 33.22 21.57
CA ASN B 2743 28.35 34.29 20.74
C ASN B 2743 29.51 35.08 21.37
N LEU B 2744 29.40 35.34 22.66
CA LEU B 2744 30.42 36.09 23.36
C LEU B 2744 31.71 35.32 23.52
N LEU B 2745 31.61 34.01 23.67
CA LEU B 2745 32.80 33.20 23.83
C LEU B 2745 33.56 33.06 22.53
N ARG B 2746 32.80 33.00 21.44
CA ARG B 2746 33.36 32.82 20.11
C ARG B 2746 34.05 34.09 19.61
N MET B 2747 33.51 35.24 19.96
CA MET B 2747 34.09 36.49 19.51
C MET B 2747 35.25 36.98 20.37
N SER B 2748 35.62 36.19 21.39
CA SER B 2748 36.73 36.55 22.26
C SER B 2748 37.76 35.45 22.47
N ASN B 2749 38.91 35.85 22.98
CA ASN B 2749 40.01 34.95 23.30
C ASN B 2749 39.70 34.45 24.72
N VAL B 2750 39.25 33.20 24.84
CA VAL B 2750 38.88 32.63 26.12
C VAL B 2750 39.99 31.92 26.86
N PHE B 2751 40.17 32.29 28.12
CA PHE B 2751 41.19 31.69 28.98
C PHE B 2751 40.54 30.95 30.16
N SER B 2752 40.79 29.65 30.29
CA SER B 2752 40.19 28.90 31.40
C SER B 2752 41.16 28.55 32.51
N TYR B 2753 40.69 28.64 33.75
CA TYR B 2753 41.51 28.36 34.93
C TYR B 2753 40.93 27.30 35.88
N GLU B 2754 41.80 26.41 36.35
CA GLU B 2754 41.42 25.35 37.30
C GLU B 2754 42.37 25.42 38.50
N ASN B 2755 42.01 24.84 39.63
CA ASN B 2755 42.93 24.86 40.76
C ASN B 2755 44.09 23.92 40.37
N PRO B 2756 45.35 24.37 40.44
CA PRO B 2756 46.43 23.45 40.06
C PRO B 2756 46.59 22.26 41.01
N PRO B 2757 46.93 21.09 40.46
CA PRO B 2757 47.12 19.86 41.23
C PRO B 2757 48.44 19.72 42.00
N GLY B 2758 48.39 18.94 43.08
CA GLY B 2758 49.59 18.69 43.88
C GLY B 2758 49.62 19.22 45.32
N VAL B 2759 50.28 18.47 46.21
CA VAL B 2759 50.40 18.89 47.59
C VAL B 2759 51.45 19.96 47.59
N LYS B 2760 52.51 19.73 46.80
CA LYS B 2760 53.56 20.71 46.72
C LYS B 2760 52.94 22.03 46.35
N ALA B 2761 52.45 22.11 45.12
CA ALA B 2761 51.81 23.31 44.62
C ALA B 2761 50.89 23.95 45.66
N ASN B 2762 50.07 23.13 46.31
CA ASN B 2762 49.14 23.62 47.33
C ASN B 2762 49.91 24.23 48.49
N LEU B 2763 50.83 23.46 49.07
CA LEU B 2763 51.64 23.93 50.18
C LEU B 2763 52.29 25.26 49.81
N LEU B 2764 52.91 25.30 48.65
CA LEU B 2764 53.56 26.52 48.20
C LEU B 2764 52.59 27.70 48.23
N HIS B 2765 51.36 27.47 47.79
CA HIS B 2765 50.36 28.52 47.76
C HIS B 2765 50.07 29.03 49.17
N THR B 2766 49.74 28.10 50.07
CA THR B 2766 49.43 28.45 51.44
C THR B 2766 50.50 29.37 52.05
N PHE B 2767 51.76 29.10 51.74
CA PHE B 2767 52.82 29.91 52.32
C PHE B 2767 53.02 31.27 51.72
N ILE B 2768 52.45 31.52 50.55
CA ILE B 2768 52.60 32.84 49.99
C ILE B 2768 51.94 33.78 51.00
N GLY B 2769 50.92 33.28 51.69
CA GLY B 2769 50.20 34.07 52.67
C GLY B 2769 50.58 33.87 54.12
N ILE B 2770 51.81 33.44 54.37
CA ILE B 2770 52.26 33.25 55.74
C ILE B 2770 53.63 33.89 55.87
N PRO B 2771 53.67 35.11 56.43
CA PRO B 2771 54.87 35.91 56.64
C PRO B 2771 55.83 35.34 57.68
N ALA B 2772 57.13 35.56 57.46
CA ALA B 2772 58.13 35.09 58.40
C ALA B 2772 57.88 35.81 59.72
N THR B 2773 57.41 37.04 59.62
CA THR B 2773 57.14 37.86 60.80
C THR B 2773 56.17 37.16 61.75
N ARG B 2774 55.08 36.64 61.22
CA ARG B 2774 54.09 35.93 62.03
C ARG B 2774 54.50 34.50 62.34
N MET B 2775 55.16 33.83 61.41
CA MET B 2775 55.54 32.44 61.63
C MET B 2775 56.72 32.25 62.58
N ASP B 2776 57.60 33.23 62.67
CA ASP B 2776 58.77 33.03 63.51
C ASP B 2776 58.67 33.57 64.93
N LYS B 2777 57.46 33.85 65.38
CA LYS B 2777 57.26 34.36 66.74
C LYS B 2777 57.20 33.19 67.70
N GLN B 2778 58.11 33.21 68.65
CA GLN B 2778 58.20 32.21 69.70
C GLN B 2778 56.79 32.10 70.30
N PRO B 2779 56.46 30.95 70.86
CA PRO B 2779 57.27 29.73 70.99
C PRO B 2779 57.68 29.17 69.64
N ALA B 2780 58.68 28.30 69.64
CA ALA B 2780 59.21 27.71 68.41
C ALA B 2780 58.39 26.56 67.83
N GLU B 2781 57.32 26.18 68.51
CA GLU B 2781 56.47 25.10 68.01
C GLU B 2781 55.43 25.74 67.06
N ARG B 2782 55.11 27.00 67.35
CA ARG B 2782 54.17 27.79 66.56
C ARG B 2782 54.44 27.58 65.07
N SER B 2783 55.71 27.50 64.73
CA SER B 2783 56.09 27.29 63.34
C SER B 2783 55.76 25.88 62.86
N ARG B 2784 56.05 24.85 63.66
CA ARG B 2784 55.75 23.50 63.23
C ARG B 2784 54.24 23.34 63.06
N ILE B 2785 53.47 23.93 63.98
CA ILE B 2785 52.02 23.83 63.88
C ILE B 2785 51.56 24.43 62.56
N TYR B 2786 52.09 25.60 62.21
CA TYR B 2786 51.76 26.25 60.96
C TYR B 2786 52.05 25.28 59.82
N PHE B 2787 53.14 24.54 59.90
CA PHE B 2787 53.48 23.58 58.84
C PHE B 2787 52.47 22.46 58.76
N LEU B 2788 52.03 22.00 59.91
CA LEU B 2788 51.07 20.92 59.96
C LEU B 2788 49.70 21.36 59.47
N LEU B 2789 49.37 22.63 59.66
CA LEU B 2789 48.09 23.08 59.16
C LEU B 2789 48.20 23.20 57.65
N ALA B 2790 49.37 23.58 57.16
CA ALA B 2790 49.57 23.74 55.74
C ALA B 2790 49.48 22.40 55.06
N TRP B 2791 49.91 21.35 55.77
CA TRP B 2791 49.85 20.01 55.23
C TRP B 2791 48.43 19.48 55.38
N PHE B 2792 47.79 19.83 56.49
CA PHE B 2792 46.43 19.41 56.71
C PHE B 2792 45.56 19.96 55.58
N HIS B 2793 45.69 21.25 55.33
CA HIS B 2793 44.92 21.92 54.32
C HIS B 2793 45.22 21.44 52.92
N ALA B 2794 46.47 21.05 52.67
CA ALA B 2794 46.83 20.57 51.35
C ALA B 2794 46.37 19.14 51.08
N ILE B 2795 46.16 18.38 52.14
CA ILE B 2795 45.73 16.98 52.04
C ILE B 2795 44.23 16.86 51.85
N ILE B 2796 43.45 17.60 52.64
CA ILE B 2796 42.00 17.49 52.51
C ILE B 2796 41.53 18.10 51.19
N GLN B 2797 42.29 19.00 50.60
CA GLN B 2797 41.87 19.57 49.32
C GLN B 2797 42.19 18.60 48.21
N GLU B 2798 43.37 17.98 48.25
CA GLU B 2798 43.72 17.04 47.21
C GLU B 2798 42.79 15.84 47.18
N ARG B 2799 42.23 15.48 48.34
CA ARG B 2799 41.32 14.36 48.41
C ARG B 2799 40.01 14.66 47.73
N LEU B 2800 39.78 15.91 47.35
CA LEU B 2800 38.56 16.27 46.66
C LEU B 2800 38.71 15.73 45.24
N ARG B 2801 39.95 15.65 44.79
CA ARG B 2801 40.21 15.15 43.46
C ARG B 2801 39.85 13.68 43.33
N TYR B 2802 39.51 13.03 44.44
CA TYR B 2802 39.20 11.59 44.44
C TYR B 2802 37.86 11.17 45.04
N ILE B 2803 36.84 12.00 44.84
CA ILE B 2803 35.50 11.72 45.34
C ILE B 2803 34.97 10.52 44.59
N PRO B 2804 34.20 9.64 45.25
CA PRO B 2804 33.74 9.66 46.64
C PRO B 2804 34.68 9.00 47.65
N LEU B 2805 35.85 8.55 47.19
CA LEU B 2805 36.83 7.93 48.09
C LEU B 2805 37.50 8.98 48.95
N GLY B 2806 37.87 10.12 48.37
CA GLY B 2806 38.50 11.19 49.13
C GLY B 2806 37.54 11.75 50.17
N TRP B 2807 36.39 12.20 49.68
CA TRP B 2807 35.28 12.71 50.49
C TRP B 2807 34.14 12.21 49.65
N THR B 2808 32.92 12.24 50.18
CA THR B 2808 31.78 11.76 49.41
C THR B 2808 31.14 12.87 48.60
N LYS B 2809 31.27 14.10 49.07
CA LYS B 2809 30.72 15.28 48.41
C LYS B 2809 31.88 16.22 48.15
N PHE B 2810 31.59 17.43 47.68
CA PHE B 2810 32.64 18.38 47.43
C PHE B 2810 32.56 19.51 48.47
N PHE B 2811 33.33 19.37 49.53
CA PHE B 2811 33.39 20.35 50.62
C PHE B 2811 34.35 21.47 50.24
N GLU B 2812 33.81 22.66 50.05
CA GLU B 2812 34.58 23.81 49.61
C GLU B 2812 35.53 24.46 50.61
N PHE B 2813 36.50 23.70 51.11
CA PHE B 2813 37.48 24.23 52.06
C PHE B 2813 38.20 25.40 51.40
N ASN B 2814 38.18 26.56 52.02
CA ASN B 2814 38.84 27.68 51.39
C ASN B 2814 39.98 28.30 52.18
N ASP B 2815 40.60 29.29 51.57
CA ASP B 2815 41.71 30.02 52.17
C ASP B 2815 41.36 30.80 53.42
N ALA B 2816 40.08 31.07 53.63
CA ALA B 2816 39.66 31.81 54.80
C ALA B 2816 39.71 30.86 55.97
N ASP B 2817 39.36 29.60 55.70
CA ASP B 2817 39.35 28.59 56.74
C ASP B 2817 40.78 28.45 57.26
N LEU B 2818 41.72 28.56 56.32
CA LEU B 2818 43.15 28.46 56.61
C LEU B 2818 43.66 29.64 57.40
N ARG B 2819 43.17 30.83 57.09
CA ARG B 2819 43.58 32.01 57.80
C ARG B 2819 42.97 31.91 59.16
N GLY B 2820 41.70 31.53 59.20
CA GLY B 2820 41.02 31.38 60.46
C GLY B 2820 41.77 30.39 61.34
N ALA B 2821 42.14 29.25 60.78
CA ALA B 2821 42.87 28.23 61.53
C ALA B 2821 44.12 28.77 62.21
N LEU B 2822 44.80 29.68 61.54
CA LEU B 2822 46.01 30.28 62.09
C LEU B 2822 45.61 31.01 63.35
N ASP B 2823 44.74 32.00 63.20
CA ASP B 2823 44.28 32.80 64.33
C ASP B 2823 44.00 31.96 65.57
N SER B 2824 43.38 30.80 65.37
CA SER B 2824 43.04 29.92 66.47
C SER B 2824 44.27 29.20 66.98
N ILE B 2825 45.21 28.88 66.11
CA ILE B 2825 46.43 28.22 66.53
C ILE B 2825 47.30 29.19 67.33
N ASP B 2826 47.08 30.49 67.14
CA ASP B 2826 47.84 31.50 67.87
C ASP B 2826 47.24 31.63 69.27
N TYR B 2827 45.95 31.95 69.33
CA TYR B 2827 45.26 32.12 70.61
C TYR B 2827 45.54 31.05 71.64
N TRP B 2828 45.40 29.80 71.25
CA TRP B 2828 45.60 28.69 72.16
C TRP B 2828 47.07 28.43 72.42
N VAL B 2829 47.90 28.61 71.40
CA VAL B 2829 49.31 28.38 71.62
C VAL B 2829 49.85 29.53 72.44
N ASP B 2830 49.21 30.68 72.34
CA ASP B 2830 49.64 31.85 73.09
C ASP B 2830 48.97 31.96 74.42
N LEU B 2831 48.04 31.08 74.75
CA LEU B 2831 47.36 31.22 76.02
C LEU B 2831 48.26 30.76 77.16
N TYR B 2832 48.89 29.61 76.96
CA TYR B 2832 49.77 29.07 77.96
C TYR B 2832 51.10 29.81 77.85
N SER B 2833 51.53 30.04 76.61
CA SER B 2833 52.79 30.72 76.34
C SER B 2833 52.76 32.22 76.53
N LYS B 2834 53.84 32.77 77.06
CA LYS B 2834 53.96 34.20 77.25
C LYS B 2834 55.44 34.36 77.55
N GLY B 2835 56.17 34.88 76.57
CA GLY B 2835 57.60 35.06 76.74
C GLY B 2835 58.35 33.74 76.70
N ARG B 2836 57.63 32.65 76.43
CA ARG B 2836 58.33 31.38 76.40
C ARG B 2836 59.03 31.12 75.07
N SER B 2837 60.22 30.55 75.16
CA SER B 2837 61.02 30.22 74.00
C SER B 2837 60.30 29.07 73.33
N ASN B 2838 59.77 28.15 74.15
CA ASN B 2838 59.05 27.01 73.61
C ASN B 2838 58.32 26.06 74.62
N ILE B 2839 56.99 26.00 74.45
CA ILE B 2839 56.10 25.19 75.27
C ILE B 2839 56.19 23.73 74.85
N ASP B 2840 56.36 22.82 75.80
CA ASP B 2840 56.45 21.41 75.45
C ASP B 2840 55.18 21.02 74.67
N PRO B 2841 55.34 20.18 73.63
CA PRO B 2841 54.16 19.79 72.86
C PRO B 2841 52.93 19.43 73.70
N ASP B 2842 53.10 18.55 74.67
CA ASP B 2842 51.96 18.13 75.48
C ASP B 2842 51.27 19.20 76.33
N LYS B 2843 51.80 20.42 76.33
CA LYS B 2843 51.19 21.49 77.12
C LYS B 2843 50.26 22.36 76.29
N ILE B 2844 50.32 22.17 74.96
CA ILE B 2844 49.46 22.91 74.04
C ILE B 2844 48.03 22.38 74.15
N PRO B 2845 47.04 23.29 74.16
CA PRO B 2845 45.61 22.98 74.26
C PRO B 2845 44.99 22.22 73.10
N TRP B 2846 45.71 21.21 72.59
CA TRP B 2846 45.27 20.38 71.47
C TRP B 2846 43.77 20.09 71.29
N ILE B 2847 43.09 19.69 72.36
CA ILE B 2847 41.67 19.40 72.25
C ILE B 2847 40.95 20.65 71.77
N ALA B 2848 41.25 21.78 72.41
CA ALA B 2848 40.64 23.04 72.06
C ALA B 2848 40.79 23.41 70.59
N VAL B 2849 42.04 23.45 70.13
CA VAL B 2849 42.34 23.81 68.74
C VAL B 2849 41.81 22.76 67.77
N ARG B 2850 42.02 21.50 68.11
CA ARG B 2850 41.60 20.40 67.26
C ARG B 2850 40.09 20.37 66.96
N THR B 2851 39.27 20.82 67.90
CA THR B 2851 37.83 20.78 67.66
C THR B 2851 37.32 22.08 67.09
N ILE B 2852 38.07 23.14 67.27
CA ILE B 2852 37.65 24.44 66.76
C ILE B 2852 37.80 24.44 65.25
N LEU B 2853 38.86 23.79 64.79
CA LEU B 2853 39.14 23.69 63.37
C LEU B 2853 38.25 22.64 62.74
N GLY B 2854 37.95 21.59 63.49
CA GLY B 2854 37.12 20.52 62.98
C GLY B 2854 35.65 20.82 62.94
N SER B 2855 35.09 21.38 64.02
CA SER B 2855 33.67 21.66 64.06
C SER B 2855 33.26 23.11 63.80
N THR B 2856 34.22 24.04 63.76
CA THR B 2856 33.93 25.46 63.55
C THR B 2856 34.40 26.09 62.26
N ILE B 2857 35.54 25.65 61.75
CA ILE B 2857 36.07 26.22 60.54
C ILE B 2857 36.07 25.32 59.29
N TYR B 2858 36.74 24.17 59.37
CA TYR B 2858 36.78 23.25 58.23
C TYR B 2858 35.56 22.34 58.07
N GLY B 2859 35.02 21.86 59.20
CA GLY B 2859 33.88 20.96 59.17
C GLY B 2859 32.48 21.50 59.41
N GLY B 2860 32.33 22.81 59.58
CA GLY B 2860 31.00 23.32 59.77
C GLY B 2860 30.19 22.84 58.58
N ARG B 2861 30.80 22.97 57.40
CA ARG B 2861 30.17 22.58 56.15
C ARG B 2861 29.95 21.08 55.95
N ILE B 2862 30.58 20.24 56.77
CA ILE B 2862 30.43 18.78 56.65
C ILE B 2862 29.12 18.30 57.28
N ASP B 2863 28.26 17.69 56.45
CA ASP B 2863 26.93 17.22 56.85
C ASP B 2863 26.77 15.70 56.90
N ASN B 2864 27.88 15.00 56.97
CA ASN B 2864 27.84 13.55 56.99
C ASN B 2864 28.56 13.10 58.27
N GLU B 2865 28.11 12.03 58.92
CA GLU B 2865 28.77 11.57 60.15
C GLU B 2865 30.11 10.88 59.83
N PHE B 2866 30.22 10.27 58.65
CA PHE B 2866 31.46 9.59 58.28
C PHE B 2866 32.51 10.52 57.72
N ASP B 2867 32.07 11.50 56.93
CA ASP B 2867 32.99 12.48 56.37
C ASP B 2867 33.63 13.22 57.53
N MET B 2868 32.88 13.44 58.61
CA MET B 2868 33.42 14.12 59.77
C MET B 2868 34.48 13.26 60.41
N ARG B 2869 34.21 11.95 60.44
CA ARG B 2869 35.15 11.02 61.02
C ARG B 2869 36.50 11.21 60.37
N LEU B 2870 36.47 11.34 59.04
CA LEU B 2870 37.67 11.53 58.25
C LEU B 2870 38.39 12.85 58.55
N LEU B 2871 37.65 13.94 58.68
CA LEU B 2871 38.26 15.24 58.96
C LEU B 2871 39.02 15.21 60.27
N TYR B 2872 38.44 14.51 61.25
CA TYR B 2872 39.06 14.39 62.56
C TYR B 2872 40.16 13.34 62.59
N SER B 2873 40.06 12.37 61.71
CA SER B 2873 41.08 11.35 61.65
C SER B 2873 42.34 12.08 61.29
N PHE B 2874 42.20 13.13 60.51
CA PHE B 2874 43.34 13.91 60.09
C PHE B 2874 43.77 14.85 61.22
N LEU B 2875 42.81 15.55 61.81
CA LEU B 2875 43.11 16.48 62.89
C LEU B 2875 43.83 15.79 64.02
N GLU B 2876 43.37 14.59 64.39
CA GLU B 2876 43.99 13.83 65.46
C GLU B 2876 45.35 13.21 65.08
N GLN B 2877 45.64 13.13 63.80
CA GLN B 2877 46.91 12.61 63.36
C GLN B 2877 48.01 13.65 63.43
N LEU B 2878 47.74 14.83 62.88
CA LEU B 2878 48.71 15.92 62.81
C LEU B 2878 48.66 16.95 63.94
N PHE B 2879 47.50 17.10 64.57
CA PHE B 2879 47.42 18.08 65.64
C PHE B 2879 47.37 17.43 67.04
N THR B 2880 48.43 16.71 67.38
CA THR B 2880 48.59 16.01 68.66
C THR B 2880 50.03 16.23 69.13
N PRO B 2881 50.37 15.73 70.33
CA PRO B 2881 51.74 15.91 70.80
C PRO B 2881 52.65 14.97 69.99
N SER B 2882 52.18 13.76 69.72
CA SER B 2882 52.96 12.80 68.94
C SER B 2882 53.49 13.45 67.68
N ALA B 2883 52.76 14.46 67.22
CA ALA B 2883 53.10 15.20 66.00
C ALA B 2883 54.43 15.93 66.08
N PHE B 2884 54.95 16.12 67.29
CA PHE B 2884 56.23 16.82 67.45
C PHE B 2884 57.40 15.88 67.65
N ASN B 2885 57.18 14.58 67.46
CA ASN B 2885 58.26 13.62 67.61
C ASN B 2885 59.29 13.98 66.55
N PRO B 2886 60.56 13.63 66.79
CA PRO B 2886 61.57 13.95 65.79
C PRO B 2886 61.34 12.96 64.64
N ASP B 2887 61.20 13.49 63.43
CA ASP B 2887 60.94 12.70 62.22
C ASP B 2887 59.52 12.15 62.19
N PHE B 2888 58.55 12.97 62.55
CA PHE B 2888 57.17 12.50 62.52
C PHE B 2888 56.91 12.12 61.06
N PRO B 2889 56.25 10.99 60.83
CA PRO B 2889 55.95 10.56 59.46
C PRO B 2889 54.82 11.37 58.82
N LEU B 2890 54.95 11.62 57.51
CA LEU B 2890 53.95 12.36 56.75
C LEU B 2890 53.46 11.48 55.62
N VAL B 2891 54.39 10.74 55.03
CA VAL B 2891 54.11 9.83 53.93
C VAL B 2891 55.22 8.75 53.92
N PRO B 2892 55.25 7.88 54.96
CA PRO B 2892 56.21 6.80 55.16
C PRO B 2892 56.76 6.19 53.90
N SER B 2893 55.87 5.58 53.12
CA SER B 2893 56.22 4.95 51.86
C SER B 2893 57.29 5.75 51.12
N ILE B 2894 56.87 6.80 50.42
CA ILE B 2894 57.78 7.64 49.65
C ILE B 2894 58.87 8.34 50.50
N GLY B 2895 58.90 8.07 51.81
CA GLY B 2895 59.91 8.65 52.68
C GLY B 2895 59.80 10.10 53.18
N LEU B 2896 58.64 10.73 53.08
CA LEU B 2896 58.52 12.10 53.55
C LEU B 2896 58.20 12.13 55.05
N SER B 2897 58.81 13.08 55.76
CA SER B 2897 58.60 13.24 57.20
C SER B 2897 58.77 14.72 57.59
N VAL B 2898 58.00 15.20 58.56
CA VAL B 2898 58.12 16.58 58.98
C VAL B 2898 59.56 16.82 59.29
N PRO B 2899 60.12 17.96 58.84
CA PRO B 2899 61.53 18.32 59.07
C PRO B 2899 61.71 19.00 60.41
N GLU B 2900 62.96 19.05 60.88
CA GLU B 2900 63.22 19.66 62.17
C GLU B 2900 63.19 21.21 62.25
N GLY B 2901 62.79 21.87 61.16
CA GLY B 2901 62.75 23.33 61.18
C GLY B 2901 62.06 24.03 62.35
N THR B 2902 62.36 25.31 62.53
CA THR B 2902 61.74 26.10 63.60
C THR B 2902 61.37 27.49 63.09
N THR B 2903 61.48 27.69 61.79
CA THR B 2903 61.12 28.96 61.15
C THR B 2903 60.66 28.72 59.71
N ARG B 2904 60.02 29.72 59.13
CA ARG B 2904 59.53 29.62 57.78
C ARG B 2904 60.58 29.03 56.83
N ALA B 2905 61.76 29.65 56.77
CA ALA B 2905 62.81 29.19 55.86
C ALA B 2905 63.08 27.69 55.98
N HIS B 2906 63.18 27.21 57.22
CA HIS B 2906 63.43 25.80 57.50
C HIS B 2906 62.48 24.92 56.70
N PHE B 2907 61.18 25.18 56.86
CA PHE B 2907 60.15 24.41 56.19
C PHE B 2907 60.07 24.69 54.70
N MET B 2908 60.29 25.94 54.32
CA MET B 2908 60.26 26.33 52.92
C MET B 2908 61.26 25.52 52.09
N LYS B 2909 62.42 25.22 52.66
CA LYS B 2909 63.40 24.44 51.95
C LYS B 2909 62.80 23.05 51.67
N TRP B 2910 62.31 22.38 52.71
CA TRP B 2910 61.72 21.04 52.60
C TRP B 2910 60.62 20.97 51.53
N ILE B 2911 59.74 21.96 51.52
CA ILE B 2911 58.66 22.03 50.56
C ILE B 2911 59.18 22.08 49.12
N GLU B 2912 59.92 23.14 48.80
CA GLU B 2912 60.48 23.33 47.46
C GLU B 2912 61.27 22.12 46.94
N ALA B 2913 61.62 21.21 47.82
CA ALA B 2913 62.39 20.04 47.42
C ALA B 2913 61.48 18.83 47.27
N LEU B 2914 60.18 19.06 47.28
CA LEU B 2914 59.20 17.99 47.14
C LEU B 2914 58.98 17.66 45.68
N PRO B 2915 58.62 16.41 45.38
CA PRO B 2915 58.38 16.10 43.98
C PRO B 2915 57.09 16.86 43.64
N GLU B 2916 57.00 17.37 42.42
CA GLU B 2916 55.83 18.16 42.02
C GLU B 2916 54.55 17.33 41.95
N ILE B 2917 54.69 16.03 41.72
CA ILE B 2917 53.52 15.15 41.61
C ILE B 2917 53.22 14.28 42.84
N SER B 2918 52.20 14.65 43.61
CA SER B 2918 51.83 13.88 44.80
C SER B 2918 50.84 12.78 44.40
N THR B 2919 50.86 11.66 45.10
CA THR B 2919 49.94 10.58 44.76
C THR B 2919 49.02 10.27 45.92
N PRO B 2920 47.89 9.59 45.65
CA PRO B 2920 46.95 9.25 46.72
C PRO B 2920 47.53 8.76 48.03
N ILE B 2921 48.67 8.08 47.98
CA ILE B 2921 49.27 7.58 49.21
C ILE B 2921 49.54 8.73 50.18
N TRP B 2922 50.09 9.82 49.67
CA TRP B 2922 50.37 10.99 50.50
C TRP B 2922 49.10 11.36 51.26
N LEU B 2923 47.97 11.13 50.62
CA LEU B 2923 46.68 11.49 51.19
C LEU B 2923 46.05 10.49 52.14
N GLY B 2924 46.60 9.30 52.23
CA GLY B 2924 46.01 8.31 53.14
C GLY B 2924 45.03 7.42 52.42
N LEU B 2925 45.13 7.44 51.10
CA LEU B 2925 44.28 6.65 50.23
C LEU B 2925 45.09 5.55 49.61
N PRO B 2926 44.43 4.45 49.27
CA PRO B 2926 45.21 3.37 48.64
C PRO B 2926 45.64 3.85 47.25
N GLU B 2927 46.84 3.48 46.85
CA GLU B 2927 47.37 3.88 45.55
C GLU B 2927 46.40 3.69 44.39
N ASN B 2928 45.39 2.84 44.59
CA ASN B 2928 44.44 2.55 43.53
C ASN B 2928 43.42 3.66 43.29
N ALA B 2929 43.49 4.72 44.07
CA ALA B 2929 42.58 5.83 43.87
C ALA B 2929 42.89 6.47 42.52
N GLU B 2930 44.09 6.22 42.01
CA GLU B 2930 44.46 6.76 40.71
C GLU B 2930 43.78 5.92 39.66
N SER B 2931 43.63 4.63 39.93
CA SER B 2931 42.97 3.75 38.98
C SER B 2931 41.57 4.28 38.68
N LEU B 2932 40.76 4.54 39.72
CA LEU B 2932 39.42 5.03 39.49
C LEU B 2932 39.40 6.34 38.72
N LEU B 2933 40.20 7.31 39.16
CA LEU B 2933 40.26 8.60 38.51
C LEU B 2933 40.67 8.53 37.03
N LEU B 2934 41.82 7.92 36.75
CA LEU B 2934 42.30 7.81 35.38
C LEU B 2934 41.37 7.03 34.47
N SER B 2935 40.38 6.41 35.08
CA SER B 2935 39.44 5.62 34.31
C SER B 2935 38.28 6.54 33.99
N ASN B 2936 37.85 7.36 34.95
CA ASN B 2936 36.75 8.27 34.71
C ASN B 2936 37.10 9.26 33.61
N LYS B 2937 38.37 9.64 33.52
CA LYS B 2937 38.82 10.57 32.51
C LYS B 2937 38.90 9.90 31.16
N ALA B 2938 39.41 8.67 31.17
CA ALA B 2938 39.49 7.90 29.94
C ALA B 2938 38.09 7.85 29.37
N ARG B 2939 37.09 7.61 30.22
CA ARG B 2939 35.73 7.54 29.74
C ARG B 2939 35.14 8.87 29.27
N LYS B 2940 35.35 9.96 30.00
CA LYS B 2940 34.80 11.24 29.58
C LYS B 2940 35.40 11.61 28.23
N MET B 2941 36.71 11.41 28.08
CA MET B 2941 37.39 11.72 26.84
C MET B 2941 36.83 10.89 25.68
N ILE B 2942 36.51 9.63 25.93
CA ILE B 2942 35.97 8.80 24.87
C ILE B 2942 34.58 9.33 24.53
N ASN B 2943 33.75 9.51 25.56
CA ASN B 2943 32.42 10.03 25.33
C ASN B 2943 32.45 11.35 24.60
N ASP B 2944 33.42 12.20 24.92
CA ASP B 2944 33.52 13.48 24.25
C ASP B 2944 33.76 13.23 22.78
N LEU B 2945 34.70 12.33 22.51
CA LEU B 2945 35.05 11.99 21.15
C LEU B 2945 33.88 11.41 20.36
N GLN B 2946 33.10 10.54 20.98
CA GLN B 2946 31.93 9.94 20.34
C GLN B 2946 31.01 11.07 19.83
N LYS B 2947 30.74 12.04 20.70
CA LYS B 2947 29.89 13.16 20.37
C LYS B 2947 30.42 14.01 19.21
N MET B 2948 31.69 14.39 19.30
CA MET B 2948 32.30 15.19 18.25
C MET B 2948 32.49 14.39 16.94
N GLN B 2949 31.62 13.41 16.72
CA GLN B 2949 31.64 12.55 15.52
C GLN B 2949 30.21 12.32 15.01
N SER B 2950 29.28 12.10 15.95
CA SER B 2950 27.86 11.89 15.65
C SER B 2950 27.27 13.18 15.09
N SER B 2951 28.11 14.21 15.10
CA SER B 2951 27.77 15.53 14.56
C SER B 2951 28.59 15.58 13.27
N GLU B 2952 29.82 15.09 13.33
CA GLU B 2952 30.72 15.05 12.19
C GLU B 2952 29.95 14.51 10.98
N SER B 2971 17.09 1.53 16.04
CA SER B 2971 16.85 0.14 16.43
C SER B 2971 16.80 -0.04 17.95
N SER B 2972 17.28 0.96 18.68
CA SER B 2972 17.31 0.94 20.15
C SER B 2972 15.94 0.66 20.79
N SER B 2973 14.97 1.54 20.52
CA SER B 2973 13.61 1.41 21.07
C SER B 2973 13.05 0.01 20.80
N GLU B 2974 13.20 -0.45 19.56
CA GLU B 2974 12.72 -1.79 19.16
C GLU B 2974 13.46 -2.83 20.00
N ASP B 2975 14.70 -2.49 20.35
CA ASP B 2975 15.54 -3.36 21.16
C ASP B 2975 14.94 -3.54 22.58
N LYS B 2976 15.10 -2.52 23.42
CA LYS B 2976 14.60 -2.55 24.80
C LYS B 2976 13.24 -3.24 24.91
N GLY B 2977 12.41 -3.07 23.87
CA GLY B 2977 11.09 -3.69 23.84
C GLY B 2977 11.19 -5.21 24.08
N LYS B 2978 12.21 -5.85 23.50
CA LYS B 2978 12.38 -7.28 23.70
C LYS B 2978 12.76 -7.62 25.15
N ALA B 2979 13.36 -6.66 25.84
CA ALA B 2979 13.77 -6.85 27.23
C ALA B 2979 12.73 -6.45 28.28
N LYS B 2980 11.45 -6.40 27.91
CA LYS B 2980 10.41 -6.03 28.90
C LYS B 2980 9.81 -7.27 29.59
N LEU B 2999 0.08 -9.27 42.97
CA LEU B 2999 -0.07 -9.60 44.39
C LEU B 2999 -1.23 -8.79 45.06
N LYS B 3000 -2.09 -9.49 45.82
CA LYS B 3000 -3.25 -8.86 46.49
C LYS B 3000 -3.32 -8.97 48.03
N ARG B 3001 -4.22 -8.19 48.62
CA ARG B 3001 -4.40 -8.14 50.07
C ARG B 3001 -5.49 -9.06 50.65
N ILE B 3006 -1.52 -8.98 55.28
CA ILE B 3006 -1.62 -7.51 55.25
C ILE B 3006 -1.13 -6.89 56.57
N LYS B 3007 -0.95 -7.72 57.58
CA LYS B 3007 -0.51 -7.21 58.86
C LYS B 3007 0.99 -7.45 59.09
N ASP B 3008 1.68 -7.97 58.08
CA ASP B 3008 3.14 -8.23 58.19
C ASP B 3008 4.00 -7.10 57.56
N PRO B 3009 4.80 -6.39 58.39
CA PRO B 3009 5.65 -5.32 57.84
C PRO B 3009 6.29 -5.75 56.53
N LEU B 3010 6.76 -7.00 56.48
CA LEU B 3010 7.39 -7.54 55.28
C LEU B 3010 6.49 -7.45 54.06
N PHE B 3011 5.25 -7.92 54.19
CA PHE B 3011 4.32 -7.90 53.07
C PHE B 3011 4.04 -6.51 52.48
N ARG B 3012 3.55 -5.59 53.32
CA ARG B 3012 3.23 -4.23 52.88
C ARG B 3012 4.35 -3.73 51.96
N CYS B 3013 5.60 -3.94 52.39
CA CYS B 3013 6.75 -3.53 51.61
C CYS B 3013 6.70 -4.09 50.18
N PHE B 3014 7.06 -5.36 50.05
CA PHE B 3014 7.06 -6.01 48.76
C PHE B 3014 5.85 -5.65 47.89
N GLU B 3015 4.68 -5.49 48.49
CA GLU B 3015 3.51 -5.14 47.68
C GLU B 3015 3.68 -3.75 47.10
N ARG B 3016 4.02 -2.77 47.96
CA ARG B 3016 4.19 -1.42 47.47
C ARG B 3016 5.27 -1.52 46.40
N GLU B 3017 6.22 -2.43 46.60
CA GLU B 3017 7.29 -2.64 45.62
C GLU B 3017 6.69 -3.27 44.33
N ILE B 3018 6.02 -4.40 44.48
CA ILE B 3018 5.42 -5.07 43.32
C ILE B 3018 4.47 -4.14 42.59
N SER B 3019 3.60 -3.48 43.34
CA SER B 3019 2.63 -2.55 42.77
C SER B 3019 3.36 -1.52 41.88
N THR B 3020 4.36 -0.90 42.49
CA THR B 3020 5.15 0.13 41.83
C THR B 3020 5.96 -0.35 40.61
N GLY B 3021 6.48 -1.58 40.67
CA GLY B 3021 7.22 -2.06 39.52
C GLY B 3021 6.27 -2.18 38.35
N GLY B 3022 5.15 -2.85 38.63
CA GLY B 3022 4.12 -3.06 37.62
C GLY B 3022 3.68 -1.73 37.06
N LYS B 3023 3.41 -0.77 37.94
CA LYS B 3023 2.99 0.53 37.47
C LYS B 3023 3.95 0.94 36.37
N LEU B 3024 5.25 0.85 36.67
CA LEU B 3024 6.32 1.25 35.74
C LEU B 3024 6.53 0.32 34.54
N VAL B 3025 6.46 -0.99 34.76
CA VAL B 3025 6.66 -1.94 33.66
C VAL B 3025 5.64 -1.66 32.54
N LYS B 3026 4.55 -0.97 32.87
CA LYS B 3026 3.56 -0.64 31.86
C LYS B 3026 3.94 0.71 31.21
N LYS B 3027 4.15 1.74 32.02
CA LYS B 3027 4.51 3.05 31.50
C LYS B 3027 5.54 2.94 30.39
N ILE B 3028 6.70 2.39 30.70
CA ILE B 3028 7.78 2.22 29.73
C ILE B 3028 7.28 1.52 28.47
N THR B 3029 6.52 0.44 28.67
CA THR B 3029 5.95 -0.34 27.56
C THR B 3029 5.03 0.53 26.69
N ASN B 3030 4.12 1.25 27.33
CA ASN B 3030 3.23 2.12 26.59
C ASN B 3030 4.13 3.14 25.90
N ASP B 3031 4.97 3.83 26.68
CA ASP B 3031 5.91 4.80 26.14
C ASP B 3031 6.71 4.20 24.98
N LEU B 3032 6.97 2.90 25.04
CA LEU B 3032 7.73 2.24 23.97
C LEU B 3032 6.91 2.02 22.68
N ALA B 3033 5.64 1.65 22.84
CA ALA B 3033 4.76 1.45 21.68
C ALA B 3033 4.51 2.82 21.05
N ASN B 3034 3.99 3.74 21.87
CA ASN B 3034 3.70 5.11 21.43
C ASN B 3034 4.86 5.57 20.55
N LEU B 3035 6.05 5.60 21.16
CA LEU B 3035 7.28 6.02 20.46
C LEU B 3035 7.57 5.18 19.20
N LEU B 3036 7.51 3.86 19.33
CA LEU B 3036 7.78 2.98 18.20
C LEU B 3036 6.90 3.33 17.00
N GLU B 3037 5.59 3.07 17.13
CA GLU B 3037 4.65 3.37 16.04
C GLU B 3037 5.03 4.69 15.36
N LEU B 3038 4.98 5.79 16.11
CA LEU B 3038 5.32 7.12 15.60
C LEU B 3038 6.13 7.08 14.30
N LYS B 3044 1.12 10.89 16.59
CA LYS B 3044 1.31 12.10 17.40
C LYS B 3044 2.80 12.49 17.64
N SER B 3045 3.03 13.37 18.61
CA SER B 3045 4.39 13.82 18.90
C SER B 3045 4.41 14.82 20.06
N THR B 3046 3.57 14.56 21.07
CA THR B 3046 3.49 15.42 22.24
C THR B 3046 4.86 15.75 22.86
N ASN B 3047 4.88 16.73 23.76
CA ASN B 3047 6.11 17.18 24.44
C ASN B 3047 6.80 16.04 25.21
N TYR B 3048 6.04 15.30 26.02
CA TYR B 3048 6.58 14.17 26.77
C TYR B 3048 7.22 13.16 25.79
N LEU B 3049 6.46 12.72 24.78
CA LEU B 3049 7.00 11.79 23.78
C LEU B 3049 8.27 12.43 23.18
N ARG B 3050 8.16 13.71 22.81
CA ARG B 3050 9.33 14.41 22.27
C ARG B 3050 10.53 14.14 23.20
N SER B 3051 10.53 14.76 24.39
CA SER B 3051 11.61 14.58 25.38
C SER B 3051 12.22 13.18 25.29
N LEU B 3052 11.39 12.14 25.48
CA LEU B 3052 11.87 10.77 25.41
C LEU B 3052 12.86 10.69 24.24
N THR B 3053 12.35 10.86 23.03
CA THR B 3053 13.16 10.82 21.82
C THR B 3053 14.43 11.66 22.01
N THR B 3054 14.28 12.81 22.68
CA THR B 3054 15.40 13.74 22.93
C THR B 3054 16.50 13.18 23.85
N SER B 3055 16.15 12.93 25.11
CA SER B 3055 17.08 12.40 26.10
C SER B 3055 17.62 11.05 25.67
N ILE B 3056 16.75 10.24 25.02
CA ILE B 3056 17.17 8.93 24.56
C ILE B 3056 18.28 9.11 23.52
N SER B 3057 17.86 9.43 22.29
CA SER B 3057 18.78 9.62 21.16
C SER B 3057 20.10 10.26 21.55
N LYS B 3058 20.04 11.24 22.46
CA LYS B 3058 21.24 11.91 22.92
C LYS B 3058 22.08 10.87 23.70
N GLY B 3059 21.48 10.27 24.74
CA GLY B 3059 22.16 9.28 25.53
C GLY B 3059 21.78 9.34 26.99
N ILE B 3060 20.82 10.19 27.34
CA ILE B 3060 20.38 10.36 28.72
C ILE B 3060 19.17 9.52 29.06
N VAL B 3061 19.21 8.92 30.24
CA VAL B 3061 18.07 8.11 30.70
C VAL B 3061 16.83 9.00 30.84
N PRO B 3062 15.77 8.72 30.04
CA PRO B 3062 14.53 9.49 30.10
C PRO B 3062 14.18 9.84 31.54
N LYS B 3063 14.10 11.13 31.84
CA LYS B 3063 13.80 11.56 33.21
C LYS B 3063 12.51 11.00 33.82
N GLU B 3064 11.52 10.72 32.99
CA GLU B 3064 10.26 10.19 33.48
C GLU B 3064 10.44 8.76 34.03
N TRP B 3065 11.14 7.90 33.28
CA TRP B 3065 11.36 6.51 33.71
C TRP B 3065 12.11 6.37 35.04
N LYS B 3066 13.03 7.30 35.32
CA LYS B 3066 13.81 7.27 36.56
C LYS B 3066 12.93 7.33 37.81
N TRP B 3067 12.33 6.20 38.18
CA TRP B 3067 11.48 6.14 39.37
C TRP B 3067 12.28 5.78 40.62
N TYR B 3068 13.55 5.43 40.45
CA TYR B 3068 14.35 5.07 41.62
C TYR B 3068 15.76 5.66 41.50
N SER B 3069 16.51 5.66 42.61
CA SER B 3069 17.87 6.19 42.59
C SER B 3069 18.88 5.31 41.88
N VAL B 3070 19.50 5.88 40.86
CA VAL B 3070 20.51 5.21 40.05
C VAL B 3070 21.62 6.23 39.83
N PRO B 3071 22.88 5.80 39.79
CA PRO B 3071 23.94 6.78 39.58
C PRO B 3071 23.69 7.66 38.35
N GLU B 3072 24.08 8.92 38.41
CA GLU B 3072 23.89 9.84 37.28
C GLU B 3072 24.73 9.38 36.08
N THR B 3073 25.97 9.04 36.33
CA THR B 3073 26.91 8.58 35.33
C THR B 3073 26.45 7.32 34.57
N ILE B 3074 25.45 6.62 35.09
CA ILE B 3074 24.95 5.40 34.43
C ILE B 3074 24.52 5.63 32.97
N SER B 3075 24.96 4.76 32.07
CA SER B 3075 24.61 4.90 30.66
C SER B 3075 23.16 4.49 30.41
N LEU B 3076 22.76 4.43 29.14
CA LEU B 3076 21.39 4.04 28.81
C LEU B 3076 21.23 2.53 28.80
N SER B 3077 22.16 1.86 28.12
CA SER B 3077 22.12 0.41 28.03
C SER B 3077 22.09 -0.20 29.42
N VAL B 3078 23.08 0.17 30.23
CA VAL B 3078 23.18 -0.36 31.59
C VAL B 3078 21.90 -0.13 32.38
N TRP B 3079 21.28 1.04 32.21
CA TRP B 3079 20.05 1.29 32.95
C TRP B 3079 18.97 0.32 32.54
N ILE B 3080 18.82 0.10 31.23
CA ILE B 3080 17.80 -0.83 30.73
C ILE B 3080 18.05 -2.21 31.31
N SER B 3081 19.26 -2.68 31.11
CA SER B 3081 19.69 -3.98 31.60
C SER B 3081 19.34 -4.12 33.10
N ASP B 3082 19.57 -3.05 33.86
CA ASP B 3082 19.30 -3.02 35.29
C ASP B 3082 17.81 -3.18 35.55
N PHE B 3083 17.00 -2.35 34.89
CA PHE B 3083 15.56 -2.44 35.07
C PHE B 3083 15.09 -3.89 34.89
N SER B 3084 15.59 -4.53 33.83
CA SER B 3084 15.26 -5.92 33.52
C SER B 3084 15.51 -6.78 34.75
N LYS B 3085 16.75 -6.77 35.24
CA LYS B 3085 17.10 -7.55 36.41
C LYS B 3085 16.28 -7.08 37.60
N ARG B 3086 16.03 -5.77 37.68
CA ARG B 3086 15.25 -5.24 38.78
C ARG B 3086 13.94 -6.00 38.82
N MET B 3087 13.01 -5.64 37.94
CA MET B 3087 11.71 -6.29 37.91
C MET B 3087 11.81 -7.80 38.19
N GLN B 3088 12.77 -8.47 37.55
CA GLN B 3088 12.99 -9.91 37.76
C GLN B 3088 12.74 -10.28 39.22
N GLN B 3089 13.59 -9.80 40.11
CA GLN B 3089 13.43 -10.07 41.53
C GLN B 3089 11.97 -9.83 41.91
N LEU B 3090 11.49 -8.61 41.64
CA LEU B 3090 10.10 -8.24 41.95
C LEU B 3090 9.11 -9.40 41.75
N SER B 3091 9.14 -10.04 40.58
CA SER B 3091 8.26 -11.17 40.31
C SER B 3091 8.68 -12.39 41.12
N GLU B 3092 9.97 -12.70 41.11
CA GLU B 3092 10.45 -13.85 41.88
C GLU B 3092 10.00 -13.64 43.31
N ILE B 3093 9.89 -12.36 43.71
CA ILE B 3093 9.45 -12.03 45.06
C ILE B 3093 7.97 -12.36 45.21
N SER B 3094 7.15 -11.79 44.33
CA SER B 3094 5.70 -12.01 44.37
C SER B 3094 5.37 -13.51 44.38
N GLU B 3095 6.07 -14.28 43.56
CA GLU B 3095 5.85 -15.74 43.48
C GLU B 3095 6.22 -16.49 44.78
N SER B 3096 7.00 -15.88 45.65
CA SER B 3096 7.38 -16.55 46.89
C SER B 3096 6.47 -16.16 48.04
N GLN B 3103 15.91 -14.34 50.28
CA GLN B 3103 17.20 -13.72 49.99
C GLN B 3103 17.05 -12.54 49.06
N VAL B 3104 17.07 -11.33 49.63
CA VAL B 3104 16.85 -10.13 48.83
C VAL B 3104 18.05 -9.27 48.45
N TRP B 3105 18.12 -8.94 47.16
CA TRP B 3105 19.18 -8.09 46.65
C TRP B 3105 18.72 -6.64 46.83
N LEU B 3106 18.97 -6.14 48.03
CA LEU B 3106 18.66 -4.79 48.51
C LEU B 3106 18.85 -3.67 47.49
N GLY B 3107 20.02 -3.65 46.86
CA GLY B 3107 20.32 -2.64 45.86
C GLY B 3107 19.45 -2.70 44.62
N GLY B 3108 18.75 -3.81 44.43
CA GLY B 3108 17.88 -3.92 43.26
C GLY B 3108 16.50 -3.35 43.55
N LEU B 3109 16.10 -3.39 44.82
CA LEU B 3109 14.80 -2.90 45.24
C LEU B 3109 14.53 -1.48 44.79
N LEU B 3110 13.27 -1.18 44.51
CA LEU B 3110 12.92 0.15 44.06
C LEU B 3110 13.06 1.14 45.18
N ASN B 3111 12.92 0.66 46.42
CA ASN B 3111 13.00 1.53 47.57
C ASN B 3111 13.67 0.88 48.80
N PRO B 3112 14.99 0.62 48.68
CA PRO B 3112 15.82 0.00 49.70
C PRO B 3112 15.53 0.42 51.14
N GLU B 3113 15.57 1.71 51.45
CA GLU B 3113 15.31 2.14 52.82
C GLU B 3113 14.02 1.53 53.35
N ALA B 3114 12.90 1.79 52.68
CA ALA B 3114 11.59 1.27 53.08
C ALA B 3114 11.68 -0.21 53.46
N TYR B 3115 12.54 -0.95 52.78
CA TYR B 3115 12.70 -2.36 53.12
C TYR B 3115 13.40 -2.45 54.47
N ILE B 3116 14.57 -1.83 54.56
CA ILE B 3116 15.35 -1.82 55.79
C ILE B 3116 14.47 -1.48 56.98
N THR B 3117 13.50 -0.60 56.78
CA THR B 3117 12.61 -0.20 57.85
C THR B 3117 11.64 -1.34 58.14
N ALA B 3118 10.92 -1.79 57.13
CA ALA B 3118 9.99 -2.90 57.32
C ALA B 3118 10.75 -4.06 57.95
N THR B 3119 12.02 -4.18 57.57
CA THR B 3119 12.93 -5.22 58.06
C THR B 3119 13.22 -4.98 59.53
N ARG B 3120 12.52 -4.01 60.11
CA ARG B 3120 12.68 -3.61 61.51
C ARG B 3120 11.34 -3.81 62.22
N GLN B 3121 10.25 -3.42 61.55
CA GLN B 3121 8.90 -3.58 62.07
C GLN B 3121 8.67 -5.08 62.24
N SER B 3122 9.41 -5.90 61.47
CA SER B 3122 9.31 -7.36 61.57
C SER B 3122 10.08 -7.77 62.82
N ALA B 3123 11.38 -7.49 62.81
CA ALA B 3123 12.27 -7.82 63.93
C ALA B 3123 11.68 -7.40 65.26
N SER B 3124 10.74 -6.46 65.22
CA SER B 3124 10.11 -5.98 66.43
C SER B 3124 8.85 -6.80 66.67
N GLN B 3125 7.98 -6.81 65.66
CA GLN B 3125 6.71 -7.56 65.72
C GLN B 3125 6.91 -9.01 66.18
N LEU B 3126 7.61 -9.80 65.34
CA LEU B 3126 7.90 -11.21 65.60
C LEU B 3126 8.60 -11.40 66.94
N ASN B 3127 9.69 -10.67 67.10
CA ASN B 3127 10.51 -10.75 68.31
C ASN B 3127 9.85 -10.06 69.49
N GLY B 3128 8.62 -9.58 69.31
CA GLY B 3128 7.91 -8.92 70.40
C GLY B 3128 8.74 -7.90 71.17
N TRP B 3129 9.84 -7.46 70.56
CA TRP B 3129 10.72 -6.46 71.15
C TRP B 3129 10.35 -5.13 70.51
N GLU B 3132 11.19 0.05 68.60
CA GLU B 3132 11.80 1.27 68.04
C GLU B 3132 13.25 1.50 68.52
N ASN B 3133 13.62 0.84 69.62
CA ASN B 3133 14.99 0.96 70.16
C ASN B 3133 15.86 -0.21 69.71
N LEU B 3134 15.79 -0.52 68.41
CA LEU B 3134 16.55 -1.62 67.88
C LEU B 3134 17.76 -1.14 67.13
N ARG B 3135 18.78 -2.01 67.11
CA ARG B 3135 20.03 -1.74 66.43
C ARG B 3135 20.33 -2.91 65.53
N LEU B 3136 20.76 -2.61 64.30
CA LEU B 3136 21.07 -3.65 63.33
C LEU B 3136 22.40 -4.32 63.71
N HIS B 3137 22.83 -5.33 62.94
CA HIS B 3137 24.09 -6.05 63.15
C HIS B 3137 24.29 -7.15 62.09
N ALA B 3138 25.54 -7.46 61.74
CA ALA B 3138 25.76 -8.48 60.70
C ALA B 3138 26.51 -9.78 61.09
N SER B 3139 27.06 -10.46 60.07
CA SER B 3139 27.81 -11.71 60.24
C SER B 3139 28.67 -12.06 59.01
N SER B 3151 15.99 -11.03 61.56
CA SER B 3151 17.10 -11.60 60.80
C SER B 3151 16.85 -11.79 59.29
N PHE B 3152 17.53 -11.02 58.44
CA PHE B 3152 17.39 -11.14 56.99
C PHE B 3152 18.77 -11.30 56.35
N ASN B 3153 18.82 -11.88 55.17
CA ASN B 3153 20.08 -12.09 54.47
C ASN B 3153 20.10 -11.34 53.14
N VAL B 3154 20.99 -10.36 53.06
CA VAL B 3154 21.12 -9.51 51.88
C VAL B 3154 22.19 -9.92 50.91
N LYS B 3155 21.86 -9.82 49.62
CA LYS B 3155 22.81 -10.18 48.58
C LYS B 3155 22.99 -9.01 47.64
N GLY B 3156 24.12 -9.01 46.94
CA GLY B 3156 24.38 -7.95 45.98
C GLY B 3156 25.13 -6.76 46.52
N MET B 3157 25.72 -6.87 47.70
CA MET B 3157 26.46 -5.73 48.23
C MET B 3157 27.88 -5.78 47.70
N ALA B 3158 28.64 -4.74 48.01
CA ALA B 3158 30.01 -4.66 47.59
C ALA B 3158 30.76 -3.90 48.65
N LEU B 3159 31.98 -4.33 48.89
CA LEU B 3159 32.82 -3.67 49.86
C LEU B 3159 33.72 -2.79 49.01
N GLU B 3160 33.82 -1.51 49.39
CA GLU B 3160 34.65 -0.56 48.66
C GLU B 3160 35.99 -0.45 49.37
N GLY B 3161 37.07 -0.74 48.66
CA GLY B 3161 38.40 -0.63 49.25
C GLY B 3161 38.73 -1.55 50.41
N ALA B 3162 38.32 -2.82 50.29
CA ALA B 3162 38.59 -3.86 51.29
C ALA B 3162 38.20 -5.23 50.73
N VAL B 3163 38.30 -6.25 51.57
CA VAL B 3163 37.97 -7.63 51.20
C VAL B 3163 37.70 -8.33 52.50
N TRP B 3164 36.69 -9.19 52.51
CA TRP B 3164 36.32 -9.94 53.71
C TRP B 3164 37.13 -11.23 53.73
N ASN B 3165 38.17 -11.22 54.56
CA ASN B 3165 39.10 -12.33 54.72
C ASN B 3165 39.26 -12.60 56.23
N ASN B 3166 39.31 -13.87 56.63
CA ASN B 3166 39.47 -14.25 58.04
C ASN B 3166 38.48 -13.53 58.93
N ASP B 3167 37.27 -13.31 58.44
CA ASP B 3167 36.24 -12.63 59.24
C ASP B 3167 36.72 -11.24 59.68
N GLN B 3168 37.35 -10.53 58.74
CA GLN B 3168 37.83 -9.18 59.02
C GLN B 3168 38.09 -8.39 57.74
N LEU B 3169 37.96 -7.07 57.87
CA LEU B 3169 38.21 -6.16 56.76
C LEU B 3169 39.71 -6.21 56.54
N THR B 3170 40.10 -6.57 55.33
CA THR B 3170 41.51 -6.69 55.02
C THR B 3170 41.86 -5.76 53.84
N PRO B 3171 43.08 -5.17 53.85
CA PRO B 3171 43.62 -4.26 52.83
C PRO B 3171 43.68 -4.87 51.43
N THR B 3172 43.60 -4.02 50.39
CA THR B 3172 43.66 -4.50 49.02
C THR B 3172 44.15 -3.44 48.03
N ASP B 3173 44.23 -3.86 46.77
CA ASP B 3173 44.63 -2.98 45.67
C ASP B 3173 43.42 -2.99 44.74
N ILE B 3174 42.36 -3.64 45.22
CA ILE B 3174 41.13 -3.75 44.46
C ILE B 3174 40.02 -2.84 44.99
N LEU B 3175 39.55 -1.98 44.08
CA LEU B 3175 38.50 -1.02 44.36
C LEU B 3175 37.23 -1.59 44.96
N SER B 3176 36.69 -2.66 44.39
CA SER B 3176 35.46 -3.24 44.92
C SER B 3176 35.38 -4.76 44.95
N THR B 3177 35.22 -5.29 46.15
CA THR B 3177 35.10 -6.72 46.34
C THR B 3177 33.62 -6.99 46.57
N PRO B 3178 33.08 -8.04 45.92
CA PRO B 3178 31.67 -8.41 46.06
C PRO B 3178 31.40 -9.18 47.34
N ILE B 3179 30.17 -9.13 47.82
CA ILE B 3179 29.79 -9.84 49.02
C ILE B 3179 28.80 -10.90 48.57
N SER B 3180 29.19 -12.16 48.75
CA SER B 3180 28.35 -13.29 48.36
C SER B 3180 26.97 -13.08 48.92
N ILE B 3181 26.91 -12.86 50.23
CA ILE B 3181 25.64 -12.65 50.93
C ILE B 3181 26.02 -12.28 52.35
N ALA B 3182 25.10 -11.70 53.10
CA ALA B 3182 25.37 -11.32 54.48
C ALA B 3182 24.10 -11.41 55.32
N THR B 3183 24.25 -11.60 56.62
CA THR B 3183 23.10 -11.70 57.51
C THR B 3183 23.07 -10.53 58.47
N LEU B 3184 21.96 -9.79 58.44
CA LEU B 3184 21.78 -8.64 59.30
C LEU B 3184 20.61 -8.88 60.24
N THR B 3185 20.77 -8.49 61.51
CA THR B 3185 19.70 -8.69 62.47
C THR B 3185 19.54 -7.51 63.42
N TRP B 3186 18.30 -7.16 63.72
CA TRP B 3186 18.08 -6.08 64.66
C TRP B 3186 18.07 -6.67 66.06
N LYS B 3187 18.56 -5.91 67.02
CA LYS B 3187 18.64 -6.36 68.40
C LYS B 3187 18.36 -5.17 69.29
N ASP B 3188 18.45 -5.40 70.58
CA ASP B 3188 18.23 -4.32 71.54
C ASP B 3188 19.47 -3.46 71.52
N LYS B 3189 19.30 -2.19 71.92
CA LYS B 3189 20.38 -1.23 71.98
C LYS B 3189 21.51 -1.75 72.91
N ASP B 3190 21.27 -2.94 73.48
CA ASP B 3190 22.21 -3.62 74.38
C ASP B 3190 22.34 -5.10 73.98
N LYS B 3200 36.71 -2.42 66.33
CA LYS B 3200 35.69 -2.45 65.28
C LYS B 3200 35.58 -1.18 64.43
N LEU B 3201 35.51 -1.37 63.11
CA LEU B 3201 35.38 -0.26 62.20
C LEU B 3201 33.92 -0.11 61.83
N SER B 3202 33.45 1.14 61.79
CA SER B 3202 32.07 1.40 61.39
C SER B 3202 32.04 1.62 59.88
N VAL B 3203 31.46 0.69 59.13
CA VAL B 3203 31.37 0.85 57.69
C VAL B 3203 30.01 1.38 57.31
N PRO B 3204 29.94 2.21 56.26
CA PRO B 3204 28.66 2.77 55.83
C PRO B 3204 28.13 1.98 54.66
N VAL B 3205 26.81 1.79 54.63
CA VAL B 3205 26.21 1.09 53.50
C VAL B 3205 25.31 2.08 52.82
N TYR B 3206 25.85 2.70 51.78
CA TYR B 3206 25.17 3.69 50.97
C TYR B 3206 24.34 2.96 49.94
N LEU B 3207 23.41 3.65 49.30
CA LEU B 3207 22.60 3.02 48.28
C LEU B 3207 23.48 2.56 47.12
N ASN B 3208 24.23 3.48 46.54
CA ASN B 3208 25.11 3.18 45.42
C ASN B 3208 26.55 3.55 45.70
N GLU B 3209 27.38 3.61 44.67
CA GLU B 3209 28.77 3.94 44.86
C GLU B 3209 28.98 5.44 44.95
N THR B 3210 27.96 6.21 44.58
CA THR B 3210 28.11 7.65 44.63
C THR B 3210 28.15 8.04 46.09
N ARG B 3211 27.77 7.09 46.94
CA ARG B 3211 27.75 7.31 48.38
C ARG B 3211 26.90 8.51 48.79
N SER B 3212 25.76 8.71 48.15
CA SER B 3212 24.94 9.87 48.48
C SER B 3212 23.77 9.60 49.42
N GLU B 3213 23.37 8.34 49.56
CA GLU B 3213 22.27 7.98 50.44
C GLU B 3213 22.69 6.84 51.39
N LEU B 3214 22.58 7.09 52.69
CA LEU B 3214 22.97 6.08 53.69
C LEU B 3214 21.82 5.18 54.08
N LEU B 3215 21.94 3.90 53.72
CA LEU B 3215 20.91 2.93 54.06
C LEU B 3215 21.07 2.57 55.53
N PHE B 3216 22.30 2.29 55.93
CA PHE B 3216 22.61 1.96 57.31
C PHE B 3216 24.10 1.67 57.43
N SER B 3217 24.56 1.55 58.68
CA SER B 3217 25.96 1.27 58.98
C SER B 3217 26.15 0.11 59.96
N ILE B 3218 27.04 -0.81 59.62
CA ILE B 3218 27.31 -1.95 60.46
C ILE B 3218 28.77 -2.05 60.86
N ASP B 3219 29.02 -2.29 62.15
CA ASP B 3219 30.36 -2.47 62.65
C ASP B 3219 30.97 -3.76 62.11
N LEU B 3220 32.28 -3.79 61.94
CA LEU B 3220 32.97 -4.99 61.44
C LEU B 3220 34.42 -4.94 61.90
N PRO B 3221 34.96 -6.07 62.38
CA PRO B 3221 36.36 -6.11 62.84
C PRO B 3221 37.31 -5.87 61.67
N TYR B 3222 38.58 -5.63 61.99
CA TYR B 3222 39.58 -5.34 60.96
C TYR B 3222 40.99 -5.82 61.21
N ASP B 3223 41.53 -6.47 60.19
CA ASP B 3223 42.90 -6.98 60.19
C ASP B 3223 43.83 -5.94 60.82
N GLN B 3224 44.14 -6.10 62.12
CA GLN B 3224 45.01 -5.14 62.83
C GLN B 3224 46.42 -4.94 62.28
N SER B 3225 46.72 -5.49 61.12
CA SER B 3225 48.04 -5.27 60.53
C SER B 3225 48.11 -3.84 59.92
N THR B 3226 47.05 -3.04 60.17
CA THR B 3226 46.95 -1.63 59.74
C THR B 3226 46.22 -0.97 60.89
N SER B 3227 46.52 0.29 61.15
CA SER B 3227 45.93 1.00 62.29
C SER B 3227 44.51 1.55 62.16
N LYS B 3228 43.98 2.05 63.28
CA LYS B 3228 42.65 2.63 63.31
C LYS B 3228 42.65 3.79 62.33
N GLN B 3229 43.73 4.58 62.37
CA GLN B 3229 43.93 5.76 61.51
C GLN B 3229 44.05 5.34 60.05
N ASN B 3230 44.79 4.27 59.81
CA ASN B 3230 44.99 3.77 58.46
C ASN B 3230 43.66 3.35 57.81
N TRP B 3231 42.79 2.73 58.61
CA TRP B 3231 41.47 2.27 58.14
C TRP B 3231 40.48 3.41 57.94
N TYR B 3232 40.49 4.37 58.86
CA TYR B 3232 39.61 5.54 58.81
C TYR B 3232 39.82 6.34 57.52
N GLN B 3233 41.09 6.49 57.16
CA GLN B 3233 41.49 7.25 55.99
C GLN B 3233 41.36 6.52 54.65
N ARG B 3234 40.99 5.25 54.70
CA ARG B 3234 40.80 4.50 53.45
C ARG B 3234 39.34 4.68 53.09
N SER B 3235 38.58 5.14 54.08
CA SER B 3235 37.15 5.38 53.94
C SER B 3235 36.52 4.14 53.35
N VAL B 3236 36.56 3.07 54.13
CA VAL B 3236 36.00 1.80 53.67
C VAL B 3236 34.49 1.93 53.69
N SER B 3237 33.81 1.39 52.68
CA SER B 3237 32.35 1.48 52.66
C SER B 3237 31.69 0.36 51.85
N ILE B 3238 30.37 0.29 51.97
CA ILE B 3238 29.59 -0.71 51.27
C ILE B 3238 28.56 -0.06 50.35
N SER B 3239 28.34 -0.69 49.20
CA SER B 3239 27.38 -0.24 48.20
C SER B 3239 26.30 -1.33 48.14
N SER B 3240 25.02 -0.97 48.14
CA SER B 3240 24.00 -2.00 48.03
C SER B 3240 23.92 -2.40 46.56
N TRP B 3241 23.94 -1.41 45.67
CA TRP B 3241 23.88 -1.65 44.22
C TRP B 3241 25.24 -1.39 43.56
N LYS B 3242 25.59 -2.20 42.57
CA LYS B 3242 26.85 -2.00 41.88
C LYS B 3242 26.67 -2.64 40.54
N SER B 3243 27.45 -2.22 39.56
CA SER B 3243 27.36 -2.77 38.21
C SER B 3243 28.67 -3.38 37.73
N ASP B 3244 28.61 -4.25 36.72
CA ASP B 3244 29.81 -4.87 36.20
C ASP B 3244 30.21 -4.33 34.83
PB ADP C . -42.47 -43.18 -27.83
O1B ADP C . -41.38 -42.37 -27.19
O2B ADP C . -43.82 -42.58 -27.74
O3B ADP C . -42.10 -43.72 -29.19
PA ADP C . -43.77 -45.48 -26.88
O1A ADP C . -43.20 -46.87 -26.94
O2A ADP C . -44.76 -45.07 -27.88
O3A ADP C . -42.55 -44.45 -26.88
O5' ADP C . -44.31 -45.26 -25.39
C5' ADP C . -45.65 -44.99 -25.10
C4' ADP C . -46.17 -45.93 -24.01
O4' ADP C . -47.51 -45.60 -23.79
C3' ADP C . -46.13 -47.33 -24.52
O3' ADP C . -45.36 -48.13 -23.62
C2' ADP C . -47.54 -47.81 -24.62
O2' ADP C . -47.76 -48.97 -23.81
C1' ADP C . -48.39 -46.66 -24.14
N9 ADP C . -49.31 -46.20 -25.21
C8 ADP C . -49.11 -45.16 -26.07
N7 ADP C . -50.15 -45.04 -26.92
C5 ADP C . -51.03 -45.99 -26.61
C6 ADP C . -52.36 -46.45 -27.09
N6 ADP C . -52.97 -45.84 -28.12
N1 ADP C . -52.94 -47.51 -26.47
C2 ADP C . -52.35 -48.16 -25.43
N3 ADP C . -51.15 -47.79 -24.95
C4 ADP C . -50.45 -46.76 -25.48
PB ADP D . -27.76 -49.40 4.46
O1B ADP D . -26.53 -48.65 3.88
O2B ADP D . -28.86 -48.54 4.96
O3B ADP D . -28.23 -50.53 3.61
PA ADP D . -28.08 -50.68 6.97
O1A ADP D . -27.73 -52.09 7.28
O2A ADP D . -29.50 -50.34 6.68
O3A ADP D . -27.16 -50.17 5.77
O5' ADP D . -27.56 -49.81 8.20
C5' ADP D . -28.43 -49.54 9.24
C4' ADP D . -27.73 -49.57 10.57
O4' ADP D . -28.75 -49.31 11.51
C3' ADP D . -27.15 -50.95 10.85
O3' ADP D . -25.74 -50.84 11.15
C2' ADP D . -27.93 -51.51 12.02
O2' ADP D . -27.03 -51.78 13.11
C1' ADP D . -28.95 -50.42 12.41
N9 ADP D . -30.38 -50.89 12.21
C8 ADP D . -30.91 -51.31 11.05
N7 ADP D . -32.20 -51.64 11.18
C5 ADP D . -32.54 -51.44 12.45
C6 ADP D . -33.77 -51.59 13.28
N6 ADP D . -34.93 -52.04 12.73
N1 ADP D . -33.71 -51.26 14.60
C2 ADP D . -32.57 -50.80 15.18
N3 ADP D . -31.41 -50.64 14.47
C4 ADP D . -31.34 -50.93 13.13
PB ADP E . 1.76 -35.27 7.22
O1B ADP E . 1.38 -34.73 5.87
O2B ADP E . 1.15 -34.53 8.38
O3B ADP E . 1.67 -36.75 7.35
PA ADP E . 4.31 -35.29 8.59
O1A ADP E . 5.43 -36.16 8.12
O2A ADP E . 3.48 -35.81 9.70
O3A ADP E . 3.38 -34.99 7.29
O5' ADP E . 5.04 -33.89 8.99
C5' ADP E . 4.84 -33.11 10.20
C4' ADP E . 6.18 -32.41 10.60
O4' ADP E . 6.06 -31.54 11.78
C3' ADP E . 7.22 -33.44 10.95
O3' ADP E . 8.30 -33.38 10.00
C2' ADP E . 7.68 -33.17 12.38
O2' ADP E . 9.08 -32.97 12.46
C1' ADP E . 6.94 -31.93 12.84
N9 ADP E . 6.24 -32.07 14.17
C8 ADP E . 4.95 -31.76 14.44
N7 ADP E . 4.65 -32.00 15.75
C5 ADP E . 5.76 -32.46 16.34
C6 ADP E . 6.13 -32.91 17.72
N6 ADP E . 5.23 -32.91 18.72
N1 ADP E . 7.43 -33.33 17.93
C2 ADP E . 8.36 -33.35 16.95
N3 ADP E . 8.07 -32.95 15.68
C4 ADP E . 6.81 -32.50 15.32
PB ADP F . 16.22 -26.59 -19.67
O1B ADP F . 14.95 -26.23 -20.40
O2B ADP F . 16.90 -25.41 -19.04
O3B ADP F . 16.09 -27.79 -18.77
PA ADP F . 18.83 -27.24 -20.68
O1A ADP F . 19.19 -28.65 -21.13
O2A ADP F . 19.25 -26.81 -19.31
O3A ADP F . 17.20 -27.10 -20.84
O5' ADP F . 19.39 -26.25 -21.82
C5' ADP F . 19.65 -24.89 -21.57
C4' ADP F . 20.21 -24.22 -22.84
O4' ADP F . 20.47 -22.84 -22.55
C3' ADP F . 21.51 -24.87 -23.27
O3' ADP F . 21.40 -25.40 -24.58
C2' ADP F . 22.56 -23.79 -23.21
O2' ADP F . 23.14 -23.58 -24.49
C1' ADP F . 21.86 -22.52 -22.73
N9 ADP F . 22.47 -22.11 -21.42
C8 ADP F . 22.03 -22.49 -20.19
N7 ADP F . 22.80 -21.95 -19.21
C5 ADP F . 23.73 -21.22 -19.81
C6 ADP F . 24.87 -20.39 -19.36
N6 ADP F . 25.16 -20.22 -18.05
N1 ADP F . 25.61 -19.80 -20.32
C2 ADP F . 25.36 -19.94 -21.64
N3 ADP F . 24.34 -20.68 -22.11
C4 ADP F . 23.52 -21.33 -21.26
N1 SPM G . -17.98 -55.04 19.43
C2 SPM G . -17.04 -55.90 18.67
C3 SPM G . -15.82 -55.06 18.24
C4 SPM G . -15.67 -55.11 16.72
N5 SPM G . -15.69 -53.76 16.13
C6 SPM G . -15.54 -53.94 14.68
C7 SPM G . -16.09 -52.71 13.93
C8 SPM G . -15.79 -52.83 12.43
C9 SPM G . -14.33 -52.44 12.12
N10 SPM G . -13.82 -53.16 10.92
C11 SPM G . -13.31 -54.48 11.36
C12 SPM G . -11.90 -54.77 10.79
C13 SPM G . -11.64 -56.29 10.71
N14 SPM G . -11.99 -56.96 11.98
N1 SPM H . -39.17 -5.06 -28.69
C2 SPM H . -40.38 -4.25 -28.43
C3 SPM H . -41.56 -4.79 -29.26
C4 SPM H . -42.50 -3.64 -29.67
N5 SPM H . -43.23 -3.97 -30.92
C6 SPM H . -42.99 -2.87 -31.89
C7 SPM H . -44.32 -2.50 -32.58
C8 SPM H . -44.05 -1.89 -33.96
C9 SPM H . -44.64 -0.48 -34.02
N10 SPM H . -43.54 0.50 -34.12
C11 SPM H . -43.95 1.74 -33.41
C12 SPM H . -43.09 1.93 -32.15
C13 SPM H . -42.04 3.01 -32.43
N14 SPM H . -40.82 2.74 -31.64
MG MG I . -25.47 -51.08 3.20
PB ADP J . 14.37 26.30 59.56
O1B ADP J . 15.22 25.35 60.32
O2B ADP J . 14.94 27.70 59.47
O3B ADP J . 13.86 25.73 58.27
PA ADP J . 13.02 26.53 62.02
O1A ADP J . 12.24 27.71 62.48
O2A ADP J . 14.40 26.34 62.53
O3A ADP J . 13.03 26.50 60.41
O5' ADP J . 12.15 25.22 62.32
C5' ADP J . 12.58 24.22 63.22
C4' ADP J . 11.45 23.91 64.22
O4' ADP J . 11.90 22.90 65.14
C3' ADP J . 11.11 25.15 65.02
O3' ADP J . 9.75 25.54 64.78
C2' ADP J . 11.40 24.82 66.47
O2' ADP J . 10.26 25.00 67.32
C1' ADP J . 11.89 23.37 66.48
N9 ADP J . 13.26 23.29 67.08
C8 ADP J . 14.43 23.20 66.39
N7 ADP J . 15.48 23.15 67.23
C5 ADP J . 14.99 23.20 68.46
C6 ADP J . 15.55 23.19 69.80
N6 ADP J . 16.88 23.11 69.99
N1 ADP J . 14.69 23.27 70.86
C2 ADP J . 13.34 23.36 70.71
N3 ADP J . 12.77 23.36 69.49
C4 ADP J . 13.53 23.29 68.35
PB ADP K . -19.26 19.92 48.64
O1B ADP K . -18.75 20.39 47.25
O2B ADP K . -18.87 18.53 49.02
O3B ADP K . -19.07 20.93 49.71
PA ADP K . -21.93 19.26 49.54
O1A ADP K . -23.01 20.27 49.69
O2A ADP K . -21.22 18.76 50.74
O3A ADP K . -20.87 19.86 48.45
O5' ADP K . -22.56 18.03 48.71
C5' ADP K . -23.00 16.83 49.32
C4' ADP K . -24.43 16.47 48.90
O4' ADP K . -24.75 15.28 49.57
C3' ADP K . -25.39 17.55 49.36
O3' ADP K . -26.17 18.02 48.25
C2' ADP K . -26.29 16.93 50.38
O2' ADP K . -27.65 17.00 49.97
C1' ADP K . -25.85 15.48 50.48
N9 ADP K . -25.39 15.15 51.87
C8 ADP K . -24.39 15.76 52.56
N7 ADP K . -24.24 15.20 53.79
C5 ADP K . -25.13 14.22 53.89
C6 ADP K . -25.51 13.22 54.93
N6 ADP K . -24.88 13.17 56.10
N1 ADP K . -26.53 12.36 54.65
C2 ADP K . -27.21 12.38 53.46
N3 ADP K . -26.90 13.26 52.47
C4 ADP K . -25.90 14.19 52.63
PB ADP L . -23.84 21.95 16.49
O1B ADP L . -22.38 22.16 16.28
O2B ADP L . -24.29 20.54 16.41
O3B ADP L . -24.37 22.66 17.69
PA ADP L . -26.05 22.50 14.74
O1A ADP L . -26.70 23.83 14.63
O2A ADP L . -26.72 21.47 15.61
O3A ADP L . -24.52 22.72 15.23
O5' ADP L . -25.89 21.93 13.23
C5' ADP L . -26.46 20.68 12.82
C4' ADP L . -26.84 20.74 11.33
O4' ADP L . -27.37 19.49 10.91
C3' ADP L . -27.90 21.79 11.09
O3' ADP L . -27.40 22.80 10.20
C2' ADP L . -29.10 21.08 10.48
O2' ADP L . -29.44 21.61 9.21
C1' ADP L . -28.69 19.62 10.39
N9 ADP L . -29.64 18.66 11.05
C8 ADP L . -29.27 17.64 11.86
N7 ADP L . -30.35 16.94 12.31
C5 ADP L . -31.45 17.50 11.79
C6 ADP L . -32.92 17.27 11.84
N6 ADP L . -33.42 16.23 12.57
N1 ADP L . -33.73 18.11 11.13
C2 ADP L . -33.24 19.16 10.40
N3 ADP L . -31.91 19.42 10.31
C4 ADP L . -30.98 18.65 10.96
PB ADP M . -0.38 34.98 -1.68
O1B ADP M . 0.74 34.62 -0.75
O2B ADP M . -0.52 34.07 -2.84
O3B ADP M . -1.66 35.28 -0.97
PA ADP M . -0.42 37.05 -3.72
O1A ADP M . -0.99 38.42 -3.46
O2A ADP M . -1.28 36.07 -4.46
O3A ADP M . 0.04 36.43 -2.27
O5' ADP M . 0.98 37.30 -4.47
C5' ADP M . 1.36 36.48 -5.53
C4' ADP M . 2.24 37.19 -6.55
O4' ADP M . 2.53 36.24 -7.56
C3' ADP M . 1.50 38.37 -7.19
O3' ADP M . 2.21 39.58 -6.99
C2' ADP M . 1.40 38.01 -8.65
O2' ADP M . 2.05 38.99 -9.49
C1' ADP M . 2.04 36.65 -8.83
N9 ADP M . 0.95 35.73 -9.26
C8 ADP M . 0.04 35.11 -8.46
N7 ADP M . -0.81 34.38 -9.16
C5 ADP M . -0.47 34.50 -10.44
C6 ADP M . -0.99 33.99 -11.73
N6 ADP M . -2.05 33.17 -11.76
N1 ADP M . -0.34 34.37 -12.86
C2 ADP M . 0.72 35.19 -12.85
N3 ADP M . 1.23 35.69 -11.71
C4 ADP M . 0.68 35.40 -10.51
N1 SPM N . -33.50 19.38 42.72
C2 SPM N . -33.15 18.56 43.88
C3 SPM N . -33.43 17.08 43.57
C4 SPM N . -33.80 16.36 44.88
N5 SPM N . -34.94 15.43 44.67
C6 SPM N . -36.20 16.22 44.69
C7 SPM N . -36.78 16.26 46.10
C8 SPM N . -37.86 17.35 46.14
C9 SPM N . -37.24 18.69 46.59
N10 SPM N . -38.32 19.65 46.95
C11 SPM N . -38.89 20.19 45.68
C12 SPM N . -38.22 21.52 45.28
C13 SPM N . -37.31 21.29 44.06
N14 SPM N . -37.60 22.29 43.01
N1 SPM O . 32.24 1.13 35.39
C2 SPM O . 32.93 -0.16 35.51
C3 SPM O . 33.78 -0.20 36.79
C4 SPM O . 35.25 0.09 36.45
N5 SPM O . 35.83 0.96 37.50
C6 SPM O . 37.21 0.51 37.75
C7 SPM O . 38.18 1.26 36.83
C8 SPM O . 39.58 0.64 36.88
C9 SPM O . 39.60 -0.75 36.25
N10 SPM O . 39.27 -0.67 34.82
C11 SPM O . 39.50 -2.01 34.27
C12 SPM O . 38.57 -2.23 33.08
C13 SPM O . 39.31 -1.88 31.79
N14 SPM O . 38.33 -1.55 30.76
MG MG P . 12.97 28.21 57.70
MG MG Q . -20.21 22.96 48.14
#